data_1L6N
#
_entry.id   1L6N
#
_entity_poly.entity_id   1
_entity_poly.type   'polypeptide(L)'
_entity_poly.pdbx_seq_one_letter_code
;MGARASVLSGGELDKWEKIRLRPGGKKQYKLKHIVWASRELERFAVNPGLLETSEGCRQILGQLQPSLQTGSEELRSLYN
TIAVLYCVHQRIDVKDTKEALDKIEEEQNKSKKKAQQAAADTGNNSQVSQNYPIVQNLQGQMVHQAISPRTLNAWVKVVE
EKAFSPEVIPMFSALSEGATPQDLNTMLNTVGGHQAAMQMLKETINEEAAEWDRLHPVHAGPIAPGQMREPRGSDIAGTT
STLQEQIGWMTHNPPIPVGEIYKRWIILGLNKIVRMYSPTSILHHHHHH
;
_entity_poly.pdbx_strand_id   A
#
# COMPACT_ATOMS: atom_id res chain seq x y z
N GLY A 2 13.85 43.58 68.16
CA GLY A 2 14.89 44.04 69.07
C GLY A 2 16.02 43.01 69.16
N ALA A 3 16.77 42.90 68.08
CA ALA A 3 17.88 41.96 68.02
C ALA A 3 17.35 40.53 68.17
N ARG A 4 18.26 39.59 68.05
CA ARG A 4 17.90 38.18 68.17
C ARG A 4 16.95 37.78 67.04
N ALA A 5 17.38 36.80 66.27
CA ALA A 5 16.58 36.31 65.16
C ALA A 5 17.23 35.06 64.57
N SER A 6 16.55 34.48 63.59
CA SER A 6 17.05 33.28 62.94
C SER A 6 16.08 32.83 61.85
N VAL A 7 16.38 33.27 60.63
CA VAL A 7 15.54 32.92 59.49
C VAL A 7 16.40 32.94 58.22
N LEU A 8 16.84 34.13 57.86
CA LEU A 8 17.66 34.30 56.67
C LEU A 8 19.12 34.48 57.08
N SER A 9 20.01 34.14 56.17
CA SER A 9 21.44 34.26 56.42
C SER A 9 21.90 35.69 56.11
N GLY A 10 23.19 35.92 56.32
CA GLY A 10 23.78 37.22 56.06
C GLY A 10 23.59 37.62 54.59
N GLY A 11 24.11 36.78 53.72
CA GLY A 11 24.00 37.04 52.29
C GLY A 11 22.60 36.71 51.77
N GLU A 12 22.07 35.60 52.27
CA GLU A 12 20.74 35.17 51.87
C GLU A 12 19.70 36.25 52.19
N LEU A 13 19.88 36.86 53.35
CA LEU A 13 18.97 37.91 53.79
C LEU A 13 19.12 39.12 52.87
N ASP A 14 20.37 39.44 52.56
CA ASP A 14 20.66 40.57 51.70
C ASP A 14 19.93 40.39 50.37
N LYS A 15 19.78 39.13 49.97
CA LYS A 15 19.10 38.81 48.73
C LYS A 15 17.60 38.97 48.92
N TRP A 16 17.10 38.45 50.02
CA TRP A 16 15.68 38.54 50.33
C TRP A 16 15.28 40.01 50.33
N GLU A 17 15.94 40.77 51.19
CA GLU A 17 15.67 42.19 51.29
C GLU A 17 15.91 42.88 49.94
N LYS A 18 16.71 42.23 49.12
CA LYS A 18 17.04 42.77 47.81
C LYS A 18 15.97 42.33 46.82
N ILE A 19 14.72 42.48 47.22
CA ILE A 19 13.60 42.10 46.37
C ILE A 19 12.40 43.01 46.68
N ARG A 20 11.98 43.73 45.65
CA ARG A 20 10.86 44.64 45.79
C ARG A 20 9.55 43.85 45.91
N LEU A 21 8.70 44.32 46.81
CA LEU A 21 7.42 43.68 47.03
C LEU A 21 6.55 43.80 45.77
N ARG A 22 5.30 44.19 45.98
CA ARG A 22 4.38 44.35 44.87
C ARG A 22 4.75 45.58 44.04
N PRO A 23 4.32 45.55 42.75
CA PRO A 23 4.61 46.65 41.84
C PRO A 23 3.73 47.86 42.14
N GLY A 24 4.38 49.00 42.31
CA GLY A 24 3.68 50.24 42.61
C GLY A 24 3.69 50.53 44.11
N GLY A 25 4.30 49.61 44.85
CA GLY A 25 4.39 49.76 46.30
C GLY A 25 5.68 50.45 46.70
N LYS A 26 6.75 50.11 45.99
CA LYS A 26 8.06 50.70 46.27
C LYS A 26 8.48 50.33 47.69
N LYS A 27 8.32 49.05 48.01
CA LYS A 27 8.69 48.55 49.33
C LYS A 27 9.64 47.37 49.18
N GLN A 28 10.59 47.30 50.09
CA GLN A 28 11.56 46.22 50.07
C GLN A 28 11.27 45.21 51.18
N TYR A 29 11.49 43.94 50.87
CA TYR A 29 11.24 42.88 51.83
C TYR A 29 12.10 43.06 53.07
N LYS A 30 11.58 42.61 54.20
CA LYS A 30 12.29 42.70 55.46
C LYS A 30 12.03 41.45 56.29
N LEU A 31 12.82 41.31 57.36
CA LEU A 31 12.68 40.16 58.24
C LEU A 31 11.28 40.15 58.84
N LYS A 32 10.70 41.34 58.96
CA LYS A 32 9.38 41.48 59.52
C LYS A 32 8.37 40.74 58.63
N HIS A 33 8.52 40.94 57.34
CA HIS A 33 7.64 40.30 56.38
C HIS A 33 7.81 38.77 56.47
N ILE A 34 9.04 38.36 56.71
CA ILE A 34 9.35 36.94 56.84
C ILE A 34 8.60 36.36 58.03
N VAL A 35 8.74 37.04 59.16
CA VAL A 35 8.08 36.60 60.38
C VAL A 35 6.57 36.50 60.14
N TRP A 36 6.05 37.53 59.50
CA TRP A 36 4.63 37.58 59.20
C TRP A 36 4.30 36.41 58.27
N ALA A 37 5.20 36.16 57.34
CA ALA A 37 5.02 35.07 56.40
C ALA A 37 4.89 33.75 57.17
N SER A 38 5.86 33.51 58.02
CA SER A 38 5.87 32.29 58.82
C SER A 38 4.65 32.26 59.74
N ARG A 39 4.27 33.44 60.20
CA ARG A 39 3.12 33.57 61.09
C ARG A 39 1.86 33.07 60.39
N GLU A 40 1.74 33.42 59.12
CA GLU A 40 0.59 33.02 58.33
C GLU A 40 0.57 31.50 58.16
N LEU A 41 1.75 30.93 58.05
CA LEU A 41 1.89 29.50 57.88
C LEU A 41 1.29 28.79 59.11
N GLU A 42 1.70 29.26 60.28
CA GLU A 42 1.23 28.69 61.53
C GLU A 42 -0.31 28.74 61.59
N ARG A 43 -0.84 29.78 60.97
CA ARG A 43 -2.28 29.97 60.96
C ARG A 43 -2.94 28.94 60.02
N PHE A 44 -2.18 28.56 59.00
CA PHE A 44 -2.68 27.59 58.04
C PHE A 44 -2.59 26.17 58.59
N ALA A 45 -2.15 26.08 59.84
CA ALA A 45 -2.02 24.79 60.50
C ALA A 45 -0.79 24.06 59.94
N VAL A 46 0.22 24.85 59.62
CA VAL A 46 1.45 24.29 59.08
C VAL A 46 2.63 24.77 59.94
N ASN A 47 3.66 23.92 59.98
CA ASN A 47 4.84 24.24 60.76
C ASN A 47 5.52 25.48 60.17
N PRO A 48 5.74 26.48 61.05
CA PRO A 48 6.36 27.72 60.63
C PRO A 48 7.87 27.54 60.44
N GLY A 49 8.38 26.46 61.04
CA GLY A 49 9.79 26.16 60.94
C GLY A 49 10.16 25.70 59.53
N LEU A 50 9.13 25.49 58.72
CA LEU A 50 9.32 25.04 57.36
C LEU A 50 9.86 26.21 56.51
N LEU A 51 9.55 27.42 56.97
CA LEU A 51 9.99 28.61 56.28
C LEU A 51 11.46 28.88 56.60
N GLU A 52 11.91 28.30 57.71
CA GLU A 52 13.28 28.47 58.13
C GLU A 52 14.23 27.72 57.18
N THR A 53 13.67 26.75 56.49
CA THR A 53 14.44 25.96 55.55
C THR A 53 13.79 25.97 54.16
N SER A 54 14.61 25.78 53.15
CA SER A 54 14.13 25.77 51.78
C SER A 54 13.28 24.51 51.54
N GLU A 55 13.62 23.46 52.26
CA GLU A 55 12.90 22.21 52.13
C GLU A 55 11.46 22.37 52.62
N GLY A 56 11.33 22.94 53.81
CA GLY A 56 10.02 23.15 54.40
C GLY A 56 9.20 24.16 53.59
N CYS A 57 9.92 25.15 53.05
CA CYS A 57 9.28 26.17 52.26
C CYS A 57 8.69 25.53 51.00
N ARG A 58 9.44 24.58 50.46
CA ARG A 58 9.01 23.87 49.27
C ARG A 58 7.68 23.15 49.53
N GLN A 59 7.63 22.48 50.67
CA GLN A 59 6.43 21.74 51.05
C GLN A 59 5.24 22.69 51.15
N ILE A 60 5.51 23.88 51.67
CA ILE A 60 4.47 24.88 51.83
C ILE A 60 4.02 25.35 50.45
N LEU A 61 4.91 26.08 49.79
CA LEU A 61 4.61 26.60 48.45
C LEU A 61 3.94 25.50 47.62
N GLY A 62 4.34 24.27 47.89
CA GLY A 62 3.79 23.13 47.18
C GLY A 62 2.31 22.94 47.52
N GLN A 63 2.02 22.95 48.80
CA GLN A 63 0.66 22.77 49.27
C GLN A 63 -0.02 24.13 49.45
N LEU A 64 0.54 25.13 48.78
CA LEU A 64 0.00 26.48 48.84
C LEU A 64 -0.61 26.86 47.50
N GLN A 65 -0.06 26.26 46.45
CA GLN A 65 -0.53 26.52 45.10
C GLN A 65 -2.05 26.32 45.03
N PRO A 66 -2.50 25.18 45.64
CA PRO A 66 -3.92 24.85 45.63
C PRO A 66 -4.68 25.73 46.63
N SER A 67 -4.06 25.95 47.78
CA SER A 67 -4.67 26.77 48.81
C SER A 67 -4.73 28.22 48.36
N LEU A 68 -4.03 28.51 47.27
CA LEU A 68 -4.00 29.85 46.73
C LEU A 68 -5.35 30.17 46.11
N GLN A 69 -5.87 29.20 45.36
CA GLN A 69 -7.15 29.37 44.70
C GLN A 69 -8.28 29.28 45.73
N THR A 70 -7.92 28.94 46.95
CA THR A 70 -8.89 28.81 48.02
C THR A 70 -8.55 29.77 49.16
N GLY A 71 -7.41 30.44 49.01
CA GLY A 71 -6.97 31.39 50.02
C GLY A 71 -7.65 32.74 49.83
N SER A 72 -6.93 33.66 49.20
CA SER A 72 -7.45 34.99 48.97
C SER A 72 -6.33 35.93 48.51
N GLU A 73 -6.69 37.18 48.32
CA GLU A 73 -5.72 38.17 47.88
C GLU A 73 -4.58 38.28 48.89
N GLU A 74 -4.95 38.24 50.17
CA GLU A 74 -3.97 38.33 51.24
C GLU A 74 -3.15 37.04 51.31
N LEU A 75 -3.84 35.92 51.25
CA LEU A 75 -3.19 34.62 51.31
C LEU A 75 -2.21 34.50 50.14
N ARG A 76 -2.60 35.10 49.01
CA ARG A 76 -1.78 35.06 47.82
C ARG A 76 -0.42 35.73 48.09
N SER A 77 -0.49 36.92 48.68
CA SER A 77 0.71 37.66 48.99
C SER A 77 1.64 36.81 49.86
N LEU A 78 1.04 36.01 50.71
CA LEU A 78 1.80 35.14 51.60
C LEU A 78 2.61 34.16 50.76
N TYR A 79 1.93 33.55 49.79
CA TYR A 79 2.57 32.59 48.92
C TYR A 79 3.69 33.23 48.11
N ASN A 80 3.42 34.45 47.64
CA ASN A 80 4.39 35.19 46.86
C ASN A 80 5.63 35.46 47.71
N THR A 81 5.40 35.58 49.01
CA THR A 81 6.49 35.84 49.94
C THR A 81 7.39 34.62 50.07
N ILE A 82 6.75 33.46 50.23
CA ILE A 82 7.48 32.22 50.36
C ILE A 82 8.20 31.91 49.05
N ALA A 83 7.47 32.10 47.95
CA ALA A 83 8.03 31.85 46.63
C ALA A 83 9.38 32.56 46.51
N VAL A 84 9.37 33.84 46.84
CA VAL A 84 10.59 34.63 46.77
C VAL A 84 11.66 34.02 47.68
N LEU A 85 11.21 33.62 48.85
CA LEU A 85 12.11 33.01 49.82
C LEU A 85 12.79 31.78 49.20
N TYR A 86 11.97 31.01 48.49
CA TYR A 86 12.47 29.81 47.83
C TYR A 86 13.55 30.16 46.81
N CYS A 87 13.40 31.32 46.20
CA CYS A 87 14.35 31.78 45.20
C CYS A 87 15.66 32.12 45.91
N VAL A 88 15.52 32.73 47.08
CA VAL A 88 16.69 33.11 47.86
C VAL A 88 17.43 31.85 48.30
N HIS A 89 16.67 30.80 48.53
CA HIS A 89 17.24 29.53 48.95
C HIS A 89 18.07 28.93 47.81
N GLN A 90 17.54 29.06 46.61
CA GLN A 90 18.21 28.54 45.44
C GLN A 90 19.21 29.56 44.90
N ARG A 91 19.00 30.80 45.30
CA ARG A 91 19.88 31.89 44.87
C ARG A 91 19.66 32.20 43.38
N ILE A 92 18.40 32.35 43.03
CA ILE A 92 18.04 32.65 41.66
C ILE A 92 18.01 34.17 41.46
N ASP A 93 18.48 34.60 40.30
CA ASP A 93 18.51 36.01 39.97
C ASP A 93 17.08 36.54 39.94
N VAL A 94 16.73 37.29 40.97
CA VAL A 94 15.40 37.88 41.06
C VAL A 94 15.52 39.37 41.38
N LYS A 95 14.38 40.04 41.33
CA LYS A 95 14.34 41.47 41.61
C LYS A 95 13.04 41.80 42.33
N ASP A 96 11.95 41.28 41.80
CA ASP A 96 10.64 41.52 42.39
C ASP A 96 9.99 40.17 42.74
N THR A 97 8.88 40.26 43.47
CA THR A 97 8.16 39.06 43.87
C THR A 97 7.73 38.26 42.65
N LYS A 98 7.18 38.98 41.68
CA LYS A 98 6.71 38.35 40.46
C LYS A 98 7.89 37.66 39.76
N GLU A 99 9.06 38.24 39.95
CA GLU A 99 10.27 37.68 39.34
C GLU A 99 10.57 36.31 39.94
N ALA A 100 10.25 36.17 41.22
CA ALA A 100 10.49 34.92 41.91
C ALA A 100 9.55 33.85 41.36
N LEU A 101 8.32 34.27 41.09
CA LEU A 101 7.32 33.35 40.55
C LEU A 101 7.85 32.71 39.28
N ASP A 102 8.40 33.55 38.41
CA ASP A 102 8.95 33.08 37.15
C ASP A 102 10.25 32.32 37.42
N LYS A 103 11.06 32.89 38.31
CA LYS A 103 12.33 32.28 38.66
C LYS A 103 12.08 30.92 39.30
N ILE A 104 11.39 30.94 40.42
CA ILE A 104 11.08 29.71 41.14
C ILE A 104 10.34 28.76 40.20
N GLU A 105 9.61 29.33 39.26
CA GLU A 105 8.86 28.55 38.30
C GLU A 105 9.79 27.61 37.54
N GLU A 106 10.83 28.20 36.96
CA GLU A 106 11.79 27.42 36.20
C GLU A 106 12.40 26.33 37.08
N GLU A 107 12.87 26.75 38.25
CA GLU A 107 13.48 25.83 39.20
C GLU A 107 12.56 24.64 39.44
N GLN A 108 11.31 24.95 39.76
CA GLN A 108 10.32 23.91 40.02
C GLN A 108 10.23 22.95 38.84
N ASN A 109 9.98 23.53 37.68
CA ASN A 109 9.87 22.75 36.46
C ASN A 109 11.12 21.86 36.31
N LYS A 110 12.21 22.34 36.86
CA LYS A 110 13.47 21.62 36.80
C LYS A 110 13.41 20.43 37.76
N SER A 111 13.09 20.73 39.00
CA SER A 111 13.00 19.70 40.03
C SER A 111 11.99 18.63 39.61
N LYS A 112 10.75 19.07 39.42
CA LYS A 112 9.69 18.17 39.02
C LYS A 112 10.19 17.27 37.89
N LYS A 113 11.00 17.85 37.01
CA LYS A 113 11.55 17.10 35.90
C LYS A 113 12.27 15.86 36.42
N LYS A 114 13.24 16.10 37.30
CA LYS A 114 14.00 15.01 37.88
C LYS A 114 13.04 13.93 38.38
N ALA A 115 12.04 14.37 39.14
CA ALA A 115 11.06 13.45 39.68
C ALA A 115 10.46 12.61 38.54
N GLN A 116 9.94 13.32 37.55
CA GLN A 116 9.34 12.65 36.41
C GLN A 116 10.29 11.60 35.84
N GLN A 117 11.53 12.03 35.62
CA GLN A 117 12.54 11.13 35.08
C GLN A 117 12.60 9.85 35.91
N ALA A 118 12.74 10.03 37.22
CA ALA A 118 12.82 8.90 38.13
C ALA A 118 11.57 8.03 37.95
N ALA A 119 10.42 8.64 38.20
CA ALA A 119 9.16 7.93 38.08
C ALA A 119 9.20 7.03 36.85
N ALA A 120 9.87 7.52 35.82
CA ALA A 120 9.99 6.77 34.58
C ALA A 120 10.77 5.47 34.84
N ASP A 121 12.00 5.64 35.29
CA ASP A 121 12.84 4.49 35.58
C ASP A 121 12.70 4.12 37.05
N THR A 122 11.47 4.28 37.56
CA THR A 122 11.19 3.96 38.94
C THR A 122 11.95 2.71 39.38
N GLY A 123 12.22 2.64 40.67
CA GLY A 123 12.94 1.51 41.23
C GLY A 123 12.43 1.16 42.62
N ASN A 124 12.58 2.10 43.53
CA ASN A 124 12.13 1.90 44.90
C ASN A 124 10.77 2.56 45.08
N ASN A 125 9.73 1.75 44.96
CA ASN A 125 8.37 2.25 45.11
C ASN A 125 7.39 1.09 44.95
N SER A 126 6.14 1.35 45.30
CA SER A 126 5.10 0.34 45.21
C SER A 126 4.69 0.16 43.74
N GLN A 127 4.85 -1.07 43.26
CA GLN A 127 4.51 -1.38 41.89
C GLN A 127 3.35 -2.38 41.85
N VAL A 128 2.75 -2.51 40.67
CA VAL A 128 1.65 -3.43 40.50
C VAL A 128 1.88 -4.29 39.25
N SER A 129 1.30 -5.47 39.26
CA SER A 129 1.45 -6.39 38.14
C SER A 129 0.58 -5.92 36.97
N GLN A 130 0.82 -6.53 35.82
CA GLN A 130 0.08 -6.20 34.62
C GLN A 130 -0.22 -7.46 33.81
N ASN A 131 -1.24 -7.34 32.96
CA ASN A 131 -1.63 -8.47 32.13
C ASN A 131 -1.15 -8.22 30.69
N TYR A 132 -1.18 -9.29 29.90
CA TYR A 132 -0.75 -9.20 28.52
C TYR A 132 -1.74 -9.90 27.59
N PRO A 133 -2.69 -9.08 27.04
CA PRO A 133 -3.70 -9.60 26.14
C PRO A 133 -3.11 -9.90 24.77
N ILE A 134 -3.89 -10.60 23.96
CA ILE A 134 -3.46 -10.94 22.62
C ILE A 134 -4.68 -11.08 21.71
N VAL A 135 -4.48 -10.77 20.44
CA VAL A 135 -5.56 -10.87 19.46
C VAL A 135 -4.99 -11.33 18.12
N GLN A 136 -5.83 -12.03 17.36
CA GLN A 136 -5.42 -12.52 16.06
C GLN A 136 -4.93 -11.37 15.18
N ASN A 137 -3.84 -11.64 14.48
CA ASN A 137 -3.27 -10.65 13.59
C ASN A 137 -4.08 -10.59 12.29
N LEU A 138 -4.29 -9.37 11.83
CA LEU A 138 -5.04 -9.16 10.60
C LEU A 138 -4.12 -8.60 9.52
N GLN A 139 -4.59 -8.66 8.28
CA GLN A 139 -3.81 -8.17 7.16
C GLN A 139 -4.43 -6.88 6.62
N GLY A 140 -3.62 -5.83 6.59
CA GLY A 140 -4.07 -4.55 6.10
C GLY A 140 -4.32 -4.59 4.59
N GLN A 141 -3.95 -3.49 3.93
CA GLN A 141 -4.12 -3.40 2.50
C GLN A 141 -2.96 -2.61 1.87
N MET A 142 -2.66 -2.96 0.63
CA MET A 142 -1.58 -2.30 -0.08
C MET A 142 -0.24 -2.49 0.64
N VAL A 143 0.82 -2.51 -0.14
CA VAL A 143 2.16 -2.68 0.41
C VAL A 143 3.11 -1.68 -0.25
N HIS A 144 3.42 -0.62 0.49
CA HIS A 144 4.32 0.40 -0.02
C HIS A 144 5.78 -0.04 0.18
N GLN A 145 6.61 0.28 -0.80
CA GLN A 145 8.02 -0.06 -0.72
C GLN A 145 8.78 0.95 0.12
N ALA A 146 9.81 0.46 0.79
CA ALA A 146 10.62 1.31 1.65
C ALA A 146 11.53 2.18 0.77
N ILE A 147 12.37 2.95 1.44
CA ILE A 147 13.29 3.84 0.74
C ILE A 147 14.55 3.05 0.36
N SER A 148 15.08 3.37 -0.81
CA SER A 148 16.28 2.72 -1.30
C SER A 148 17.52 3.42 -0.74
N PRO A 149 18.66 2.67 -0.76
CA PRO A 149 19.92 3.21 -0.26
C PRO A 149 20.51 4.21 -1.26
N ARG A 150 20.10 4.07 -2.51
CA ARG A 150 20.58 4.95 -3.56
C ARG A 150 20.11 6.38 -3.31
N THR A 151 18.89 6.49 -2.83
CA THR A 151 18.31 7.79 -2.55
C THR A 151 18.94 8.39 -1.28
N LEU A 152 19.15 7.54 -0.30
CA LEU A 152 19.75 7.96 0.95
C LEU A 152 21.08 8.65 0.67
N ASN A 153 21.85 8.05 -0.22
CA ASN A 153 23.15 8.60 -0.59
C ASN A 153 22.95 9.94 -1.28
N ALA A 154 21.94 9.99 -2.14
CA ALA A 154 21.63 11.21 -2.87
C ALA A 154 21.37 12.34 -1.88
N TRP A 155 20.52 12.05 -0.91
CA TRP A 155 20.18 13.03 0.11
C TRP A 155 21.45 13.39 0.87
N VAL A 156 22.19 12.36 1.25
CA VAL A 156 23.43 12.55 1.99
C VAL A 156 24.24 13.65 1.32
N LYS A 157 24.28 13.60 -0.01
CA LYS A 157 25.02 14.58 -0.77
C LYS A 157 24.35 15.95 -0.62
N VAL A 158 23.02 15.92 -0.56
CA VAL A 158 22.26 17.14 -0.42
C VAL A 158 22.59 17.80 0.92
N VAL A 159 22.63 16.97 1.95
CA VAL A 159 22.95 17.46 3.29
C VAL A 159 24.34 18.07 3.29
N GLU A 160 25.28 17.33 2.70
CA GLU A 160 26.66 17.79 2.62
C GLU A 160 26.75 19.04 1.74
N GLU A 161 25.71 19.25 0.95
CA GLU A 161 25.67 20.39 0.05
C GLU A 161 25.24 21.65 0.81
N LYS A 162 24.12 21.53 1.51
CA LYS A 162 23.59 22.65 2.28
C LYS A 162 22.53 22.13 3.24
N ALA A 163 22.95 21.21 4.10
CA ALA A 163 22.04 20.63 5.07
C ALA A 163 21.12 21.72 5.63
N PHE A 164 21.74 22.84 5.98
CA PHE A 164 20.98 23.96 6.52
C PHE A 164 20.95 25.12 5.52
N SER A 165 19.79 25.30 4.91
CA SER A 165 19.61 26.35 3.94
C SER A 165 18.18 26.32 3.37
N PRO A 166 17.79 27.46 2.73
CA PRO A 166 16.45 27.56 2.16
C PRO A 166 16.36 26.75 0.86
N GLU A 167 17.52 26.42 0.31
CA GLU A 167 17.58 25.66 -0.91
C GLU A 167 17.73 24.16 -0.60
N VAL A 168 17.66 23.85 0.68
CA VAL A 168 17.80 22.47 1.12
C VAL A 168 16.44 21.98 1.66
N ILE A 169 15.71 22.92 2.25
CA ILE A 169 14.41 22.60 2.81
C ILE A 169 13.53 21.99 1.71
N PRO A 170 13.57 22.63 0.52
CA PRO A 170 12.78 22.18 -0.61
C PRO A 170 13.40 20.91 -1.23
N MET A 171 14.72 20.89 -1.26
CA MET A 171 15.44 19.76 -1.81
C MET A 171 15.14 18.47 -1.02
N PHE A 172 15.03 18.64 0.29
CA PHE A 172 14.76 17.52 1.17
C PHE A 172 13.32 17.04 1.00
N SER A 173 12.41 18.00 0.96
CA SER A 173 11.00 17.69 0.80
C SER A 173 10.76 16.97 -0.54
N ALA A 174 11.65 17.26 -1.48
CA ALA A 174 11.54 16.65 -2.80
C ALA A 174 11.93 15.17 -2.71
N LEU A 175 13.03 14.92 -2.01
CA LEU A 175 13.52 13.57 -1.83
C LEU A 175 12.66 12.86 -0.78
N SER A 176 11.85 13.65 -0.10
CA SER A 176 10.98 13.10 0.94
C SER A 176 9.52 13.38 0.59
N GLU A 177 9.30 13.75 -0.66
CA GLU A 177 7.96 14.04 -1.14
C GLU A 177 6.98 12.99 -0.62
N GLY A 178 6.03 13.45 0.18
CA GLY A 178 5.03 12.57 0.75
C GLY A 178 5.64 11.21 1.13
N ALA A 179 6.55 11.25 2.10
CA ALA A 179 7.21 10.04 2.54
C ALA A 179 6.60 9.60 3.88
N THR A 180 6.98 8.41 4.30
CA THR A 180 6.50 7.86 5.56
C THR A 180 7.48 8.17 6.69
N PRO A 181 7.15 7.62 7.89
CA PRO A 181 8.00 7.82 9.06
C PRO A 181 9.26 6.96 8.97
N GLN A 182 9.09 5.76 8.45
CA GLN A 182 10.20 4.84 8.29
C GLN A 182 11.18 5.34 7.23
N ASP A 183 10.62 6.05 6.25
CA ASP A 183 11.42 6.59 5.17
C ASP A 183 12.05 7.91 5.61
N LEU A 184 11.21 8.78 6.17
CA LEU A 184 11.67 10.07 6.64
C LEU A 184 12.69 9.86 7.75
N ASN A 185 12.43 8.86 8.58
CA ASN A 185 13.33 8.56 9.68
C ASN A 185 14.68 8.10 9.13
N THR A 186 14.61 7.27 8.10
CA THR A 186 15.82 6.76 7.47
C THR A 186 16.65 7.91 6.90
N MET A 187 15.98 8.79 6.18
CA MET A 187 16.64 9.94 5.59
C MET A 187 17.23 10.86 6.65
N LEU A 188 16.43 11.11 7.68
CA LEU A 188 16.86 11.96 8.77
C LEU A 188 17.99 11.28 9.54
N ASN A 189 18.08 9.96 9.36
CA ASN A 189 19.11 9.18 10.03
C ASN A 189 20.43 9.35 9.29
N THR A 190 20.36 9.19 7.97
CA THR A 190 21.54 9.33 7.14
C THR A 190 22.03 10.77 7.14
N VAL A 191 21.14 11.67 7.54
CA VAL A 191 21.47 13.08 7.59
C VAL A 191 22.78 13.27 8.38
N GLY A 192 23.18 14.53 8.51
CA GLY A 192 24.39 14.85 9.22
C GLY A 192 24.76 16.32 9.03
N GLY A 193 24.37 17.13 10.01
CA GLY A 193 24.65 18.55 9.96
C GLY A 193 24.95 19.10 11.36
N HIS A 194 24.04 18.80 12.28
CA HIS A 194 24.20 19.25 13.66
C HIS A 194 23.13 18.61 14.53
N GLN A 195 23.60 17.83 15.50
CA GLN A 195 22.69 17.15 16.40
C GLN A 195 21.80 18.16 17.12
N ALA A 196 22.38 19.30 17.46
CA ALA A 196 21.65 20.36 18.14
C ALA A 196 20.45 20.76 17.30
N ALA A 197 20.71 21.01 16.03
CA ALA A 197 19.67 21.41 15.10
C ALA A 197 18.59 20.31 15.05
N MET A 198 19.05 19.09 14.86
CA MET A 198 18.16 17.96 14.79
C MET A 198 17.32 17.83 16.07
N GLN A 199 17.94 18.21 17.18
CA GLN A 199 17.28 18.15 18.47
C GLN A 199 16.06 19.07 18.48
N MET A 200 16.30 20.33 18.14
CA MET A 200 15.24 21.32 18.12
C MET A 200 14.15 20.91 17.12
N LEU A 201 14.59 20.37 16.00
CA LEU A 201 13.65 19.94 14.96
C LEU A 201 12.69 18.92 15.55
N LYS A 202 13.24 18.01 16.34
CA LYS A 202 12.44 16.97 16.97
C LYS A 202 11.41 17.62 17.89
N GLU A 203 11.83 18.72 18.52
CA GLU A 203 10.96 19.44 19.42
C GLU A 203 9.78 20.06 18.67
N THR A 204 10.11 20.69 17.54
CA THR A 204 9.09 21.32 16.71
C THR A 204 8.17 20.26 16.11
N ILE A 205 8.78 19.18 15.67
CA ILE A 205 8.03 18.09 15.06
C ILE A 205 7.08 17.49 16.10
N ASN A 206 7.66 17.09 17.22
CA ASN A 206 6.89 16.50 18.30
C ASN A 206 5.82 17.49 18.75
N GLU A 207 6.22 18.75 18.84
CA GLU A 207 5.31 19.80 19.25
C GLU A 207 4.20 19.98 18.22
N GLU A 208 4.54 19.70 16.97
CA GLU A 208 3.58 19.82 15.88
C GLU A 208 2.42 18.86 16.09
N ALA A 209 2.75 17.66 16.52
CA ALA A 209 1.74 16.64 16.76
C ALA A 209 0.85 17.08 17.93
N ALA A 210 1.49 17.47 19.02
CA ALA A 210 0.78 17.91 20.20
C ALA A 210 -0.17 19.05 19.82
N GLU A 211 0.39 20.02 19.10
CA GLU A 211 -0.39 21.16 18.66
C GLU A 211 -1.51 20.72 17.72
N TRP A 212 -1.19 19.78 16.86
CA TRP A 212 -2.15 19.25 15.91
C TRP A 212 -3.34 18.71 16.69
N ASP A 213 -3.06 17.74 17.55
CA ASP A 213 -4.10 17.14 18.37
C ASP A 213 -4.81 18.22 19.18
N ARG A 214 -4.04 19.24 19.56
CA ARG A 214 -4.58 20.34 20.33
C ARG A 214 -5.69 21.03 19.55
N LEU A 215 -5.45 21.21 18.26
CA LEU A 215 -6.41 21.87 17.40
C LEU A 215 -7.28 20.80 16.72
N HIS A 216 -7.00 19.55 17.05
CA HIS A 216 -7.75 18.45 16.50
C HIS A 216 -8.59 17.78 17.59
N PRO A 217 -9.89 18.19 17.63
CA PRO A 217 -10.81 17.65 18.62
C PRO A 217 -11.22 16.22 18.26
N VAL A 218 -10.71 15.27 19.04
CA VAL A 218 -11.03 13.87 18.81
C VAL A 218 -12.32 13.52 19.53
N HIS A 219 -13.41 13.52 18.77
CA HIS A 219 -14.72 13.22 19.32
C HIS A 219 -15.37 12.10 18.50
N ALA A 220 -14.78 10.92 18.59
CA ALA A 220 -15.28 9.77 17.86
C ALA A 220 -15.96 8.80 18.85
N GLY A 221 -17.26 8.62 18.65
CA GLY A 221 -18.03 7.74 19.50
C GLY A 221 -17.61 6.28 19.31
N PRO A 222 -18.62 5.38 19.34
CA PRO A 222 -18.36 3.96 19.16
C PRO A 222 -18.06 3.63 17.69
N ILE A 223 -16.83 3.92 17.30
CA ILE A 223 -16.40 3.66 15.93
C ILE A 223 -16.72 2.21 15.58
N ALA A 224 -16.72 1.94 14.28
CA ALA A 224 -16.99 0.60 13.79
C ALA A 224 -15.91 -0.36 14.31
N PRO A 225 -16.25 -1.67 14.28
CA PRO A 225 -15.32 -2.69 14.73
C PRO A 225 -14.21 -2.92 13.72
N GLY A 226 -13.05 -2.36 14.02
CA GLY A 226 -11.90 -2.50 13.14
C GLY A 226 -11.67 -1.22 12.33
N GLN A 227 -12.71 -0.40 12.29
CA GLN A 227 -12.64 0.86 11.56
C GLN A 227 -11.31 1.56 11.83
N MET A 228 -10.97 2.47 10.94
CA MET A 228 -9.73 3.22 11.07
C MET A 228 -9.95 4.50 11.89
N ARG A 229 -9.75 4.37 13.20
CA ARG A 229 -9.93 5.50 14.09
C ARG A 229 -9.16 6.72 13.57
N GLU A 230 -9.26 7.80 14.32
CA GLU A 230 -8.57 9.03 13.95
C GLU A 230 -7.26 9.16 14.72
N PRO A 231 -6.14 9.01 13.97
CA PRO A 231 -4.82 9.11 14.57
C PRO A 231 -4.46 10.57 14.86
N ARG A 232 -3.79 10.76 15.99
CA ARG A 232 -3.39 12.09 16.40
C ARG A 232 -1.93 12.37 15.98
N GLY A 233 -1.49 13.59 16.24
CA GLY A 233 -0.13 13.98 15.90
C GLY A 233 0.87 12.90 16.34
N SER A 234 0.60 12.33 17.51
CA SER A 234 1.46 11.30 18.04
C SER A 234 1.41 10.05 17.15
N ASP A 235 0.20 9.70 16.75
CA ASP A 235 0.00 8.54 15.90
C ASP A 235 0.78 8.73 14.60
N ILE A 236 0.63 9.91 14.02
CA ILE A 236 1.32 10.21 12.77
C ILE A 236 2.84 10.12 12.99
N ALA A 237 3.22 10.28 14.25
CA ALA A 237 4.63 10.22 14.61
C ALA A 237 5.11 8.77 14.55
N GLY A 238 4.15 7.86 14.68
CA GLY A 238 4.45 6.44 14.63
C GLY A 238 4.53 5.86 16.05
N THR A 239 3.95 6.60 16.98
CA THR A 239 3.95 6.17 18.37
C THR A 239 2.72 5.30 18.66
N THR A 240 1.61 5.68 18.05
CA THR A 240 0.36 4.96 18.23
C THR A 240 -0.03 4.25 16.92
N SER A 241 0.87 4.33 15.95
CA SER A 241 0.62 3.71 14.65
C SER A 241 1.94 3.20 14.07
N THR A 242 1.85 2.07 13.40
CA THR A 242 3.02 1.46 12.77
C THR A 242 3.18 1.96 11.34
N LEU A 243 4.29 1.55 10.73
CA LEU A 243 4.57 1.94 9.35
C LEU A 243 3.42 1.48 8.45
N GLN A 244 3.12 0.19 8.55
CA GLN A 244 2.05 -0.39 7.76
C GLN A 244 0.77 0.43 7.91
N GLU A 245 0.39 0.66 9.16
CA GLU A 245 -0.81 1.42 9.45
C GLU A 245 -0.68 2.85 8.90
N GLN A 246 0.56 3.32 8.90
CA GLN A 246 0.83 4.67 8.41
C GLN A 246 0.53 4.76 6.91
N ILE A 247 1.33 4.04 6.13
CA ILE A 247 1.15 4.04 4.69
C ILE A 247 -0.32 3.80 4.36
N GLY A 248 -0.92 2.87 5.09
CA GLY A 248 -2.32 2.54 4.89
C GLY A 248 -3.22 3.76 5.14
N TRP A 249 -3.01 4.38 6.29
CA TRP A 249 -3.78 5.55 6.66
C TRP A 249 -3.56 6.61 5.58
N MET A 250 -2.36 6.61 5.02
CA MET A 250 -2.01 7.57 3.99
C MET A 250 -2.77 7.27 2.69
N THR A 251 -2.86 5.99 2.38
CA THR A 251 -3.55 5.56 1.17
C THR A 251 -4.95 5.06 1.51
N HIS A 252 -5.45 5.51 2.65
CA HIS A 252 -6.77 5.11 3.11
C HIS A 252 -7.83 5.95 2.39
N ASN A 253 -9.08 5.53 2.56
CA ASN A 253 -10.19 6.24 1.94
C ASN A 253 -11.16 6.70 3.03
N PRO A 254 -11.21 8.05 3.20
CA PRO A 254 -10.40 8.95 2.42
C PRO A 254 -8.94 8.91 2.87
N PRO A 255 -8.03 9.35 1.95
CA PRO A 255 -6.62 9.37 2.26
C PRO A 255 -6.27 10.52 3.20
N ILE A 256 -5.55 10.18 4.26
CA ILE A 256 -5.16 11.17 5.24
C ILE A 256 -3.67 11.51 5.05
N PRO A 257 -3.37 12.83 5.14
CA PRO A 257 -1.99 13.30 4.98
C PRO A 257 -1.16 12.97 6.22
N VAL A 258 -1.15 11.70 6.58
CA VAL A 258 -0.39 11.24 7.73
C VAL A 258 1.10 11.53 7.50
N GLY A 259 1.65 10.88 6.50
CA GLY A 259 3.06 11.06 6.17
C GLY A 259 3.35 12.51 5.79
N GLU A 260 2.42 13.08 5.04
CA GLU A 260 2.56 14.46 4.60
C GLU A 260 2.65 15.40 5.80
N ILE A 261 1.87 15.08 6.82
CA ILE A 261 1.84 15.88 8.04
C ILE A 261 3.22 15.81 8.71
N TYR A 262 3.73 14.59 8.80
CA TYR A 262 5.03 14.36 9.42
C TYR A 262 6.14 15.03 8.62
N LYS A 263 6.02 14.94 7.30
CA LYS A 263 7.01 15.52 6.41
C LYS A 263 7.04 17.03 6.63
N ARG A 264 5.86 17.62 6.71
CA ARG A 264 5.74 19.05 6.91
C ARG A 264 6.34 19.45 8.26
N TRP A 265 6.25 18.53 9.21
CA TRP A 265 6.79 18.77 10.54
C TRP A 265 8.30 18.97 10.42
N ILE A 266 8.92 18.07 9.68
CA ILE A 266 10.36 18.14 9.48
C ILE A 266 10.71 19.48 8.85
N ILE A 267 9.94 19.85 7.84
CA ILE A 267 10.17 21.11 7.14
C ILE A 267 10.03 22.26 8.12
N LEU A 268 9.10 22.10 9.06
CA LEU A 268 8.86 23.12 10.06
C LEU A 268 10.15 23.36 10.85
N GLY A 269 10.70 22.27 11.38
CA GLY A 269 11.93 22.36 12.15
C GLY A 269 13.08 22.87 11.29
N LEU A 270 13.38 22.11 10.24
CA LEU A 270 14.46 22.48 9.34
C LEU A 270 14.35 23.98 9.00
N ASN A 271 13.11 24.45 8.98
CA ASN A 271 12.86 25.85 8.67
C ASN A 271 13.50 26.73 9.74
N LYS A 272 13.27 26.35 10.99
CA LYS A 272 13.81 27.09 12.12
C LYS A 272 15.32 26.90 12.16
N ILE A 273 15.75 25.69 11.83
CA ILE A 273 17.17 25.37 11.83
C ILE A 273 17.89 26.27 10.82
N VAL A 274 17.29 26.38 9.64
CA VAL A 274 17.86 27.20 8.59
C VAL A 274 17.76 28.68 9.00
N ARG A 275 16.58 29.05 9.49
CA ARG A 275 16.34 30.42 9.91
C ARG A 275 17.35 30.82 10.98
N MET A 276 17.99 29.81 11.57
CA MET A 276 18.97 30.05 12.61
C MET A 276 20.38 30.14 12.03
N TYR A 277 20.63 29.29 11.03
CA TYR A 277 21.92 29.25 10.38
C TYR A 277 21.91 30.08 9.10
N SER A 278 20.93 30.96 9.01
CA SER A 278 20.80 31.83 7.85
C SER A 278 21.90 32.88 7.86
N PRO A 279 22.29 33.32 6.63
CA PRO A 279 23.33 34.33 6.48
C PRO A 279 22.80 35.71 6.83
N THR A 280 23.18 36.19 8.01
CA THR A 280 22.75 37.50 8.47
C THR A 280 21.29 37.74 8.08
N SER A 281 20.40 37.13 8.85
CA SER A 281 18.97 37.28 8.60
C SER A 281 18.51 38.66 9.03
N ILE A 282 17.34 39.05 8.53
CA ILE A 282 16.77 40.34 8.85
C ILE A 282 15.64 40.16 9.86
N LEU A 283 15.28 41.26 10.52
CA LEU A 283 14.22 41.23 11.51
C LEU A 283 12.87 41.43 10.81
N HIS A 284 11.82 41.01 11.49
CA HIS A 284 10.48 41.14 10.95
C HIS A 284 9.46 40.76 12.02
N HIS A 285 8.26 41.32 11.89
CA HIS A 285 7.20 41.05 12.83
C HIS A 285 5.89 41.67 12.33
N HIS A 286 4.80 40.95 12.54
CA HIS A 286 3.50 41.43 12.12
C HIS A 286 2.41 40.53 12.71
N HIS A 287 1.51 41.15 13.47
CA HIS A 287 0.43 40.43 14.09
C HIS A 287 -0.79 41.35 14.23
N HIS A 288 -1.91 40.75 14.61
CA HIS A 288 -3.14 41.50 14.79
C HIS A 288 -3.49 41.58 16.29
N HIS A 289 -3.07 42.67 16.90
CA HIS A 289 -3.32 42.88 18.31
C HIS A 289 -3.13 41.58 19.07
N GLY A 2 39.97 -39.28 -0.64
CA GLY A 2 41.15 -39.95 -0.10
C GLY A 2 42.40 -39.10 -0.30
N ALA A 3 43.53 -39.78 -0.41
CA ALA A 3 44.80 -39.10 -0.60
C ALA A 3 45.91 -40.15 -0.75
N ARG A 4 46.81 -39.87 -1.67
CA ARG A 4 47.93 -40.78 -1.92
C ARG A 4 49.24 -40.13 -1.48
N ALA A 5 49.53 -38.98 -2.06
CA ALA A 5 50.75 -38.25 -1.73
C ALA A 5 50.38 -36.82 -1.31
N SER A 6 50.20 -35.98 -2.32
CA SER A 6 49.86 -34.59 -2.07
C SER A 6 49.61 -33.87 -3.39
N VAL A 7 48.69 -34.42 -4.17
CA VAL A 7 48.36 -33.84 -5.45
C VAL A 7 46.93 -34.25 -5.84
N LEU A 8 46.76 -35.55 -6.06
CA LEU A 8 45.46 -36.08 -6.43
C LEU A 8 44.83 -36.76 -5.22
N SER A 9 43.51 -36.76 -5.20
CA SER A 9 42.77 -37.38 -4.10
C SER A 9 42.60 -38.88 -4.37
N GLY A 10 41.95 -39.53 -3.43
CA GLY A 10 41.72 -40.97 -3.55
C GLY A 10 40.91 -41.29 -4.80
N GLY A 11 39.73 -40.68 -4.88
CA GLY A 11 38.85 -40.90 -6.02
C GLY A 11 39.34 -40.11 -7.23
N GLU A 12 39.79 -38.89 -6.98
CA GLU A 12 40.28 -38.04 -8.05
C GLU A 12 41.47 -38.70 -8.75
N LEU A 13 42.31 -39.35 -7.96
CA LEU A 13 43.47 -40.02 -8.48
C LEU A 13 43.03 -41.22 -9.33
N ASP A 14 42.01 -41.91 -8.82
CA ASP A 14 41.48 -43.06 -9.51
C ASP A 14 41.07 -42.67 -10.94
N LYS A 15 40.64 -41.43 -11.07
CA LYS A 15 40.22 -40.91 -12.35
C LYS A 15 41.45 -40.60 -13.21
N TRP A 16 42.42 -39.95 -12.57
CA TRP A 16 43.65 -39.60 -13.25
C TRP A 16 44.27 -40.87 -13.83
N GLU A 17 44.59 -41.79 -12.92
CA GLU A 17 45.18 -43.06 -13.32
C GLU A 17 44.24 -43.80 -14.28
N LYS A 18 42.97 -43.44 -14.22
CA LYS A 18 41.98 -44.05 -15.07
C LYS A 18 41.86 -43.26 -16.38
N ILE A 19 43.01 -42.81 -16.87
CA ILE A 19 43.04 -42.05 -18.10
C ILE A 19 44.28 -42.44 -18.91
N ARG A 20 44.06 -42.60 -20.20
CA ARG A 20 45.14 -42.99 -21.10
C ARG A 20 45.90 -41.75 -21.58
N LEU A 21 47.20 -41.93 -21.78
CA LEU A 21 48.05 -40.83 -22.22
C LEU A 21 47.74 -40.52 -23.69
N ARG A 22 48.80 -40.30 -24.46
CA ARG A 22 48.65 -39.99 -25.87
C ARG A 22 47.93 -41.15 -26.59
N PRO A 23 47.36 -40.82 -27.78
CA PRO A 23 46.65 -41.80 -28.57
C PRO A 23 47.62 -42.75 -29.26
N GLY A 24 47.42 -44.04 -29.02
CA GLY A 24 48.27 -45.06 -29.61
C GLY A 24 49.37 -45.48 -28.64
N GLY A 25 49.38 -44.84 -27.48
CA GLY A 25 50.37 -45.14 -26.47
C GLY A 25 49.89 -46.24 -25.52
N LYS A 26 48.57 -46.28 -25.34
CA LYS A 26 47.97 -47.27 -24.47
C LYS A 26 48.62 -47.20 -23.09
N LYS A 27 49.19 -46.03 -22.79
CA LYS A 27 49.84 -45.83 -21.52
C LYS A 27 48.86 -45.16 -20.55
N GLN A 28 49.08 -45.43 -19.26
CA GLN A 28 48.23 -44.86 -18.22
C GLN A 28 49.00 -43.80 -17.43
N TYR A 29 48.25 -42.81 -16.97
CA TYR A 29 48.84 -41.72 -16.20
C TYR A 29 49.22 -42.21 -14.79
N LYS A 30 50.23 -41.55 -14.23
CA LYS A 30 50.69 -41.90 -12.90
C LYS A 30 51.06 -40.62 -12.15
N LEU A 31 51.24 -40.77 -10.84
CA LEU A 31 51.60 -39.64 -10.01
C LEU A 31 52.93 -39.06 -10.45
N LYS A 32 53.75 -39.94 -11.03
CA LYS A 32 55.06 -39.53 -11.51
C LYS A 32 54.90 -38.48 -12.61
N HIS A 33 53.96 -38.76 -13.51
CA HIS A 33 53.69 -37.85 -14.61
C HIS A 33 53.19 -36.52 -14.06
N ILE A 34 52.41 -36.60 -13.00
CA ILE A 34 51.86 -35.40 -12.38
C ILE A 34 53.01 -34.55 -11.85
N VAL A 35 53.90 -35.19 -11.12
CA VAL A 35 55.05 -34.49 -10.56
C VAL A 35 55.77 -33.72 -11.67
N TRP A 36 55.93 -34.39 -12.80
CA TRP A 36 56.60 -33.80 -13.93
C TRP A 36 55.78 -32.58 -14.39
N ALA A 37 54.46 -32.76 -14.36
CA ALA A 37 53.56 -31.70 -14.76
C ALA A 37 53.78 -30.47 -13.87
N SER A 38 53.73 -30.71 -12.56
CA SER A 38 53.93 -29.66 -11.59
C SER A 38 55.34 -29.07 -11.74
N ARG A 39 56.28 -29.94 -12.07
CA ARG A 39 57.66 -29.52 -12.25
C ARG A 39 57.76 -28.49 -13.37
N GLU A 40 57.01 -28.73 -14.43
CA GLU A 40 57.01 -27.83 -15.57
C GLU A 40 56.43 -26.46 -15.17
N LEU A 41 55.46 -26.51 -14.28
CA LEU A 41 54.82 -25.30 -13.80
C LEU A 41 55.87 -24.39 -13.17
N GLU A 42 56.66 -24.97 -12.28
CA GLU A 42 57.72 -24.22 -11.61
C GLU A 42 58.66 -23.60 -12.62
N ARG A 43 58.94 -24.37 -13.67
CA ARG A 43 59.84 -23.90 -14.72
C ARG A 43 59.26 -22.64 -15.39
N PHE A 44 57.94 -22.64 -15.51
CA PHE A 44 57.26 -21.50 -16.12
C PHE A 44 57.20 -20.31 -15.17
N ALA A 45 57.75 -20.52 -13.97
CA ALA A 45 57.77 -19.47 -12.97
C ALA A 45 56.36 -19.31 -12.38
N VAL A 46 55.72 -20.45 -12.17
CA VAL A 46 54.38 -20.45 -11.60
C VAL A 46 54.35 -21.33 -10.35
N ASN A 47 53.47 -20.97 -9.44
CA ASN A 47 53.34 -21.71 -8.20
C ASN A 47 52.86 -23.13 -8.50
N PRO A 48 53.58 -24.12 -7.94
CA PRO A 48 53.24 -25.52 -8.15
C PRO A 48 52.01 -25.91 -7.32
N GLY A 49 51.74 -25.10 -6.32
CA GLY A 49 50.59 -25.35 -5.45
C GLY A 49 49.28 -25.13 -6.19
N LEU A 50 49.40 -24.58 -7.40
CA LEU A 50 48.24 -24.30 -8.21
C LEU A 50 47.67 -25.63 -8.75
N LEU A 51 48.57 -26.51 -9.12
CA LEU A 51 48.19 -27.80 -9.64
C LEU A 51 47.53 -28.62 -8.54
N GLU A 52 47.65 -28.11 -7.32
CA GLU A 52 47.06 -28.77 -6.16
C GLU A 52 45.58 -28.44 -6.05
N THR A 53 45.20 -27.33 -6.66
CA THR A 53 43.81 -26.89 -6.63
C THR A 53 43.30 -26.67 -8.05
N SER A 54 41.99 -26.78 -8.21
CA SER A 54 41.36 -26.59 -9.51
C SER A 54 41.42 -25.12 -9.90
N GLU A 55 41.43 -24.26 -8.89
CA GLU A 55 41.48 -22.83 -9.13
C GLU A 55 42.84 -22.45 -9.76
N GLY A 56 43.90 -22.92 -9.13
CA GLY A 56 45.23 -22.64 -9.62
C GLY A 56 45.52 -23.38 -10.93
N CYS A 57 44.99 -24.60 -11.01
CA CYS A 57 45.18 -25.40 -12.20
C CYS A 57 44.48 -24.71 -13.37
N ARG A 58 43.32 -24.13 -13.08
CA ARG A 58 42.56 -23.43 -14.09
C ARG A 58 43.37 -22.28 -14.67
N GLN A 59 43.99 -21.52 -13.77
CA GLN A 59 44.80 -20.38 -14.18
C GLN A 59 45.96 -20.85 -15.06
N ILE A 60 46.38 -22.08 -14.82
CA ILE A 60 47.47 -22.66 -15.59
C ILE A 60 47.01 -22.94 -17.01
N LEU A 61 46.17 -23.97 -17.13
CA LEU A 61 45.64 -24.35 -18.43
C LEU A 61 45.17 -23.10 -19.18
N GLY A 62 44.71 -22.12 -18.40
CA GLY A 62 44.22 -20.87 -18.96
C GLY A 62 45.37 -20.07 -19.57
N GLN A 63 46.43 -19.92 -18.79
CA GLN A 63 47.59 -19.18 -19.23
C GLN A 63 48.58 -20.11 -19.93
N LEU A 64 48.08 -21.26 -20.34
CA LEU A 64 48.91 -22.25 -21.01
C LEU A 64 48.46 -22.37 -22.47
N GLN A 65 47.19 -22.07 -22.69
CA GLN A 65 46.63 -22.14 -24.03
C GLN A 65 47.48 -21.33 -25.00
N PRO A 66 47.86 -20.10 -24.56
CA PRO A 66 48.66 -19.22 -25.39
C PRO A 66 50.12 -19.69 -25.42
N SER A 67 50.59 -20.13 -24.26
CA SER A 67 51.96 -20.59 -24.15
C SER A 67 52.13 -21.91 -24.92
N LEU A 68 51.00 -22.47 -25.31
CA LEU A 68 51.00 -23.72 -26.06
C LEU A 68 51.54 -23.46 -27.47
N GLN A 69 51.05 -22.38 -28.06
CA GLN A 69 51.46 -22.02 -29.40
C GLN A 69 52.88 -21.47 -29.39
N THR A 70 53.40 -21.27 -28.18
CA THR A 70 54.75 -20.75 -28.02
C THR A 70 55.62 -21.75 -27.25
N GLY A 71 54.97 -22.81 -26.80
CA GLY A 71 55.68 -23.85 -26.05
C GLY A 71 56.41 -24.81 -27.00
N SER A 72 55.77 -25.94 -27.26
CA SER A 72 56.35 -26.94 -28.13
C SER A 72 55.58 -28.26 -27.99
N GLU A 73 56.07 -29.27 -28.71
CA GLU A 73 55.44 -30.58 -28.67
C GLU A 73 55.45 -31.13 -27.24
N GLU A 74 56.58 -30.91 -26.56
CA GLU A 74 56.72 -31.37 -25.20
C GLU A 74 55.85 -30.54 -24.26
N LEU A 75 55.92 -29.24 -24.43
CA LEU A 75 55.13 -28.32 -23.61
C LEU A 75 53.65 -28.63 -23.78
N ARG A 76 53.30 -29.03 -25.00
CA ARG A 76 51.92 -29.36 -25.31
C ARG A 76 51.44 -30.51 -24.43
N SER A 77 52.24 -31.57 -24.40
CA SER A 77 51.91 -32.74 -23.62
C SER A 77 51.66 -32.34 -22.16
N LEU A 78 52.43 -31.36 -21.71
CA LEU A 78 52.30 -30.87 -20.35
C LEU A 78 50.90 -30.30 -20.14
N TYR A 79 50.48 -29.48 -21.09
CA TYR A 79 49.16 -28.88 -21.03
C TYR A 79 48.05 -29.94 -21.06
N ASN A 80 48.26 -30.92 -21.93
CA ASN A 80 47.29 -32.00 -22.08
C ASN A 80 47.16 -32.74 -20.74
N THR A 81 48.26 -32.77 -20.01
CA THR A 81 48.29 -33.43 -18.72
C THR A 81 47.44 -32.66 -17.70
N ILE A 82 47.63 -31.35 -17.70
CA ILE A 82 46.89 -30.49 -16.79
C ILE A 82 45.41 -30.50 -17.17
N ALA A 83 45.17 -30.51 -18.48
CA ALA A 83 43.81 -30.51 -18.99
C ALA A 83 43.03 -31.65 -18.33
N VAL A 84 43.57 -32.85 -18.46
CA VAL A 84 42.93 -34.02 -17.88
C VAL A 84 42.78 -33.83 -16.38
N LEU A 85 43.83 -33.27 -15.77
CA LEU A 85 43.83 -33.03 -14.34
C LEU A 85 42.64 -32.14 -13.98
N TYR A 86 42.35 -31.19 -14.86
CA TYR A 86 41.24 -30.28 -14.65
C TYR A 86 39.93 -31.04 -14.53
N CYS A 87 39.65 -31.84 -15.56
CA CYS A 87 38.42 -32.62 -15.59
C CYS A 87 38.40 -33.53 -14.36
N VAL A 88 39.58 -34.00 -13.99
CA VAL A 88 39.71 -34.88 -12.83
C VAL A 88 39.30 -34.11 -11.58
N HIS A 89 39.71 -32.85 -11.52
CA HIS A 89 39.40 -32.01 -10.38
C HIS A 89 37.88 -31.98 -10.18
N GLN A 90 37.16 -31.91 -11.29
CA GLN A 90 35.71 -31.86 -11.25
C GLN A 90 35.14 -33.28 -11.22
N ARG A 91 35.98 -34.24 -11.59
CA ARG A 91 35.57 -35.63 -11.60
C ARG A 91 34.80 -35.93 -12.88
N ILE A 92 35.28 -35.38 -13.99
CA ILE A 92 34.65 -35.58 -15.27
C ILE A 92 35.00 -36.99 -15.79
N ASP A 93 34.01 -37.62 -16.40
CA ASP A 93 34.19 -38.95 -16.94
C ASP A 93 35.12 -38.89 -18.15
N VAL A 94 36.38 -39.26 -17.92
CA VAL A 94 37.37 -39.24 -18.99
C VAL A 94 38.27 -40.47 -18.84
N LYS A 95 38.83 -40.88 -19.98
CA LYS A 95 39.71 -42.04 -20.00
C LYS A 95 40.77 -41.84 -21.07
N ASP A 96 40.96 -40.59 -21.46
CA ASP A 96 41.94 -40.25 -22.47
C ASP A 96 42.21 -38.74 -22.44
N THR A 97 43.43 -38.39 -22.80
CA THR A 97 43.83 -36.99 -22.81
C THR A 97 42.97 -36.20 -23.79
N LYS A 98 42.61 -36.86 -24.88
CA LYS A 98 41.78 -36.23 -25.90
C LYS A 98 40.37 -36.03 -25.35
N GLU A 99 39.95 -36.96 -24.51
CA GLU A 99 38.63 -36.89 -23.92
C GLU A 99 38.50 -35.62 -23.07
N ALA A 100 39.55 -35.34 -22.32
CA ALA A 100 39.57 -34.17 -21.46
C ALA A 100 39.61 -32.91 -22.33
N LEU A 101 40.38 -33.00 -23.41
CA LEU A 101 40.52 -31.88 -24.32
C LEU A 101 39.14 -31.47 -24.83
N ASP A 102 38.36 -32.48 -25.22
CA ASP A 102 37.03 -32.23 -25.73
C ASP A 102 36.11 -31.83 -24.57
N LYS A 103 36.28 -32.52 -23.46
CA LYS A 103 35.48 -32.24 -22.27
C LYS A 103 35.78 -30.83 -21.78
N ILE A 104 37.02 -30.63 -21.39
CA ILE A 104 37.46 -29.34 -20.90
C ILE A 104 37.16 -28.27 -21.95
N GLU A 105 37.15 -28.70 -23.20
CA GLU A 105 36.89 -27.79 -24.30
C GLU A 105 35.52 -27.12 -24.11
N GLU A 106 34.50 -27.94 -23.93
CA GLU A 106 33.16 -27.44 -23.73
C GLU A 106 33.10 -26.55 -22.49
N GLU A 107 33.66 -27.04 -21.41
CA GLU A 107 33.68 -26.30 -20.16
C GLU A 107 34.25 -24.90 -20.39
N GLN A 108 35.41 -24.85 -21.03
CA GLN A 108 36.06 -23.59 -21.32
C GLN A 108 35.11 -22.67 -22.09
N ASN A 109 34.58 -23.19 -23.18
CA ASN A 109 33.66 -22.43 -24.01
C ASN A 109 32.53 -21.88 -23.15
N LYS A 110 32.02 -22.74 -22.27
CA LYS A 110 30.94 -22.36 -21.37
C LYS A 110 31.39 -21.17 -20.53
N SER A 111 32.51 -21.36 -19.83
CA SER A 111 33.06 -20.32 -18.98
C SER A 111 33.15 -19.01 -19.76
N LYS A 112 33.75 -19.09 -20.93
CA LYS A 112 33.92 -17.92 -21.78
C LYS A 112 32.55 -17.24 -21.96
N LYS A 113 31.60 -18.03 -22.42
CA LYS A 113 30.25 -17.52 -22.64
C LYS A 113 29.78 -16.80 -21.39
N LYS A 114 29.84 -17.49 -20.27
CA LYS A 114 29.42 -16.94 -19.00
C LYS A 114 30.07 -15.57 -18.82
N ALA A 115 31.38 -15.53 -19.00
CA ALA A 115 32.13 -14.30 -18.85
C ALA A 115 31.50 -13.22 -19.74
N GLN A 116 31.39 -13.55 -21.02
CA GLN A 116 30.81 -12.62 -21.98
C GLN A 116 29.49 -12.08 -21.46
N GLN A 117 28.64 -12.99 -21.01
CA GLN A 117 27.34 -12.62 -20.49
C GLN A 117 27.49 -11.57 -19.39
N ALA A 118 28.31 -11.91 -18.40
CA ALA A 118 28.54 -11.01 -17.29
C ALA A 118 28.98 -9.64 -17.83
N ALA A 119 30.04 -9.67 -18.63
CA ALA A 119 30.57 -8.44 -19.21
C ALA A 119 29.40 -7.55 -19.64
N ALA A 120 28.46 -8.16 -20.35
CA ALA A 120 27.29 -7.43 -20.83
C ALA A 120 26.46 -6.95 -19.63
N ASP A 121 26.07 -7.92 -18.81
CA ASP A 121 25.28 -7.61 -17.62
C ASP A 121 25.81 -6.33 -16.98
N THR A 122 27.08 -6.36 -16.61
CA THR A 122 27.71 -5.22 -15.99
C THR A 122 27.74 -4.04 -16.95
N GLY A 123 28.26 -4.31 -18.14
CA GLY A 123 28.36 -3.27 -19.17
C GLY A 123 26.97 -2.90 -19.71
N ASN A 124 26.35 -1.93 -19.05
CA ASN A 124 25.03 -1.47 -19.46
C ASN A 124 24.79 -0.07 -18.90
N ASN A 125 24.62 0.87 -19.81
CA ASN A 125 24.38 2.24 -19.44
C ASN A 125 23.24 2.81 -20.27
N SER A 126 22.75 3.97 -19.86
CA SER A 126 21.66 4.63 -20.55
C SER A 126 20.41 3.75 -20.49
N GLN A 127 19.28 4.40 -20.23
CA GLN A 127 18.01 3.69 -20.15
C GLN A 127 16.86 4.69 -20.02
N VAL A 128 15.78 4.38 -20.72
CA VAL A 128 14.60 5.25 -20.69
C VAL A 128 13.35 4.38 -20.57
N SER A 129 12.66 4.54 -19.45
CA SER A 129 11.46 3.79 -19.19
C SER A 129 10.23 4.58 -19.65
N GLN A 130 9.17 3.86 -19.99
CA GLN A 130 7.94 4.48 -20.44
C GLN A 130 6.85 4.32 -19.39
N ASN A 131 5.91 5.25 -19.41
CA ASN A 131 4.80 5.23 -18.47
C ASN A 131 3.98 3.95 -18.68
N TYR A 132 3.16 3.65 -17.69
CA TYR A 132 2.33 2.46 -17.75
C TYR A 132 0.99 2.69 -17.04
N PRO A 133 -0.03 1.89 -17.46
CA PRO A 133 -1.36 2.01 -16.87
C PRO A 133 -1.39 1.38 -15.47
N ILE A 134 -2.36 1.81 -14.69
CA ILE A 134 -2.52 1.31 -13.33
C ILE A 134 -3.86 0.58 -13.22
N VAL A 135 -3.84 -0.50 -12.45
CA VAL A 135 -5.05 -1.29 -12.25
C VAL A 135 -5.75 -0.83 -10.98
N GLN A 136 -7.04 -1.10 -10.92
CA GLN A 136 -7.85 -0.71 -9.78
C GLN A 136 -7.88 -1.85 -8.75
N ASN A 137 -8.44 -1.54 -7.59
CA ASN A 137 -8.55 -2.52 -6.53
C ASN A 137 -9.35 -1.93 -5.37
N LEU A 138 -9.85 -2.82 -4.52
CA LEU A 138 -10.63 -2.40 -3.37
C LEU A 138 -9.94 -2.85 -2.09
N GLN A 139 -10.42 -2.33 -0.98
CA GLN A 139 -9.86 -2.67 0.32
C GLN A 139 -8.44 -2.12 0.45
N GLY A 140 -7.95 -2.09 1.68
CA GLY A 140 -6.61 -1.59 1.95
C GLY A 140 -5.65 -2.74 2.24
N GLN A 141 -4.77 -2.49 3.20
CA GLN A 141 -3.79 -3.49 3.60
C GLN A 141 -2.83 -3.79 2.43
N MET A 142 -1.72 -3.04 2.42
CA MET A 142 -0.73 -3.20 1.38
C MET A 142 0.66 -3.39 1.98
N VAL A 143 1.62 -3.64 1.10
CA VAL A 143 3.00 -3.83 1.53
C VAL A 143 3.90 -2.84 0.80
N HIS A 144 4.06 -1.67 1.41
CA HIS A 144 4.89 -0.64 0.83
C HIS A 144 6.37 -0.96 1.07
N GLN A 145 7.18 -0.65 0.08
CA GLN A 145 8.60 -0.90 0.17
C GLN A 145 9.30 0.22 0.95
N ALA A 146 10.35 -0.16 1.65
CA ALA A 146 11.11 0.79 2.45
C ALA A 146 11.96 1.67 1.51
N ILE A 147 12.63 2.64 2.12
CA ILE A 147 13.48 3.54 1.36
C ILE A 147 14.80 2.83 1.03
N SER A 148 15.31 3.14 -0.16
CA SER A 148 16.56 2.55 -0.60
C SER A 148 17.75 3.37 -0.08
N PRO A 149 18.94 2.71 -0.07
CA PRO A 149 20.14 3.38 0.40
C PRO A 149 20.66 4.38 -0.63
N ARG A 150 20.27 4.15 -1.88
CA ARG A 150 20.68 5.03 -2.96
C ARG A 150 20.12 6.44 -2.74
N THR A 151 18.91 6.49 -2.22
CA THR A 151 18.25 7.76 -1.96
C THR A 151 18.84 8.42 -0.71
N LEU A 152 19.25 7.57 0.22
CA LEU A 152 19.84 8.06 1.46
C LEU A 152 21.16 8.77 1.16
N ASN A 153 21.93 8.15 0.28
CA ASN A 153 23.22 8.71 -0.11
C ASN A 153 22.99 10.00 -0.90
N ALA A 154 22.03 9.93 -1.82
CA ALA A 154 21.70 11.08 -2.65
C ALA A 154 21.33 12.27 -1.75
N TRP A 155 20.45 11.99 -0.80
CA TRP A 155 20.01 13.02 0.12
C TRP A 155 21.23 13.50 0.92
N VAL A 156 21.96 12.53 1.44
CA VAL A 156 23.15 12.84 2.22
C VAL A 156 24.00 13.87 1.47
N LYS A 157 24.13 13.65 0.17
CA LYS A 157 24.90 14.55 -0.67
C LYS A 157 24.29 15.95 -0.61
N VAL A 158 22.97 15.98 -0.48
CA VAL A 158 22.24 17.24 -0.42
C VAL A 158 22.44 17.87 0.97
N VAL A 159 22.47 17.00 1.98
CA VAL A 159 22.66 17.46 3.34
C VAL A 159 24.03 18.11 3.47
N GLU A 160 25.01 17.47 2.86
CA GLU A 160 26.38 17.97 2.91
C GLU A 160 26.55 19.13 1.93
N GLU A 161 25.86 19.03 0.80
CA GLU A 161 25.92 20.06 -0.21
C GLU A 161 25.24 21.34 0.28
N LYS A 162 24.29 21.16 1.18
CA LYS A 162 23.57 22.28 1.75
C LYS A 162 23.58 22.17 3.27
N ALA A 163 22.74 21.28 3.78
CA ALA A 163 22.63 21.07 5.21
C ALA A 163 21.65 22.08 5.80
N PHE A 164 21.83 23.34 5.42
CA PHE A 164 20.97 24.40 5.89
C PHE A 164 20.87 25.52 4.86
N SER A 165 19.66 25.67 4.32
CA SER A 165 19.41 26.69 3.31
C SER A 165 17.96 26.64 2.86
N PRO A 166 17.50 27.76 2.25
CA PRO A 166 16.13 27.85 1.76
C PRO A 166 15.95 27.03 0.48
N GLU A 167 17.08 26.72 -0.15
CA GLU A 167 17.05 25.94 -1.38
C GLU A 167 17.17 24.45 -1.06
N VAL A 168 17.22 24.15 0.22
CA VAL A 168 17.34 22.78 0.67
C VAL A 168 16.01 22.32 1.28
N ILE A 169 15.35 23.27 1.92
CA ILE A 169 14.07 22.99 2.56
C ILE A 169 13.15 22.31 1.56
N PRO A 170 13.11 22.88 0.32
CA PRO A 170 12.27 22.34 -0.73
C PRO A 170 12.88 21.06 -1.31
N MET A 171 14.21 21.02 -1.35
CA MET A 171 14.91 19.87 -1.87
C MET A 171 14.62 18.63 -1.02
N PHE A 172 14.52 18.84 0.28
CA PHE A 172 14.26 17.76 1.20
C PHE A 172 12.89 17.13 0.92
N SER A 173 11.91 17.98 0.70
CA SER A 173 10.56 17.52 0.41
C SER A 173 10.54 16.72 -0.89
N ALA A 174 11.46 17.09 -1.79
CA ALA A 174 11.55 16.42 -3.06
C ALA A 174 11.94 14.96 -2.85
N LEU A 175 12.92 14.76 -1.98
CA LEU A 175 13.39 13.42 -1.67
C LEU A 175 12.40 12.74 -0.73
N SER A 176 11.46 13.54 -0.23
CA SER A 176 10.46 13.03 0.68
C SER A 176 9.10 12.98 -0.02
N GLU A 177 9.15 13.10 -1.34
CA GLU A 177 7.92 13.07 -2.13
C GLU A 177 7.00 11.96 -1.64
N GLY A 178 5.89 12.36 -1.06
CA GLY A 178 4.92 11.41 -0.54
C GLY A 178 5.62 10.23 0.13
N ALA A 179 6.32 10.53 1.21
CA ALA A 179 7.03 9.52 1.95
C ALA A 179 6.25 9.18 3.23
N THR A 180 6.85 8.32 4.04
CA THR A 180 6.22 7.91 5.29
C THR A 180 7.06 8.38 6.49
N PRO A 181 6.63 7.95 7.70
CA PRO A 181 7.32 8.33 8.93
C PRO A 181 8.62 7.54 9.07
N GLN A 182 8.56 6.27 8.73
CA GLN A 182 9.73 5.41 8.82
C GLN A 182 10.76 5.80 7.76
N ASP A 183 10.37 5.63 6.50
CA ASP A 183 11.24 5.96 5.39
C ASP A 183 11.92 7.30 5.66
N LEU A 184 11.12 8.24 6.16
CA LEU A 184 11.62 9.57 6.47
C LEU A 184 12.54 9.49 7.68
N ASN A 185 12.15 8.66 8.63
CA ASN A 185 12.93 8.49 9.85
C ASN A 185 14.37 8.09 9.47
N THR A 186 14.46 7.21 8.48
CA THR A 186 15.75 6.74 8.02
C THR A 186 16.54 7.89 7.40
N MET A 187 15.85 8.68 6.58
CA MET A 187 16.47 9.82 5.92
C MET A 187 17.00 10.81 6.95
N LEU A 188 16.17 11.11 7.93
CA LEU A 188 16.53 12.05 8.97
C LEU A 188 17.67 11.46 9.81
N ASN A 189 17.84 10.16 9.69
CA ASN A 189 18.87 9.46 10.43
C ASN A 189 20.21 9.65 9.71
N THR A 190 20.19 9.41 8.41
CA THR A 190 21.39 9.55 7.60
C THR A 190 21.76 11.02 7.44
N VAL A 191 20.85 11.88 7.89
CA VAL A 191 21.06 13.31 7.80
C VAL A 191 22.42 13.66 8.42
N GLY A 192 22.70 14.96 8.46
CA GLY A 192 23.96 15.43 9.01
C GLY A 192 23.91 16.94 9.28
N GLY A 193 22.93 17.33 10.08
CA GLY A 193 22.75 18.72 10.42
C GLY A 193 23.00 18.95 11.92
N HIS A 194 23.90 18.14 12.47
CA HIS A 194 24.23 18.26 13.88
C HIS A 194 23.12 17.63 14.73
N GLN A 195 23.54 16.84 15.69
CA GLN A 195 22.59 16.17 16.58
C GLN A 195 21.75 17.21 17.33
N ALA A 196 22.40 18.30 17.70
CA ALA A 196 21.73 19.36 18.42
C ALA A 196 20.56 19.88 17.58
N ALA A 197 20.86 20.17 16.33
CA ALA A 197 19.85 20.67 15.41
C ALA A 197 18.72 19.65 15.31
N MET A 198 19.11 18.40 15.08
CA MET A 198 18.13 17.32 14.96
C MET A 198 17.26 17.23 16.22
N GLN A 199 17.90 17.44 17.36
CA GLN A 199 17.20 17.37 18.63
C GLN A 199 16.08 18.42 18.67
N MET A 200 16.47 19.66 18.42
CA MET A 200 15.52 20.75 18.43
C MET A 200 14.40 20.52 17.41
N LEU A 201 14.76 19.80 16.36
CA LEU A 201 13.80 19.51 15.30
C LEU A 201 12.70 18.60 15.87
N LYS A 202 13.10 17.71 16.74
CA LYS A 202 12.17 16.78 17.36
C LYS A 202 11.23 17.56 18.29
N GLU A 203 11.77 18.64 18.84
CA GLU A 203 10.99 19.47 19.75
C GLU A 203 9.85 20.16 19.00
N THR A 204 10.20 20.73 17.85
CA THR A 204 9.22 21.43 17.03
C THR A 204 8.29 20.42 16.36
N ILE A 205 8.90 19.42 15.74
CA ILE A 205 8.13 18.39 15.06
C ILE A 205 7.19 17.71 16.06
N ASN A 206 7.78 17.19 17.13
CA ASN A 206 7.01 16.53 18.15
C ASN A 206 5.96 17.49 18.71
N GLU A 207 6.38 18.74 18.85
CA GLU A 207 5.49 19.77 19.37
C GLU A 207 4.32 20.01 18.41
N GLU A 208 4.61 19.79 17.13
CA GLU A 208 3.61 19.98 16.10
C GLU A 208 2.47 18.97 16.27
N ALA A 209 2.85 17.76 16.64
CA ALA A 209 1.87 16.70 16.84
C ALA A 209 1.08 16.98 18.12
N ALA A 210 1.81 17.26 19.18
CA ALA A 210 1.18 17.55 20.47
C ALA A 210 0.20 18.70 20.30
N GLU A 211 0.67 19.75 19.64
CA GLU A 211 -0.17 20.92 19.41
C GLU A 211 -1.29 20.58 18.44
N TRP A 212 -0.98 19.74 17.47
CA TRP A 212 -1.95 19.33 16.47
C TRP A 212 -3.14 18.70 17.21
N ASP A 213 -2.84 17.61 17.91
CA ASP A 213 -3.86 16.90 18.66
C ASP A 213 -4.54 17.86 19.63
N ARG A 214 -3.73 18.80 20.14
CA ARG A 214 -4.23 19.78 21.08
C ARG A 214 -5.37 20.58 20.45
N LEU A 215 -5.25 20.82 19.15
CA LEU A 215 -6.26 21.58 18.43
C LEU A 215 -7.07 20.61 17.56
N HIS A 216 -6.69 19.35 17.62
CA HIS A 216 -7.38 18.33 16.84
C HIS A 216 -8.12 17.38 17.79
N PRO A 217 -9.43 17.69 18.00
CA PRO A 217 -10.26 16.88 18.87
C PRO A 217 -10.64 15.56 18.18
N VAL A 218 -10.24 14.47 18.83
CA VAL A 218 -10.53 13.14 18.30
C VAL A 218 -11.00 12.24 19.44
N HIS A 219 -11.96 12.75 20.20
CA HIS A 219 -12.51 12.01 21.32
C HIS A 219 -11.40 11.20 21.99
N ALA A 220 -10.75 11.85 22.95
CA ALA A 220 -9.67 11.20 23.68
C ALA A 220 -10.25 10.09 24.56
N GLY A 221 -10.65 9.01 23.91
CA GLY A 221 -11.21 7.88 24.62
C GLY A 221 -10.68 6.56 24.06
N PRO A 222 -11.62 5.58 23.91
CA PRO A 222 -11.25 4.27 23.39
C PRO A 222 -11.00 4.33 21.88
N ILE A 223 -10.77 3.16 21.30
CA ILE A 223 -10.52 3.07 19.88
C ILE A 223 -10.66 1.61 19.43
N ALA A 224 -10.87 1.44 18.14
CA ALA A 224 -11.02 0.11 17.57
C ALA A 224 -9.67 -0.62 17.61
N PRO A 225 -9.75 -1.98 17.55
CA PRO A 225 -8.55 -2.79 17.58
C PRO A 225 -7.82 -2.75 16.23
N GLY A 226 -6.67 -2.09 16.25
CA GLY A 226 -5.87 -1.97 15.04
C GLY A 226 -6.52 -1.01 14.04
N GLN A 227 -7.63 -0.42 14.49
CA GLN A 227 -8.36 0.52 13.65
C GLN A 227 -8.16 1.95 14.15
N MET A 228 -6.96 2.45 13.95
CA MET A 228 -6.63 3.81 14.38
C MET A 228 -7.61 4.81 13.79
N ARG A 229 -8.72 5.01 14.49
CA ARG A 229 -9.74 5.94 14.04
C ARG A 229 -9.30 7.38 14.34
N GLU A 230 -8.89 8.06 13.28
CA GLU A 230 -8.44 9.44 13.40
C GLU A 230 -7.18 9.51 14.26
N PRO A 231 -6.02 9.27 13.60
CA PRO A 231 -4.74 9.31 14.28
C PRO A 231 -4.32 10.76 14.58
N ARG A 232 -3.80 10.94 15.77
CA ARG A 232 -3.35 12.27 16.20
C ARG A 232 -1.91 12.51 15.75
N GLY A 233 -1.40 13.67 16.10
CA GLY A 233 -0.04 14.04 15.74
C GLY A 233 0.95 12.96 16.18
N SER A 234 0.69 12.41 17.36
CA SER A 234 1.55 11.38 17.91
C SER A 234 1.52 10.14 17.01
N ASP A 235 0.33 9.81 16.54
CA ASP A 235 0.15 8.67 15.67
C ASP A 235 0.91 8.90 14.36
N ILE A 236 0.87 10.15 13.90
CA ILE A 236 1.54 10.52 12.67
C ILE A 236 3.04 10.25 12.81
N ALA A 237 3.51 10.35 14.04
CA ALA A 237 4.92 10.12 14.34
C ALA A 237 5.23 8.64 14.20
N GLY A 238 4.19 7.83 14.35
CA GLY A 238 4.33 6.39 14.24
C GLY A 238 4.50 5.76 15.62
N THR A 239 4.07 6.49 16.63
CA THR A 239 4.16 6.01 18.00
C THR A 239 2.94 5.17 18.37
N THR A 240 1.79 5.62 17.87
CA THR A 240 0.54 4.93 18.14
C THR A 240 0.12 4.10 16.92
N SER A 241 0.93 4.20 15.88
CA SER A 241 0.65 3.47 14.64
C SER A 241 1.96 2.96 14.03
N THR A 242 1.84 1.87 13.31
CA THR A 242 3.01 1.27 12.66
C THR A 242 3.19 1.84 11.27
N LEU A 243 4.26 1.42 10.62
CA LEU A 243 4.57 1.88 9.28
C LEU A 243 3.52 1.34 8.30
N GLN A 244 3.30 0.04 8.38
CA GLN A 244 2.33 -0.62 7.52
C GLN A 244 0.99 0.11 7.60
N GLU A 245 0.50 0.28 8.82
CA GLU A 245 -0.77 0.94 9.04
C GLU A 245 -0.70 2.39 8.53
N GLN A 246 0.50 2.96 8.61
CA GLN A 246 0.71 4.32 8.16
C GLN A 246 0.46 4.43 6.65
N ILE A 247 1.34 3.78 5.90
CA ILE A 247 1.23 3.79 4.45
C ILE A 247 -0.21 3.51 4.05
N GLY A 248 -0.83 2.57 4.76
CA GLY A 248 -2.20 2.20 4.49
C GLY A 248 -3.14 3.39 4.67
N TRP A 249 -2.99 4.05 5.81
CA TRP A 249 -3.82 5.21 6.11
C TRP A 249 -3.52 6.29 5.06
N MET A 250 -2.28 6.28 4.59
CA MET A 250 -1.86 7.26 3.59
C MET A 250 -2.58 7.02 2.26
N THR A 251 -3.02 5.79 2.08
CA THR A 251 -3.72 5.42 0.86
C THR A 251 -5.15 4.97 1.18
N HIS A 252 -5.63 5.41 2.34
CA HIS A 252 -6.98 5.07 2.76
C HIS A 252 -7.95 6.16 2.33
N ASN A 253 -9.23 5.88 2.53
CA ASN A 253 -10.27 6.83 2.17
C ASN A 253 -11.06 7.22 3.41
N PRO A 254 -10.94 8.52 3.78
CA PRO A 254 -10.11 9.44 3.03
C PRO A 254 -8.63 9.19 3.31
N PRO A 255 -7.78 9.67 2.36
CA PRO A 255 -6.34 9.49 2.49
C PRO A 255 -5.77 10.45 3.53
N ILE A 256 -5.14 9.88 4.54
CA ILE A 256 -4.55 10.66 5.61
C ILE A 256 -3.10 11.00 5.24
N PRO A 257 -2.84 12.32 5.08
CA PRO A 257 -1.51 12.79 4.72
C PRO A 257 -0.57 12.72 5.94
N VAL A 258 -0.47 11.53 6.50
CA VAL A 258 0.39 11.30 7.66
C VAL A 258 1.83 11.65 7.28
N GLY A 259 2.23 11.18 6.11
CA GLY A 259 3.58 11.43 5.62
C GLY A 259 3.78 12.91 5.27
N GLU A 260 2.73 13.48 4.68
CA GLU A 260 2.77 14.87 4.28
C GLU A 260 2.76 15.78 5.51
N ILE A 261 2.08 15.30 6.55
CA ILE A 261 1.99 16.06 7.79
C ILE A 261 3.33 16.00 8.52
N TYR A 262 3.88 14.79 8.59
CA TYR A 262 5.16 14.59 9.26
C TYR A 262 6.29 15.31 8.51
N LYS A 263 6.31 15.11 7.20
CA LYS A 263 7.32 15.74 6.37
C LYS A 263 7.28 17.25 6.56
N ARG A 264 6.06 17.76 6.67
CA ARG A 264 5.86 19.19 6.86
C ARG A 264 6.49 19.65 8.17
N TRP A 265 6.40 18.77 9.17
CA TRP A 265 6.95 19.08 10.48
C TRP A 265 8.46 19.26 10.32
N ILE A 266 9.06 18.36 9.55
CA ILE A 266 10.48 18.40 9.31
C ILE A 266 10.86 19.76 8.71
N ILE A 267 10.09 20.16 7.71
CA ILE A 267 10.32 21.43 7.05
C ILE A 267 10.19 22.57 8.06
N LEU A 268 9.38 22.33 9.07
CA LEU A 268 9.16 23.32 10.12
C LEU A 268 10.48 23.60 10.83
N GLY A 269 11.07 22.54 11.36
CA GLY A 269 12.34 22.66 12.07
C GLY A 269 13.43 23.16 11.13
N LEU A 270 13.64 22.42 10.05
CA LEU A 270 14.65 22.77 9.08
C LEU A 270 14.56 24.26 8.76
N ASN A 271 13.32 24.74 8.74
CA ASN A 271 13.07 26.14 8.46
C ASN A 271 13.72 27.01 9.54
N LYS A 272 13.61 26.54 10.77
CA LYS A 272 14.18 27.26 11.90
C LYS A 272 15.71 27.20 11.82
N ILE A 273 16.19 26.05 11.39
CA ILE A 273 17.63 25.85 11.25
C ILE A 273 18.19 26.83 10.23
N VAL A 274 17.49 26.92 9.10
CA VAL A 274 17.91 27.82 8.04
C VAL A 274 17.72 29.27 8.49
N ARG A 275 16.60 29.51 9.15
CA ARG A 275 16.29 30.84 9.65
C ARG A 275 17.26 31.22 10.77
N MET A 276 17.93 30.22 11.29
CA MET A 276 18.89 30.44 12.37
C MET A 276 20.30 30.66 11.81
N TYR A 277 20.61 29.92 10.76
CA TYR A 277 21.91 30.02 10.13
C TYR A 277 21.84 30.90 8.87
N SER A 278 20.75 31.64 8.76
CA SER A 278 20.54 32.51 7.63
C SER A 278 21.29 33.83 7.84
N PRO A 279 21.63 34.49 6.71
CA PRO A 279 22.36 35.76 6.76
C PRO A 279 21.43 36.90 7.19
N THR A 280 20.22 36.87 6.64
CA THR A 280 19.23 37.89 6.97
C THR A 280 18.07 37.28 7.76
N SER A 281 17.90 37.79 8.97
CA SER A 281 16.83 37.31 9.84
C SER A 281 16.52 38.35 10.91
N ILE A 282 15.41 39.04 10.72
CA ILE A 282 14.98 40.06 11.67
C ILE A 282 14.31 39.39 12.86
N LEU A 283 15.10 39.21 13.92
CA LEU A 283 14.59 38.59 15.13
C LEU A 283 15.58 38.84 16.28
N HIS A 284 15.03 38.90 17.48
CA HIS A 284 15.84 39.13 18.67
C HIS A 284 16.53 37.83 19.09
N HIS A 285 17.46 37.96 20.02
CA HIS A 285 18.18 36.81 20.52
C HIS A 285 18.41 36.96 22.02
N HIS A 286 18.74 35.84 22.65
CA HIS A 286 18.98 35.82 24.09
C HIS A 286 19.91 34.66 24.44
N HIS A 287 20.93 34.98 25.23
CA HIS A 287 21.89 33.97 25.64
C HIS A 287 22.01 33.97 27.17
N HIS A 288 22.52 32.88 27.69
CA HIS A 288 22.69 32.74 29.13
C HIS A 288 23.40 31.42 29.44
N HIS A 289 24.36 31.50 30.34
CA HIS A 289 25.12 30.31 30.74
C HIS A 289 24.20 29.36 31.51
N GLY A 2 -46.68 42.00 -27.36
CA GLY A 2 -47.30 40.76 -26.94
C GLY A 2 -48.26 40.98 -25.78
N ALA A 3 -49.39 41.63 -26.09
CA ALA A 3 -50.38 41.92 -25.08
C ALA A 3 -51.61 42.54 -25.75
N ARG A 4 -51.38 43.68 -26.37
CA ARG A 4 -52.46 44.39 -27.04
C ARG A 4 -51.93 45.72 -27.63
N ALA A 5 -51.03 46.34 -26.88
CA ALA A 5 -50.45 47.60 -27.31
C ALA A 5 -50.17 47.54 -28.82
N SER A 6 -49.32 46.61 -29.20
CA SER A 6 -48.96 46.43 -30.59
C SER A 6 -48.83 44.95 -30.92
N VAL A 7 -48.50 44.68 -32.18
CA VAL A 7 -48.34 43.31 -32.63
C VAL A 7 -47.19 42.64 -31.86
N LEU A 8 -46.07 43.34 -31.81
CA LEU A 8 -44.90 42.84 -31.12
C LEU A 8 -44.71 43.62 -29.82
N SER A 9 -44.07 42.97 -28.85
CA SER A 9 -43.82 43.58 -27.56
C SER A 9 -42.54 44.42 -27.62
N GLY A 10 -42.22 45.03 -26.50
CA GLY A 10 -41.03 45.86 -26.40
C GLY A 10 -39.77 45.06 -26.75
N GLY A 11 -39.57 43.98 -26.02
CA GLY A 11 -38.42 43.13 -26.23
C GLY A 11 -38.64 42.21 -27.44
N GLU A 12 -39.86 41.72 -27.56
CA GLU A 12 -40.21 40.85 -28.67
C GLU A 12 -39.98 41.55 -30.01
N LEU A 13 -40.29 42.84 -30.02
CA LEU A 13 -40.12 43.64 -31.23
C LEU A 13 -38.62 43.87 -31.46
N ASP A 14 -37.90 44.02 -30.36
CA ASP A 14 -36.46 44.25 -30.44
C ASP A 14 -35.80 43.07 -31.16
N LYS A 15 -36.39 41.91 -30.99
CA LYS A 15 -35.86 40.70 -31.61
C LYS A 15 -36.28 40.69 -33.09
N TRP A 16 -37.53 41.01 -33.33
CA TRP A 16 -38.06 41.04 -34.68
C TRP A 16 -37.19 41.98 -35.51
N GLU A 17 -36.95 43.16 -34.95
CA GLU A 17 -36.14 44.16 -35.63
C GLU A 17 -34.68 43.72 -35.65
N LYS A 18 -34.35 42.84 -34.73
CA LYS A 18 -32.98 42.32 -34.64
C LYS A 18 -32.87 41.05 -35.47
N ILE A 19 -33.49 41.07 -36.64
CA ILE A 19 -33.46 39.93 -37.53
C ILE A 19 -33.50 40.41 -38.98
N ARG A 20 -32.52 39.97 -39.75
CA ARG A 20 -32.43 40.35 -41.14
C ARG A 20 -33.35 39.47 -41.99
N LEU A 21 -33.81 40.04 -43.09
CA LEU A 21 -34.70 39.33 -43.99
C LEU A 21 -33.89 38.28 -44.77
N ARG A 22 -34.13 38.24 -46.07
CA ARG A 22 -33.43 37.30 -46.92
C ARG A 22 -31.97 37.71 -47.09
N PRO A 23 -31.12 36.69 -47.43
CA PRO A 23 -29.70 36.93 -47.61
C PRO A 23 -29.43 37.65 -48.94
N GLY A 24 -28.68 38.73 -48.85
CA GLY A 24 -28.35 39.51 -50.03
C GLY A 24 -29.30 40.71 -50.19
N GLY A 25 -30.24 40.79 -49.26
CA GLY A 25 -31.21 41.88 -49.29
C GLY A 25 -30.75 43.05 -48.43
N LYS A 26 -30.13 42.71 -47.31
CA LYS A 26 -29.63 43.72 -46.38
C LYS A 26 -30.81 44.56 -45.88
N LYS A 27 -31.88 43.87 -45.51
CA LYS A 27 -33.07 44.53 -45.01
C LYS A 27 -33.44 43.94 -43.65
N GLN A 28 -33.91 44.81 -42.77
CA GLN A 28 -34.32 44.39 -41.45
C GLN A 28 -35.84 44.40 -41.32
N TYR A 29 -36.34 43.41 -40.59
CA TYR A 29 -37.78 43.29 -40.38
C TYR A 29 -38.35 44.57 -39.76
N LYS A 30 -39.58 44.88 -40.14
CA LYS A 30 -40.25 46.06 -39.63
C LYS A 30 -41.71 45.72 -39.31
N LEU A 31 -42.34 46.61 -38.57
CA LEU A 31 -43.73 46.42 -38.18
C LEU A 31 -44.61 46.37 -39.44
N LYS A 32 -44.13 47.06 -40.47
CA LYS A 32 -44.85 47.11 -41.74
C LYS A 32 -44.95 45.69 -42.31
N HIS A 33 -43.84 44.99 -42.25
CA HIS A 33 -43.78 43.62 -42.76
C HIS A 33 -44.75 42.74 -41.96
N ILE A 34 -44.80 43.01 -40.66
CA ILE A 34 -45.67 42.25 -39.78
C ILE A 34 -47.12 42.42 -40.22
N VAL A 35 -47.50 43.67 -40.41
CA VAL A 35 -48.86 44.00 -40.82
C VAL A 35 -49.20 43.20 -42.09
N TRP A 36 -48.24 43.17 -43.00
CA TRP A 36 -48.43 42.44 -44.25
C TRP A 36 -48.62 40.96 -43.91
N ALA A 37 -47.84 40.50 -42.95
CA ALA A 37 -47.92 39.11 -42.52
C ALA A 37 -49.33 38.81 -42.03
N SER A 38 -49.79 39.64 -41.11
CA SER A 38 -51.12 39.47 -40.55
C SER A 38 -52.18 39.61 -41.65
N ARG A 39 -51.88 40.50 -42.59
CA ARG A 39 -52.78 40.75 -43.69
C ARG A 39 -52.99 39.47 -44.51
N GLU A 40 -51.89 38.75 -44.71
CA GLU A 40 -51.94 37.51 -45.46
C GLU A 40 -52.80 36.46 -44.72
N LEU A 41 -52.72 36.52 -43.40
CA LEU A 41 -53.47 35.60 -42.57
C LEU A 41 -54.97 35.75 -42.87
N GLU A 42 -55.42 36.99 -42.86
CA GLU A 42 -56.82 37.29 -43.12
C GLU A 42 -57.21 36.75 -44.50
N ARG A 43 -56.30 36.89 -45.44
CA ARG A 43 -56.55 36.42 -46.79
C ARG A 43 -56.67 34.89 -46.81
N PHE A 44 -55.92 34.26 -45.93
CA PHE A 44 -55.94 32.81 -45.82
C PHE A 44 -57.21 32.32 -45.13
N ALA A 45 -58.04 33.28 -44.75
CA ALA A 45 -59.29 32.96 -44.07
C ALA A 45 -58.99 32.53 -42.63
N VAL A 46 -58.00 33.19 -42.04
CA VAL A 46 -57.60 32.89 -40.68
C VAL A 46 -57.66 34.17 -39.85
N ASN A 47 -57.93 33.99 -38.57
CA ASN A 47 -58.02 35.12 -37.65
C ASN A 47 -56.64 35.79 -37.54
N PRO A 48 -56.62 37.12 -37.80
CA PRO A 48 -55.39 37.88 -37.73
C PRO A 48 -54.96 38.12 -36.27
N GLY A 49 -55.93 37.96 -35.38
CA GLY A 49 -55.67 38.15 -33.97
C GLY A 49 -54.77 37.04 -33.42
N LEU A 50 -54.57 36.02 -34.24
CA LEU A 50 -53.74 34.89 -33.85
C LEU A 50 -52.27 35.32 -33.85
N LEU A 51 -51.95 36.22 -34.77
CA LEU A 51 -50.59 36.72 -34.89
C LEU A 51 -50.27 37.61 -33.68
N GLU A 52 -51.33 38.08 -33.04
CA GLU A 52 -51.19 38.94 -31.87
C GLU A 52 -50.62 38.14 -30.70
N THR A 53 -50.81 36.83 -30.77
CA THR A 53 -50.33 35.95 -29.72
C THR A 53 -49.44 34.85 -30.30
N SER A 54 -48.50 34.40 -29.50
CA SER A 54 -47.59 33.36 -29.92
C SER A 54 -48.34 32.04 -30.13
N GLU A 55 -49.41 31.88 -29.35
CA GLU A 55 -50.23 30.69 -29.45
C GLU A 55 -51.03 30.69 -30.76
N GLY A 56 -51.49 31.88 -31.12
CA GLY A 56 -52.28 32.03 -32.34
C GLY A 56 -51.40 31.86 -33.58
N CYS A 57 -50.23 32.47 -33.51
CA CYS A 57 -49.29 32.39 -34.62
C CYS A 57 -48.83 30.93 -34.75
N ARG A 58 -48.69 30.28 -33.60
CA ARG A 58 -48.26 28.90 -33.58
C ARG A 58 -49.23 28.01 -34.37
N GLN A 59 -50.52 28.24 -34.11
CA GLN A 59 -51.56 27.48 -34.78
C GLN A 59 -51.48 27.69 -36.30
N ILE A 60 -51.12 28.92 -36.67
CA ILE A 60 -51.00 29.26 -38.08
C ILE A 60 -49.79 28.52 -38.68
N LEU A 61 -48.62 28.95 -38.28
CA LEU A 61 -47.38 28.35 -38.77
C LEU A 61 -47.54 26.83 -38.78
N GLY A 62 -48.25 26.33 -37.77
CA GLY A 62 -48.48 24.90 -37.65
C GLY A 62 -49.27 24.37 -38.85
N GLN A 63 -50.36 25.06 -39.14
CA GLN A 63 -51.21 24.67 -40.26
C GLN A 63 -50.78 25.40 -41.53
N LEU A 64 -49.56 25.90 -41.51
CA LEU A 64 -49.03 26.63 -42.65
C LEU A 64 -47.93 25.79 -43.31
N GLN A 65 -47.37 24.88 -42.52
CA GLN A 65 -46.31 24.02 -43.01
C GLN A 65 -46.77 23.29 -44.28
N PRO A 66 -48.02 22.77 -44.21
CA PRO A 66 -48.59 22.04 -45.34
C PRO A 66 -49.00 23.01 -46.46
N SER A 67 -49.58 24.13 -46.04
CA SER A 67 -50.02 25.15 -46.99
C SER A 67 -48.81 25.78 -47.67
N LEU A 68 -47.64 25.51 -47.13
CA LEU A 68 -46.41 26.05 -47.67
C LEU A 68 -46.11 25.37 -49.01
N GLN A 69 -46.28 24.05 -49.01
CA GLN A 69 -46.02 23.27 -50.22
C GLN A 69 -47.14 23.49 -51.24
N THR A 70 -48.17 24.20 -50.80
CA THR A 70 -49.31 24.49 -51.65
C THR A 70 -49.49 26.00 -51.82
N GLY A 71 -48.67 26.74 -51.08
CA GLY A 71 -48.73 28.19 -51.13
C GLY A 71 -47.98 28.74 -52.35
N SER A 72 -46.75 29.17 -52.09
CA SER A 72 -45.91 29.71 -53.16
C SER A 72 -44.72 30.44 -52.55
N GLU A 73 -43.93 31.03 -53.44
CA GLU A 73 -42.75 31.77 -53.01
C GLU A 73 -43.13 32.90 -52.05
N GLU A 74 -44.23 33.56 -52.39
CA GLU A 74 -44.72 34.66 -51.58
C GLU A 74 -45.32 34.13 -50.28
N LEU A 75 -46.13 33.09 -50.41
CA LEU A 75 -46.77 32.48 -49.25
C LEU A 75 -45.68 31.98 -48.29
N ARG A 76 -44.58 31.53 -48.87
CA ARG A 76 -43.47 31.02 -48.07
C ARG A 76 -42.92 32.12 -47.17
N SER A 77 -42.70 33.28 -47.77
CA SER A 77 -42.17 34.41 -47.02
C SER A 77 -43.07 34.70 -45.82
N LEU A 78 -44.36 34.55 -46.04
CA LEU A 78 -45.34 34.79 -44.98
C LEU A 78 -45.03 33.87 -43.79
N TYR A 79 -44.82 32.61 -44.11
CA TYR A 79 -44.52 31.62 -43.08
C TYR A 79 -43.16 31.91 -42.43
N ASN A 80 -42.22 32.34 -43.25
CA ASN A 80 -40.89 32.65 -42.77
C ASN A 80 -40.98 33.77 -41.72
N THR A 81 -41.90 34.68 -41.95
CA THR A 81 -42.10 35.79 -41.04
C THR A 81 -42.72 35.31 -39.72
N ILE A 82 -43.73 34.46 -39.87
CA ILE A 82 -44.41 33.91 -38.71
C ILE A 82 -43.43 33.07 -37.89
N ALA A 83 -42.60 32.33 -38.61
CA ALA A 83 -41.60 31.48 -37.96
C ALA A 83 -40.71 32.34 -37.07
N VAL A 84 -40.14 33.37 -37.67
CA VAL A 84 -39.26 34.27 -36.95
C VAL A 84 -40.03 34.89 -35.78
N LEU A 85 -41.26 35.30 -36.06
CA LEU A 85 -42.10 35.91 -35.04
C LEU A 85 -42.26 34.93 -33.87
N TYR A 86 -42.43 33.67 -34.22
CA TYR A 86 -42.61 32.63 -33.21
C TYR A 86 -41.35 32.51 -32.33
N CYS A 87 -40.21 32.40 -33.01
CA CYS A 87 -38.94 32.28 -32.31
C CYS A 87 -38.73 33.54 -31.48
N VAL A 88 -39.21 34.65 -32.00
CA VAL A 88 -39.08 35.93 -31.32
C VAL A 88 -39.80 35.85 -29.97
N HIS A 89 -40.95 35.21 -29.98
CA HIS A 89 -41.74 35.06 -28.77
C HIS A 89 -40.96 34.23 -27.75
N GLN A 90 -40.20 33.29 -28.27
CA GLN A 90 -39.39 32.42 -27.41
C GLN A 90 -38.06 33.09 -27.09
N ARG A 91 -37.70 34.06 -27.91
CA ARG A 91 -36.46 34.79 -27.72
C ARG A 91 -35.27 33.91 -28.11
N ILE A 92 -35.45 33.17 -29.20
CA ILE A 92 -34.40 32.29 -29.68
C ILE A 92 -33.33 33.13 -30.38
N ASP A 93 -32.08 32.72 -30.17
CA ASP A 93 -30.95 33.42 -30.77
C ASP A 93 -31.04 33.30 -32.29
N VAL A 94 -31.42 34.40 -32.92
CA VAL A 94 -31.53 34.43 -34.37
C VAL A 94 -31.09 35.81 -34.88
N LYS A 95 -30.61 35.82 -36.11
CA LYS A 95 -30.17 37.06 -36.73
C LYS A 95 -30.58 37.07 -38.21
N ASP A 96 -31.46 36.13 -38.55
CA ASP A 96 -31.95 36.03 -39.91
C ASP A 96 -33.17 35.11 -39.95
N THR A 97 -33.94 35.24 -41.01
CA THR A 97 -35.14 34.44 -41.18
C THR A 97 -34.78 32.95 -41.22
N LYS A 98 -33.65 32.67 -41.86
CA LYS A 98 -33.18 31.30 -41.99
C LYS A 98 -32.80 30.77 -40.61
N GLU A 99 -32.33 31.68 -39.76
CA GLU A 99 -31.93 31.31 -38.42
C GLU A 99 -33.14 30.79 -37.63
N ALA A 100 -34.25 31.47 -37.80
CA ALA A 100 -35.48 31.09 -37.12
C ALA A 100 -35.98 29.76 -37.67
N LEU A 101 -35.93 29.66 -39.00
CA LEU A 101 -36.36 28.44 -39.68
C LEU A 101 -35.60 27.24 -39.12
N ASP A 102 -34.30 27.43 -38.96
CA ASP A 102 -33.44 26.37 -38.45
C ASP A 102 -33.70 26.22 -36.94
N LYS A 103 -33.88 27.35 -36.28
CA LYS A 103 -34.12 27.36 -34.85
C LYS A 103 -35.49 26.72 -34.57
N ILE A 104 -36.52 27.36 -35.11
CA ILE A 104 -37.88 26.87 -34.93
C ILE A 104 -37.95 25.41 -35.41
N GLU A 105 -37.12 25.08 -36.37
CA GLU A 105 -37.08 23.75 -36.92
C GLU A 105 -36.57 22.76 -35.87
N GLU A 106 -35.40 23.07 -35.32
CA GLU A 106 -34.80 22.22 -34.31
C GLU A 106 -35.73 22.11 -33.09
N GLU A 107 -36.14 23.27 -32.60
CA GLU A 107 -37.02 23.31 -31.44
C GLU A 107 -38.26 22.45 -31.69
N GLN A 108 -38.92 22.72 -32.81
CA GLN A 108 -40.11 21.98 -33.17
C GLN A 108 -39.83 20.48 -33.20
N ASN A 109 -38.78 20.13 -33.94
CA ASN A 109 -38.39 18.73 -34.05
C ASN A 109 -38.23 18.14 -32.65
N LYS A 110 -37.58 18.91 -31.79
CA LYS A 110 -37.34 18.47 -30.42
C LYS A 110 -38.69 18.19 -29.74
N SER A 111 -39.54 19.19 -29.77
CA SER A 111 -40.86 19.07 -29.16
C SER A 111 -41.55 17.80 -29.66
N LYS A 112 -41.58 17.65 -30.98
CA LYS A 112 -42.20 16.50 -31.59
C LYS A 112 -41.59 15.22 -30.99
N LYS A 113 -40.27 15.15 -31.05
CA LYS A 113 -39.56 14.00 -30.52
C LYS A 113 -40.10 13.66 -29.13
N LYS A 114 -40.23 14.70 -28.31
CA LYS A 114 -40.74 14.52 -26.96
C LYS A 114 -42.18 14.03 -27.03
N ALA A 115 -42.93 14.61 -27.95
CA ALA A 115 -44.33 14.24 -28.12
C ALA A 115 -44.43 12.73 -28.37
N GLN A 116 -43.79 12.30 -29.46
CA GLN A 116 -43.79 10.90 -29.81
C GLN A 116 -43.19 10.06 -28.69
N GLN A 117 -42.16 10.62 -28.07
CA GLN A 117 -41.48 9.94 -26.97
C GLN A 117 -42.47 9.56 -25.88
N ALA A 118 -43.17 10.57 -25.38
CA ALA A 118 -44.15 10.37 -24.33
C ALA A 118 -45.20 9.36 -24.81
N ALA A 119 -45.85 9.70 -25.90
CA ALA A 119 -46.88 8.84 -26.47
C ALA A 119 -46.41 7.39 -26.41
N ALA A 120 -45.23 7.16 -26.97
CA ALA A 120 -44.66 5.83 -26.98
C ALA A 120 -44.60 5.28 -25.54
N ASP A 121 -43.88 6.01 -24.70
CA ASP A 121 -43.73 5.61 -23.31
C ASP A 121 -45.08 5.11 -22.79
N THR A 122 -46.08 5.98 -22.87
CA THR A 122 -47.41 5.65 -22.41
C THR A 122 -48.06 4.63 -23.35
N GLY A 123 -48.90 3.79 -22.78
CA GLY A 123 -49.59 2.77 -23.56
C GLY A 123 -50.98 2.49 -22.98
N ASN A 124 -51.95 3.26 -23.44
CA ASN A 124 -53.32 3.09 -22.99
C ASN A 124 -53.32 2.84 -21.47
N ASN A 125 -53.38 3.93 -20.73
CA ASN A 125 -53.39 3.84 -19.27
C ASN A 125 -52.16 3.06 -18.81
N SER A 126 -51.19 3.81 -18.28
CA SER A 126 -49.96 3.19 -17.80
C SER A 126 -49.06 4.26 -17.19
N GLN A 127 -48.49 3.93 -16.04
CA GLN A 127 -47.60 4.85 -15.35
C GLN A 127 -47.08 4.22 -14.07
N VAL A 128 -45.80 3.88 -14.08
CA VAL A 128 -45.17 3.26 -12.93
C VAL A 128 -43.66 3.14 -13.19
N SER A 129 -42.88 3.51 -12.18
CA SER A 129 -41.44 3.45 -12.29
C SER A 129 -40.79 4.00 -11.01
N GLN A 130 -39.88 3.21 -10.46
CA GLN A 130 -39.19 3.61 -9.24
C GLN A 130 -38.21 2.51 -8.81
N ASN A 131 -37.15 2.94 -8.14
CA ASN A 131 -36.13 2.02 -7.67
C ASN A 131 -35.00 2.80 -7.02
N TYR A 132 -34.14 2.07 -6.32
CA TYR A 132 -33.00 2.68 -5.65
C TYR A 132 -32.08 1.61 -5.05
N PRO A 133 -31.05 1.22 -5.84
CA PRO A 133 -30.11 0.21 -5.39
C PRO A 133 -29.14 0.80 -4.36
N ILE A 134 -28.77 -0.04 -3.40
CA ILE A 134 -27.85 0.38 -2.36
C ILE A 134 -27.46 -0.83 -1.51
N VAL A 135 -26.18 -1.17 -1.60
CA VAL A 135 -25.66 -2.31 -0.86
C VAL A 135 -24.14 -2.19 -0.75
N GLN A 136 -23.61 -2.73 0.34
CA GLN A 136 -22.18 -2.69 0.57
C GLN A 136 -21.45 -3.54 -0.47
N ASN A 137 -20.37 -2.98 -0.99
CA ASN A 137 -19.57 -3.67 -1.99
C ASN A 137 -18.25 -2.92 -2.19
N LEU A 138 -17.16 -3.62 -1.92
CA LEU A 138 -15.84 -3.03 -2.07
C LEU A 138 -14.77 -4.12 -1.86
N GLN A 139 -13.62 -3.89 -2.45
CA GLN A 139 -12.51 -4.83 -2.34
C GLN A 139 -11.31 -4.33 -3.14
N GLY A 140 -10.16 -4.34 -2.47
CA GLY A 140 -8.93 -3.89 -3.11
C GLY A 140 -7.78 -3.87 -2.10
N GLN A 141 -6.58 -3.64 -2.63
CA GLN A 141 -5.39 -3.59 -1.79
C GLN A 141 -4.51 -2.42 -2.19
N MET A 142 -3.52 -2.14 -1.36
CA MET A 142 -2.60 -1.05 -1.62
C MET A 142 -1.45 -1.06 -0.61
N VAL A 143 -0.24 -0.88 -1.13
CA VAL A 143 0.94 -0.86 -0.30
C VAL A 143 1.94 0.16 -0.84
N HIS A 144 2.74 0.71 0.06
CA HIS A 144 3.73 1.70 -0.32
C HIS A 144 5.13 1.10 -0.20
N GLN A 145 5.98 1.47 -1.14
CA GLN A 145 7.35 0.97 -1.14
C GLN A 145 8.22 1.80 -0.18
N ALA A 146 9.19 1.12 0.41
CA ALA A 146 10.10 1.78 1.34
C ALA A 146 11.08 2.66 0.56
N ILE A 147 12.01 3.25 1.30
CA ILE A 147 13.01 4.10 0.70
C ILE A 147 14.21 3.27 0.27
N SER A 148 14.79 3.65 -0.86
CA SER A 148 15.94 2.93 -1.39
C SER A 148 17.22 3.47 -0.76
N PRO A 149 18.32 2.70 -0.93
CA PRO A 149 19.61 3.08 -0.38
C PRO A 149 20.24 4.21 -1.21
N ARG A 150 19.85 4.26 -2.47
CA ARG A 150 20.37 5.27 -3.37
C ARG A 150 19.91 6.66 -2.94
N THR A 151 18.68 6.71 -2.44
CA THR A 151 18.11 7.97 -1.99
C THR A 151 18.84 8.45 -0.74
N LEU A 152 19.21 7.50 0.11
CA LEU A 152 19.91 7.82 1.33
C LEU A 152 21.30 8.34 1.01
N ASN A 153 21.95 7.66 0.06
CA ASN A 153 23.28 8.05 -0.36
C ASN A 153 23.22 9.41 -1.08
N ALA A 154 22.18 9.55 -1.88
CA ALA A 154 21.98 10.79 -2.63
C ALA A 154 21.78 11.95 -1.65
N TRP A 155 20.89 11.72 -0.70
CA TRP A 155 20.59 12.73 0.30
C TRP A 155 21.88 13.02 1.09
N VAL A 156 22.55 11.94 1.45
CA VAL A 156 23.79 12.04 2.20
C VAL A 156 24.67 13.13 1.59
N LYS A 157 24.73 13.12 0.26
CA LYS A 157 25.53 14.09 -0.47
C LYS A 157 24.86 15.46 -0.36
N VAL A 158 23.53 15.45 -0.34
CA VAL A 158 22.77 16.68 -0.24
C VAL A 158 23.08 17.35 1.10
N VAL A 159 23.22 16.52 2.12
CA VAL A 159 23.51 17.02 3.46
C VAL A 159 24.87 17.72 3.45
N GLU A 160 25.84 17.05 2.84
CA GLU A 160 27.18 17.59 2.76
C GLU A 160 27.19 18.91 2.00
N GLU A 161 26.16 19.07 1.16
CA GLU A 161 26.03 20.28 0.36
C GLU A 161 25.46 21.42 1.21
N LYS A 162 24.43 21.08 1.97
CA LYS A 162 23.78 22.06 2.82
C LYS A 162 22.56 21.43 3.50
N ALA A 163 22.85 20.51 4.41
CA ALA A 163 21.79 19.82 5.13
C ALA A 163 20.63 20.78 5.38
N PHE A 164 20.99 21.98 5.85
CA PHE A 164 20.00 23.00 6.13
C PHE A 164 20.22 24.23 5.27
N SER A 165 19.11 24.83 4.84
CA SER A 165 19.18 26.02 4.01
C SER A 165 17.79 26.37 3.47
N PRO A 166 17.70 27.56 2.84
CA PRO A 166 16.44 28.02 2.28
C PRO A 166 16.10 27.26 0.99
N GLU A 167 17.13 26.66 0.40
CA GLU A 167 16.95 25.91 -0.83
C GLU A 167 16.98 24.40 -0.53
N VAL A 168 17.04 24.09 0.75
CA VAL A 168 17.08 22.70 1.17
C VAL A 168 15.70 22.30 1.71
N ILE A 169 15.04 23.27 2.33
CA ILE A 169 13.72 23.03 2.88
C ILE A 169 12.81 22.43 1.80
N PRO A 170 12.88 23.04 0.59
CA PRO A 170 12.08 22.57 -0.53
C PRO A 170 12.65 21.27 -1.11
N MET A 171 13.96 21.19 -1.10
CA MET A 171 14.64 20.02 -1.62
C MET A 171 14.27 18.78 -0.82
N PHE A 172 14.09 18.98 0.48
CA PHE A 172 13.74 17.88 1.37
C PHE A 172 12.36 17.32 1.01
N SER A 173 11.43 18.23 0.77
CA SER A 173 10.07 17.82 0.43
C SER A 173 10.08 17.00 -0.86
N ALA A 174 11.01 17.34 -1.74
CA ALA A 174 11.13 16.65 -3.01
C ALA A 174 11.50 15.18 -2.74
N LEU A 175 12.47 15.00 -1.85
CA LEU A 175 12.93 13.67 -1.50
C LEU A 175 11.92 13.03 -0.55
N SER A 176 11.01 13.85 -0.05
CA SER A 176 9.99 13.38 0.87
C SER A 176 8.63 13.34 0.16
N GLU A 177 8.67 13.45 -1.16
CA GLU A 177 7.46 13.43 -1.96
C GLU A 177 6.52 12.33 -1.47
N GLY A 178 5.51 12.76 -0.73
CA GLY A 178 4.53 11.82 -0.19
C GLY A 178 5.21 10.56 0.34
N ALA A 179 6.07 10.76 1.34
CA ALA A 179 6.79 9.66 1.94
C ALA A 179 6.15 9.32 3.30
N THR A 180 6.76 8.35 3.97
CA THR A 180 6.27 7.93 5.27
C THR A 180 7.24 8.34 6.37
N PRO A 181 6.89 7.96 7.63
CA PRO A 181 7.72 8.28 8.77
C PRO A 181 8.96 7.39 8.81
N GLN A 182 8.78 6.13 8.44
CA GLN A 182 9.86 5.18 8.44
C GLN A 182 10.85 5.51 7.31
N ASP A 183 10.31 6.08 6.25
CA ASP A 183 11.13 6.45 5.10
C ASP A 183 11.83 7.77 5.39
N LEU A 184 11.05 8.74 5.85
CA LEU A 184 11.58 10.05 6.17
C LEU A 184 12.59 9.92 7.32
N ASN A 185 12.27 9.03 8.25
CA ASN A 185 13.13 8.81 9.40
C ASN A 185 14.47 8.25 8.91
N THR A 186 14.40 7.41 7.90
CA THR A 186 15.59 6.80 7.34
C THR A 186 16.54 7.88 6.80
N MET A 187 15.95 8.86 6.11
CA MET A 187 16.72 9.94 5.55
C MET A 187 17.26 10.87 6.65
N LEU A 188 16.37 11.19 7.58
CA LEU A 188 16.74 12.06 8.69
C LEU A 188 17.83 11.37 9.52
N ASN A 189 17.89 10.06 9.41
CA ASN A 189 18.87 9.28 10.14
C ASN A 189 20.24 9.45 9.49
N THR A 190 20.25 9.36 8.17
CA THR A 190 21.48 9.49 7.41
C THR A 190 21.88 10.97 7.31
N VAL A 191 20.96 11.83 7.73
CA VAL A 191 21.20 13.25 7.68
C VAL A 191 22.52 13.57 8.40
N GLY A 192 22.80 14.85 8.51
CA GLY A 192 24.02 15.30 9.16
C GLY A 192 24.01 16.82 9.37
N GLY A 193 22.97 17.28 10.06
CA GLY A 193 22.83 18.69 10.34
C GLY A 193 23.09 19.00 11.82
N HIS A 194 23.91 18.15 12.43
CA HIS A 194 24.24 18.31 13.83
C HIS A 194 23.11 17.77 14.69
N GLN A 195 23.49 17.23 15.85
CA GLN A 195 22.52 16.68 16.77
C GLN A 195 21.65 17.78 17.38
N ALA A 196 22.30 18.91 17.65
CA ALA A 196 21.61 20.05 18.22
C ALA A 196 20.46 20.45 17.30
N ALA A 197 20.77 20.59 16.02
CA ALA A 197 19.77 20.96 15.04
C ALA A 197 18.64 19.94 15.04
N MET A 198 19.04 18.67 14.96
CA MET A 198 18.07 17.59 14.94
C MET A 198 17.20 17.61 16.21
N GLN A 199 17.81 18.05 17.29
CA GLN A 199 17.09 18.13 18.56
C GLN A 199 15.93 19.11 18.45
N MET A 200 16.25 20.32 18.02
CA MET A 200 15.24 21.35 17.87
C MET A 200 14.15 20.91 16.89
N LEU A 201 14.60 20.37 15.76
CA LEU A 201 13.68 19.91 14.73
C LEU A 201 12.78 18.82 15.31
N LYS A 202 13.37 18.03 16.21
CA LYS A 202 12.63 16.95 16.85
C LYS A 202 11.56 17.53 17.77
N GLU A 203 11.94 18.59 18.48
CA GLU A 203 11.03 19.24 19.40
C GLU A 203 9.90 19.92 18.63
N THR A 204 10.27 20.53 17.51
CA THR A 204 9.29 21.21 16.68
C THR A 204 8.34 20.20 16.03
N ILE A 205 8.93 19.16 15.45
CA ILE A 205 8.16 18.12 14.80
C ILE A 205 7.24 17.47 15.82
N ASN A 206 7.84 17.01 16.91
CA ASN A 206 7.08 16.35 17.97
C ASN A 206 6.01 17.32 18.49
N GLU A 207 6.40 18.58 18.62
CA GLU A 207 5.49 19.59 19.11
C GLU A 207 4.36 19.82 18.10
N GLU A 208 4.69 19.60 16.84
CA GLU A 208 3.71 19.77 15.77
C GLU A 208 2.57 18.74 15.93
N ALA A 209 2.94 17.57 16.40
CA ALA A 209 1.97 16.51 16.61
C ALA A 209 1.06 16.87 17.78
N ALA A 210 1.70 17.23 18.89
CA ALA A 210 0.96 17.59 20.10
C ALA A 210 0.03 18.76 19.77
N GLU A 211 0.59 19.76 19.11
CA GLU A 211 -0.19 20.94 18.74
C GLU A 211 -1.25 20.57 17.72
N TRP A 212 -0.90 19.64 16.85
CA TRP A 212 -1.82 19.20 15.81
C TRP A 212 -3.08 18.66 16.49
N ASP A 213 -2.87 17.74 17.42
CA ASP A 213 -3.97 17.15 18.15
C ASP A 213 -4.79 18.26 18.82
N ARG A 214 -4.08 19.30 19.22
CA ARG A 214 -4.72 20.43 19.88
C ARG A 214 -5.77 21.05 18.95
N LEU A 215 -5.40 21.16 17.68
CA LEU A 215 -6.31 21.73 16.69
C LEU A 215 -7.07 20.60 15.99
N HIS A 216 -6.76 19.38 16.39
CA HIS A 216 -7.41 18.21 15.82
C HIS A 216 -8.31 17.55 16.86
N PRO A 217 -9.62 17.90 16.78
CA PRO A 217 -10.59 17.34 17.72
C PRO A 217 -10.91 15.89 17.38
N VAL A 218 -10.67 15.02 18.35
CA VAL A 218 -10.92 13.60 18.17
C VAL A 218 -12.03 13.16 19.12
N HIS A 219 -12.80 12.18 18.67
CA HIS A 219 -13.89 11.66 19.47
C HIS A 219 -13.76 10.14 19.61
N ALA A 220 -13.37 9.72 20.80
CA ALA A 220 -13.19 8.31 21.07
C ALA A 220 -14.57 7.65 21.24
N GLY A 221 -15.37 7.76 20.19
CA GLY A 221 -16.70 7.18 20.20
C GLY A 221 -16.87 6.16 19.08
N PRO A 222 -18.08 6.19 18.45
CA PRO A 222 -18.38 5.29 17.36
C PRO A 222 -17.68 5.71 16.08
N ILE A 223 -16.89 4.78 15.54
CA ILE A 223 -16.16 5.05 14.31
C ILE A 223 -16.90 4.43 13.12
N ALA A 224 -16.58 4.94 11.95
CA ALA A 224 -17.22 4.44 10.73
C ALA A 224 -16.81 2.98 10.50
N PRO A 225 -17.68 2.25 9.77
CA PRO A 225 -17.41 0.84 9.49
C PRO A 225 -16.34 0.70 8.40
N GLY A 226 -15.19 0.19 8.82
CA GLY A 226 -14.08 -0.01 7.90
C GLY A 226 -13.18 1.22 7.87
N GLN A 227 -13.76 2.36 8.20
CA GLN A 227 -13.02 3.61 8.23
C GLN A 227 -12.08 3.66 9.43
N MET A 228 -10.80 3.50 9.15
CA MET A 228 -9.79 3.52 10.19
C MET A 228 -9.99 4.71 11.13
N ARG A 229 -9.89 4.44 12.42
CA ARG A 229 -10.06 5.48 13.42
C ARG A 229 -9.15 6.66 13.11
N GLU A 230 -9.33 7.73 13.88
CA GLU A 230 -8.53 8.93 13.70
C GLU A 230 -7.42 8.99 14.74
N PRO A 231 -6.17 8.77 14.27
CA PRO A 231 -5.02 8.80 15.14
C PRO A 231 -4.66 10.24 15.53
N ARG A 232 -3.54 10.36 16.23
CA ARG A 232 -3.06 11.67 16.66
C ARG A 232 -1.70 11.98 16.04
N GLY A 233 -1.24 13.20 16.29
CA GLY A 233 0.03 13.63 15.76
C GLY A 233 1.15 12.67 16.17
N SER A 234 1.01 12.15 17.37
CA SER A 234 2.00 11.21 17.90
C SER A 234 2.10 9.99 16.99
N ASP A 235 0.95 9.59 16.46
CA ASP A 235 0.90 8.44 15.57
C ASP A 235 1.64 8.77 14.27
N ILE A 236 1.51 10.01 13.85
CA ILE A 236 2.16 10.46 12.63
C ILE A 236 3.67 10.29 12.77
N ALA A 237 4.14 10.43 14.00
CA ALA A 237 5.56 10.29 14.28
C ALA A 237 5.92 8.81 14.35
N GLY A 238 4.90 8.00 14.61
CA GLY A 238 5.10 6.56 14.71
C GLY A 238 5.33 6.14 16.16
N THR A 239 4.90 6.99 17.07
CA THR A 239 5.05 6.72 18.49
C THR A 239 3.83 5.96 19.02
N THR A 240 2.70 6.22 18.39
CA THR A 240 1.46 5.57 18.79
C THR A 240 0.92 4.69 17.65
N SER A 241 1.66 4.70 16.55
CA SER A 241 1.28 3.92 15.39
C SER A 241 2.52 3.40 14.68
N THR A 242 2.33 2.28 13.98
CA THR A 242 3.43 1.66 13.26
C THR A 242 3.48 2.18 11.82
N LEU A 243 4.58 1.89 11.15
CA LEU A 243 4.76 2.31 9.77
C LEU A 243 3.59 1.79 8.93
N GLN A 244 3.31 0.51 9.09
CA GLN A 244 2.23 -0.12 8.36
C GLN A 244 0.96 0.72 8.46
N GLU A 245 0.65 1.13 9.68
CA GLU A 245 -0.53 1.93 9.93
C GLU A 245 -0.44 3.27 9.18
N GLN A 246 0.78 3.77 9.10
CA GLN A 246 1.03 5.03 8.42
C GLN A 246 0.70 4.90 6.93
N ILE A 247 1.39 3.97 6.28
CA ILE A 247 1.18 3.73 4.87
C ILE A 247 -0.29 3.36 4.62
N GLY A 248 -0.82 2.58 5.54
CA GLY A 248 -2.21 2.14 5.44
C GLY A 248 -3.15 3.34 5.44
N TRP A 249 -2.97 4.20 6.43
CA TRP A 249 -3.80 5.38 6.56
C TRP A 249 -3.51 6.29 5.36
N MET A 250 -2.27 6.22 4.90
CA MET A 250 -1.86 7.03 3.76
C MET A 250 -2.54 6.57 2.48
N THR A 251 -2.97 5.31 2.49
CA THR A 251 -3.63 4.73 1.33
C THR A 251 -5.07 4.33 1.69
N HIS A 252 -5.58 4.94 2.75
CA HIS A 252 -6.93 4.66 3.21
C HIS A 252 -7.93 5.45 2.36
N ASN A 253 -9.20 5.16 2.59
CA ASN A 253 -10.27 5.83 1.86
C ASN A 253 -11.20 6.53 2.85
N PRO A 254 -11.15 7.89 2.81
CA PRO A 254 -10.28 8.58 1.88
C PRO A 254 -8.82 8.53 2.35
N PRO A 255 -7.90 8.73 1.37
CA PRO A 255 -6.48 8.70 1.67
C PRO A 255 -6.05 9.97 2.40
N ILE A 256 -5.53 9.77 3.61
CA ILE A 256 -5.07 10.89 4.42
C ILE A 256 -3.56 11.08 4.22
N PRO A 257 -3.19 12.34 3.91
CA PRO A 257 -1.78 12.68 3.69
C PRO A 257 -1.02 12.73 5.01
N VAL A 258 -1.08 11.63 5.75
CA VAL A 258 -0.40 11.54 7.02
C VAL A 258 1.10 11.74 6.81
N GLY A 259 1.62 11.08 5.80
CA GLY A 259 3.03 11.17 5.47
C GLY A 259 3.43 12.61 5.14
N GLU A 260 2.49 13.30 4.49
CA GLU A 260 2.72 14.68 4.10
C GLU A 260 2.77 15.58 5.34
N ILE A 261 1.99 15.20 6.34
CA ILE A 261 1.95 15.96 7.57
C ILE A 261 3.33 15.93 8.25
N TYR A 262 3.90 14.74 8.30
CA TYR A 262 5.20 14.56 8.91
C TYR A 262 6.28 15.29 8.11
N LYS A 263 6.13 15.25 6.79
CA LYS A 263 7.08 15.90 5.90
C LYS A 263 7.09 17.40 6.20
N ARG A 264 5.90 17.96 6.33
CA ARG A 264 5.77 19.37 6.61
C ARG A 264 6.36 19.71 7.97
N TRP A 265 6.25 18.74 8.88
CA TRP A 265 6.77 18.92 10.23
C TRP A 265 8.29 19.14 10.13
N ILE A 266 8.93 18.28 9.34
CA ILE A 266 10.37 18.38 9.16
C ILE A 266 10.71 19.77 8.62
N ILE A 267 9.93 20.20 7.64
CA ILE A 267 10.15 21.50 7.04
C ILE A 267 10.02 22.59 8.10
N LEU A 268 9.12 22.35 9.04
CA LEU A 268 8.88 23.30 10.12
C LEU A 268 10.19 23.51 10.89
N GLY A 269 10.75 22.40 11.35
CA GLY A 269 12.00 22.45 12.09
C GLY A 269 13.13 23.03 11.25
N LEU A 270 13.41 22.34 10.14
CA LEU A 270 14.46 22.77 9.24
C LEU A 270 14.34 24.28 9.02
N ASN A 271 13.11 24.76 9.04
CA ASN A 271 12.85 26.18 8.84
C ASN A 271 13.49 26.98 9.97
N LYS A 272 13.28 26.51 11.19
CA LYS A 272 13.83 27.17 12.36
C LYS A 272 15.35 26.99 12.36
N ILE A 273 15.78 25.81 11.94
CA ILE A 273 17.20 25.50 11.89
C ILE A 273 17.88 26.44 10.90
N VAL A 274 17.21 26.68 9.79
CA VAL A 274 17.75 27.56 8.76
C VAL A 274 17.68 29.00 9.25
N ARG A 275 16.54 29.35 9.82
CA ARG A 275 16.33 30.69 10.33
C ARG A 275 17.39 31.02 11.40
N MET A 276 18.04 29.97 11.88
CA MET A 276 19.06 30.14 12.90
C MET A 276 20.45 30.23 12.26
N TYR A 277 20.64 29.45 11.22
CA TYR A 277 21.91 29.44 10.51
C TYR A 277 21.87 30.35 9.29
N SER A 278 20.89 31.24 9.29
CA SER A 278 20.73 32.17 8.18
C SER A 278 21.83 33.23 8.22
N PRO A 279 22.19 33.74 7.02
CA PRO A 279 23.23 34.75 6.91
C PRO A 279 22.70 36.12 7.36
N THR A 280 22.23 36.16 8.60
CA THR A 280 21.70 37.38 9.16
C THR A 280 21.39 37.20 10.64
N SER A 281 20.67 36.12 10.93
CA SER A 281 20.29 35.82 12.31
C SER A 281 19.35 36.89 12.84
N ILE A 282 18.38 36.44 13.62
CA ILE A 282 17.40 37.35 14.20
C ILE A 282 16.88 36.76 15.51
N LEU A 283 16.53 37.66 16.42
CA LEU A 283 16.01 37.23 17.72
C LEU A 283 14.59 37.76 17.89
N HIS A 284 13.84 37.09 18.74
CA HIS A 284 12.46 37.47 19.00
C HIS A 284 12.27 37.71 20.51
N HIS A 285 11.89 38.93 20.83
CA HIS A 285 11.66 39.30 22.21
C HIS A 285 10.92 38.18 22.94
N HIS A 286 11.16 38.09 24.23
CA HIS A 286 10.51 37.06 25.04
C HIS A 286 9.09 37.49 25.39
N HIS A 287 8.24 36.51 25.60
CA HIS A 287 6.84 36.77 25.93
C HIS A 287 6.58 36.37 27.38
N HIS A 288 5.39 36.68 27.84
CA HIS A 288 4.99 36.36 29.20
C HIS A 288 5.85 37.16 30.19
N HIS A 289 5.17 37.73 31.18
CA HIS A 289 5.86 38.52 32.19
C HIS A 289 6.84 39.47 31.52
N GLY A 2 -73.16 -61.81 -49.77
CA GLY A 2 -71.84 -61.22 -49.63
C GLY A 2 -71.70 -60.46 -48.32
N ALA A 3 -72.57 -59.47 -48.15
CA ALA A 3 -72.55 -58.65 -46.94
C ALA A 3 -71.23 -57.89 -46.87
N ARG A 4 -71.32 -56.61 -47.19
CA ARG A 4 -70.14 -55.75 -47.16
C ARG A 4 -70.52 -54.32 -47.55
N ALA A 5 -69.89 -53.37 -46.89
CA ALA A 5 -70.15 -51.96 -47.15
C ALA A 5 -69.23 -51.10 -46.27
N SER A 6 -68.76 -50.02 -46.86
CA SER A 6 -67.88 -49.10 -46.16
C SER A 6 -67.45 -47.96 -47.08
N VAL A 7 -68.11 -46.83 -46.91
CA VAL A 7 -67.81 -45.66 -47.72
C VAL A 7 -68.28 -44.40 -46.99
N LEU A 8 -69.59 -44.31 -46.81
CA LEU A 8 -70.16 -43.16 -46.13
C LEU A 8 -70.44 -43.53 -44.68
N SER A 9 -70.42 -42.52 -43.83
CA SER A 9 -70.67 -42.72 -42.41
C SER A 9 -72.18 -42.71 -42.14
N GLY A 10 -72.51 -42.89 -40.87
CA GLY A 10 -73.92 -42.90 -40.46
C GLY A 10 -74.59 -41.57 -40.81
N GLY A 11 -74.03 -40.50 -40.27
CA GLY A 11 -74.57 -39.18 -40.51
C GLY A 11 -74.19 -38.67 -41.91
N GLU A 12 -72.95 -38.94 -42.28
CA GLU A 12 -72.44 -38.52 -43.58
C GLU A 12 -73.29 -39.15 -44.69
N LEU A 13 -73.68 -40.39 -44.48
CA LEU A 13 -74.49 -41.11 -45.45
C LEU A 13 -75.87 -40.46 -45.52
N ASP A 14 -76.40 -40.14 -44.36
CA ASP A 14 -77.71 -39.52 -44.27
C ASP A 14 -77.73 -38.25 -45.12
N LYS A 15 -76.57 -37.61 -45.19
CA LYS A 15 -76.44 -36.39 -45.96
C LYS A 15 -76.41 -36.73 -47.46
N TRP A 16 -75.61 -37.74 -47.77
CA TRP A 16 -75.48 -38.18 -49.15
C TRP A 16 -76.87 -38.54 -49.67
N GLU A 17 -77.59 -39.33 -48.87
CA GLU A 17 -78.93 -39.75 -49.24
C GLU A 17 -79.84 -38.53 -49.37
N LYS A 18 -79.48 -37.47 -48.67
CA LYS A 18 -80.26 -36.24 -48.71
C LYS A 18 -79.79 -35.38 -49.87
N ILE A 19 -79.65 -36.01 -51.02
CA ILE A 19 -79.21 -35.31 -52.22
C ILE A 19 -80.15 -35.64 -53.37
N ARG A 20 -80.43 -34.63 -54.18
CA ARG A 20 -81.30 -34.80 -55.33
C ARG A 20 -80.50 -34.75 -56.63
N LEU A 21 -81.03 -35.43 -57.64
CA LEU A 21 -80.36 -35.47 -58.93
C LEU A 21 -81.18 -34.66 -59.94
N ARG A 22 -81.17 -35.12 -61.18
CA ARG A 22 -81.90 -34.45 -62.24
C ARG A 22 -83.29 -35.08 -62.41
N PRO A 23 -84.16 -34.36 -63.17
CA PRO A 23 -85.51 -34.84 -63.41
C PRO A 23 -85.51 -35.98 -64.44
N GLY A 24 -86.19 -37.05 -64.08
CA GLY A 24 -86.26 -38.21 -64.96
C GLY A 24 -85.23 -39.27 -64.57
N GLY A 25 -84.44 -38.94 -63.56
CA GLY A 25 -83.41 -39.84 -63.09
C GLY A 25 -83.75 -40.39 -61.70
N LYS A 26 -82.71 -40.81 -61.00
CA LYS A 26 -82.88 -41.36 -59.66
C LYS A 26 -83.59 -40.33 -58.79
N LYS A 27 -83.31 -39.07 -59.05
CA LYS A 27 -83.91 -37.99 -58.30
C LYS A 27 -83.16 -37.81 -56.98
N GLN A 28 -82.20 -38.69 -56.76
CA GLN A 28 -81.40 -38.65 -55.55
C GLN A 28 -80.24 -39.64 -55.63
N TYR A 29 -79.20 -39.36 -54.86
CA TYR A 29 -78.03 -40.22 -54.83
C TYR A 29 -78.25 -41.42 -53.91
N LYS A 30 -77.55 -42.50 -54.22
CA LYS A 30 -77.66 -43.72 -53.43
C LYS A 30 -76.28 -44.37 -53.32
N LEU A 31 -76.20 -45.36 -52.45
CA LEU A 31 -74.95 -46.07 -52.23
C LEU A 31 -74.52 -46.73 -53.54
N LYS A 32 -75.50 -47.05 -54.36
CA LYS A 32 -75.23 -47.69 -55.64
C LYS A 32 -74.39 -46.76 -56.50
N HIS A 33 -74.79 -45.50 -56.52
CA HIS A 33 -74.08 -44.49 -57.30
C HIS A 33 -72.66 -44.33 -56.76
N ILE A 34 -72.55 -44.44 -55.45
CA ILE A 34 -71.27 -44.32 -54.78
C ILE A 34 -70.33 -45.43 -55.27
N VAL A 35 -70.85 -46.65 -55.23
CA VAL A 35 -70.08 -47.81 -55.66
C VAL A 35 -69.53 -47.55 -57.08
N TRP A 36 -70.40 -47.02 -57.92
CA TRP A 36 -70.03 -46.72 -59.30
C TRP A 36 -68.92 -45.67 -59.26
N ALA A 37 -69.07 -44.72 -58.36
CA ALA A 37 -68.10 -43.65 -58.21
C ALA A 37 -66.74 -44.26 -57.88
N SER A 38 -66.72 -45.08 -56.85
CA SER A 38 -65.49 -45.73 -56.42
C SER A 38 -64.94 -46.60 -57.55
N ARG A 39 -65.85 -47.18 -58.32
CA ARG A 39 -65.47 -48.03 -59.42
C ARG A 39 -64.65 -47.23 -60.45
N GLU A 40 -65.10 -46.01 -60.69
CA GLU A 40 -64.43 -45.13 -61.63
C GLU A 40 -63.02 -44.80 -61.14
N LEU A 41 -62.89 -44.68 -59.82
CA LEU A 41 -61.61 -44.37 -59.21
C LEU A 41 -60.60 -45.45 -59.60
N GLU A 42 -61.01 -46.70 -59.41
CA GLU A 42 -60.15 -47.82 -59.73
C GLU A 42 -59.71 -47.76 -61.20
N ARG A 43 -60.66 -47.40 -62.05
CA ARG A 43 -60.39 -47.31 -63.47
C ARG A 43 -59.28 -46.29 -63.73
N PHE A 44 -59.31 -45.21 -62.96
CA PHE A 44 -58.30 -44.17 -63.09
C PHE A 44 -56.97 -44.60 -62.46
N ALA A 45 -57.01 -45.75 -61.81
CA ALA A 45 -55.82 -46.29 -61.17
C ALA A 45 -55.51 -45.47 -59.92
N VAL A 46 -56.54 -45.26 -59.11
CA VAL A 46 -56.39 -44.50 -57.88
C VAL A 46 -56.87 -45.34 -56.70
N ASN A 47 -56.27 -45.09 -55.55
CA ASN A 47 -56.63 -45.82 -54.34
C ASN A 47 -58.07 -45.51 -53.97
N PRO A 48 -58.85 -46.59 -53.71
CA PRO A 48 -60.25 -46.43 -53.34
C PRO A 48 -60.39 -45.94 -51.90
N GLY A 49 -59.32 -46.11 -51.14
CA GLY A 49 -59.30 -45.69 -49.75
C GLY A 49 -59.41 -44.17 -49.64
N LEU A 50 -59.23 -43.51 -50.78
CA LEU A 50 -59.30 -42.06 -50.83
C LEU A 50 -60.75 -41.62 -50.68
N LEU A 51 -61.64 -42.35 -51.33
CA LEU A 51 -63.06 -42.05 -51.27
C LEU A 51 -63.58 -42.33 -49.87
N GLU A 52 -62.73 -42.97 -49.07
CA GLU A 52 -63.10 -43.31 -47.71
C GLU A 52 -62.85 -42.11 -46.78
N THR A 53 -61.97 -41.22 -47.23
CA THR A 53 -61.65 -40.04 -46.47
C THR A 53 -61.86 -38.77 -47.30
N SER A 54 -62.16 -37.68 -46.61
CA SER A 54 -62.39 -36.41 -47.28
C SER A 54 -61.09 -35.92 -47.92
N GLU A 55 -59.98 -36.28 -47.30
CA GLU A 55 -58.68 -35.88 -47.80
C GLU A 55 -58.41 -36.53 -49.15
N GLY A 56 -58.62 -37.85 -49.20
CA GLY A 56 -58.40 -38.59 -50.42
C GLY A 56 -59.46 -38.25 -51.47
N CYS A 57 -60.68 -38.02 -50.99
CA CYS A 57 -61.78 -37.68 -51.87
C CYS A 57 -61.47 -36.34 -52.54
N ARG A 58 -60.94 -35.42 -51.75
CA ARG A 58 -60.60 -34.10 -52.25
C ARG A 58 -59.55 -34.22 -53.36
N GLN A 59 -58.64 -35.17 -53.18
CA GLN A 59 -57.59 -35.39 -54.16
C GLN A 59 -58.20 -35.81 -55.50
N ILE A 60 -59.24 -36.62 -55.42
CA ILE A 60 -59.92 -37.11 -56.61
C ILE A 60 -60.52 -35.92 -57.37
N LEU A 61 -61.49 -35.28 -56.72
CA LEU A 61 -62.16 -34.14 -57.31
C LEU A 61 -61.12 -33.12 -57.76
N GLY A 62 -59.97 -33.14 -57.09
CA GLY A 62 -58.88 -32.24 -57.41
C GLY A 62 -58.22 -32.63 -58.73
N GLN A 63 -57.90 -33.90 -58.84
CA GLN A 63 -57.26 -34.41 -60.04
C GLN A 63 -58.31 -34.89 -61.05
N LEU A 64 -59.55 -34.46 -60.81
CA LEU A 64 -60.65 -34.83 -61.68
C LEU A 64 -61.13 -33.59 -62.43
N GLN A 65 -60.90 -32.44 -61.83
CA GLN A 65 -61.30 -31.18 -62.43
C GLN A 65 -60.77 -31.07 -63.87
N PRO A 66 -59.47 -31.44 -64.02
CA PRO A 66 -58.83 -31.39 -65.33
C PRO A 66 -59.30 -32.55 -66.21
N SER A 67 -59.43 -33.72 -65.58
CA SER A 67 -59.86 -34.90 -66.29
C SER A 67 -61.33 -34.75 -66.70
N LEU A 68 -61.97 -33.74 -66.14
CA LEU A 68 -63.37 -33.47 -66.46
C LEU A 68 -63.48 -32.94 -67.89
N GLN A 69 -62.57 -32.03 -68.22
CA GLN A 69 -62.57 -31.44 -69.55
C GLN A 69 -62.01 -32.44 -70.57
N THR A 70 -61.53 -33.56 -70.05
CA THR A 70 -60.97 -34.60 -70.90
C THR A 70 -61.76 -35.90 -70.72
N GLY A 71 -62.69 -35.88 -69.78
CA GLY A 71 -63.50 -37.04 -69.50
C GLY A 71 -64.66 -37.16 -70.50
N SER A 72 -65.83 -36.73 -70.05
CA SER A 72 -67.01 -36.78 -70.88
C SER A 72 -68.26 -36.51 -70.04
N GLU A 73 -69.41 -36.60 -70.69
CA GLU A 73 -70.68 -36.37 -70.01
C GLU A 73 -70.84 -37.36 -68.87
N GLU A 74 -70.46 -38.60 -69.12
CA GLU A 74 -70.56 -39.64 -68.11
C GLU A 74 -69.51 -39.43 -67.02
N LEU A 75 -68.29 -39.16 -67.46
CA LEU A 75 -67.19 -38.94 -66.53
C LEU A 75 -67.54 -37.75 -65.63
N ARG A 76 -68.24 -36.79 -66.21
CA ARG A 76 -68.63 -35.60 -65.47
C ARG A 76 -69.54 -35.98 -64.29
N SER A 77 -70.53 -36.81 -64.59
CA SER A 77 -71.46 -37.25 -63.57
C SER A 77 -70.70 -37.89 -62.40
N LEU A 78 -69.62 -38.59 -62.75
CA LEU A 78 -68.81 -39.25 -61.75
C LEU A 78 -68.25 -38.19 -60.78
N TYR A 79 -67.72 -37.13 -61.36
CA TYR A 79 -67.16 -36.04 -60.56
C TYR A 79 -68.23 -35.36 -59.73
N ASN A 80 -69.38 -35.14 -60.36
CA ASN A 80 -70.49 -34.50 -59.68
C ASN A 80 -70.82 -35.26 -58.39
N THR A 81 -70.63 -36.58 -58.46
CA THR A 81 -70.89 -37.43 -57.32
C THR A 81 -69.85 -37.19 -56.22
N ILE A 82 -68.60 -37.18 -56.62
CA ILE A 82 -67.50 -36.96 -55.69
C ILE A 82 -67.62 -35.55 -55.09
N ALA A 83 -68.13 -34.64 -55.90
CA ALA A 83 -68.31 -33.26 -55.47
C ALA A 83 -69.24 -33.22 -54.26
N VAL A 84 -70.43 -33.79 -54.44
CA VAL A 84 -71.40 -33.82 -53.38
C VAL A 84 -70.81 -34.55 -52.17
N LEU A 85 -70.11 -35.64 -52.45
CA LEU A 85 -69.49 -36.42 -51.39
C LEU A 85 -68.56 -35.52 -50.58
N TYR A 86 -67.76 -34.74 -51.30
CA TYR A 86 -66.82 -33.84 -50.66
C TYR A 86 -67.55 -32.83 -49.77
N CYS A 87 -68.74 -32.46 -50.21
CA CYS A 87 -69.55 -31.50 -49.47
C CYS A 87 -70.10 -32.19 -48.22
N VAL A 88 -70.41 -33.47 -48.39
CA VAL A 88 -70.94 -34.27 -47.30
C VAL A 88 -69.87 -34.40 -46.20
N HIS A 89 -68.63 -34.45 -46.65
CA HIS A 89 -67.50 -34.58 -45.74
C HIS A 89 -67.36 -33.29 -44.92
N GLN A 90 -67.57 -32.18 -45.60
CA GLN A 90 -67.46 -30.88 -44.96
C GLN A 90 -68.77 -30.51 -44.26
N ARG A 91 -69.84 -31.17 -44.71
CA ARG A 91 -71.16 -30.93 -44.15
C ARG A 91 -71.68 -29.56 -44.59
N ILE A 92 -71.55 -29.30 -45.89
CA ILE A 92 -72.00 -28.04 -46.45
C ILE A 92 -73.49 -28.15 -46.80
N ASP A 93 -74.20 -27.05 -46.55
CA ASP A 93 -75.62 -27.01 -46.84
C ASP A 93 -75.85 -27.21 -48.35
N VAL A 94 -76.32 -28.41 -48.69
CA VAL A 94 -76.57 -28.73 -50.08
C VAL A 94 -77.94 -29.41 -50.20
N LYS A 95 -78.36 -29.62 -51.43
CA LYS A 95 -79.63 -30.26 -51.70
C LYS A 95 -79.51 -31.15 -52.94
N ASP A 96 -78.95 -30.57 -53.99
CA ASP A 96 -78.76 -31.29 -55.23
C ASP A 96 -77.28 -31.29 -55.61
N THR A 97 -76.96 -32.07 -56.63
CA THR A 97 -75.59 -32.16 -57.10
C THR A 97 -75.08 -30.78 -57.54
N LYS A 98 -75.91 -30.11 -58.32
CA LYS A 98 -75.56 -28.79 -58.82
C LYS A 98 -75.32 -27.85 -57.64
N GLU A 99 -76.03 -28.11 -56.55
CA GLU A 99 -75.91 -27.31 -55.35
C GLU A 99 -74.54 -27.52 -54.71
N ALA A 100 -74.07 -28.76 -54.79
CA ALA A 100 -72.78 -29.11 -54.22
C ALA A 100 -71.67 -28.44 -55.05
N LEU A 101 -71.78 -28.58 -56.35
CA LEU A 101 -70.81 -28.00 -57.26
C LEU A 101 -70.68 -26.50 -56.98
N ASP A 102 -71.82 -25.89 -56.69
CA ASP A 102 -71.86 -24.47 -56.41
C ASP A 102 -71.27 -24.22 -55.01
N LYS A 103 -71.73 -25.01 -54.06
CA LYS A 103 -71.26 -24.88 -52.69
C LYS A 103 -69.77 -25.22 -52.64
N ILE A 104 -69.45 -26.43 -53.08
CA ILE A 104 -68.08 -26.88 -53.08
C ILE A 104 -67.21 -25.89 -53.86
N GLU A 105 -67.84 -25.25 -54.83
CA GLU A 105 -67.15 -24.27 -55.65
C GLU A 105 -66.81 -23.02 -54.82
N GLU A 106 -67.84 -22.47 -54.20
CA GLU A 106 -67.68 -21.29 -53.39
C GLU A 106 -66.66 -21.55 -52.28
N GLU A 107 -66.89 -22.63 -51.55
CA GLU A 107 -66.00 -23.01 -50.46
C GLU A 107 -64.56 -23.08 -50.95
N GLN A 108 -64.36 -23.83 -52.02
CA GLN A 108 -63.04 -24.00 -52.59
C GLN A 108 -62.44 -22.63 -52.92
N ASN A 109 -63.20 -21.84 -53.66
CA ASN A 109 -62.76 -20.51 -54.05
C ASN A 109 -62.33 -19.74 -52.80
N LYS A 110 -63.15 -19.86 -51.76
CA LYS A 110 -62.86 -19.17 -50.51
C LYS A 110 -61.50 -19.64 -49.97
N SER A 111 -61.40 -20.95 -49.78
CA SER A 111 -60.17 -21.53 -49.27
C SER A 111 -58.97 -20.98 -50.05
N LYS A 112 -59.12 -20.96 -51.37
CA LYS A 112 -58.06 -20.47 -52.22
C LYS A 112 -57.64 -19.07 -51.76
N LYS A 113 -58.62 -18.19 -51.69
CA LYS A 113 -58.37 -16.82 -51.26
C LYS A 113 -57.66 -16.84 -49.90
N LYS A 114 -58.30 -17.49 -48.94
CA LYS A 114 -57.74 -17.59 -47.61
C LYS A 114 -56.26 -17.97 -47.70
N ALA A 115 -55.98 -18.93 -48.56
CA ALA A 115 -54.61 -19.38 -48.77
C ALA A 115 -53.77 -18.23 -49.30
N GLN A 116 -54.32 -17.54 -50.29
CA GLN A 116 -53.63 -16.41 -50.90
C GLN A 116 -53.28 -15.37 -49.84
N GLN A 117 -54.31 -14.85 -49.19
CA GLN A 117 -54.13 -13.86 -48.16
C GLN A 117 -53.14 -14.34 -47.11
N ALA A 118 -53.33 -15.59 -46.70
CA ALA A 118 -52.46 -16.20 -45.71
C ALA A 118 -51.00 -16.07 -46.16
N ALA A 119 -50.74 -16.59 -47.35
CA ALA A 119 -49.41 -16.54 -47.91
C ALA A 119 -48.81 -15.15 -47.69
N ALA A 120 -49.68 -14.15 -47.74
CA ALA A 120 -49.25 -12.78 -47.55
C ALA A 120 -48.96 -12.55 -46.06
N ASP A 121 -49.98 -12.74 -45.25
CA ASP A 121 -49.85 -12.56 -43.81
C ASP A 121 -48.59 -13.27 -43.34
N THR A 122 -48.61 -14.59 -43.46
CA THR A 122 -47.47 -15.40 -43.04
C THR A 122 -46.85 -14.83 -41.76
N GLY A 123 -47.61 -14.95 -40.67
CA GLY A 123 -47.16 -14.47 -39.39
C GLY A 123 -47.87 -15.18 -38.24
N ASN A 124 -47.30 -15.04 -37.05
CA ASN A 124 -47.87 -15.67 -35.87
C ASN A 124 -46.93 -15.46 -34.68
N ASN A 125 -47.45 -15.77 -33.50
CA ASN A 125 -46.67 -15.61 -32.28
C ASN A 125 -45.34 -16.35 -32.44
N SER A 126 -44.44 -16.08 -31.51
CA SER A 126 -43.13 -16.71 -31.54
C SER A 126 -42.54 -16.76 -30.12
N GLN A 127 -41.44 -17.48 -29.99
CA GLN A 127 -40.77 -17.62 -28.71
C GLN A 127 -39.27 -17.37 -28.86
N VAL A 128 -38.60 -17.27 -27.73
CA VAL A 128 -37.17 -17.04 -27.71
C VAL A 128 -36.53 -17.84 -26.59
N SER A 129 -35.21 -17.78 -26.53
CA SER A 129 -34.47 -18.50 -25.51
C SER A 129 -33.52 -17.55 -24.78
N GLN A 130 -32.94 -18.05 -23.70
CA GLN A 130 -32.02 -17.26 -22.89
C GLN A 130 -30.88 -18.15 -22.37
N ASN A 131 -29.90 -17.49 -21.77
CA ASN A 131 -28.76 -18.19 -21.22
C ASN A 131 -28.36 -17.55 -19.89
N TYR A 132 -27.50 -18.24 -19.16
CA TYR A 132 -27.03 -17.75 -17.88
C TYR A 132 -25.51 -17.86 -17.77
N PRO A 133 -24.93 -17.00 -16.89
CA PRO A 133 -23.49 -17.00 -16.68
C PRO A 133 -23.06 -18.21 -15.85
N ILE A 134 -21.76 -18.30 -15.61
CA ILE A 134 -21.20 -19.39 -14.82
C ILE A 134 -19.71 -19.14 -14.60
N VAL A 135 -19.24 -19.62 -13.45
CA VAL A 135 -17.84 -19.46 -13.10
C VAL A 135 -17.52 -17.97 -12.95
N GLN A 136 -16.71 -17.66 -11.95
CA GLN A 136 -16.32 -16.29 -11.69
C GLN A 136 -15.26 -16.23 -10.59
N ASN A 137 -14.70 -15.05 -10.41
CA ASN A 137 -13.69 -14.85 -9.39
C ASN A 137 -13.14 -13.42 -9.50
N LEU A 138 -12.39 -13.03 -8.47
CA LEU A 138 -11.81 -11.70 -8.44
C LEU A 138 -10.91 -11.58 -7.21
N GLN A 139 -10.02 -10.59 -7.26
CA GLN A 139 -9.10 -10.36 -6.16
C GLN A 139 -8.19 -9.17 -6.48
N GLY A 140 -7.62 -8.60 -5.43
CA GLY A 140 -6.72 -7.47 -5.59
C GLY A 140 -5.85 -7.29 -4.35
N GLN A 141 -4.77 -6.54 -4.53
CA GLN A 141 -3.84 -6.28 -3.44
C GLN A 141 -2.68 -5.41 -3.92
N MET A 142 -2.17 -4.59 -3.01
CA MET A 142 -1.07 -3.71 -3.33
C MET A 142 -0.28 -3.34 -2.07
N VAL A 143 0.89 -2.75 -2.29
CA VAL A 143 1.73 -2.35 -1.19
C VAL A 143 2.74 -1.30 -1.68
N HIS A 144 3.09 -0.40 -0.78
CA HIS A 144 4.03 0.67 -1.10
C HIS A 144 5.46 0.18 -0.87
N GLN A 145 6.35 0.60 -1.75
CA GLN A 145 7.75 0.21 -1.65
C GLN A 145 8.48 1.10 -0.63
N ALA A 146 9.46 0.51 0.02
CA ALA A 146 10.24 1.23 1.01
C ALA A 146 11.19 2.20 0.31
N ILE A 147 12.01 2.87 1.11
CA ILE A 147 12.97 3.83 0.57
C ILE A 147 14.24 3.09 0.18
N SER A 148 14.84 3.55 -0.92
CA SER A 148 16.06 2.95 -1.40
C SER A 148 17.27 3.58 -0.72
N PRO A 149 18.42 2.84 -0.77
CA PRO A 149 19.64 3.31 -0.15
C PRO A 149 20.28 4.42 -0.98
N ARG A 150 19.94 4.42 -2.27
CA ARG A 150 20.47 5.42 -3.18
C ARG A 150 19.97 6.82 -2.80
N THR A 151 18.71 6.86 -2.36
CA THR A 151 18.10 8.12 -1.96
C THR A 151 18.78 8.66 -0.69
N LEU A 152 19.14 7.73 0.19
CA LEU A 152 19.78 8.11 1.43
C LEU A 152 21.16 8.72 1.12
N ASN A 153 21.86 8.08 0.20
CA ASN A 153 23.18 8.54 -0.19
C ASN A 153 23.05 9.89 -0.91
N ALA A 154 22.06 9.96 -1.79
CA ALA A 154 21.81 11.19 -2.54
C ALA A 154 21.57 12.34 -1.57
N TRP A 155 20.69 12.09 -0.62
CA TRP A 155 20.35 13.10 0.37
C TRP A 155 21.62 13.41 1.17
N VAL A 156 22.30 12.35 1.59
CA VAL A 156 23.52 12.51 2.35
C VAL A 156 24.43 13.53 1.66
N LYS A 157 24.51 13.40 0.34
CA LYS A 157 25.34 14.30 -0.45
C LYS A 157 24.81 15.74 -0.28
N VAL A 158 23.50 15.85 -0.20
CA VAL A 158 22.88 17.15 -0.04
C VAL A 158 23.18 17.69 1.35
N VAL A 159 23.18 16.78 2.32
CA VAL A 159 23.45 17.15 3.69
C VAL A 159 24.91 17.57 3.83
N GLU A 160 25.76 16.92 3.05
CA GLU A 160 27.18 17.20 3.08
C GLU A 160 27.47 18.51 2.34
N GLU A 161 26.76 18.70 1.23
CA GLU A 161 26.92 19.90 0.42
C GLU A 161 26.17 21.07 1.06
N LYS A 162 24.86 21.05 0.90
CA LYS A 162 24.02 22.10 1.45
C LYS A 162 24.01 21.99 2.98
N ALA A 163 23.35 20.95 3.46
CA ALA A 163 23.26 20.71 4.89
C ALA A 163 22.09 21.52 5.46
N PHE A 164 22.05 22.79 5.08
CA PHE A 164 20.99 23.67 5.55
C PHE A 164 20.90 24.92 4.67
N SER A 165 19.70 25.17 4.18
CA SER A 165 19.46 26.33 3.33
C SER A 165 17.98 26.39 2.94
N PRO A 166 17.60 27.53 2.32
CA PRO A 166 16.22 27.74 1.90
C PRO A 166 15.90 26.92 0.64
N GLU A 167 16.96 26.52 -0.05
CA GLU A 167 16.82 25.74 -1.25
C GLU A 167 16.94 24.24 -0.94
N VAL A 168 17.11 23.95 0.35
CA VAL A 168 17.22 22.58 0.79
C VAL A 168 15.92 22.15 1.47
N ILE A 169 15.29 23.10 2.13
CA ILE A 169 14.04 22.85 2.82
C ILE A 169 13.02 22.27 1.83
N PRO A 170 12.97 22.90 0.63
CA PRO A 170 12.05 22.46 -0.41
C PRO A 170 12.56 21.17 -1.07
N MET A 171 13.87 21.09 -1.20
CA MET A 171 14.48 19.92 -1.81
C MET A 171 14.19 18.65 -1.00
N PHE A 172 14.24 18.81 0.32
CA PHE A 172 13.98 17.71 1.22
C PHE A 172 12.53 17.24 1.11
N SER A 173 11.66 18.18 0.78
CA SER A 173 10.24 17.88 0.65
C SER A 173 10.00 17.09 -0.64
N ALA A 174 10.88 17.30 -1.60
CA ALA A 174 10.77 16.61 -2.88
C ALA A 174 11.13 15.13 -2.69
N LEU A 175 12.21 14.91 -1.97
CA LEU A 175 12.67 13.56 -1.71
C LEU A 175 11.80 12.92 -0.63
N SER A 176 11.29 13.77 0.26
CA SER A 176 10.44 13.31 1.34
C SER A 176 8.97 13.51 0.96
N GLU A 177 8.74 13.76 -0.32
CA GLU A 177 7.40 13.97 -0.82
C GLU A 177 6.43 12.96 -0.19
N GLY A 178 5.64 13.45 0.75
CA GLY A 178 4.68 12.60 1.44
C GLY A 178 5.25 11.20 1.67
N ALA A 179 6.18 11.12 2.62
CA ALA A 179 6.80 9.86 2.94
C ALA A 179 6.23 9.33 4.26
N THR A 180 6.80 8.23 4.73
CA THR A 180 6.35 7.62 5.97
C THR A 180 7.33 7.94 7.10
N PRO A 181 7.01 7.39 8.31
CA PRO A 181 7.85 7.61 9.48
C PRO A 181 9.13 6.77 9.39
N GLN A 182 8.96 5.55 8.90
CA GLN A 182 10.08 4.64 8.77
C GLN A 182 11.03 5.12 7.67
N ASP A 183 10.44 5.67 6.62
CA ASP A 183 11.22 6.18 5.51
C ASP A 183 11.84 7.52 5.90
N LEU A 184 11.02 8.40 6.44
CA LEU A 184 11.47 9.71 6.86
C LEU A 184 12.57 9.55 7.91
N ASN A 185 12.29 8.69 8.89
CA ASN A 185 13.25 8.45 9.96
C ASN A 185 14.58 8.00 9.35
N THR A 186 14.48 7.24 8.26
CA THR A 186 15.67 6.75 7.58
C THR A 186 16.47 7.92 6.99
N MET A 187 15.76 8.81 6.33
CA MET A 187 16.38 9.97 5.73
C MET A 187 17.02 10.87 6.79
N LEU A 188 16.25 11.10 7.85
CA LEU A 188 16.72 11.95 8.94
C LEU A 188 17.82 11.21 9.71
N ASN A 189 17.84 9.90 9.52
CA ASN A 189 18.83 9.07 10.20
C ASN A 189 20.18 9.24 9.50
N THR A 190 20.15 9.18 8.18
CA THR A 190 21.35 9.32 7.39
C THR A 190 21.86 10.77 7.44
N VAL A 191 20.97 11.66 7.85
CA VAL A 191 21.32 13.06 7.95
C VAL A 191 22.61 13.21 8.76
N GLY A 192 23.01 14.47 8.94
CA GLY A 192 24.23 14.75 9.68
C GLY A 192 24.60 16.23 9.55
N GLY A 193 23.68 17.08 10.00
CA GLY A 193 23.91 18.52 9.95
C GLY A 193 24.41 19.05 11.29
N HIS A 194 23.67 18.72 12.33
CA HIS A 194 24.03 19.14 13.67
C HIS A 194 22.99 18.64 14.67
N GLN A 195 23.49 18.03 15.74
CA GLN A 195 22.62 17.51 16.78
C GLN A 195 21.72 18.61 17.33
N ALA A 196 22.32 19.78 17.50
CA ALA A 196 21.60 20.92 18.03
C ALA A 196 20.38 21.20 17.15
N ALA A 197 20.63 21.26 15.84
CA ALA A 197 19.57 21.51 14.89
C ALA A 197 18.50 20.42 15.01
N MET A 198 18.97 19.18 15.00
CA MET A 198 18.07 18.04 15.12
C MET A 198 17.25 18.11 16.41
N GLN A 199 17.87 18.66 17.44
CA GLN A 199 17.21 18.80 18.72
C GLN A 199 15.98 19.70 18.60
N MET A 200 16.22 20.89 18.07
CA MET A 200 15.15 21.85 17.89
C MET A 200 14.07 21.31 16.95
N LEU A 201 14.54 20.71 15.86
CA LEU A 201 13.63 20.16 14.87
C LEU A 201 12.73 19.12 15.55
N LYS A 202 13.32 18.39 16.48
CA LYS A 202 12.57 17.37 17.20
C LYS A 202 11.53 18.04 18.10
N GLU A 203 11.91 19.18 18.65
CA GLU A 203 11.03 19.93 19.52
C GLU A 203 9.83 20.47 18.73
N THR A 204 10.15 21.05 17.59
CA THR A 204 9.12 21.62 16.73
C THR A 204 8.22 20.51 16.19
N ILE A 205 8.85 19.47 15.66
CA ILE A 205 8.11 18.35 15.11
C ILE A 205 7.22 17.74 16.20
N ASN A 206 7.85 17.41 17.31
CA ASN A 206 7.13 16.82 18.43
C ASN A 206 6.02 17.78 18.87
N GLU A 207 6.34 19.06 18.85
CA GLU A 207 5.38 20.08 19.23
C GLU A 207 4.22 20.12 18.24
N GLU A 208 4.52 19.77 17.01
CA GLU A 208 3.52 19.76 15.96
C GLU A 208 2.47 18.68 16.23
N ALA A 209 2.95 17.56 16.75
CA ALA A 209 2.09 16.44 17.06
C ALA A 209 1.20 16.81 18.27
N ALA A 210 1.85 17.29 19.30
CA ALA A 210 1.14 17.68 20.51
C ALA A 210 0.05 18.70 20.16
N GLU A 211 0.45 19.70 19.38
CA GLU A 211 -0.48 20.73 18.96
C GLU A 211 -1.53 20.15 18.01
N TRP A 212 -1.08 19.20 17.20
CA TRP A 212 -1.96 18.56 16.24
C TRP A 212 -3.10 17.90 17.02
N ASP A 213 -2.73 16.90 17.81
CA ASP A 213 -3.72 16.18 18.61
C ASP A 213 -4.47 17.17 19.49
N ARG A 214 -3.78 18.22 19.91
CA ARG A 214 -4.38 19.24 20.75
C ARG A 214 -5.56 19.89 20.03
N LEU A 215 -5.37 20.11 18.73
CA LEU A 215 -6.41 20.73 17.92
C LEU A 215 -7.25 19.63 17.27
N HIS A 216 -6.94 18.39 17.62
CA HIS A 216 -7.65 17.25 17.07
C HIS A 216 -8.47 16.58 18.18
N PRO A 217 -9.77 16.95 18.24
CA PRO A 217 -10.66 16.39 19.24
C PRO A 217 -11.05 14.95 18.90
N VAL A 218 -10.53 14.02 19.69
CA VAL A 218 -10.80 12.62 19.48
C VAL A 218 -12.01 12.21 20.33
N HIS A 219 -13.13 12.86 20.05
CA HIS A 219 -14.35 12.58 20.78
C HIS A 219 -15.54 13.26 20.09
N ALA A 220 -15.98 12.66 19.00
CA ALA A 220 -17.09 13.21 18.24
C ALA A 220 -17.41 12.27 17.07
N GLY A 221 -18.38 11.40 17.29
CA GLY A 221 -18.79 10.46 16.27
C GLY A 221 -18.01 9.14 16.39
N PRO A 222 -18.74 8.02 16.19
CA PRO A 222 -18.12 6.70 16.26
C PRO A 222 -17.27 6.42 15.03
N ILE A 223 -16.27 5.58 15.23
CA ILE A 223 -15.38 5.22 14.13
C ILE A 223 -16.19 4.57 13.01
N ALA A 224 -16.04 5.12 11.82
CA ALA A 224 -16.74 4.61 10.66
C ALA A 224 -16.40 3.12 10.47
N PRO A 225 -17.35 2.39 9.83
CA PRO A 225 -17.16 0.98 9.58
C PRO A 225 -16.16 0.75 8.44
N GLY A 226 -15.00 0.23 8.82
CA GLY A 226 -13.95 -0.04 7.85
C GLY A 226 -12.96 1.11 7.77
N GLN A 227 -13.44 2.29 8.16
CA GLN A 227 -12.60 3.48 8.15
C GLN A 227 -11.56 3.41 9.27
N MET A 228 -10.62 4.34 9.23
CA MET A 228 -9.57 4.40 10.22
C MET A 228 -9.76 5.60 11.16
N ARG A 229 -9.91 5.29 12.44
CA ARG A 229 -10.10 6.33 13.43
C ARG A 229 -9.06 7.43 13.26
N GLU A 230 -9.18 8.45 14.10
CA GLU A 230 -8.26 9.57 14.05
C GLU A 230 -7.26 9.49 15.20
N PRO A 231 -6.00 9.11 14.86
CA PRO A 231 -4.96 8.99 15.85
C PRO A 231 -4.45 10.37 16.29
N ARG A 232 -3.34 10.36 17.01
CA ARG A 232 -2.74 11.60 17.49
C ARG A 232 -1.45 11.90 16.72
N GLY A 233 -0.87 13.04 17.04
CA GLY A 233 0.37 13.46 16.40
C GLY A 233 1.48 12.44 16.63
N SER A 234 1.48 11.88 17.84
CA SER A 234 2.49 10.89 18.20
C SER A 234 2.39 9.69 17.26
N ASP A 235 1.19 9.45 16.78
CA ASP A 235 0.96 8.33 15.87
C ASP A 235 1.53 8.67 14.49
N ILE A 236 1.39 9.94 14.13
CA ILE A 236 1.90 10.41 12.84
C ILE A 236 3.41 10.17 12.77
N ALA A 237 4.04 10.21 13.93
CA ALA A 237 5.47 10.00 14.01
C ALA A 237 5.79 8.53 13.72
N GLY A 238 4.74 7.71 13.81
CA GLY A 238 4.89 6.29 13.55
C GLY A 238 5.37 5.55 14.82
N THR A 239 5.10 6.18 15.96
CA THR A 239 5.49 5.60 17.23
C THR A 239 4.37 4.71 17.78
N THR A 240 3.14 5.18 17.58
CA THR A 240 1.98 4.45 18.05
C THR A 240 1.28 3.74 16.89
N SER A 241 1.84 3.94 15.71
CA SER A 241 1.30 3.32 14.51
C SER A 241 2.42 2.74 13.66
N THR A 242 2.16 1.55 13.12
CA THR A 242 3.13 0.88 12.28
C THR A 242 3.21 1.54 10.91
N LEU A 243 4.15 1.06 10.11
CA LEU A 243 4.34 1.61 8.77
C LEU A 243 3.11 1.28 7.91
N GLN A 244 2.85 -0.01 7.78
CA GLN A 244 1.71 -0.47 6.99
C GLN A 244 0.45 0.29 7.41
N GLU A 245 0.47 0.78 8.63
CA GLU A 245 -0.66 1.52 9.16
C GLU A 245 -0.77 2.88 8.49
N GLN A 246 0.35 3.58 8.45
CA GLN A 246 0.39 4.90 7.84
C GLN A 246 0.23 4.78 6.32
N ILE A 247 0.91 3.78 5.77
CA ILE A 247 0.85 3.55 4.32
C ILE A 247 -0.61 3.50 3.88
N GLY A 248 -1.35 2.58 4.47
CA GLY A 248 -2.76 2.42 4.14
C GLY A 248 -3.54 3.70 4.45
N TRP A 249 -3.25 4.27 5.62
CA TRP A 249 -3.91 5.50 6.04
C TRP A 249 -3.70 6.55 4.95
N MET A 250 -2.54 6.45 4.29
CA MET A 250 -2.20 7.39 3.23
C MET A 250 -3.09 7.16 2.00
N THR A 251 -3.35 5.90 1.72
CA THR A 251 -4.19 5.55 0.59
C THR A 251 -5.58 5.11 1.05
N HIS A 252 -5.93 5.55 2.24
CA HIS A 252 -7.22 5.21 2.81
C HIS A 252 -8.28 6.20 2.31
N ASN A 253 -9.53 5.89 2.63
CA ASN A 253 -10.64 6.73 2.21
C ASN A 253 -11.41 7.20 3.45
N PRO A 254 -11.30 8.52 3.73
CA PRO A 254 -10.50 9.41 2.89
C PRO A 254 -9.01 9.19 3.15
N PRO A 255 -8.20 9.62 2.14
CA PRO A 255 -6.75 9.48 2.25
C PRO A 255 -6.17 10.52 3.21
N ILE A 256 -5.53 10.02 4.25
CA ILE A 256 -4.92 10.89 5.25
C ILE A 256 -3.45 11.09 4.92
N PRO A 257 -3.10 12.37 4.62
CA PRO A 257 -1.73 12.72 4.28
C PRO A 257 -0.84 12.73 5.53
N VAL A 258 -0.86 11.61 6.23
CA VAL A 258 -0.07 11.48 7.46
C VAL A 258 1.40 11.77 7.13
N GLY A 259 1.83 11.27 5.98
CA GLY A 259 3.21 11.47 5.55
C GLY A 259 3.52 12.95 5.37
N GLU A 260 2.54 13.66 4.81
CA GLU A 260 2.70 15.09 4.58
C GLU A 260 2.69 15.85 5.90
N ILE A 261 1.92 15.31 6.85
CA ILE A 261 1.82 15.92 8.16
C ILE A 261 3.17 15.88 8.86
N TYR A 262 3.79 14.70 8.80
CA TYR A 262 5.10 14.51 9.42
C TYR A 262 6.20 15.18 8.60
N LYS A 263 6.06 15.07 7.28
CA LYS A 263 7.03 15.66 6.37
C LYS A 263 7.07 17.17 6.59
N ARG A 264 5.88 17.76 6.66
CA ARG A 264 5.77 19.20 6.86
C ARG A 264 6.39 19.59 8.20
N TRP A 265 6.27 18.69 9.16
CA TRP A 265 6.79 18.94 10.49
C TRP A 265 8.32 19.11 10.37
N ILE A 266 8.92 18.17 9.64
CA ILE A 266 10.35 18.21 9.44
C ILE A 266 10.75 19.54 8.79
N ILE A 267 9.98 19.91 7.78
CA ILE A 267 10.23 21.15 7.07
C ILE A 267 10.14 22.33 8.05
N LEU A 268 9.22 22.20 9.00
CA LEU A 268 9.03 23.23 9.99
C LEU A 268 10.34 23.48 10.74
N GLY A 269 10.89 22.40 11.28
CA GLY A 269 12.14 22.48 12.01
C GLY A 269 13.28 22.95 11.10
N LEU A 270 13.51 22.18 10.05
CA LEU A 270 14.56 22.50 9.10
C LEU A 270 14.51 23.99 8.78
N ASN A 271 13.29 24.53 8.77
CA ASN A 271 13.08 25.93 8.48
C ASN A 271 13.75 26.78 9.56
N LYS A 272 13.52 26.39 10.80
CA LYS A 272 14.09 27.10 11.94
C LYS A 272 15.61 26.90 11.94
N ILE A 273 16.01 25.69 11.58
CA ILE A 273 17.42 25.35 11.55
C ILE A 273 18.13 26.23 10.51
N VAL A 274 17.47 26.39 9.37
CA VAL A 274 18.02 27.19 8.29
C VAL A 274 18.01 28.66 8.71
N ARG A 275 16.88 29.08 9.26
CA ARG A 275 16.72 30.45 9.70
C ARG A 275 17.79 30.80 10.74
N MET A 276 18.39 29.76 11.29
CA MET A 276 19.42 29.93 12.29
C MET A 276 20.81 29.95 11.66
N TYR A 277 20.98 29.11 10.66
CA TYR A 277 22.25 29.02 9.95
C TYR A 277 22.23 29.87 8.68
N SER A 278 21.29 30.79 8.64
CA SER A 278 21.15 31.68 7.49
C SER A 278 22.30 32.70 7.48
N PRO A 279 22.63 33.17 6.25
CA PRO A 279 23.70 34.14 6.08
C PRO A 279 23.23 35.53 6.54
N THR A 280 22.01 35.87 6.18
CA THR A 280 21.45 37.16 6.54
C THR A 280 20.06 36.98 7.13
N SER A 281 19.91 37.45 8.36
CA SER A 281 18.63 37.36 9.06
C SER A 281 18.05 38.75 9.28
N ILE A 282 16.78 38.78 9.66
CA ILE A 282 16.10 40.04 9.91
C ILE A 282 15.36 39.95 11.24
N LEU A 283 15.28 41.10 11.91
CA LEU A 283 14.60 41.17 13.20
C LEU A 283 13.13 41.48 12.98
N HIS A 284 12.33 41.15 13.98
CA HIS A 284 10.90 41.39 13.90
C HIS A 284 10.24 40.98 15.23
N HIS A 285 9.32 41.82 15.68
CA HIS A 285 8.62 41.56 16.92
C HIS A 285 7.57 42.65 17.16
N HIS A 286 6.76 42.45 18.19
CA HIS A 286 5.72 43.40 18.53
C HIS A 286 5.03 42.96 19.81
N HIS A 287 4.87 43.92 20.72
CA HIS A 287 4.22 43.64 21.99
C HIS A 287 4.12 44.94 22.81
N HIS A 288 3.09 44.99 23.64
CA HIS A 288 2.86 46.16 24.48
C HIS A 288 1.65 45.91 25.38
N HIS A 289 1.83 46.24 26.65
CA HIS A 289 0.77 46.06 27.63
C HIS A 289 1.22 46.63 28.98
N GLY A 2 -6.45 -86.91 44.49
CA GLY A 2 -5.03 -87.14 44.25
C GLY A 2 -4.71 -88.63 44.23
N ALA A 3 -3.60 -88.98 44.87
CA ALA A 3 -3.18 -90.36 44.93
C ALA A 3 -1.91 -90.46 45.79
N ARG A 4 -1.71 -91.64 46.35
CA ARG A 4 -0.56 -91.88 47.20
C ARG A 4 0.67 -91.18 46.62
N ALA A 5 1.60 -90.86 47.51
CA ALA A 5 2.83 -90.20 47.10
C ALA A 5 2.47 -88.93 46.32
N SER A 6 3.51 -88.19 45.95
CA SER A 6 3.33 -86.95 45.21
C SER A 6 2.70 -85.89 46.10
N VAL A 7 3.56 -85.09 46.71
CA VAL A 7 3.10 -84.04 47.60
C VAL A 7 4.14 -82.91 47.62
N LEU A 8 5.32 -83.24 48.14
CA LEU A 8 6.40 -82.28 48.23
C LEU A 8 7.42 -82.57 47.13
N SER A 9 8.15 -81.53 46.76
CA SER A 9 9.16 -81.65 45.72
C SER A 9 10.47 -82.17 46.34
N GLY A 10 11.46 -82.34 45.47
CA GLY A 10 12.77 -82.82 45.91
C GLY A 10 13.36 -81.91 46.99
N GLY A 11 13.52 -80.64 46.61
CA GLY A 11 14.07 -79.66 47.54
C GLY A 11 13.03 -79.21 48.56
N GLU A 12 11.81 -79.03 48.06
CA GLU A 12 10.72 -78.60 48.92
C GLU A 12 10.50 -79.60 50.05
N LEU A 13 10.61 -80.87 49.69
CA LEU A 13 10.43 -81.94 50.67
C LEU A 13 11.58 -81.89 51.68
N ASP A 14 12.78 -81.72 51.17
CA ASP A 14 13.97 -81.67 52.00
C ASP A 14 13.78 -80.57 53.05
N LYS A 15 13.15 -79.48 52.63
CA LYS A 15 12.91 -78.36 53.51
C LYS A 15 11.85 -78.75 54.56
N TRP A 16 10.81 -79.39 54.07
CA TRP A 16 9.72 -79.83 54.94
C TRP A 16 10.32 -80.72 56.03
N GLU A 17 11.05 -81.73 55.57
CA GLU A 17 11.69 -82.67 56.49
C GLU A 17 12.71 -81.94 57.36
N LYS A 18 13.06 -80.73 56.93
CA LYS A 18 14.04 -79.93 57.66
C LYS A 18 13.31 -79.12 58.73
N ILE A 19 12.05 -79.46 58.94
CA ILE A 19 11.23 -78.77 59.92
C ILE A 19 11.27 -79.56 61.24
N ARG A 20 11.26 -78.81 62.34
CA ARG A 20 11.28 -79.42 63.66
C ARG A 20 9.93 -79.26 64.35
N LEU A 21 9.68 -80.15 65.29
CA LEU A 21 8.43 -80.13 66.04
C LEU A 21 8.72 -80.37 67.52
N ARG A 22 7.81 -81.09 68.15
CA ARG A 22 7.94 -81.39 69.57
C ARG A 22 6.63 -81.96 70.12
N PRO A 23 5.54 -81.18 69.90
CA PRO A 23 4.22 -81.59 70.37
C PRO A 23 3.65 -82.71 69.49
N GLY A 24 3.23 -83.78 70.15
CA GLY A 24 2.65 -84.91 69.44
C GLY A 24 3.71 -86.00 69.22
N GLY A 25 4.92 -85.71 69.67
CA GLY A 25 6.02 -86.65 69.53
C GLY A 25 6.46 -86.75 68.07
N LYS A 26 7.59 -86.14 67.77
CA LYS A 26 8.12 -86.16 66.42
C LYS A 26 9.47 -85.43 66.39
N LYS A 27 9.40 -84.12 66.55
CA LYS A 27 10.61 -83.30 66.55
C LYS A 27 11.04 -83.04 65.11
N GLN A 28 10.29 -83.62 64.19
CA GLN A 28 10.58 -83.46 62.77
C GLN A 28 9.39 -83.90 61.92
N TYR A 29 9.18 -83.18 60.84
CA TYR A 29 8.07 -83.49 59.94
C TYR A 29 8.50 -84.52 58.89
N LYS A 30 7.52 -85.29 58.44
CA LYS A 30 7.79 -86.31 57.44
C LYS A 30 6.59 -86.40 56.48
N LEU A 31 6.77 -87.18 55.42
CA LEU A 31 5.73 -87.36 54.44
C LEU A 31 4.50 -87.97 55.10
N LYS A 32 4.75 -88.72 56.16
CA LYS A 32 3.68 -89.37 56.89
C LYS A 32 2.74 -88.31 57.46
N HIS A 33 3.35 -87.29 58.06
CA HIS A 33 2.59 -86.21 58.66
C HIS A 33 1.81 -85.47 57.57
N ILE A 34 2.43 -85.37 56.40
CA ILE A 34 1.82 -84.70 55.27
C ILE A 34 0.56 -85.46 54.86
N VAL A 35 0.73 -86.76 54.67
CA VAL A 35 -0.38 -87.60 54.28
C VAL A 35 -1.58 -87.34 55.19
N TRP A 36 -1.28 -87.22 56.49
CA TRP A 36 -2.32 -86.98 57.47
C TRP A 36 -2.94 -85.61 57.17
N ALA A 37 -2.08 -84.67 56.80
CA ALA A 37 -2.53 -83.33 56.48
C ALA A 37 -3.51 -83.39 55.32
N SER A 38 -3.07 -84.04 54.25
CA SER A 38 -3.90 -84.18 53.06
C SER A 38 -5.18 -84.94 53.41
N ARG A 39 -5.04 -85.89 54.32
CA ARG A 39 -6.17 -86.71 54.73
C ARG A 39 -7.25 -85.82 55.37
N GLU A 40 -6.80 -84.86 56.16
CA GLU A 40 -7.71 -83.95 56.82
C GLU A 40 -8.45 -83.10 55.78
N LEU A 41 -7.73 -82.75 54.74
CA LEU A 41 -8.30 -81.93 53.68
C LEU A 41 -9.50 -82.67 53.06
N GLU A 42 -9.29 -83.94 52.77
CA GLU A 42 -10.33 -84.76 52.20
C GLU A 42 -11.57 -84.76 53.10
N ARG A 43 -11.31 -84.82 54.40
CA ARG A 43 -12.38 -84.82 55.38
C ARG A 43 -13.26 -83.57 55.22
N PHE A 44 -12.59 -82.46 54.94
CA PHE A 44 -13.29 -81.20 54.77
C PHE A 44 -13.99 -81.14 53.40
N ALA A 45 -13.77 -82.19 52.62
CA ALA A 45 -14.37 -82.27 51.30
C ALA A 45 -13.67 -81.26 50.38
N VAL A 46 -12.35 -81.27 50.43
CA VAL A 46 -11.56 -80.37 49.61
C VAL A 46 -10.56 -81.18 48.78
N ASN A 47 -10.24 -80.65 47.61
CA ASN A 47 -9.31 -81.31 46.72
C ASN A 47 -7.93 -81.36 47.38
N PRO A 48 -7.30 -82.57 47.30
CA PRO A 48 -5.99 -82.76 47.89
C PRO A 48 -4.90 -82.10 47.04
N GLY A 49 -5.25 -81.83 45.78
CA GLY A 49 -4.32 -81.20 44.86
C GLY A 49 -3.98 -79.77 45.31
N LEU A 50 -4.76 -79.29 46.27
CA LEU A 50 -4.55 -77.96 46.80
C LEU A 50 -3.29 -77.95 47.67
N LEU A 51 -3.05 -79.06 48.32
CA LEU A 51 -1.89 -79.20 49.19
C LEU A 51 -0.65 -79.44 48.33
N GLU A 52 -0.89 -79.80 47.09
CA GLU A 52 0.20 -80.06 46.15
C GLU A 52 0.80 -78.75 45.67
N THR A 53 0.01 -77.68 45.77
CA THR A 53 0.46 -76.37 45.34
C THR A 53 0.28 -75.36 46.48
N SER A 54 1.12 -74.33 46.45
CA SER A 54 1.07 -73.30 47.47
C SER A 54 -0.23 -72.51 47.34
N GLU A 55 -0.72 -72.41 46.11
CA GLU A 55 -1.94 -71.69 45.85
C GLU A 55 -3.11 -72.33 46.60
N GLY A 56 -3.23 -73.65 46.45
CA GLY A 56 -4.29 -74.38 47.10
C GLY A 56 -4.15 -74.32 48.62
N CYS A 57 -2.90 -74.31 49.07
CA CYS A 57 -2.62 -74.25 50.50
C CYS A 57 -3.14 -72.91 51.03
N ARG A 58 -2.92 -71.86 50.24
CA ARG A 58 -3.36 -70.54 50.62
C ARG A 58 -4.88 -70.52 50.81
N GLN A 59 -5.57 -71.26 49.95
CA GLN A 59 -7.02 -71.34 50.01
C GLN A 59 -7.45 -72.02 51.30
N ILE A 60 -6.69 -73.02 51.69
CA ILE A 60 -6.99 -73.76 52.91
C ILE A 60 -6.61 -72.93 54.13
N LEU A 61 -5.31 -72.86 54.38
CA LEU A 61 -4.80 -72.09 55.51
C LEU A 61 -5.56 -70.77 55.60
N GLY A 62 -5.92 -70.24 54.44
CA GLY A 62 -6.65 -68.99 54.37
C GLY A 62 -8.02 -69.11 55.07
N GLN A 63 -8.74 -70.16 54.69
CA GLN A 63 -10.05 -70.41 55.26
C GLN A 63 -9.95 -71.42 56.39
N LEU A 64 -8.76 -71.52 56.96
CA LEU A 64 -8.52 -72.45 58.06
C LEU A 64 -8.29 -71.66 59.35
N GLN A 65 -7.83 -70.43 59.18
CA GLN A 65 -7.56 -69.57 60.32
C GLN A 65 -8.79 -69.47 61.21
N PRO A 66 -9.97 -69.28 60.55
CA PRO A 66 -11.23 -69.18 61.28
C PRO A 66 -11.68 -70.54 61.78
N SER A 67 -11.51 -71.55 60.93
CA SER A 67 -11.90 -72.90 61.27
C SER A 67 -10.99 -73.44 62.39
N LEU A 68 -9.92 -72.71 62.63
CA LEU A 68 -8.96 -73.11 63.66
C LEU A 68 -9.60 -72.90 65.04
N GLN A 69 -10.26 -71.76 65.19
CA GLN A 69 -10.91 -71.43 66.44
C GLN A 69 -12.17 -72.27 66.62
N THR A 70 -12.51 -73.00 65.57
CA THR A 70 -13.69 -73.85 65.60
C THR A 70 -13.31 -75.32 65.35
N GLY A 71 -12.03 -75.51 65.06
CA GLY A 71 -11.53 -76.85 64.79
C GLY A 71 -11.25 -77.60 66.10
N SER A 72 -9.99 -77.59 66.50
CA SER A 72 -9.59 -78.27 67.72
C SER A 72 -8.07 -78.42 67.76
N GLU A 73 -7.60 -79.09 68.81
CA GLU A 73 -6.17 -79.31 68.98
C GLU A 73 -5.61 -80.07 67.78
N GLU A 74 -6.37 -81.07 67.34
CA GLU A 74 -5.96 -81.88 66.21
C GLU A 74 -6.05 -81.07 64.91
N LEU A 75 -7.17 -80.38 64.76
CA LEU A 75 -7.39 -79.56 63.58
C LEU A 75 -6.28 -78.50 63.48
N ARG A 76 -5.86 -78.03 64.65
CA ARG A 76 -4.82 -77.02 64.71
C ARG A 76 -3.52 -77.54 64.07
N SER A 77 -3.15 -78.74 64.48
CA SER A 77 -1.95 -79.37 63.97
C SER A 77 -2.00 -79.43 62.44
N LEU A 78 -3.20 -79.67 61.93
CA LEU A 78 -3.40 -79.75 60.50
C LEU A 78 -3.01 -78.43 59.85
N TYR A 79 -3.49 -77.35 60.44
CA TYR A 79 -3.19 -76.02 59.94
C TYR A 79 -1.71 -75.69 60.08
N ASN A 80 -1.14 -76.16 61.18
CA ASN A 80 0.27 -75.92 61.45
C ASN A 80 1.11 -76.61 60.37
N THR A 81 0.58 -77.72 59.88
CA THR A 81 1.26 -78.48 58.84
C THR A 81 1.25 -77.72 57.51
N ILE A 82 0.06 -77.24 57.16
CA ILE A 82 -0.10 -76.50 55.93
C ILE A 82 0.70 -75.21 56.00
N ALA A 83 0.66 -74.59 57.18
CA ALA A 83 1.38 -73.35 57.40
C ALA A 83 2.84 -73.53 56.99
N VAL A 84 3.47 -74.52 57.62
CA VAL A 84 4.87 -74.81 57.34
C VAL A 84 5.03 -75.13 55.85
N LEU A 85 4.08 -75.90 55.34
CA LEU A 85 4.11 -76.28 53.93
C LEU A 85 4.13 -75.01 53.07
N TYR A 86 3.42 -74.00 53.54
CA TYR A 86 3.35 -72.74 52.82
C TYR A 86 4.74 -72.12 52.66
N CYS A 87 5.44 -72.04 53.78
CA CYS A 87 6.78 -71.47 53.78
C CYS A 87 7.68 -72.36 52.91
N VAL A 88 7.43 -73.65 52.99
CA VAL A 88 8.20 -74.61 52.22
C VAL A 88 7.97 -74.36 50.73
N HIS A 89 6.74 -74.02 50.40
CA HIS A 89 6.37 -73.76 49.01
C HIS A 89 7.24 -72.62 48.47
N GLN A 90 7.46 -71.63 49.32
CA GLN A 90 8.27 -70.48 48.94
C GLN A 90 9.73 -70.71 49.31
N ARG A 91 9.96 -71.81 50.03
CA ARG A 91 11.30 -72.14 50.46
C ARG A 91 11.84 -71.10 51.44
N ILE A 92 10.95 -70.66 52.33
CA ILE A 92 11.32 -69.66 53.32
C ILE A 92 12.16 -70.32 54.41
N ASP A 93 13.17 -69.59 54.86
CA ASP A 93 14.05 -70.09 55.91
C ASP A 93 13.24 -70.33 57.18
N VAL A 94 12.74 -71.54 57.32
CA VAL A 94 11.96 -71.90 58.49
C VAL A 94 12.74 -72.89 59.34
N LYS A 95 12.18 -73.19 60.50
CA LYS A 95 12.82 -74.12 61.43
C LYS A 95 11.78 -75.06 62.01
N ASP A 96 11.01 -74.53 62.96
CA ASP A 96 9.97 -75.32 63.61
C ASP A 96 8.61 -74.86 63.09
N THR A 97 7.59 -75.62 63.46
CA THR A 97 6.23 -75.31 63.04
C THR A 97 5.82 -73.93 63.56
N LYS A 98 6.15 -73.68 64.82
CA LYS A 98 5.83 -72.41 65.45
C LYS A 98 6.53 -71.27 64.70
N GLU A 99 7.69 -71.60 64.15
CA GLU A 99 8.46 -70.62 63.40
C GLU A 99 7.75 -70.26 62.11
N ALA A 100 7.03 -71.24 61.57
CA ALA A 100 6.30 -71.04 60.33
C ALA A 100 5.10 -70.11 60.60
N LEU A 101 4.46 -70.34 61.74
CA LEU A 101 3.31 -69.55 62.12
C LEU A 101 3.71 -68.07 62.16
N ASP A 102 4.83 -67.81 62.80
CA ASP A 102 5.33 -66.45 62.92
C ASP A 102 5.88 -65.99 61.57
N LYS A 103 6.55 -66.91 60.91
CA LYS A 103 7.13 -66.61 59.61
C LYS A 103 6.01 -66.34 58.61
N ILE A 104 5.19 -67.35 58.39
CA ILE A 104 4.08 -67.22 57.46
C ILE A 104 3.20 -66.04 57.88
N GLU A 105 3.22 -65.75 59.17
CA GLU A 105 2.44 -64.65 59.71
C GLU A 105 3.00 -63.31 59.23
N GLU A 106 4.30 -63.14 59.46
CA GLU A 106 4.96 -61.92 59.05
C GLU A 106 4.77 -61.67 57.55
N GLU A 107 5.09 -62.70 56.77
CA GLU A 107 4.96 -62.62 55.33
C GLU A 107 3.54 -62.16 54.95
N GLN A 108 2.57 -62.86 55.50
CA GLN A 108 1.18 -62.55 55.23
C GLN A 108 0.89 -61.08 55.56
N ASN A 109 1.25 -60.71 56.78
CA ASN A 109 1.04 -59.34 57.23
C ASN A 109 1.65 -58.37 56.23
N LYS A 110 2.86 -58.71 55.79
CA LYS A 110 3.57 -57.89 54.83
C LYS A 110 2.73 -57.76 53.55
N SER A 111 2.38 -58.91 52.99
CA SER A 111 1.57 -58.94 51.78
C SER A 111 0.35 -58.03 51.95
N LYS A 112 -0.36 -58.25 53.05
CA LYS A 112 -1.55 -57.47 53.34
C LYS A 112 -1.21 -55.97 53.23
N LYS A 113 -0.19 -55.57 53.98
CA LYS A 113 0.24 -54.19 53.99
C LYS A 113 0.45 -53.72 52.55
N LYS A 114 1.25 -54.48 51.83
CA LYS A 114 1.54 -54.15 50.44
C LYS A 114 0.23 -53.89 49.70
N ALA A 115 -0.69 -54.83 49.84
CA ALA A 115 -1.99 -54.72 49.19
C ALA A 115 -2.61 -53.38 49.56
N GLN A 116 -2.72 -53.14 50.86
CA GLN A 116 -3.30 -51.90 51.35
C GLN A 116 -2.66 -50.70 50.66
N GLN A 117 -1.33 -50.69 50.66
CA GLN A 117 -0.59 -49.62 50.04
C GLN A 117 -1.02 -49.44 48.58
N ALA A 118 -0.95 -50.53 47.84
CA ALA A 118 -1.34 -50.50 46.43
C ALA A 118 -2.75 -49.92 46.31
N ALA A 119 -3.61 -50.34 47.22
CA ALA A 119 -4.99 -49.87 47.23
C ALA A 119 -5.00 -48.36 47.36
N ALA A 120 -4.17 -47.87 48.27
CA ALA A 120 -4.08 -46.43 48.51
C ALA A 120 -3.10 -45.81 47.51
N ASP A 121 -2.68 -46.64 46.56
CA ASP A 121 -1.74 -46.19 45.55
C ASP A 121 -2.50 -45.87 44.26
N THR A 122 -3.24 -46.86 43.79
CA THR A 122 -4.02 -46.70 42.57
C THR A 122 -4.63 -45.30 42.50
N GLY A 123 -4.29 -44.59 41.45
CA GLY A 123 -4.78 -43.24 41.25
C GLY A 123 -5.52 -43.11 39.92
N ASN A 124 -4.77 -43.34 38.84
CA ASN A 124 -5.34 -43.26 37.51
C ASN A 124 -5.78 -41.82 37.24
N ASN A 125 -5.37 -41.31 36.10
CA ASN A 125 -5.73 -39.95 35.70
C ASN A 125 -5.24 -39.68 34.28
N SER A 126 -5.70 -38.58 33.73
CA SER A 126 -5.32 -38.20 32.37
C SER A 126 -5.57 -36.71 32.16
N GLN A 127 -4.95 -36.19 31.10
CA GLN A 127 -5.10 -34.77 30.78
C GLN A 127 -4.39 -34.46 29.46
N VAL A 128 -4.74 -33.32 28.89
CA VAL A 128 -4.14 -32.89 27.63
C VAL A 128 -4.39 -31.40 27.45
N SER A 129 -3.58 -30.80 26.58
CA SER A 129 -3.69 -29.38 26.30
C SER A 129 -2.65 -28.96 25.27
N GLN A 130 -3.05 -28.04 24.40
CA GLN A 130 -2.15 -27.55 23.36
C GLN A 130 -2.87 -26.51 22.50
N ASN A 131 -2.08 -25.80 21.71
CA ASN A 131 -2.62 -24.77 20.83
C ASN A 131 -1.50 -24.23 19.94
N TYR A 132 -1.86 -23.92 18.71
CA TYR A 132 -0.90 -23.39 17.76
C TYR A 132 -1.56 -22.36 16.84
N PRO A 133 -1.44 -21.07 17.25
CA PRO A 133 -2.03 -19.98 16.46
C PRO A 133 -1.19 -19.69 15.23
N ILE A 134 -1.79 -18.98 14.29
CA ILE A 134 -1.12 -18.62 13.05
C ILE A 134 -1.95 -17.60 12.30
N VAL A 135 -1.30 -16.50 11.92
CA VAL A 135 -1.96 -15.44 11.19
C VAL A 135 -1.22 -15.18 9.89
N GLN A 136 -1.95 -14.62 8.93
CA GLN A 136 -1.37 -14.31 7.63
C GLN A 136 -2.20 -13.24 6.92
N ASN A 137 -1.73 -12.00 7.04
CA ASN A 137 -2.41 -10.89 6.42
C ASN A 137 -1.98 -10.78 4.95
N LEU A 138 -2.97 -10.66 4.09
CA LEU A 138 -2.71 -10.54 2.66
C LEU A 138 -3.55 -9.40 2.08
N GLN A 139 -3.24 -8.20 2.55
CA GLN A 139 -3.95 -7.02 2.09
C GLN A 139 -3.64 -6.75 0.61
N GLY A 140 -4.53 -6.00 -0.02
CA GLY A 140 -4.36 -5.67 -1.42
C GLY A 140 -4.89 -4.27 -1.72
N GLN A 141 -4.28 -3.29 -1.07
CA GLN A 141 -4.68 -1.90 -1.27
C GLN A 141 -3.45 -1.04 -1.61
N MET A 142 -3.74 0.14 -2.14
CA MET A 142 -2.68 1.07 -2.52
C MET A 142 -1.65 1.20 -1.40
N VAL A 143 -0.54 0.51 -1.57
CA VAL A 143 0.53 0.55 -0.59
C VAL A 143 1.63 1.49 -1.08
N HIS A 144 2.27 2.15 -0.12
CA HIS A 144 3.34 3.08 -0.44
C HIS A 144 4.67 2.33 -0.50
N GLN A 145 5.50 2.75 -1.44
CA GLN A 145 6.80 2.12 -1.62
C GLN A 145 7.82 2.70 -0.62
N ALA A 146 8.74 1.86 -0.21
CA ALA A 146 9.76 2.29 0.74
C ALA A 146 10.79 3.16 0.02
N ILE A 147 11.72 3.69 0.80
CA ILE A 147 12.77 4.55 0.25
C ILE A 147 13.98 3.69 -0.09
N SER A 148 14.63 4.06 -1.19
CA SER A 148 15.81 3.35 -1.65
C SER A 148 17.05 3.90 -0.95
N PRO A 149 18.13 3.08 -0.95
CA PRO A 149 19.39 3.47 -0.32
C PRO A 149 20.12 4.48 -1.19
N ARG A 150 19.81 4.47 -2.47
CA ARG A 150 20.43 5.38 -3.41
C ARG A 150 20.04 6.83 -3.09
N THR A 151 18.79 6.99 -2.69
CA THR A 151 18.27 8.31 -2.35
C THR A 151 18.94 8.82 -1.07
N LEU A 152 19.24 7.88 -0.18
CA LEU A 152 19.88 8.23 1.08
C LEU A 152 21.25 8.85 0.82
N ASN A 153 21.96 8.23 -0.12
CA ASN A 153 23.29 8.70 -0.48
C ASN A 153 23.17 10.06 -1.18
N ALA A 154 22.22 10.13 -2.09
CA ALA A 154 21.98 11.37 -2.83
C ALA A 154 21.71 12.51 -1.85
N TRP A 155 20.80 12.23 -0.92
CA TRP A 155 20.43 13.22 0.08
C TRP A 155 21.68 13.54 0.91
N VAL A 156 22.36 12.49 1.34
CA VAL A 156 23.57 12.64 2.13
C VAL A 156 24.46 13.70 1.50
N LYS A 157 24.57 13.63 0.18
CA LYS A 157 25.38 14.58 -0.55
C LYS A 157 24.75 15.97 -0.45
N VAL A 158 23.44 15.99 -0.47
CA VAL A 158 22.71 17.25 -0.38
C VAL A 158 22.99 17.91 0.97
N VAL A 159 22.95 17.09 2.01
CA VAL A 159 23.21 17.57 3.36
C VAL A 159 24.61 18.19 3.42
N GLU A 160 25.56 17.47 2.86
CA GLU A 160 26.94 17.94 2.84
C GLU A 160 27.05 19.22 2.01
N GLU A 161 26.18 19.32 1.02
CA GLU A 161 26.18 20.48 0.14
C GLU A 161 25.73 21.72 0.92
N LYS A 162 24.54 21.62 1.51
CA LYS A 162 23.99 22.72 2.28
C LYS A 162 22.84 22.20 3.15
N ALA A 163 23.20 21.35 4.10
CA ALA A 163 22.20 20.77 5.00
C ALA A 163 21.17 21.84 5.35
N PHE A 164 21.68 23.00 5.75
CA PHE A 164 20.81 24.10 6.11
C PHE A 164 20.88 25.23 5.08
N SER A 165 19.72 25.55 4.52
CA SER A 165 19.64 26.60 3.52
C SER A 165 18.23 26.64 2.92
N PRO A 166 17.97 27.73 2.14
CA PRO A 166 16.66 27.90 1.51
C PRO A 166 16.52 26.96 0.31
N GLU A 167 17.66 26.49 -0.18
CA GLU A 167 17.67 25.59 -1.32
C GLU A 167 17.73 24.14 -0.86
N VAL A 168 17.72 23.98 0.46
CA VAL A 168 17.78 22.65 1.05
C VAL A 168 16.38 22.26 1.55
N ILE A 169 15.66 23.27 2.01
CA ILE A 169 14.31 23.04 2.52
C ILE A 169 13.45 22.39 1.43
N PRO A 170 13.60 22.94 0.19
CA PRO A 170 12.85 22.42 -0.94
C PRO A 170 13.43 21.09 -1.42
N MET A 171 14.75 21.00 -1.35
CA MET A 171 15.45 19.80 -1.77
C MET A 171 15.03 18.60 -0.92
N PHE A 172 14.90 18.84 0.38
CA PHE A 172 14.51 17.79 1.30
C PHE A 172 13.05 17.37 1.07
N SER A 173 12.20 18.38 0.91
CA SER A 173 10.79 18.13 0.68
C SER A 173 10.61 17.27 -0.57
N ALA A 174 11.44 17.54 -1.56
CA ALA A 174 11.37 16.81 -2.82
C ALA A 174 11.69 15.34 -2.56
N LEU A 175 12.73 15.11 -1.78
CA LEU A 175 13.14 13.77 -1.45
C LEU A 175 12.16 13.17 -0.43
N SER A 176 11.35 14.05 0.14
CA SER A 176 10.37 13.63 1.13
C SER A 176 8.97 13.63 0.50
N GLU A 177 8.94 13.71 -0.83
CA GLU A 177 7.68 13.72 -1.55
C GLU A 177 6.77 12.61 -1.04
N GLY A 178 5.72 13.02 -0.33
CA GLY A 178 4.77 12.08 0.22
C GLY A 178 5.47 10.83 0.75
N ALA A 179 6.27 11.04 1.79
CA ALA A 179 7.01 9.94 2.40
C ALA A 179 6.32 9.53 3.70
N THR A 180 6.92 8.56 4.38
CA THR A 180 6.37 8.08 5.63
C THR A 180 7.33 8.38 6.78
N PRO A 181 6.97 7.86 7.99
CA PRO A 181 7.80 8.06 9.16
C PRO A 181 9.04 7.19 9.13
N GLN A 182 8.86 5.95 8.69
CA GLN A 182 9.96 5.02 8.60
C GLN A 182 10.91 5.42 7.48
N ASP A 183 10.33 5.99 6.42
CA ASP A 183 11.12 6.42 5.28
C ASP A 183 11.80 7.75 5.62
N LEU A 184 11.03 8.64 6.22
CA LEU A 184 11.56 9.95 6.59
C LEU A 184 12.66 9.75 7.65
N ASN A 185 12.41 8.84 8.57
CA ASN A 185 13.36 8.55 9.63
C ASN A 185 14.67 8.07 9.01
N THR A 186 14.54 7.33 7.93
CA THR A 186 15.70 6.79 7.24
C THR A 186 16.59 7.93 6.74
N MET A 187 15.95 8.91 6.12
CA MET A 187 16.67 10.06 5.59
C MET A 187 17.19 10.94 6.72
N LEU A 188 16.36 11.12 7.74
CA LEU A 188 16.73 11.93 8.88
C LEU A 188 17.79 11.20 9.71
N ASN A 189 17.96 9.91 9.39
CA ASN A 189 18.93 9.09 10.09
C ASN A 189 20.30 9.28 9.45
N THR A 190 20.32 9.17 8.13
CA THR A 190 21.55 9.32 7.37
C THR A 190 21.88 10.80 7.17
N VAL A 191 20.98 11.64 7.67
CA VAL A 191 21.16 13.07 7.55
C VAL A 191 22.47 13.49 8.21
N GLY A 192 22.70 14.79 8.25
CA GLY A 192 23.91 15.34 8.85
C GLY A 192 23.73 16.81 9.22
N GLY A 193 22.67 17.06 9.97
CA GLY A 193 22.38 18.43 10.39
C GLY A 193 22.66 18.60 11.89
N HIS A 194 23.60 17.80 12.38
CA HIS A 194 23.96 17.87 13.78
C HIS A 194 22.86 17.23 14.63
N GLN A 195 23.28 16.67 15.76
CA GLN A 195 22.35 16.02 16.66
C GLN A 195 21.48 17.07 17.37
N ALA A 196 22.10 18.18 17.69
CA ALA A 196 21.40 19.26 18.36
C ALA A 196 20.22 19.71 17.49
N ALA A 197 20.52 19.94 16.23
CA ALA A 197 19.49 20.37 15.29
C ALA A 197 18.39 19.32 15.22
N MET A 198 18.81 18.07 15.06
CA MET A 198 17.87 16.97 14.99
C MET A 198 17.00 16.91 16.24
N GLN A 199 17.63 17.18 17.37
CA GLN A 199 16.93 17.17 18.64
C GLN A 199 15.84 18.24 18.68
N MET A 200 16.26 19.47 18.41
CA MET A 200 15.34 20.60 18.40
C MET A 200 14.22 20.38 17.38
N LEU A 201 14.55 19.64 16.34
CA LEU A 201 13.59 19.35 15.29
C LEU A 201 12.48 18.45 15.86
N LYS A 202 12.88 17.58 16.77
CA LYS A 202 11.94 16.67 17.40
C LYS A 202 10.98 17.46 18.30
N GLU A 203 11.51 18.54 18.85
CA GLU A 203 10.71 19.39 19.73
C GLU A 203 9.61 20.08 18.94
N THR A 204 9.99 20.63 17.79
CA THR A 204 9.04 21.32 16.94
C THR A 204 8.11 20.32 16.25
N ILE A 205 8.71 19.28 15.68
CA ILE A 205 7.95 18.26 15.00
C ILE A 205 6.97 17.63 15.98
N ASN A 206 7.52 17.14 17.09
CA ASN A 206 6.70 16.50 18.11
C ASN A 206 5.64 17.49 18.60
N GLU A 207 6.05 18.75 18.73
CA GLU A 207 5.15 19.79 19.18
C GLU A 207 4.04 20.01 18.14
N GLU A 208 4.39 19.76 16.90
CA GLU A 208 3.44 19.93 15.80
C GLU A 208 2.32 18.90 15.90
N ALA A 209 2.68 17.75 16.47
CA ALA A 209 1.71 16.67 16.63
C ALA A 209 0.73 17.04 17.74
N ALA A 210 1.28 17.44 18.87
CA ALA A 210 0.48 17.81 20.03
C ALA A 210 -0.40 19.01 19.64
N GLU A 211 0.24 20.00 19.05
CA GLU A 211 -0.47 21.21 18.64
C GLU A 211 -1.48 20.88 17.54
N TRP A 212 -1.06 20.02 16.63
CA TRP A 212 -1.91 19.61 15.52
C TRP A 212 -3.19 19.01 16.12
N ASP A 213 -3.01 17.95 16.89
CA ASP A 213 -4.13 17.28 17.52
C ASP A 213 -4.92 18.29 18.36
N ARG A 214 -4.19 19.25 18.92
CA ARG A 214 -4.81 20.26 19.74
C ARG A 214 -5.85 21.04 18.94
N LEU A 215 -5.55 21.23 17.65
CA LEU A 215 -6.46 21.94 16.77
C LEU A 215 -7.14 20.94 15.83
N HIS A 216 -6.76 19.68 15.98
CA HIS A 216 -7.33 18.63 15.16
C HIS A 216 -8.20 17.72 16.01
N PRO A 217 -9.54 17.95 15.91
CA PRO A 217 -10.50 17.16 16.68
C PRO A 217 -10.65 15.76 16.07
N VAL A 218 -10.37 14.76 16.90
CA VAL A 218 -10.48 13.38 16.46
C VAL A 218 -11.71 13.22 15.58
N HIS A 219 -11.51 12.60 14.43
CA HIS A 219 -12.61 12.38 13.51
C HIS A 219 -12.67 10.89 13.13
N ALA A 220 -13.60 10.58 12.23
CA ALA A 220 -13.77 9.21 11.79
C ALA A 220 -14.66 8.46 12.78
N GLY A 221 -14.89 7.19 12.48
CA GLY A 221 -15.72 6.36 13.33
C GLY A 221 -14.93 5.83 14.53
N PRO A 222 -15.22 4.56 14.90
CA PRO A 222 -14.54 3.94 16.03
C PRO A 222 -13.11 3.52 15.64
N ILE A 223 -12.46 2.85 16.57
CA ILE A 223 -11.10 2.39 16.35
C ILE A 223 -10.98 0.93 16.77
N ALA A 224 -10.57 0.10 15.81
CA ALA A 224 -10.41 -1.32 16.07
C ALA A 224 -9.57 -1.51 17.33
N PRO A 225 -9.85 -2.63 18.05
CA PRO A 225 -9.13 -2.94 19.27
C PRO A 225 -7.73 -3.46 18.96
N GLY A 226 -6.77 -2.54 18.99
CA GLY A 226 -5.38 -2.89 18.71
C GLY A 226 -4.91 -2.23 17.41
N GLN A 227 -5.84 -1.57 16.74
CA GLN A 227 -5.53 -0.90 15.49
C GLN A 227 -5.13 0.55 15.76
N MET A 228 -5.22 1.36 14.70
CA MET A 228 -4.88 2.76 14.80
C MET A 228 -5.62 3.43 15.97
N ARG A 229 -5.48 4.74 16.04
CA ARG A 229 -6.13 5.50 17.10
C ARG A 229 -6.38 6.93 16.63
N GLU A 230 -7.04 7.05 15.49
CA GLU A 230 -7.35 8.35 14.94
C GLU A 230 -6.08 9.01 14.38
N PRO A 231 -6.29 9.89 13.36
CA PRO A 231 -5.18 10.59 12.73
C PRO A 231 -4.66 11.70 13.64
N ARG A 232 -3.99 11.29 14.72
CA ARG A 232 -3.43 12.24 15.67
C ARG A 232 -2.01 12.63 15.25
N GLY A 233 -1.45 13.55 16.02
CA GLY A 233 -0.09 14.02 15.75
C GLY A 233 0.95 12.99 16.22
N SER A 234 0.66 12.39 17.37
CA SER A 234 1.56 11.40 17.94
C SER A 234 1.56 10.15 17.06
N ASP A 235 0.37 9.69 16.70
CA ASP A 235 0.23 8.51 15.88
C ASP A 235 0.94 8.74 14.54
N ILE A 236 0.75 9.94 14.00
CA ILE A 236 1.38 10.29 12.74
C ILE A 236 2.90 10.21 12.87
N ALA A 237 3.35 10.42 14.10
CA ALA A 237 4.78 10.36 14.37
C ALA A 237 5.27 8.91 14.28
N GLY A 238 4.31 7.99 14.44
CA GLY A 238 4.63 6.58 14.36
C GLY A 238 4.88 6.01 15.76
N THR A 239 4.37 6.73 16.76
CA THR A 239 4.54 6.30 18.14
C THR A 239 3.37 5.41 18.56
N THR A 240 2.19 5.77 18.08
CA THR A 240 0.98 5.01 18.40
C THR A 240 0.61 4.10 17.23
N SER A 241 1.39 4.19 16.18
CA SER A 241 1.15 3.38 14.99
C SER A 241 2.48 2.97 14.34
N THR A 242 2.45 1.85 13.66
CA THR A 242 3.64 1.35 12.99
C THR A 242 3.71 1.86 11.55
N LEU A 243 4.79 1.53 10.88
CA LEU A 243 4.98 1.94 9.51
C LEU A 243 3.83 1.41 8.64
N GLN A 244 3.70 0.10 8.65
CA GLN A 244 2.64 -0.54 7.89
C GLN A 244 1.30 0.12 8.16
N GLU A 245 1.00 0.26 9.46
CA GLU A 245 -0.24 0.87 9.87
C GLU A 245 -0.32 2.32 9.37
N GLN A 246 0.84 2.94 9.27
CA GLN A 246 0.93 4.31 8.81
C GLN A 246 0.58 4.39 7.32
N ILE A 247 1.49 3.86 6.50
CA ILE A 247 1.30 3.87 5.06
C ILE A 247 -0.16 3.54 4.75
N GLY A 248 -0.71 2.63 5.53
CA GLY A 248 -2.10 2.22 5.35
C GLY A 248 -3.04 3.40 5.54
N TRP A 249 -2.87 4.08 6.65
CA TRP A 249 -3.70 5.24 6.96
C TRP A 249 -3.48 6.29 5.88
N MET A 250 -2.24 6.38 5.43
CA MET A 250 -1.89 7.34 4.39
C MET A 250 -2.66 7.06 3.11
N THR A 251 -3.09 5.82 2.97
CA THR A 251 -3.83 5.40 1.80
C THR A 251 -5.23 4.93 2.19
N HIS A 252 -5.68 5.40 3.35
CA HIS A 252 -6.99 5.04 3.85
C HIS A 252 -8.05 5.91 3.18
N ASN A 253 -9.31 5.58 3.45
CA ASN A 253 -10.42 6.33 2.88
C ASN A 253 -11.29 6.86 4.03
N PRO A 254 -11.26 8.21 4.19
CA PRO A 254 -10.44 9.05 3.34
C PRO A 254 -8.97 8.94 3.71
N PRO A 255 -8.10 9.31 2.72
CA PRO A 255 -6.66 9.25 2.94
C PRO A 255 -6.19 10.40 3.84
N ILE A 256 -5.61 10.02 4.97
CA ILE A 256 -5.12 11.00 5.92
C ILE A 256 -3.67 11.37 5.57
N PRO A 257 -3.39 12.70 5.58
CA PRO A 257 -2.06 13.18 5.26
C PRO A 257 -1.10 12.94 6.43
N VAL A 258 -0.98 11.67 6.79
CA VAL A 258 -0.10 11.29 7.89
C VAL A 258 1.35 11.66 7.52
N GLY A 259 1.85 10.97 6.50
CA GLY A 259 3.21 11.22 6.05
C GLY A 259 3.39 12.66 5.58
N GLU A 260 2.32 13.19 5.01
CA GLU A 260 2.35 14.55 4.51
C GLU A 260 2.41 15.54 5.68
N ILE A 261 1.80 15.16 6.78
CA ILE A 261 1.78 15.99 7.97
C ILE A 261 3.15 15.93 8.65
N TYR A 262 3.66 14.71 8.75
CA TYR A 262 4.96 14.51 9.39
C TYR A 262 6.07 15.17 8.57
N LYS A 263 6.03 14.94 7.27
CA LYS A 263 7.04 15.51 6.38
C LYS A 263 7.04 17.03 6.53
N ARG A 264 5.84 17.57 6.68
CA ARG A 264 5.69 19.01 6.83
C ARG A 264 6.32 19.47 8.16
N TRP A 265 6.23 18.59 9.15
CA TRP A 265 6.78 18.90 10.46
C TRP A 265 8.30 19.10 10.30
N ILE A 266 8.90 18.20 9.55
CA ILE A 266 10.33 18.26 9.32
C ILE A 266 10.69 19.61 8.70
N ILE A 267 9.90 19.99 7.69
CA ILE A 267 10.12 21.25 7.00
C ILE A 267 9.99 22.40 8.01
N LEU A 268 9.18 22.17 9.03
CA LEU A 268 8.97 23.16 10.05
C LEU A 268 10.29 23.46 10.76
N GLY A 269 10.89 22.41 11.30
CA GLY A 269 12.15 22.54 12.00
C GLY A 269 13.25 23.04 11.06
N LEU A 270 13.46 22.29 9.98
CA LEU A 270 14.46 22.64 9.00
C LEU A 270 14.37 24.14 8.70
N ASN A 271 13.14 24.63 8.68
CA ASN A 271 12.90 26.04 8.41
C ASN A 271 13.55 26.89 9.50
N LYS A 272 13.40 26.42 10.73
CA LYS A 272 13.96 27.12 11.87
C LYS A 272 15.49 27.05 11.81
N ILE A 273 15.98 25.89 11.39
CA ILE A 273 17.40 25.67 11.28
C ILE A 273 17.99 26.68 10.28
N VAL A 274 17.31 26.80 9.15
CA VAL A 274 17.75 27.71 8.11
C VAL A 274 17.70 29.15 8.65
N ARG A 275 16.59 29.47 9.30
CA ARG A 275 16.40 30.80 9.85
C ARG A 275 17.50 31.09 10.88
N MET A 276 18.17 30.04 11.31
CA MET A 276 19.25 30.18 12.28
C MET A 276 20.61 30.21 11.59
N TYR A 277 20.74 29.40 10.55
CA TYR A 277 21.98 29.33 9.79
C TYR A 277 21.94 30.27 8.59
N SER A 278 21.00 31.21 8.64
CA SER A 278 20.86 32.17 7.55
C SER A 278 22.02 33.16 7.58
N PRO A 279 22.36 33.67 6.37
CA PRO A 279 23.46 34.63 6.24
C PRO A 279 23.02 36.02 6.73
N THR A 280 23.95 36.95 6.64
CA THR A 280 23.68 38.32 7.07
C THR A 280 22.52 38.91 6.27
N SER A 281 21.49 39.31 7.00
CA SER A 281 20.31 39.89 6.36
C SER A 281 19.28 40.26 7.44
N ILE A 282 18.31 41.07 7.03
CA ILE A 282 17.26 41.49 7.93
C ILE A 282 16.23 42.31 7.14
N LEU A 283 14.97 42.09 7.49
CA LEU A 283 13.87 42.78 6.84
C LEU A 283 12.64 42.76 7.74
N HIS A 284 12.08 43.95 7.95
CA HIS A 284 10.90 44.08 8.79
C HIS A 284 10.18 45.39 8.46
N HIS A 285 9.00 45.53 9.03
CA HIS A 285 8.19 46.72 8.81
C HIS A 285 7.20 46.90 9.97
N HIS A 286 6.54 48.04 9.96
CA HIS A 286 5.56 48.35 11.00
C HIS A 286 4.50 49.29 10.44
N HIS A 287 3.50 49.56 11.26
CA HIS A 287 2.41 50.45 10.86
C HIS A 287 1.45 50.64 12.04
N HIS A 288 0.79 51.79 12.03
CA HIS A 288 -0.15 52.11 13.09
C HIS A 288 -1.15 53.16 12.58
N HIS A 289 -2.20 53.34 13.36
CA HIS A 289 -3.24 54.30 13.00
C HIS A 289 -3.49 54.24 11.49
N GLY A 2 -42.13 26.64 -5.54
CA GLY A 2 -41.37 26.76 -6.77
C GLY A 2 -41.89 27.92 -7.63
N ALA A 3 -41.78 29.12 -7.07
CA ALA A 3 -42.23 30.31 -7.77
C ALA A 3 -41.93 31.54 -6.91
N ARG A 4 -42.50 31.53 -5.71
CA ARG A 4 -42.31 32.64 -4.79
C ARG A 4 -41.55 32.17 -3.54
N ALA A 5 -41.15 33.13 -2.73
CA ALA A 5 -40.42 32.83 -1.51
C ALA A 5 -41.26 31.88 -0.65
N SER A 6 -40.86 31.78 0.61
CA SER A 6 -41.56 30.91 1.54
C SER A 6 -41.16 29.46 1.31
N VAL A 7 -40.19 29.00 2.10
CA VAL A 7 -39.69 27.65 1.98
C VAL A 7 -39.11 27.20 3.32
N LEU A 8 -37.99 27.83 3.67
CA LEU A 8 -37.32 27.52 4.93
C LEU A 8 -37.60 28.62 5.94
N SER A 9 -37.58 28.24 7.21
CA SER A 9 -37.82 29.18 8.29
C SER A 9 -36.54 29.93 8.64
N GLY A 10 -36.66 30.83 9.60
CA GLY A 10 -35.52 31.61 10.04
C GLY A 10 -34.39 30.71 10.55
N GLY A 11 -34.72 29.92 11.55
CA GLY A 11 -33.75 29.01 12.14
C GLY A 11 -33.53 27.78 11.24
N GLU A 12 -34.64 27.29 10.69
CA GLU A 12 -34.58 26.14 9.81
C GLU A 12 -33.67 26.43 8.60
N LEU A 13 -33.79 27.65 8.10
CA LEU A 13 -33.00 28.06 6.95
C LEU A 13 -31.52 28.10 7.35
N ASP A 14 -31.27 28.67 8.53
CA ASP A 14 -29.91 28.77 9.03
C ASP A 14 -29.28 27.38 9.08
N LYS A 15 -30.12 26.39 9.35
CA LYS A 15 -29.65 25.02 9.43
C LYS A 15 -29.37 24.50 8.02
N TRP A 16 -30.29 24.78 7.12
CA TRP A 16 -30.16 24.34 5.74
C TRP A 16 -28.84 24.91 5.20
N GLU A 17 -28.68 26.20 5.37
CA GLU A 17 -27.47 26.88 4.91
C GLU A 17 -26.24 26.25 5.55
N LYS A 18 -26.44 25.68 6.73
CA LYS A 18 -25.36 25.05 7.46
C LYS A 18 -25.24 23.59 7.01
N ILE A 19 -25.24 23.40 5.69
CA ILE A 19 -25.13 22.07 5.12
C ILE A 19 -24.05 22.09 4.03
N ARG A 20 -23.20 21.06 4.08
CA ARG A 20 -22.13 20.95 3.11
C ARG A 20 -22.58 20.12 1.91
N LEU A 21 -22.42 20.69 0.73
CA LEU A 21 -22.80 20.02 -0.50
C LEU A 21 -21.92 18.79 -0.71
N ARG A 22 -21.32 18.72 -1.88
CA ARG A 22 -20.46 17.61 -2.22
C ARG A 22 -20.09 17.64 -3.70
N PRO A 23 -21.15 17.68 -4.55
CA PRO A 23 -20.95 17.72 -6.00
C PRO A 23 -20.48 19.11 -6.45
N GLY A 24 -19.36 19.12 -7.14
CA GLY A 24 -18.80 20.37 -7.64
C GLY A 24 -17.72 20.90 -6.69
N GLY A 25 -17.51 20.16 -5.61
CA GLY A 25 -16.51 20.55 -4.62
C GLY A 25 -17.00 20.24 -3.20
N LYS A 26 -17.29 21.30 -2.48
CA LYS A 26 -17.77 21.16 -1.11
C LYS A 26 -18.23 22.53 -0.59
N LYS A 27 -19.23 23.08 -1.27
CA LYS A 27 -19.77 24.38 -0.89
C LYS A 27 -20.93 24.17 0.09
N GLN A 28 -21.74 25.21 0.22
CA GLN A 28 -22.88 25.15 1.13
C GLN A 28 -24.18 25.33 0.34
N TYR A 29 -25.27 24.95 0.99
CA TYR A 29 -26.58 25.06 0.38
C TYR A 29 -27.19 26.45 0.59
N LYS A 30 -27.97 26.88 -0.38
CA LYS A 30 -28.62 28.18 -0.31
C LYS A 30 -30.06 28.05 -0.78
N LEU A 31 -30.80 29.15 -0.62
CA LEU A 31 -32.19 29.18 -1.02
C LEU A 31 -32.29 28.93 -2.53
N LYS A 32 -31.22 29.29 -3.23
CA LYS A 32 -31.17 29.12 -4.67
C LYS A 32 -31.28 27.62 -5.00
N HIS A 33 -30.55 26.83 -4.24
CA HIS A 33 -30.56 25.39 -4.45
C HIS A 33 -31.94 24.84 -4.13
N ILE A 34 -32.57 25.43 -3.13
CA ILE A 34 -33.90 25.01 -2.72
C ILE A 34 -34.89 25.26 -3.86
N VAL A 35 -34.84 26.47 -4.39
CA VAL A 35 -35.72 26.84 -5.48
C VAL A 35 -35.63 25.79 -6.58
N TRP A 36 -34.40 25.39 -6.87
CA TRP A 36 -34.16 24.38 -7.91
C TRP A 36 -34.84 23.09 -7.47
N ALA A 37 -34.73 22.81 -6.18
CA ALA A 37 -35.33 21.60 -5.62
C ALA A 37 -36.83 21.61 -5.88
N SER A 38 -37.46 22.71 -5.47
CA SER A 38 -38.90 22.86 -5.65
C SER A 38 -39.23 22.85 -7.14
N ARG A 39 -38.34 23.43 -7.93
CA ARG A 39 -38.53 23.48 -9.37
C ARG A 39 -38.63 22.08 -9.95
N GLU A 40 -37.78 21.20 -9.45
CA GLU A 40 -37.78 19.82 -9.90
C GLU A 40 -39.08 19.12 -9.54
N LEU A 41 -39.61 19.50 -8.39
CA LEU A 41 -40.86 18.92 -7.92
C LEU A 41 -41.96 19.16 -8.95
N GLU A 42 -42.06 20.42 -9.38
CA GLU A 42 -43.06 20.80 -10.37
C GLU A 42 -42.89 19.97 -11.64
N ARG A 43 -41.63 19.78 -12.01
CA ARG A 43 -41.32 19.02 -13.21
C ARG A 43 -41.88 17.59 -13.10
N PHE A 44 -41.82 17.06 -11.89
CA PHE A 44 -42.32 15.72 -11.63
C PHE A 44 -43.84 15.71 -11.56
N ALA A 45 -44.42 16.89 -11.75
CA ALA A 45 -45.86 17.02 -11.71
C ALA A 45 -46.36 16.83 -10.28
N VAL A 46 -45.66 17.46 -9.36
CA VAL A 46 -46.01 17.35 -7.96
C VAL A 46 -46.21 18.76 -7.38
N ASN A 47 -47.08 18.85 -6.38
CA ASN A 47 -47.37 20.12 -5.75
C ASN A 47 -46.11 20.63 -5.04
N PRO A 48 -45.76 21.90 -5.32
CA PRO A 48 -44.58 22.51 -4.73
C PRO A 48 -44.84 22.87 -3.26
N GLY A 49 -46.11 22.93 -2.92
CA GLY A 49 -46.50 23.27 -1.55
C GLY A 49 -46.12 22.15 -0.59
N LEU A 50 -45.71 21.03 -1.17
CA LEU A 50 -45.31 19.88 -0.37
C LEU A 50 -43.95 20.15 0.27
N LEU A 51 -43.09 20.81 -0.49
CA LEU A 51 -41.76 21.14 0.00
C LEU A 51 -41.87 22.20 1.10
N GLU A 52 -43.08 22.73 1.24
CA GLU A 52 -43.34 23.74 2.25
C GLU A 52 -43.60 23.09 3.61
N THR A 53 -43.98 21.83 3.56
CA THR A 53 -44.27 21.08 4.78
C THR A 53 -43.45 19.79 4.81
N SER A 54 -43.24 19.29 6.03
CA SER A 54 -42.48 18.07 6.21
C SER A 54 -43.27 16.87 5.69
N GLU A 55 -44.59 17.00 5.77
CA GLU A 55 -45.47 15.93 5.31
C GLU A 55 -45.44 15.83 3.79
N GLY A 56 -45.35 17.00 3.16
CA GLY A 56 -45.31 17.07 1.70
C GLY A 56 -43.97 16.55 1.16
N CYS A 57 -42.90 16.97 1.84
CA CYS A 57 -41.57 16.56 1.43
C CYS A 57 -41.42 15.07 1.71
N ARG A 58 -42.04 14.63 2.79
CA ARG A 58 -41.99 13.23 3.18
C ARG A 58 -42.59 12.36 2.07
N GLN A 59 -43.64 12.88 1.46
CA GLN A 59 -44.31 12.16 0.39
C GLN A 59 -43.42 12.11 -0.85
N ILE A 60 -42.60 13.14 -1.01
CA ILE A 60 -41.71 13.23 -2.15
C ILE A 60 -40.55 12.25 -1.94
N LEU A 61 -39.64 12.64 -1.07
CA LEU A 61 -38.47 11.81 -0.78
C LEU A 61 -38.92 10.36 -0.62
N GLY A 62 -40.10 10.19 -0.03
CA GLY A 62 -40.64 8.87 0.18
C GLY A 62 -40.80 8.12 -1.14
N GLN A 63 -41.43 8.80 -2.09
CA GLN A 63 -41.65 8.21 -3.40
C GLN A 63 -40.56 8.67 -4.38
N LEU A 64 -39.44 9.10 -3.82
CA LEU A 64 -38.32 9.55 -4.63
C LEU A 64 -37.21 8.51 -4.59
N GLN A 65 -37.21 7.73 -3.52
CA GLN A 65 -36.20 6.69 -3.35
C GLN A 65 -36.18 5.77 -4.58
N PRO A 66 -37.40 5.40 -5.04
CA PRO A 66 -37.53 4.52 -6.20
C PRO A 66 -37.25 5.29 -7.49
N SER A 67 -37.75 6.53 -7.53
CA SER A 67 -37.57 7.37 -8.70
C SER A 67 -36.10 7.77 -8.82
N LEU A 68 -35.35 7.50 -7.76
CA LEU A 68 -33.94 7.84 -7.74
C LEU A 68 -33.19 6.89 -8.68
N GLN A 69 -33.53 5.62 -8.60
CA GLN A 69 -32.90 4.61 -9.44
C GLN A 69 -33.41 4.74 -10.88
N THR A 70 -34.41 5.59 -11.06
CA THR A 70 -34.99 5.81 -12.38
C THR A 70 -34.83 7.27 -12.79
N GLY A 71 -34.32 8.07 -11.86
CA GLY A 71 -34.12 9.49 -12.12
C GLY A 71 -32.83 9.72 -12.91
N SER A 72 -31.79 10.07 -12.17
CA SER A 72 -30.49 10.33 -12.78
C SER A 72 -29.57 11.02 -11.79
N GLU A 73 -28.38 11.37 -12.26
CA GLU A 73 -27.40 12.04 -11.41
C GLU A 73 -27.95 13.37 -10.92
N GLU A 74 -28.63 14.07 -11.82
CA GLU A 74 -29.21 15.36 -11.49
C GLU A 74 -30.41 15.18 -10.55
N LEU A 75 -31.27 14.24 -10.92
CA LEU A 75 -32.44 13.97 -10.12
C LEU A 75 -32.02 13.52 -8.72
N ARG A 76 -30.90 12.81 -8.67
CA ARG A 76 -30.38 12.32 -7.41
C ARG A 76 -30.05 13.49 -6.49
N SER A 77 -29.43 14.50 -7.06
CA SER A 77 -29.05 15.68 -6.29
C SER A 77 -30.31 16.36 -5.74
N LEU A 78 -31.40 16.23 -6.48
CA LEU A 78 -32.66 16.81 -6.06
C LEU A 78 -33.15 16.13 -4.79
N TYR A 79 -33.08 14.80 -4.81
CA TYR A 79 -33.51 14.01 -3.66
C TYR A 79 -32.69 14.36 -2.42
N ASN A 80 -31.39 14.50 -2.62
CA ASN A 80 -30.49 14.84 -1.53
C ASN A 80 -30.94 16.15 -0.88
N THR A 81 -31.42 17.05 -1.72
CA THR A 81 -31.89 18.35 -1.25
C THR A 81 -33.09 18.17 -0.31
N ILE A 82 -34.04 17.37 -0.76
CA ILE A 82 -35.23 17.11 0.02
C ILE A 82 -34.85 16.33 1.28
N ALA A 83 -33.88 15.45 1.12
CA ALA A 83 -33.40 14.63 2.23
C ALA A 83 -32.96 15.55 3.37
N VAL A 84 -31.97 16.38 3.06
CA VAL A 84 -31.44 17.31 4.04
C VAL A 84 -32.57 18.21 4.56
N LEU A 85 -33.41 18.63 3.62
CA LEU A 85 -34.52 19.49 3.97
C LEU A 85 -35.39 18.80 5.01
N TYR A 86 -35.48 17.49 4.90
CA TYR A 86 -36.27 16.70 5.83
C TYR A 86 -35.72 16.82 7.25
N CYS A 87 -34.40 16.67 7.36
CA CYS A 87 -33.74 16.76 8.65
C CYS A 87 -33.88 18.20 9.16
N VAL A 88 -33.79 19.13 8.23
CA VAL A 88 -33.90 20.54 8.57
C VAL A 88 -35.31 20.82 9.11
N HIS A 89 -36.29 20.22 8.45
CA HIS A 89 -37.67 20.39 8.86
C HIS A 89 -37.84 20.00 10.32
N GLN A 90 -37.15 18.93 10.70
CA GLN A 90 -37.21 18.45 12.07
C GLN A 90 -36.16 19.16 12.93
N ARG A 91 -35.18 19.75 12.25
CA ARG A 91 -34.13 20.46 12.94
C ARG A 91 -33.11 19.47 13.50
N ILE A 92 -32.86 18.42 12.74
CA ILE A 92 -31.91 17.40 13.15
C ILE A 92 -30.48 17.92 12.95
N ASP A 93 -29.63 17.58 13.91
CA ASP A 93 -28.24 18.01 13.85
C ASP A 93 -27.58 17.41 12.61
N VAL A 94 -27.56 18.20 11.55
CA VAL A 94 -26.96 17.77 10.30
C VAL A 94 -25.69 18.57 10.04
N LYS A 95 -24.97 18.17 9.00
CA LYS A 95 -23.74 18.84 8.63
C LYS A 95 -23.58 18.81 7.11
N ASP A 96 -23.70 17.61 6.56
CA ASP A 96 -23.57 17.42 5.12
C ASP A 96 -24.77 16.63 4.61
N THR A 97 -24.87 16.56 3.28
CA THR A 97 -25.97 15.84 2.65
C THR A 97 -25.93 14.37 3.05
N LYS A 98 -24.74 13.80 3.01
CA LYS A 98 -24.57 12.40 3.37
C LYS A 98 -25.03 12.19 4.81
N GLU A 99 -24.86 13.22 5.61
CA GLU A 99 -25.26 13.17 7.01
C GLU A 99 -26.78 13.02 7.13
N ALA A 100 -27.47 13.75 6.27
CA ALA A 100 -28.92 13.73 6.27
C ALA A 100 -29.40 12.38 5.74
N LEU A 101 -28.68 11.88 4.74
CA LEU A 101 -29.01 10.60 4.14
C LEU A 101 -29.02 9.52 5.23
N ASP A 102 -27.98 9.53 6.03
CA ASP A 102 -27.85 8.56 7.11
C ASP A 102 -28.86 8.90 8.21
N LYS A 103 -28.97 10.18 8.49
CA LYS A 103 -29.88 10.65 9.53
C LYS A 103 -31.31 10.31 9.12
N ILE A 104 -31.73 10.90 8.00
CA ILE A 104 -33.07 10.67 7.49
C ILE A 104 -33.29 9.17 7.29
N GLU A 105 -32.19 8.48 7.01
CA GLU A 105 -32.25 7.04 6.80
C GLU A 105 -32.86 6.34 8.01
N GLU A 106 -32.28 6.63 9.16
CA GLU A 106 -32.77 6.02 10.40
C GLU A 106 -34.23 6.40 10.64
N GLU A 107 -34.50 7.69 10.50
CA GLU A 107 -35.86 8.19 10.69
C GLU A 107 -36.84 7.39 9.83
N GLN A 108 -36.52 7.28 8.56
CA GLN A 108 -37.36 6.55 7.62
C GLN A 108 -37.60 5.12 8.13
N ASN A 109 -36.50 4.43 8.39
CA ASN A 109 -36.58 3.06 8.88
C ASN A 109 -37.45 3.03 10.13
N LYS A 110 -37.35 4.08 10.93
CA LYS A 110 -38.11 4.18 12.16
C LYS A 110 -39.61 4.19 11.81
N SER A 111 -39.97 5.09 10.91
CA SER A 111 -41.35 5.22 10.49
C SER A 111 -41.81 3.92 9.81
N LYS A 112 -41.20 3.65 8.66
CA LYS A 112 -41.54 2.45 7.90
C LYS A 112 -41.66 1.27 8.86
N LYS A 113 -40.75 1.22 9.83
CA LYS A 113 -40.74 0.15 10.81
C LYS A 113 -42.08 0.17 11.58
N LYS A 114 -42.33 1.30 12.22
CA LYS A 114 -43.55 1.46 12.99
C LYS A 114 -44.75 1.01 12.15
N ALA A 115 -44.80 1.53 10.93
CA ALA A 115 -45.87 1.19 10.01
C ALA A 115 -45.97 -0.33 9.88
N GLN A 116 -44.85 -0.94 9.52
CA GLN A 116 -44.81 -2.38 9.36
C GLN A 116 -45.38 -3.07 10.59
N GLN A 117 -44.89 -2.65 11.75
CA GLN A 117 -45.35 -3.22 13.02
C GLN A 117 -46.88 -3.26 13.05
N ALA A 118 -47.47 -2.13 12.68
CA ALA A 118 -48.92 -2.02 12.68
C ALA A 118 -49.49 -2.98 11.63
N ALA A 119 -49.07 -2.78 10.39
CA ALA A 119 -49.53 -3.61 9.29
C ALA A 119 -49.57 -5.08 9.75
N ALA A 120 -48.63 -5.41 10.63
CA ALA A 120 -48.54 -6.76 11.15
C ALA A 120 -49.79 -7.06 12.00
N ASP A 121 -49.98 -6.22 13.01
CA ASP A 121 -51.12 -6.38 13.90
C ASP A 121 -52.28 -5.53 13.39
N THR A 122 -52.35 -5.42 12.07
CA THR A 122 -53.41 -4.64 11.45
C THR A 122 -54.73 -4.83 12.19
N GLY A 123 -55.11 -3.81 12.95
CA GLY A 123 -56.35 -3.86 13.70
C GLY A 123 -57.55 -4.05 12.78
N ASN A 124 -57.93 -5.30 12.60
CA ASN A 124 -59.06 -5.63 11.75
C ASN A 124 -59.03 -4.74 10.50
N ASN A 125 -58.35 -5.24 9.48
CA ASN A 125 -58.23 -4.50 8.23
C ASN A 125 -57.30 -5.26 7.28
N SER A 126 -57.38 -4.89 6.01
CA SER A 126 -56.56 -5.53 4.99
C SER A 126 -55.55 -4.53 4.42
N GLN A 127 -54.28 -4.87 4.58
CA GLN A 127 -53.22 -4.00 4.10
C GLN A 127 -51.85 -4.68 4.31
N VAL A 128 -50.85 -4.14 3.62
CA VAL A 128 -49.51 -4.68 3.72
C VAL A 128 -48.55 -3.79 2.93
N SER A 129 -47.26 -4.00 3.16
CA SER A 129 -46.24 -3.23 2.49
C SER A 129 -44.85 -3.68 2.94
N GLN A 130 -43.88 -3.46 2.07
CA GLN A 130 -42.50 -3.84 2.38
C GLN A 130 -41.57 -3.40 1.25
N ASN A 131 -40.29 -3.36 1.57
CA ASN A 131 -39.29 -2.96 0.59
C ASN A 131 -37.90 -3.09 1.22
N TYR A 132 -36.90 -3.18 0.34
CA TYR A 132 -35.52 -3.30 0.80
C TYR A 132 -34.55 -3.16 -0.37
N PRO A 133 -34.07 -1.90 -0.57
CA PRO A 133 -33.14 -1.61 -1.65
C PRO A 133 -31.74 -2.12 -1.31
N ILE A 134 -30.82 -1.88 -2.23
CA ILE A 134 -29.45 -2.31 -2.04
C ILE A 134 -28.52 -1.48 -2.94
N VAL A 135 -27.23 -1.67 -2.75
CA VAL A 135 -26.24 -0.94 -3.53
C VAL A 135 -24.87 -1.59 -3.34
N GLN A 136 -24.12 -1.66 -4.43
CA GLN A 136 -22.80 -2.24 -4.39
C GLN A 136 -21.74 -1.20 -4.76
N ASN A 137 -20.49 -1.59 -4.59
CA ASN A 137 -19.38 -0.70 -4.90
C ASN A 137 -18.14 -1.53 -5.22
N LEU A 138 -17.13 -0.85 -5.76
CA LEU A 138 -15.89 -1.51 -6.12
C LEU A 138 -14.73 -0.55 -5.93
N GLN A 139 -13.57 -1.10 -5.63
CA GLN A 139 -12.38 -0.30 -5.42
C GLN A 139 -11.13 -1.09 -5.83
N GLY A 140 -10.00 -0.38 -5.87
CA GLY A 140 -8.75 -0.99 -6.24
C GLY A 140 -7.81 -1.12 -5.03
N GLN A 141 -6.54 -1.29 -5.32
CA GLN A 141 -5.54 -1.43 -4.28
C GLN A 141 -4.27 -0.65 -4.65
N MET A 142 -3.53 -0.27 -3.62
CA MET A 142 -2.29 0.47 -3.83
C MET A 142 -1.56 0.70 -2.49
N VAL A 143 -0.29 1.03 -2.62
CA VAL A 143 0.53 1.28 -1.44
C VAL A 143 1.50 2.43 -1.73
N HIS A 144 2.26 2.79 -0.72
CA HIS A 144 3.24 3.86 -0.84
C HIS A 144 4.64 3.28 -0.91
N GLN A 145 5.47 3.90 -1.74
CA GLN A 145 6.84 3.46 -1.91
C GLN A 145 7.72 4.01 -0.80
N ALA A 146 8.47 3.11 -0.17
CA ALA A 146 9.35 3.50 0.91
C ALA A 146 10.59 4.20 0.34
N ILE A 147 11.49 4.57 1.23
CA ILE A 147 12.71 5.24 0.83
C ILE A 147 13.72 4.21 0.30
N SER A 148 14.33 4.55 -0.82
CA SER A 148 15.32 3.67 -1.43
C SER A 148 16.69 3.93 -0.83
N PRO A 149 17.64 2.99 -1.12
CA PRO A 149 18.99 3.10 -0.62
C PRO A 149 19.77 4.18 -1.40
N ARG A 150 19.37 4.36 -2.64
CA ARG A 150 20.02 5.33 -3.50
C ARG A 150 19.63 6.75 -3.08
N THR A 151 18.37 6.89 -2.68
CA THR A 151 17.86 8.19 -2.25
C THR A 151 18.54 8.61 -0.95
N LEU A 152 18.87 7.62 -0.13
CA LEU A 152 19.52 7.89 1.14
C LEU A 152 20.94 8.40 0.89
N ASN A 153 21.61 7.73 -0.04
CA ASN A 153 22.98 8.10 -0.39
C ASN A 153 22.98 9.47 -1.07
N ALA A 154 22.02 9.65 -1.98
CA ALA A 154 21.90 10.90 -2.69
C ALA A 154 21.68 12.04 -1.71
N TRP A 155 20.74 11.82 -0.80
CA TRP A 155 20.42 12.81 0.21
C TRP A 155 21.67 13.03 1.08
N VAL A 156 22.29 11.92 1.45
CA VAL A 156 23.49 11.98 2.27
C VAL A 156 24.45 13.00 1.68
N LYS A 157 24.58 12.95 0.37
CA LYS A 157 25.47 13.87 -0.33
C LYS A 157 24.91 15.29 -0.23
N VAL A 158 23.60 15.37 -0.28
CA VAL A 158 22.91 16.66 -0.21
C VAL A 158 23.20 17.29 1.15
N VAL A 159 23.18 16.45 2.17
CA VAL A 159 23.44 16.92 3.53
C VAL A 159 24.83 17.55 3.59
N GLU A 160 25.80 16.85 3.02
CA GLU A 160 27.17 17.33 3.01
C GLU A 160 27.24 18.70 2.33
N GLU A 161 26.38 18.88 1.33
CA GLU A 161 26.34 20.13 0.60
C GLU A 161 25.84 21.26 1.50
N LYS A 162 24.79 20.96 2.24
CA LYS A 162 24.20 21.93 3.15
C LYS A 162 22.90 21.37 3.73
N ALA A 163 23.06 20.42 4.64
CA ALA A 163 21.91 19.80 5.27
C ALA A 163 20.83 20.85 5.52
N PHE A 164 21.26 21.95 6.11
CA PHE A 164 20.33 23.04 6.41
C PHE A 164 20.59 24.24 5.48
N SER A 165 19.51 24.69 4.86
CA SER A 165 19.60 25.82 3.94
C SER A 165 18.27 25.98 3.18
N PRO A 166 18.13 27.15 2.53
CA PRO A 166 16.93 27.45 1.76
C PRO A 166 16.92 26.68 0.44
N GLU A 167 18.09 26.19 0.07
CA GLU A 167 18.23 25.44 -1.17
C GLU A 167 18.07 23.94 -0.89
N VAL A 168 18.21 23.58 0.37
CA VAL A 168 18.09 22.20 0.80
C VAL A 168 16.66 21.95 1.31
N ILE A 169 16.12 22.97 1.95
CA ILE A 169 14.78 22.89 2.50
C ILE A 169 13.84 22.31 1.45
N PRO A 170 13.92 22.90 0.22
CA PRO A 170 13.08 22.46 -0.88
C PRO A 170 13.58 21.12 -1.45
N MET A 171 14.90 20.96 -1.44
CA MET A 171 15.51 19.75 -1.94
C MET A 171 15.07 18.53 -1.13
N PHE A 172 14.81 18.77 0.15
CA PHE A 172 14.39 17.71 1.05
C PHE A 172 12.94 17.31 0.75
N SER A 173 12.10 18.31 0.56
CA SER A 173 10.70 18.06 0.28
C SER A 173 10.57 17.19 -0.97
N ALA A 174 11.52 17.35 -1.87
CA ALA A 174 11.51 16.59 -3.11
C ALA A 174 11.87 15.13 -2.79
N LEU A 175 12.90 14.96 -1.97
CA LEU A 175 13.35 13.64 -1.59
C LEU A 175 12.33 13.01 -0.64
N SER A 176 11.39 13.84 -0.19
CA SER A 176 10.36 13.38 0.72
C SER A 176 9.00 13.38 0.01
N GLU A 177 9.06 13.50 -1.30
CA GLU A 177 7.84 13.50 -2.11
C GLU A 177 6.96 12.31 -1.75
N GLY A 178 5.74 12.61 -1.34
CA GLY A 178 4.80 11.57 -0.96
C GLY A 178 5.50 10.42 -0.24
N ALA A 179 6.18 10.76 0.84
CA ALA A 179 6.90 9.78 1.63
C ALA A 179 6.11 9.48 2.90
N THR A 180 6.71 8.65 3.75
CA THR A 180 6.08 8.27 4.99
C THR A 180 6.86 8.83 6.19
N PRO A 181 6.34 8.55 7.40
CA PRO A 181 6.97 9.02 8.62
C PRO A 181 8.22 8.19 8.94
N GLN A 182 8.11 6.89 8.68
CA GLN A 182 9.21 5.98 8.93
C GLN A 182 10.34 6.23 7.93
N ASP A 183 10.01 6.10 6.66
CA ASP A 183 10.98 6.30 5.61
C ASP A 183 11.72 7.62 5.85
N LEU A 184 10.95 8.65 6.16
CA LEU A 184 11.51 9.96 6.41
C LEU A 184 12.46 9.88 7.61
N ASN A 185 12.02 9.16 8.63
CA ASN A 185 12.83 8.99 9.83
C ASN A 185 14.19 8.42 9.45
N THR A 186 14.19 7.60 8.41
CA THR A 186 15.42 6.99 7.94
C THR A 186 16.35 8.05 7.36
N MET A 187 15.79 8.90 6.51
CA MET A 187 16.56 9.96 5.89
C MET A 187 17.11 10.93 6.94
N LEU A 188 16.24 11.30 7.87
CA LEU A 188 16.62 12.22 8.92
C LEU A 188 17.70 11.56 9.81
N ASN A 189 17.73 10.23 9.75
CA ASN A 189 18.69 9.48 10.53
C ASN A 189 20.07 9.58 9.86
N THR A 190 20.08 9.36 8.55
CA THR A 190 21.31 9.43 7.79
C THR A 190 21.70 10.89 7.54
N VAL A 191 20.86 11.78 8.02
CA VAL A 191 21.10 13.21 7.84
C VAL A 191 22.44 13.57 8.51
N GLY A 192 22.74 14.87 8.48
CA GLY A 192 23.97 15.36 9.07
C GLY A 192 23.97 16.89 9.12
N GLY A 193 22.95 17.43 9.75
CA GLY A 193 22.83 18.87 9.88
C GLY A 193 23.09 19.32 11.32
N HIS A 194 23.90 18.53 12.01
CA HIS A 194 24.25 18.84 13.39
C HIS A 194 23.15 18.31 14.32
N GLN A 195 23.59 17.63 15.36
CA GLN A 195 22.65 17.06 16.33
C GLN A 195 21.81 18.17 16.96
N ALA A 196 22.45 19.30 17.20
CA ALA A 196 21.78 20.43 17.80
C ALA A 196 20.58 20.82 16.94
N ALA A 197 20.83 20.94 15.63
CA ALA A 197 19.79 21.30 14.69
C ALA A 197 18.67 20.25 14.76
N MET A 198 19.07 18.99 14.67
CA MET A 198 18.11 17.89 14.73
C MET A 198 17.31 17.93 16.02
N GLN A 199 17.97 18.39 17.08
CA GLN A 199 17.32 18.47 18.38
C GLN A 199 16.13 19.43 18.32
N MET A 200 16.41 20.64 17.86
CA MET A 200 15.38 21.65 17.75
C MET A 200 14.25 21.19 16.81
N LEU A 201 14.66 20.67 15.67
CA LEU A 201 13.71 20.18 14.68
C LEU A 201 12.85 19.08 15.31
N LYS A 202 13.50 18.28 16.14
CA LYS A 202 12.80 17.18 16.81
C LYS A 202 11.79 17.75 17.80
N GLU A 203 12.19 18.83 18.45
CA GLU A 203 11.33 19.49 19.43
C GLU A 203 10.12 20.10 18.74
N THR A 204 10.38 20.77 17.63
CA THR A 204 9.32 21.42 16.87
C THR A 204 8.39 20.36 16.28
N ILE A 205 8.99 19.35 15.67
CA ILE A 205 8.23 18.26 15.07
C ILE A 205 7.37 17.59 16.14
N ASN A 206 8.03 17.20 17.22
CA ASN A 206 7.35 16.53 18.32
C ASN A 206 6.25 17.45 18.85
N GLU A 207 6.59 18.73 18.95
CA GLU A 207 5.65 19.73 19.45
C GLU A 207 4.47 19.86 18.48
N GLU A 208 4.75 19.62 17.21
CA GLU A 208 3.74 19.72 16.18
C GLU A 208 2.62 18.70 16.44
N ALA A 209 3.04 17.48 16.77
CA ALA A 209 2.09 16.41 17.05
C ALA A 209 1.25 16.78 18.27
N ALA A 210 1.94 17.19 19.33
CA ALA A 210 1.28 17.57 20.55
C ALA A 210 0.26 18.67 20.26
N GLU A 211 0.71 19.66 19.51
CA GLU A 211 -0.15 20.78 19.16
C GLU A 211 -1.33 20.29 18.32
N TRP A 212 -1.03 19.36 17.42
CA TRP A 212 -2.05 18.79 16.55
C TRP A 212 -3.13 18.16 17.44
N ASP A 213 -2.71 17.20 18.24
CA ASP A 213 -3.61 16.52 19.13
C ASP A 213 -4.31 17.53 20.03
N ARG A 214 -3.57 18.59 20.36
CA ARG A 214 -4.10 19.64 21.21
C ARG A 214 -5.34 20.27 20.56
N LEU A 215 -5.25 20.48 19.26
CA LEU A 215 -6.34 21.08 18.51
C LEU A 215 -7.26 19.96 18.00
N HIS A 216 -6.89 18.74 18.33
CA HIS A 216 -7.67 17.58 17.90
C HIS A 216 -8.32 16.93 19.12
N PRO A 217 -9.62 17.30 19.34
CA PRO A 217 -10.36 16.75 20.47
C PRO A 217 -10.77 15.31 20.20
N VAL A 218 -9.78 14.47 19.99
CA VAL A 218 -10.02 13.06 19.73
C VAL A 218 -9.77 12.26 21.00
N HIS A 219 -10.77 12.24 21.86
CA HIS A 219 -10.67 11.51 23.12
C HIS A 219 -11.72 10.40 23.16
N ALA A 220 -11.27 9.21 23.52
CA ALA A 220 -12.16 8.06 23.60
C ALA A 220 -11.48 6.95 24.41
N GLY A 221 -12.29 5.99 24.82
CA GLY A 221 -11.79 4.88 25.61
C GLY A 221 -10.77 4.06 24.80
N PRO A 222 -10.86 2.72 24.98
CA PRO A 222 -9.95 1.81 24.27
C PRO A 222 -10.33 1.69 22.79
N ILE A 223 -9.51 2.31 21.96
CA ILE A 223 -9.75 2.29 20.53
C ILE A 223 -9.67 0.84 20.03
N ALA A 224 -10.68 0.45 19.27
CA ALA A 224 -10.74 -0.89 18.72
C ALA A 224 -9.33 -1.32 18.28
N PRO A 225 -9.11 -2.67 18.31
CA PRO A 225 -7.83 -3.20 17.91
C PRO A 225 -7.66 -3.18 16.39
N GLY A 226 -6.78 -2.30 15.94
CA GLY A 226 -6.51 -2.16 14.52
C GLY A 226 -7.33 -1.01 13.92
N GLN A 227 -8.41 -0.68 14.60
CA GLN A 227 -9.29 0.39 14.16
C GLN A 227 -8.46 1.61 13.75
N MET A 228 -7.43 1.88 14.53
CA MET A 228 -6.55 3.00 14.26
C MET A 228 -7.36 4.23 13.83
N ARG A 229 -8.38 4.54 14.61
CA ARG A 229 -9.23 5.68 14.33
C ARG A 229 -8.40 6.96 14.27
N GLU A 230 -9.09 8.08 14.08
CA GLU A 230 -8.43 9.37 14.00
C GLU A 230 -7.20 9.38 14.91
N PRO A 231 -6.03 9.12 14.28
CA PRO A 231 -4.77 9.12 15.02
C PRO A 231 -4.32 10.53 15.35
N ARG A 232 -3.65 10.66 16.50
CA ARG A 232 -3.17 11.95 16.95
C ARG A 232 -1.79 12.23 16.35
N GLY A 233 -1.24 13.38 16.72
CA GLY A 233 0.06 13.78 16.23
C GLY A 233 1.12 12.72 16.55
N SER A 234 0.99 12.14 17.74
CA SER A 234 1.92 11.11 18.19
C SER A 234 1.88 9.92 17.22
N ASP A 235 0.68 9.61 16.76
CA ASP A 235 0.50 8.50 15.84
C ASP A 235 1.20 8.83 14.52
N ILE A 236 1.14 10.10 14.15
CA ILE A 236 1.76 10.55 12.92
C ILE A 236 3.26 10.26 12.97
N ALA A 237 3.80 10.30 14.19
CA ALA A 237 5.22 10.06 14.39
C ALA A 237 5.51 8.58 14.16
N GLY A 238 4.46 7.77 14.30
CA GLY A 238 4.60 6.34 14.11
C GLY A 238 4.85 5.63 15.44
N THR A 239 4.47 6.31 16.52
CA THR A 239 4.64 5.75 17.85
C THR A 239 3.49 4.83 18.20
N THR A 240 2.30 5.23 17.78
CA THR A 240 1.10 4.45 18.05
C THR A 240 0.63 3.75 16.77
N SER A 241 1.35 4.01 15.69
CA SER A 241 1.02 3.41 14.41
C SER A 241 2.29 2.94 13.70
N THR A 242 2.21 1.74 13.15
CA THR A 242 3.35 1.16 12.44
C THR A 242 3.44 1.73 11.03
N LEU A 243 4.42 1.24 10.29
CA LEU A 243 4.64 1.69 8.92
C LEU A 243 3.45 1.25 8.05
N GLN A 244 3.26 -0.06 8.01
CA GLN A 244 2.17 -0.63 7.22
C GLN A 244 0.86 0.12 7.50
N GLU A 245 0.62 0.35 8.78
CA GLU A 245 -0.59 1.05 9.21
C GLU A 245 -0.60 2.47 8.63
N GLN A 246 0.58 3.07 8.59
CA GLN A 246 0.72 4.42 8.07
C GLN A 246 0.43 4.44 6.56
N ILE A 247 1.34 3.84 5.81
CA ILE A 247 1.20 3.77 4.36
C ILE A 247 -0.24 3.36 4.01
N GLY A 248 -0.75 2.42 4.80
CA GLY A 248 -2.10 1.92 4.59
C GLY A 248 -3.12 3.05 4.70
N TRP A 249 -3.03 3.77 5.81
CA TRP A 249 -3.95 4.88 6.06
C TRP A 249 -3.72 5.93 4.98
N MET A 250 -2.47 6.00 4.52
CA MET A 250 -2.11 6.96 3.50
C MET A 250 -2.78 6.61 2.16
N THR A 251 -3.12 5.34 2.02
CA THR A 251 -3.77 4.87 0.80
C THR A 251 -5.16 4.32 1.12
N HIS A 252 -5.69 4.76 2.25
CA HIS A 252 -7.01 4.32 2.68
C HIS A 252 -8.05 5.38 2.32
N ASN A 253 -9.31 5.02 2.51
CA ASN A 253 -10.40 5.93 2.21
C ASN A 253 -11.20 6.20 3.49
N PRO A 254 -11.17 7.48 3.93
CA PRO A 254 -10.42 8.50 3.21
C PRO A 254 -8.91 8.35 3.45
N PRO A 255 -8.12 8.90 2.50
CA PRO A 255 -6.67 8.82 2.59
C PRO A 255 -6.13 9.80 3.65
N ILE A 256 -5.40 9.24 4.60
CA ILE A 256 -4.83 10.04 5.67
C ILE A 256 -3.36 10.32 5.37
N PRO A 257 -3.08 11.61 5.02
CA PRO A 257 -1.72 12.02 4.70
C PRO A 257 -0.88 12.14 5.97
N VAL A 258 -0.83 11.05 6.72
CA VAL A 258 -0.06 11.02 7.95
C VAL A 258 1.41 11.26 7.64
N GLY A 259 1.85 10.68 6.53
CA GLY A 259 3.24 10.82 6.11
C GLY A 259 3.52 12.25 5.66
N GLU A 260 2.56 12.82 4.95
CA GLU A 260 2.69 14.18 4.46
C GLU A 260 2.66 15.17 5.62
N ILE A 261 1.89 14.81 6.64
CA ILE A 261 1.77 15.65 7.82
C ILE A 261 3.13 15.80 8.49
N TYR A 262 3.80 14.66 8.63
CA TYR A 262 5.11 14.64 9.27
C TYR A 262 6.13 15.43 8.44
N LYS A 263 5.99 15.32 7.12
CA LYS A 263 6.89 16.02 6.22
C LYS A 263 6.85 17.52 6.52
N ARG A 264 5.63 18.03 6.69
CA ARG A 264 5.45 19.44 6.98
C ARG A 264 6.10 19.79 8.32
N TRP A 265 6.06 18.84 9.24
CA TRP A 265 6.64 19.03 10.55
C TRP A 265 8.14 19.26 10.38
N ILE A 266 8.75 18.39 9.58
CA ILE A 266 10.18 18.49 9.32
C ILE A 266 10.49 19.87 8.73
N ILE A 267 9.68 20.27 7.77
CA ILE A 267 9.85 21.56 7.13
C ILE A 267 9.76 22.67 8.18
N LEU A 268 8.90 22.43 9.16
CA LEU A 268 8.70 23.40 10.22
C LEU A 268 10.03 23.66 10.93
N GLY A 269 10.65 22.57 11.39
CA GLY A 269 11.92 22.67 12.07
C GLY A 269 13.00 23.25 11.16
N LEU A 270 13.23 22.54 10.05
CA LEU A 270 14.23 22.98 9.09
C LEU A 270 14.09 24.48 8.86
N ASN A 271 12.85 24.95 8.94
CA ASN A 271 12.57 26.36 8.74
C ASN A 271 13.26 27.17 9.84
N LYS A 272 13.11 26.69 11.06
CA LYS A 272 13.71 27.36 12.21
C LYS A 272 15.24 27.21 12.14
N ILE A 273 15.66 26.05 11.69
CA ILE A 273 17.08 25.76 11.56
C ILE A 273 17.70 26.70 10.52
N VAL A 274 16.96 26.90 9.44
CA VAL A 274 17.42 27.76 8.37
C VAL A 274 17.30 29.22 8.81
N ARG A 275 16.25 29.51 9.56
CA ARG A 275 16.02 30.85 10.05
C ARG A 275 17.00 31.18 11.17
N MET A 276 17.61 30.13 11.70
CA MET A 276 18.58 30.29 12.79
C MET A 276 20.00 30.43 12.23
N TYR A 277 20.27 29.67 11.18
CA TYR A 277 21.57 29.70 10.55
C TYR A 277 21.61 30.72 9.41
N SER A 278 20.50 31.42 9.25
CA SER A 278 20.40 32.43 8.20
C SER A 278 21.10 33.71 8.64
N PRO A 279 21.63 34.45 7.62
CA PRO A 279 22.32 35.70 7.90
C PRO A 279 21.33 36.82 8.25
N THR A 280 21.41 37.27 9.48
CA THR A 280 20.54 38.33 9.96
C THR A 280 21.22 39.14 11.06
N SER A 281 20.96 40.43 11.04
CA SER A 281 21.54 41.32 12.04
C SER A 281 21.32 40.76 13.45
N ILE A 282 22.16 41.21 14.36
CA ILE A 282 22.07 40.76 15.74
C ILE A 282 22.37 39.26 15.80
N LEU A 283 23.24 38.90 16.73
CA LEU A 283 23.63 37.51 16.90
C LEU A 283 24.44 37.37 18.19
N HIS A 284 24.51 36.13 18.68
CA HIS A 284 25.25 35.84 19.89
C HIS A 284 25.23 34.34 20.16
N HIS A 285 26.08 33.93 21.09
CA HIS A 285 26.18 32.52 21.44
C HIS A 285 26.57 32.39 22.92
N HIS A 286 25.61 31.94 23.71
CA HIS A 286 25.84 31.77 25.14
C HIS A 286 25.53 30.32 25.53
N HIS A 287 26.31 29.83 26.49
CA HIS A 287 26.14 28.47 26.96
C HIS A 287 27.12 28.20 28.12
N HIS A 288 26.57 28.23 29.33
CA HIS A 288 27.37 27.98 30.51
C HIS A 288 26.50 27.39 31.62
N HIS A 289 27.14 26.66 32.52
CA HIS A 289 26.44 26.04 33.63
C HIS A 289 26.35 27.02 34.79
N GLY A 2 34.30 -29.05 8.93
CA GLY A 2 34.68 -27.89 8.14
C GLY A 2 36.15 -27.97 7.72
N ALA A 3 36.34 -28.15 6.41
CA ALA A 3 37.68 -28.24 5.86
C ALA A 3 38.42 -29.39 6.54
N ARG A 4 37.94 -30.60 6.28
CA ARG A 4 38.55 -31.79 6.85
C ARG A 4 39.95 -32.00 6.27
N ALA A 5 40.02 -31.96 4.95
CA ALA A 5 41.29 -32.15 4.26
C ALA A 5 41.98 -30.80 4.11
N SER A 6 41.30 -29.89 3.43
CA SER A 6 41.83 -28.56 3.21
C SER A 6 40.72 -27.51 3.34
N VAL A 7 41.11 -26.27 3.14
CA VAL A 7 40.16 -25.16 3.23
C VAL A 7 39.08 -25.34 2.17
N LEU A 8 39.53 -25.58 0.94
CA LEU A 8 38.62 -25.77 -0.17
C LEU A 8 38.58 -27.25 -0.56
N SER A 9 37.46 -27.65 -1.14
CA SER A 9 37.30 -29.03 -1.57
C SER A 9 37.92 -29.23 -2.95
N GLY A 10 37.83 -30.47 -3.43
CA GLY A 10 38.38 -30.80 -4.72
C GLY A 10 37.78 -29.94 -5.83
N GLY A 11 36.46 -30.01 -5.93
CA GLY A 11 35.74 -29.24 -6.94
C GLY A 11 35.60 -27.78 -6.51
N GLU A 12 35.32 -27.60 -5.23
CA GLU A 12 35.15 -26.26 -4.68
C GLU A 12 36.42 -25.44 -4.89
N LEU A 13 37.55 -26.11 -4.73
CA LEU A 13 38.85 -25.46 -4.90
C LEU A 13 39.04 -25.11 -6.38
N ASP A 14 38.70 -26.06 -7.24
CA ASP A 14 38.83 -25.86 -8.66
C ASP A 14 38.06 -24.61 -9.07
N LYS A 15 36.94 -24.38 -8.41
CA LYS A 15 36.12 -23.22 -8.68
C LYS A 15 36.83 -21.96 -8.18
N TRP A 16 37.34 -22.05 -6.97
CA TRP A 16 38.04 -20.93 -6.37
C TRP A 16 39.22 -20.57 -7.28
N GLU A 17 40.16 -21.49 -7.39
CA GLU A 17 41.33 -21.28 -8.22
C GLU A 17 40.91 -20.74 -9.60
N LYS A 18 39.67 -21.03 -9.96
CA LYS A 18 39.15 -20.57 -11.23
C LYS A 18 38.44 -19.22 -11.04
N ILE A 19 39.15 -18.31 -10.38
CA ILE A 19 38.61 -16.99 -10.12
C ILE A 19 39.65 -15.93 -10.54
N ARG A 20 39.14 -14.83 -11.05
CA ARG A 20 40.00 -13.74 -11.49
C ARG A 20 40.11 -12.69 -10.39
N LEU A 21 41.35 -12.39 -10.02
CA LEU A 21 41.61 -11.41 -8.98
C LEU A 21 41.16 -10.03 -9.48
N ARG A 22 42.08 -9.08 -9.40
CA ARG A 22 41.79 -7.73 -9.83
C ARG A 22 42.92 -6.78 -9.42
N PRO A 23 43.24 -6.80 -8.10
CA PRO A 23 44.31 -5.96 -7.57
C PRO A 23 45.68 -6.52 -7.94
N GLY A 24 46.48 -5.67 -8.58
CA GLY A 24 47.81 -6.06 -8.99
C GLY A 24 47.83 -6.51 -10.46
N GLY A 25 46.65 -6.48 -11.07
CA GLY A 25 46.51 -6.87 -12.46
C GLY A 25 45.20 -7.65 -12.68
N LYS A 26 45.37 -8.92 -13.00
CA LYS A 26 44.22 -9.78 -13.24
C LYS A 26 44.67 -11.24 -13.25
N LYS A 27 45.17 -11.69 -12.11
CA LYS A 27 45.64 -13.05 -11.98
C LYS A 27 44.51 -13.92 -11.45
N GLN A 28 44.89 -15.08 -10.91
CA GLN A 28 43.92 -16.00 -10.37
C GLN A 28 44.18 -16.24 -8.88
N TYR A 29 43.15 -16.72 -8.20
CA TYR A 29 43.25 -16.99 -6.78
C TYR A 29 43.88 -18.37 -6.52
N LYS A 30 44.51 -18.49 -5.37
CA LYS A 30 45.16 -19.74 -5.00
C LYS A 30 44.95 -19.99 -3.50
N LEU A 31 45.37 -21.17 -3.06
CA LEU A 31 45.24 -21.54 -1.67
C LEU A 31 46.03 -20.56 -0.80
N LYS A 32 47.05 -19.98 -1.41
CA LYS A 32 47.89 -19.02 -0.71
C LYS A 32 47.04 -17.82 -0.29
N HIS A 33 46.24 -17.35 -1.22
CA HIS A 33 45.38 -16.20 -0.96
C HIS A 33 44.36 -16.57 0.12
N ILE A 34 43.92 -17.82 0.08
CA ILE A 34 42.96 -18.30 1.05
C ILE A 34 43.58 -18.25 2.45
N VAL A 35 44.77 -18.82 2.55
CA VAL A 35 45.49 -18.85 3.82
C VAL A 35 45.59 -17.42 4.38
N TRP A 36 45.93 -16.50 3.49
CA TRP A 36 46.07 -15.11 3.88
C TRP A 36 44.70 -14.62 4.35
N ALA A 37 43.68 -15.05 3.65
CA ALA A 37 42.32 -14.66 3.99
C ALA A 37 42.00 -15.11 5.42
N SER A 38 42.23 -16.39 5.67
CA SER A 38 41.97 -16.95 6.98
C SER A 38 42.88 -16.27 8.02
N ARG A 39 44.09 -15.94 7.58
CA ARG A 39 45.05 -15.30 8.46
C ARG A 39 44.50 -13.96 8.96
N GLU A 40 43.85 -13.24 8.04
CA GLU A 40 43.28 -11.94 8.37
C GLU A 40 42.15 -12.11 9.39
N LEU A 41 41.43 -13.22 9.25
CA LEU A 41 40.32 -13.51 10.14
C LEU A 41 40.84 -13.60 11.58
N GLU A 42 41.90 -14.36 11.75
CA GLU A 42 42.50 -14.54 13.06
C GLU A 42 42.90 -13.17 13.64
N ARG A 43 43.38 -12.31 12.76
CA ARG A 43 43.80 -10.98 13.17
C ARG A 43 42.64 -10.24 13.83
N PHE A 44 41.45 -10.49 13.31
CA PHE A 44 40.25 -9.84 13.85
C PHE A 44 39.75 -10.59 15.09
N ALA A 45 40.55 -11.53 15.55
CA ALA A 45 40.19 -12.32 16.72
C ALA A 45 38.94 -13.13 16.43
N VAL A 46 38.93 -13.76 15.26
CA VAL A 46 37.79 -14.57 14.85
C VAL A 46 38.28 -15.98 14.52
N ASN A 47 37.40 -16.94 14.73
CA ASN A 47 37.71 -18.33 14.45
C ASN A 47 37.96 -18.50 12.96
N PRO A 48 39.13 -19.12 12.63
CA PRO A 48 39.51 -19.34 11.24
C PRO A 48 38.70 -20.51 10.65
N GLY A 49 38.15 -21.31 11.54
CA GLY A 49 37.36 -22.45 11.12
C GLY A 49 36.06 -22.01 10.45
N LEU A 50 35.79 -20.72 10.57
CA LEU A 50 34.58 -20.16 9.98
C LEU A 50 34.76 -20.05 8.46
N LEU A 51 36.01 -19.92 8.05
CA LEU A 51 36.33 -19.81 6.64
C LEU A 51 36.36 -21.22 6.02
N GLU A 52 36.43 -22.21 6.90
CA GLU A 52 36.47 -23.59 6.45
C GLU A 52 35.08 -24.04 5.98
N THR A 53 34.07 -23.33 6.46
CA THR A 53 32.71 -23.64 6.09
C THR A 53 32.01 -22.39 5.53
N SER A 54 30.96 -22.64 4.77
CA SER A 54 30.20 -21.55 4.17
C SER A 54 29.42 -20.80 5.25
N GLU A 55 29.04 -21.53 6.28
CA GLU A 55 28.30 -20.95 7.39
C GLU A 55 29.14 -19.88 8.08
N GLY A 56 30.36 -20.27 8.42
CA GLY A 56 31.28 -19.36 9.09
C GLY A 56 31.58 -18.14 8.23
N CYS A 57 31.67 -18.39 6.93
CA CYS A 57 31.96 -17.32 5.99
C CYS A 57 30.78 -16.34 6.01
N ARG A 58 29.59 -16.89 6.07
CA ARG A 58 28.38 -16.07 6.10
C ARG A 58 28.39 -15.16 7.33
N GLN A 59 28.81 -15.72 8.44
CA GLN A 59 28.87 -14.97 9.69
C GLN A 59 29.89 -13.84 9.56
N ILE A 60 30.99 -14.14 8.89
CA ILE A 60 32.04 -13.15 8.69
C ILE A 60 31.58 -12.11 7.68
N LEU A 61 31.55 -12.52 6.43
CA LEU A 61 31.14 -11.63 5.35
C LEU A 61 29.92 -10.82 5.81
N GLY A 62 29.07 -11.47 6.59
CA GLY A 62 27.87 -10.84 7.10
C GLY A 62 28.23 -9.63 7.97
N GLN A 63 29.15 -9.85 8.89
CA GLN A 63 29.60 -8.79 9.79
C GLN A 63 30.89 -8.16 9.26
N LEU A 64 31.11 -8.32 7.97
CA LEU A 64 32.29 -7.77 7.34
C LEU A 64 31.90 -6.56 6.46
N GLN A 65 30.66 -6.60 6.01
CA GLN A 65 30.15 -5.52 5.17
C GLN A 65 30.34 -4.17 5.86
N PRO A 66 30.02 -4.14 7.17
CA PRO A 66 30.15 -2.92 7.95
C PRO A 66 31.63 -2.65 8.28
N SER A 67 32.34 -3.72 8.61
CA SER A 67 33.74 -3.60 8.94
C SER A 67 34.55 -3.22 7.69
N LEU A 68 33.88 -3.31 6.56
CA LEU A 68 34.52 -2.98 5.29
C LEU A 68 34.75 -1.47 5.22
N GLN A 69 33.72 -0.73 5.62
CA GLN A 69 33.79 0.72 5.59
C GLN A 69 34.68 1.22 6.74
N THR A 70 35.07 0.29 7.59
CA THR A 70 35.92 0.61 8.73
C THR A 70 37.24 -0.15 8.66
N GLY A 71 37.31 -1.03 7.66
CA GLY A 71 38.52 -1.83 7.47
C GLY A 71 39.58 -1.03 6.73
N SER A 72 39.65 -1.27 5.42
CA SER A 72 40.63 -0.58 4.59
C SER A 72 40.71 -1.25 3.22
N GLU A 73 41.63 -0.74 2.40
CA GLU A 73 41.81 -1.28 1.07
C GLU A 73 42.23 -2.75 1.14
N GLU A 74 43.11 -3.03 2.09
CA GLU A 74 43.60 -4.39 2.28
C GLU A 74 42.49 -5.28 2.86
N LEU A 75 41.84 -4.76 3.89
CA LEU A 75 40.77 -5.49 4.54
C LEU A 75 39.66 -5.76 3.53
N ARG A 76 39.47 -4.81 2.63
CA ARG A 76 38.44 -4.93 1.61
C ARG A 76 38.72 -6.14 0.73
N SER A 77 39.98 -6.30 0.35
CA SER A 77 40.39 -7.41 -0.48
C SER A 77 40.10 -8.74 0.22
N LEU A 78 40.17 -8.69 1.55
CA LEU A 78 39.93 -9.87 2.35
C LEU A 78 38.46 -10.28 2.20
N TYR A 79 37.58 -9.29 2.34
CA TYR A 79 36.15 -9.53 2.23
C TYR A 79 35.81 -10.14 0.87
N ASN A 80 36.42 -9.60 -0.17
CA ASN A 80 36.20 -10.07 -1.52
C ASN A 80 36.56 -11.56 -1.60
N THR A 81 37.55 -11.93 -0.80
CA THR A 81 38.01 -13.31 -0.77
C THR A 81 36.92 -14.22 -0.20
N ILE A 82 36.37 -13.80 0.93
CA ILE A 82 35.33 -14.56 1.60
C ILE A 82 34.07 -14.56 0.72
N ALA A 83 33.83 -13.44 0.08
CA ALA A 83 32.67 -13.30 -0.79
C ALA A 83 32.71 -14.39 -1.86
N VAL A 84 33.80 -14.39 -2.62
CA VAL A 84 33.98 -15.37 -3.68
C VAL A 84 33.93 -16.78 -3.08
N LEU A 85 34.59 -16.92 -1.93
CA LEU A 85 34.62 -18.20 -1.24
C LEU A 85 33.19 -18.67 -0.97
N TYR A 86 32.33 -17.70 -0.68
CA TYR A 86 30.94 -18.00 -0.40
C TYR A 86 30.26 -18.65 -1.61
N CYS A 87 30.39 -17.99 -2.75
CA CYS A 87 29.80 -18.49 -3.98
C CYS A 87 30.40 -19.87 -4.27
N VAL A 88 31.69 -20.00 -3.98
CA VAL A 88 32.39 -21.25 -4.21
C VAL A 88 31.77 -22.34 -3.33
N HIS A 89 31.43 -21.95 -2.11
CA HIS A 89 30.84 -22.89 -1.17
C HIS A 89 29.58 -23.50 -1.78
N GLN A 90 28.82 -22.66 -2.47
CA GLN A 90 27.60 -23.10 -3.11
C GLN A 90 27.88 -23.62 -4.52
N ARG A 91 29.05 -23.24 -5.02
CA ARG A 91 29.47 -23.65 -6.35
C ARG A 91 28.72 -22.84 -7.41
N ILE A 92 28.57 -21.56 -7.12
CA ILE A 92 27.88 -20.66 -8.04
C ILE A 92 28.82 -20.32 -9.21
N ASP A 93 28.22 -20.25 -10.39
CA ASP A 93 28.99 -19.94 -11.60
C ASP A 93 29.58 -18.54 -11.47
N VAL A 94 30.80 -18.49 -10.97
CA VAL A 94 31.49 -17.22 -10.80
C VAL A 94 32.66 -17.14 -11.78
N LYS A 95 33.28 -15.96 -11.81
CA LYS A 95 34.41 -15.74 -12.69
C LYS A 95 35.44 -14.87 -11.99
N ASP A 96 35.03 -13.66 -11.65
CA ASP A 96 35.90 -12.73 -10.97
C ASP A 96 35.31 -12.37 -9.60
N THR A 97 36.11 -11.69 -8.81
CA THR A 97 35.68 -11.28 -7.48
C THR A 97 34.45 -10.37 -7.58
N LYS A 98 34.52 -9.42 -8.51
CA LYS A 98 33.44 -8.48 -8.71
C LYS A 98 32.17 -9.26 -9.05
N GLU A 99 32.35 -10.38 -9.73
CA GLU A 99 31.23 -11.22 -10.13
C GLU A 99 30.60 -11.86 -8.90
N ALA A 100 31.45 -12.18 -7.93
CA ALA A 100 30.98 -12.81 -6.70
C ALA A 100 30.19 -11.78 -5.88
N LEU A 101 30.69 -10.55 -5.89
CA LEU A 101 30.04 -9.49 -5.15
C LEU A 101 28.61 -9.34 -5.62
N ASP A 102 28.44 -9.33 -6.93
CA ASP A 102 27.12 -9.19 -7.52
C ASP A 102 26.35 -10.51 -7.34
N LYS A 103 27.07 -11.61 -7.51
CA LYS A 103 26.47 -12.92 -7.36
C LYS A 103 26.02 -13.11 -5.92
N ILE A 104 26.99 -13.07 -5.02
CA ILE A 104 26.71 -13.24 -3.60
C ILE A 104 25.69 -12.19 -3.16
N GLU A 105 25.70 -11.07 -3.87
CA GLU A 105 24.77 -9.99 -3.56
C GLU A 105 23.33 -10.48 -3.64
N GLU A 106 23.00 -11.07 -4.78
CA GLU A 106 21.66 -11.58 -4.99
C GLU A 106 21.33 -12.65 -3.93
N GLU A 107 22.26 -13.59 -3.77
CA GLU A 107 22.08 -14.65 -2.81
C GLU A 107 21.71 -14.08 -1.44
N GLN A 108 22.53 -13.12 -1.00
CA GLN A 108 22.30 -12.48 0.29
C GLN A 108 20.89 -11.90 0.36
N ASN A 109 20.56 -11.10 -0.64
CA ASN A 109 19.25 -10.48 -0.71
C ASN A 109 18.18 -11.57 -0.57
N LYS A 110 18.38 -12.66 -1.29
CA LYS A 110 17.45 -13.77 -1.26
C LYS A 110 17.31 -14.27 0.17
N SER A 111 18.44 -14.63 0.76
CA SER A 111 18.46 -15.13 2.12
C SER A 111 17.67 -14.18 3.03
N LYS A 112 18.01 -12.90 2.95
CA LYS A 112 17.35 -11.89 3.75
C LYS A 112 15.84 -12.01 3.58
N LYS A 113 15.41 -11.99 2.32
CA LYS A 113 13.99 -12.11 2.01
C LYS A 113 13.41 -13.33 2.72
N LYS A 114 14.05 -14.47 2.47
CA LYS A 114 13.61 -15.71 3.08
C LYS A 114 13.53 -15.54 4.59
N ALA A 115 14.46 -14.76 5.13
CA ALA A 115 14.49 -14.51 6.56
C ALA A 115 13.17 -13.88 6.99
N GLN A 116 12.90 -12.71 6.43
CA GLN A 116 11.67 -11.99 6.76
C GLN A 116 10.45 -12.86 6.42
N GLN A 117 10.63 -13.71 5.42
CA GLN A 117 9.55 -14.59 4.99
C GLN A 117 9.18 -15.56 6.12
N ALA A 118 10.17 -16.30 6.57
CA ALA A 118 9.96 -17.26 7.64
C ALA A 118 9.33 -16.55 8.84
N ALA A 119 10.03 -15.53 9.32
CA ALA A 119 9.55 -14.75 10.45
C ALA A 119 8.08 -14.38 10.23
N ALA A 120 7.83 -13.78 9.08
CA ALA A 120 6.48 -13.37 8.74
C ALA A 120 5.52 -14.53 8.99
N ASP A 121 5.84 -15.67 8.38
CA ASP A 121 5.02 -16.85 8.53
C ASP A 121 4.81 -17.14 10.02
N THR A 122 5.92 -17.38 10.70
CA THR A 122 5.87 -17.68 12.12
C THR A 122 5.29 -16.49 12.90
N GLY A 123 4.14 -16.72 13.51
CA GLY A 123 3.48 -15.68 14.28
C GLY A 123 3.29 -16.11 15.73
N ASN A 124 4.18 -16.99 16.18
CA ASN A 124 4.12 -17.48 17.54
C ASN A 124 2.83 -18.29 17.73
N ASN A 125 2.94 -19.59 17.51
CA ASN A 125 1.81 -20.48 17.64
C ASN A 125 2.21 -21.90 17.25
N SER A 126 1.51 -22.87 17.83
CA SER A 126 1.80 -24.26 17.56
C SER A 126 0.74 -24.84 16.59
N GLN A 127 0.91 -24.51 15.32
CA GLN A 127 0.00 -24.98 14.30
C GLN A 127 0.42 -24.46 12.92
N VAL A 128 -0.03 -25.16 11.90
CA VAL A 128 0.30 -24.79 10.53
C VAL A 128 -0.48 -25.69 9.57
N SER A 129 -1.34 -25.04 8.77
CA SER A 129 -2.14 -25.76 7.80
C SER A 129 -3.04 -24.79 7.03
N GLN A 130 -2.43 -24.12 6.07
CA GLN A 130 -3.16 -23.15 5.26
C GLN A 130 -2.25 -22.58 4.17
N ASN A 131 -2.06 -23.35 3.12
CA ASN A 131 -1.23 -22.93 2.01
C ASN A 131 -1.21 -24.03 0.94
N TYR A 132 -1.09 -23.59 -0.30
CA TYR A 132 -1.05 -24.52 -1.42
C TYR A 132 -0.71 -23.80 -2.73
N PRO A 133 0.61 -23.79 -3.05
CA PRO A 133 1.08 -23.14 -4.26
C PRO A 133 0.75 -23.97 -5.50
N ILE A 134 0.51 -23.27 -6.60
CA ILE A 134 0.17 -23.94 -7.85
C ILE A 134 0.75 -23.13 -9.02
N VAL A 135 2.07 -23.07 -9.06
CA VAL A 135 2.75 -22.33 -10.11
C VAL A 135 1.90 -21.13 -10.52
N GLN A 136 2.11 -20.03 -9.81
CA GLN A 136 1.37 -18.81 -10.09
C GLN A 136 1.82 -17.70 -9.14
N ASN A 137 2.01 -16.52 -9.72
CA ASN A 137 2.44 -15.36 -8.94
C ASN A 137 1.63 -14.14 -9.38
N LEU A 138 1.74 -13.09 -8.58
CA LEU A 138 1.04 -11.85 -8.86
C LEU A 138 -0.46 -12.08 -8.69
N GLN A 139 -0.93 -11.83 -7.48
CA GLN A 139 -2.34 -12.01 -7.17
C GLN A 139 -2.66 -11.43 -5.78
N GLY A 140 -3.18 -10.21 -5.79
CA GLY A 140 -3.52 -9.55 -4.55
C GLY A 140 -2.27 -9.20 -3.74
N GLN A 141 -1.85 -7.95 -3.88
CA GLN A 141 -0.67 -7.48 -3.18
C GLN A 141 -0.48 -5.98 -3.41
N MET A 142 -0.73 -5.20 -2.36
CA MET A 142 -0.60 -3.76 -2.45
C MET A 142 0.11 -3.21 -1.19
N VAL A 143 1.41 -3.01 -1.34
CA VAL A 143 2.21 -2.49 -0.24
C VAL A 143 3.19 -1.45 -0.78
N HIS A 144 3.45 -0.44 0.05
CA HIS A 144 4.37 0.62 -0.33
C HIS A 144 5.81 0.13 -0.18
N GLN A 145 6.64 0.56 -1.12
CA GLN A 145 8.05 0.19 -1.09
C GLN A 145 8.83 1.07 -0.13
N ALA A 146 9.85 0.49 0.48
CA ALA A 146 10.69 1.22 1.42
C ALA A 146 11.60 2.18 0.65
N ILE A 147 12.40 2.91 1.40
CA ILE A 147 13.32 3.86 0.81
C ILE A 147 14.67 3.17 0.53
N SER A 148 15.26 3.56 -0.58
CA SER A 148 16.54 2.98 -0.99
C SER A 148 17.69 3.74 -0.31
N PRO A 149 18.87 3.06 -0.25
CA PRO A 149 20.04 3.66 0.36
C PRO A 149 20.65 4.73 -0.55
N ARG A 150 20.36 4.61 -1.84
CA ARG A 150 20.87 5.56 -2.82
C ARG A 150 20.29 6.95 -2.55
N THR A 151 19.01 6.97 -2.22
CA THR A 151 18.34 8.23 -1.95
C THR A 151 18.89 8.86 -0.66
N LEU A 152 19.29 7.99 0.27
CA LEU A 152 19.83 8.45 1.53
C LEU A 152 21.22 9.02 1.30
N ASN A 153 22.00 8.33 0.48
CA ASN A 153 23.34 8.76 0.17
C ASN A 153 23.29 10.04 -0.66
N ALA A 154 22.23 10.14 -1.45
CA ALA A 154 22.04 11.31 -2.31
C ALA A 154 21.87 12.56 -1.44
N TRP A 155 20.99 12.44 -0.47
CA TRP A 155 20.73 13.54 0.44
C TRP A 155 21.98 13.77 1.29
N VAL A 156 22.48 12.67 1.84
CA VAL A 156 23.66 12.73 2.67
C VAL A 156 24.70 13.63 2.01
N LYS A 157 24.86 13.45 0.70
CA LYS A 157 25.81 14.23 -0.06
C LYS A 157 25.40 15.71 -0.02
N VAL A 158 24.09 15.92 -0.12
CA VAL A 158 23.56 17.29 -0.10
C VAL A 158 23.85 17.91 1.26
N VAL A 159 23.61 17.14 2.30
CA VAL A 159 23.84 17.62 3.66
C VAL A 159 25.29 18.10 3.78
N GLU A 160 26.15 17.49 2.99
CA GLU A 160 27.56 17.85 3.00
C GLU A 160 27.78 19.15 2.23
N GLU A 161 26.99 19.32 1.19
CA GLU A 161 27.08 20.51 0.35
C GLU A 161 26.29 21.66 0.97
N LYS A 162 24.98 21.60 0.79
CA LYS A 162 24.10 22.63 1.33
C LYS A 162 24.06 22.51 2.85
N ALA A 163 23.40 21.46 3.31
CA ALA A 163 23.27 21.22 4.73
C ALA A 163 22.07 22.00 5.28
N PHE A 164 22.01 23.27 4.91
CA PHE A 164 20.93 24.13 5.35
C PHE A 164 20.79 25.34 4.43
N SER A 165 19.56 25.57 3.99
CA SER A 165 19.27 26.69 3.11
C SER A 165 17.79 26.68 2.71
N PRO A 166 17.37 27.78 2.04
CA PRO A 166 15.99 27.92 1.60
C PRO A 166 15.72 27.04 0.38
N GLU A 167 16.81 26.64 -0.28
CA GLU A 167 16.71 25.81 -1.46
C GLU A 167 16.86 24.33 -1.08
N VAL A 168 17.04 24.11 0.21
CA VAL A 168 17.20 22.75 0.71
C VAL A 168 15.90 22.30 1.38
N ILE A 169 15.23 23.25 2.00
CA ILE A 169 13.97 22.96 2.67
C ILE A 169 13.00 22.31 1.68
N PRO A 170 12.95 22.91 0.46
CA PRO A 170 12.07 22.40 -0.57
C PRO A 170 12.63 21.12 -1.20
N MET A 171 13.96 21.08 -1.29
CA MET A 171 14.63 19.92 -1.86
C MET A 171 14.37 18.67 -1.03
N PHE A 172 14.37 18.86 0.29
CA PHE A 172 14.14 17.76 1.20
C PHE A 172 12.75 17.15 0.99
N SER A 173 11.77 18.03 0.84
CA SER A 173 10.40 17.60 0.62
C SER A 173 10.30 16.80 -0.67
N ALA A 174 11.11 17.21 -1.65
CA ALA A 174 11.12 16.55 -2.94
C ALA A 174 11.50 15.07 -2.74
N LEU A 175 12.53 14.87 -1.95
CA LEU A 175 13.00 13.52 -1.67
C LEU A 175 12.06 12.84 -0.68
N SER A 176 11.22 13.66 -0.05
CA SER A 176 10.27 13.17 0.93
C SER A 176 8.85 13.21 0.34
N GLU A 177 8.79 13.40 -0.97
CA GLU A 177 7.51 13.46 -1.66
C GLU A 177 6.56 12.40 -1.09
N GLY A 178 5.61 12.88 -0.28
CA GLY A 178 4.63 11.99 0.32
C GLY A 178 5.30 10.71 0.82
N ALA A 179 6.06 10.86 1.90
CA ALA A 179 6.75 9.73 2.48
C ALA A 179 6.01 9.29 3.74
N THR A 180 6.59 8.29 4.42
CA THR A 180 6.00 7.78 5.64
C THR A 180 6.88 8.11 6.84
N PRO A 181 6.50 7.52 8.01
CA PRO A 181 7.25 7.75 9.24
C PRO A 181 8.57 6.98 9.23
N GLN A 182 8.49 5.74 8.76
CA GLN A 182 9.66 4.89 8.70
C GLN A 182 10.69 5.46 7.71
N ASP A 183 10.26 5.51 6.45
CA ASP A 183 11.13 6.04 5.40
C ASP A 183 11.74 7.36 5.86
N LEU A 184 10.89 8.22 6.39
CA LEU A 184 11.33 9.52 6.87
C LEU A 184 12.35 9.32 7.98
N ASN A 185 12.06 8.36 8.85
CA ASN A 185 12.94 8.07 9.97
C ASN A 185 14.34 7.77 9.44
N THR A 186 14.39 7.02 8.35
CA THR A 186 15.66 6.66 7.74
C THR A 186 16.28 7.89 7.06
N MET A 187 15.42 8.72 6.49
CA MET A 187 15.87 9.92 5.82
C MET A 187 16.61 10.85 6.78
N LEU A 188 16.00 11.03 7.95
CA LEU A 188 16.58 11.89 8.96
C LEU A 188 17.69 11.14 9.70
N ASN A 189 17.74 9.82 9.45
CA ASN A 189 18.73 8.98 10.09
C ASN A 189 20.04 9.07 9.29
N THR A 190 19.90 9.42 8.03
CA THR A 190 21.06 9.53 7.15
C THR A 190 21.52 10.99 7.07
N VAL A 191 20.61 11.89 7.43
CA VAL A 191 20.90 13.30 7.39
C VAL A 191 22.21 13.57 8.14
N GLY A 192 22.58 14.84 8.21
CA GLY A 192 23.79 15.25 8.89
C GLY A 192 23.82 16.75 9.14
N GLY A 193 22.78 17.21 9.83
CA GLY A 193 22.67 18.63 10.15
C GLY A 193 22.99 18.89 11.62
N HIS A 194 23.80 18.00 12.19
CA HIS A 194 24.20 18.12 13.58
C HIS A 194 23.09 17.56 14.48
N GLN A 195 23.51 16.84 15.51
CA GLN A 195 22.58 16.24 16.44
C GLN A 195 21.79 17.33 17.17
N ALA A 196 22.50 18.41 17.49
CA ALA A 196 21.88 19.53 18.20
C ALA A 196 20.70 20.05 17.38
N ALA A 197 20.96 20.28 16.10
CA ALA A 197 19.94 20.78 15.19
C ALA A 197 18.77 19.79 15.16
N MET A 198 19.12 18.52 14.96
CA MET A 198 18.11 17.48 14.90
C MET A 198 17.28 17.44 16.20
N GLN A 199 17.96 17.68 17.30
CA GLN A 199 17.30 17.67 18.60
C GLN A 199 16.17 18.70 18.62
N MET A 200 16.52 19.93 18.29
CA MET A 200 15.55 21.00 18.26
C MET A 200 14.42 20.71 17.27
N LEU A 201 14.77 19.95 16.24
CA LEU A 201 13.81 19.58 15.22
C LEU A 201 12.74 18.69 15.84
N LYS A 202 13.18 17.84 16.75
CA LYS A 202 12.27 16.92 17.42
C LYS A 202 11.33 17.72 18.33
N GLU A 203 11.84 18.82 18.84
CA GLU A 203 11.07 19.68 19.72
C GLU A 203 9.90 20.32 18.95
N THR A 204 10.23 20.85 17.78
CA THR A 204 9.23 21.49 16.95
C THR A 204 8.31 20.44 16.32
N ILE A 205 8.93 19.42 15.74
CA ILE A 205 8.19 18.35 15.10
C ILE A 205 7.26 17.70 16.12
N ASN A 206 7.87 17.25 17.21
CA ASN A 206 7.10 16.60 18.27
C ASN A 206 6.04 17.56 18.80
N GLU A 207 6.42 18.83 18.87
CA GLU A 207 5.50 19.86 19.34
C GLU A 207 4.33 20.02 18.36
N GLU A 208 4.61 19.75 17.10
CA GLU A 208 3.59 19.85 16.07
C GLU A 208 2.52 18.78 16.27
N ALA A 209 2.95 17.63 16.76
CA ALA A 209 2.04 16.53 17.00
C ALA A 209 1.13 16.87 18.18
N ALA A 210 1.76 17.31 19.27
CA ALA A 210 1.01 17.67 20.46
C ALA A 210 -0.03 18.74 20.10
N GLU A 211 0.43 19.74 19.37
CA GLU A 211 -0.46 20.82 18.96
C GLU A 211 -1.51 20.30 17.98
N TRP A 212 -1.07 19.37 17.13
CA TRP A 212 -1.97 18.78 16.15
C TRP A 212 -3.14 18.15 16.89
N ASP A 213 -2.82 17.15 17.71
CA ASP A 213 -3.83 16.45 18.48
C ASP A 213 -4.62 17.46 19.32
N ARG A 214 -3.90 18.49 19.76
CA ARG A 214 -4.51 19.52 20.57
C ARG A 214 -5.65 20.21 19.80
N LEU A 215 -5.42 20.39 18.52
CA LEU A 215 -6.42 21.02 17.66
C LEU A 215 -7.26 19.94 16.99
N HIS A 216 -6.94 18.70 17.31
CA HIS A 216 -7.66 17.57 16.74
C HIS A 216 -8.47 16.88 17.84
N PRO A 217 -9.79 17.24 17.89
CA PRO A 217 -10.69 16.66 18.88
C PRO A 217 -11.05 15.22 18.51
N VAL A 218 -10.29 14.30 19.07
CA VAL A 218 -10.53 12.88 18.81
C VAL A 218 -12.03 12.61 18.81
N HIS A 219 -12.52 12.17 17.65
CA HIS A 219 -13.93 11.87 17.51
C HIS A 219 -14.12 10.37 17.27
N ALA A 220 -14.44 9.67 18.35
CA ALA A 220 -14.65 8.23 18.28
C ALA A 220 -16.04 7.96 17.70
N GLY A 221 -16.15 8.15 16.39
CA GLY A 221 -17.41 7.92 15.70
C GLY A 221 -17.49 6.49 15.16
N PRO A 222 -18.11 6.38 13.94
CA PRO A 222 -18.25 5.08 13.31
C PRO A 222 -16.92 4.61 12.71
N ILE A 223 -16.51 3.42 13.13
CA ILE A 223 -15.27 2.85 12.65
C ILE A 223 -15.17 1.39 13.11
N ALA A 224 -14.23 0.67 12.51
CA ALA A 224 -14.03 -0.72 12.85
C ALA A 224 -13.53 -0.83 14.29
N PRO A 225 -13.77 -2.02 14.90
CA PRO A 225 -13.35 -2.26 16.27
C PRO A 225 -11.84 -2.49 16.35
N GLY A 226 -11.14 -1.43 16.71
CA GLY A 226 -9.69 -1.49 16.83
C GLY A 226 -9.01 -0.71 15.71
N GLN A 227 -9.81 -0.35 14.71
CA GLN A 227 -9.30 0.40 13.58
C GLN A 227 -8.48 1.60 14.05
N MET A 228 -7.54 2.01 13.20
CA MET A 228 -6.68 3.13 13.52
C MET A 228 -7.46 4.45 13.44
N ARG A 229 -8.40 4.60 14.35
CA ARG A 229 -9.22 5.80 14.39
C ARG A 229 -8.33 7.05 14.33
N GLU A 230 -8.99 8.21 14.32
CA GLU A 230 -8.27 9.47 14.26
C GLU A 230 -7.00 9.40 15.11
N PRO A 231 -5.85 9.19 14.41
CA PRO A 231 -4.57 9.11 15.08
C PRO A 231 -4.09 10.49 15.53
N ARG A 232 -3.36 10.49 16.63
CA ARG A 232 -2.83 11.73 17.18
C ARG A 232 -1.51 12.09 16.51
N GLY A 233 -1.02 13.28 16.84
CA GLY A 233 0.23 13.76 16.28
C GLY A 233 1.32 12.70 16.42
N SER A 234 1.30 12.01 17.55
CA SER A 234 2.28 10.97 17.81
C SER A 234 2.15 9.85 16.78
N ASP A 235 0.91 9.43 16.56
CA ASP A 235 0.63 8.38 15.60
C ASP A 235 1.12 8.81 14.21
N ILE A 236 0.98 10.10 13.95
CA ILE A 236 1.41 10.64 12.67
C ILE A 236 2.91 10.40 12.49
N ALA A 237 3.62 10.45 13.60
CA ALA A 237 5.06 10.23 13.57
C ALA A 237 5.35 8.75 13.30
N GLY A 238 4.28 7.97 13.29
CA GLY A 238 4.40 6.55 13.04
C GLY A 238 5.16 5.86 14.18
N THR A 239 5.10 6.48 15.35
CA THR A 239 5.78 5.93 16.52
C THR A 239 4.84 4.99 17.29
N THR A 240 3.57 5.37 17.33
CA THR A 240 2.58 4.56 18.02
C THR A 240 1.71 3.80 17.01
N SER A 241 2.00 4.03 15.74
CA SER A 241 1.26 3.38 14.68
C SER A 241 2.23 2.65 13.73
N THR A 242 1.87 1.42 13.40
CA THR A 242 2.69 0.62 12.52
C THR A 242 3.02 1.39 11.24
N LEU A 243 4.08 0.95 10.58
CA LEU A 243 4.50 1.60 9.34
C LEU A 243 3.49 1.30 8.24
N GLN A 244 2.98 0.08 8.26
CA GLN A 244 2.00 -0.33 7.27
C GLN A 244 0.65 0.34 7.54
N GLU A 245 0.36 0.52 8.82
CA GLU A 245 -0.88 1.15 9.23
C GLU A 245 -0.96 2.57 8.69
N GLN A 246 0.17 3.26 8.75
CA GLN A 246 0.24 4.63 8.27
C GLN A 246 0.02 4.68 6.76
N ILE A 247 0.89 3.97 6.05
CA ILE A 247 0.81 3.93 4.59
C ILE A 247 -0.64 3.63 4.18
N GLY A 248 -1.27 2.74 4.94
CA GLY A 248 -2.64 2.37 4.66
C GLY A 248 -3.57 3.58 4.76
N TRP A 249 -3.41 4.31 5.86
CA TRP A 249 -4.22 5.49 6.10
C TRP A 249 -3.89 6.52 5.02
N MET A 250 -2.64 6.49 4.57
CA MET A 250 -2.19 7.41 3.55
C MET A 250 -2.89 7.15 2.22
N THR A 251 -3.31 5.90 2.06
CA THR A 251 -4.00 5.50 0.84
C THR A 251 -5.42 5.02 1.15
N HIS A 252 -5.91 5.48 2.30
CA HIS A 252 -7.25 5.11 2.74
C HIS A 252 -8.26 6.14 2.21
N ASN A 253 -9.53 5.84 2.42
CA ASN A 253 -10.59 6.72 1.98
C ASN A 253 -11.44 7.14 3.19
N PRO A 254 -11.35 8.46 3.52
CA PRO A 254 -10.51 9.37 2.75
C PRO A 254 -9.04 9.15 3.09
N PRO A 255 -8.16 9.60 2.15
CA PRO A 255 -6.73 9.46 2.33
C PRO A 255 -6.20 10.48 3.35
N ILE A 256 -5.62 9.96 4.42
CA ILE A 256 -5.08 10.79 5.47
C ILE A 256 -3.59 11.06 5.19
N PRO A 257 -3.29 12.35 4.92
CA PRO A 257 -1.92 12.75 4.64
C PRO A 257 -1.07 12.77 5.92
N VAL A 258 -1.05 11.64 6.60
CA VAL A 258 -0.30 11.51 7.83
C VAL A 258 1.18 11.73 7.54
N GLY A 259 1.66 11.04 6.52
CA GLY A 259 3.06 11.15 6.13
C GLY A 259 3.40 12.58 5.71
N GLU A 260 2.48 13.18 4.96
CA GLU A 260 2.67 14.54 4.49
C GLU A 260 2.68 15.51 5.67
N ILE A 261 1.90 15.17 6.69
CA ILE A 261 1.81 15.99 7.87
C ILE A 261 3.13 15.93 8.64
N TYR A 262 3.66 14.73 8.76
CA TYR A 262 4.91 14.52 9.45
C TYR A 262 6.08 15.17 8.70
N LYS A 263 6.13 14.91 7.41
CA LYS A 263 7.18 15.46 6.57
C LYS A 263 7.16 16.99 6.69
N ARG A 264 5.96 17.53 6.81
CA ARG A 264 5.79 18.97 6.93
C ARG A 264 6.42 19.47 8.23
N TRP A 265 6.33 18.63 9.25
CA TRP A 265 6.88 18.97 10.55
C TRP A 265 8.39 19.15 10.40
N ILE A 266 8.99 18.24 9.66
CA ILE A 266 10.43 18.31 9.43
C ILE A 266 10.78 19.64 8.77
N ILE A 267 9.98 20.02 7.78
CA ILE A 267 10.20 21.27 7.08
C ILE A 267 10.10 22.43 8.07
N LEU A 268 9.27 22.24 9.08
CA LEU A 268 9.07 23.25 10.10
C LEU A 268 10.42 23.57 10.76
N GLY A 269 11.03 22.52 11.30
CA GLY A 269 12.32 22.66 11.96
C GLY A 269 13.39 23.16 10.98
N LEU A 270 13.57 22.39 9.91
CA LEU A 270 14.55 22.74 8.90
C LEU A 270 14.43 24.23 8.57
N ASN A 271 13.19 24.72 8.60
CA ASN A 271 12.93 26.11 8.30
C ASN A 271 13.60 26.99 9.36
N LYS A 272 13.50 26.53 10.60
CA LYS A 272 14.08 27.26 11.71
C LYS A 272 15.61 27.20 11.61
N ILE A 273 16.10 26.03 11.21
CA ILE A 273 17.53 25.83 11.07
C ILE A 273 18.09 26.83 10.05
N VAL A 274 17.38 26.95 8.94
CA VAL A 274 17.79 27.86 7.88
C VAL A 274 17.71 29.30 8.41
N ARG A 275 16.60 29.59 9.06
CA ARG A 275 16.37 30.92 9.61
C ARG A 275 17.50 31.28 10.58
N MET A 276 18.22 30.25 11.01
CA MET A 276 19.32 30.44 11.94
C MET A 276 20.66 30.56 11.20
N TYR A 277 20.78 29.77 10.15
CA TYR A 277 22.00 29.77 9.36
C TYR A 277 21.85 30.69 8.15
N SER A 278 20.87 31.58 8.22
CA SER A 278 20.62 32.52 7.15
C SER A 278 21.72 33.58 7.12
N PRO A 279 21.98 34.10 5.88
CA PRO A 279 23.01 35.11 5.70
C PRO A 279 22.52 36.47 6.20
N THR A 280 21.39 36.89 5.69
CA THR A 280 20.81 38.17 6.07
C THR A 280 19.32 38.01 6.38
N SER A 281 18.91 38.60 7.50
CA SER A 281 17.52 38.53 7.91
C SER A 281 17.18 39.74 8.78
N ILE A 282 16.18 40.48 8.34
CA ILE A 282 15.74 41.67 9.07
C ILE A 282 15.09 41.24 10.39
N LEU A 283 15.68 41.72 11.47
CA LEU A 283 15.17 41.40 12.80
C LEU A 283 13.64 41.49 12.79
N HIS A 284 13.02 40.50 13.43
CA HIS A 284 11.57 40.46 13.50
C HIS A 284 11.13 40.38 14.97
N HIS A 285 10.34 41.36 15.37
CA HIS A 285 9.84 41.41 16.73
C HIS A 285 8.87 40.26 16.97
N HIS A 286 9.07 39.57 18.09
CA HIS A 286 8.22 38.44 18.44
C HIS A 286 6.97 38.96 19.17
N HIS A 287 7.20 39.60 20.30
CA HIS A 287 6.11 40.13 21.09
C HIS A 287 5.23 38.99 21.60
N HIS A 288 5.65 38.41 22.71
CA HIS A 288 4.91 37.30 23.30
C HIS A 288 3.90 37.85 24.32
N HIS A 289 2.81 37.12 24.46
CA HIS A 289 1.76 37.52 25.38
C HIS A 289 1.35 38.98 25.11
N GLY A 2 -71.71 -62.23 -17.16
CA GLY A 2 -72.62 -62.25 -18.30
C GLY A 2 -73.13 -63.68 -18.56
N ALA A 3 -74.39 -63.88 -18.20
CA ALA A 3 -75.01 -65.19 -18.39
C ALA A 3 -76.54 -65.04 -18.25
N ARG A 4 -77.12 -64.33 -19.20
CA ARG A 4 -78.55 -64.11 -19.20
C ARG A 4 -78.95 -63.22 -20.38
N ALA A 5 -78.35 -62.04 -20.42
CA ALA A 5 -78.64 -61.09 -21.49
C ALA A 5 -77.58 -59.98 -21.47
N SER A 6 -76.35 -60.38 -21.76
CA SER A 6 -75.25 -59.43 -21.79
C SER A 6 -73.95 -60.15 -22.10
N VAL A 7 -73.57 -60.12 -23.37
CA VAL A 7 -72.34 -60.76 -23.81
C VAL A 7 -71.83 -60.05 -25.07
N LEU A 8 -72.60 -60.18 -26.15
CA LEU A 8 -72.23 -59.57 -27.41
C LEU A 8 -73.07 -58.31 -27.62
N SER A 9 -72.53 -57.40 -28.41
CA SER A 9 -73.21 -56.15 -28.71
C SER A 9 -74.19 -56.36 -29.86
N GLY A 10 -74.89 -55.28 -30.21
CA GLY A 10 -75.84 -55.32 -31.29
C GLY A 10 -75.18 -55.73 -32.60
N GLY A 11 -74.20 -54.93 -33.00
CA GLY A 11 -73.47 -55.19 -34.23
C GLY A 11 -72.47 -56.34 -34.05
N GLU A 12 -71.82 -56.34 -32.89
CA GLU A 12 -70.85 -57.38 -32.59
C GLU A 12 -71.51 -58.76 -32.63
N LEU A 13 -72.70 -58.83 -32.06
CA LEU A 13 -73.45 -60.08 -32.03
C LEU A 13 -73.80 -60.49 -33.46
N ASP A 14 -74.24 -59.52 -34.24
CA ASP A 14 -74.61 -59.77 -35.62
C ASP A 14 -73.42 -60.40 -36.36
N LYS A 15 -72.22 -60.02 -35.93
CA LYS A 15 -71.01 -60.54 -36.53
C LYS A 15 -70.78 -61.97 -36.03
N TRP A 16 -70.93 -62.13 -34.72
CA TRP A 16 -70.74 -63.43 -34.10
C TRP A 16 -71.67 -64.43 -34.79
N GLU A 17 -72.96 -64.16 -34.66
CA GLU A 17 -73.96 -65.02 -35.27
C GLU A 17 -73.75 -65.12 -36.77
N LYS A 18 -73.03 -64.14 -37.30
CA LYS A 18 -72.74 -64.12 -38.73
C LYS A 18 -71.45 -64.89 -39.00
N ILE A 19 -71.34 -66.04 -38.34
CA ILE A 19 -70.16 -66.89 -38.51
C ILE A 19 -70.61 -68.35 -38.59
N ARG A 20 -70.15 -69.01 -39.64
CA ARG A 20 -70.48 -70.41 -39.85
C ARG A 20 -69.44 -71.31 -39.17
N LEU A 21 -69.91 -72.49 -38.77
CA LEU A 21 -69.04 -73.45 -38.10
C LEU A 21 -69.13 -74.79 -38.82
N ARG A 22 -68.66 -75.83 -38.13
CA ARG A 22 -68.69 -77.17 -38.69
C ARG A 22 -68.13 -78.17 -37.67
N PRO A 23 -66.86 -77.92 -37.26
CA PRO A 23 -66.21 -78.80 -36.30
C PRO A 23 -66.75 -78.56 -34.89
N GLY A 24 -67.24 -79.64 -34.30
CA GLY A 24 -67.78 -79.57 -32.95
C GLY A 24 -69.10 -78.77 -32.94
N GLY A 25 -69.54 -78.40 -34.12
CA GLY A 25 -70.77 -77.65 -34.26
C GLY A 25 -71.66 -78.25 -35.35
N LYS A 26 -71.34 -77.90 -36.60
CA LYS A 26 -72.10 -78.39 -37.73
C LYS A 26 -73.32 -77.50 -37.95
N LYS A 27 -73.09 -76.19 -37.85
CA LYS A 27 -74.16 -75.23 -38.03
C LYS A 27 -73.58 -73.82 -37.97
N GLN A 28 -74.24 -72.97 -37.18
CA GLN A 28 -73.79 -71.60 -37.03
C GLN A 28 -73.66 -71.25 -35.54
N TYR A 29 -73.12 -70.06 -35.29
CA TYR A 29 -72.92 -69.59 -33.93
C TYR A 29 -74.13 -68.78 -33.46
N LYS A 30 -74.46 -68.97 -32.18
CA LYS A 30 -75.57 -68.26 -31.58
C LYS A 30 -75.23 -67.89 -30.14
N LEU A 31 -76.13 -67.13 -29.54
CA LEU A 31 -75.94 -66.70 -28.15
C LEU A 31 -75.85 -67.94 -27.26
N LYS A 32 -76.53 -68.99 -27.67
CA LYS A 32 -76.54 -70.23 -26.92
C LYS A 32 -75.11 -70.77 -26.82
N HIS A 33 -74.41 -70.73 -27.96
CA HIS A 33 -73.05 -71.22 -28.01
C HIS A 33 -72.16 -70.37 -27.09
N ILE A 34 -72.46 -69.09 -27.06
CA ILE A 34 -71.71 -68.16 -26.24
C ILE A 34 -71.87 -68.54 -24.76
N VAL A 35 -73.12 -68.71 -24.37
CA VAL A 35 -73.43 -69.08 -22.99
C VAL A 35 -72.65 -70.34 -22.63
N TRP A 36 -72.67 -71.30 -23.54
CA TRP A 36 -71.97 -72.56 -23.33
C TRP A 36 -70.47 -72.25 -23.20
N ALA A 37 -70.02 -71.33 -24.02
CA ALA A 37 -68.62 -70.94 -24.00
C ALA A 37 -68.26 -70.40 -22.61
N SER A 38 -69.08 -69.48 -22.13
CA SER A 38 -68.87 -68.89 -20.83
C SER A 38 -68.86 -69.98 -19.75
N ARG A 39 -69.69 -70.99 -19.97
CA ARG A 39 -69.78 -72.09 -19.03
C ARG A 39 -68.43 -72.79 -18.91
N GLU A 40 -67.77 -72.96 -20.04
CA GLU A 40 -66.46 -73.61 -20.07
C GLU A 40 -65.44 -72.76 -19.31
N LEU A 41 -65.60 -71.45 -19.41
CA LEU A 41 -64.70 -70.53 -18.75
C LEU A 41 -64.69 -70.82 -17.25
N GLU A 42 -65.90 -70.89 -16.69
CA GLU A 42 -66.05 -71.16 -15.27
C GLU A 42 -65.39 -72.49 -14.91
N ARG A 43 -65.58 -73.48 -15.78
CA ARG A 43 -65.01 -74.79 -15.56
C ARG A 43 -63.49 -74.70 -15.46
N PHE A 44 -62.92 -73.81 -16.27
CA PHE A 44 -61.49 -73.61 -16.28
C PHE A 44 -61.02 -72.81 -15.06
N ALA A 45 -61.99 -72.46 -14.23
CA ALA A 45 -61.71 -71.70 -13.02
C ALA A 45 -61.30 -70.28 -13.42
N VAL A 46 -62.05 -69.71 -14.35
CA VAL A 46 -61.77 -68.37 -14.82
C VAL A 46 -63.03 -67.51 -14.67
N ASN A 47 -62.82 -66.22 -14.44
CA ASN A 47 -63.91 -65.29 -14.28
C ASN A 47 -64.69 -65.18 -15.60
N PRO A 48 -66.04 -65.29 -15.48
CA PRO A 48 -66.90 -65.20 -16.65
C PRO A 48 -67.02 -63.76 -17.14
N GLY A 49 -66.67 -62.83 -16.26
CA GLY A 49 -66.73 -61.42 -16.60
C GLY A 49 -65.70 -61.07 -17.68
N LEU A 50 -64.80 -62.02 -17.93
CA LEU A 50 -63.78 -61.83 -18.92
C LEU A 50 -64.40 -61.85 -20.31
N LEU A 51 -65.36 -62.76 -20.48
CA LEU A 51 -66.05 -62.89 -21.75
C LEU A 51 -66.94 -61.67 -21.99
N GLU A 52 -67.03 -60.84 -20.96
CA GLU A 52 -67.84 -59.64 -21.04
C GLU A 52 -67.05 -58.51 -21.69
N THR A 53 -65.73 -58.64 -21.63
CA THR A 53 -64.85 -57.63 -22.21
C THR A 53 -63.88 -58.29 -23.20
N SER A 54 -63.40 -57.47 -24.12
CA SER A 54 -62.46 -57.95 -25.13
C SER A 54 -61.14 -58.35 -24.47
N GLU A 55 -60.80 -57.63 -23.40
CA GLU A 55 -59.57 -57.90 -22.68
C GLU A 55 -59.64 -59.27 -22.01
N GLY A 56 -60.84 -59.59 -21.53
CA GLY A 56 -61.05 -60.87 -20.86
C GLY A 56 -61.07 -62.02 -21.86
N CYS A 57 -61.63 -61.73 -23.04
CA CYS A 57 -61.72 -62.73 -24.08
C CYS A 57 -60.30 -63.09 -24.53
N ARG A 58 -59.49 -62.06 -24.70
CA ARG A 58 -58.11 -62.26 -25.12
C ARG A 58 -57.31 -62.94 -24.00
N GLN A 59 -57.70 -62.64 -22.78
CA GLN A 59 -57.03 -63.20 -21.62
C GLN A 59 -57.14 -64.73 -21.64
N ILE A 60 -58.35 -65.20 -21.92
CA ILE A 60 -58.60 -66.62 -21.97
C ILE A 60 -57.85 -67.23 -23.16
N LEU A 61 -58.33 -66.89 -24.35
CA LEU A 61 -57.71 -67.39 -25.58
C LEU A 61 -56.19 -67.38 -25.41
N GLY A 62 -55.71 -66.37 -24.70
CA GLY A 62 -54.28 -66.24 -24.46
C GLY A 62 -53.74 -67.44 -23.67
N GLN A 63 -54.43 -67.75 -22.59
CA GLN A 63 -54.04 -68.87 -21.74
C GLN A 63 -54.84 -70.13 -22.11
N LEU A 64 -55.34 -70.13 -23.34
CA LEU A 64 -56.12 -71.25 -23.82
C LEU A 64 -55.32 -72.00 -24.89
N GLN A 65 -54.44 -71.25 -25.56
CA GLN A 65 -53.61 -71.83 -26.61
C GLN A 65 -52.88 -73.06 -26.08
N PRO A 66 -52.31 -72.92 -24.86
CA PRO A 66 -51.58 -74.01 -24.23
C PRO A 66 -52.53 -75.08 -23.70
N SER A 67 -53.63 -74.61 -23.13
CA SER A 67 -54.63 -75.51 -22.57
C SER A 67 -55.32 -76.27 -23.70
N LEU A 68 -55.10 -75.81 -24.91
CA LEU A 68 -55.68 -76.44 -26.08
C LEU A 68 -55.02 -77.80 -26.32
N GLN A 69 -53.70 -77.79 -26.21
CA GLN A 69 -52.93 -79.01 -26.40
C GLN A 69 -53.09 -79.94 -25.21
N THR A 70 -53.76 -79.43 -24.19
CA THR A 70 -53.99 -80.20 -22.98
C THR A 70 -55.49 -80.36 -22.71
N GLY A 71 -56.27 -79.69 -23.55
CA GLY A 71 -57.72 -79.74 -23.42
C GLY A 71 -58.29 -80.99 -24.08
N SER A 72 -58.81 -80.81 -25.28
CA SER A 72 -59.39 -81.91 -26.03
C SER A 72 -60.17 -81.38 -27.24
N GLU A 73 -60.80 -82.30 -27.95
CA GLU A 73 -61.57 -81.93 -29.13
C GLU A 73 -62.68 -80.95 -28.75
N GLU A 74 -63.31 -81.22 -27.62
CA GLU A 74 -64.39 -80.38 -27.14
C GLU A 74 -63.83 -79.05 -26.63
N LEU A 75 -62.76 -79.13 -25.86
CA LEU A 75 -62.12 -77.95 -25.32
C LEU A 75 -61.66 -77.05 -26.46
N ARG A 76 -61.26 -77.69 -27.55
CA ARG A 76 -60.79 -76.97 -28.73
C ARG A 76 -61.91 -76.07 -29.27
N SER A 77 -63.08 -76.68 -29.42
CA SER A 77 -64.23 -75.96 -29.94
C SER A 77 -64.49 -74.71 -29.08
N LEU A 78 -64.26 -74.87 -27.78
CA LEU A 78 -64.47 -73.77 -26.86
C LEU A 78 -63.56 -72.60 -27.25
N TYR A 79 -62.30 -72.93 -27.49
CA TYR A 79 -61.33 -71.92 -27.87
C TYR A 79 -61.70 -71.28 -29.21
N ASN A 80 -62.10 -72.12 -30.15
CA ASN A 80 -62.49 -71.65 -31.46
C ASN A 80 -63.59 -70.59 -31.32
N THR A 81 -64.43 -70.78 -30.30
CA THR A 81 -65.52 -69.87 -30.04
C THR A 81 -64.98 -68.53 -29.53
N ILE A 82 -64.04 -68.62 -28.60
CA ILE A 82 -63.44 -67.43 -28.01
C ILE A 82 -62.66 -66.69 -29.10
N ALA A 83 -62.03 -67.46 -29.98
CA ALA A 83 -61.25 -66.89 -31.05
C ALA A 83 -62.15 -66.02 -31.94
N VAL A 84 -63.22 -66.63 -32.41
CA VAL A 84 -64.17 -65.93 -33.26
C VAL A 84 -64.72 -64.71 -32.51
N LEU A 85 -65.09 -64.96 -31.26
CA LEU A 85 -65.64 -63.90 -30.42
C LEU A 85 -64.64 -62.74 -30.37
N TYR A 86 -63.38 -63.08 -30.16
CA TYR A 86 -62.33 -62.08 -30.10
C TYR A 86 -62.24 -61.29 -31.40
N CYS A 87 -62.45 -62.00 -32.51
CA CYS A 87 -62.39 -61.38 -33.81
C CYS A 87 -63.59 -60.43 -33.95
N VAL A 88 -64.68 -60.81 -33.32
CA VAL A 88 -65.89 -60.01 -33.35
C VAL A 88 -65.65 -58.69 -32.62
N HIS A 89 -64.81 -58.77 -31.59
CA HIS A 89 -64.49 -57.59 -30.80
C HIS A 89 -63.67 -56.62 -31.65
N GLN A 90 -62.76 -57.18 -32.43
CA GLN A 90 -61.92 -56.36 -33.29
C GLN A 90 -62.62 -56.08 -34.61
N ARG A 91 -63.69 -56.82 -34.85
CA ARG A 91 -64.46 -56.67 -36.07
C ARG A 91 -63.61 -57.03 -37.29
N ILE A 92 -62.94 -58.17 -37.18
CA ILE A 92 -62.10 -58.65 -38.26
C ILE A 92 -62.94 -59.39 -39.29
N ASP A 93 -62.61 -59.20 -40.55
CA ASP A 93 -63.34 -59.84 -41.64
C ASP A 93 -63.19 -61.36 -41.51
N VAL A 94 -64.26 -62.00 -41.06
CA VAL A 94 -64.26 -63.44 -40.89
C VAL A 94 -65.55 -64.01 -41.47
N LYS A 95 -65.61 -65.33 -41.51
CA LYS A 95 -66.78 -66.02 -42.04
C LYS A 95 -67.01 -67.30 -41.24
N ASP A 96 -65.97 -68.11 -41.15
CA ASP A 96 -66.05 -69.36 -40.42
C ASP A 96 -65.16 -69.28 -39.18
N THR A 97 -65.29 -70.28 -38.32
CA THR A 97 -64.51 -70.34 -37.11
C THR A 97 -63.01 -70.39 -37.44
N LYS A 98 -62.68 -71.23 -38.42
CA LYS A 98 -61.30 -71.38 -38.83
C LYS A 98 -60.79 -70.05 -39.38
N GLU A 99 -61.71 -69.29 -39.98
CA GLU A 99 -61.36 -68.00 -40.53
C GLU A 99 -60.89 -67.05 -39.44
N ALA A 100 -61.52 -67.17 -38.28
CA ALA A 100 -61.17 -66.34 -37.15
C ALA A 100 -59.78 -66.73 -36.63
N LEU A 101 -59.51 -68.02 -36.68
CA LEU A 101 -58.23 -68.54 -36.23
C LEU A 101 -57.11 -67.83 -36.99
N ASP A 102 -57.27 -67.77 -38.30
CA ASP A 102 -56.28 -67.13 -39.15
C ASP A 102 -56.35 -65.61 -38.95
N LYS A 103 -57.58 -65.11 -38.92
CA LYS A 103 -57.81 -63.69 -38.74
C LYS A 103 -57.19 -63.24 -37.41
N ILE A 104 -57.69 -63.83 -36.34
CA ILE A 104 -57.21 -63.50 -35.01
C ILE A 104 -55.70 -63.72 -34.96
N GLU A 105 -55.23 -64.65 -35.79
CA GLU A 105 -53.82 -64.97 -35.85
C GLU A 105 -53.00 -63.71 -36.16
N GLU A 106 -53.38 -63.05 -37.24
CA GLU A 106 -52.69 -61.84 -37.67
C GLU A 106 -52.79 -60.77 -36.57
N GLU A 107 -54.01 -60.59 -36.09
CA GLU A 107 -54.25 -59.60 -35.04
C GLU A 107 -53.28 -59.82 -33.88
N GLN A 108 -53.23 -61.06 -33.41
CA GLN A 108 -52.36 -61.42 -32.30
C GLN A 108 -50.92 -61.01 -32.61
N ASN A 109 -50.45 -61.46 -33.77
CA ASN A 109 -49.09 -61.16 -34.20
C ASN A 109 -48.87 -59.65 -34.15
N LYS A 110 -49.87 -58.93 -34.63
CA LYS A 110 -49.80 -57.47 -34.64
C LYS A 110 -49.62 -56.96 -33.21
N SER A 111 -50.55 -57.35 -32.36
CA SER A 111 -50.51 -56.94 -30.96
C SER A 111 -49.12 -57.21 -30.39
N LYS A 112 -48.65 -58.43 -30.58
CA LYS A 112 -47.35 -58.82 -30.09
C LYS A 112 -46.30 -57.80 -30.55
N LYS A 113 -46.27 -57.59 -31.86
CA LYS A 113 -45.32 -56.65 -32.45
C LYS A 113 -45.43 -55.31 -31.71
N LYS A 114 -46.65 -54.80 -31.64
CA LYS A 114 -46.90 -53.53 -30.98
C LYS A 114 -46.24 -53.56 -29.60
N ALA A 115 -46.53 -54.61 -28.86
CA ALA A 115 -45.97 -54.77 -27.52
C ALA A 115 -44.45 -54.63 -27.58
N GLN A 116 -43.85 -55.47 -28.43
CA GLN A 116 -42.40 -55.46 -28.59
C GLN A 116 -41.91 -54.03 -28.81
N GLN A 117 -42.57 -53.35 -29.74
CA GLN A 117 -42.21 -51.98 -30.07
C GLN A 117 -42.16 -51.13 -28.80
N ALA A 118 -43.26 -51.17 -28.05
CA ALA A 118 -43.35 -50.42 -26.81
C ALA A 118 -42.19 -50.80 -25.89
N ALA A 119 -42.14 -52.08 -25.56
CA ALA A 119 -41.10 -52.59 -24.69
C ALA A 119 -39.77 -51.94 -25.07
N ALA A 120 -39.41 -52.09 -26.33
CA ALA A 120 -38.17 -51.51 -26.83
C ALA A 120 -38.09 -50.04 -26.43
N ASP A 121 -39.13 -49.31 -26.80
CA ASP A 121 -39.19 -47.90 -26.48
C ASP A 121 -38.86 -47.69 -24.99
N THR A 122 -39.69 -48.29 -24.15
CA THR A 122 -39.50 -48.19 -22.72
C THR A 122 -38.20 -48.88 -22.30
N GLY A 123 -37.62 -48.38 -21.21
CA GLY A 123 -36.38 -48.93 -20.69
C GLY A 123 -36.61 -49.61 -19.35
N ASN A 124 -37.48 -50.61 -19.37
CA ASN A 124 -37.79 -51.36 -18.17
C ASN A 124 -36.50 -51.68 -17.42
N ASN A 125 -36.28 -50.94 -16.33
CA ASN A 125 -35.09 -51.14 -15.53
C ASN A 125 -35.05 -50.07 -14.43
N SER A 126 -34.15 -50.29 -13.47
CA SER A 126 -33.99 -49.35 -12.37
C SER A 126 -32.52 -48.94 -12.24
N GLN A 127 -32.32 -47.63 -12.20
CA GLN A 127 -30.98 -47.09 -12.08
C GLN A 127 -31.03 -45.56 -12.01
N VAL A 128 -30.21 -45.02 -11.12
CA VAL A 128 -30.15 -43.58 -10.94
C VAL A 128 -28.68 -43.13 -10.89
N SER A 129 -28.49 -41.82 -11.02
CA SER A 129 -27.15 -41.27 -10.99
C SER A 129 -27.21 -39.75 -11.21
N GLN A 130 -26.23 -39.06 -10.64
CA GLN A 130 -26.18 -37.61 -10.77
C GLN A 130 -24.97 -37.07 -10.00
N ASN A 131 -24.46 -35.94 -10.47
CA ASN A 131 -23.32 -35.31 -9.84
C ASN A 131 -22.92 -34.07 -10.65
N TYR A 132 -22.30 -33.13 -9.95
CA TYR A 132 -21.87 -31.90 -10.57
C TYR A 132 -21.06 -31.03 -9.61
N PRO A 133 -19.71 -31.22 -9.65
CA PRO A 133 -18.82 -30.47 -8.78
C PRO A 133 -18.67 -29.03 -9.25
N ILE A 134 -17.86 -28.27 -8.53
CA ILE A 134 -17.63 -26.88 -8.88
C ILE A 134 -16.19 -26.51 -8.49
N VAL A 135 -15.77 -25.34 -8.97
CA VAL A 135 -14.43 -24.86 -8.69
C VAL A 135 -14.49 -23.38 -8.32
N GLN A 136 -13.40 -22.89 -7.74
CA GLN A 136 -13.33 -21.49 -7.35
C GLN A 136 -11.94 -21.19 -6.75
N ASN A 137 -11.61 -19.91 -6.76
CA ASN A 137 -10.33 -19.48 -6.23
C ASN A 137 -10.17 -17.97 -6.45
N LEU A 138 -9.24 -17.39 -5.71
CA LEU A 138 -8.98 -15.97 -5.82
C LEU A 138 -7.78 -15.60 -4.95
N GLN A 139 -7.21 -14.43 -5.25
CA GLN A 139 -6.05 -13.96 -4.51
C GLN A 139 -5.66 -12.56 -4.98
N GLY A 140 -4.73 -11.96 -4.24
CA GLY A 140 -4.25 -10.63 -4.57
C GLY A 140 -3.73 -9.91 -3.33
N GLN A 141 -2.85 -8.95 -3.57
CA GLN A 141 -2.27 -8.19 -2.48
C GLN A 141 -1.37 -7.08 -3.03
N MET A 142 -0.93 -6.21 -2.13
CA MET A 142 -0.08 -5.10 -2.51
C MET A 142 0.34 -4.28 -1.28
N VAL A 143 1.36 -3.46 -1.48
CA VAL A 143 1.86 -2.62 -0.41
C VAL A 143 2.90 -1.64 -0.97
N HIS A 144 3.24 -0.66 -0.14
CA HIS A 144 4.22 0.34 -0.55
C HIS A 144 5.62 -0.17 -0.26
N GLN A 145 6.54 0.16 -1.16
CA GLN A 145 7.93 -0.26 -1.02
C GLN A 145 8.67 0.68 -0.06
N ALA A 146 9.63 0.12 0.65
CA ALA A 146 10.42 0.88 1.60
C ALA A 146 11.40 1.78 0.83
N ILE A 147 12.16 2.55 1.60
CA ILE A 147 13.14 3.45 1.00
C ILE A 147 14.45 2.70 0.74
N SER A 148 15.08 3.04 -0.36
CA SER A 148 16.33 2.40 -0.74
C SER A 148 17.50 3.12 -0.06
N PRO A 149 18.65 2.40 0.02
CA PRO A 149 19.84 2.95 0.64
C PRO A 149 20.51 3.97 -0.29
N ARG A 150 20.22 3.85 -1.57
CA ARG A 150 20.78 4.76 -2.56
C ARG A 150 20.25 6.17 -2.34
N THR A 151 18.98 6.26 -1.97
CA THR A 151 18.36 7.55 -1.72
C THR A 151 18.99 8.22 -0.50
N LEU A 152 19.29 7.40 0.50
CA LEU A 152 19.89 7.90 1.72
C LEU A 152 21.22 8.58 1.39
N ASN A 153 21.97 7.92 0.51
CA ASN A 153 23.27 8.45 0.10
C ASN A 153 23.06 9.74 -0.69
N ALA A 154 22.07 9.72 -1.56
CA ALA A 154 21.76 10.86 -2.38
C ALA A 154 21.45 12.06 -1.48
N TRP A 155 20.57 11.82 -0.51
CA TRP A 155 20.18 12.85 0.43
C TRP A 155 21.42 13.29 1.19
N VAL A 156 22.17 12.31 1.66
CA VAL A 156 23.39 12.58 2.41
C VAL A 156 24.20 13.66 1.69
N LYS A 157 24.26 13.53 0.37
CA LYS A 157 24.98 14.50 -0.44
C LYS A 157 24.27 15.84 -0.40
N VAL A 158 22.94 15.77 -0.38
CA VAL A 158 22.13 16.97 -0.34
C VAL A 158 22.41 17.73 0.95
N VAL A 159 22.44 16.98 2.05
CA VAL A 159 22.68 17.58 3.35
C VAL A 159 24.08 18.21 3.35
N GLU A 160 25.04 17.45 2.86
CA GLU A 160 26.42 17.92 2.79
C GLU A 160 26.52 19.12 1.85
N GLU A 161 25.50 19.27 1.03
CA GLU A 161 25.47 20.37 0.06
C GLU A 161 25.01 21.66 0.74
N LYS A 162 23.87 21.56 1.42
CA LYS A 162 23.31 22.71 2.11
C LYS A 162 22.23 22.23 3.08
N ALA A 163 22.65 21.38 4.01
CA ALA A 163 21.73 20.85 5.00
C ALA A 163 20.79 21.96 5.48
N PHE A 164 21.38 23.11 5.76
CA PHE A 164 20.61 24.26 6.21
C PHE A 164 20.58 25.36 5.15
N SER A 165 19.44 25.46 4.49
CA SER A 165 19.25 26.46 3.45
C SER A 165 17.84 26.38 2.87
N PRO A 166 17.44 27.46 2.17
CA PRO A 166 16.12 27.52 1.56
C PRO A 166 16.05 26.64 0.31
N GLU A 167 17.24 26.29 -0.19
CA GLU A 167 17.32 25.45 -1.37
C GLU A 167 17.48 23.98 -0.97
N VAL A 168 17.40 23.74 0.32
CA VAL A 168 17.53 22.39 0.85
C VAL A 168 16.18 21.93 1.41
N ILE A 169 15.45 22.89 1.94
CA ILE A 169 14.14 22.60 2.50
C ILE A 169 13.26 21.94 1.45
N PRO A 170 13.31 22.51 0.21
CA PRO A 170 12.53 21.98 -0.89
C PRO A 170 13.14 20.68 -1.43
N MET A 171 14.46 20.64 -1.41
CA MET A 171 15.18 19.47 -1.88
C MET A 171 14.82 18.24 -1.05
N PHE A 172 14.83 18.42 0.26
CA PHE A 172 14.51 17.32 1.17
C PHE A 172 13.08 16.83 0.95
N SER A 173 12.17 17.79 0.81
CA SER A 173 10.77 17.47 0.60
C SER A 173 10.61 16.67 -0.70
N ALA A 174 11.44 17.00 -1.66
CA ALA A 174 11.41 16.32 -2.96
C ALA A 174 11.68 14.83 -2.75
N LEU A 175 12.69 14.55 -1.94
CA LEU A 175 13.05 13.18 -1.66
C LEU A 175 12.02 12.56 -0.70
N SER A 176 11.16 13.43 -0.17
CA SER A 176 10.14 12.98 0.76
C SER A 176 8.81 12.83 0.01
N GLU A 177 8.90 12.82 -1.30
CA GLU A 177 7.71 12.67 -2.13
C GLU A 177 6.75 11.66 -1.51
N GLY A 178 5.69 12.19 -0.92
CA GLY A 178 4.69 11.35 -0.28
C GLY A 178 5.34 10.16 0.41
N ALA A 179 6.11 10.46 1.45
CA ALA A 179 6.78 9.42 2.20
C ALA A 179 6.06 9.19 3.53
N THR A 180 6.65 8.35 4.36
CA THR A 180 6.07 8.05 5.66
C THR A 180 6.97 8.58 6.78
N PRO A 181 6.59 8.19 8.04
CA PRO A 181 7.34 8.63 9.20
C PRO A 181 8.66 7.85 9.31
N GLN A 182 8.59 6.57 9.00
CA GLN A 182 9.76 5.71 9.07
C GLN A 182 10.76 6.11 7.98
N ASP A 183 10.34 5.91 6.75
CA ASP A 183 11.19 6.24 5.61
C ASP A 183 11.84 7.61 5.84
N LEU A 184 11.01 8.55 6.25
CA LEU A 184 11.48 9.91 6.51
C LEU A 184 12.50 9.87 7.64
N ASN A 185 12.15 9.15 8.69
CA ASN A 185 13.03 9.03 9.84
C ASN A 185 14.40 8.52 9.39
N THR A 186 14.36 7.64 8.40
CA THR A 186 15.60 7.07 7.86
C THR A 186 16.49 8.17 7.28
N MET A 187 15.85 9.03 6.48
CA MET A 187 16.57 10.13 5.85
C MET A 187 17.11 11.10 6.90
N LEU A 188 16.25 11.43 7.86
CA LEU A 188 16.63 12.35 8.92
C LEU A 188 17.74 11.71 9.77
N ASN A 189 17.75 10.39 9.76
CA ASN A 189 18.75 9.65 10.52
C ASN A 189 20.12 9.83 9.87
N THR A 190 20.15 9.63 8.55
CA THR A 190 21.38 9.76 7.79
C THR A 190 21.72 11.24 7.58
N VAL A 191 20.82 12.08 8.05
CA VAL A 191 21.01 13.52 7.91
C VAL A 191 22.38 13.91 8.46
N GLY A 192 22.64 15.21 8.48
CA GLY A 192 23.91 15.71 8.97
C GLY A 192 23.86 17.24 9.15
N GLY A 193 22.93 17.67 9.99
CA GLY A 193 22.76 19.09 10.26
C GLY A 193 23.04 19.40 11.74
N HIS A 194 23.98 18.64 12.30
CA HIS A 194 24.35 18.83 13.69
C HIS A 194 23.30 18.18 14.59
N GLN A 195 23.80 17.49 15.61
CA GLN A 195 22.93 16.81 16.56
C GLN A 195 22.01 17.82 17.24
N ALA A 196 22.57 18.98 17.53
CA ALA A 196 21.81 20.04 18.18
C ALA A 196 20.58 20.37 17.34
N ALA A 197 20.82 20.58 16.05
CA ALA A 197 19.74 20.92 15.14
C ALA A 197 18.71 19.78 15.15
N MET A 198 19.21 18.56 14.99
CA MET A 198 18.34 17.40 14.98
C MET A 198 17.53 17.31 16.27
N GLN A 199 18.15 17.74 17.35
CA GLN A 199 17.50 17.71 18.65
C GLN A 199 16.35 18.73 18.70
N MET A 200 16.68 19.97 18.38
CA MET A 200 15.69 21.03 18.38
C MET A 200 14.55 20.71 17.39
N LEU A 201 14.93 20.10 16.28
CA LEU A 201 13.94 19.73 15.27
C LEU A 201 12.93 18.76 15.87
N LYS A 202 13.43 17.91 16.76
CA LYS A 202 12.57 16.93 17.41
C LYS A 202 11.59 17.65 18.33
N GLU A 203 12.04 18.76 18.89
CA GLU A 203 11.21 19.55 19.78
C GLU A 203 10.03 20.16 19.01
N THR A 204 10.37 20.74 17.86
CA THR A 204 9.36 21.37 17.03
C THR A 204 8.43 20.30 16.43
N ILE A 205 9.03 19.28 15.86
CA ILE A 205 8.27 18.20 15.26
C ILE A 205 7.37 17.57 16.31
N ASN A 206 7.98 17.15 17.41
CA ASN A 206 7.25 16.53 18.49
C ASN A 206 6.17 17.49 18.99
N GLU A 207 6.53 18.76 19.00
CA GLU A 207 5.61 19.80 19.46
C GLU A 207 4.44 19.92 18.48
N GLU A 208 4.71 19.61 17.22
CA GLU A 208 3.70 19.69 16.19
C GLU A 208 2.62 18.64 16.43
N ALA A 209 3.07 17.44 16.77
CA ALA A 209 2.16 16.34 17.03
C ALA A 209 1.25 16.70 18.20
N ALA A 210 1.87 17.15 19.27
CA ALA A 210 1.12 17.55 20.46
C ALA A 210 0.08 18.60 20.08
N GLU A 211 0.53 19.59 19.33
CA GLU A 211 -0.34 20.67 18.90
C GLU A 211 -1.45 20.11 18.01
N TRP A 212 -1.09 19.10 17.23
CA TRP A 212 -2.04 18.47 16.33
C TRP A 212 -3.22 17.98 17.16
N ASP A 213 -2.91 17.15 18.14
CA ASP A 213 -3.93 16.60 19.02
C ASP A 213 -4.73 17.75 19.65
N ARG A 214 -4.03 18.84 19.90
CA ARG A 214 -4.65 20.01 20.51
C ARG A 214 -5.75 20.55 19.60
N LEU A 215 -5.49 20.49 18.30
CA LEU A 215 -6.45 20.97 17.32
C LEU A 215 -7.25 19.79 16.77
N HIS A 216 -6.91 18.61 17.28
CA HIS A 216 -7.59 17.39 16.84
C HIS A 216 -8.42 16.83 18.00
N PRO A 217 -9.74 17.18 17.98
CA PRO A 217 -10.64 16.72 19.03
C PRO A 217 -11.00 15.25 18.83
N VAL A 218 -9.96 14.43 18.76
CA VAL A 218 -10.15 12.99 18.58
C VAL A 218 -10.77 12.40 19.84
N HIS A 219 -12.03 12.00 19.71
CA HIS A 219 -12.76 11.41 20.81
C HIS A 219 -13.61 10.25 20.32
N ALA A 220 -13.29 9.06 20.81
CA ALA A 220 -14.03 7.86 20.42
C ALA A 220 -13.90 6.82 21.53
N GLY A 221 -14.60 5.71 21.33
CA GLY A 221 -14.58 4.62 22.30
C GLY A 221 -13.31 3.79 22.16
N PRO A 222 -13.46 2.45 22.35
CA PRO A 222 -12.35 1.55 22.25
C PRO A 222 -11.94 1.33 20.79
N ILE A 223 -10.74 1.75 20.47
CA ILE A 223 -10.22 1.61 19.11
C ILE A 223 -10.27 0.13 18.70
N ALA A 224 -11.04 -0.15 17.67
CA ALA A 224 -11.17 -1.50 17.17
C ALA A 224 -9.81 -2.19 17.21
N PRO A 225 -9.86 -3.56 17.27
CA PRO A 225 -8.64 -4.34 17.31
C PRO A 225 -7.97 -4.39 15.94
N GLY A 226 -6.87 -3.66 15.82
CA GLY A 226 -6.14 -3.61 14.58
C GLY A 226 -6.44 -2.33 13.81
N GLN A 227 -7.58 -1.73 14.14
CA GLN A 227 -8.00 -0.50 13.49
C GLN A 227 -7.04 0.64 13.84
N MET A 228 -7.22 1.75 13.15
CA MET A 228 -6.39 2.93 13.37
C MET A 228 -7.20 4.21 13.25
N ARG A 229 -8.17 4.36 14.14
CA ARG A 229 -9.01 5.53 14.13
C ARG A 229 -8.16 6.80 14.14
N GLU A 230 -8.85 7.94 14.18
CA GLU A 230 -8.17 9.22 14.19
C GLU A 230 -6.88 9.13 15.01
N PRO A 231 -5.75 8.93 14.29
CA PRO A 231 -4.45 8.82 14.93
C PRO A 231 -3.96 10.19 15.39
N ARG A 232 -3.19 10.19 16.47
CA ARG A 232 -2.64 11.42 17.01
C ARG A 232 -1.33 11.76 16.31
N GLY A 233 -0.77 12.90 16.70
CA GLY A 233 0.48 13.37 16.13
C GLY A 233 1.57 12.30 16.28
N SER A 234 1.56 11.63 17.42
CA SER A 234 2.53 10.59 17.69
C SER A 234 2.35 9.43 16.72
N ASP A 235 1.09 9.11 16.46
CA ASP A 235 0.76 8.03 15.55
C ASP A 235 1.35 8.33 14.17
N ILE A 236 1.23 9.58 13.78
CA ILE A 236 1.75 10.01 12.48
C ILE A 236 3.26 9.78 12.44
N ALA A 237 3.87 9.89 13.61
CA ALA A 237 5.31 9.70 13.72
C ALA A 237 5.63 8.22 13.52
N GLY A 238 4.58 7.42 13.46
CA GLY A 238 4.75 5.98 13.27
C GLY A 238 5.26 5.32 14.56
N THR A 239 4.97 5.97 15.67
CA THR A 239 5.39 5.46 16.97
C THR A 239 4.29 4.56 17.55
N THR A 240 3.05 4.98 17.35
CA THR A 240 1.92 4.22 17.86
C THR A 240 1.23 3.47 16.71
N SER A 241 1.78 3.63 15.52
CA SER A 241 1.24 2.97 14.35
C SER A 241 2.38 2.43 13.48
N THR A 242 2.13 1.27 12.89
CA THR A 242 3.12 0.63 12.04
C THR A 242 3.23 1.39 10.71
N LEU A 243 4.19 0.96 9.91
CA LEU A 243 4.42 1.58 8.61
C LEU A 243 3.22 1.31 7.70
N GLN A 244 2.97 0.04 7.47
CA GLN A 244 1.86 -0.36 6.62
C GLN A 244 0.58 0.35 7.06
N GLU A 245 0.55 0.72 8.33
CA GLU A 245 -0.61 1.42 8.88
C GLU A 245 -0.72 2.83 8.31
N GLN A 246 0.41 3.54 8.34
CA GLN A 246 0.45 4.89 7.83
C GLN A 246 0.33 4.89 6.30
N ILE A 247 0.95 3.88 5.70
CA ILE A 247 0.93 3.75 4.25
C ILE A 247 -0.52 3.79 3.77
N GLY A 248 -1.32 2.88 4.30
CA GLY A 248 -2.72 2.81 3.93
C GLY A 248 -3.44 4.12 4.27
N TRP A 249 -3.22 4.59 5.49
CA TRP A 249 -3.84 5.82 5.94
C TRP A 249 -3.47 6.93 4.96
N MET A 250 -2.28 6.79 4.39
CA MET A 250 -1.80 7.77 3.44
C MET A 250 -2.65 7.77 2.16
N THR A 251 -3.02 6.57 1.74
CA THR A 251 -3.82 6.42 0.55
C THR A 251 -5.24 5.94 0.91
N HIS A 252 -5.61 6.21 2.15
CA HIS A 252 -6.93 5.83 2.64
C HIS A 252 -7.97 6.81 2.12
N ASN A 253 -9.24 6.44 2.32
CA ASN A 253 -10.34 7.27 1.88
C ASN A 253 -11.21 7.63 3.08
N PRO A 254 -11.16 8.94 3.45
CA PRO A 254 -10.34 9.89 2.73
C PRO A 254 -8.86 9.70 3.09
N PRO A 255 -7.98 10.22 2.19
CA PRO A 255 -6.55 10.11 2.40
C PRO A 255 -6.07 11.10 3.47
N ILE A 256 -5.42 10.55 4.48
CA ILE A 256 -4.92 11.35 5.58
C ILE A 256 -3.46 11.75 5.29
N PRO A 257 -3.19 13.06 5.43
CA PRO A 257 -1.85 13.58 5.19
C PRO A 257 -0.91 13.22 6.34
N VAL A 258 -0.84 11.93 6.63
CA VAL A 258 0.02 11.45 7.69
C VAL A 258 1.47 11.77 7.36
N GLY A 259 1.92 11.24 6.23
CA GLY A 259 3.29 11.47 5.80
C GLY A 259 3.54 12.95 5.54
N GLU A 260 2.54 13.61 4.99
CA GLU A 260 2.64 15.03 4.70
C GLU A 260 2.66 15.84 5.99
N ILE A 261 1.91 15.35 6.97
CA ILE A 261 1.85 16.02 8.26
C ILE A 261 3.23 16.00 8.92
N TYR A 262 3.85 14.83 8.88
CA TYR A 262 5.16 14.66 9.47
C TYR A 262 6.22 15.42 8.66
N LYS A 263 6.13 15.29 7.35
CA LYS A 263 7.06 15.96 6.47
C LYS A 263 7.04 17.46 6.74
N ARG A 264 5.84 17.98 6.93
CA ARG A 264 5.67 19.40 7.20
C ARG A 264 6.35 19.76 8.52
N TRP A 265 6.33 18.82 9.45
CA TRP A 265 6.93 19.04 10.75
C TRP A 265 8.44 19.25 10.54
N ILE A 266 9.02 18.36 9.76
CA ILE A 266 10.44 18.43 9.47
C ILE A 266 10.76 19.78 8.83
N ILE A 267 9.96 20.13 7.83
CA ILE A 267 10.15 21.39 7.13
C ILE A 267 9.99 22.55 8.12
N LEU A 268 9.13 22.34 9.11
CA LEU A 268 8.88 23.34 10.11
C LEU A 268 10.20 23.70 10.81
N GLY A 269 10.83 22.68 11.38
CA GLY A 269 12.09 22.88 12.07
C GLY A 269 13.18 23.34 11.11
N LEU A 270 13.42 22.53 10.09
CA LEU A 270 14.43 22.84 9.09
C LEU A 270 14.31 24.31 8.70
N ASN A 271 13.07 24.78 8.66
CA ASN A 271 12.80 26.16 8.30
C ASN A 271 13.44 27.09 9.34
N LYS A 272 13.23 26.75 10.60
CA LYS A 272 13.78 27.54 11.69
C LYS A 272 15.31 27.43 11.67
N ILE A 273 15.79 26.24 11.34
CA ILE A 273 17.21 25.99 11.27
C ILE A 273 17.83 26.86 10.17
N VAL A 274 17.15 26.91 9.05
CA VAL A 274 17.61 27.70 7.92
C VAL A 274 17.67 29.17 8.33
N ARG A 275 16.60 29.63 8.97
CA ARG A 275 16.53 31.00 9.41
C ARG A 275 17.60 31.28 10.48
N MET A 276 18.14 30.21 11.02
CA MET A 276 19.17 30.32 12.03
C MET A 276 20.56 30.31 11.40
N TYR A 277 20.71 29.48 10.38
CA TYR A 277 21.97 29.36 9.68
C TYR A 277 21.99 30.22 8.41
N SER A 278 21.03 31.12 8.34
CA SER A 278 20.92 32.02 7.19
C SER A 278 21.81 33.24 7.39
N PRO A 279 22.25 33.83 6.25
CA PRO A 279 23.10 34.99 6.28
C PRO A 279 22.31 36.25 6.63
N THR A 280 22.23 36.51 7.93
CA THR A 280 21.49 37.66 8.42
C THR A 280 20.01 37.57 8.03
N SER A 281 19.17 37.52 9.04
CA SER A 281 17.74 37.43 8.82
C SER A 281 16.99 38.29 9.83
N ILE A 282 16.02 39.05 9.33
CA ILE A 282 15.23 39.92 10.18
C ILE A 282 13.95 39.19 10.60
N LEU A 283 13.68 39.24 11.90
CA LEU A 283 12.50 38.59 12.44
C LEU A 283 11.29 39.52 12.27
N HIS A 284 10.12 38.91 12.21
CA HIS A 284 8.89 39.65 12.05
C HIS A 284 7.68 38.74 12.30
N HIS A 285 6.51 39.34 12.32
CA HIS A 285 5.28 38.60 12.55
C HIS A 285 5.25 38.11 14.00
N HIS A 286 4.04 37.97 14.51
CA HIS A 286 3.85 37.51 15.88
C HIS A 286 2.47 36.86 16.02
N HIS A 287 2.24 36.27 17.19
CA HIS A 287 0.99 35.60 17.45
C HIS A 287 0.58 35.85 18.91
N HIS A 288 -0.67 35.54 19.20
CA HIS A 288 -1.19 35.72 20.55
C HIS A 288 -2.00 34.48 20.95
N HIS A 289 -2.38 34.45 22.23
CA HIS A 289 -3.14 33.33 22.75
C HIS A 289 -4.41 33.14 21.90
N GLY A 2 -19.19 -70.17 -23.16
CA GLY A 2 -18.00 -69.46 -23.57
C GLY A 2 -17.83 -69.49 -25.08
N ALA A 3 -17.74 -70.71 -25.61
CA ALA A 3 -17.58 -70.89 -27.05
C ALA A 3 -17.90 -72.34 -27.41
N ARG A 4 -19.09 -72.54 -27.95
CA ARG A 4 -19.54 -73.86 -28.34
C ARG A 4 -20.97 -73.81 -28.84
N ALA A 5 -21.85 -73.31 -27.99
CA ALA A 5 -23.26 -73.21 -28.31
C ALA A 5 -23.41 -72.37 -29.59
N SER A 6 -22.96 -71.13 -29.51
CA SER A 6 -23.04 -70.22 -30.64
C SER A 6 -21.78 -69.37 -30.72
N VAL A 7 -21.75 -68.48 -31.71
CA VAL A 7 -20.62 -67.61 -31.91
C VAL A 7 -20.47 -66.69 -30.68
N LEU A 8 -21.58 -66.08 -30.32
CA LEU A 8 -21.60 -65.18 -29.18
C LEU A 8 -22.35 -65.84 -28.01
N SER A 9 -22.04 -65.38 -26.81
CA SER A 9 -22.67 -65.92 -25.62
C SER A 9 -23.96 -65.16 -25.32
N GLY A 10 -24.63 -65.57 -24.26
CA GLY A 10 -25.87 -64.93 -23.86
C GLY A 10 -25.67 -63.44 -23.57
N GLY A 11 -24.76 -63.18 -22.64
CA GLY A 11 -24.46 -61.81 -22.26
C GLY A 11 -23.57 -61.13 -23.32
N GLU A 12 -22.62 -61.90 -23.82
CA GLU A 12 -21.70 -61.39 -24.82
C GLU A 12 -22.47 -60.93 -26.06
N LEU A 13 -23.47 -61.73 -26.41
CA LEU A 13 -24.30 -61.41 -27.57
C LEU A 13 -25.11 -60.15 -27.29
N ASP A 14 -25.59 -60.06 -26.06
CA ASP A 14 -26.38 -58.91 -25.66
C ASP A 14 -25.59 -57.63 -25.90
N LYS A 15 -24.27 -57.76 -25.77
CA LYS A 15 -23.39 -56.62 -25.96
C LYS A 15 -23.22 -56.37 -27.47
N TRP A 16 -23.02 -57.45 -28.20
CA TRP A 16 -22.85 -57.36 -29.64
C TRP A 16 -24.08 -56.64 -30.22
N GLU A 17 -25.23 -57.25 -30.00
CA GLU A 17 -26.47 -56.69 -30.49
C GLU A 17 -26.68 -55.29 -29.91
N LYS A 18 -26.04 -55.04 -28.78
CA LYS A 18 -26.14 -53.75 -28.12
C LYS A 18 -25.03 -52.83 -28.62
N ILE A 19 -24.77 -52.92 -29.93
CA ILE A 19 -23.74 -52.11 -30.54
C ILE A 19 -24.21 -51.66 -31.92
N ARG A 20 -23.91 -50.41 -32.24
CA ARG A 20 -24.29 -49.85 -33.52
C ARG A 20 -23.07 -49.66 -34.41
N LEU A 21 -23.31 -49.67 -35.71
CA LEU A 21 -22.23 -49.49 -36.67
C LEU A 21 -22.41 -48.16 -37.40
N ARG A 22 -21.78 -48.07 -38.56
CA ARG A 22 -21.86 -46.86 -39.36
C ARG A 22 -21.06 -47.03 -40.66
N PRO A 23 -19.75 -47.32 -40.49
CA PRO A 23 -18.88 -47.51 -41.64
C PRO A 23 -19.12 -48.87 -42.31
N GLY A 24 -19.44 -48.81 -43.59
CA GLY A 24 -19.71 -50.02 -44.35
C GLY A 24 -20.97 -50.71 -43.85
N GLY A 25 -21.66 -50.04 -42.93
CA GLY A 25 -22.89 -50.58 -42.36
C GLY A 25 -24.00 -49.54 -42.38
N LYS A 26 -24.04 -48.74 -41.32
CA LYS A 26 -25.05 -47.70 -41.21
C LYS A 26 -26.30 -48.29 -40.56
N LYS A 27 -26.08 -49.18 -39.59
CA LYS A 27 -27.18 -49.81 -38.90
C LYS A 27 -26.67 -50.36 -37.56
N GLN A 28 -27.13 -51.56 -37.24
CA GLN A 28 -26.73 -52.22 -36.00
C GLN A 28 -26.04 -53.55 -36.30
N TYR A 29 -25.58 -54.20 -35.24
CA TYR A 29 -24.91 -55.48 -35.38
C TYR A 29 -25.87 -56.63 -35.09
N LYS A 30 -25.71 -57.69 -35.87
CA LYS A 30 -26.56 -58.86 -35.71
C LYS A 30 -25.72 -60.13 -35.94
N LEU A 31 -26.30 -61.26 -35.58
CA LEU A 31 -25.62 -62.54 -35.73
C LEU A 31 -25.31 -62.76 -37.22
N LYS A 32 -26.13 -62.18 -38.07
CA LYS A 32 -25.95 -62.30 -39.50
C LYS A 32 -24.61 -61.70 -39.90
N HIS A 33 -24.33 -60.53 -39.35
CA HIS A 33 -23.08 -59.83 -39.63
C HIS A 33 -21.91 -60.67 -39.14
N ILE A 34 -22.13 -61.33 -38.01
CA ILE A 34 -21.10 -62.17 -37.42
C ILE A 34 -20.77 -63.32 -38.38
N VAL A 35 -21.83 -63.99 -38.82
CA VAL A 35 -21.67 -65.11 -39.74
C VAL A 35 -20.83 -64.66 -40.95
N TRP A 36 -21.18 -63.48 -41.46
CA TRP A 36 -20.47 -62.93 -42.61
C TRP A 36 -19.01 -62.70 -42.19
N ALA A 37 -18.84 -62.24 -40.97
CA ALA A 37 -17.50 -61.99 -40.45
C ALA A 37 -16.68 -63.27 -40.49
N SER A 38 -17.26 -64.31 -39.89
CA SER A 38 -16.60 -65.60 -39.84
C SER A 38 -16.40 -66.14 -41.26
N ARG A 39 -17.37 -65.85 -42.12
CA ARG A 39 -17.32 -66.28 -43.50
C ARG A 39 -16.08 -65.72 -44.19
N GLU A 40 -15.81 -64.45 -43.90
CA GLU A 40 -14.68 -63.77 -44.49
C GLU A 40 -13.37 -64.40 -44.01
N LEU A 41 -13.39 -64.85 -42.76
CA LEU A 41 -12.22 -65.48 -42.17
C LEU A 41 -11.89 -66.76 -42.93
N GLU A 42 -12.93 -67.54 -43.21
CA GLU A 42 -12.76 -68.78 -43.93
C GLU A 42 -12.11 -68.51 -45.30
N ARG A 43 -12.54 -67.44 -45.93
CA ARG A 43 -12.02 -67.06 -47.22
C ARG A 43 -10.56 -66.62 -47.10
N PHE A 44 -10.22 -66.15 -45.91
CA PHE A 44 -8.87 -65.69 -45.63
C PHE A 44 -7.95 -66.86 -45.27
N ALA A 45 -8.48 -68.06 -45.47
CA ALA A 45 -7.71 -69.27 -45.18
C ALA A 45 -7.36 -69.28 -43.69
N VAL A 46 -8.31 -68.83 -42.88
CA VAL A 46 -8.12 -68.79 -41.44
C VAL A 46 -9.26 -69.54 -40.75
N ASN A 47 -8.94 -70.11 -39.60
CA ASN A 47 -9.91 -70.86 -38.85
C ASN A 47 -11.02 -69.92 -38.37
N PRO A 48 -12.29 -70.37 -38.60
CA PRO A 48 -13.45 -69.58 -38.20
C PRO A 48 -13.66 -69.63 -36.69
N GLY A 49 -13.06 -70.64 -36.07
CA GLY A 49 -13.17 -70.80 -34.63
C GLY A 49 -12.42 -69.69 -33.89
N LEU A 50 -11.66 -68.92 -34.65
CA LEU A 50 -10.90 -67.83 -34.08
C LEU A 50 -11.85 -66.71 -33.65
N LEU A 51 -12.91 -66.53 -34.44
CA LEU A 51 -13.89 -65.51 -34.15
C LEU A 51 -14.77 -65.98 -32.99
N GLU A 52 -14.75 -67.29 -32.76
CA GLU A 52 -15.54 -67.87 -31.69
C GLU A 52 -14.92 -67.54 -30.33
N THR A 53 -13.63 -67.24 -30.37
CA THR A 53 -12.91 -66.91 -29.15
C THR A 53 -12.20 -65.56 -29.29
N SER A 54 -11.98 -64.92 -28.15
CA SER A 54 -11.33 -63.63 -28.14
C SER A 54 -9.86 -63.77 -28.55
N GLU A 55 -9.31 -64.94 -28.23
CA GLU A 55 -7.92 -65.22 -28.56
C GLU A 55 -7.72 -65.19 -30.08
N GLY A 56 -8.60 -65.89 -30.78
CA GLY A 56 -8.53 -65.96 -32.23
C GLY A 56 -8.75 -64.57 -32.84
N CYS A 57 -9.60 -63.79 -32.20
CA CYS A 57 -9.90 -62.45 -32.67
C CYS A 57 -8.63 -61.62 -32.60
N ARG A 58 -7.89 -61.82 -31.51
CA ARG A 58 -6.65 -61.09 -31.30
C ARG A 58 -5.66 -61.40 -32.43
N GLN A 59 -5.67 -62.64 -32.87
CA GLN A 59 -4.79 -63.07 -33.95
C GLN A 59 -5.23 -62.46 -35.27
N ILE A 60 -6.54 -62.34 -35.43
CA ILE A 60 -7.10 -61.77 -36.64
C ILE A 60 -6.91 -60.25 -36.62
N LEU A 61 -7.74 -59.60 -35.82
CA LEU A 61 -7.67 -58.16 -35.70
C LEU A 61 -6.21 -57.72 -35.59
N GLY A 62 -5.43 -58.56 -34.92
CA GLY A 62 -4.02 -58.27 -34.73
C GLY A 62 -3.30 -58.16 -36.07
N GLN A 63 -3.54 -59.14 -36.92
CA GLN A 63 -2.92 -59.16 -38.24
C GLN A 63 -3.90 -58.64 -39.29
N LEU A 64 -4.88 -57.87 -38.83
CA LEU A 64 -5.88 -57.32 -39.71
C LEU A 64 -5.64 -55.81 -39.87
N GLN A 65 -5.02 -55.23 -38.85
CA GLN A 65 -4.72 -53.81 -38.87
C GLN A 65 -3.96 -53.44 -40.14
N PRO A 66 -2.94 -54.28 -40.47
CA PRO A 66 -2.14 -54.06 -41.66
C PRO A 66 -2.90 -54.43 -42.92
N SER A 67 -3.63 -55.53 -42.83
CA SER A 67 -4.42 -56.01 -43.96
C SER A 67 -5.57 -55.05 -44.23
N LEU A 68 -5.79 -54.15 -43.29
CA LEU A 68 -6.86 -53.16 -43.41
C LEU A 68 -6.49 -52.15 -44.50
N GLN A 69 -5.23 -51.71 -44.45
CA GLN A 69 -4.74 -50.75 -45.42
C GLN A 69 -4.52 -51.42 -46.77
N THR A 70 -4.67 -52.74 -46.78
CA THR A 70 -4.48 -53.51 -48.00
C THR A 70 -5.77 -54.26 -48.35
N GLY A 71 -6.73 -54.17 -47.46
CA GLY A 71 -8.02 -54.83 -47.66
C GLY A 71 -8.92 -54.00 -48.57
N SER A 72 -9.83 -53.26 -47.94
CA SER A 72 -10.76 -52.42 -48.68
C SER A 72 -11.88 -51.94 -47.76
N GLU A 73 -12.83 -51.23 -48.36
CA GLU A 73 -13.95 -50.71 -47.60
C GLU A 73 -14.75 -51.86 -46.97
N GLU A 74 -14.91 -52.92 -47.75
CA GLU A 74 -15.65 -54.08 -47.28
C GLU A 74 -14.83 -54.83 -46.23
N LEU A 75 -13.57 -55.05 -46.54
CA LEU A 75 -12.67 -55.75 -45.63
C LEU A 75 -12.58 -54.97 -44.32
N ARG A 76 -12.63 -53.65 -44.45
CA ARG A 76 -12.56 -52.79 -43.28
C ARG A 76 -13.72 -53.06 -42.33
N SER A 77 -14.90 -53.21 -42.92
CA SER A 77 -16.09 -53.48 -42.14
C SER A 77 -15.94 -54.81 -41.40
N LEU A 78 -15.18 -55.72 -42.00
CA LEU A 78 -14.96 -57.02 -41.40
C LEU A 78 -14.15 -56.85 -40.11
N TYR A 79 -13.15 -55.99 -40.19
CA TYR A 79 -12.29 -55.73 -39.05
C TYR A 79 -13.08 -55.08 -37.91
N ASN A 80 -13.92 -54.13 -38.29
CA ASN A 80 -14.73 -53.42 -37.31
C ASN A 80 -15.62 -54.43 -36.57
N THR A 81 -15.91 -55.53 -37.25
CA THR A 81 -16.74 -56.58 -36.67
C THR A 81 -15.97 -57.32 -35.58
N ILE A 82 -14.75 -57.71 -35.91
CA ILE A 82 -13.91 -58.43 -34.96
C ILE A 82 -13.50 -57.48 -33.84
N ALA A 83 -13.34 -56.22 -34.20
CA ALA A 83 -12.94 -55.21 -33.24
C ALA A 83 -13.94 -55.18 -32.09
N VAL A 84 -15.19 -54.88 -32.44
CA VAL A 84 -16.26 -54.83 -31.45
C VAL A 84 -16.36 -56.17 -30.74
N LEU A 85 -16.24 -57.23 -31.52
CA LEU A 85 -16.32 -58.58 -30.99
C LEU A 85 -15.27 -58.75 -29.90
N TYR A 86 -14.11 -58.15 -30.13
CA TYR A 86 -13.01 -58.24 -29.18
C TYR A 86 -13.42 -57.62 -27.83
N CYS A 87 -14.00 -56.44 -27.90
CA CYS A 87 -14.44 -55.75 -26.70
C CYS A 87 -15.54 -56.58 -26.04
N VAL A 88 -16.40 -57.13 -26.88
CA VAL A 88 -17.50 -57.94 -26.40
C VAL A 88 -16.94 -59.15 -25.64
N HIS A 89 -15.87 -59.70 -26.19
CA HIS A 89 -15.23 -60.86 -25.57
C HIS A 89 -14.82 -60.52 -24.14
N GLN A 90 -14.32 -59.30 -23.97
CA GLN A 90 -13.91 -58.84 -22.66
C GLN A 90 -15.06 -58.16 -21.94
N ARG A 91 -16.13 -57.92 -22.68
CA ARG A 91 -17.31 -57.27 -22.13
C ARG A 91 -16.98 -55.83 -21.74
N ILE A 92 -16.26 -55.16 -22.63
CA ILE A 92 -15.87 -53.78 -22.39
C ILE A 92 -17.08 -52.87 -22.63
N ASP A 93 -17.20 -51.86 -21.79
CA ASP A 93 -18.30 -50.92 -21.89
C ASP A 93 -18.20 -50.17 -23.22
N VAL A 94 -18.83 -50.75 -24.23
CA VAL A 94 -18.81 -50.14 -25.56
C VAL A 94 -20.23 -49.77 -25.96
N LYS A 95 -20.34 -49.09 -27.09
CA LYS A 95 -21.63 -48.66 -27.60
C LYS A 95 -21.65 -48.76 -29.13
N ASP A 96 -20.58 -48.23 -29.72
CA ASP A 96 -20.46 -48.26 -31.17
C ASP A 96 -19.10 -48.84 -31.55
N THR A 97 -18.93 -49.11 -32.84
CA THR A 97 -17.70 -49.67 -33.35
C THR A 97 -16.52 -48.73 -33.04
N LYS A 98 -16.75 -47.45 -33.28
CA LYS A 98 -15.72 -46.45 -33.04
C LYS A 98 -15.25 -46.55 -31.59
N GLU A 99 -16.17 -46.95 -30.73
CA GLU A 99 -15.86 -47.10 -29.32
C GLU A 99 -14.91 -48.28 -29.09
N ALA A 100 -15.18 -49.35 -29.84
CA ALA A 100 -14.37 -50.54 -29.74
C ALA A 100 -13.00 -50.29 -30.36
N LEU A 101 -13.01 -49.55 -31.46
CA LEU A 101 -11.78 -49.21 -32.16
C LEU A 101 -10.83 -48.51 -31.19
N ASP A 102 -11.37 -47.55 -30.46
CA ASP A 102 -10.58 -46.81 -29.49
C ASP A 102 -10.26 -47.71 -28.30
N LYS A 103 -11.29 -48.41 -27.84
CA LYS A 103 -11.14 -49.31 -26.71
C LYS A 103 -10.09 -50.38 -27.05
N ILE A 104 -10.41 -51.18 -28.06
CA ILE A 104 -9.52 -52.23 -28.48
C ILE A 104 -8.15 -51.64 -28.82
N GLU A 105 -8.17 -50.38 -29.23
CA GLU A 105 -6.95 -49.68 -29.58
C GLU A 105 -6.07 -49.49 -28.34
N GLU A 106 -6.67 -48.89 -27.32
CA GLU A 106 -5.96 -48.65 -26.08
C GLU A 106 -5.53 -49.97 -25.44
N GLU A 107 -6.49 -50.86 -25.29
CA GLU A 107 -6.21 -52.17 -24.71
C GLU A 107 -5.09 -52.87 -25.46
N GLN A 108 -5.27 -52.96 -26.77
CA GLN A 108 -4.27 -53.60 -27.62
C GLN A 108 -2.91 -52.95 -27.43
N ASN A 109 -2.89 -51.63 -27.57
CA ASN A 109 -1.66 -50.88 -27.41
C ASN A 109 -1.02 -51.23 -26.06
N LYS A 110 -1.86 -51.29 -25.04
CA LYS A 110 -1.40 -51.61 -23.70
C LYS A 110 -0.73 -52.99 -23.72
N SER A 111 -1.48 -53.98 -24.18
CA SER A 111 -0.98 -55.34 -24.26
C SER A 111 0.38 -55.35 -24.95
N LYS A 112 0.43 -54.71 -26.10
CA LYS A 112 1.66 -54.65 -26.87
C LYS A 112 2.79 -54.13 -25.98
N LYS A 113 2.54 -52.99 -25.37
CA LYS A 113 3.53 -52.38 -24.49
C LYS A 113 3.99 -53.41 -23.46
N LYS A 114 3.02 -54.00 -22.78
CA LYS A 114 3.32 -55.00 -21.77
C LYS A 114 4.27 -56.05 -22.36
N ALA A 115 3.89 -56.56 -23.52
CA ALA A 115 4.69 -57.55 -24.20
C ALA A 115 6.12 -57.04 -24.35
N GLN A 116 6.24 -55.86 -24.95
CA GLN A 116 7.54 -55.25 -25.15
C GLN A 116 8.33 -55.24 -23.85
N GLN A 117 7.69 -54.75 -22.80
CA GLN A 117 8.32 -54.68 -21.50
C GLN A 117 8.86 -56.06 -21.09
N ALA A 118 7.96 -57.04 -21.11
CA ALA A 118 8.33 -58.40 -20.76
C ALA A 118 9.54 -58.83 -21.58
N ALA A 119 9.50 -58.47 -22.86
CA ALA A 119 10.57 -58.82 -23.77
C ALA A 119 11.89 -58.22 -23.25
N ALA A 120 11.80 -56.97 -22.83
CA ALA A 120 12.97 -56.26 -22.32
C ALA A 120 13.13 -56.59 -20.83
N ASP A 121 12.32 -57.53 -20.37
CA ASP A 121 12.37 -57.94 -18.98
C ASP A 121 13.25 -59.18 -18.85
N THR A 122 13.07 -60.10 -19.78
CA THR A 122 13.85 -61.33 -19.79
C THR A 122 15.29 -61.05 -19.36
N GLY A 123 15.59 -61.43 -18.12
CA GLY A 123 16.91 -61.24 -17.57
C GLY A 123 16.94 -60.04 -16.61
N ASN A 124 16.36 -60.27 -15.44
CA ASN A 124 16.31 -59.23 -14.42
C ASN A 124 15.60 -58.00 -14.99
N ASN A 125 15.16 -57.14 -14.08
CA ASN A 125 14.47 -55.92 -14.48
C ASN A 125 13.91 -55.23 -13.24
N SER A 126 13.71 -53.92 -13.37
CA SER A 126 13.19 -53.13 -12.27
C SER A 126 13.09 -51.66 -12.68
N GLN A 127 12.45 -50.88 -11.82
CA GLN A 127 12.29 -49.46 -12.09
C GLN A 127 11.99 -48.71 -10.78
N VAL A 128 11.99 -47.40 -10.88
CA VAL A 128 11.73 -46.55 -9.72
C VAL A 128 11.39 -45.14 -10.19
N SER A 129 10.90 -44.34 -9.26
CA SER A 129 10.54 -42.96 -9.55
C SER A 129 10.25 -42.20 -8.26
N GLN A 130 10.10 -40.90 -8.41
CA GLN A 130 9.82 -40.04 -7.27
C GLN A 130 9.40 -38.65 -7.73
N ASN A 131 8.95 -37.85 -6.77
CA ASN A 131 8.52 -36.50 -7.07
C ASN A 131 8.22 -35.76 -5.75
N TYR A 132 8.07 -34.45 -5.87
CA TYR A 132 7.79 -33.63 -4.71
C TYR A 132 6.46 -32.88 -4.87
N PRO A 133 5.38 -33.52 -4.34
CA PRO A 133 4.05 -32.93 -4.42
C PRO A 133 3.91 -31.78 -3.43
N ILE A 134 2.78 -31.08 -3.55
CA ILE A 134 2.51 -29.95 -2.67
C ILE A 134 3.79 -29.15 -2.46
N VAL A 135 4.34 -28.67 -3.57
CA VAL A 135 5.58 -27.88 -3.51
C VAL A 135 5.27 -26.52 -2.91
N GLN A 136 6.32 -25.89 -2.40
CA GLN A 136 6.18 -24.56 -1.79
C GLN A 136 5.52 -23.60 -2.79
N ASN A 137 5.15 -22.43 -2.27
CA ASN A 137 4.53 -21.41 -3.10
C ASN A 137 4.75 -20.04 -2.46
N LEU A 138 4.45 -19.01 -3.24
CA LEU A 138 4.61 -17.64 -2.76
C LEU A 138 3.46 -16.79 -3.28
N GLN A 139 3.46 -15.53 -2.85
CA GLN A 139 2.42 -14.61 -3.26
C GLN A 139 2.79 -13.18 -2.87
N GLY A 140 2.00 -12.23 -3.36
CA GLY A 140 2.24 -10.83 -3.06
C GLY A 140 0.94 -10.12 -2.66
N GLN A 141 1.00 -8.80 -2.68
CA GLN A 141 -0.16 -8.00 -2.33
C GLN A 141 0.10 -6.53 -2.65
N MET A 142 -0.96 -5.73 -2.53
CA MET A 142 -0.86 -4.31 -2.80
C MET A 142 -0.30 -3.56 -1.59
N VAL A 143 0.99 -3.27 -1.67
CA VAL A 143 1.67 -2.56 -0.60
C VAL A 143 2.59 -1.49 -1.19
N HIS A 144 3.18 -0.70 -0.32
CA HIS A 144 4.08 0.36 -0.74
C HIS A 144 5.53 -0.06 -0.46
N GLN A 145 6.40 0.31 -1.38
CA GLN A 145 7.82 -0.01 -1.24
C GLN A 145 8.50 1.01 -0.33
N ALA A 146 9.51 0.52 0.39
CA ALA A 146 10.26 1.37 1.30
C ALA A 146 11.19 2.28 0.49
N ILE A 147 11.99 3.04 1.22
CA ILE A 147 12.92 3.96 0.59
C ILE A 147 14.16 3.19 0.12
N SER A 148 14.68 3.59 -1.03
CA SER A 148 15.85 2.95 -1.58
C SER A 148 17.12 3.57 -1.00
N PRO A 149 18.24 2.80 -1.11
CA PRO A 149 19.52 3.26 -0.60
C PRO A 149 20.11 4.35 -1.50
N ARG A 150 19.68 4.33 -2.75
CA ARG A 150 20.16 5.29 -3.73
C ARG A 150 19.72 6.71 -3.34
N THR A 151 18.51 6.79 -2.82
CA THR A 151 17.95 8.06 -2.40
C THR A 151 18.70 8.60 -1.18
N LEU A 152 19.04 7.68 -0.29
CA LEU A 152 19.75 8.05 0.93
C LEU A 152 21.10 8.65 0.55
N ASN A 153 21.74 8.05 -0.44
CA ASN A 153 23.03 8.51 -0.90
C ASN A 153 22.87 9.89 -1.55
N ALA A 154 21.77 10.04 -2.26
CA ALA A 154 21.47 11.30 -2.93
C ALA A 154 21.29 12.40 -1.90
N TRP A 155 20.48 12.10 -0.90
CA TRP A 155 20.21 13.05 0.16
C TRP A 155 21.52 13.34 0.88
N VAL A 156 22.26 12.27 1.13
CA VAL A 156 23.55 12.40 1.81
C VAL A 156 24.34 13.55 1.20
N LYS A 157 24.31 13.61 -0.13
CA LYS A 157 25.02 14.66 -0.85
C LYS A 157 24.31 15.99 -0.62
N VAL A 158 22.99 15.91 -0.50
CA VAL A 158 22.19 17.11 -0.28
C VAL A 158 22.57 17.73 1.07
N VAL A 159 22.75 16.87 2.06
CA VAL A 159 23.11 17.32 3.39
C VAL A 159 24.60 17.66 3.42
N GLU A 160 25.35 16.93 2.61
CA GLU A 160 26.80 17.14 2.53
C GLU A 160 27.10 18.51 1.92
N GLU A 161 26.25 18.89 0.98
CA GLU A 161 26.42 20.17 0.30
C GLU A 161 25.66 21.27 1.05
N LYS A 162 24.35 21.07 1.16
CA LYS A 162 23.50 22.03 1.84
C LYS A 162 23.56 21.77 3.35
N ALA A 163 22.79 20.77 3.77
CA ALA A 163 22.74 20.41 5.18
C ALA A 163 21.71 21.28 5.88
N PHE A 164 21.82 22.58 5.63
CA PHE A 164 20.90 23.53 6.24
C PHE A 164 20.79 24.80 5.40
N SER A 165 20.33 24.62 4.17
CA SER A 165 20.16 25.73 3.25
C SER A 165 18.68 25.91 2.89
N PRO A 166 18.38 27.06 2.24
CA PRO A 166 17.02 27.36 1.84
C PRO A 166 16.60 26.53 0.62
N GLU A 167 17.62 26.01 -0.06
CA GLU A 167 17.38 25.20 -1.25
C GLU A 167 17.33 23.72 -0.87
N VAL A 168 17.50 23.47 0.42
CA VAL A 168 17.47 22.10 0.93
C VAL A 168 16.13 21.83 1.61
N ILE A 169 15.61 22.88 2.24
CA ILE A 169 14.34 22.77 2.94
C ILE A 169 13.28 22.23 1.98
N PRO A 170 13.28 22.80 0.74
CA PRO A 170 12.32 22.38 -0.26
C PRO A 170 12.72 21.02 -0.86
N MET A 171 14.02 20.83 -1.01
CA MET A 171 14.53 19.58 -1.56
C MET A 171 14.17 18.39 -0.66
N PHE A 172 14.14 18.67 0.64
CA PHE A 172 13.81 17.64 1.61
C PHE A 172 12.39 17.10 1.37
N SER A 173 11.50 18.01 1.05
CA SER A 173 10.11 17.64 0.79
C SER A 173 9.99 16.94 -0.56
N ALA A 174 10.91 17.29 -1.45
CA ALA A 174 10.92 16.71 -2.78
C ALA A 174 11.36 15.24 -2.69
N LEU A 175 12.42 15.03 -1.93
CA LEU A 175 12.95 13.68 -1.76
C LEU A 175 12.06 12.91 -0.77
N SER A 176 11.43 13.67 0.11
CA SER A 176 10.55 13.08 1.11
C SER A 176 9.09 13.22 0.68
N GLU A 177 8.91 13.58 -0.58
CA GLU A 177 7.57 13.76 -1.13
C GLU A 177 6.64 12.67 -0.60
N GLY A 178 5.77 13.08 0.32
CA GLY A 178 4.81 12.15 0.90
C GLY A 178 5.50 10.84 1.30
N ALA A 179 6.36 10.93 2.29
CA ALA A 179 7.08 9.77 2.77
C ALA A 179 6.45 9.29 4.08
N THR A 180 7.07 8.26 4.65
CA THR A 180 6.58 7.70 5.90
C THR A 180 7.55 8.02 7.04
N PRO A 181 7.22 7.47 8.25
CA PRO A 181 8.05 7.70 9.42
C PRO A 181 9.34 6.89 9.35
N GLN A 182 9.20 5.66 8.86
CA GLN A 182 10.34 4.77 8.74
C GLN A 182 11.28 5.27 7.65
N ASP A 183 10.70 5.91 6.64
CA ASP A 183 11.47 6.44 5.53
C ASP A 183 12.09 7.78 5.94
N LEU A 184 11.25 8.64 6.50
CA LEU A 184 11.70 9.95 6.94
C LEU A 184 12.76 9.78 8.03
N ASN A 185 12.59 8.74 8.83
CA ASN A 185 13.52 8.46 9.91
C ASN A 185 14.84 7.95 9.32
N THR A 186 14.72 7.26 8.20
CA THR A 186 15.88 6.71 7.52
C THR A 186 16.74 7.84 6.94
N MET A 187 16.07 8.75 6.24
CA MET A 187 16.75 9.88 5.63
C MET A 187 17.24 10.86 6.70
N LEU A 188 16.48 10.95 7.78
CA LEU A 188 16.82 11.85 8.87
C LEU A 188 17.99 11.25 9.66
N ASN A 189 18.01 9.93 9.71
CA ASN A 189 19.06 9.23 10.43
C ASN A 189 20.39 9.41 9.69
N THR A 190 20.29 9.55 8.37
CA THR A 190 21.46 9.73 7.54
C THR A 190 21.82 11.21 7.45
N VAL A 191 20.88 12.05 7.87
CA VAL A 191 21.08 13.49 7.83
C VAL A 191 22.41 13.82 8.52
N GLY A 192 22.68 15.12 8.60
CA GLY A 192 23.90 15.59 9.24
C GLY A 192 23.84 17.10 9.49
N GLY A 193 22.83 17.51 10.22
CA GLY A 193 22.65 18.91 10.54
C GLY A 193 22.93 19.18 12.02
N HIS A 194 23.79 18.35 12.58
CA HIS A 194 24.16 18.49 13.98
C HIS A 194 23.06 17.88 14.86
N GLN A 195 23.50 17.14 15.87
CA GLN A 195 22.57 16.50 16.78
C GLN A 195 21.66 17.54 17.44
N ALA A 196 22.26 18.68 17.75
CA ALA A 196 21.54 19.76 18.38
C ALA A 196 20.34 20.15 17.51
N ALA A 197 20.64 20.36 16.22
CA ALA A 197 19.60 20.73 15.27
C ALA A 197 18.53 19.64 15.24
N MET A 198 18.98 18.41 15.10
CA MET A 198 18.07 17.28 15.05
C MET A 198 17.21 17.22 16.32
N GLN A 199 17.82 17.61 17.42
CA GLN A 199 17.12 17.61 18.70
C GLN A 199 16.04 18.69 18.73
N MET A 200 16.46 19.91 18.45
CA MET A 200 15.55 21.03 18.43
C MET A 200 14.42 20.81 17.41
N LEU A 201 14.75 20.07 16.37
CA LEU A 201 13.78 19.78 15.32
C LEU A 201 12.67 18.90 15.91
N LYS A 202 13.08 17.92 16.70
CA LYS A 202 12.13 17.01 17.33
C LYS A 202 11.19 17.80 18.21
N GLU A 203 11.71 18.91 18.75
CA GLU A 203 10.91 19.76 19.62
C GLU A 203 9.77 20.41 18.84
N THR A 204 10.13 20.94 17.68
CA THR A 204 9.15 21.60 16.83
C THR A 204 8.17 20.56 16.25
N ILE A 205 8.74 19.49 15.72
CA ILE A 205 7.93 18.43 15.13
C ILE A 205 6.97 17.88 16.18
N ASN A 206 7.54 17.46 17.31
CA ASN A 206 6.74 16.91 18.39
C ASN A 206 5.73 17.96 18.85
N GLU A 207 6.18 19.21 18.84
CA GLU A 207 5.32 20.31 19.25
C GLU A 207 4.15 20.46 18.28
N GLU A 208 4.42 20.10 17.03
CA GLU A 208 3.41 20.19 15.99
C GLU A 208 2.28 19.19 16.25
N ALA A 209 2.69 18.00 16.67
CA ALA A 209 1.73 16.94 16.96
C ALA A 209 0.85 17.36 18.14
N ALA A 210 1.52 17.79 19.21
CA ALA A 210 0.81 18.21 20.41
C ALA A 210 -0.18 19.31 20.04
N GLU A 211 0.31 20.29 19.28
CA GLU A 211 -0.53 21.40 18.87
C GLU A 211 -1.67 20.90 17.97
N TRP A 212 -1.33 19.95 17.11
CA TRP A 212 -2.31 19.38 16.20
C TRP A 212 -3.45 18.80 17.04
N ASP A 213 -3.08 17.83 17.87
CA ASP A 213 -4.07 17.18 18.71
C ASP A 213 -4.77 18.23 19.58
N ARG A 214 -4.01 19.25 19.95
CA ARG A 214 -4.53 20.32 20.77
C ARG A 214 -5.69 21.02 20.05
N LEU A 215 -5.50 21.24 18.75
CA LEU A 215 -6.51 21.88 17.94
C LEU A 215 -7.39 20.82 17.28
N HIS A 216 -7.07 19.57 17.56
CA HIS A 216 -7.82 18.45 17.01
C HIS A 216 -8.59 17.76 18.13
N PRO A 217 -9.90 18.13 18.25
CA PRO A 217 -10.75 17.54 19.26
C PRO A 217 -11.17 16.12 18.89
N VAL A 218 -10.16 15.29 18.64
CA VAL A 218 -10.41 13.91 18.26
C VAL A 218 -11.36 13.27 19.28
N HIS A 219 -12.47 12.78 18.77
CA HIS A 219 -13.47 12.14 19.60
C HIS A 219 -12.85 10.96 20.34
N ALA A 220 -13.55 10.51 21.37
CA ALA A 220 -13.07 9.39 22.16
C ALA A 220 -13.57 8.08 21.54
N GLY A 221 -13.17 6.98 22.16
CA GLY A 221 -13.57 5.66 21.68
C GLY A 221 -12.35 4.80 21.36
N PRO A 222 -12.42 3.52 21.79
CA PRO A 222 -11.33 2.58 21.56
C PRO A 222 -11.30 2.13 20.09
N ILE A 223 -10.12 2.19 19.51
CA ILE A 223 -9.95 1.80 18.12
C ILE A 223 -10.47 0.37 17.93
N ALA A 224 -10.75 0.03 16.69
CA ALA A 224 -11.26 -1.29 16.37
C ALA A 224 -10.08 -2.21 16.05
N PRO A 225 -10.33 -3.54 16.21
CA PRO A 225 -9.30 -4.53 15.93
C PRO A 225 -9.11 -4.72 14.43
N GLY A 226 -8.05 -4.11 13.92
CA GLY A 226 -7.74 -4.19 12.51
C GLY A 226 -8.09 -2.88 11.79
N GLN A 227 -8.85 -2.05 12.47
CA GLN A 227 -9.25 -0.77 11.92
C GLN A 227 -8.33 0.34 12.41
N MET A 228 -8.52 1.52 11.84
CA MET A 228 -7.71 2.67 12.22
C MET A 228 -8.58 3.92 12.37
N ARG A 229 -8.52 4.49 13.58
CA ARG A 229 -9.30 5.68 13.87
C ARG A 229 -8.40 6.92 13.84
N GLU A 230 -9.04 8.06 13.67
CA GLU A 230 -8.31 9.33 13.61
C GLU A 230 -7.19 9.34 14.66
N PRO A 231 -5.94 9.12 14.16
CA PRO A 231 -4.78 9.10 15.04
C PRO A 231 -4.40 10.51 15.45
N ARG A 232 -3.58 10.59 16.50
CA ARG A 232 -3.13 11.87 17.01
C ARG A 232 -1.77 12.23 16.41
N GLY A 233 -1.37 13.47 16.64
CA GLY A 233 -0.10 13.96 16.12
C GLY A 233 1.03 12.98 16.43
N SER A 234 0.95 12.40 17.63
CA SER A 234 1.96 11.45 18.06
C SER A 234 2.00 10.25 17.11
N ASP A 235 0.81 9.76 16.77
CA ASP A 235 0.70 8.63 15.86
C ASP A 235 1.33 8.99 14.52
N ILE A 236 1.17 10.25 14.14
CA ILE A 236 1.73 10.73 12.88
C ILE A 236 3.24 10.57 12.91
N ALA A 237 3.80 10.73 14.10
CA ALA A 237 5.24 10.60 14.26
C ALA A 237 5.64 9.12 14.11
N GLY A 238 4.67 8.25 14.33
CA GLY A 238 4.90 6.82 14.23
C GLY A 238 5.41 6.25 15.55
N THR A 239 5.07 6.94 16.63
CA THR A 239 5.49 6.52 17.95
C THR A 239 4.61 5.35 18.43
N THR A 240 3.34 5.43 18.11
CA THR A 240 2.39 4.40 18.49
C THR A 240 1.77 3.75 17.25
N SER A 241 2.19 4.23 16.10
CA SER A 241 1.69 3.71 14.84
C SER A 241 2.81 2.99 14.09
N THR A 242 2.43 1.93 13.39
CA THR A 242 3.39 1.14 12.63
C THR A 242 3.52 1.70 11.22
N LEU A 243 4.56 1.23 10.53
CA LEU A 243 4.81 1.67 9.16
C LEU A 243 3.59 1.36 8.30
N GLN A 244 3.27 0.07 8.22
CA GLN A 244 2.14 -0.37 7.43
C GLN A 244 0.90 0.45 7.77
N GLU A 245 0.93 1.05 8.96
CA GLU A 245 -0.18 1.86 9.42
C GLU A 245 -0.24 3.17 8.63
N GLN A 246 0.91 3.82 8.54
CA GLN A 246 1.00 5.08 7.82
C GLN A 246 0.84 4.84 6.31
N ILE A 247 1.43 3.75 5.86
CA ILE A 247 1.36 3.40 4.45
C ILE A 247 -0.10 3.33 4.01
N GLY A 248 -0.83 2.42 4.65
CA GLY A 248 -2.25 2.25 4.34
C GLY A 248 -3.02 3.54 4.59
N TRP A 249 -2.62 4.25 5.63
CA TRP A 249 -3.26 5.50 5.99
C TRP A 249 -3.15 6.45 4.80
N MET A 250 -2.04 6.33 4.09
CA MET A 250 -1.79 7.17 2.93
C MET A 250 -2.55 6.65 1.71
N THR A 251 -2.79 5.35 1.71
CA THR A 251 -3.50 4.72 0.61
C THR A 251 -4.90 4.28 1.06
N HIS A 252 -5.37 4.92 2.11
CA HIS A 252 -6.69 4.61 2.65
C HIS A 252 -7.73 5.53 2.01
N ASN A 253 -9.00 5.18 2.22
CA ASN A 253 -10.09 5.95 1.66
C ASN A 253 -11.00 6.43 2.81
N PRO A 254 -10.96 7.77 3.03
CA PRO A 254 -10.13 8.65 2.24
C PRO A 254 -8.65 8.52 2.63
N PRO A 255 -7.77 8.94 1.70
CA PRO A 255 -6.34 8.88 1.94
C PRO A 255 -5.90 9.98 2.92
N ILE A 256 -5.27 9.54 4.00
CA ILE A 256 -4.80 10.47 5.01
C ILE A 256 -3.31 10.76 4.77
N PRO A 257 -3.03 12.05 4.45
CA PRO A 257 -1.66 12.47 4.20
C PRO A 257 -0.87 12.59 5.50
N VAL A 258 -0.87 11.50 6.26
CA VAL A 258 -0.16 11.47 7.52
C VAL A 258 1.34 11.65 7.27
N GLY A 259 1.81 11.02 6.21
CA GLY A 259 3.21 11.10 5.85
C GLY A 259 3.60 12.54 5.52
N GLU A 260 2.73 13.22 4.80
CA GLU A 260 2.97 14.60 4.42
C GLU A 260 2.90 15.51 5.65
N ILE A 261 2.05 15.13 6.58
CA ILE A 261 1.89 15.89 7.81
C ILE A 261 3.19 15.87 8.60
N TYR A 262 3.76 14.67 8.70
CA TYR A 262 5.01 14.50 9.43
C TYR A 262 6.17 15.13 8.68
N LYS A 263 6.25 14.81 7.39
CA LYS A 263 7.31 15.34 6.55
C LYS A 263 7.29 16.86 6.60
N ARG A 264 6.08 17.41 6.69
CA ARG A 264 5.91 18.85 6.75
C ARG A 264 6.46 19.39 8.07
N TRP A 265 6.32 18.59 9.11
CA TRP A 265 6.81 18.98 10.43
C TRP A 265 8.32 19.16 10.34
N ILE A 266 8.97 18.24 9.63
CA ILE A 266 10.40 18.28 9.46
C ILE A 266 10.79 19.62 8.81
N ILE A 267 10.08 19.94 7.75
CA ILE A 267 10.35 21.18 7.03
C ILE A 267 10.14 22.36 7.97
N LEU A 268 9.20 22.19 8.89
CA LEU A 268 8.89 23.23 9.86
C LEU A 268 10.16 23.59 10.63
N GLY A 269 10.72 22.57 11.28
CA GLY A 269 11.93 22.76 12.07
C GLY A 269 13.09 23.21 11.17
N LEU A 270 13.41 22.36 10.22
CA LEU A 270 14.50 22.65 9.29
C LEU A 270 14.42 24.12 8.87
N ASN A 271 13.19 24.60 8.73
CA ASN A 271 12.98 25.98 8.33
C ASN A 271 13.55 26.91 9.39
N LYS A 272 13.23 26.61 10.64
CA LYS A 272 13.70 27.41 11.75
C LYS A 272 15.22 27.26 11.88
N ILE A 273 15.68 26.05 11.62
CA ILE A 273 17.11 25.76 11.69
C ILE A 273 17.86 26.68 10.71
N VAL A 274 17.32 26.77 9.51
CA VAL A 274 17.93 27.59 8.48
C VAL A 274 17.73 29.07 8.84
N ARG A 275 16.52 29.37 9.31
CA ARG A 275 16.19 30.74 9.68
C ARG A 275 17.07 31.19 10.86
N MET A 276 17.69 30.21 11.52
CA MET A 276 18.54 30.49 12.64
C MET A 276 20.00 30.62 12.21
N TYR A 277 20.37 29.81 11.22
CA TYR A 277 21.72 29.82 10.70
C TYR A 277 21.81 30.65 9.41
N SER A 278 20.78 31.45 9.19
CA SER A 278 20.72 32.28 8.00
C SER A 278 21.72 33.44 8.13
N PRO A 279 22.18 33.93 6.94
CA PRO A 279 23.13 35.02 6.91
C PRO A 279 22.46 36.35 7.25
N THR A 280 23.26 37.28 7.74
CA THR A 280 22.76 38.60 8.12
C THR A 280 22.62 39.48 6.88
N SER A 281 21.38 39.61 6.41
CA SER A 281 21.11 40.42 5.24
C SER A 281 19.62 40.35 4.90
N ILE A 282 19.13 41.42 4.29
CA ILE A 282 17.73 41.51 3.91
C ILE A 282 16.86 41.48 5.17
N LEU A 283 15.83 42.30 5.15
CA LEU A 283 14.91 42.39 6.28
C LEU A 283 13.74 43.29 5.92
N HIS A 284 12.63 43.07 6.60
CA HIS A 284 11.43 43.86 6.36
C HIS A 284 10.41 43.60 7.47
N HIS A 285 9.43 44.48 7.56
CA HIS A 285 8.40 44.36 8.57
C HIS A 285 7.35 45.46 8.36
N HIS A 286 6.17 45.20 8.89
CA HIS A 286 5.08 46.16 8.78
C HIS A 286 3.83 45.61 9.50
N HIS A 287 2.84 46.49 9.62
CA HIS A 287 1.61 46.11 10.29
C HIS A 287 0.60 47.26 10.19
N HIS A 288 -0.61 46.98 10.65
CA HIS A 288 -1.67 47.98 10.63
C HIS A 288 -2.89 47.45 11.38
N HIS A 289 -3.51 48.36 12.14
CA HIS A 289 -4.67 48.00 12.92
C HIS A 289 -4.47 46.63 13.56
N GLY A 2 61.71 -1.35 -3.17
CA GLY A 2 63.13 -1.35 -2.84
C GLY A 2 63.65 -2.79 -2.69
N ALA A 3 63.04 -3.51 -1.77
CA ALA A 3 63.43 -4.89 -1.53
C ALA A 3 64.90 -4.93 -1.11
N ARG A 4 65.35 -6.13 -0.77
CA ARG A 4 66.73 -6.32 -0.34
C ARG A 4 67.69 -5.99 -1.48
N ALA A 5 67.49 -6.69 -2.60
CA ALA A 5 68.33 -6.48 -3.77
C ALA A 5 67.60 -7.02 -5.01
N SER A 6 66.76 -6.17 -5.56
CA SER A 6 66.00 -6.54 -6.75
C SER A 6 65.57 -5.28 -7.51
N VAL A 7 66.57 -4.51 -7.90
CA VAL A 7 66.32 -3.28 -8.64
C VAL A 7 66.85 -3.43 -10.06
N LEU A 8 68.16 -3.59 -10.16
CA LEU A 8 68.80 -3.76 -11.45
C LEU A 8 69.07 -5.24 -11.71
N SER A 9 69.10 -5.59 -12.99
CA SER A 9 69.34 -6.97 -13.38
C SER A 9 70.85 -7.24 -13.42
N GLY A 10 71.18 -8.48 -13.76
CA GLY A 10 72.57 -8.89 -13.82
C GLY A 10 73.33 -8.04 -14.86
N GLY A 11 72.85 -8.09 -16.09
CA GLY A 11 73.47 -7.33 -17.17
C GLY A 11 73.12 -5.86 -17.07
N GLU A 12 71.86 -5.58 -16.74
CA GLU A 12 71.40 -4.23 -16.62
C GLU A 12 72.21 -3.48 -15.55
N LEU A 13 72.47 -4.18 -14.46
CA LEU A 13 73.23 -3.60 -13.37
C LEU A 13 74.66 -3.30 -13.85
N ASP A 14 75.22 -4.27 -14.57
CA ASP A 14 76.57 -4.13 -15.08
C ASP A 14 76.65 -2.85 -15.92
N LYS A 15 75.54 -2.52 -16.56
CA LYS A 15 75.48 -1.33 -17.39
C LYS A 15 75.38 -0.09 -16.51
N TRP A 16 74.53 -0.20 -15.50
CA TRP A 16 74.32 0.90 -14.57
C TRP A 16 75.68 1.25 -13.96
N GLU A 17 76.26 0.29 -13.27
CA GLU A 17 77.55 0.48 -12.64
C GLU A 17 78.58 0.92 -13.67
N LYS A 18 78.31 0.58 -14.91
CA LYS A 18 79.21 0.93 -16.01
C LYS A 18 78.86 2.33 -16.52
N ILE A 19 78.66 3.24 -15.58
CA ILE A 19 78.31 4.60 -15.92
C ILE A 19 78.97 5.56 -14.92
N ARG A 20 79.51 6.65 -15.45
CA ARG A 20 80.16 7.65 -14.62
C ARG A 20 79.14 8.66 -14.09
N LEU A 21 79.40 9.13 -12.88
CA LEU A 21 78.52 10.11 -12.26
C LEU A 21 78.78 11.49 -12.86
N ARG A 22 79.02 12.44 -11.98
CA ARG A 22 79.29 13.81 -12.40
C ARG A 22 79.27 14.75 -11.20
N PRO A 23 78.14 14.70 -10.45
CA PRO A 23 77.98 15.55 -9.27
C PRO A 23 78.83 15.03 -8.11
N GLY A 24 79.67 15.91 -7.59
CA GLY A 24 80.53 15.55 -6.48
C GLY A 24 81.87 15.01 -6.97
N GLY A 25 82.01 14.97 -8.29
CA GLY A 25 83.23 14.48 -8.91
C GLY A 25 82.93 13.69 -10.18
N LYS A 26 83.46 12.48 -10.22
CA LYS A 26 83.26 11.62 -11.37
C LYS A 26 83.44 10.15 -10.94
N LYS A 27 82.65 9.75 -9.96
CA LYS A 27 82.73 8.39 -9.45
C LYS A 27 81.86 7.47 -10.33
N GLN A 28 81.72 6.24 -9.87
CA GLN A 28 80.92 5.27 -10.60
C GLN A 28 79.63 4.95 -9.83
N TYR A 29 78.56 4.75 -10.58
CA TYR A 29 77.28 4.44 -9.99
C TYR A 29 77.30 3.07 -9.32
N LYS A 30 76.51 2.96 -8.25
CA LYS A 30 76.44 1.70 -7.51
C LYS A 30 75.00 1.48 -7.04
N LEU A 31 74.76 0.30 -6.51
CA LEU A 31 73.43 -0.05 -6.02
C LEU A 31 73.06 0.90 -4.88
N LYS A 32 74.07 1.36 -4.19
CA LYS A 32 73.86 2.28 -3.08
C LYS A 32 73.19 3.56 -3.59
N HIS A 33 73.71 4.07 -4.70
CA HIS A 33 73.18 5.28 -5.30
C HIS A 33 71.74 5.02 -5.75
N ILE A 34 71.50 3.81 -6.21
CA ILE A 34 70.18 3.43 -6.68
C ILE A 34 69.19 3.52 -5.51
N VAL A 35 69.59 2.90 -4.40
CA VAL A 35 68.75 2.89 -3.21
C VAL A 35 68.31 4.32 -2.90
N TRP A 36 69.26 5.23 -3.01
CA TRP A 36 68.98 6.64 -2.73
C TRP A 36 67.94 7.12 -3.74
N ALA A 37 68.12 6.68 -4.98
CA ALA A 37 67.20 7.06 -6.04
C ALA A 37 65.78 6.61 -5.67
N SER A 38 65.67 5.32 -5.34
CA SER A 38 64.39 4.76 -4.96
C SER A 38 63.85 5.45 -3.71
N ARG A 39 64.77 5.82 -2.84
CA ARG A 39 64.42 6.49 -1.60
C ARG A 39 63.70 7.81 -1.90
N GLU A 40 64.23 8.51 -2.89
CA GLU A 40 63.66 9.80 -3.29
C GLU A 40 62.25 9.59 -3.83
N LEU A 41 62.06 8.48 -4.52
CA LEU A 41 60.77 8.15 -5.10
C LEU A 41 59.71 8.13 -3.98
N GLU A 42 60.03 7.40 -2.93
CA GLU A 42 59.11 7.28 -1.80
C GLU A 42 58.79 8.67 -1.25
N ARG A 43 59.82 9.49 -1.15
CA ARG A 43 59.66 10.84 -0.64
C ARG A 43 58.64 11.62 -1.48
N PHE A 44 58.70 11.37 -2.79
CA PHE A 44 57.79 12.03 -3.70
C PHE A 44 56.39 11.42 -3.63
N ALA A 45 56.25 10.43 -2.76
CA ALA A 45 54.98 9.76 -2.58
C ALA A 45 54.64 8.97 -3.86
N VAL A 46 55.64 8.25 -4.34
CA VAL A 46 55.46 7.45 -5.54
C VAL A 46 55.85 6.00 -5.23
N ASN A 47 55.20 5.08 -5.94
CA ASN A 47 55.45 3.66 -5.76
C ASN A 47 56.89 3.35 -6.17
N PRO A 48 57.62 2.64 -5.26
CA PRO A 48 58.99 2.28 -5.53
C PRO A 48 59.07 1.13 -6.54
N GLY A 49 57.96 0.43 -6.68
CA GLY A 49 57.90 -0.68 -7.62
C GLY A 49 58.02 -0.20 -9.07
N LEU A 50 57.92 1.11 -9.23
CA LEU A 50 58.03 1.70 -10.55
C LEU A 50 59.48 1.63 -11.03
N LEU A 51 60.39 1.88 -10.09
CA LEU A 51 61.81 1.85 -10.41
C LEU A 51 62.22 0.41 -10.74
N GLU A 52 61.33 -0.52 -10.41
CA GLU A 52 61.59 -1.92 -10.67
C GLU A 52 61.37 -2.23 -12.15
N THR A 53 60.59 -1.38 -12.80
CA THR A 53 60.30 -1.55 -14.22
C THR A 53 60.65 -0.28 -14.98
N SER A 54 61.03 -0.47 -16.24
CA SER A 54 61.40 0.65 -17.10
C SER A 54 60.18 1.54 -17.34
N GLU A 55 59.00 0.91 -17.33
CA GLU A 55 57.77 1.64 -17.54
C GLU A 55 57.51 2.60 -16.38
N GLY A 56 57.61 2.06 -15.18
CA GLY A 56 57.40 2.87 -13.99
C GLY A 56 58.39 4.03 -13.91
N CYS A 57 59.60 3.76 -14.38
CA CYS A 57 60.65 4.76 -14.38
C CYS A 57 60.22 5.91 -15.30
N ARG A 58 59.64 5.54 -16.43
CA ARG A 58 59.18 6.52 -17.39
C ARG A 58 58.13 7.44 -16.75
N GLN A 59 57.27 6.83 -15.95
CA GLN A 59 56.22 7.58 -15.28
C GLN A 59 56.83 8.60 -14.31
N ILE A 60 57.92 8.20 -13.68
CA ILE A 60 58.60 9.07 -12.74
C ILE A 60 59.34 10.16 -13.51
N LEU A 61 60.44 9.75 -14.13
CA LEU A 61 61.26 10.68 -14.90
C LEU A 61 60.34 11.60 -15.71
N GLY A 62 59.28 11.01 -16.24
CA GLY A 62 58.32 11.75 -17.03
C GLY A 62 57.72 12.91 -16.23
N GLN A 63 57.28 12.59 -15.02
CA GLN A 63 56.69 13.59 -14.15
C GLN A 63 57.75 14.15 -13.20
N LEU A 64 59.01 13.98 -13.58
CA LEU A 64 60.12 14.46 -12.77
C LEU A 64 60.68 15.73 -13.41
N GLN A 65 60.55 15.81 -14.73
CA GLN A 65 61.04 16.97 -15.45
C GLN A 65 60.49 18.25 -14.84
N PRO A 66 59.17 18.23 -14.55
CA PRO A 66 58.52 19.39 -13.95
C PRO A 66 58.88 19.53 -12.48
N SER A 67 58.93 18.40 -11.81
CA SER A 67 59.26 18.38 -10.39
C SER A 67 60.72 18.79 -10.20
N LEU A 68 61.44 18.83 -11.30
CA LEU A 68 62.86 19.20 -11.26
C LEU A 68 62.97 20.70 -10.93
N GLN A 69 62.14 21.47 -11.59
CA GLN A 69 62.14 22.91 -11.39
C GLN A 69 61.51 23.26 -10.04
N THR A 70 60.95 22.23 -9.40
CA THR A 70 60.31 22.41 -8.12
C THR A 70 61.00 21.55 -7.06
N GLY A 71 61.94 20.74 -7.51
CA GLY A 71 62.66 19.86 -6.62
C GLY A 71 63.81 20.61 -5.92
N SER A 72 65.01 20.45 -6.47
CA SER A 72 66.18 21.11 -5.91
C SER A 72 67.44 20.54 -6.56
N GLU A 73 68.58 21.03 -6.09
CA GLU A 73 69.86 20.59 -6.60
C GLU A 73 70.04 19.10 -6.35
N GLU A 74 69.62 18.68 -5.16
CA GLU A 74 69.75 17.27 -4.79
C GLU A 74 68.74 16.43 -5.58
N LEU A 75 67.51 16.91 -5.63
CA LEU A 75 66.46 16.21 -6.34
C LEU A 75 66.84 16.11 -7.82
N ARG A 76 67.51 17.15 -8.30
CA ARG A 76 67.93 17.19 -9.69
C ARG A 76 68.90 16.04 -9.98
N SER A 77 69.79 15.80 -9.03
CA SER A 77 70.78 14.74 -9.17
C SER A 77 70.07 13.38 -9.24
N LEU A 78 68.93 13.31 -8.58
CA LEU A 78 68.15 12.08 -8.56
C LEU A 78 67.61 11.80 -9.96
N TYR A 79 67.07 12.85 -10.57
CA TYR A 79 66.52 12.73 -11.91
C TYR A 79 67.54 12.12 -12.87
N ASN A 80 68.76 12.62 -12.77
CA ASN A 80 69.84 12.14 -13.62
C ASN A 80 70.13 10.68 -13.30
N THR A 81 69.83 10.30 -12.06
CA THR A 81 70.05 8.94 -11.62
C THR A 81 69.05 7.99 -12.28
N ILE A 82 67.80 8.43 -12.32
CA ILE A 82 66.74 7.64 -12.92
C ILE A 82 66.92 7.64 -14.44
N ALA A 83 67.22 8.81 -14.97
CA ALA A 83 67.40 8.96 -16.40
C ALA A 83 68.37 7.88 -16.90
N VAL A 84 69.53 7.82 -16.24
CA VAL A 84 70.53 6.84 -16.61
C VAL A 84 69.95 5.43 -16.50
N LEU A 85 69.20 5.23 -15.42
CA LEU A 85 68.57 3.93 -15.18
C LEU A 85 67.69 3.57 -16.37
N TYR A 86 66.98 4.57 -16.86
CA TYR A 86 66.09 4.38 -17.99
C TYR A 86 66.86 3.88 -19.22
N CYS A 87 68.07 4.41 -19.36
CA CYS A 87 68.92 4.03 -20.48
C CYS A 87 69.30 2.56 -20.32
N VAL A 88 69.61 2.19 -19.08
CA VAL A 88 69.99 0.82 -18.79
C VAL A 88 68.83 -0.11 -19.12
N HIS A 89 67.62 0.41 -18.94
CA HIS A 89 66.43 -0.37 -19.22
C HIS A 89 66.35 -0.68 -20.71
N GLN A 90 66.70 0.32 -21.50
CA GLN A 90 66.68 0.18 -22.95
C GLN A 90 68.00 -0.42 -23.45
N ARG A 91 69.02 -0.29 -22.61
CA ARG A 91 70.33 -0.81 -22.94
C ARG A 91 70.99 0.07 -24.01
N ILE A 92 70.76 1.37 -23.88
CA ILE A 92 71.33 2.32 -24.82
C ILE A 92 72.81 2.52 -24.50
N ASP A 93 73.60 2.65 -25.56
CA ASP A 93 75.03 2.84 -25.41
C ASP A 93 75.28 4.16 -24.67
N VAL A 94 75.68 4.03 -23.42
CA VAL A 94 75.96 5.20 -22.60
C VAL A 94 77.31 5.02 -21.90
N LYS A 95 77.74 6.09 -21.25
CA LYS A 95 79.01 6.06 -20.53
C LYS A 95 78.91 6.92 -19.27
N ASP A 96 78.36 8.11 -19.46
CA ASP A 96 78.19 9.03 -18.35
C ASP A 96 76.72 9.40 -18.20
N THR A 97 76.41 10.07 -17.11
CA THR A 97 75.04 10.48 -16.85
C THR A 97 74.54 11.40 -17.96
N LYS A 98 75.38 12.35 -18.33
CA LYS A 98 75.03 13.29 -19.39
C LYS A 98 74.70 12.52 -20.67
N GLU A 99 75.38 11.40 -20.83
CA GLU A 99 75.16 10.56 -22.00
C GLU A 99 73.76 9.95 -21.97
N ALA A 100 73.30 9.68 -20.75
CA ALA A 100 71.98 9.09 -20.56
C ALA A 100 70.91 10.11 -20.95
N LEU A 101 71.14 11.36 -20.54
CA LEU A 101 70.21 12.43 -20.84
C LEU A 101 70.00 12.51 -22.35
N ASP A 102 71.11 12.44 -23.07
CA ASP A 102 71.05 12.51 -24.53
C ASP A 102 70.49 11.20 -25.07
N LYS A 103 70.91 10.11 -24.46
CA LYS A 103 70.46 8.79 -24.87
C LYS A 103 68.96 8.65 -24.58
N ILE A 104 68.62 8.77 -23.32
CA ILE A 104 67.23 8.67 -22.90
C ILE A 104 66.40 9.70 -23.67
N GLU A 105 67.06 10.78 -24.06
CA GLU A 105 66.39 11.83 -24.80
C GLU A 105 65.82 11.28 -26.11
N GLU A 106 66.68 10.65 -26.88
CA GLU A 106 66.27 10.07 -28.14
C GLU A 106 65.14 9.07 -27.93
N GLU A 107 65.36 8.16 -27.01
CA GLU A 107 64.36 7.14 -26.70
C GLU A 107 63.01 7.80 -26.41
N GLN A 108 63.05 8.77 -25.50
CA GLN A 108 61.83 9.48 -25.13
C GLN A 108 61.15 10.07 -26.36
N ASN A 109 61.94 10.82 -27.12
CA ASN A 109 61.44 11.44 -28.34
C ASN A 109 60.77 10.37 -29.22
N LYS A 110 61.44 9.24 -29.32
CA LYS A 110 60.94 8.15 -30.13
C LYS A 110 59.57 7.72 -29.59
N SER A 111 59.54 7.40 -28.31
CA SER A 111 58.31 6.99 -27.67
C SER A 111 57.19 7.98 -27.97
N LYS A 112 57.49 9.25 -27.73
CA LYS A 112 56.53 10.31 -27.97
C LYS A 112 55.99 10.18 -29.40
N LYS A 113 56.91 10.15 -30.34
CA LYS A 113 56.55 10.02 -31.76
C LYS A 113 55.59 8.85 -31.92
N LYS A 114 56.03 7.70 -31.44
CA LYS A 114 55.22 6.49 -31.54
C LYS A 114 53.81 6.77 -31.03
N ALA A 115 53.74 7.37 -29.85
CA ALA A 115 52.46 7.71 -29.25
C ALA A 115 51.65 8.53 -30.24
N GLN A 116 52.26 9.62 -30.70
CA GLN A 116 51.60 10.50 -31.66
C GLN A 116 51.02 9.69 -32.82
N GLN A 117 51.88 8.85 -33.39
CA GLN A 117 51.48 8.02 -34.51
C GLN A 117 50.23 7.21 -34.15
N ALA A 118 50.35 6.48 -33.05
CA ALA A 118 49.24 5.65 -32.58
C ALA A 118 47.98 6.51 -32.47
N ALA A 119 48.18 7.72 -31.95
CA ALA A 119 47.07 8.64 -31.78
C ALA A 119 46.42 8.91 -33.14
N ALA A 120 47.27 9.15 -34.12
CA ALA A 120 46.80 9.42 -35.47
C ALA A 120 46.53 8.11 -36.19
N ASP A 121 46.64 7.02 -35.44
CA ASP A 121 46.40 5.70 -35.99
C ASP A 121 45.13 5.12 -35.37
N THR A 122 44.58 5.85 -34.42
CA THR A 122 43.36 5.42 -33.75
C THR A 122 42.23 6.42 -34.01
N GLY A 123 41.01 5.98 -33.72
CA GLY A 123 39.84 6.82 -33.90
C GLY A 123 38.61 5.98 -34.25
N ASN A 124 38.73 5.24 -35.34
CA ASN A 124 37.63 4.40 -35.79
C ASN A 124 36.99 3.73 -34.58
N ASN A 125 35.67 3.58 -34.65
CA ASN A 125 34.92 2.96 -33.57
C ASN A 125 35.16 3.74 -32.27
N SER A 126 34.16 4.51 -31.89
CA SER A 126 34.23 5.30 -30.67
C SER A 126 33.34 4.70 -29.59
N GLN A 127 33.59 5.12 -28.36
CA GLN A 127 32.81 4.64 -27.23
C GLN A 127 31.31 4.86 -27.48
N VAL A 128 30.51 4.00 -26.89
CA VAL A 128 29.06 4.09 -27.05
C VAL A 128 28.40 3.81 -25.70
N SER A 129 27.40 4.62 -25.39
CA SER A 129 26.67 4.47 -24.14
C SER A 129 25.31 5.17 -24.24
N GLN A 130 24.42 4.80 -23.32
CA GLN A 130 23.10 5.40 -23.29
C GLN A 130 22.42 5.10 -21.95
N ASN A 131 21.55 6.01 -21.55
CA ASN A 131 20.82 5.86 -20.30
C ASN A 131 19.32 5.94 -20.58
N TYR A 132 18.55 5.30 -19.71
CA TYR A 132 17.10 5.29 -19.85
C TYR A 132 16.43 5.42 -18.48
N PRO A 133 16.12 6.70 -18.11
CA PRO A 133 15.46 6.97 -16.84
C PRO A 133 13.98 6.58 -16.88
N ILE A 134 13.53 6.01 -15.78
CA ILE A 134 12.14 5.60 -15.68
C ILE A 134 11.44 6.40 -14.57
N VAL A 135 10.22 6.80 -14.86
CA VAL A 135 9.44 7.57 -13.90
C VAL A 135 9.64 6.98 -12.50
N GLN A 136 9.59 7.85 -11.51
CA GLN A 136 9.75 7.44 -10.13
C GLN A 136 8.48 6.76 -9.62
N ASN A 137 8.68 5.65 -8.93
CA ASN A 137 7.56 4.90 -8.38
C ASN A 137 7.20 5.45 -7.00
N LEU A 138 5.99 5.98 -6.90
CA LEU A 138 5.52 6.54 -5.65
C LEU A 138 4.04 6.93 -5.79
N GLN A 139 3.34 6.85 -4.67
CA GLN A 139 1.92 7.19 -4.65
C GLN A 139 1.11 6.09 -5.32
N GLY A 140 0.24 5.48 -4.53
CA GLY A 140 -0.61 4.40 -5.04
C GLY A 140 -1.50 3.84 -3.93
N GLN A 141 -1.79 2.55 -4.04
CA GLN A 141 -2.63 1.89 -3.06
C GLN A 141 -2.51 0.36 -3.21
N MET A 142 -1.35 -0.15 -2.82
CA MET A 142 -1.10 -1.57 -2.90
C MET A 142 0.35 -1.89 -2.50
N VAL A 143 0.52 -2.18 -1.22
CA VAL A 143 1.84 -2.50 -0.70
C VAL A 143 2.86 -1.52 -1.25
N HIS A 144 3.07 -0.45 -0.49
CA HIS A 144 4.03 0.57 -0.89
C HIS A 144 5.45 0.12 -0.55
N GLN A 145 6.37 0.46 -1.44
CA GLN A 145 7.77 0.09 -1.24
C GLN A 145 8.44 1.09 -0.32
N ALA A 146 9.41 0.59 0.45
CA ALA A 146 10.14 1.43 1.38
C ALA A 146 11.13 2.30 0.61
N ILE A 147 11.92 3.05 1.36
CA ILE A 147 12.91 3.94 0.75
C ILE A 147 14.18 3.13 0.45
N SER A 148 14.80 3.48 -0.66
CA SER A 148 16.02 2.80 -1.08
C SER A 148 17.23 3.45 -0.41
N PRO A 149 18.36 2.68 -0.38
CA PRO A 149 19.58 3.17 0.21
C PRO A 149 20.27 4.21 -0.69
N ARG A 150 19.95 4.12 -1.97
CA ARG A 150 20.52 5.03 -2.95
C ARG A 150 20.06 6.46 -2.68
N THR A 151 18.80 6.57 -2.26
CA THR A 151 18.23 7.87 -1.95
C THR A 151 18.84 8.45 -0.68
N LEU A 152 19.13 7.56 0.26
CA LEU A 152 19.73 7.95 1.52
C LEU A 152 21.11 8.53 1.27
N ASN A 153 21.85 7.85 0.40
CA ASN A 153 23.20 8.28 0.06
C ASN A 153 23.13 9.60 -0.71
N ALA A 154 22.22 9.64 -1.68
CA ALA A 154 22.05 10.82 -2.49
C ALA A 154 21.73 12.01 -1.59
N TRP A 155 20.78 11.81 -0.69
CA TRP A 155 20.38 12.85 0.23
C TRP A 155 21.59 13.21 1.09
N VAL A 156 22.25 12.17 1.60
CA VAL A 156 23.41 12.37 2.44
C VAL A 156 24.34 13.38 1.78
N LYS A 157 24.52 13.23 0.48
CA LYS A 157 25.37 14.13 -0.28
C LYS A 157 24.82 15.55 -0.18
N VAL A 158 23.50 15.64 -0.20
CA VAL A 158 22.85 16.94 -0.10
C VAL A 158 23.04 17.51 1.30
N VAL A 159 22.98 16.62 2.27
CA VAL A 159 23.15 17.03 3.67
C VAL A 159 24.43 17.83 3.80
N GLU A 160 25.48 17.34 3.14
CA GLU A 160 26.77 18.01 3.18
C GLU A 160 26.75 19.28 2.34
N GLU A 161 26.05 19.19 1.21
CA GLU A 161 25.95 20.32 0.30
C GLU A 161 25.30 21.51 1.02
N LYS A 162 24.30 21.20 1.82
CA LYS A 162 23.59 22.23 2.56
C LYS A 162 22.50 21.58 3.41
N ALA A 163 22.93 20.90 4.46
CA ALA A 163 22.01 20.23 5.36
C ALA A 163 20.76 21.11 5.54
N PHE A 164 21.01 22.38 5.83
CA PHE A 164 19.93 23.32 6.04
C PHE A 164 20.10 24.56 5.16
N SER A 165 18.98 25.10 4.72
CA SER A 165 18.99 26.28 3.87
C SER A 165 17.59 26.54 3.32
N PRO A 166 17.45 27.73 2.66
CA PRO A 166 16.17 28.11 2.09
C PRO A 166 15.88 27.31 0.81
N GLU A 167 16.95 26.76 0.24
CA GLU A 167 16.81 25.98 -0.98
C GLU A 167 16.89 24.48 -0.66
N VAL A 168 16.95 24.19 0.63
CA VAL A 168 17.02 22.81 1.08
C VAL A 168 15.63 22.36 1.57
N ILE A 169 14.91 23.31 2.14
CA ILE A 169 13.58 23.03 2.66
C ILE A 169 12.75 22.37 1.55
N PRO A 170 12.84 22.94 0.34
CA PRO A 170 12.10 22.42 -0.80
C PRO A 170 12.75 21.14 -1.33
N MET A 171 14.07 21.11 -1.25
CA MET A 171 14.82 19.95 -1.71
C MET A 171 14.45 18.70 -0.91
N PHE A 172 14.32 18.88 0.39
CA PHE A 172 13.96 17.77 1.27
C PHE A 172 12.56 17.26 0.95
N SER A 173 11.70 18.17 0.52
CA SER A 173 10.33 17.83 0.19
C SER A 173 10.31 17.00 -1.10
N ALA A 174 11.32 17.21 -1.93
CA ALA A 174 11.41 16.50 -3.19
C ALA A 174 11.77 15.04 -2.91
N LEU A 175 12.75 14.86 -2.04
CA LEU A 175 13.21 13.52 -1.67
C LEU A 175 12.21 12.90 -0.69
N SER A 176 11.44 13.77 -0.04
CA SER A 176 10.45 13.32 0.92
C SER A 176 9.05 13.47 0.33
N GLU A 177 9.01 13.67 -0.99
CA GLU A 177 7.75 13.84 -1.68
C GLU A 177 6.79 12.70 -1.30
N GLY A 178 5.89 13.02 -0.38
CA GLY A 178 4.91 12.05 0.07
C GLY A 178 5.60 10.82 0.67
N ALA A 179 6.33 11.04 1.74
CA ALA A 179 7.03 9.96 2.41
C ALA A 179 6.28 9.56 3.68
N THR A 180 6.86 8.63 4.40
CA THR A 180 6.25 8.15 5.64
C THR A 180 7.15 8.48 6.83
N PRO A 181 6.74 7.94 8.02
CA PRO A 181 7.50 8.18 9.24
C PRO A 181 8.78 7.35 9.27
N GLN A 182 8.64 6.10 8.85
CA GLN A 182 9.77 5.19 8.82
C GLN A 182 10.76 5.61 7.72
N ASP A 183 10.20 6.03 6.60
CA ASP A 183 11.02 6.47 5.48
C ASP A 183 11.68 7.80 5.81
N LEU A 184 10.87 8.71 6.34
CA LEU A 184 11.36 10.02 6.71
C LEU A 184 12.44 9.88 7.78
N ASN A 185 12.12 9.09 8.79
CA ASN A 185 13.06 8.86 9.88
C ASN A 185 14.38 8.34 9.31
N THR A 186 14.26 7.52 8.28
CA THR A 186 15.43 6.95 7.64
C THR A 186 16.31 8.06 7.05
N MET A 187 15.64 8.98 6.36
CA MET A 187 16.35 10.09 5.75
C MET A 187 17.04 10.96 6.80
N LEU A 188 16.30 11.25 7.86
CA LEU A 188 16.83 12.07 8.94
C LEU A 188 17.87 11.25 9.73
N ASN A 189 17.82 9.94 9.52
CA ASN A 189 18.75 9.05 10.20
C ASN A 189 20.11 9.11 9.51
N THR A 190 20.06 9.26 8.19
CA THR A 190 21.28 9.33 7.40
C THR A 190 21.81 10.77 7.36
N VAL A 191 20.96 11.68 7.79
CA VAL A 191 21.33 13.10 7.81
C VAL A 191 22.66 13.26 8.55
N GLY A 192 23.07 14.51 8.67
CA GLY A 192 24.33 14.81 9.35
C GLY A 192 24.75 16.25 9.08
N GLY A 193 24.44 17.13 10.03
CA GLY A 193 24.79 18.53 9.90
C GLY A 193 25.09 19.15 11.27
N HIS A 194 24.17 18.90 12.21
CA HIS A 194 24.32 19.43 13.55
C HIS A 194 23.29 18.77 14.47
N GLN A 195 23.80 18.10 15.49
CA GLN A 195 22.93 17.42 16.45
C GLN A 195 21.97 18.42 17.09
N ALA A 196 22.50 19.61 17.37
CA ALA A 196 21.70 20.65 17.99
C ALA A 196 20.49 20.95 17.10
N ALA A 197 20.76 21.13 15.82
CA ALA A 197 19.71 21.43 14.87
C ALA A 197 18.70 20.27 14.85
N MET A 198 19.24 19.06 14.73
CA MET A 198 18.40 17.88 14.72
C MET A 198 17.55 17.78 15.99
N GLN A 199 18.12 18.25 17.08
CA GLN A 199 17.43 18.22 18.36
C GLN A 199 16.23 19.16 18.32
N MET A 200 16.47 20.40 17.95
CA MET A 200 15.42 21.40 17.86
C MET A 200 14.33 20.95 16.89
N LEU A 201 14.77 20.50 15.73
CA LEU A 201 13.84 20.04 14.70
C LEU A 201 12.96 18.93 15.27
N LYS A 202 13.59 18.07 16.06
CA LYS A 202 12.87 16.96 16.68
C LYS A 202 11.82 17.50 17.64
N GLU A 203 12.21 18.53 18.38
CA GLU A 203 11.32 19.15 19.35
C GLU A 203 10.16 19.85 18.61
N THR A 204 10.50 20.46 17.48
CA THR A 204 9.50 21.16 16.69
C THR A 204 8.55 20.16 16.04
N ILE A 205 9.11 19.07 15.54
CA ILE A 205 8.32 18.05 14.89
C ILE A 205 7.41 17.38 15.94
N ASN A 206 8.04 16.87 16.99
CA ASN A 206 7.32 16.21 18.06
C ASN A 206 6.29 17.19 18.65
N GLU A 207 6.73 18.42 18.83
CA GLU A 207 5.87 19.44 19.39
C GLU A 207 4.74 19.76 18.43
N GLU A 208 5.02 19.58 17.14
CA GLU A 208 4.03 19.85 16.11
C GLU A 208 2.84 18.91 16.26
N ALA A 209 3.14 17.69 16.69
CA ALA A 209 2.10 16.69 16.89
C ALA A 209 1.28 17.04 18.13
N ALA A 210 2.01 17.30 19.22
CA ALA A 210 1.36 17.65 20.48
C ALA A 210 0.45 18.86 20.27
N GLU A 211 1.01 19.86 19.60
CA GLU A 211 0.25 21.07 19.33
C GLU A 211 -0.85 20.80 18.31
N TRP A 212 -0.54 19.92 17.36
CA TRP A 212 -1.49 19.56 16.33
C TRP A 212 -2.75 19.01 17.01
N ASP A 213 -2.56 17.91 17.73
CA ASP A 213 -3.66 17.28 18.43
C ASP A 213 -4.30 18.29 19.39
N ARG A 214 -3.47 19.18 19.89
CA ARG A 214 -3.94 20.21 20.82
C ARG A 214 -5.02 21.05 20.15
N LEU A 215 -4.83 21.28 18.85
CA LEU A 215 -5.78 22.07 18.09
C LEU A 215 -6.60 21.15 17.19
N HIS A 216 -6.26 19.87 17.24
CA HIS A 216 -6.95 18.89 16.42
C HIS A 216 -7.77 17.96 17.34
N PRO A 217 -9.12 18.15 17.29
CA PRO A 217 -10.02 17.36 18.09
C PRO A 217 -10.17 15.95 17.51
N VAL A 218 -9.68 14.97 18.27
CA VAL A 218 -9.76 13.58 17.84
C VAL A 218 -11.12 13.01 18.24
N HIS A 219 -12.16 13.75 17.91
CA HIS A 219 -13.52 13.33 18.24
C HIS A 219 -13.58 12.88 19.69
N ALA A 220 -14.75 12.37 20.07
CA ALA A 220 -14.95 11.90 21.42
C ALA A 220 -14.97 10.37 21.43
N GLY A 221 -14.11 9.80 22.27
CA GLY A 221 -14.03 8.35 22.38
C GLY A 221 -12.65 7.85 21.95
N PRO A 222 -12.13 6.87 22.73
CA PRO A 222 -10.83 6.30 22.44
C PRO A 222 -10.89 5.34 21.25
N ILE A 223 -11.42 5.87 20.15
CA ILE A 223 -11.56 5.07 18.94
C ILE A 223 -12.19 3.72 19.29
N ALA A 224 -12.26 2.86 18.28
CA ALA A 224 -12.84 1.53 18.47
C ALA A 224 -11.77 0.60 19.05
N PRO A 225 -12.26 -0.44 19.78
CA PRO A 225 -11.37 -1.41 20.40
C PRO A 225 -10.80 -2.36 19.34
N GLY A 226 -9.53 -2.16 19.03
CA GLY A 226 -8.85 -2.99 18.04
C GLY A 226 -8.72 -2.26 16.71
N GLN A 227 -9.56 -1.25 16.53
CA GLN A 227 -9.53 -0.47 15.31
C GLN A 227 -8.45 0.61 15.39
N MET A 228 -8.25 1.28 14.26
CA MET A 228 -7.25 2.33 14.19
C MET A 228 -7.73 3.60 14.88
N ARG A 229 -6.78 4.49 15.15
CA ARG A 229 -7.11 5.75 15.81
C ARG A 229 -6.86 6.92 14.87
N GLU A 230 -7.70 7.93 15.00
CA GLU A 230 -7.59 9.12 14.17
C GLU A 230 -6.12 9.43 13.89
N PRO A 231 -5.88 10.05 12.71
CA PRO A 231 -4.52 10.41 12.32
C PRO A 231 -4.04 11.64 13.10
N ARG A 232 -3.57 11.38 14.31
CA ARG A 232 -3.07 12.44 15.17
C ARG A 232 -1.60 12.71 14.86
N GLY A 233 -1.04 13.66 15.60
CA GLY A 233 0.35 14.03 15.43
C GLY A 233 1.28 12.88 15.87
N SER A 234 0.88 12.22 16.94
CA SER A 234 1.66 11.11 17.48
C SER A 234 1.53 9.90 16.55
N ASP A 235 0.29 9.60 16.19
CA ASP A 235 0.01 8.47 15.31
C ASP A 235 0.72 8.68 13.98
N ILE A 236 0.60 9.90 13.46
CA ILE A 236 1.22 10.24 12.20
C ILE A 236 2.73 10.05 12.31
N ALA A 237 3.23 10.21 13.52
CA ALA A 237 4.66 10.07 13.79
C ALA A 237 5.03 8.59 13.71
N GLY A 238 4.01 7.74 13.78
CA GLY A 238 4.22 6.31 13.72
C GLY A 238 4.54 5.74 15.11
N THR A 239 4.13 6.49 16.12
CA THR A 239 4.36 6.08 17.50
C THR A 239 3.18 5.25 18.01
N THR A 240 1.99 5.60 17.54
CA THR A 240 0.79 4.90 17.93
C THR A 240 0.32 3.97 16.82
N SER A 241 1.03 4.03 15.71
CA SER A 241 0.70 3.20 14.56
C SER A 241 1.98 2.69 13.89
N THR A 242 1.86 1.54 13.24
CA THR A 242 2.99 0.95 12.54
C THR A 242 3.12 1.51 11.13
N LEU A 243 4.18 1.10 10.46
CA LEU A 243 4.44 1.56 9.10
C LEU A 243 3.26 1.16 8.21
N GLN A 244 3.07 -0.15 8.09
CA GLN A 244 1.99 -0.67 7.26
C GLN A 244 0.68 0.05 7.58
N GLU A 245 0.40 0.15 8.87
CA GLU A 245 -0.82 0.81 9.32
C GLU A 245 -0.82 2.28 8.88
N GLN A 246 0.38 2.85 8.86
CA GLN A 246 0.52 4.24 8.47
C GLN A 246 0.27 4.39 6.97
N ILE A 247 1.23 3.91 6.18
CA ILE A 247 1.11 4.00 4.73
C ILE A 247 -0.32 3.66 4.32
N GLY A 248 -0.92 2.75 5.06
CA GLY A 248 -2.28 2.33 4.78
C GLY A 248 -3.25 3.50 4.90
N TRP A 249 -3.12 4.22 6.00
CA TRP A 249 -3.97 5.37 6.26
C TRP A 249 -3.63 6.45 5.22
N MET A 250 -2.37 6.47 4.82
CA MET A 250 -1.90 7.44 3.84
C MET A 250 -2.62 7.25 2.52
N THR A 251 -3.07 6.03 2.28
CA THR A 251 -3.77 5.71 1.05
C THR A 251 -5.21 5.28 1.35
N HIS A 252 -5.69 5.71 2.51
CA HIS A 252 -7.04 5.38 2.93
C HIS A 252 -8.04 6.29 2.22
N ASN A 253 -9.32 6.00 2.42
CA ASN A 253 -10.37 6.78 1.81
C ASN A 253 -11.28 7.35 2.89
N PRO A 254 -11.21 8.69 3.07
CA PRO A 254 -10.31 9.50 2.26
C PRO A 254 -8.86 9.33 2.70
N PRO A 255 -7.93 9.67 1.78
CA PRO A 255 -6.51 9.57 2.06
C PRO A 255 -6.05 10.68 3.00
N ILE A 256 -5.53 10.28 4.15
CA ILE A 256 -5.06 11.24 5.13
C ILE A 256 -3.56 11.48 4.91
N PRO A 257 -3.18 12.79 4.91
CA PRO A 257 -1.79 13.16 4.71
C PRO A 257 -0.97 12.89 5.98
N VAL A 258 -0.94 11.62 6.37
CA VAL A 258 -0.21 11.21 7.55
C VAL A 258 1.29 11.44 7.32
N GLY A 259 1.85 10.66 6.40
CA GLY A 259 3.25 10.77 6.09
C GLY A 259 3.58 12.17 5.53
N GLU A 260 2.61 12.73 4.83
CA GLU A 260 2.77 14.05 4.25
C GLU A 260 2.82 15.12 5.34
N ILE A 261 2.07 14.85 6.41
CA ILE A 261 2.01 15.77 7.52
C ILE A 261 3.34 15.75 8.27
N TYR A 262 3.90 14.55 8.39
CA TYR A 262 5.16 14.37 9.08
C TYR A 262 6.29 15.09 8.35
N LYS A 263 6.35 14.86 7.04
CA LYS A 263 7.36 15.48 6.21
C LYS A 263 7.29 17.00 6.37
N ARG A 264 6.08 17.49 6.55
CA ARG A 264 5.86 18.91 6.72
C ARG A 264 6.46 19.40 8.04
N TRP A 265 6.41 18.52 9.03
CA TRP A 265 6.94 18.85 10.35
C TRP A 265 8.45 19.09 10.19
N ILE A 266 9.08 18.21 9.42
CA ILE A 266 10.51 18.31 9.19
C ILE A 266 10.82 19.68 8.59
N ILE A 267 10.04 20.04 7.58
CA ILE A 267 10.23 21.32 6.92
C ILE A 267 10.06 22.45 7.93
N LEU A 268 9.23 22.18 8.93
CA LEU A 268 8.98 23.17 9.97
C LEU A 268 10.28 23.47 10.72
N GLY A 269 10.89 22.41 11.23
CA GLY A 269 12.14 22.55 11.96
C GLY A 269 13.24 23.11 11.06
N LEU A 270 13.50 22.40 9.98
CA LEU A 270 14.53 22.80 9.03
C LEU A 270 14.40 24.31 8.78
N ASN A 271 13.16 24.78 8.77
CA ASN A 271 12.89 26.18 8.54
C ASN A 271 13.51 27.01 9.67
N LYS A 272 13.29 26.55 10.89
CA LYS A 272 13.83 27.23 12.06
C LYS A 272 15.35 27.11 12.06
N ILE A 273 15.83 25.95 11.63
CA ILE A 273 17.25 25.70 11.58
C ILE A 273 17.90 26.64 10.56
N VAL A 274 17.15 26.93 9.51
CA VAL A 274 17.62 27.81 8.46
C VAL A 274 17.74 29.23 9.01
N ARG A 275 16.71 29.64 9.72
CA ARG A 275 16.68 30.98 10.30
C ARG A 275 17.70 31.07 11.45
N MET A 276 18.14 29.91 11.91
CA MET A 276 19.10 29.86 12.99
C MET A 276 20.54 29.82 12.44
N TYR A 277 20.70 29.11 11.34
CA TYR A 277 22.01 28.98 10.71
C TYR A 277 22.11 29.90 9.50
N SER A 278 21.19 30.85 9.43
CA SER A 278 21.17 31.79 8.33
C SER A 278 22.23 32.88 8.54
N PRO A 279 22.69 33.47 7.41
CA PRO A 279 23.71 34.51 7.48
C PRO A 279 23.10 35.83 7.96
N THR A 280 22.08 36.28 7.26
CA THR A 280 21.40 37.52 7.61
C THR A 280 19.89 37.35 7.50
N SER A 281 19.19 37.94 8.46
CA SER A 281 17.74 37.87 8.47
C SER A 281 17.16 39.22 8.90
N ILE A 282 15.89 39.42 8.54
CA ILE A 282 15.22 40.66 8.88
C ILE A 282 13.78 40.34 9.33
N LEU A 283 13.33 41.11 10.32
CA LEU A 283 11.99 40.90 10.84
C LEU A 283 11.37 42.27 11.19
N HIS A 284 10.09 42.25 11.50
CA HIS A 284 9.38 43.47 11.85
C HIS A 284 7.96 43.13 12.29
N HIS A 285 7.68 43.38 13.56
CA HIS A 285 6.38 43.10 14.12
C HIS A 285 6.33 43.52 15.59
N HIS A 286 5.19 44.07 15.98
CA HIS A 286 5.01 44.51 17.35
C HIS A 286 3.58 45.01 17.55
N HIS A 287 3.11 44.87 18.78
CA HIS A 287 1.76 45.30 19.11
C HIS A 287 1.49 45.06 20.60
N HIS A 288 0.63 45.91 21.16
CA HIS A 288 0.29 45.80 22.56
C HIS A 288 -0.81 46.81 22.90
N HIS A 289 -1.31 46.70 24.12
CA HIS A 289 -2.36 47.59 24.58
C HIS A 289 -1.78 48.99 24.79
N GLY A 2 -57.93 -14.28 -17.69
CA GLY A 2 -57.70 -14.10 -16.27
C GLY A 2 -58.07 -15.37 -15.49
N ALA A 3 -57.43 -15.53 -14.34
CA ALA A 3 -57.68 -16.69 -13.50
C ALA A 3 -59.18 -16.81 -13.23
N ARG A 4 -59.76 -17.84 -13.82
CA ARG A 4 -61.19 -18.07 -13.66
C ARG A 4 -62.00 -16.97 -14.32
N ALA A 5 -63.31 -17.18 -14.38
CA ALA A 5 -64.19 -16.20 -15.00
C ALA A 5 -63.95 -14.83 -14.37
N SER A 6 -64.77 -13.87 -14.78
CA SER A 6 -64.66 -12.52 -14.27
C SER A 6 -63.46 -11.81 -14.91
N VAL A 7 -63.52 -11.70 -16.23
CA VAL A 7 -62.46 -11.05 -16.98
C VAL A 7 -62.84 -9.59 -17.25
N LEU A 8 -63.89 -9.43 -18.03
CA LEU A 8 -64.38 -8.10 -18.37
C LEU A 8 -65.59 -7.77 -17.51
N SER A 9 -65.82 -6.48 -17.34
CA SER A 9 -66.96 -6.01 -16.54
C SER A 9 -68.22 -5.97 -17.41
N GLY A 10 -69.31 -5.57 -16.78
CA GLY A 10 -70.58 -5.48 -17.47
C GLY A 10 -70.48 -4.54 -18.67
N GLY A 11 -70.11 -3.31 -18.39
CA GLY A 11 -69.98 -2.30 -19.43
C GLY A 11 -68.67 -2.49 -20.20
N GLU A 12 -67.62 -2.79 -19.47
CA GLU A 12 -66.32 -2.99 -20.07
C GLU A 12 -66.38 -4.12 -21.10
N LEU A 13 -67.12 -5.16 -20.75
CA LEU A 13 -67.27 -6.30 -21.64
C LEU A 13 -68.07 -5.89 -22.87
N ASP A 14 -69.14 -5.14 -22.62
CA ASP A 14 -69.99 -4.66 -23.71
C ASP A 14 -69.14 -3.89 -24.72
N LYS A 15 -68.15 -3.17 -24.19
CA LYS A 15 -67.27 -2.39 -25.04
C LYS A 15 -66.34 -3.33 -25.80
N TRP A 16 -65.81 -4.31 -25.09
CA TRP A 16 -64.91 -5.27 -25.69
C TRP A 16 -65.64 -5.93 -26.86
N GLU A 17 -66.83 -6.45 -26.57
CA GLU A 17 -67.64 -7.11 -27.57
C GLU A 17 -67.93 -6.15 -28.73
N LYS A 18 -67.85 -4.86 -28.41
CA LYS A 18 -68.11 -3.83 -29.41
C LYS A 18 -66.81 -3.45 -30.10
N ILE A 19 -66.07 -4.47 -30.52
CA ILE A 19 -64.80 -4.26 -31.19
C ILE A 19 -64.78 -5.05 -32.49
N ARG A 20 -64.16 -4.45 -33.50
CA ARG A 20 -64.07 -5.10 -34.80
C ARG A 20 -62.71 -5.79 -34.95
N LEU A 21 -62.74 -6.95 -35.60
CA LEU A 21 -61.52 -7.72 -35.81
C LEU A 21 -60.94 -7.38 -37.19
N ARG A 22 -60.77 -8.41 -38.00
CA ARG A 22 -60.23 -8.23 -39.33
C ARG A 22 -60.00 -9.58 -40.00
N PRO A 23 -59.21 -10.44 -39.30
CA PRO A 23 -58.91 -11.77 -39.81
C PRO A 23 -60.11 -12.70 -39.66
N GLY A 24 -60.41 -13.40 -40.74
CA GLY A 24 -61.53 -14.33 -40.75
C GLY A 24 -62.78 -13.69 -41.37
N GLY A 25 -62.62 -12.42 -41.76
CA GLY A 25 -63.71 -11.69 -42.37
C GLY A 25 -63.95 -10.36 -41.64
N LYS A 26 -63.44 -10.29 -40.43
CA LYS A 26 -63.59 -9.10 -39.61
C LYS A 26 -64.86 -9.21 -38.77
N LYS A 27 -64.78 -10.03 -37.74
CA LYS A 27 -65.91 -10.23 -36.85
C LYS A 27 -65.80 -9.28 -35.66
N GLN A 28 -66.18 -9.78 -34.49
CA GLN A 28 -66.13 -8.98 -33.28
C GLN A 28 -65.49 -9.79 -32.14
N TYR A 29 -64.72 -9.09 -31.33
CA TYR A 29 -64.04 -9.72 -30.21
C TYR A 29 -65.05 -10.38 -29.26
N LYS A 30 -64.62 -11.46 -28.65
CA LYS A 30 -65.47 -12.19 -27.72
C LYS A 30 -64.65 -12.64 -26.52
N LEU A 31 -65.34 -13.18 -25.52
CA LEU A 31 -64.68 -13.66 -24.32
C LEU A 31 -63.69 -14.77 -24.69
N LYS A 32 -64.02 -15.47 -25.78
CA LYS A 32 -63.17 -16.55 -26.24
C LYS A 32 -61.78 -16.00 -26.60
N HIS A 33 -61.80 -14.88 -27.30
CA HIS A 33 -60.55 -14.23 -27.71
C HIS A 33 -59.77 -13.79 -26.48
N ILE A 34 -60.52 -13.35 -25.47
CA ILE A 34 -59.91 -12.90 -24.23
C ILE A 34 -59.19 -14.07 -23.56
N VAL A 35 -59.91 -15.17 -23.43
CA VAL A 35 -59.35 -16.36 -22.81
C VAL A 35 -57.99 -16.68 -23.45
N TRP A 36 -57.96 -16.56 -24.77
CA TRP A 36 -56.74 -16.83 -25.51
C TRP A 36 -55.68 -15.82 -25.05
N ALA A 37 -56.12 -14.58 -24.88
CA ALA A 37 -55.23 -13.53 -24.45
C ALA A 37 -54.62 -13.90 -23.10
N SER A 38 -55.50 -14.25 -22.17
CA SER A 38 -55.07 -14.62 -20.83
C SER A 38 -54.17 -15.86 -20.90
N ARG A 39 -54.51 -16.74 -21.84
CA ARG A 39 -53.75 -17.96 -22.02
C ARG A 39 -52.29 -17.63 -22.36
N GLU A 40 -52.13 -16.63 -23.21
CA GLU A 40 -50.80 -16.21 -23.63
C GLU A 40 -50.01 -15.66 -22.43
N LEU A 41 -50.75 -15.00 -21.55
CA LEU A 41 -50.14 -14.40 -20.37
C LEU A 41 -49.44 -15.50 -19.57
N GLU A 42 -50.18 -16.58 -19.32
CA GLU A 42 -49.64 -17.70 -18.57
C GLU A 42 -48.38 -18.23 -19.24
N ARG A 43 -48.44 -18.32 -20.56
CA ARG A 43 -47.32 -18.82 -21.33
C ARG A 43 -46.09 -17.96 -21.08
N PHE A 44 -46.32 -16.66 -20.95
CA PHE A 44 -45.24 -15.73 -20.70
C PHE A 44 -44.77 -15.80 -19.25
N ALA A 45 -45.41 -16.69 -18.50
CA ALA A 45 -45.05 -16.86 -17.10
C ALA A 45 -45.46 -15.61 -16.32
N VAL A 46 -46.66 -15.14 -16.58
CA VAL A 46 -47.17 -13.95 -15.91
C VAL A 46 -48.50 -14.29 -15.24
N ASN A 47 -48.77 -13.58 -14.14
CA ASN A 47 -50.00 -13.80 -13.41
C ASN A 47 -51.19 -13.39 -14.27
N PRO A 48 -52.20 -14.30 -14.32
CA PRO A 48 -53.39 -14.04 -15.11
C PRO A 48 -54.30 -13.02 -14.43
N GLY A 49 -54.07 -12.86 -13.13
CA GLY A 49 -54.86 -11.93 -12.35
C GLY A 49 -54.59 -10.48 -12.79
N LEU A 50 -53.55 -10.33 -13.59
CA LEU A 50 -53.18 -9.01 -14.09
C LEU A 50 -54.22 -8.56 -15.14
N LEU A 51 -54.64 -9.51 -15.95
CA LEU A 51 -55.62 -9.23 -16.99
C LEU A 51 -56.97 -8.91 -16.35
N GLU A 52 -57.08 -9.28 -15.08
CA GLU A 52 -58.31 -9.05 -14.33
C GLU A 52 -58.43 -7.57 -13.96
N THR A 53 -57.28 -6.91 -13.94
CA THR A 53 -57.25 -5.49 -13.61
C THR A 53 -56.54 -4.70 -14.71
N SER A 54 -57.02 -3.48 -14.91
CA SER A 54 -56.45 -2.61 -15.93
C SER A 54 -54.97 -2.36 -15.63
N GLU A 55 -54.66 -2.33 -14.34
CA GLU A 55 -53.29 -2.09 -13.91
C GLU A 55 -52.39 -3.24 -14.37
N GLY A 56 -52.83 -4.45 -14.10
CA GLY A 56 -52.08 -5.63 -14.48
C GLY A 56 -51.92 -5.72 -16.00
N CYS A 57 -52.96 -5.27 -16.69
CA CYS A 57 -52.96 -5.30 -18.15
C CYS A 57 -51.85 -4.36 -18.63
N ARG A 58 -51.78 -3.20 -18.00
CA ARG A 58 -50.78 -2.20 -18.36
C ARG A 58 -49.37 -2.78 -18.17
N GLN A 59 -49.23 -3.56 -17.11
CA GLN A 59 -47.94 -4.17 -16.80
C GLN A 59 -47.51 -5.08 -17.95
N ILE A 60 -48.48 -5.80 -18.49
CA ILE A 60 -48.22 -6.73 -19.58
C ILE A 60 -47.91 -5.93 -20.85
N LEU A 61 -48.95 -5.32 -21.40
CA LEU A 61 -48.80 -4.53 -22.61
C LEU A 61 -47.51 -3.71 -22.52
N GLY A 62 -47.22 -3.25 -21.32
CA GLY A 62 -46.02 -2.46 -21.09
C GLY A 62 -44.76 -3.28 -21.37
N GLN A 63 -44.74 -4.47 -20.81
CA GLN A 63 -43.60 -5.36 -20.98
C GLN A 63 -43.85 -6.31 -22.16
N LEU A 64 -44.75 -5.89 -23.04
CA LEU A 64 -45.09 -6.68 -24.21
C LEU A 64 -44.56 -5.98 -25.47
N GLN A 65 -44.45 -4.67 -25.36
CA GLN A 65 -43.96 -3.87 -26.48
C GLN A 65 -42.64 -4.44 -27.00
N PRO A 66 -41.73 -4.76 -26.04
CA PRO A 66 -40.43 -5.32 -26.38
C PRO A 66 -40.57 -6.79 -26.81
N SER A 67 -41.44 -7.50 -26.10
CA SER A 67 -41.66 -8.91 -26.40
C SER A 67 -42.35 -9.06 -27.76
N LEU A 68 -42.83 -7.93 -28.26
CA LEU A 68 -43.51 -7.93 -29.55
C LEU A 68 -42.49 -8.17 -30.66
N GLN A 69 -41.37 -7.49 -30.54
CA GLN A 69 -40.30 -7.62 -31.53
C GLN A 69 -39.55 -8.94 -31.34
N THR A 70 -39.91 -9.63 -30.26
CA THR A 70 -39.28 -10.91 -29.95
C THR A 70 -40.34 -12.03 -29.96
N GLY A 71 -41.58 -11.62 -30.10
CA GLY A 71 -42.69 -12.58 -30.13
C GLY A 71 -42.87 -13.16 -31.54
N SER A 72 -43.85 -12.61 -32.24
CA SER A 72 -44.13 -13.06 -33.59
C SER A 72 -45.45 -12.46 -34.08
N GLU A 73 -45.86 -12.87 -35.27
CA GLU A 73 -47.09 -12.38 -35.86
C GLU A 73 -48.28 -12.73 -34.96
N GLU A 74 -48.25 -13.95 -34.45
CA GLU A 74 -49.32 -14.43 -33.58
C GLU A 74 -49.24 -13.74 -32.22
N LEU A 75 -48.03 -13.71 -31.68
CA LEU A 75 -47.81 -13.09 -30.38
C LEU A 75 -48.24 -11.62 -30.45
N ARG A 76 -48.03 -11.02 -31.61
CA ARG A 76 -48.40 -9.63 -31.82
C ARG A 76 -49.90 -9.45 -31.66
N SER A 77 -50.64 -10.38 -32.26
CA SER A 77 -52.10 -10.33 -32.19
C SER A 77 -52.55 -10.30 -30.74
N LEU A 78 -51.80 -11.02 -29.90
CA LEU A 78 -52.13 -11.09 -28.48
C LEU A 78 -52.04 -9.69 -27.87
N TYR A 79 -50.95 -9.01 -28.20
CA TYR A 79 -50.73 -7.66 -27.69
C TYR A 79 -51.85 -6.71 -28.14
N ASN A 80 -52.23 -6.87 -29.40
CA ASN A 80 -53.28 -6.04 -29.96
C ASN A 80 -54.60 -6.31 -29.23
N THR A 81 -54.73 -7.55 -28.77
CA THR A 81 -55.93 -7.94 -28.03
C THR A 81 -55.97 -7.27 -26.66
N ILE A 82 -54.84 -7.34 -25.98
CA ILE A 82 -54.72 -6.75 -24.65
C ILE A 82 -54.87 -5.23 -24.76
N ALA A 83 -54.21 -4.68 -25.77
CA ALA A 83 -54.27 -3.25 -26.00
C ALA A 83 -55.72 -2.79 -25.99
N VAL A 84 -56.54 -3.47 -26.78
CA VAL A 84 -57.94 -3.14 -26.87
C VAL A 84 -58.58 -3.23 -25.48
N LEU A 85 -58.22 -4.29 -24.77
CA LEU A 85 -58.73 -4.51 -23.44
C LEU A 85 -58.41 -3.29 -22.56
N TYR A 86 -57.18 -2.82 -22.69
CA TYR A 86 -56.74 -1.68 -21.93
C TYR A 86 -57.58 -0.44 -22.24
N CYS A 87 -57.85 -0.25 -23.52
CA CYS A 87 -58.65 0.88 -23.95
C CYS A 87 -60.05 0.74 -23.36
N VAL A 88 -60.51 -0.50 -23.30
CA VAL A 88 -61.82 -0.79 -22.76
C VAL A 88 -61.88 -0.34 -21.29
N HIS A 89 -60.73 -0.45 -20.63
CA HIS A 89 -60.63 -0.06 -19.24
C HIS A 89 -60.80 1.45 -19.11
N GLN A 90 -60.20 2.16 -20.06
CA GLN A 90 -60.27 3.62 -20.07
C GLN A 90 -61.53 4.08 -20.81
N ARG A 91 -62.14 3.14 -21.52
CA ARG A 91 -63.33 3.44 -22.28
C ARG A 91 -63.03 4.46 -23.39
N ILE A 92 -61.89 4.25 -24.03
CA ILE A 92 -61.47 5.15 -25.10
C ILE A 92 -62.28 4.83 -26.36
N ASP A 93 -62.64 5.89 -27.07
CA ASP A 93 -63.41 5.74 -28.29
C ASP A 93 -62.59 4.96 -29.32
N VAL A 94 -62.99 3.70 -29.51
CA VAL A 94 -62.31 2.84 -30.45
C VAL A 94 -63.34 2.02 -31.23
N LYS A 95 -62.85 1.27 -32.21
CA LYS A 95 -63.71 0.45 -33.04
C LYS A 95 -63.06 -0.92 -33.25
N ASP A 96 -61.98 -0.90 -34.02
CA ASP A 96 -61.26 -2.13 -34.31
C ASP A 96 -60.01 -2.19 -33.44
N THR A 97 -59.34 -3.33 -33.49
CA THR A 97 -58.13 -3.54 -32.71
C THR A 97 -57.07 -2.52 -33.10
N LYS A 98 -56.96 -2.30 -34.41
CA LYS A 98 -55.99 -1.36 -34.92
C LYS A 98 -56.29 0.04 -34.38
N GLU A 99 -57.58 0.29 -34.15
CA GLU A 99 -58.02 1.57 -33.63
C GLU A 99 -57.53 1.75 -32.19
N ALA A 100 -57.44 0.64 -31.48
CA ALA A 100 -56.99 0.66 -30.10
C ALA A 100 -55.51 1.04 -30.06
N LEU A 101 -54.75 0.45 -30.98
CA LEU A 101 -53.33 0.71 -31.07
C LEU A 101 -53.10 2.22 -31.23
N ASP A 102 -53.92 2.83 -32.08
CA ASP A 102 -53.81 4.25 -32.32
C ASP A 102 -54.35 5.01 -31.11
N LYS A 103 -55.46 4.52 -30.59
CA LYS A 103 -56.09 5.15 -29.44
C LYS A 103 -55.16 5.01 -28.22
N ILE A 104 -54.90 3.77 -27.86
CA ILE A 104 -54.04 3.50 -26.72
C ILE A 104 -52.69 4.20 -26.93
N GLU A 105 -52.35 4.37 -28.20
CA GLU A 105 -51.09 5.03 -28.54
C GLU A 105 -51.03 6.42 -27.94
N GLU A 106 -52.06 7.20 -28.24
CA GLU A 106 -52.14 8.57 -27.73
C GLU A 106 -52.11 8.57 -26.21
N GLU A 107 -52.97 7.74 -25.63
CA GLU A 107 -53.05 7.63 -24.18
C GLU A 107 -51.65 7.38 -23.58
N GLN A 108 -50.99 6.39 -24.14
CA GLN A 108 -49.65 6.03 -23.68
C GLN A 108 -48.73 7.25 -23.74
N ASN A 109 -48.69 7.86 -24.92
CA ASN A 109 -47.86 9.03 -25.13
C ASN A 109 -48.18 10.07 -24.05
N LYS A 110 -49.46 10.25 -23.80
CA LYS A 110 -49.91 11.21 -22.80
C LYS A 110 -49.31 10.84 -21.44
N SER A 111 -49.54 9.60 -21.05
CA SER A 111 -49.04 9.11 -19.77
C SER A 111 -47.54 9.39 -19.66
N LYS A 112 -46.82 8.98 -20.68
CA LYS A 112 -45.38 9.19 -20.71
C LYS A 112 -45.07 10.66 -20.48
N LYS A 113 -45.69 11.50 -21.31
CA LYS A 113 -45.49 12.94 -21.20
C LYS A 113 -45.62 13.36 -19.74
N LYS A 114 -46.68 12.87 -19.10
CA LYS A 114 -46.92 13.18 -17.71
C LYS A 114 -45.77 12.64 -16.86
N ALA A 115 -45.34 11.43 -17.19
CA ALA A 115 -44.26 10.79 -16.46
C ALA A 115 -43.04 11.71 -16.49
N GLN A 116 -42.56 11.98 -17.70
CA GLN A 116 -41.40 12.83 -17.88
C GLN A 116 -41.65 14.20 -17.24
N GLN A 117 -42.88 14.66 -17.36
CA GLN A 117 -43.27 15.95 -16.82
C GLN A 117 -42.98 15.99 -15.31
N ALA A 118 -43.55 15.02 -14.61
CA ALA A 118 -43.36 14.94 -13.16
C ALA A 118 -41.87 14.95 -12.85
N ALA A 119 -41.16 14.00 -13.45
CA ALA A 119 -39.73 13.90 -13.24
C ALA A 119 -39.05 15.20 -13.67
N ALA A 120 -39.79 15.98 -14.44
CA ALA A 120 -39.27 17.24 -14.94
C ALA A 120 -39.81 18.38 -14.06
N ASP A 121 -40.58 18.00 -13.05
CA ASP A 121 -41.16 18.97 -12.14
C ASP A 121 -41.24 18.36 -10.73
N THR A 122 -40.21 17.60 -10.40
CA THR A 122 -40.16 16.95 -9.11
C THR A 122 -39.13 17.65 -8.21
N GLY A 123 -39.57 17.98 -7.00
CA GLY A 123 -38.71 18.65 -6.04
C GLY A 123 -38.94 18.11 -4.62
N ASN A 124 -37.95 18.33 -3.79
CA ASN A 124 -38.03 17.87 -2.40
C ASN A 124 -36.68 18.13 -1.71
N ASN A 125 -36.78 18.60 -0.48
CA ASN A 125 -35.58 18.89 0.30
C ASN A 125 -34.86 17.59 0.62
N SER A 126 -33.77 17.35 -0.10
CA SER A 126 -32.99 16.14 0.09
C SER A 126 -31.71 16.20 -0.75
N GLN A 127 -30.59 16.14 -0.06
CA GLN A 127 -29.30 16.20 -0.74
C GLN A 127 -28.99 14.84 -1.38
N VAL A 128 -29.69 14.57 -2.47
CA VAL A 128 -29.51 13.32 -3.19
C VAL A 128 -30.33 13.34 -4.47
N SER A 129 -29.99 14.29 -5.33
CA SER A 129 -30.70 14.43 -6.60
C SER A 129 -30.14 15.64 -7.37
N GLN A 130 -29.12 15.36 -8.17
CA GLN A 130 -28.49 16.41 -8.96
C GLN A 130 -27.34 15.82 -9.80
N ASN A 131 -27.07 16.49 -10.91
CA ASN A 131 -26.02 16.05 -11.80
C ASN A 131 -24.74 16.84 -11.52
N TYR A 132 -23.79 16.17 -10.87
CA TYR A 132 -22.53 16.79 -10.54
C TYR A 132 -21.41 15.77 -10.50
N PRO A 133 -20.71 15.64 -11.67
CA PRO A 133 -19.60 14.70 -11.79
C PRO A 133 -18.37 15.22 -11.06
N ILE A 134 -18.40 15.10 -9.74
CA ILE A 134 -17.29 15.54 -8.91
C ILE A 134 -17.31 14.80 -7.58
N VAL A 135 -17.15 13.48 -7.67
CA VAL A 135 -17.15 12.64 -6.48
C VAL A 135 -15.96 11.69 -6.53
N GLN A 136 -15.53 11.27 -5.36
CA GLN A 136 -14.40 10.36 -5.25
C GLN A 136 -14.85 9.04 -4.63
N ASN A 137 -14.33 7.95 -5.17
CA ASN A 137 -14.66 6.62 -4.67
C ASN A 137 -14.03 5.56 -5.58
N LEU A 138 -12.86 5.12 -5.18
CA LEU A 138 -12.14 4.10 -5.94
C LEU A 138 -10.93 3.64 -5.15
N GLN A 139 -10.97 2.37 -4.75
CA GLN A 139 -9.88 1.78 -3.98
C GLN A 139 -8.81 1.23 -4.92
N GLY A 140 -7.57 1.52 -4.58
CA GLY A 140 -6.45 1.05 -5.38
C GLY A 140 -5.13 1.14 -4.59
N GLN A 141 -4.11 0.52 -5.14
CA GLN A 141 -2.80 0.51 -4.50
C GLN A 141 -2.86 -0.24 -3.17
N MET A 142 -1.73 -0.85 -2.83
CA MET A 142 -1.64 -1.61 -1.59
C MET A 142 -0.18 -1.84 -1.20
N VAL A 143 0.10 -1.58 0.08
CA VAL A 143 1.44 -1.75 0.59
C VAL A 143 2.40 -0.81 -0.16
N HIS A 144 3.05 0.05 0.61
CA HIS A 144 3.99 1.00 0.03
C HIS A 144 5.41 0.60 0.40
N GLN A 145 6.32 0.78 -0.56
CA GLN A 145 7.71 0.44 -0.34
C GLN A 145 8.43 1.58 0.38
N ALA A 146 9.42 1.20 1.19
CA ALA A 146 10.18 2.17 1.94
C ALA A 146 11.12 2.92 1.00
N ILE A 147 11.95 3.77 1.59
CA ILE A 147 12.90 4.55 0.82
C ILE A 147 14.08 3.66 0.43
N SER A 148 14.58 3.88 -0.78
CA SER A 148 15.71 3.11 -1.28
C SER A 148 17.02 3.76 -0.85
N PRO A 149 18.11 2.95 -0.91
CA PRO A 149 19.43 3.44 -0.53
C PRO A 149 20.01 4.37 -1.60
N ARG A 150 19.51 4.19 -2.81
CA ARG A 150 19.96 5.01 -3.93
C ARG A 150 19.58 6.47 -3.72
N THR A 151 18.35 6.68 -3.28
CA THR A 151 17.84 8.01 -3.03
C THR A 151 18.53 8.62 -1.79
N LEU A 152 18.78 7.76 -0.82
CA LEU A 152 19.43 8.18 0.41
C LEU A 152 20.83 8.68 0.10
N ASN A 153 21.44 8.06 -0.92
CA ASN A 153 22.78 8.43 -1.33
C ASN A 153 22.76 9.82 -1.96
N ALA A 154 21.79 10.01 -2.85
CA ALA A 154 21.65 11.29 -3.53
C ALA A 154 21.43 12.39 -2.49
N TRP A 155 20.50 12.13 -1.60
CA TRP A 155 20.18 13.11 -0.56
C TRP A 155 21.43 13.30 0.30
N VAL A 156 22.01 12.17 0.71
CA VAL A 156 23.21 12.21 1.53
C VAL A 156 24.19 13.24 0.94
N LYS A 157 24.33 13.19 -0.36
CA LYS A 157 25.22 14.12 -1.06
C LYS A 157 24.78 15.56 -0.79
N VAL A 158 23.47 15.73 -0.74
CA VAL A 158 22.89 17.05 -0.50
C VAL A 158 23.17 17.46 0.95
N VAL A 159 22.94 16.52 1.85
CA VAL A 159 23.17 16.76 3.27
C VAL A 159 24.58 17.30 3.47
N GLU A 160 25.53 16.63 2.82
CA GLU A 160 26.92 17.03 2.93
C GLU A 160 27.16 18.32 2.15
N GLU A 161 26.27 18.59 1.21
CA GLU A 161 26.38 19.79 0.41
C GLU A 161 25.92 21.02 1.20
N LYS A 162 24.88 20.80 2.00
CA LYS A 162 24.34 21.87 2.82
C LYS A 162 23.97 21.32 4.20
N ALA A 163 23.10 20.32 4.19
CA ALA A 163 22.66 19.70 5.43
C ALA A 163 21.51 20.52 6.02
N PHE A 164 21.73 21.82 6.09
CA PHE A 164 20.72 22.72 6.63
C PHE A 164 20.74 24.07 5.90
N SER A 165 19.69 24.30 5.12
CA SER A 165 19.57 25.54 4.37
C SER A 165 18.14 25.70 3.85
N PRO A 166 17.87 26.90 3.28
CA PRO A 166 16.55 27.20 2.74
C PRO A 166 16.32 26.47 1.42
N GLU A 167 17.43 26.07 0.80
CA GLU A 167 17.36 25.36 -0.46
C GLU A 167 17.36 23.85 -0.23
N VAL A 168 17.48 23.47 1.03
CA VAL A 168 17.50 22.07 1.40
C VAL A 168 16.11 21.66 1.90
N ILE A 169 15.45 22.60 2.56
CA ILE A 169 14.12 22.36 3.09
C ILE A 169 13.25 21.75 1.99
N PRO A 170 13.28 22.41 0.80
CA PRO A 170 12.50 21.95 -0.34
C PRO A 170 13.12 20.69 -0.96
N MET A 171 14.45 20.66 -0.94
CA MET A 171 15.17 19.53 -1.49
C MET A 171 14.82 18.23 -0.76
N PHE A 172 14.61 18.36 0.54
CA PHE A 172 14.27 17.21 1.36
C PHE A 172 12.83 16.76 1.09
N SER A 173 11.98 17.74 0.85
CA SER A 173 10.58 17.45 0.58
C SER A 173 10.42 16.85 -0.81
N ALA A 174 11.35 17.23 -1.70
CA ALA A 174 11.33 16.73 -3.06
C ALA A 174 11.72 15.25 -3.07
N LEU A 175 12.77 14.94 -2.32
CA LEU A 175 13.26 13.58 -2.24
C LEU A 175 12.31 12.77 -1.35
N SER A 176 11.80 13.43 -0.33
CA SER A 176 10.89 12.78 0.60
C SER A 176 9.45 13.05 0.19
N GLU A 177 9.29 13.53 -1.03
CA GLU A 177 7.97 13.84 -1.56
C GLU A 177 6.96 12.79 -1.09
N GLY A 178 6.18 13.17 -0.09
CA GLY A 178 5.17 12.27 0.45
C GLY A 178 5.81 10.96 0.93
N ALA A 179 6.62 11.09 1.98
CA ALA A 179 7.29 9.94 2.54
C ALA A 179 6.59 9.54 3.85
N THR A 180 7.02 8.40 4.39
CA THR A 180 6.45 7.91 5.63
C THR A 180 7.33 8.31 6.82
N PRO A 181 6.96 7.78 8.01
CA PRO A 181 7.70 8.08 9.23
C PRO A 181 9.02 7.32 9.26
N GLN A 182 8.97 6.07 8.82
CA GLN A 182 10.15 5.23 8.80
C GLN A 182 11.11 5.71 7.72
N ASP A 183 10.55 6.04 6.57
CA ASP A 183 11.34 6.52 5.45
C ASP A 183 11.97 7.86 5.81
N LEU A 184 11.13 8.76 6.30
CA LEU A 184 11.59 10.08 6.68
C LEU A 184 12.59 9.96 7.84
N ASN A 185 12.31 9.00 8.72
CA ASN A 185 13.16 8.78 9.87
C ASN A 185 14.55 8.33 9.38
N THR A 186 14.54 7.59 8.29
CA THR A 186 15.78 7.09 7.71
C THR A 186 16.68 8.25 7.30
N MET A 187 16.08 9.23 6.65
CA MET A 187 16.81 10.40 6.21
C MET A 187 17.27 11.25 7.39
N LEU A 188 16.36 11.44 8.34
CA LEU A 188 16.65 12.23 9.51
C LEU A 188 17.40 11.36 10.52
N ASN A 189 17.74 10.15 10.08
CA ASN A 189 18.46 9.21 10.93
C ASN A 189 19.93 9.19 10.53
N THR A 190 20.15 9.05 9.23
CA THR A 190 21.51 9.02 8.71
C THR A 190 21.91 10.40 8.16
N VAL A 191 21.09 11.39 8.50
CA VAL A 191 21.34 12.75 8.07
C VAL A 191 22.78 13.13 8.43
N GLY A 192 23.11 14.39 8.15
CA GLY A 192 24.44 14.90 8.44
C GLY A 192 24.44 16.42 8.51
N GLY A 193 23.63 16.95 9.42
CA GLY A 193 23.54 18.38 9.60
C GLY A 193 24.12 18.81 10.94
N HIS A 194 23.39 18.47 12.00
CA HIS A 194 23.82 18.82 13.35
C HIS A 194 22.83 18.25 14.36
N GLN A 195 23.37 17.57 15.35
CA GLN A 195 22.55 16.98 16.39
C GLN A 195 21.69 18.05 17.08
N ALA A 196 22.33 19.19 17.33
CA ALA A 196 21.66 20.30 17.98
C ALA A 196 20.42 20.69 17.16
N ALA A 197 20.64 20.85 15.86
CA ALA A 197 19.56 21.22 14.97
C ALA A 197 18.47 20.15 15.02
N MET A 198 18.91 18.90 14.89
CA MET A 198 17.99 17.78 14.91
C MET A 198 17.19 17.75 16.23
N GLN A 199 17.85 18.19 17.28
CA GLN A 199 17.23 18.22 18.59
C GLN A 199 16.01 19.15 18.58
N MET A 200 16.26 20.39 18.14
CA MET A 200 15.20 21.37 18.06
C MET A 200 14.12 20.96 17.06
N LEU A 201 14.58 20.53 15.90
CA LEU A 201 13.67 20.10 14.84
C LEU A 201 12.80 18.96 15.37
N LYS A 202 13.43 18.06 16.10
CA LYS A 202 12.72 16.92 16.66
C LYS A 202 11.64 17.42 17.61
N GLU A 203 12.00 18.44 18.39
CA GLU A 203 11.07 19.01 19.35
C GLU A 203 9.92 19.71 18.62
N THR A 204 10.26 20.34 17.51
CA THR A 204 9.27 21.05 16.71
C THR A 204 8.34 20.05 16.02
N ILE A 205 8.93 18.97 15.53
CA ILE A 205 8.18 17.94 14.84
C ILE A 205 7.24 17.24 15.84
N ASN A 206 7.85 16.72 16.90
CA ASN A 206 7.11 16.04 17.93
C ASN A 206 6.07 16.99 18.52
N GLU A 207 6.49 18.23 18.72
CA GLU A 207 5.61 19.24 19.27
C GLU A 207 4.49 19.57 18.29
N GLU A 208 4.80 19.40 17.01
CA GLU A 208 3.82 19.67 15.97
C GLU A 208 2.65 18.69 16.06
N ALA A 209 2.96 17.48 16.52
CA ALA A 209 1.95 16.45 16.66
C ALA A 209 1.09 16.76 17.89
N ALA A 210 1.76 17.03 19.00
CA ALA A 210 1.06 17.34 20.24
C ALA A 210 0.18 18.56 20.02
N GLU A 211 0.76 19.59 19.43
CA GLU A 211 0.03 20.81 19.16
C GLU A 211 -1.06 20.57 18.12
N TRP A 212 -0.73 19.71 17.16
CA TRP A 212 -1.68 19.37 16.10
C TRP A 212 -2.93 18.80 16.75
N ASP A 213 -2.73 17.69 17.46
CA ASP A 213 -3.84 17.02 18.13
C ASP A 213 -4.52 18.02 19.08
N ARG A 214 -3.71 18.91 19.63
CA ARG A 214 -4.23 19.91 20.55
C ARG A 214 -5.30 20.77 19.85
N LEU A 215 -5.01 21.12 18.61
CA LEU A 215 -5.93 21.93 17.84
C LEU A 215 -6.84 21.03 17.02
N HIS A 216 -6.60 19.73 17.14
CA HIS A 216 -7.38 18.75 16.42
C HIS A 216 -8.24 17.95 17.41
N PRO A 217 -9.55 18.32 17.46
CA PRO A 217 -10.48 17.66 18.36
C PRO A 217 -10.86 16.28 17.82
N VAL A 218 -10.03 15.29 18.16
CA VAL A 218 -10.28 13.93 17.72
C VAL A 218 -11.66 13.47 18.21
N HIS A 219 -12.45 12.99 17.27
CA HIS A 219 -13.79 12.52 17.59
C HIS A 219 -13.75 11.01 17.85
N ALA A 220 -13.17 10.65 18.99
CA ALA A 220 -13.06 9.26 19.37
C ALA A 220 -12.41 9.15 20.75
N GLY A 221 -12.42 7.94 21.28
CA GLY A 221 -11.84 7.69 22.60
C GLY A 221 -10.38 7.24 22.47
N PRO A 222 -10.00 6.30 23.37
CA PRO A 222 -8.64 5.78 23.38
C PRO A 222 -8.43 4.80 22.22
N ILE A 223 -7.25 4.90 21.61
CA ILE A 223 -6.91 4.04 20.50
C ILE A 223 -6.78 2.60 20.99
N ALA A 224 -6.95 1.67 20.06
CA ALA A 224 -6.86 0.25 20.39
C ALA A 224 -5.42 -0.22 20.18
N PRO A 225 -5.12 -1.41 20.77
CA PRO A 225 -3.79 -1.98 20.67
C PRO A 225 -3.57 -2.58 19.27
N GLY A 226 -2.84 -1.84 18.45
CA GLY A 226 -2.55 -2.29 17.10
C GLY A 226 -3.47 -1.59 16.08
N GLN A 227 -4.53 -1.00 16.61
CA GLN A 227 -5.49 -0.31 15.75
C GLN A 227 -5.18 1.19 15.72
N MET A 228 -6.00 1.91 14.97
CA MET A 228 -5.82 3.34 14.83
C MET A 228 -7.10 4.10 15.23
N ARG A 229 -6.91 5.29 15.75
CA ARG A 229 -8.03 6.12 16.17
C ARG A 229 -7.84 7.56 15.68
N GLU A 230 -8.44 7.84 14.53
CA GLU A 230 -8.34 9.17 13.95
C GLU A 230 -6.88 9.53 13.69
N PRO A 231 -6.68 10.38 12.66
CA PRO A 231 -5.34 10.82 12.28
C PRO A 231 -4.80 11.85 13.29
N ARG A 232 -3.93 11.37 14.16
CA ARG A 232 -3.33 12.23 15.17
C ARG A 232 -1.82 12.33 14.96
N GLY A 233 -1.29 13.52 15.22
CA GLY A 233 0.13 13.77 15.07
C GLY A 233 0.95 12.70 15.80
N SER A 234 0.45 12.31 16.96
CA SER A 234 1.12 11.30 17.76
C SER A 234 1.22 9.99 16.98
N ASP A 235 0.18 9.72 16.21
CA ASP A 235 0.14 8.51 15.41
C ASP A 235 1.09 8.65 14.21
N ILE A 236 0.96 9.79 13.53
CA ILE A 236 1.79 10.06 12.38
C ILE A 236 3.26 10.09 12.80
N ALA A 237 3.47 10.38 14.08
CA ALA A 237 4.81 10.45 14.63
C ALA A 237 5.33 9.03 14.85
N GLY A 238 4.41 8.09 14.97
CA GLY A 238 4.76 6.71 15.18
C GLY A 238 4.97 6.42 16.67
N THR A 239 4.30 7.21 17.49
CA THR A 239 4.40 7.05 18.94
C THR A 239 3.55 5.87 19.40
N THR A 240 2.39 5.74 18.78
CA THR A 240 1.47 4.66 19.12
C THR A 240 1.01 3.94 17.85
N SER A 241 1.60 4.33 16.74
CA SER A 241 1.26 3.73 15.46
C SER A 241 2.51 3.12 14.82
N THR A 242 2.28 2.18 13.92
CA THR A 242 3.37 1.51 13.23
C THR A 242 3.62 2.16 11.87
N LEU A 243 4.64 1.67 11.19
CA LEU A 243 4.99 2.18 9.87
C LEU A 243 3.88 1.83 8.89
N GLN A 244 3.64 0.53 8.76
CA GLN A 244 2.60 0.06 7.85
C GLN A 244 1.27 0.73 8.15
N GLU A 245 1.15 1.21 9.39
CA GLU A 245 -0.06 1.87 9.82
C GLU A 245 -0.18 3.24 9.15
N GLN A 246 0.95 3.92 9.07
CA GLN A 246 0.99 5.25 8.46
C GLN A 246 0.72 5.14 6.96
N ILE A 247 1.51 4.30 6.31
CA ILE A 247 1.39 4.10 4.87
C ILE A 247 -0.08 3.80 4.54
N GLY A 248 -0.69 2.99 5.39
CA GLY A 248 -2.09 2.61 5.20
C GLY A 248 -2.99 3.85 5.23
N TRP A 249 -2.83 4.63 6.28
CA TRP A 249 -3.63 5.84 6.45
C TRP A 249 -3.33 6.77 5.27
N MET A 250 -2.10 6.68 4.79
CA MET A 250 -1.68 7.50 3.66
C MET A 250 -2.39 7.08 2.38
N THR A 251 -2.84 5.84 2.37
CA THR A 251 -3.54 5.30 1.21
C THR A 251 -4.97 4.90 1.59
N HIS A 252 -5.46 5.51 2.68
CA HIS A 252 -6.79 5.22 3.15
C HIS A 252 -7.81 6.10 2.40
N ASN A 253 -9.07 5.79 2.61
CA ASN A 253 -10.14 6.54 1.95
C ASN A 253 -11.07 7.13 3.02
N PRO A 254 -11.02 8.48 3.15
CA PRO A 254 -10.14 9.28 2.30
C PRO A 254 -8.68 9.15 2.76
N PRO A 255 -7.76 9.47 1.82
CA PRO A 255 -6.33 9.41 2.11
C PRO A 255 -5.90 10.57 3.00
N ILE A 256 -5.35 10.22 4.16
CA ILE A 256 -4.90 11.22 5.10
C ILE A 256 -3.43 11.56 4.81
N PRO A 257 -3.10 12.88 4.91
CA PRO A 257 -1.75 13.35 4.66
C PRO A 257 -0.84 12.99 5.83
N VAL A 258 -0.80 11.70 6.16
CA VAL A 258 0.03 11.23 7.25
C VAL A 258 1.49 11.56 6.94
N GLY A 259 1.98 11.01 5.84
CA GLY A 259 3.35 11.24 5.42
C GLY A 259 3.62 12.72 5.17
N GLU A 260 2.65 13.36 4.51
CA GLU A 260 2.77 14.77 4.21
C GLU A 260 2.78 15.60 5.49
N ILE A 261 2.06 15.09 6.49
CA ILE A 261 1.98 15.78 7.77
C ILE A 261 3.36 15.76 8.44
N TYR A 262 3.98 14.58 8.42
CA TYR A 262 5.30 14.42 9.02
C TYR A 262 6.35 15.21 8.23
N LYS A 263 6.30 15.07 6.92
CA LYS A 263 7.24 15.76 6.06
C LYS A 263 7.16 17.27 6.33
N ARG A 264 5.95 17.74 6.52
CA ARG A 264 5.72 19.15 6.79
C ARG A 264 6.34 19.54 8.13
N TRP A 265 6.33 18.59 9.05
CA TRP A 265 6.89 18.81 10.37
C TRP A 265 8.38 19.11 10.22
N ILE A 266 9.03 18.27 9.44
CA ILE A 266 10.46 18.43 9.19
C ILE A 266 10.72 19.82 8.60
N ILE A 267 9.91 20.17 7.62
CA ILE A 267 10.04 21.46 6.96
C ILE A 267 9.83 22.57 7.99
N LEU A 268 9.02 22.26 9.00
CA LEU A 268 8.73 23.21 10.05
C LEU A 268 10.01 23.53 10.82
N GLY A 269 10.63 22.48 11.34
CA GLY A 269 11.86 22.63 12.09
C GLY A 269 12.97 23.22 11.22
N LEU A 270 13.27 22.51 10.15
CA LEU A 270 14.30 22.95 9.23
C LEU A 270 14.13 24.44 8.95
N ASN A 271 12.89 24.88 8.95
CA ASN A 271 12.58 26.28 8.72
C ASN A 271 13.17 27.13 9.84
N LYS A 272 12.97 26.66 11.06
CA LYS A 272 13.47 27.37 12.22
C LYS A 272 15.01 27.28 12.25
N ILE A 273 15.50 26.11 11.84
CA ILE A 273 16.93 25.89 11.81
C ILE A 273 17.58 26.91 10.88
N VAL A 274 16.97 27.08 9.72
CA VAL A 274 17.49 28.01 8.73
C VAL A 274 17.24 29.44 9.21
N ARG A 275 16.06 29.65 9.78
CA ARG A 275 15.70 30.96 10.29
C ARG A 275 16.71 31.42 11.35
N MET A 276 17.47 30.46 11.83
CA MET A 276 18.48 30.76 12.85
C MET A 276 19.86 30.97 12.20
N TYR A 277 20.05 30.30 11.07
CA TYR A 277 21.31 30.41 10.35
C TYR A 277 21.18 31.32 9.14
N SER A 278 20.11 32.12 9.15
CA SER A 278 19.86 33.04 8.05
C SER A 278 20.86 34.19 8.09
N PRO A 279 21.69 34.27 7.02
CA PRO A 279 22.69 35.32 6.92
C PRO A 279 22.06 36.66 6.57
N THR A 280 21.13 37.08 7.43
CA THR A 280 20.43 38.34 7.22
C THR A 280 20.27 39.08 8.54
N SER A 281 19.65 38.39 9.49
CA SER A 281 19.43 38.98 10.80
C SER A 281 18.56 40.23 10.68
N ILE A 282 17.40 40.18 11.34
CA ILE A 282 16.48 41.30 11.30
C ILE A 282 15.32 41.02 12.26
N LEU A 283 14.84 42.09 12.89
CA LEU A 283 13.74 41.96 13.83
C LEU A 283 13.04 43.33 13.97
N HIS A 284 11.72 43.29 13.89
CA HIS A 284 10.94 44.50 14.00
C HIS A 284 9.69 44.23 14.84
N HIS A 285 9.93 43.97 16.13
CA HIS A 285 8.84 43.68 17.05
C HIS A 285 8.61 44.91 17.94
N HIS A 286 7.52 44.84 18.70
CA HIS A 286 7.16 45.93 19.60
C HIS A 286 5.96 45.52 20.45
N HIS A 287 6.26 44.98 21.62
CA HIS A 287 5.23 44.55 22.54
C HIS A 287 5.49 45.12 23.93
N HIS A 288 4.50 44.96 24.80
CA HIS A 288 4.61 45.45 26.16
C HIS A 288 4.76 46.98 26.14
N HIS A 289 3.78 47.66 26.73
CA HIS A 289 3.80 49.11 26.78
C HIS A 289 3.79 49.67 25.35
N GLY A 2 54.10 -43.04 16.73
CA GLY A 2 55.19 -42.42 16.00
C GLY A 2 55.17 -40.89 16.18
N ALA A 3 55.28 -40.49 17.44
CA ALA A 3 55.26 -39.07 17.76
C ALA A 3 56.44 -38.76 18.69
N ARG A 4 56.84 -37.49 18.68
CA ARG A 4 57.95 -37.05 19.52
C ARG A 4 57.53 -35.82 20.32
N ALA A 5 57.89 -35.85 21.60
CA ALA A 5 57.56 -34.75 22.50
C ALA A 5 56.04 -34.63 22.62
N SER A 6 55.62 -33.70 23.47
CA SER A 6 54.20 -33.48 23.69
C SER A 6 53.59 -34.67 24.43
N VAL A 7 54.17 -34.97 25.59
CA VAL A 7 53.69 -36.07 26.40
C VAL A 7 52.76 -35.53 27.50
N LEU A 8 53.35 -34.77 28.40
CA LEU A 8 52.60 -34.19 29.50
C LEU A 8 52.34 -32.71 29.21
N SER A 9 51.24 -32.21 29.77
CA SER A 9 50.88 -30.82 29.58
C SER A 9 51.62 -29.94 30.59
N GLY A 10 51.36 -28.64 30.51
CA GLY A 10 52.00 -27.70 31.40
C GLY A 10 51.63 -27.99 32.86
N GLY A 11 50.34 -28.00 33.12
CA GLY A 11 49.84 -28.26 34.47
C GLY A 11 49.94 -29.76 34.80
N GLU A 12 49.58 -30.56 33.81
CA GLU A 12 49.62 -32.02 33.98
C GLU A 12 51.04 -32.47 34.33
N LEU A 13 52.01 -31.86 33.64
CA LEU A 13 53.40 -32.20 33.87
C LEU A 13 53.79 -31.80 35.30
N ASP A 14 53.31 -30.63 35.70
CA ASP A 14 53.60 -30.11 37.03
C ASP A 14 53.18 -31.15 38.07
N LYS A 15 52.14 -31.89 37.73
CA LYS A 15 51.62 -32.92 38.63
C LYS A 15 52.54 -34.15 38.57
N TRP A 16 52.90 -34.51 37.35
CA TRP A 16 53.76 -35.66 37.14
C TRP A 16 55.05 -35.42 37.93
N GLU A 17 55.78 -34.39 37.53
CA GLU A 17 57.03 -34.05 38.18
C GLU A 17 56.82 -33.90 39.69
N LYS A 18 55.65 -33.38 40.04
CA LYS A 18 55.31 -33.18 41.44
C LYS A 18 55.51 -34.49 42.20
N ILE A 19 54.84 -35.52 41.71
CA ILE A 19 54.93 -36.83 42.32
C ILE A 19 56.41 -37.24 42.44
N ARG A 20 56.72 -37.90 43.54
CA ARG A 20 58.08 -38.36 43.79
C ARG A 20 58.22 -39.84 43.44
N LEU A 21 59.44 -40.22 43.11
CA LEU A 21 59.72 -41.60 42.76
C LEU A 21 59.75 -42.44 44.04
N ARG A 22 60.78 -43.28 44.13
CA ARG A 22 60.94 -44.15 45.29
C ARG A 22 62.13 -45.07 45.10
N PRO A 23 62.09 -45.85 43.97
CA PRO A 23 63.17 -46.77 43.66
C PRO A 23 64.40 -46.04 43.15
N GLY A 24 65.51 -46.28 43.82
CA GLY A 24 66.77 -45.65 43.45
C GLY A 24 67.04 -44.41 44.30
N GLY A 25 66.10 -44.14 45.20
CA GLY A 25 66.22 -42.99 46.09
C GLY A 25 64.85 -42.35 46.35
N LYS A 26 64.79 -41.05 46.12
CA LYS A 26 63.56 -40.31 46.33
C LYS A 26 63.59 -39.02 45.50
N LYS A 27 63.77 -39.20 44.20
CA LYS A 27 63.83 -38.06 43.29
C LYS A 27 62.41 -37.73 42.82
N GLN A 28 62.34 -36.79 41.88
CA GLN A 28 61.07 -36.37 41.33
C GLN A 28 60.95 -36.79 39.87
N TYR A 29 59.73 -37.11 39.47
CA TYR A 29 59.47 -37.53 38.10
C TYR A 29 59.86 -36.43 37.12
N LYS A 30 60.27 -36.86 35.93
CA LYS A 30 60.67 -35.93 34.89
C LYS A 30 60.20 -36.46 33.53
N LEU A 31 60.19 -35.57 32.55
CA LEU A 31 59.79 -35.94 31.20
C LEU A 31 60.73 -37.02 30.66
N LYS A 32 61.96 -36.97 31.15
CA LYS A 32 62.96 -37.94 30.74
C LYS A 32 62.50 -39.35 31.12
N HIS A 33 61.98 -39.45 32.34
CA HIS A 33 61.51 -40.73 32.84
C HIS A 33 60.33 -41.20 32.00
N ILE A 34 59.52 -40.25 31.58
CA ILE A 34 58.35 -40.56 30.76
C ILE A 34 58.81 -41.15 29.43
N VAL A 35 59.74 -40.45 28.79
CA VAL A 35 60.28 -40.90 27.52
C VAL A 35 60.68 -42.37 27.62
N TRP A 36 61.32 -42.70 28.73
CA TRP A 36 61.76 -44.06 28.97
C TRP A 36 60.53 -44.96 29.04
N ALA A 37 59.50 -44.44 29.70
CA ALA A 37 58.26 -45.18 29.85
C ALA A 37 57.69 -45.50 28.46
N SER A 38 57.58 -44.45 27.65
CA SER A 38 57.05 -44.60 26.30
C SER A 38 57.90 -45.60 25.52
N ARG A 39 59.20 -45.59 25.80
CA ARG A 39 60.13 -46.48 25.14
C ARG A 39 59.75 -47.94 25.42
N GLU A 40 59.37 -48.19 26.67
CA GLU A 40 58.98 -49.54 27.08
C GLU A 40 57.71 -49.97 26.33
N LEU A 41 56.85 -49.00 26.09
CA LEU A 41 55.61 -49.27 25.39
C LEU A 41 55.92 -49.86 24.01
N GLU A 42 56.81 -49.18 23.31
CA GLU A 42 57.20 -49.61 21.97
C GLU A 42 57.74 -51.05 22.02
N ARG A 43 58.49 -51.33 23.08
CA ARG A 43 59.07 -52.65 23.26
C ARG A 43 57.97 -53.72 23.28
N PHE A 44 56.86 -53.36 23.93
CA PHE A 44 55.73 -54.26 24.03
C PHE A 44 54.95 -54.32 22.72
N ALA A 45 55.43 -53.55 21.75
CA ALA A 45 54.78 -53.50 20.45
C ALA A 45 53.43 -52.79 20.57
N VAL A 46 53.45 -51.67 21.27
CA VAL A 46 52.24 -50.88 21.47
C VAL A 46 52.47 -49.46 20.98
N ASN A 47 51.39 -48.84 20.52
CA ASN A 47 51.47 -47.48 20.02
C ASN A 47 51.82 -46.54 21.17
N PRO A 48 52.77 -45.62 20.89
CA PRO A 48 53.21 -44.66 21.89
C PRO A 48 52.16 -43.56 22.10
N GLY A 49 51.28 -43.45 21.12
CA GLY A 49 50.23 -42.45 21.18
C GLY A 49 49.26 -42.74 22.33
N LEU A 50 49.39 -43.93 22.88
CA LEU A 50 48.54 -44.35 23.98
C LEU A 50 48.97 -43.63 25.25
N LEU A 51 50.26 -43.34 25.32
CA LEU A 51 50.82 -42.65 26.47
C LEU A 51 50.50 -41.16 26.38
N GLU A 52 50.12 -40.74 25.18
CA GLU A 52 49.78 -39.36 24.94
C GLU A 52 48.39 -39.03 25.50
N THR A 53 47.60 -40.08 25.66
CA THR A 53 46.25 -39.94 26.18
C THR A 53 46.03 -40.86 27.37
N SER A 54 45.17 -40.41 28.28
CA SER A 54 44.87 -41.19 29.47
C SER A 54 44.19 -42.50 29.09
N GLU A 55 43.44 -42.44 28.00
CA GLU A 55 42.74 -43.63 27.52
C GLU A 55 43.74 -44.71 27.13
N GLY A 56 44.82 -44.28 26.50
CA GLY A 56 45.86 -45.21 26.07
C GLY A 56 46.63 -45.77 27.27
N CYS A 57 46.89 -44.89 28.22
CA CYS A 57 47.63 -45.28 29.41
C CYS A 57 46.78 -46.30 30.18
N ARG A 58 45.50 -46.00 30.28
CA ARG A 58 44.57 -46.88 30.97
C ARG A 58 44.55 -48.26 30.31
N GLN A 59 44.70 -48.24 29.00
CA GLN A 59 44.70 -49.49 28.23
C GLN A 59 45.97 -50.28 28.52
N ILE A 60 47.06 -49.56 28.66
CA ILE A 60 48.34 -50.19 28.95
C ILE A 60 48.35 -50.74 30.37
N LEU A 61 48.42 -49.83 31.33
CA LEU A 61 48.43 -50.21 32.73
C LEU A 61 47.40 -51.31 32.96
N GLY A 62 46.27 -51.20 32.27
CA GLY A 62 45.21 -52.17 32.38
C GLY A 62 45.71 -53.57 32.01
N GLN A 63 46.38 -53.63 30.86
CA GLN A 63 46.91 -54.90 30.38
C GLN A 63 48.37 -55.05 30.80
N LEU A 64 48.75 -54.29 31.81
CA LEU A 64 50.12 -54.32 32.32
C LEU A 64 50.15 -55.09 33.64
N GLN A 65 49.02 -55.06 34.32
CA GLN A 65 48.90 -55.74 35.59
C GLN A 65 49.34 -57.20 35.46
N PRO A 66 48.85 -57.85 34.37
CA PRO A 66 49.19 -59.24 34.11
C PRO A 66 50.62 -59.37 33.58
N SER A 67 50.98 -58.42 32.73
CA SER A 67 52.31 -58.42 32.14
C SER A 67 53.35 -58.10 33.22
N LEU A 68 52.85 -57.65 34.36
CA LEU A 68 53.73 -57.30 35.47
C LEU A 68 54.32 -58.58 36.06
N GLN A 69 53.47 -59.58 36.22
CA GLN A 69 53.88 -60.85 36.77
C GLN A 69 54.69 -61.64 35.75
N THR A 70 54.73 -61.10 34.53
CA THR A 70 55.45 -61.74 33.45
C THR A 70 56.55 -60.81 32.93
N GLY A 71 56.56 -59.60 33.46
CA GLY A 71 57.55 -58.61 33.05
C GLY A 71 58.88 -58.83 33.80
N SER A 72 59.07 -58.03 34.84
CA SER A 72 60.28 -58.12 35.63
C SER A 72 60.36 -56.92 36.58
N GLU A 73 61.48 -56.84 37.29
CA GLU A 73 61.70 -55.76 38.23
C GLU A 73 61.72 -54.42 37.50
N GLU A 74 62.38 -54.42 36.34
CA GLU A 74 62.48 -53.21 35.54
C GLU A 74 61.12 -52.87 34.91
N LEU A 75 60.50 -53.89 34.34
CA LEU A 75 59.21 -53.72 33.71
C LEU A 75 58.18 -53.26 34.76
N ARG A 76 58.37 -53.75 35.98
CA ARG A 76 57.48 -53.41 37.07
C ARG A 76 57.53 -51.90 37.33
N SER A 77 58.74 -51.36 37.26
CA SER A 77 58.94 -49.94 37.50
C SER A 77 58.24 -49.13 36.40
N LEU A 78 58.18 -49.72 35.22
CA LEU A 78 57.55 -49.07 34.09
C LEU A 78 56.06 -48.87 34.39
N TYR A 79 55.47 -49.89 34.98
CA TYR A 79 54.06 -49.84 35.32
C TYR A 79 53.78 -48.72 36.33
N ASN A 80 54.65 -48.62 37.31
CA ASN A 80 54.52 -47.60 38.34
C ASN A 80 54.50 -46.22 37.68
N THR A 81 55.23 -46.12 36.58
CA THR A 81 55.30 -44.86 35.85
C THR A 81 53.96 -44.54 35.19
N ILE A 82 53.42 -45.54 34.52
CA ILE A 82 52.15 -45.38 33.84
C ILE A 82 51.03 -45.20 34.88
N ALA A 83 51.24 -45.84 36.02
CA ALA A 83 50.27 -45.76 37.10
C ALA A 83 50.13 -44.31 37.54
N VAL A 84 51.23 -43.73 37.96
CA VAL A 84 51.24 -42.35 38.41
C VAL A 84 50.74 -41.45 37.28
N LEU A 85 51.21 -41.75 36.07
CA LEU A 85 50.81 -40.97 34.91
C LEU A 85 49.28 -40.98 34.79
N TYR A 86 48.72 -42.17 34.94
CA TYR A 86 47.28 -42.34 34.85
C TYR A 86 46.57 -41.50 35.91
N CYS A 87 47.22 -41.37 37.05
CA CYS A 87 46.67 -40.60 38.15
C CYS A 87 46.70 -39.12 37.77
N VAL A 88 47.78 -38.73 37.08
CA VAL A 88 47.94 -37.36 36.66
C VAL A 88 46.82 -37.00 35.68
N HIS A 89 46.40 -37.99 34.91
CA HIS A 89 45.34 -37.79 33.94
C HIS A 89 44.02 -37.52 34.66
N GLN A 90 43.81 -38.26 35.75
CA GLN A 90 42.60 -38.11 36.54
C GLN A 90 42.76 -36.97 37.53
N ARG A 91 44.02 -36.64 37.81
CA ARG A 91 44.31 -35.57 38.75
C ARG A 91 44.00 -36.02 40.18
N ILE A 92 44.32 -37.27 40.45
CA ILE A 92 44.08 -37.84 41.78
C ILE A 92 45.13 -37.31 42.75
N ASP A 93 44.69 -37.04 43.97
CA ASP A 93 45.58 -36.53 45.00
C ASP A 93 46.63 -37.59 45.32
N VAL A 94 47.84 -37.34 44.87
CA VAL A 94 48.95 -38.25 45.10
C VAL A 94 50.18 -37.47 45.53
N LYS A 95 51.22 -38.22 45.89
CA LYS A 95 52.46 -37.60 46.33
C LYS A 95 53.64 -38.44 45.84
N ASP A 96 53.53 -39.75 46.07
CA ASP A 96 54.58 -40.67 45.67
C ASP A 96 53.98 -41.73 44.73
N THR A 97 54.87 -42.51 44.14
CA THR A 97 54.45 -43.56 43.22
C THR A 97 53.52 -44.55 43.93
N LYS A 98 53.93 -44.95 45.12
CA LYS A 98 53.15 -45.89 45.91
C LYS A 98 51.76 -45.30 46.15
N GLU A 99 51.72 -43.99 46.25
CA GLU A 99 50.45 -43.29 46.48
C GLU A 99 49.55 -43.42 45.26
N ALA A 100 50.17 -43.46 44.10
CA ALA A 100 49.43 -43.58 42.86
C ALA A 100 48.83 -44.98 42.76
N LEU A 101 49.62 -45.96 43.19
CA LEU A 101 49.18 -47.34 43.16
C LEU A 101 47.87 -47.48 43.95
N ASP A 102 47.87 -46.87 45.13
CA ASP A 102 46.69 -46.92 45.98
C ASP A 102 45.61 -46.01 45.40
N LYS A 103 46.04 -44.86 44.92
CA LYS A 103 45.11 -43.90 44.33
C LYS A 103 44.49 -44.51 43.08
N ILE A 104 45.34 -44.78 42.10
CA ILE A 104 44.88 -45.36 40.85
C ILE A 104 44.11 -46.65 41.15
N GLU A 105 44.48 -47.28 42.25
CA GLU A 105 43.83 -48.52 42.65
C GLU A 105 42.33 -48.31 42.81
N GLU A 106 41.98 -47.32 43.62
CA GLU A 106 40.58 -47.00 43.87
C GLU A 106 39.89 -46.64 42.56
N GLU A 107 40.52 -45.75 41.80
CA GLU A 107 39.97 -45.32 40.53
C GLU A 107 39.62 -46.52 39.67
N GLN A 108 40.60 -47.42 39.53
CA GLN A 108 40.40 -48.61 38.73
C GLN A 108 39.19 -49.40 39.22
N ASN A 109 39.18 -49.67 40.52
CA ASN A 109 38.08 -50.40 41.12
C ASN A 109 36.76 -49.72 40.77
N LYS A 110 36.77 -48.39 40.86
CA LYS A 110 35.58 -47.62 40.56
C LYS A 110 35.16 -47.89 39.11
N SER A 111 36.10 -47.65 38.20
CA SER A 111 35.83 -47.86 36.79
C SER A 111 35.22 -49.24 36.57
N LYS A 112 35.88 -50.24 37.15
CA LYS A 112 35.42 -51.62 37.02
C LYS A 112 33.94 -51.69 37.42
N LYS A 113 33.65 -51.19 38.62
CA LYS A 113 32.29 -51.19 39.12
C LYS A 113 31.37 -50.55 38.09
N LYS A 114 31.72 -49.33 37.70
CA LYS A 114 30.93 -48.60 36.71
C LYS A 114 30.63 -49.52 35.52
N ALA A 115 31.69 -50.16 35.03
CA ALA A 115 31.55 -51.06 33.90
C ALA A 115 30.47 -52.09 34.21
N GLN A 116 30.64 -52.78 35.32
CA GLN A 116 29.68 -53.79 35.74
C GLN A 116 28.26 -53.22 35.72
N GLN A 117 28.11 -52.08 36.35
CA GLN A 117 26.82 -51.42 36.42
C GLN A 117 26.22 -51.29 35.02
N ALA A 118 27.03 -50.76 34.11
CA ALA A 118 26.60 -50.58 32.73
C ALA A 118 26.17 -51.93 32.16
N ALA A 119 27.05 -52.90 32.29
CA ALA A 119 26.79 -54.24 31.79
C ALA A 119 25.45 -54.72 32.34
N ALA A 120 25.03 -54.11 33.43
CA ALA A 120 23.77 -54.46 34.06
C ALA A 120 22.66 -53.58 33.49
N ASP A 121 23.02 -52.35 33.18
CA ASP A 121 22.05 -51.40 32.63
C ASP A 121 22.05 -51.52 31.10
N THR A 122 22.64 -52.61 30.62
CA THR A 122 22.71 -52.85 29.18
C THR A 122 21.89 -54.08 28.81
N GLY A 123 20.59 -53.85 28.65
CA GLY A 123 19.68 -54.92 28.30
C GLY A 123 18.31 -54.37 27.90
N ASN A 124 17.70 -53.65 28.84
CA ASN A 124 16.40 -53.07 28.61
C ASN A 124 16.50 -51.55 28.72
N ASN A 125 16.22 -50.88 27.61
CA ASN A 125 16.28 -49.43 27.58
C ASN A 125 16.05 -48.95 26.14
N SER A 126 15.53 -47.73 26.04
CA SER A 126 15.25 -47.14 24.74
C SER A 126 14.75 -45.71 24.90
N GLN A 127 14.94 -44.93 23.85
CA GLN A 127 14.52 -43.54 23.87
C GLN A 127 14.81 -42.86 22.53
N VAL A 128 13.91 -41.99 22.11
CA VAL A 128 14.06 -41.29 20.86
C VAL A 128 13.59 -39.84 21.03
N SER A 129 13.98 -39.01 20.08
CA SER A 129 13.60 -37.61 20.11
C SER A 129 14.13 -36.89 18.87
N GLN A 130 13.39 -35.87 18.45
CA GLN A 130 13.77 -35.10 17.28
C GLN A 130 12.75 -34.00 17.01
N ASN A 131 13.23 -32.90 16.46
CA ASN A 131 12.37 -31.78 16.15
C ASN A 131 13.18 -30.69 15.44
N TYR A 132 12.50 -29.93 14.60
CA TYR A 132 13.16 -28.86 13.86
C TYR A 132 12.12 -27.90 13.27
N PRO A 133 11.81 -26.83 14.05
CA PRO A 133 10.85 -25.84 13.62
C PRO A 133 11.45 -24.93 12.54
N ILE A 134 10.57 -24.41 11.70
CA ILE A 134 10.99 -23.53 10.62
C ILE A 134 9.76 -22.91 9.96
N VAL A 135 9.80 -21.60 9.82
CA VAL A 135 8.70 -20.87 9.20
C VAL A 135 9.26 -19.72 8.37
N GLN A 136 8.58 -19.46 7.25
CA GLN A 136 9.00 -18.39 6.36
C GLN A 136 8.07 -18.33 5.15
N ASN A 137 7.56 -17.14 4.91
CA ASN A 137 6.65 -16.92 3.78
C ASN A 137 6.77 -15.47 3.31
N LEU A 138 6.24 -15.22 2.12
CA LEU A 138 6.27 -13.89 1.55
C LEU A 138 5.50 -13.89 0.23
N GLN A 139 4.90 -12.74 -0.07
CA GLN A 139 4.13 -12.60 -1.29
C GLN A 139 4.20 -11.15 -1.78
N GLY A 140 3.67 -10.94 -2.99
CA GLY A 140 3.66 -9.62 -3.59
C GLY A 140 2.23 -9.09 -3.70
N GLN A 141 1.78 -8.47 -2.62
CA GLN A 141 0.44 -7.90 -2.58
C GLN A 141 0.51 -6.38 -2.36
N MET A 142 -0.64 -5.75 -2.50
CA MET A 142 -0.73 -4.30 -2.32
C MET A 142 0.08 -3.85 -1.10
N VAL A 143 1.10 -3.05 -1.37
CA VAL A 143 1.95 -2.55 -0.31
C VAL A 143 2.94 -1.53 -0.88
N HIS A 144 3.25 -0.53 -0.09
CA HIS A 144 4.18 0.51 -0.51
C HIS A 144 5.61 0.05 -0.22
N GLN A 145 6.50 0.41 -1.14
CA GLN A 145 7.90 0.06 -0.99
C GLN A 145 8.61 1.04 -0.06
N ALA A 146 9.61 0.52 0.65
CA ALA A 146 10.36 1.34 1.58
C ALA A 146 11.31 2.24 0.78
N ILE A 147 12.12 3.00 1.52
CA ILE A 147 13.07 3.90 0.91
C ILE A 147 14.35 3.13 0.55
N SER A 148 14.94 3.50 -0.58
CA SER A 148 16.15 2.85 -1.03
C SER A 148 17.38 3.52 -0.40
N PRO A 149 18.50 2.77 -0.40
CA PRO A 149 19.74 3.26 0.18
C PRO A 149 20.38 4.31 -0.73
N ARG A 150 20.04 4.23 -2.01
CA ARG A 150 20.57 5.15 -3.00
C ARG A 150 20.10 6.57 -2.71
N THR A 151 18.86 6.67 -2.27
CA THR A 151 18.28 7.96 -1.94
C THR A 151 18.98 8.58 -0.73
N LEU A 152 19.35 7.71 0.20
CA LEU A 152 20.04 8.16 1.41
C LEU A 152 21.37 8.77 1.04
N ASN A 153 22.06 8.11 0.12
CA ASN A 153 23.36 8.59 -0.33
C ASN A 153 23.18 9.91 -1.08
N ALA A 154 22.09 9.98 -1.83
CA ALA A 154 21.79 11.18 -2.60
C ALA A 154 21.58 12.36 -1.63
N TRP A 155 20.75 12.11 -0.63
CA TRP A 155 20.45 13.13 0.35
C TRP A 155 21.75 13.49 1.08
N VAL A 156 22.49 12.45 1.42
CA VAL A 156 23.76 12.63 2.11
C VAL A 156 24.55 13.77 1.44
N LYS A 157 24.55 13.72 0.11
CA LYS A 157 25.25 14.73 -0.66
C LYS A 157 24.52 16.07 -0.54
N VAL A 158 23.21 15.98 -0.45
CA VAL A 158 22.39 17.17 -0.34
C VAL A 158 22.71 17.88 0.97
N VAL A 159 22.96 17.09 2.00
CA VAL A 159 23.29 17.63 3.30
C VAL A 159 24.65 18.31 3.24
N GLU A 160 25.60 17.61 2.63
CA GLU A 160 26.96 18.13 2.50
C GLU A 160 26.97 19.32 1.54
N GLU A 161 25.92 19.41 0.73
CA GLU A 161 25.81 20.49 -0.23
C GLU A 161 25.12 21.69 0.41
N LYS A 162 24.14 21.41 1.24
CA LYS A 162 23.39 22.45 1.92
C LYS A 162 23.37 22.16 3.43
N ALA A 163 22.74 21.06 3.78
CA ALA A 163 22.65 20.65 5.17
C ALA A 163 21.45 21.35 5.81
N PHE A 164 21.36 22.65 5.59
CA PHE A 164 20.27 23.43 6.14
C PHE A 164 20.11 24.76 5.39
N SER A 165 19.85 24.64 4.09
CA SER A 165 19.67 25.82 3.26
C SER A 165 18.21 25.94 2.83
N PRO A 166 17.90 27.11 2.20
CA PRO A 166 16.55 27.35 1.73
C PRO A 166 16.24 26.56 0.46
N GLU A 167 17.32 26.13 -0.20
CA GLU A 167 17.20 25.36 -1.42
C GLU A 167 17.17 23.86 -1.10
N VAL A 168 17.32 23.56 0.18
CA VAL A 168 17.32 22.18 0.62
C VAL A 168 15.97 21.84 1.24
N ILE A 169 15.37 22.83 1.87
CA ILE A 169 14.08 22.66 2.51
C ILE A 169 13.10 22.04 1.50
N PRO A 170 13.11 22.62 0.26
CA PRO A 170 12.24 22.14 -0.78
C PRO A 170 12.75 20.82 -1.36
N MET A 171 14.06 20.70 -1.42
CA MET A 171 14.69 19.50 -1.95
C MET A 171 14.34 18.28 -1.10
N PHE A 172 14.18 18.53 0.20
CA PHE A 172 13.85 17.46 1.12
C PHE A 172 12.42 16.96 0.89
N SER A 173 11.56 17.89 0.54
CA SER A 173 10.17 17.56 0.29
C SER A 173 10.06 16.63 -0.92
N ALA A 174 10.85 16.96 -1.94
CA ALA A 174 10.86 16.17 -3.16
C ALA A 174 11.27 14.73 -2.83
N LEU A 175 12.32 14.62 -2.03
CA LEU A 175 12.81 13.31 -1.63
C LEU A 175 11.90 12.73 -0.55
N SER A 176 11.01 13.58 -0.05
CA SER A 176 10.09 13.17 0.99
C SER A 176 8.66 13.12 0.42
N GLU A 177 8.58 13.17 -0.89
CA GLU A 177 7.30 13.12 -1.57
C GLU A 177 6.38 12.09 -0.91
N GLY A 178 5.45 12.58 -0.11
CA GLY A 178 4.51 11.72 0.57
C GLY A 178 5.22 10.47 1.11
N ALA A 179 6.10 10.69 2.07
CA ALA A 179 6.85 9.61 2.67
C ALA A 179 6.28 9.31 4.05
N THR A 180 6.94 8.39 4.75
CA THR A 180 6.50 7.99 6.08
C THR A 180 7.48 8.51 7.13
N PRO A 181 7.20 8.15 8.41
CA PRO A 181 8.04 8.57 9.52
C PRO A 181 9.34 7.76 9.54
N GLN A 182 9.21 6.49 9.20
CA GLN A 182 10.37 5.60 9.19
C GLN A 182 11.30 5.97 8.03
N ASP A 183 10.70 6.25 6.88
CA ASP A 183 11.47 6.62 5.71
C ASP A 183 12.12 7.98 5.94
N LEU A 184 11.30 8.92 6.39
CA LEU A 184 11.78 10.28 6.65
C LEU A 184 12.84 10.23 7.75
N ASN A 185 12.57 9.39 8.75
CA ASN A 185 13.50 9.23 9.86
C ASN A 185 14.82 8.68 9.36
N THR A 186 14.73 7.83 8.33
CA THR A 186 15.91 7.23 7.75
C THR A 186 16.84 8.31 7.19
N MET A 187 16.25 9.22 6.44
CA MET A 187 17.01 10.31 5.84
C MET A 187 17.65 11.19 6.93
N LEU A 188 16.85 11.52 7.92
CA LEU A 188 17.32 12.36 9.01
C LEU A 188 18.50 11.67 9.70
N ASN A 189 18.58 10.36 9.49
CA ASN A 189 19.65 9.58 10.08
C ASN A 189 20.94 9.76 9.25
N THR A 190 20.76 9.76 7.94
CA THR A 190 21.88 9.92 7.03
C THR A 190 22.29 11.39 6.95
N VAL A 191 21.56 12.22 7.70
CA VAL A 191 21.83 13.65 7.72
C VAL A 191 23.30 13.88 8.07
N GLY A 192 23.62 15.13 8.37
CA GLY A 192 24.98 15.50 8.73
C GLY A 192 25.21 15.30 10.24
N GLY A 193 24.50 14.34 10.79
CA GLY A 193 24.62 14.03 12.21
C GLY A 193 24.35 15.28 13.07
N HIS A 194 23.53 16.17 12.51
CA HIS A 194 23.18 17.39 13.20
C HIS A 194 22.28 17.06 14.39
N GLN A 195 22.88 16.50 15.42
CA GLN A 195 22.14 16.14 16.62
C GLN A 195 21.44 17.36 17.20
N ALA A 196 22.18 18.47 17.24
CA ALA A 196 21.65 19.70 17.77
C ALA A 196 20.38 20.08 17.00
N ALA A 197 20.49 20.03 15.68
CA ALA A 197 19.37 20.37 14.83
C ALA A 197 18.21 19.41 15.10
N MET A 198 18.54 18.12 15.13
CA MET A 198 17.55 17.10 15.38
C MET A 198 16.87 17.31 16.74
N GLN A 199 17.66 17.83 17.68
CA GLN A 199 17.15 18.09 19.01
C GLN A 199 16.03 19.13 18.96
N MET A 200 16.35 20.27 18.37
CA MET A 200 15.40 21.35 18.25
C MET A 200 14.27 20.99 17.28
N LEU A 201 14.62 20.14 16.32
CA LEU A 201 13.65 19.70 15.32
C LEU A 201 12.65 18.74 15.99
N LYS A 202 13.16 17.93 16.90
CA LYS A 202 12.34 16.97 17.61
C LYS A 202 11.31 17.72 18.46
N GLU A 203 11.74 18.85 18.99
CA GLU A 203 10.88 19.68 19.83
C GLU A 203 9.74 20.27 18.99
N THR A 204 10.12 20.79 17.82
CA THR A 204 9.15 21.40 16.93
C THR A 204 8.20 20.33 16.38
N ILE A 205 8.80 19.25 15.88
CA ILE A 205 8.01 18.16 15.31
C ILE A 205 7.11 17.59 16.40
N ASN A 206 7.73 17.18 17.50
CA ASN A 206 6.99 16.61 18.62
C ASN A 206 5.95 17.62 19.10
N GLU A 207 6.29 18.89 18.98
CA GLU A 207 5.40 19.96 19.39
C GLU A 207 4.24 20.09 18.40
N GLU A 208 4.53 19.75 17.16
CA GLU A 208 3.52 19.83 16.10
C GLU A 208 2.39 18.84 16.37
N ALA A 209 2.78 17.68 16.87
CA ALA A 209 1.81 16.64 17.18
C ALA A 209 0.97 17.07 18.39
N ALA A 210 1.67 17.47 19.44
CA ALA A 210 1.02 17.90 20.65
C ALA A 210 0.03 19.03 20.33
N GLU A 211 0.53 20.00 19.56
CA GLU A 211 -0.30 21.13 19.18
C GLU A 211 -1.42 20.68 18.23
N TRP A 212 -1.10 19.69 17.42
CA TRP A 212 -2.06 19.15 16.47
C TRP A 212 -3.23 18.57 17.26
N ASP A 213 -2.94 17.52 18.02
CA ASP A 213 -3.95 16.88 18.83
C ASP A 213 -4.60 17.91 19.75
N ARG A 214 -3.78 18.87 20.17
CA ARG A 214 -4.26 19.92 21.06
C ARG A 214 -5.38 20.72 20.38
N LEU A 215 -5.29 20.79 19.06
CA LEU A 215 -6.29 21.52 18.29
C LEU A 215 -7.19 20.52 17.57
N HIS A 216 -6.85 19.26 17.71
CA HIS A 216 -7.62 18.20 17.07
C HIS A 216 -8.30 17.34 18.15
N PRO A 217 -9.55 17.73 18.49
CA PRO A 217 -10.31 17.01 19.50
C PRO A 217 -10.83 15.68 18.94
N VAL A 218 -9.92 14.91 18.39
CA VAL A 218 -10.27 13.61 17.82
C VAL A 218 -11.63 13.72 17.14
N HIS A 219 -11.73 14.67 16.21
CA HIS A 219 -12.96 14.88 15.48
C HIS A 219 -13.23 13.69 14.56
N ALA A 220 -14.06 12.78 15.03
CA ALA A 220 -14.39 11.59 14.27
C ALA A 220 -15.55 10.85 14.95
N GLY A 221 -16.19 9.99 14.18
CA GLY A 221 -17.31 9.22 14.70
C GLY A 221 -16.94 7.75 14.86
N PRO A 222 -17.92 6.86 14.53
CA PRO A 222 -17.70 5.43 14.63
C PRO A 222 -16.83 4.93 13.49
N ILE A 223 -15.72 4.29 13.87
CA ILE A 223 -14.80 3.76 12.88
C ILE A 223 -14.89 2.23 12.87
N ALA A 224 -14.08 1.63 12.01
CA ALA A 224 -14.06 0.18 11.89
C ALA A 224 -13.65 -0.42 13.23
N PRO A 225 -14.10 -1.69 13.46
CA PRO A 225 -13.77 -2.40 14.69
C PRO A 225 -12.32 -2.88 14.68
N GLY A 226 -11.50 -2.20 15.47
CA GLY A 226 -10.09 -2.55 15.56
C GLY A 226 -9.24 -1.59 14.74
N GLN A 227 -9.88 -0.94 13.78
CA GLN A 227 -9.20 0.01 12.92
C GLN A 227 -8.55 1.12 13.75
N MET A 228 -7.99 2.10 13.06
CA MET A 228 -7.33 3.21 13.72
C MET A 228 -7.90 4.55 13.23
N ARG A 229 -8.93 5.01 13.94
CA ARG A 229 -9.57 6.26 13.59
C ARG A 229 -8.52 7.37 13.44
N GLU A 230 -9.01 8.57 13.18
CA GLU A 230 -8.14 9.72 13.02
C GLU A 230 -6.96 9.63 13.99
N PRO A 231 -5.74 9.44 13.41
CA PRO A 231 -4.53 9.35 14.21
C PRO A 231 -4.12 10.71 14.74
N ARG A 232 -3.60 10.71 15.96
CA ARG A 232 -3.16 11.93 16.59
C ARG A 232 -1.72 12.25 16.18
N GLY A 233 -1.30 13.46 16.53
CA GLY A 233 0.04 13.90 16.20
C GLY A 233 1.07 12.81 16.50
N SER A 234 0.85 12.12 17.61
CA SER A 234 1.74 11.05 18.01
C SER A 234 1.66 9.89 17.01
N ASP A 235 0.43 9.59 16.60
CA ASP A 235 0.21 8.52 15.65
C ASP A 235 0.93 8.84 14.35
N ILE A 236 0.88 10.10 13.97
CA ILE A 236 1.54 10.55 12.75
C ILE A 236 3.03 10.26 12.84
N ALA A 237 3.55 10.35 14.06
CA ALA A 237 4.97 10.11 14.29
C ALA A 237 5.25 8.61 14.13
N GLY A 238 4.18 7.84 14.13
CA GLY A 238 4.30 6.39 13.98
C GLY A 238 4.72 5.74 15.30
N THR A 239 4.38 6.41 16.39
CA THR A 239 4.71 5.91 17.71
C THR A 239 3.58 5.02 18.24
N THR A 240 2.36 5.42 17.95
CA THR A 240 1.20 4.68 18.38
C THR A 240 0.59 3.90 17.20
N SER A 241 1.21 4.06 16.05
CA SER A 241 0.75 3.38 14.85
C SER A 241 1.95 2.83 14.06
N THR A 242 1.75 1.66 13.50
CA THR A 242 2.81 1.02 12.72
C THR A 242 2.95 1.71 11.37
N LEU A 243 3.99 1.31 10.64
CA LEU A 243 4.26 1.88 9.33
C LEU A 243 3.18 1.41 8.35
N GLN A 244 3.08 0.09 8.22
CA GLN A 244 2.11 -0.49 7.32
C GLN A 244 0.73 0.16 7.53
N GLU A 245 0.51 0.63 8.75
CA GLU A 245 -0.75 1.27 9.09
C GLU A 245 -0.85 2.63 8.39
N GLN A 246 0.22 3.41 8.52
CA GLN A 246 0.26 4.72 7.92
C GLN A 246 0.28 4.60 6.39
N ILE A 247 1.08 3.66 5.91
CA ILE A 247 1.21 3.44 4.48
C ILE A 247 -0.19 3.35 3.87
N GLY A 248 -0.97 2.41 4.38
CA GLY A 248 -2.32 2.21 3.88
C GLY A 248 -3.17 3.46 4.09
N TRP A 249 -3.06 4.03 5.28
CA TRP A 249 -3.81 5.23 5.62
C TRP A 249 -3.48 6.29 4.58
N MET A 250 -2.25 6.23 4.08
CA MET A 250 -1.80 7.18 3.09
C MET A 250 -2.56 7.00 1.76
N THR A 251 -2.76 5.75 1.40
CA THR A 251 -3.47 5.42 0.17
C THR A 251 -4.87 4.89 0.49
N HIS A 252 -5.35 5.25 1.67
CA HIS A 252 -6.67 4.82 2.10
C HIS A 252 -7.72 5.81 1.59
N ASN A 253 -8.98 5.42 1.74
CA ASN A 253 -10.08 6.26 1.31
C ASN A 253 -10.98 6.58 2.51
N PRO A 254 -10.96 7.87 2.92
CA PRO A 254 -10.15 8.87 2.23
C PRO A 254 -8.67 8.70 2.58
N PRO A 255 -7.80 9.25 1.70
CA PRO A 255 -6.37 9.17 1.92
C PRO A 255 -5.92 10.16 3.01
N ILE A 256 -5.30 9.60 4.04
CA ILE A 256 -4.83 10.41 5.16
C ILE A 256 -3.37 10.82 4.90
N PRO A 257 -3.18 12.15 4.67
CA PRO A 257 -1.86 12.68 4.42
C PRO A 257 -1.03 12.73 5.71
N VAL A 258 -0.94 11.59 6.37
CA VAL A 258 -0.18 11.50 7.60
C VAL A 258 1.30 11.76 7.31
N GLY A 259 1.76 11.20 6.19
CA GLY A 259 3.15 11.37 5.79
C GLY A 259 3.48 12.85 5.56
N GLU A 260 2.53 13.55 4.95
CA GLU A 260 2.71 14.95 4.66
C GLU A 260 2.69 15.76 5.96
N ILE A 261 1.92 15.28 6.92
CA ILE A 261 1.81 15.94 8.21
C ILE A 261 3.17 15.94 8.90
N TYR A 262 3.82 14.78 8.88
CA TYR A 262 5.12 14.64 9.49
C TYR A 262 6.20 15.33 8.65
N LYS A 263 6.14 15.09 7.36
CA LYS A 263 7.11 15.68 6.44
C LYS A 263 7.09 17.21 6.60
N ARG A 264 5.90 17.72 6.82
CA ARG A 264 5.72 19.16 6.99
C ARG A 264 6.36 19.61 8.31
N TRP A 265 6.28 18.74 9.31
CA TRP A 265 6.85 19.04 10.61
C TRP A 265 8.35 19.22 10.45
N ILE A 266 8.95 18.30 9.70
CA ILE A 266 10.38 18.35 9.46
C ILE A 266 10.75 19.69 8.82
N ILE A 267 9.97 20.05 7.82
CA ILE A 267 10.19 21.31 7.11
C ILE A 267 10.06 22.47 8.08
N LEU A 268 9.19 22.29 9.06
CA LEU A 268 8.95 23.30 10.07
C LEU A 268 10.27 23.62 10.78
N GLY A 269 10.86 22.58 11.36
CA GLY A 269 12.10 22.73 12.07
C GLY A 269 13.22 23.20 11.13
N LEU A 270 13.45 22.40 10.11
CA LEU A 270 14.49 22.72 9.12
C LEU A 270 14.41 24.21 8.78
N ASN A 271 13.19 24.72 8.77
CA ASN A 271 12.97 26.12 8.47
C ASN A 271 13.64 26.99 9.53
N LYS A 272 13.39 26.62 10.78
CA LYS A 272 13.96 27.36 11.91
C LYS A 272 15.47 27.17 11.91
N ILE A 273 15.89 25.96 11.59
CA ILE A 273 17.31 25.64 11.55
C ILE A 273 18.00 26.50 10.49
N VAL A 274 17.35 26.60 9.33
CA VAL A 274 17.89 27.39 8.24
C VAL A 274 17.93 28.86 8.65
N ARG A 275 16.83 29.31 9.23
CA ARG A 275 16.73 30.69 9.67
C ARG A 275 17.79 30.99 10.72
N MET A 276 18.36 29.92 11.27
CA MET A 276 19.39 30.06 12.29
C MET A 276 20.79 29.98 11.65
N TYR A 277 20.91 29.11 10.66
CA TYR A 277 22.18 28.94 9.97
C TYR A 277 22.23 29.79 8.70
N SER A 278 21.33 30.75 8.63
CA SER A 278 21.26 31.64 7.48
C SER A 278 22.45 32.59 7.49
N PRO A 279 22.84 33.04 6.27
CA PRO A 279 23.96 33.97 6.11
C PRO A 279 23.56 35.38 6.55
N THR A 280 24.03 35.75 7.73
CA THR A 280 23.73 37.07 8.27
C THR A 280 24.84 37.52 9.22
N SER A 281 25.02 36.73 10.27
CA SER A 281 26.04 37.03 11.26
C SER A 281 26.47 35.75 11.98
N ILE A 282 27.61 35.83 12.64
CA ILE A 282 28.15 34.69 13.37
C ILE A 282 28.73 35.17 14.70
N LEU A 283 28.74 34.25 15.66
CA LEU A 283 29.26 34.56 16.99
C LEU A 283 29.20 33.30 17.85
N HIS A 284 29.99 33.33 18.91
CA HIS A 284 30.05 32.20 19.84
C HIS A 284 30.78 32.61 21.11
N HIS A 285 30.65 31.77 22.12
CA HIS A 285 31.30 32.04 23.40
C HIS A 285 31.00 30.88 24.37
N HIS A 286 31.90 30.72 25.33
CA HIS A 286 31.75 29.67 26.32
C HIS A 286 32.85 29.80 27.38
N HIS A 287 32.64 29.13 28.50
CA HIS A 287 33.59 29.17 29.59
C HIS A 287 33.14 28.22 30.70
N HIS A 288 34.12 27.70 31.44
CA HIS A 288 33.83 26.79 32.53
C HIS A 288 33.05 25.59 32.00
N HIS A 289 32.99 24.55 32.82
CA HIS A 289 32.27 23.34 32.45
C HIS A 289 30.77 23.56 32.60
N GLY A 2 -6.10 -27.94 -84.20
CA GLY A 2 -6.37 -28.18 -85.61
C GLY A 2 -7.70 -27.57 -86.02
N ALA A 3 -8.69 -28.45 -86.18
CA ALA A 3 -10.02 -28.01 -86.57
C ALA A 3 -9.92 -27.15 -87.83
N ARG A 4 -11.08 -26.75 -88.33
CA ARG A 4 -11.14 -25.94 -89.53
C ARG A 4 -10.18 -24.73 -89.39
N ALA A 5 -9.99 -24.05 -90.51
CA ALA A 5 -9.12 -22.89 -90.53
C ALA A 5 -7.69 -23.33 -90.19
N SER A 6 -6.77 -22.39 -90.31
CA SER A 6 -5.37 -22.65 -90.02
C SER A 6 -4.77 -21.51 -89.20
N VAL A 7 -3.49 -21.66 -88.89
CA VAL A 7 -2.80 -20.65 -88.11
C VAL A 7 -2.77 -19.34 -88.90
N LEU A 8 -2.36 -19.44 -90.16
CA LEU A 8 -2.29 -18.28 -91.02
C LEU A 8 -3.44 -18.32 -92.02
N SER A 9 -3.74 -17.16 -92.59
CA SER A 9 -4.81 -17.04 -93.56
C SER A 9 -4.25 -17.20 -94.98
N GLY A 10 -5.15 -17.12 -95.95
CA GLY A 10 -4.76 -17.25 -97.34
C GLY A 10 -3.71 -16.20 -97.73
N GLY A 11 -4.09 -14.94 -97.53
CA GLY A 11 -3.19 -13.84 -97.84
C GLY A 11 -2.14 -13.66 -96.76
N GLU A 12 -2.57 -13.83 -95.51
CA GLU A 12 -1.67 -13.69 -94.39
C GLU A 12 -0.52 -14.68 -94.49
N LEU A 13 -0.85 -15.88 -94.95
CA LEU A 13 0.15 -16.93 -95.10
C LEU A 13 1.07 -16.56 -96.27
N ASP A 14 0.47 -16.05 -97.32
CA ASP A 14 1.23 -15.66 -98.51
C ASP A 14 2.32 -14.66 -98.10
N LYS A 15 2.01 -13.89 -97.07
CA LYS A 15 2.96 -12.90 -96.58
C LYS A 15 4.00 -13.59 -95.69
N TRP A 16 3.51 -14.50 -94.87
CA TRP A 16 4.38 -15.23 -93.96
C TRP A 16 5.44 -15.94 -94.80
N GLU A 17 4.97 -16.84 -95.66
CA GLU A 17 5.87 -17.58 -96.52
C GLU A 17 6.73 -16.62 -97.36
N LYS A 18 6.10 -15.53 -97.76
CA LYS A 18 6.78 -14.53 -98.57
C LYS A 18 8.10 -14.14 -97.88
N ILE A 19 7.99 -13.86 -96.60
CA ILE A 19 9.16 -13.47 -95.81
C ILE A 19 10.22 -14.57 -95.93
N ARG A 20 11.47 -14.13 -95.97
CA ARG A 20 12.59 -15.05 -96.08
C ARG A 20 13.24 -15.26 -94.71
N LEU A 21 14.04 -16.31 -94.62
CA LEU A 21 14.72 -16.64 -93.39
C LEU A 21 16.16 -16.14 -93.46
N ARG A 22 17.04 -16.86 -92.78
CA ARG A 22 18.45 -16.49 -92.76
C ARG A 22 19.20 -17.21 -93.89
N PRO A 23 20.49 -16.81 -94.06
CA PRO A 23 21.32 -17.40 -95.10
C PRO A 23 21.77 -18.81 -94.70
N GLY A 24 21.57 -19.74 -95.62
CA GLY A 24 21.96 -21.12 -95.37
C GLY A 24 20.76 -21.95 -94.91
N GLY A 25 19.62 -21.28 -94.79
CA GLY A 25 18.40 -21.94 -94.35
C GLY A 25 17.41 -22.07 -95.51
N LYS A 26 16.16 -22.32 -95.15
CA LYS A 26 15.12 -22.48 -96.14
C LYS A 26 15.04 -21.20 -96.99
N LYS A 27 15.27 -20.08 -96.34
CA LYS A 27 15.23 -18.80 -97.03
C LYS A 27 13.78 -18.34 -97.18
N GLN A 28 12.87 -19.21 -96.75
CA GLN A 28 11.45 -18.91 -96.83
C GLN A 28 10.70 -19.58 -95.67
N TYR A 29 9.69 -18.88 -95.19
CA TYR A 29 8.89 -19.40 -94.09
C TYR A 29 7.81 -20.36 -94.60
N LYS A 30 7.43 -21.28 -93.73
CA LYS A 30 6.42 -22.26 -94.08
C LYS A 30 5.54 -22.55 -92.86
N LEU A 31 4.43 -23.22 -93.11
CA LEU A 31 3.50 -23.56 -92.04
C LEU A 31 4.20 -24.48 -91.04
N LYS A 32 5.17 -25.23 -91.55
CA LYS A 32 5.92 -26.16 -90.72
C LYS A 32 6.64 -25.38 -89.63
N HIS A 33 7.28 -24.29 -90.03
CA HIS A 33 8.00 -23.45 -89.10
C HIS A 33 7.04 -22.86 -88.07
N ILE A 34 5.84 -22.56 -88.54
CA ILE A 34 4.81 -21.99 -87.68
C ILE A 34 4.47 -22.99 -86.59
N VAL A 35 4.19 -24.22 -87.02
CA VAL A 35 3.84 -25.27 -86.09
C VAL A 35 4.87 -25.33 -84.96
N TRP A 36 6.13 -25.18 -85.35
CA TRP A 36 7.22 -25.20 -84.39
C TRP A 36 7.02 -24.04 -83.42
N ALA A 37 6.56 -22.92 -83.97
CA ALA A 37 6.33 -21.74 -83.17
C ALA A 37 5.32 -22.06 -82.06
N SER A 38 4.17 -22.60 -82.48
CA SER A 38 3.13 -22.95 -81.55
C SER A 38 3.62 -24.05 -80.60
N ARG A 39 4.46 -24.92 -81.14
CA ARG A 39 5.00 -26.02 -80.36
C ARG A 39 5.82 -25.48 -79.19
N GLU A 40 6.49 -24.36 -79.44
CA GLU A 40 7.30 -23.72 -78.42
C GLU A 40 6.42 -23.09 -77.34
N LEU A 41 5.28 -22.59 -77.78
CA LEU A 41 4.33 -21.95 -76.88
C LEU A 41 3.93 -22.95 -75.79
N GLU A 42 3.53 -24.14 -76.24
CA GLU A 42 3.12 -25.18 -75.32
C GLU A 42 4.29 -25.59 -74.41
N ARG A 43 5.49 -25.49 -74.97
CA ARG A 43 6.68 -25.84 -74.24
C ARG A 43 7.03 -24.73 -73.24
N PHE A 44 6.38 -23.59 -73.41
CA PHE A 44 6.62 -22.45 -72.54
C PHE A 44 5.54 -22.36 -71.46
N ALA A 45 4.60 -23.30 -71.52
CA ALA A 45 3.51 -23.34 -70.56
C ALA A 45 2.48 -22.26 -70.92
N VAL A 46 2.47 -21.92 -72.20
CA VAL A 46 1.54 -20.91 -72.68
C VAL A 46 0.55 -21.56 -73.65
N ASN A 47 -0.64 -20.99 -73.69
CA ASN A 47 -1.69 -21.49 -74.57
C ASN A 47 -1.25 -21.34 -76.02
N PRO A 48 -1.47 -22.43 -76.81
CA PRO A 48 -1.11 -22.43 -78.22
C PRO A 48 -2.09 -21.59 -79.03
N GLY A 49 -3.26 -21.37 -78.45
CA GLY A 49 -4.28 -20.59 -79.11
C GLY A 49 -3.82 -19.14 -79.34
N LEU A 50 -2.74 -18.80 -78.67
CA LEU A 50 -2.19 -17.46 -78.79
C LEU A 50 -1.54 -17.30 -80.17
N LEU A 51 -1.30 -18.43 -80.81
CA LEU A 51 -0.70 -18.43 -82.13
C LEU A 51 -1.79 -18.26 -83.19
N GLU A 52 -3.03 -18.32 -82.73
CA GLU A 52 -4.17 -18.16 -83.62
C GLU A 52 -4.60 -16.69 -83.70
N THR A 53 -4.21 -15.95 -82.67
CA THR A 53 -4.55 -14.53 -82.61
C THR A 53 -3.28 -13.69 -82.42
N SER A 54 -3.32 -12.50 -82.99
CA SER A 54 -2.19 -11.59 -82.88
C SER A 54 -2.07 -11.07 -81.45
N GLU A 55 -3.19 -11.05 -80.77
CA GLU A 55 -3.22 -10.58 -79.39
C GLU A 55 -2.37 -11.49 -78.50
N GLY A 56 -2.61 -12.78 -78.62
CA GLY A 56 -1.87 -13.76 -77.83
C GLY A 56 -0.41 -13.81 -78.28
N CYS A 57 -0.20 -13.63 -79.56
CA CYS A 57 1.15 -13.66 -80.12
C CYS A 57 1.93 -12.49 -79.53
N ARG A 58 1.27 -11.35 -79.42
CA ARG A 58 1.89 -10.16 -78.89
C ARG A 58 2.34 -10.41 -77.44
N GLN A 59 1.54 -11.18 -76.73
CA GLN A 59 1.84 -11.51 -75.35
C GLN A 59 3.10 -12.37 -75.26
N ILE A 60 3.31 -13.14 -76.31
CA ILE A 60 4.48 -14.02 -76.38
C ILE A 60 5.73 -13.18 -76.64
N LEU A 61 5.85 -12.73 -77.88
CA LEU A 61 6.99 -11.92 -78.28
C LEU A 61 7.30 -10.92 -77.16
N GLY A 62 6.25 -10.43 -76.54
CA GLY A 62 6.39 -9.46 -75.47
C GLY A 62 7.17 -10.05 -74.29
N GLN A 63 6.74 -11.25 -73.89
CA GLN A 63 7.39 -11.94 -72.78
C GLN A 63 8.43 -12.93 -73.31
N LEU A 64 8.88 -12.67 -74.52
CA LEU A 64 9.87 -13.53 -75.15
C LEU A 64 11.21 -12.78 -75.24
N GLN A 65 11.10 -11.46 -75.28
CA GLN A 65 12.30 -10.63 -75.37
C GLN A 65 13.27 -10.98 -74.25
N PRO A 66 12.70 -11.12 -73.02
CA PRO A 66 13.50 -11.45 -71.86
C PRO A 66 13.92 -12.93 -71.87
N SER A 67 12.97 -13.76 -72.27
CA SER A 67 13.23 -15.20 -72.34
C SER A 67 14.21 -15.50 -73.46
N LEU A 68 14.47 -14.49 -74.29
CA LEU A 68 15.38 -14.63 -75.40
C LEU A 68 16.82 -14.73 -74.85
N GLN A 69 17.11 -13.86 -73.89
CA GLN A 69 18.43 -13.84 -73.28
C GLN A 69 18.61 -15.05 -72.37
N THR A 70 17.53 -15.79 -72.18
CA THR A 70 17.56 -16.97 -71.34
C THR A 70 17.14 -18.20 -72.13
N GLY A 71 16.75 -17.96 -73.37
CA GLY A 71 16.33 -19.05 -74.24
C GLY A 71 17.53 -19.79 -74.82
N SER A 72 17.90 -19.42 -76.04
CA SER A 72 19.03 -20.04 -76.71
C SER A 72 18.99 -19.72 -78.21
N GLU A 73 19.88 -20.37 -78.93
CA GLU A 73 19.97 -20.16 -80.38
C GLU A 73 18.66 -20.61 -81.04
N GLU A 74 18.17 -21.76 -80.60
CA GLU A 74 16.94 -22.30 -81.14
C GLU A 74 15.74 -21.49 -80.66
N LEU A 75 15.81 -21.09 -79.41
CA LEU A 75 14.73 -20.30 -78.82
C LEU A 75 14.66 -18.94 -79.51
N ARG A 76 15.82 -18.44 -79.89
CA ARG A 76 15.89 -17.15 -80.57
C ARG A 76 15.13 -17.21 -81.90
N SER A 77 15.43 -18.24 -82.67
CA SER A 77 14.79 -18.43 -83.95
C SER A 77 13.27 -18.44 -83.79
N LEU A 78 12.84 -19.01 -82.67
CA LEU A 78 11.41 -19.10 -82.38
C LEU A 78 10.83 -17.69 -82.30
N TYR A 79 11.53 -16.83 -81.56
CA TYR A 79 11.09 -15.46 -81.39
C TYR A 79 11.09 -14.72 -82.72
N ASN A 80 12.13 -14.97 -83.51
CA ASN A 80 12.27 -14.34 -84.81
C ASN A 80 11.08 -14.74 -85.69
N THR A 81 10.62 -15.96 -85.47
CA THR A 81 9.49 -16.48 -86.24
C THR A 81 8.20 -15.75 -85.85
N ILE A 82 8.00 -15.64 -84.54
CA ILE A 82 6.81 -14.99 -84.03
C ILE A 82 6.83 -13.51 -84.44
N ALA A 83 8.01 -12.91 -84.33
CA ALA A 83 8.17 -11.51 -84.68
C ALA A 83 7.61 -11.28 -86.09
N VAL A 84 8.09 -12.08 -87.02
CA VAL A 84 7.65 -11.98 -88.40
C VAL A 84 6.13 -12.19 -88.46
N LEU A 85 5.67 -13.18 -87.72
CA LEU A 85 4.26 -13.49 -87.67
C LEU A 85 3.48 -12.25 -87.26
N TYR A 86 4.03 -11.54 -86.29
CA TYR A 86 3.40 -10.32 -85.79
C TYR A 86 3.23 -9.29 -86.90
N CYS A 87 4.26 -9.21 -87.75
CA CYS A 87 4.24 -8.27 -88.86
C CYS A 87 3.17 -8.72 -89.85
N VAL A 88 3.06 -10.04 -90.00
CA VAL A 88 2.10 -10.61 -90.92
C VAL A 88 0.69 -10.31 -90.41
N HIS A 89 0.53 -10.45 -89.10
CA HIS A 89 -0.77 -10.21 -88.47
C HIS A 89 -1.24 -8.79 -88.82
N GLN A 90 -0.30 -7.87 -88.81
CA GLN A 90 -0.60 -6.48 -89.11
C GLN A 90 -0.46 -6.22 -90.62
N ARG A 91 0.18 -7.17 -91.29
CA ARG A 91 0.38 -7.06 -92.73
C ARG A 91 1.44 -5.99 -93.03
N ILE A 92 2.47 -5.97 -92.21
CA ILE A 92 3.55 -5.01 -92.38
C ILE A 92 4.44 -5.44 -93.55
N ASP A 93 4.87 -4.46 -94.32
CA ASP A 93 5.72 -4.72 -95.47
C ASP A 93 7.07 -5.26 -94.98
N VAL A 94 7.17 -6.57 -94.94
CA VAL A 94 8.39 -7.23 -94.50
C VAL A 94 9.06 -7.92 -95.69
N LYS A 95 10.26 -8.42 -95.45
CA LYS A 95 11.01 -9.11 -96.49
C LYS A 95 11.75 -10.29 -95.88
N ASP A 96 12.50 -9.99 -94.82
CA ASP A 96 13.26 -11.02 -94.13
C ASP A 96 12.89 -11.02 -92.65
N THR A 97 13.37 -12.05 -91.95
CA THR A 97 13.10 -12.18 -90.53
C THR A 97 13.63 -10.97 -89.76
N LYS A 98 14.87 -10.60 -90.10
CA LYS A 98 15.51 -9.48 -89.46
C LYS A 98 14.72 -8.20 -89.75
N GLU A 99 14.10 -8.19 -90.93
CA GLU A 99 13.31 -7.05 -91.35
C GLU A 99 12.14 -6.82 -90.39
N ALA A 100 11.57 -7.93 -89.94
CA ALA A 100 10.44 -7.87 -89.01
C ALA A 100 10.92 -7.34 -87.67
N LEU A 101 12.13 -7.75 -87.30
CA LEU A 101 12.71 -7.31 -86.04
C LEU A 101 12.71 -5.79 -85.98
N ASP A 102 13.18 -5.18 -87.06
CA ASP A 102 13.23 -3.72 -87.15
C ASP A 102 11.81 -3.18 -87.33
N LYS A 103 11.05 -3.87 -88.16
CA LYS A 103 9.68 -3.48 -88.43
C LYS A 103 8.87 -3.53 -87.13
N ILE A 104 8.75 -4.74 -86.61
CA ILE A 104 8.01 -4.94 -85.37
C ILE A 104 8.57 -4.02 -84.28
N GLU A 105 9.85 -3.71 -84.42
CA GLU A 105 10.52 -2.85 -83.46
C GLU A 105 9.78 -1.52 -83.34
N GLU A 106 9.58 -0.88 -84.48
CA GLU A 106 8.88 0.40 -84.51
C GLU A 106 7.46 0.25 -83.99
N GLU A 107 6.79 -0.79 -84.47
CA GLU A 107 5.42 -1.06 -84.07
C GLU A 107 5.32 -1.09 -82.54
N GLN A 108 6.21 -1.89 -81.94
CA GLN A 108 6.24 -2.03 -80.50
C GLN A 108 6.38 -0.65 -79.84
N ASN A 109 7.39 0.07 -80.27
CA ASN A 109 7.64 1.40 -79.72
C ASN A 109 6.37 2.24 -79.82
N LYS A 110 5.71 2.14 -80.97
CA LYS A 110 4.49 2.88 -81.20
C LYS A 110 3.45 2.48 -80.15
N SER A 111 3.11 1.20 -80.17
CA SER A 111 2.13 0.68 -79.22
C SER A 111 2.45 1.18 -77.81
N LYS A 112 3.73 1.13 -77.48
CA LYS A 112 4.18 1.57 -76.17
C LYS A 112 3.76 3.02 -75.95
N LYS A 113 4.17 3.87 -76.89
CA LYS A 113 3.85 5.28 -76.81
C LYS A 113 2.34 5.45 -76.62
N LYS A 114 1.60 4.85 -77.53
CA LYS A 114 0.14 4.93 -77.47
C LYS A 114 -0.32 4.58 -76.06
N ALA A 115 0.19 3.47 -75.56
CA ALA A 115 -0.17 3.02 -74.22
C ALA A 115 0.08 4.15 -73.23
N GLN A 116 1.31 4.65 -73.23
CA GLN A 116 1.69 5.72 -72.34
C GLN A 116 0.68 6.86 -72.42
N GLN A 117 0.40 7.26 -73.65
CA GLN A 117 -0.55 8.35 -73.89
C GLN A 117 -1.87 8.06 -73.17
N ALA A 118 -2.40 6.88 -73.44
CA ALA A 118 -3.66 6.47 -72.83
C ALA A 118 -3.54 6.58 -71.30
N ALA A 119 -2.57 5.87 -70.76
CA ALA A 119 -2.34 5.87 -69.33
C ALA A 119 -2.41 7.31 -68.81
N ALA A 120 -1.56 8.16 -69.36
CA ALA A 120 -1.53 9.55 -68.97
C ALA A 120 -2.96 10.05 -68.78
N ASP A 121 -3.76 9.86 -69.82
CA ASP A 121 -5.15 10.29 -69.78
C ASP A 121 -5.85 9.63 -68.59
N THR A 122 -5.83 8.30 -68.59
CA THR A 122 -6.46 7.55 -67.52
C THR A 122 -5.71 7.77 -66.20
N GLY A 123 -6.28 8.62 -65.37
CA GLY A 123 -5.68 8.92 -64.08
C GLY A 123 -6.12 7.92 -63.02
N ASN A 124 -5.82 6.65 -63.29
CA ASN A 124 -6.18 5.58 -62.37
C ASN A 124 -5.91 6.04 -60.93
N ASN A 125 -6.81 5.65 -60.04
CA ASN A 125 -6.67 6.01 -58.64
C ASN A 125 -6.71 4.74 -57.79
N SER A 126 -6.34 4.90 -56.52
CA SER A 126 -6.32 3.78 -55.60
C SER A 126 -6.54 4.27 -54.17
N GLN A 127 -6.81 3.33 -53.28
CA GLN A 127 -7.03 3.67 -51.89
C GLN A 127 -6.30 2.67 -50.98
N VAL A 128 -6.29 2.98 -49.70
CA VAL A 128 -5.63 2.13 -48.72
C VAL A 128 -6.17 2.46 -47.32
N SER A 129 -5.86 1.57 -46.38
CA SER A 129 -6.29 1.76 -45.01
C SER A 129 -5.35 1.02 -44.06
N GLN A 130 -5.49 1.33 -42.77
CA GLN A 130 -4.67 0.71 -41.76
C GLN A 130 -5.32 0.84 -40.39
N ASN A 131 -4.74 0.15 -39.42
CA ASN A 131 -5.25 0.17 -38.06
C ASN A 131 -4.17 -0.29 -37.09
N TYR A 132 -4.42 -0.05 -35.81
CA TYR A 132 -3.47 -0.43 -34.78
C TYR A 132 -4.17 -1.18 -33.64
N PRO A 133 -3.37 -2.00 -32.92
CA PRO A 133 -3.90 -2.77 -31.80
C PRO A 133 -4.14 -1.88 -30.58
N ILE A 134 -4.61 -2.51 -29.51
CA ILE A 134 -4.88 -1.78 -28.29
C ILE A 134 -4.45 -2.64 -27.09
N VAL A 135 -3.73 -2.00 -26.17
CA VAL A 135 -3.25 -2.68 -24.99
C VAL A 135 -3.96 -2.12 -23.76
N GLN A 136 -4.12 -2.97 -22.76
CA GLN A 136 -4.77 -2.56 -21.53
C GLN A 136 -4.30 -3.44 -20.36
N ASN A 137 -4.56 -2.96 -19.16
CA ASN A 137 -4.17 -3.69 -17.96
C ASN A 137 -4.78 -3.01 -16.74
N LEU A 138 -4.72 -3.71 -15.61
CA LEU A 138 -5.26 -3.18 -14.37
C LEU A 138 -4.61 -3.92 -13.19
N GLN A 139 -4.01 -3.13 -12.31
CA GLN A 139 -3.36 -3.69 -11.14
C GLN A 139 -2.94 -2.58 -10.18
N GLY A 140 -3.08 -2.86 -8.89
CA GLY A 140 -2.72 -1.90 -7.86
C GLY A 140 -2.87 -2.51 -6.47
N GLN A 141 -1.87 -2.25 -5.64
CA GLN A 141 -1.87 -2.76 -4.28
C GLN A 141 -0.66 -2.25 -3.52
N MET A 142 -0.83 -1.10 -2.88
CA MET A 142 0.24 -0.49 -2.11
C MET A 142 0.57 -1.33 -0.88
N VAL A 143 1.69 -0.98 -0.25
CA VAL A 143 2.14 -1.70 0.93
C VAL A 143 3.28 -0.91 1.60
N HIS A 144 3.66 -1.38 2.77
CA HIS A 144 4.73 -0.73 3.52
C HIS A 144 6.05 -0.90 2.76
N GLN A 145 6.46 0.18 2.12
CA GLN A 145 7.70 0.18 1.35
C GLN A 145 8.74 1.08 2.02
N ALA A 146 9.88 0.48 2.34
CA ALA A 146 10.95 1.21 2.99
C ALA A 146 11.63 2.11 1.95
N ILE A 147 12.56 2.92 2.44
CA ILE A 147 13.30 3.83 1.58
C ILE A 147 14.49 3.10 0.96
N SER A 148 14.76 3.42 -0.29
CA SER A 148 15.86 2.80 -1.00
C SER A 148 17.17 3.56 -0.71
N PRO A 149 18.31 2.86 -0.96
CA PRO A 149 19.62 3.44 -0.74
C PRO A 149 19.96 4.47 -1.82
N ARG A 150 19.30 4.30 -2.97
CA ARG A 150 19.53 5.21 -4.09
C ARG A 150 19.06 6.61 -3.74
N THR A 151 17.93 6.67 -3.05
CA THR A 151 17.37 7.95 -2.64
C THR A 151 18.18 8.56 -1.50
N LEU A 152 18.62 7.69 -0.60
CA LEU A 152 19.42 8.13 0.54
C LEU A 152 20.75 8.68 0.04
N ASN A 153 21.23 8.10 -1.04
CA ASN A 153 22.50 8.51 -1.62
C ASN A 153 22.32 9.89 -2.26
N ALA A 154 21.27 10.02 -3.05
CA ALA A 154 20.98 11.27 -3.73
C ALA A 154 20.78 12.38 -2.68
N TRP A 155 19.96 12.07 -1.69
CA TRP A 155 19.68 13.02 -0.63
C TRP A 155 20.99 13.32 0.09
N VAL A 156 21.68 12.25 0.46
CA VAL A 156 22.95 12.38 1.15
C VAL A 156 23.81 13.44 0.45
N LYS A 157 23.82 13.37 -0.86
CA LYS A 157 24.59 14.30 -1.67
C LYS A 157 24.08 15.73 -1.40
N VAL A 158 22.78 15.82 -1.17
CA VAL A 158 22.16 17.11 -0.90
C VAL A 158 22.57 17.58 0.50
N VAL A 159 22.49 16.66 1.44
CA VAL A 159 22.84 16.97 2.82
C VAL A 159 24.28 17.48 2.87
N GLU A 160 25.14 16.79 2.14
CA GLU A 160 26.55 17.17 2.09
C GLU A 160 26.73 18.45 1.27
N GLU A 161 25.92 18.55 0.22
CA GLU A 161 25.98 19.72 -0.65
C GLU A 161 25.81 21.00 0.16
N LYS A 162 24.71 21.05 0.89
CA LYS A 162 24.41 22.22 1.71
C LYS A 162 24.13 21.77 3.15
N ALA A 163 23.22 20.81 3.27
CA ALA A 163 22.84 20.29 4.56
C ALA A 163 21.75 21.17 5.17
N PHE A 164 21.99 22.47 5.13
CA PHE A 164 21.04 23.43 5.67
C PHE A 164 20.99 24.69 4.81
N SER A 165 19.79 25.03 4.37
CA SER A 165 19.60 26.21 3.54
C SER A 165 18.13 26.32 3.13
N PRO A 166 17.79 27.48 2.51
CA PRO A 166 16.43 27.73 2.06
C PRO A 166 16.11 26.92 0.80
N GLU A 167 17.17 26.49 0.13
CA GLU A 167 17.03 25.72 -1.09
C GLU A 167 17.08 24.22 -0.78
N VAL A 168 17.24 23.92 0.51
CA VAL A 168 17.31 22.54 0.95
C VAL A 168 15.98 22.16 1.61
N ILE A 169 15.38 23.13 2.26
CA ILE A 169 14.11 22.91 2.93
C ILE A 169 13.12 22.31 1.95
N PRO A 170 13.08 22.91 0.72
CA PRO A 170 12.18 22.44 -0.31
C PRO A 170 12.69 21.13 -0.93
N MET A 171 14.00 21.06 -1.07
CA MET A 171 14.63 19.87 -1.65
C MET A 171 14.36 18.64 -0.78
N PHE A 172 14.25 18.88 0.52
CA PHE A 172 14.00 17.80 1.46
C PHE A 172 12.62 17.18 1.22
N SER A 173 11.64 18.04 1.02
CA SER A 173 10.29 17.58 0.78
C SER A 173 10.20 16.88 -0.58
N ALA A 174 11.04 17.34 -1.50
CA ALA A 174 11.06 16.77 -2.83
C ALA A 174 11.41 15.28 -2.74
N LEU A 175 12.42 14.98 -1.93
CA LEU A 175 12.85 13.61 -1.75
C LEU A 175 11.89 12.90 -0.81
N SER A 176 11.33 13.67 0.12
CA SER A 176 10.37 13.12 1.07
C SER A 176 8.96 13.16 0.49
N GLU A 177 8.90 13.39 -0.82
CA GLU A 177 7.62 13.45 -1.50
C GLU A 177 6.82 12.17 -1.25
N GLY A 178 5.96 12.23 -0.25
CA GLY A 178 5.12 11.10 0.11
C GLY A 178 5.96 9.99 0.76
N ALA A 179 6.63 10.36 1.84
CA ALA A 179 7.47 9.42 2.56
C ALA A 179 6.75 8.97 3.83
N THR A 180 7.45 8.17 4.63
CA THR A 180 6.89 7.67 5.88
C THR A 180 7.76 8.10 7.06
N PRO A 181 7.38 7.59 8.27
CA PRO A 181 8.11 7.92 9.47
C PRO A 181 9.45 7.17 9.53
N GLN A 182 9.40 5.90 9.14
CA GLN A 182 10.58 5.07 9.14
C GLN A 182 11.55 5.51 8.04
N ASP A 183 10.99 5.73 6.86
CA ASP A 183 11.78 6.15 5.71
C ASP A 183 12.41 7.51 6.03
N LEU A 184 11.58 8.43 6.50
CA LEU A 184 12.05 9.76 6.83
C LEU A 184 13.02 9.68 8.02
N ASN A 185 12.76 8.70 8.89
CA ASN A 185 13.60 8.50 10.05
C ASN A 185 15.02 8.16 9.60
N THR A 186 15.10 7.30 8.59
CA THR A 186 16.39 6.89 8.06
C THR A 186 17.16 8.10 7.51
N MET A 187 16.42 8.98 6.86
CA MET A 187 17.01 10.17 6.28
C MET A 187 17.45 11.15 7.38
N LEU A 188 16.56 11.34 8.34
CA LEU A 188 16.85 12.24 9.45
C LEU A 188 17.69 11.51 10.49
N ASN A 189 18.10 10.30 10.14
CA ASN A 189 18.91 9.48 11.03
C ASN A 189 20.37 9.55 10.59
N THR A 190 20.57 9.39 9.28
CA THR A 190 21.91 9.43 8.72
C THR A 190 22.21 10.82 8.15
N VAL A 191 21.30 11.74 8.41
CA VAL A 191 21.45 13.10 7.93
C VAL A 191 22.83 13.63 8.33
N GLY A 192 23.06 14.89 8.04
CA GLY A 192 24.32 15.53 8.36
C GLY A 192 24.15 17.04 8.54
N GLY A 193 23.67 17.41 9.72
CA GLY A 193 23.46 18.82 10.03
C GLY A 193 23.97 19.15 11.42
N HIS A 194 23.35 18.51 12.41
CA HIS A 194 23.72 18.73 13.80
C HIS A 194 22.72 18.02 14.72
N GLN A 195 23.26 17.26 15.65
CA GLN A 195 22.43 16.53 16.59
C GLN A 195 21.54 17.50 17.37
N ALA A 196 22.14 18.60 17.77
CA ALA A 196 21.42 19.61 18.53
C ALA A 196 20.20 20.06 17.73
N ALA A 197 20.45 20.39 16.46
CA ALA A 197 19.38 20.83 15.59
C ALA A 197 18.31 19.74 15.48
N MET A 198 18.78 18.53 15.21
CA MET A 198 17.88 17.40 15.09
C MET A 198 17.07 17.19 16.36
N GLN A 199 17.69 17.52 17.49
CA GLN A 199 17.03 17.38 18.77
C GLN A 199 15.95 18.46 18.93
N MET A 200 16.37 19.70 18.76
CA MET A 200 15.46 20.83 18.88
C MET A 200 14.31 20.71 17.89
N LEU A 201 14.63 20.13 16.74
CA LEU A 201 13.63 19.96 15.69
C LEU A 201 12.62 18.89 16.14
N LYS A 202 13.13 17.88 16.80
CA LYS A 202 12.28 16.80 17.29
C LYS A 202 11.20 17.37 18.20
N GLU A 203 11.60 18.35 19.01
CA GLU A 203 10.67 18.99 19.92
C GLU A 203 9.61 19.78 19.14
N THR A 204 10.06 20.43 18.08
CA THR A 204 9.18 21.23 17.26
C THR A 204 8.21 20.32 16.49
N ILE A 205 8.73 19.16 16.08
CA ILE A 205 7.93 18.19 15.35
C ILE A 205 6.88 17.59 16.29
N ASN A 206 7.36 17.04 17.39
CA ASN A 206 6.50 16.42 18.38
C ASN A 206 5.48 17.46 18.87
N GLU A 207 5.98 18.66 19.11
CA GLU A 207 5.12 19.74 19.58
C GLU A 207 4.11 20.12 18.50
N GLU A 208 4.56 20.05 17.26
CA GLU A 208 3.70 20.39 16.13
C GLU A 208 2.60 19.35 15.98
N ALA A 209 2.89 18.14 16.42
CA ALA A 209 1.93 17.05 16.35
C ALA A 209 0.78 17.32 17.32
N ALA A 210 1.15 17.62 18.56
CA ALA A 210 0.16 17.91 19.58
C ALA A 210 -0.72 19.08 19.14
N GLU A 211 -0.05 20.13 18.67
CA GLU A 211 -0.76 21.31 18.21
C GLU A 211 -1.61 20.98 16.98
N TRP A 212 -1.04 20.14 16.12
CA TRP A 212 -1.73 19.72 14.91
C TRP A 212 -3.06 19.09 15.32
N ASP A 213 -2.96 17.99 16.05
CA ASP A 213 -4.14 17.28 16.51
C ASP A 213 -5.03 18.24 17.30
N ARG A 214 -4.39 19.17 17.98
CA ARG A 214 -5.11 20.14 18.78
C ARG A 214 -6.05 20.96 17.89
N LEU A 215 -5.63 21.13 16.64
CA LEU A 215 -6.42 21.88 15.68
C LEU A 215 -7.08 20.92 14.68
N HIS A 216 -6.76 19.64 14.86
CA HIS A 216 -7.30 18.62 13.99
C HIS A 216 -8.26 17.72 14.78
N PRO A 217 -9.58 18.07 14.68
CA PRO A 217 -10.60 17.32 15.38
C PRO A 217 -10.86 15.98 14.68
N VAL A 218 -10.53 14.91 15.39
CA VAL A 218 -10.71 13.57 14.85
C VAL A 218 -12.21 13.22 14.87
N HIS A 219 -12.66 12.58 13.81
CA HIS A 219 -14.04 12.19 13.70
C HIS A 219 -14.16 10.99 12.75
N ALA A 220 -13.45 9.94 13.08
CA ALA A 220 -13.46 8.73 12.26
C ALA A 220 -14.88 8.16 12.24
N GLY A 221 -15.17 7.43 11.18
CA GLY A 221 -16.48 6.82 11.02
C GLY A 221 -16.49 5.39 11.57
N PRO A 222 -17.24 4.51 10.85
CA PRO A 222 -17.35 3.12 11.26
C PRO A 222 -16.07 2.35 10.93
N ILE A 223 -15.09 2.49 11.81
CA ILE A 223 -13.81 1.82 11.61
C ILE A 223 -13.73 0.63 12.56
N ALA A 224 -12.81 -0.29 12.23
CA ALA A 224 -12.62 -1.48 13.03
C ALA A 224 -12.01 -1.08 14.38
N PRO A 225 -12.33 -1.90 15.42
CA PRO A 225 -11.81 -1.65 16.75
C PRO A 225 -10.33 -2.04 16.86
N GLY A 226 -9.48 -1.04 16.74
CA GLY A 226 -8.05 -1.26 16.81
C GLY A 226 -7.38 -1.01 15.45
N GLN A 227 -8.21 -0.88 14.44
CA GLN A 227 -7.72 -0.64 13.09
C GLN A 227 -7.13 0.76 12.99
N MET A 228 -7.96 1.74 13.33
CA MET A 228 -7.54 3.13 13.29
C MET A 228 -8.70 4.07 13.63
N ARG A 229 -8.43 5.36 13.53
CA ARG A 229 -9.42 6.36 13.84
C ARG A 229 -8.78 7.74 13.96
N GLU A 230 -8.63 8.40 12.81
CA GLU A 230 -8.03 9.72 12.78
C GLU A 230 -6.91 9.82 13.81
N PRO A 231 -5.68 9.47 13.35
CA PRO A 231 -4.51 9.51 14.21
C PRO A 231 -4.06 10.95 14.44
N ARG A 232 -3.62 11.22 15.66
CA ARG A 232 -3.15 12.55 16.02
C ARG A 232 -1.67 12.70 15.67
N GLY A 233 -1.20 13.93 15.78
CA GLY A 233 0.20 14.23 15.49
C GLY A 233 1.13 13.19 16.12
N SER A 234 0.76 12.78 17.32
CA SER A 234 1.55 11.81 18.05
C SER A 234 1.49 10.45 17.34
N ASP A 235 0.32 10.16 16.78
CA ASP A 235 0.12 8.92 16.07
C ASP A 235 0.93 8.93 14.78
N ILE A 236 0.80 10.02 14.05
CA ILE A 236 1.51 10.18 12.79
C ILE A 236 3.01 10.12 13.05
N ALA A 237 3.37 10.32 14.31
CA ALA A 237 4.78 10.29 14.70
C ALA A 237 5.25 8.84 14.75
N GLY A 238 4.29 7.94 14.87
CA GLY A 238 4.60 6.51 14.92
C GLY A 238 4.63 6.02 16.37
N THR A 239 4.04 6.82 17.25
CA THR A 239 4.01 6.48 18.66
C THR A 239 2.76 5.64 18.97
N THR A 240 1.67 6.01 18.32
CA THR A 240 0.41 5.30 18.52
C THR A 240 0.00 4.59 17.24
N SER A 241 0.82 4.74 16.21
CA SER A 241 0.55 4.12 14.94
C SER A 241 1.81 3.46 14.38
N THR A 242 1.61 2.35 13.70
CA THR A 242 2.72 1.60 13.13
C THR A 242 3.01 2.09 11.71
N LEU A 243 4.05 1.52 11.13
CA LEU A 243 4.45 1.89 9.78
C LEU A 243 3.40 1.39 8.79
N GLN A 244 3.10 0.10 8.91
CA GLN A 244 2.11 -0.52 8.03
C GLN A 244 0.82 0.31 8.01
N GLU A 245 0.31 0.58 9.20
CA GLU A 245 -0.91 1.35 9.34
C GLU A 245 -0.72 2.75 8.75
N GLN A 246 0.52 3.24 8.84
CA GLN A 246 0.85 4.55 8.32
C GLN A 246 0.78 4.55 6.79
N ILE A 247 1.77 3.90 6.19
CA ILE A 247 1.83 3.82 4.74
C ILE A 247 0.44 3.53 4.18
N GLY A 248 -0.32 2.76 4.95
CA GLY A 248 -1.67 2.40 4.55
C GLY A 248 -2.55 3.65 4.42
N TRP A 249 -2.55 4.46 5.47
CA TRP A 249 -3.33 5.67 5.49
C TRP A 249 -2.77 6.62 4.43
N MET A 250 -1.46 6.54 4.25
CA MET A 250 -0.79 7.38 3.27
C MET A 250 -1.38 7.17 1.88
N THR A 251 -1.74 5.92 1.60
CA THR A 251 -2.32 5.57 0.31
C THR A 251 -3.75 5.05 0.49
N HIS A 252 -4.35 5.43 1.61
CA HIS A 252 -5.70 5.02 1.90
C HIS A 252 -6.70 5.89 1.13
N ASN A 253 -7.95 5.48 1.16
CA ASN A 253 -9.00 6.22 0.48
C ASN A 253 -10.06 6.66 1.49
N PRO A 254 -10.12 8.00 1.71
CA PRO A 254 -9.22 8.91 1.03
C PRO A 254 -7.81 8.84 1.61
N PRO A 255 -6.82 9.31 0.79
CA PRO A 255 -5.44 9.29 1.22
C PRO A 255 -5.17 10.42 2.22
N ILE A 256 -4.64 10.01 3.37
CA ILE A 256 -4.32 10.96 4.43
C ILE A 256 -2.82 11.24 4.42
N PRO A 257 -2.48 12.56 4.56
CA PRO A 257 -1.10 12.98 4.57
C PRO A 257 -0.42 12.62 5.90
N VAL A 258 -0.43 11.34 6.21
CA VAL A 258 0.17 10.86 7.44
C VAL A 258 1.68 11.11 7.40
N GLY A 259 2.35 10.38 6.52
CA GLY A 259 3.79 10.52 6.37
C GLY A 259 4.15 11.93 5.89
N GLU A 260 3.26 12.50 5.10
CA GLU A 260 3.48 13.84 4.58
C GLU A 260 3.41 14.87 5.71
N ILE A 261 2.51 14.61 6.64
CA ILE A 261 2.33 15.51 7.77
C ILE A 261 3.61 15.54 8.60
N TYR A 262 4.19 14.36 8.79
CA TYR A 262 5.42 14.24 9.55
C TYR A 262 6.56 14.99 8.88
N LYS A 263 6.60 14.88 7.56
CA LYS A 263 7.63 15.53 6.77
C LYS A 263 7.54 17.05 6.96
N ARG A 264 6.31 17.54 6.88
CA ARG A 264 6.06 18.97 7.04
C ARG A 264 6.63 19.45 8.37
N TRP A 265 6.52 18.60 9.37
CA TRP A 265 7.03 18.92 10.70
C TRP A 265 8.53 19.14 10.60
N ILE A 266 9.18 18.25 9.86
CA ILE A 266 10.62 18.34 9.67
C ILE A 266 10.97 19.70 9.06
N ILE A 267 10.23 20.06 8.02
CA ILE A 267 10.45 21.32 7.35
C ILE A 267 10.25 22.47 8.34
N LEU A 268 9.38 22.22 9.30
CA LEU A 268 9.07 23.22 10.31
C LEU A 268 10.36 23.61 11.04
N GLY A 269 10.99 22.61 11.65
CA GLY A 269 12.22 22.83 12.38
C GLY A 269 13.33 23.33 11.44
N LEU A 270 13.62 22.52 10.44
CA LEU A 270 14.65 22.87 9.48
C LEU A 270 14.51 24.34 9.09
N ASN A 271 13.27 24.80 9.03
CA ASN A 271 12.99 26.18 8.69
C ASN A 271 13.58 27.09 9.75
N LYS A 272 13.32 26.74 11.00
CA LYS A 272 13.81 27.52 12.12
C LYS A 272 15.34 27.43 12.17
N ILE A 273 15.84 26.25 11.84
CA ILE A 273 17.27 26.01 11.84
C ILE A 273 17.94 26.92 10.80
N VAL A 274 17.32 26.94 9.61
CA VAL A 274 17.83 27.77 8.53
C VAL A 274 17.79 29.24 8.95
N ARG A 275 16.65 29.62 9.50
CA ARG A 275 16.45 30.99 9.94
C ARG A 275 17.44 31.34 11.06
N MET A 276 18.00 30.29 11.65
CA MET A 276 18.97 30.47 12.73
C MET A 276 20.39 30.53 12.18
N TYR A 277 20.65 29.72 11.18
CA TYR A 277 21.97 29.68 10.56
C TYR A 277 22.01 30.53 9.30
N SER A 278 21.02 31.39 9.17
CA SER A 278 20.93 32.28 8.02
C SER A 278 21.73 33.55 8.29
N PRO A 279 22.24 34.15 7.17
CA PRO A 279 23.01 35.38 7.28
C PRO A 279 22.11 36.57 7.55
N THR A 280 22.74 37.74 7.64
CA THR A 280 22.01 38.97 7.91
C THR A 280 22.55 40.11 7.03
N SER A 281 21.70 41.10 6.82
CA SER A 281 22.08 42.25 6.01
C SER A 281 21.69 43.55 6.73
N ILE A 282 22.17 44.65 6.18
CA ILE A 282 21.88 45.95 6.76
C ILE A 282 20.50 46.42 6.28
N LEU A 283 19.76 46.99 7.21
CA LEU A 283 18.42 47.50 6.90
C LEU A 283 17.84 48.19 8.13
N HIS A 284 17.35 49.40 7.91
CA HIS A 284 16.76 50.18 8.98
C HIS A 284 16.21 51.50 8.43
N HIS A 285 15.44 52.17 9.25
CA HIS A 285 14.85 53.44 8.86
C HIS A 285 14.62 54.31 10.11
N HIS A 286 14.21 55.54 9.86
CA HIS A 286 13.96 56.48 10.94
C HIS A 286 12.71 57.32 10.62
N HIS A 287 12.13 57.90 11.66
CA HIS A 287 10.95 58.72 11.50
C HIS A 287 10.54 59.30 12.85
N HIS A 288 9.82 60.41 12.79
CA HIS A 288 9.36 61.07 14.00
C HIS A 288 7.96 61.65 13.77
N HIS A 289 7.34 62.06 14.87
CA HIS A 289 6.01 62.62 14.80
C HIS A 289 6.10 64.11 14.48
N GLY A 2 33.22 -82.08 20.28
CA GLY A 2 32.06 -82.73 19.68
C GLY A 2 31.81 -82.19 18.27
N ALA A 3 30.92 -81.22 18.20
CA ALA A 3 30.58 -80.61 16.91
C ALA A 3 31.54 -79.47 16.63
N ARG A 4 31.64 -79.12 15.35
CA ARG A 4 32.51 -78.04 14.94
C ARG A 4 31.75 -77.03 14.07
N ALA A 5 30.67 -76.52 14.65
CA ALA A 5 29.84 -75.54 13.95
C ALA A 5 28.82 -74.96 14.93
N SER A 6 28.06 -73.99 14.43
CA SER A 6 27.04 -73.34 15.24
C SER A 6 25.95 -72.77 14.34
N VAL A 7 25.32 -73.65 13.58
CA VAL A 7 24.26 -73.24 12.67
C VAL A 7 22.95 -73.87 13.13
N LEU A 8 22.90 -75.19 13.05
CA LEU A 8 21.71 -75.93 13.46
C LEU A 8 21.90 -76.45 14.88
N SER A 9 20.78 -76.60 15.57
CA SER A 9 20.80 -77.08 16.94
C SER A 9 20.79 -78.62 16.95
N GLY A 10 20.81 -79.17 18.16
CA GLY A 10 20.81 -80.61 18.31
C GLY A 10 19.56 -81.23 17.69
N GLY A 11 18.41 -80.77 18.16
CA GLY A 11 17.15 -81.28 17.66
C GLY A 11 16.83 -80.68 16.28
N GLU A 12 17.11 -79.39 16.15
CA GLU A 12 16.86 -78.69 14.91
C GLU A 12 17.65 -79.34 13.77
N LEU A 13 18.87 -79.73 14.09
CA LEU A 13 19.73 -80.37 13.11
C LEU A 13 19.16 -81.72 12.72
N ASP A 14 18.67 -82.44 13.73
CA ASP A 14 18.08 -83.75 13.52
C ASP A 14 16.96 -83.63 12.49
N LYS A 15 16.31 -82.49 12.49
CA LYS A 15 15.22 -82.25 11.56
C LYS A 15 15.79 -81.95 10.18
N TRP A 16 16.81 -81.11 10.16
CA TRP A 16 17.45 -80.73 8.91
C TRP A 16 17.92 -82.02 8.23
N GLU A 17 18.81 -82.72 8.91
CA GLU A 17 19.34 -83.97 8.37
C GLU A 17 18.21 -84.96 8.08
N LYS A 18 17.09 -84.73 8.75
CA LYS A 18 15.93 -85.58 8.57
C LYS A 18 15.05 -85.03 7.45
N ILE A 19 15.71 -84.56 6.40
CA ILE A 19 15.01 -84.00 5.26
C ILE A 19 15.72 -84.43 3.97
N ARG A 20 14.93 -84.63 2.93
CA ARG A 20 15.46 -85.03 1.65
C ARG A 20 15.77 -83.81 0.79
N LEU A 21 16.77 -83.95 -0.08
CA LEU A 21 17.17 -82.87 -0.96
C LEU A 21 16.82 -83.24 -2.40
N ARG A 22 17.85 -83.17 -3.25
CA ARG A 22 17.67 -83.49 -4.65
C ARG A 22 19.01 -83.40 -5.39
N PRO A 23 19.62 -82.20 -5.32
CA PRO A 23 20.90 -81.98 -5.97
C PRO A 23 22.03 -82.63 -5.19
N GLY A 24 22.84 -83.40 -5.93
CA GLY A 24 23.97 -84.09 -5.31
C GLY A 24 23.62 -85.54 -5.02
N GLY A 25 22.38 -85.90 -5.33
CA GLY A 25 21.91 -87.26 -5.11
C GLY A 25 20.39 -87.28 -4.89
N LYS A 26 19.99 -87.91 -3.80
CA LYS A 26 18.58 -88.02 -3.47
C LYS A 26 18.44 -88.56 -2.05
N LYS A 27 19.35 -88.15 -1.19
CA LYS A 27 19.34 -88.60 0.20
C LYS A 27 18.81 -87.46 1.08
N GLN A 28 19.64 -87.06 2.04
CA GLN A 28 19.28 -86.00 2.95
C GLN A 28 20.38 -84.94 3.00
N TYR A 29 19.99 -83.74 3.43
CA TYR A 29 20.93 -82.64 3.53
C TYR A 29 21.88 -82.82 4.72
N LYS A 30 23.04 -82.19 4.62
CA LYS A 30 24.03 -82.28 5.69
C LYS A 30 24.50 -80.88 6.05
N LEU A 31 25.32 -80.81 7.09
CA LEU A 31 25.85 -79.54 7.55
C LEU A 31 26.69 -78.91 6.43
N LYS A 32 27.25 -79.78 5.59
CA LYS A 32 28.06 -79.33 4.48
C LYS A 32 27.22 -78.46 3.54
N HIS A 33 26.02 -78.95 3.26
CA HIS A 33 25.10 -78.24 2.38
C HIS A 33 24.73 -76.90 3.01
N ILE A 34 24.61 -76.91 4.34
CA ILE A 34 24.26 -75.71 5.07
C ILE A 34 25.35 -74.66 4.86
N VAL A 35 26.58 -75.09 5.07
CA VAL A 35 27.72 -74.20 4.91
C VAL A 35 27.64 -73.50 3.56
N TRP A 36 27.30 -74.29 2.55
CA TRP A 36 27.19 -73.77 1.19
C TRP A 36 26.06 -72.73 1.18
N ALA A 37 24.99 -73.05 1.89
CA ALA A 37 23.85 -72.16 1.98
C ALA A 37 24.29 -70.82 2.56
N SER A 38 24.95 -70.90 3.71
CA SER A 38 25.43 -69.70 4.38
C SER A 38 26.44 -68.98 3.49
N ARG A 39 27.21 -69.76 2.76
CA ARG A 39 28.22 -69.21 1.86
C ARG A 39 27.55 -68.33 0.80
N GLU A 40 26.43 -68.82 0.30
CA GLU A 40 25.69 -68.10 -0.72
C GLU A 40 25.20 -66.76 -0.18
N LEU A 41 24.81 -66.78 1.09
CA LEU A 41 24.31 -65.59 1.74
C LEU A 41 25.42 -64.52 1.75
N GLU A 42 26.62 -64.97 2.11
CA GLU A 42 27.76 -64.09 2.17
C GLU A 42 27.98 -63.40 0.81
N ARG A 43 27.70 -64.16 -0.24
CA ARG A 43 27.86 -63.65 -1.59
C ARG A 43 26.71 -62.70 -1.94
N PHE A 44 25.60 -62.91 -1.26
CA PHE A 44 24.41 -62.09 -1.49
C PHE A 44 24.57 -60.71 -0.84
N ALA A 45 25.69 -60.55 -0.14
CA ALA A 45 25.98 -59.28 0.53
C ALA A 45 25.15 -59.20 1.82
N VAL A 46 24.74 -60.36 2.30
CA VAL A 46 23.94 -60.43 3.52
C VAL A 46 24.73 -61.19 4.59
N ASN A 47 24.52 -60.78 5.84
CA ASN A 47 25.19 -61.41 6.96
C ASN A 47 24.75 -62.87 7.06
N PRO A 48 25.76 -63.75 7.33
CA PRO A 48 25.49 -65.18 7.46
C PRO A 48 24.80 -65.49 8.78
N GLY A 49 24.92 -64.56 9.72
CA GLY A 49 24.32 -64.73 11.03
C GLY A 49 22.79 -64.76 10.93
N LEU A 50 22.29 -64.39 9.75
CA LEU A 50 20.87 -64.38 9.52
C LEU A 50 20.37 -65.81 9.31
N LEU A 51 21.32 -66.69 9.02
CA LEU A 51 21.01 -68.09 8.79
C LEU A 51 21.09 -68.85 10.12
N GLU A 52 21.52 -68.13 11.15
CA GLU A 52 21.66 -68.73 12.47
C GLU A 52 20.33 -68.66 13.22
N THR A 53 19.49 -67.72 12.79
CA THR A 53 18.19 -67.54 13.41
C THR A 53 17.08 -67.61 12.35
N SER A 54 15.87 -67.85 12.83
CA SER A 54 14.72 -67.95 11.95
C SER A 54 14.39 -66.57 11.38
N GLU A 55 14.64 -65.56 12.19
CA GLU A 55 14.37 -64.18 11.78
C GLU A 55 15.22 -63.82 10.55
N GLY A 56 16.51 -64.10 10.66
CA GLY A 56 17.44 -63.81 9.59
C GLY A 56 17.07 -64.59 8.32
N CYS A 57 16.71 -65.85 8.53
CA CYS A 57 16.34 -66.70 7.42
C CYS A 57 15.07 -66.13 6.77
N ARG A 58 14.16 -65.69 7.62
CA ARG A 58 12.91 -65.12 7.15
C ARG A 58 13.19 -63.89 6.28
N GLN A 59 14.13 -63.09 6.73
CA GLN A 59 14.50 -61.88 6.00
C GLN A 59 15.05 -62.25 4.62
N ILE A 60 15.82 -63.32 4.59
CA ILE A 60 16.42 -63.78 3.35
C ILE A 60 15.33 -64.39 2.46
N LEU A 61 14.90 -65.57 2.85
CA LEU A 61 13.86 -66.27 2.09
C LEU A 61 12.78 -65.26 1.67
N GLY A 62 12.51 -64.33 2.56
CA GLY A 62 11.50 -63.32 2.30
C GLY A 62 11.87 -62.49 1.05
N GLN A 63 13.11 -62.05 1.02
CA GLN A 63 13.60 -61.26 -0.10
C GLN A 63 14.37 -62.15 -1.08
N LEU A 64 14.07 -63.45 -1.01
CA LEU A 64 14.73 -64.40 -1.89
C LEU A 64 13.73 -64.90 -2.94
N GLN A 65 12.46 -64.83 -2.58
CA GLN A 65 11.40 -65.26 -3.48
C GLN A 65 11.55 -64.56 -4.84
N PRO A 66 11.78 -63.23 -4.77
CA PRO A 66 11.92 -62.44 -5.98
C PRO A 66 13.29 -62.68 -6.63
N SER A 67 14.30 -62.79 -5.79
CA SER A 67 15.66 -63.02 -6.26
C SER A 67 15.77 -64.42 -6.84
N LEU A 68 14.74 -65.22 -6.59
CA LEU A 68 14.71 -66.59 -7.09
C LEU A 68 14.50 -66.57 -8.60
N GLN A 69 13.58 -65.72 -9.03
CA GLN A 69 13.27 -65.60 -10.45
C GLN A 69 14.39 -64.83 -11.17
N THR A 70 15.31 -64.31 -10.38
CA THR A 70 16.43 -63.56 -10.91
C THR A 70 17.76 -64.23 -10.55
N GLY A 71 17.65 -65.27 -9.73
CA GLY A 71 18.82 -66.00 -9.29
C GLY A 71 19.27 -67.01 -10.35
N SER A 72 18.89 -68.26 -10.14
CA SER A 72 19.24 -69.31 -11.07
C SER A 72 18.92 -70.68 -10.45
N GLU A 73 19.27 -71.73 -11.19
CA GLU A 73 19.03 -73.08 -10.73
C GLU A 73 19.79 -73.35 -9.43
N GLU A 74 21.02 -72.85 -9.39
CA GLU A 74 21.85 -73.02 -8.21
C GLU A 74 21.33 -72.15 -7.06
N LEU A 75 21.04 -70.90 -7.38
CA LEU A 75 20.54 -69.97 -6.39
C LEU A 75 19.21 -70.49 -5.83
N ARG A 76 18.46 -71.15 -6.69
CA ARG A 76 17.17 -71.70 -6.30
C ARG A 76 17.37 -72.75 -5.20
N SER A 77 18.38 -73.58 -5.38
CA SER A 77 18.67 -74.62 -4.42
C SER A 77 19.04 -74.00 -3.07
N LEU A 78 19.62 -72.82 -3.14
CA LEU A 78 20.02 -72.10 -1.94
C LEU A 78 18.77 -71.71 -1.15
N TYR A 79 17.81 -71.16 -1.86
CA TYR A 79 16.56 -70.74 -1.23
C TYR A 79 15.87 -71.91 -0.55
N ASN A 80 15.86 -73.05 -1.25
CA ASN A 80 15.23 -74.24 -0.72
C ASN A 80 15.86 -74.60 0.63
N THR A 81 17.16 -74.38 0.71
CA THR A 81 17.90 -74.67 1.93
C THR A 81 17.34 -73.83 3.09
N ILE A 82 17.19 -72.54 2.83
CA ILE A 82 16.67 -71.63 3.84
C ILE A 82 15.22 -71.98 4.14
N ALA A 83 14.50 -72.35 3.09
CA ALA A 83 13.10 -72.71 3.22
C ALA A 83 12.96 -73.85 4.22
N VAL A 84 13.64 -74.96 3.92
CA VAL A 84 13.61 -76.12 4.78
C VAL A 84 14.11 -75.73 6.18
N LEU A 85 15.17 -74.94 6.18
CA LEU A 85 15.76 -74.49 7.44
C LEU A 85 14.69 -73.77 8.27
N TYR A 86 13.83 -73.04 7.56
CA TYR A 86 12.77 -72.30 8.21
C TYR A 86 11.84 -73.24 8.99
N CYS A 87 11.35 -74.26 8.29
CA CYS A 87 10.45 -75.23 8.90
C CYS A 87 11.20 -75.90 10.05
N VAL A 88 12.50 -76.06 9.86
CA VAL A 88 13.34 -76.69 10.87
C VAL A 88 13.38 -75.80 12.11
N HIS A 89 13.43 -74.50 11.88
CA HIS A 89 13.47 -73.54 12.97
C HIS A 89 12.25 -73.73 13.87
N GLN A 90 11.11 -73.98 13.22
CA GLN A 90 9.87 -74.18 13.95
C GLN A 90 9.66 -75.67 14.25
N ARG A 91 10.53 -76.48 13.66
CA ARG A 91 10.45 -77.92 13.85
C ARG A 91 9.15 -78.47 13.27
N ILE A 92 8.81 -77.98 12.08
CA ILE A 92 7.59 -78.40 11.42
C ILE A 92 7.80 -79.79 10.82
N ASP A 93 6.76 -80.60 10.91
CA ASP A 93 6.82 -81.95 10.39
C ASP A 93 7.03 -81.90 8.87
N VAL A 94 8.30 -82.02 8.48
CA VAL A 94 8.65 -81.98 7.07
C VAL A 94 9.27 -83.33 6.68
N LYS A 95 9.52 -83.47 5.38
CA LYS A 95 10.10 -84.69 4.87
C LYS A 95 11.13 -84.35 3.79
N ASP A 96 10.65 -83.66 2.76
CA ASP A 96 11.52 -83.25 1.67
C ASP A 96 11.48 -81.73 1.53
N THR A 97 12.37 -81.22 0.69
CA THR A 97 12.45 -79.79 0.45
C THR A 97 11.13 -79.26 -0.10
N LYS A 98 10.59 -80.00 -1.06
CA LYS A 98 9.33 -79.62 -1.68
C LYS A 98 8.26 -79.49 -0.61
N GLU A 99 8.38 -80.32 0.42
CA GLU A 99 7.43 -80.30 1.51
C GLU A 99 7.56 -79.02 2.31
N ALA A 100 8.79 -78.52 2.38
CA ALA A 100 9.06 -77.29 3.12
C ALA A 100 8.47 -76.11 2.36
N LEU A 101 8.62 -76.17 1.04
CA LEU A 101 8.11 -75.10 0.19
C LEU A 101 6.61 -74.92 0.45
N ASP A 102 5.91 -76.05 0.46
CA ASP A 102 4.47 -76.02 0.69
C ASP A 102 4.21 -75.71 2.17
N LYS A 103 5.01 -76.31 3.02
CA LYS A 103 4.88 -76.11 4.46
C LYS A 103 5.14 -74.63 4.78
N ILE A 104 6.36 -74.21 4.49
CA ILE A 104 6.75 -72.84 4.75
C ILE A 104 5.78 -71.89 4.05
N GLU A 105 5.21 -72.38 2.95
CA GLU A 105 4.26 -71.59 2.18
C GLU A 105 3.10 -71.16 3.06
N GLU A 106 2.47 -72.14 3.71
CA GLU A 106 1.35 -71.86 4.58
C GLU A 106 1.76 -70.91 5.70
N GLU A 107 2.88 -71.26 6.34
CA GLU A 107 3.40 -70.45 7.44
C GLU A 107 3.52 -68.99 7.00
N GLN A 108 4.16 -68.79 5.86
CA GLN A 108 4.35 -67.45 5.33
C GLN A 108 3.00 -66.75 5.18
N ASN A 109 2.09 -67.42 4.50
CA ASN A 109 0.77 -66.87 4.26
C ASN A 109 0.15 -66.47 5.61
N LYS A 110 0.32 -67.34 6.59
CA LYS A 110 -0.21 -67.10 7.92
C LYS A 110 0.39 -65.79 8.47
N SER A 111 1.72 -65.77 8.49
CA SER A 111 2.43 -64.60 8.99
C SER A 111 1.89 -63.33 8.31
N LYS A 112 1.82 -63.38 7.00
CA LYS A 112 1.33 -62.26 6.23
C LYS A 112 -0.01 -61.80 6.80
N LYS A 113 -0.93 -62.75 6.92
CA LYS A 113 -2.24 -62.47 7.45
C LYS A 113 -2.10 -61.79 8.82
N LYS A 114 -1.29 -62.41 9.67
CA LYS A 114 -1.07 -61.87 10.99
C LYS A 114 -0.46 -60.48 10.89
N ALA A 115 0.07 -60.18 9.71
CA ALA A 115 0.69 -58.89 9.46
C ALA A 115 -0.39 -57.89 9.05
N GLN A 116 -0.96 -58.14 7.87
CA GLN A 116 -2.00 -57.27 7.34
C GLN A 116 -3.04 -56.99 8.42
N GLN A 117 -3.38 -58.03 9.16
CA GLN A 117 -4.37 -57.90 10.23
C GLN A 117 -3.80 -57.09 11.38
N ALA A 118 -2.52 -57.31 11.64
CA ALA A 118 -1.84 -56.60 12.72
C ALA A 118 -1.83 -55.10 12.41
N ALA A 119 -1.62 -54.79 11.15
CA ALA A 119 -1.58 -53.40 10.70
C ALA A 119 -2.94 -52.76 10.98
N ALA A 120 -3.99 -53.50 10.66
CA ALA A 120 -5.34 -53.01 10.86
C ALA A 120 -5.78 -53.30 12.31
N ASP A 121 -4.84 -53.86 13.06
CA ASP A 121 -5.12 -54.19 14.45
C ASP A 121 -4.61 -53.07 15.36
N THR A 122 -3.42 -52.58 15.02
CA THR A 122 -2.81 -51.51 15.79
C THR A 122 -3.87 -50.49 16.22
N GLY A 123 -3.57 -49.79 17.30
CA GLY A 123 -4.49 -48.80 17.83
C GLY A 123 -5.18 -49.31 19.09
N ASN A 124 -6.41 -48.82 19.30
CA ASN A 124 -7.19 -49.21 20.45
C ASN A 124 -6.42 -48.84 21.73
N ASN A 125 -6.71 -47.65 22.23
CA ASN A 125 -6.07 -47.17 23.44
C ASN A 125 -4.57 -47.04 23.20
N SER A 126 -4.17 -45.85 22.79
CA SER A 126 -2.77 -45.57 22.51
C SER A 126 -2.59 -44.11 22.08
N GLN A 127 -1.34 -43.70 22.00
CA GLN A 127 -1.02 -42.34 21.60
C GLN A 127 0.34 -42.30 20.88
N VAL A 128 0.51 -41.27 20.07
CA VAL A 128 1.74 -41.10 19.33
C VAL A 128 1.85 -39.66 18.84
N SER A 129 3.08 -39.19 18.74
CA SER A 129 3.34 -37.83 18.28
C SER A 129 4.80 -37.68 17.86
N GLN A 130 5.08 -36.56 17.22
CA GLN A 130 6.44 -36.28 16.76
C GLN A 130 6.49 -34.93 16.05
N ASN A 131 7.71 -34.44 15.86
CA ASN A 131 7.91 -33.17 15.20
C ASN A 131 9.41 -32.85 15.17
N TYR A 132 9.75 -31.86 14.35
CA TYR A 132 11.14 -31.45 14.22
C TYR A 132 11.24 -29.95 13.96
N PRO A 133 12.42 -29.38 14.32
CA PRO A 133 12.66 -27.95 14.15
C PRO A 133 12.92 -27.63 12.68
N ILE A 134 13.16 -26.35 12.42
CA ILE A 134 13.42 -25.89 11.07
C ILE A 134 13.82 -24.41 11.10
N VAL A 135 14.65 -24.03 10.14
CA VAL A 135 15.11 -22.66 10.05
C VAL A 135 14.88 -22.15 8.62
N GLN A 136 14.00 -21.17 8.51
CA GLN A 136 13.69 -20.58 7.20
C GLN A 136 12.67 -19.46 7.36
N ASN A 137 12.79 -18.48 6.48
CA ASN A 137 11.88 -17.34 6.50
C ASN A 137 12.02 -16.56 5.20
N LEU A 138 10.97 -16.62 4.39
CA LEU A 138 10.95 -15.93 3.12
C LEU A 138 9.55 -16.02 2.50
N GLN A 139 8.85 -14.91 2.58
CA GLN A 139 7.50 -14.83 2.03
C GLN A 139 7.20 -13.43 1.52
N GLY A 140 6.06 -13.31 0.83
CA GLY A 140 5.65 -12.03 0.29
C GLY A 140 4.31 -11.59 0.88
N GLN A 141 4.37 -11.15 2.13
CA GLN A 141 3.17 -10.70 2.81
C GLN A 141 2.96 -9.19 2.57
N MET A 142 1.76 -8.74 2.92
CA MET A 142 1.42 -7.33 2.75
C MET A 142 2.29 -6.44 3.64
N VAL A 143 3.46 -6.11 3.14
CA VAL A 143 4.38 -5.26 3.87
C VAL A 143 5.06 -4.28 2.91
N HIS A 144 5.12 -3.03 3.33
CA HIS A 144 5.73 -2.00 2.51
C HIS A 144 7.24 -2.00 2.73
N GLN A 145 7.95 -1.74 1.65
CA GLN A 145 9.41 -1.71 1.71
C GLN A 145 9.89 -0.37 2.25
N ALA A 146 11.02 -0.41 2.94
CA ALA A 146 11.60 0.80 3.52
C ALA A 146 12.24 1.63 2.40
N ILE A 147 12.97 2.64 2.82
CA ILE A 147 13.64 3.52 1.87
C ILE A 147 14.90 2.83 1.35
N SER A 148 15.18 3.06 0.07
CA SER A 148 16.34 2.48 -0.57
C SER A 148 17.58 3.34 -0.30
N PRO A 149 18.77 2.72 -0.53
CA PRO A 149 20.02 3.42 -0.33
C PRO A 149 20.29 4.43 -1.45
N ARG A 150 19.69 4.15 -2.60
CA ARG A 150 19.85 5.02 -3.75
C ARG A 150 19.32 6.43 -3.43
N THR A 151 18.15 6.46 -2.81
CA THR A 151 17.52 7.72 -2.45
C THR A 151 18.30 8.40 -1.32
N LEU A 152 18.74 7.57 -0.37
CA LEU A 152 19.49 8.07 0.76
C LEU A 152 20.79 8.69 0.26
N ASN A 153 21.33 8.10 -0.80
CA ASN A 153 22.57 8.59 -1.37
C ASN A 153 22.36 9.99 -1.94
N ALA A 154 21.20 10.16 -2.56
CA ALA A 154 20.85 11.44 -3.15
C ALA A 154 20.73 12.50 -2.04
N TRP A 155 20.03 12.12 -0.99
CA TRP A 155 19.83 13.02 0.14
C TRP A 155 21.21 13.34 0.73
N VAL A 156 21.99 12.30 0.95
CA VAL A 156 23.32 12.46 1.50
C VAL A 156 24.05 13.57 0.75
N LYS A 157 23.89 13.57 -0.56
CA LYS A 157 24.51 14.57 -1.40
C LYS A 157 23.85 15.92 -1.17
N VAL A 158 22.55 15.87 -0.86
CA VAL A 158 21.79 17.07 -0.61
C VAL A 158 22.30 17.75 0.67
N VAL A 159 22.50 16.92 1.69
CA VAL A 159 22.99 17.42 2.96
C VAL A 159 24.45 17.85 2.81
N GLU A 160 25.23 16.99 2.17
CA GLU A 160 26.64 17.26 1.96
C GLU A 160 26.80 18.45 1.01
N GLU A 161 25.72 18.76 0.30
CA GLU A 161 25.74 19.86 -0.65
C GLU A 161 25.50 21.19 0.07
N LYS A 162 24.44 21.21 0.87
CA LYS A 162 24.09 22.41 1.62
C LYS A 162 24.00 22.06 3.10
N ALA A 163 23.21 21.04 3.39
CA ALA A 163 23.01 20.60 4.76
C ALA A 163 21.91 21.43 5.41
N PHE A 164 22.01 22.74 5.24
CA PHE A 164 21.04 23.64 5.80
C PHE A 164 20.91 24.91 4.95
N SER A 165 19.74 25.05 4.34
CA SER A 165 19.47 26.21 3.50
C SER A 165 17.99 26.24 3.10
N PRO A 166 17.59 27.37 2.47
CA PRO A 166 16.21 27.54 2.05
C PRO A 166 15.91 26.70 0.80
N GLU A 167 16.97 26.30 0.13
CA GLU A 167 16.84 25.49 -1.07
C GLU A 167 16.97 24.01 -0.73
N VAL A 168 17.15 23.75 0.55
CA VAL A 168 17.29 22.38 1.03
C VAL A 168 15.99 21.93 1.70
N ILE A 169 15.35 22.89 2.35
CA ILE A 169 14.10 22.61 3.04
C ILE A 169 13.10 22.00 2.05
N PRO A 170 13.03 22.62 0.85
CA PRO A 170 12.13 22.15 -0.19
C PRO A 170 12.66 20.87 -0.84
N MET A 171 13.97 20.83 -1.00
CA MET A 171 14.62 19.67 -1.60
C MET A 171 14.39 18.41 -0.75
N PHE A 172 14.37 18.62 0.55
CA PHE A 172 14.15 17.52 1.49
C PHE A 172 12.76 16.91 1.31
N SER A 173 11.78 17.79 1.15
CA SER A 173 10.40 17.35 0.98
C SER A 173 10.23 16.71 -0.40
N ALA A 174 11.02 17.21 -1.35
CA ALA A 174 10.96 16.70 -2.71
C ALA A 174 11.30 15.20 -2.70
N LEU A 175 12.36 14.88 -1.97
CA LEU A 175 12.81 13.50 -1.88
C LEU A 175 11.87 12.73 -0.96
N SER A 176 11.30 13.45 0.00
CA SER A 176 10.38 12.85 0.94
C SER A 176 8.95 12.88 0.39
N GLU A 177 8.86 13.14 -0.91
CA GLU A 177 7.58 13.20 -1.58
C GLU A 177 6.71 12.01 -1.15
N GLY A 178 5.82 12.28 -0.21
CA GLY A 178 4.92 11.25 0.29
C GLY A 178 5.71 10.09 0.92
N ALA A 179 6.50 10.44 1.94
CA ALA A 179 7.30 9.44 2.63
C ALA A 179 6.62 9.05 3.93
N THR A 180 7.27 8.18 4.68
CA THR A 180 6.74 7.71 5.94
C THR A 180 7.55 8.27 7.11
N PRO A 181 7.21 7.79 8.34
CA PRO A 181 7.90 8.23 9.53
C PRO A 181 9.29 7.59 9.63
N GLN A 182 9.34 6.31 9.31
CA GLN A 182 10.59 5.58 9.35
C GLN A 182 11.53 6.05 8.23
N ASP A 183 11.09 5.80 7.01
CA ASP A 183 11.89 6.20 5.85
C ASP A 183 12.43 7.61 6.06
N LEU A 184 11.59 8.45 6.65
CA LEU A 184 11.97 9.82 6.91
C LEU A 184 13.08 9.84 7.97
N ASN A 185 12.85 9.11 9.04
CA ASN A 185 13.81 9.04 10.12
C ASN A 185 15.17 8.60 9.57
N THR A 186 15.11 7.71 8.58
CA THR A 186 16.31 7.20 7.96
C THR A 186 17.10 8.34 7.31
N MET A 187 16.36 9.21 6.61
CA MET A 187 16.97 10.34 5.94
C MET A 187 17.64 11.27 6.95
N LEU A 188 16.91 11.57 8.02
CA LEU A 188 17.42 12.44 9.06
C LEU A 188 18.74 11.89 9.59
N ASN A 189 18.89 10.58 9.46
CA ASN A 189 20.11 9.92 9.92
C ASN A 189 21.26 10.26 8.98
N THR A 190 20.99 10.14 7.68
CA THR A 190 21.99 10.44 6.67
C THR A 190 22.36 11.92 6.71
N VAL A 191 21.58 12.67 7.46
CA VAL A 191 21.80 14.11 7.59
C VAL A 191 23.25 14.35 8.03
N GLY A 192 23.52 15.59 8.40
CA GLY A 192 24.85 15.97 8.85
C GLY A 192 25.05 15.65 10.33
N GLY A 193 24.25 14.70 10.80
CA GLY A 193 24.32 14.31 12.20
C GLY A 193 24.10 15.50 13.13
N HIS A 194 23.35 16.46 12.63
CA HIS A 194 23.03 17.66 13.40
C HIS A 194 22.11 17.30 14.56
N GLN A 195 22.68 16.65 15.57
CA GLN A 195 21.92 16.26 16.74
C GLN A 195 21.25 17.47 17.38
N ALA A 196 22.02 18.54 17.47
CA ALA A 196 21.51 19.77 18.06
C ALA A 196 20.26 20.22 17.31
N ALA A 197 20.38 20.25 15.99
CA ALA A 197 19.27 20.66 15.14
C ALA A 197 18.11 19.71 15.35
N MET A 198 18.41 18.42 15.29
CA MET A 198 17.39 17.39 15.47
C MET A 198 16.70 17.55 16.83
N GLN A 199 17.47 18.01 17.81
CA GLN A 199 16.94 18.20 19.15
C GLN A 199 15.88 19.29 19.14
N MET A 200 16.27 20.45 18.64
CA MET A 200 15.35 21.59 18.58
C MET A 200 14.16 21.27 17.69
N LEU A 201 14.45 20.70 16.52
CA LEU A 201 13.41 20.36 15.58
C LEU A 201 12.49 19.30 16.21
N LYS A 202 13.10 18.42 16.98
CA LYS A 202 12.36 17.36 17.64
C LYS A 202 11.24 17.98 18.48
N GLU A 203 11.57 19.08 19.14
CA GLU A 203 10.61 19.77 19.98
C GLU A 203 9.50 20.37 19.12
N THR A 204 9.89 20.86 17.95
CA THR A 204 8.94 21.46 17.03
C THR A 204 8.02 20.38 16.43
N ILE A 205 8.62 19.22 16.17
CA ILE A 205 7.87 18.11 15.61
C ILE A 205 6.91 17.56 16.65
N ASN A 206 7.48 17.17 17.78
CA ASN A 206 6.69 16.62 18.88
C ASN A 206 5.64 17.63 19.29
N GLU A 207 6.06 18.89 19.38
CA GLU A 207 5.16 19.96 19.77
C GLU A 207 4.12 20.21 18.67
N GLU A 208 4.53 19.93 17.44
CA GLU A 208 3.65 20.11 16.31
C GLU A 208 2.42 19.18 16.42
N ALA A 209 2.67 18.00 16.97
CA ALA A 209 1.61 17.02 17.14
C ALA A 209 0.69 17.47 18.28
N ALA A 210 1.31 17.81 19.40
CA ALA A 210 0.56 18.26 20.56
C ALA A 210 -0.32 19.44 20.17
N GLU A 211 0.31 20.40 19.49
CA GLU A 211 -0.41 21.59 19.05
C GLU A 211 -1.42 21.24 17.96
N TRP A 212 -1.03 20.27 17.13
CA TRP A 212 -1.89 19.82 16.04
C TRP A 212 -3.19 19.30 16.66
N ASP A 213 -3.07 18.22 17.41
CA ASP A 213 -4.23 17.62 18.05
C ASP A 213 -4.93 18.66 18.92
N ARG A 214 -4.12 19.54 19.48
CA ARG A 214 -4.65 20.60 20.33
C ARG A 214 -5.65 21.46 19.56
N LEU A 215 -5.37 21.63 18.27
CA LEU A 215 -6.24 22.42 17.42
C LEU A 215 -7.01 21.49 16.49
N HIS A 216 -6.70 20.21 16.59
CA HIS A 216 -7.37 19.21 15.77
C HIS A 216 -8.23 18.30 16.65
N PRO A 217 -9.52 18.68 16.78
CA PRO A 217 -10.45 17.91 17.58
C PRO A 217 -10.87 16.62 16.87
N VAL A 218 -10.47 15.51 17.47
CA VAL A 218 -10.79 14.21 16.90
C VAL A 218 -11.92 13.57 17.70
N HIS A 219 -12.95 14.37 17.94
CA HIS A 219 -14.10 13.90 18.69
C HIS A 219 -13.64 13.19 19.96
N ALA A 220 -14.60 12.62 20.68
CA ALA A 220 -14.30 11.91 21.90
C ALA A 220 -14.39 10.41 21.65
N GLY A 221 -13.56 9.66 22.37
CA GLY A 221 -13.54 8.21 22.22
C GLY A 221 -12.27 7.74 21.54
N PRO A 222 -11.71 6.62 22.06
CA PRO A 222 -10.49 6.06 21.50
C PRO A 222 -10.77 5.35 20.17
N ILE A 223 -9.83 5.48 19.25
CA ILE A 223 -9.96 4.86 17.94
C ILE A 223 -9.97 3.34 18.10
N ALA A 224 -10.02 2.66 16.97
CA ALA A 224 -10.03 1.20 16.97
C ALA A 224 -8.60 0.68 16.78
N PRO A 225 -8.39 -0.59 17.22
CA PRO A 225 -7.08 -1.21 17.10
C PRO A 225 -6.80 -1.63 15.66
N GLY A 226 -5.90 -0.90 15.03
CA GLY A 226 -5.52 -1.17 13.65
C GLY A 226 -6.29 -0.26 12.68
N GLN A 227 -7.42 0.24 13.16
CA GLN A 227 -8.25 1.11 12.35
C GLN A 227 -8.14 2.56 12.85
N MET A 228 -6.92 3.07 12.80
CA MET A 228 -6.67 4.43 13.24
C MET A 228 -7.56 5.43 12.50
N ARG A 229 -8.72 5.68 13.09
CA ARG A 229 -9.67 6.61 12.49
C ARG A 229 -9.39 8.03 12.97
N GLU A 230 -8.80 8.82 12.08
CA GLU A 230 -8.49 10.20 12.40
C GLU A 230 -7.32 10.26 13.38
N PRO A 231 -6.13 9.85 12.88
CA PRO A 231 -4.93 9.85 13.71
C PRO A 231 -4.39 11.27 13.90
N ARG A 232 -4.06 11.59 15.14
CA ARG A 232 -3.54 12.90 15.47
C ARG A 232 -2.02 12.93 15.27
N GLY A 233 -1.43 14.04 15.70
CA GLY A 233 0.01 14.21 15.57
C GLY A 233 0.76 13.03 16.20
N SER A 234 0.22 12.55 17.31
CA SER A 234 0.82 11.44 18.01
C SER A 234 0.75 10.17 17.14
N ASP A 235 -0.44 9.93 16.60
CA ASP A 235 -0.66 8.77 15.76
C ASP A 235 0.28 8.84 14.55
N ILE A 236 0.38 10.03 13.99
CA ILE A 236 1.23 10.25 12.83
C ILE A 236 2.68 9.91 13.21
N ALA A 237 2.96 10.02 14.50
CA ALA A 237 4.29 9.73 15.00
C ALA A 237 4.54 8.23 14.95
N GLY A 238 3.46 7.48 14.94
CA GLY A 238 3.55 6.03 14.89
C GLY A 238 3.35 5.42 16.29
N THR A 239 2.80 6.22 17.18
CA THR A 239 2.54 5.78 18.54
C THR A 239 1.24 4.99 18.61
N THR A 240 0.26 5.46 17.83
CA THR A 240 -1.04 4.82 17.80
C THR A 240 -1.26 4.13 16.45
N SER A 241 -0.28 4.28 15.58
CA SER A 241 -0.35 3.68 14.26
C SER A 241 1.00 3.07 13.89
N THR A 242 0.94 1.99 13.13
CA THR A 242 2.14 1.30 12.70
C THR A 242 2.59 1.80 11.33
N LEU A 243 3.66 1.21 10.83
CA LEU A 243 4.20 1.59 9.54
C LEU A 243 3.25 1.15 8.44
N GLN A 244 2.94 -0.15 8.43
CA GLN A 244 2.05 -0.70 7.44
C GLN A 244 0.79 0.16 7.32
N GLU A 245 0.19 0.46 8.47
CA GLU A 245 -1.01 1.27 8.51
C GLU A 245 -0.70 2.70 8.02
N GLN A 246 0.53 3.12 8.28
CA GLN A 246 0.96 4.45 7.87
C GLN A 246 0.92 4.58 6.36
N ILE A 247 1.75 3.79 5.71
CA ILE A 247 1.83 3.80 4.25
C ILE A 247 0.43 3.60 3.67
N GLY A 248 -0.31 2.69 4.29
CA GLY A 248 -1.66 2.40 3.85
C GLY A 248 -2.55 3.65 3.93
N TRP A 249 -2.40 4.37 5.03
CA TRP A 249 -3.17 5.58 5.24
C TRP A 249 -2.76 6.60 4.17
N MET A 250 -1.48 6.57 3.83
CA MET A 250 -0.94 7.48 2.83
C MET A 250 -1.54 7.19 1.45
N THR A 251 -1.89 5.92 1.26
CA THR A 251 -2.48 5.49 -0.01
C THR A 251 -3.89 4.96 0.21
N HIS A 252 -4.49 5.39 1.31
CA HIS A 252 -5.83 4.97 1.65
C HIS A 252 -6.85 5.93 1.01
N ASN A 253 -8.11 5.53 1.06
CA ASN A 253 -9.17 6.35 0.50
C ASN A 253 -10.18 6.70 1.60
N PRO A 254 -10.20 8.01 1.96
CA PRO A 254 -9.33 8.98 1.31
C PRO A 254 -7.89 8.85 1.81
N PRO A 255 -6.95 9.38 0.98
CA PRO A 255 -5.54 9.32 1.32
C PRO A 255 -5.20 10.32 2.42
N ILE A 256 -4.72 9.81 3.53
CA ILE A 256 -4.35 10.65 4.66
C ILE A 256 -2.85 10.95 4.61
N PRO A 257 -2.52 12.27 4.56
CA PRO A 257 -1.14 12.69 4.51
C PRO A 257 -0.46 12.53 5.87
N VAL A 258 -0.55 11.33 6.40
CA VAL A 258 0.06 11.02 7.69
C VAL A 258 1.58 11.13 7.58
N GLY A 259 2.11 10.47 6.57
CA GLY A 259 3.55 10.48 6.34
C GLY A 259 4.03 11.88 5.94
N GLU A 260 3.21 12.54 5.13
CA GLU A 260 3.53 13.87 4.66
C GLU A 260 3.46 14.86 5.81
N ILE A 261 2.55 14.59 6.74
CA ILE A 261 2.37 15.45 7.89
C ILE A 261 3.65 15.47 8.72
N TYR A 262 4.22 14.27 8.90
CA TYR A 262 5.44 14.14 9.67
C TYR A 262 6.60 14.88 8.99
N LYS A 263 6.68 14.70 7.68
CA LYS A 263 7.74 15.34 6.90
C LYS A 263 7.61 16.86 7.03
N ARG A 264 6.37 17.33 6.93
CA ARG A 264 6.10 18.75 7.04
C ARG A 264 6.66 19.31 8.34
N TRP A 265 6.61 18.48 9.38
CA TRP A 265 7.12 18.86 10.68
C TRP A 265 8.63 19.05 10.58
N ILE A 266 9.26 18.11 9.87
CA ILE A 266 10.70 18.15 9.69
C ILE A 266 11.08 19.48 9.03
N ILE A 267 10.36 19.81 7.97
CA ILE A 267 10.60 21.04 7.24
C ILE A 267 10.41 22.23 8.18
N LEU A 268 9.51 22.04 9.14
CA LEU A 268 9.22 23.09 10.10
C LEU A 268 10.51 23.48 10.83
N GLY A 269 11.09 22.50 11.50
CA GLY A 269 12.32 22.72 12.24
C GLY A 269 13.45 23.15 11.30
N LEU A 270 13.73 22.30 10.33
CA LEU A 270 14.77 22.57 9.36
C LEU A 270 14.71 24.04 8.94
N ASN A 271 13.47 24.53 8.84
CA ASN A 271 13.26 25.91 8.45
C ASN A 271 13.85 26.84 9.50
N LYS A 272 13.54 26.54 10.76
CA LYS A 272 14.04 27.34 11.86
C LYS A 272 15.56 27.22 11.93
N ILE A 273 16.04 26.00 11.76
CA ILE A 273 17.47 25.74 11.79
C ILE A 273 18.16 26.57 10.71
N VAL A 274 17.54 26.59 9.53
CA VAL A 274 18.08 27.33 8.41
C VAL A 274 18.06 28.83 8.74
N ARG A 275 16.92 29.26 9.26
CA ARG A 275 16.75 30.66 9.62
C ARG A 275 17.80 31.07 10.66
N MET A 276 18.41 30.06 11.27
CA MET A 276 19.43 30.31 12.28
C MET A 276 20.83 30.22 11.67
N TYR A 277 20.99 29.28 10.75
CA TYR A 277 22.26 29.08 10.10
C TYR A 277 22.32 29.84 8.77
N SER A 278 21.42 30.80 8.63
CA SER A 278 21.35 31.61 7.44
C SER A 278 22.53 32.58 7.38
N PRO A 279 22.89 32.98 6.14
CA PRO A 279 24.01 33.89 5.94
C PRO A 279 23.62 35.32 6.33
N THR A 280 22.54 35.79 5.72
CA THR A 280 22.05 37.13 6.00
C THR A 280 20.59 37.09 6.45
N SER A 281 20.27 37.96 7.41
CA SER A 281 18.92 38.02 7.93
C SER A 281 18.47 39.48 8.06
N ILE A 282 17.17 39.66 8.22
CA ILE A 282 16.62 40.99 8.35
C ILE A 282 15.87 41.10 9.68
N LEU A 283 15.79 42.32 10.19
CA LEU A 283 15.11 42.57 11.45
C LEU A 283 13.62 42.79 11.18
N HIS A 284 12.81 42.26 12.08
CA HIS A 284 11.36 42.39 11.95
C HIS A 284 10.87 43.52 12.86
N HIS A 285 9.61 43.87 12.68
CA HIS A 285 9.00 44.93 13.48
C HIS A 285 7.49 44.69 13.58
N HIS A 286 6.87 45.48 14.44
CA HIS A 286 5.43 45.37 14.64
C HIS A 286 5.11 44.05 15.34
N HIS A 287 4.63 44.16 16.57
CA HIS A 287 4.29 42.98 17.34
C HIS A 287 2.93 43.20 18.02
N HIS A 288 2.25 42.08 18.25
CA HIS A 288 0.93 42.13 18.89
C HIS A 288 -0.10 42.63 17.88
N HIS A 289 0.08 43.86 17.44
CA HIS A 289 -0.82 44.48 16.49
C HIS A 289 -0.18 45.72 15.89
N GLY A 2 3.75 -71.92 64.41
CA GLY A 2 4.54 -71.12 63.50
C GLY A 2 6.04 -71.31 63.76
N ALA A 3 6.63 -70.29 64.38
CA ALA A 3 8.05 -70.34 64.69
C ALA A 3 8.33 -69.43 65.88
N ARG A 4 9.02 -69.99 66.87
CA ARG A 4 9.36 -69.25 68.07
C ARG A 4 8.09 -68.82 68.81
N ALA A 5 7.80 -69.54 69.88
CA ALA A 5 6.62 -69.24 70.68
C ALA A 5 7.04 -68.49 71.94
N SER A 6 7.42 -67.23 71.74
CA SER A 6 7.85 -66.40 72.85
C SER A 6 7.40 -64.95 72.61
N VAL A 7 7.75 -64.09 73.56
CA VAL A 7 7.40 -62.69 73.47
C VAL A 7 8.07 -62.08 72.24
N LEU A 8 9.37 -62.33 72.12
CA LEU A 8 10.14 -61.81 71.01
C LEU A 8 10.50 -62.96 70.07
N SER A 9 10.62 -62.63 68.79
CA SER A 9 10.97 -63.61 67.79
C SER A 9 12.48 -63.82 67.75
N GLY A 10 12.90 -64.71 66.87
CA GLY A 10 14.32 -65.01 66.72
C GLY A 10 15.10 -63.75 66.34
N GLY A 11 14.72 -63.15 65.24
CA GLY A 11 15.37 -61.94 64.76
C GLY A 11 14.95 -60.73 65.59
N GLU A 12 13.66 -60.68 65.90
CA GLU A 12 13.11 -59.58 66.67
C GLU A 12 13.80 -59.52 68.05
N LEU A 13 14.12 -60.69 68.57
CA LEU A 13 14.77 -60.78 69.86
C LEU A 13 16.22 -60.32 69.73
N ASP A 14 16.80 -60.62 68.58
CA ASP A 14 18.18 -60.24 68.31
C ASP A 14 18.33 -58.73 68.44
N LYS A 15 17.25 -58.03 68.11
CA LYS A 15 17.25 -56.57 68.19
C LYS A 15 17.09 -56.15 69.65
N TRP A 16 16.14 -56.79 70.32
CA TRP A 16 15.87 -56.49 71.72
C TRP A 16 17.16 -56.72 72.50
N GLU A 17 17.88 -57.77 72.11
CA GLU A 17 19.13 -58.11 72.77
C GLU A 17 20.21 -57.09 72.41
N LYS A 18 20.03 -56.47 71.26
CA LYS A 18 20.99 -55.47 70.79
C LYS A 18 20.60 -54.10 71.34
N ILE A 19 20.32 -54.08 72.65
CA ILE A 19 19.95 -52.85 73.31
C ILE A 19 20.76 -52.69 74.60
N ARG A 20 21.28 -51.49 74.79
CA ARG A 20 22.07 -51.21 75.97
C ARG A 20 21.21 -50.57 77.05
N LEU A 21 21.47 -50.96 78.30
CA LEU A 21 20.72 -50.43 79.42
C LEU A 21 21.37 -49.12 79.89
N ARG A 22 21.68 -49.08 81.18
CA ARG A 22 22.29 -47.90 81.77
C ARG A 22 22.32 -48.02 83.29
N PRO A 23 21.11 -48.25 83.86
CA PRO A 23 20.99 -48.39 85.31
C PRO A 23 21.51 -49.74 85.78
N GLY A 24 22.45 -49.67 86.72
CA GLY A 24 23.05 -50.89 87.26
C GLY A 24 24.37 -51.22 86.56
N GLY A 25 24.71 -50.37 85.59
CA GLY A 25 25.94 -50.57 84.84
C GLY A 25 25.72 -50.25 83.36
N LYS A 26 25.76 -51.29 82.55
CA LYS A 26 25.57 -51.14 81.11
C LYS A 26 25.39 -52.52 80.48
N LYS A 27 24.32 -53.19 80.88
CA LYS A 27 24.02 -54.51 80.36
C LYS A 27 23.10 -54.38 79.15
N GLN A 28 22.60 -55.52 78.70
CA GLN A 28 21.70 -55.55 77.56
C GLN A 28 20.36 -56.16 77.95
N TYR A 29 19.30 -55.62 77.37
CA TYR A 29 17.96 -56.10 77.65
C TYR A 29 17.86 -57.60 77.44
N LYS A 30 16.98 -58.22 78.23
CA LYS A 30 16.78 -59.65 78.14
C LYS A 30 15.28 -59.97 78.23
N LEU A 31 14.96 -61.23 77.97
CA LEU A 31 13.57 -61.66 78.02
C LEU A 31 13.03 -61.46 79.44
N LYS A 32 13.95 -61.50 80.39
CA LYS A 32 13.58 -61.34 81.79
C LYS A 32 12.96 -59.95 81.99
N HIS A 33 13.58 -58.96 81.37
CA HIS A 33 13.10 -57.60 81.46
C HIS A 33 11.73 -57.49 80.79
N ILE A 34 11.58 -58.23 79.70
CA ILE A 34 10.33 -58.23 78.96
C ILE A 34 9.21 -58.78 79.84
N VAL A 35 9.48 -59.94 80.43
CA VAL A 35 8.51 -60.58 81.30
C VAL A 35 8.03 -59.58 82.34
N TRP A 36 8.98 -58.86 82.91
CA TRP A 36 8.67 -57.86 83.92
C TRP A 36 7.77 -56.79 83.28
N ALA A 37 8.11 -56.45 82.04
CA ALA A 37 7.35 -55.46 81.30
C ALA A 37 5.90 -55.92 81.19
N SER A 38 5.73 -57.15 80.74
CA SER A 38 4.41 -57.72 80.57
C SER A 38 3.71 -57.82 81.92
N ARG A 39 4.50 -58.10 82.95
CA ARG A 39 3.97 -58.21 84.30
C ARG A 39 3.32 -56.90 84.73
N GLU A 40 3.98 -55.81 84.39
CA GLU A 40 3.48 -54.49 84.74
C GLU A 40 2.17 -54.20 84.00
N LEU A 41 2.10 -54.72 82.77
CA LEU A 41 0.92 -54.53 81.96
C LEU A 41 -0.29 -55.15 82.66
N GLU A 42 -0.10 -56.37 83.12
CA GLU A 42 -1.16 -57.09 83.81
C GLU A 42 -1.64 -56.28 85.02
N ARG A 43 -0.68 -55.68 85.71
CA ARG A 43 -1.00 -54.89 86.88
C ARG A 43 -1.96 -53.76 86.51
N PHE A 44 -1.76 -53.20 85.33
CA PHE A 44 -2.60 -52.12 84.86
C PHE A 44 -3.96 -52.65 84.38
N ALA A 45 -4.07 -53.97 84.40
CA ALA A 45 -5.30 -54.61 83.97
C ALA A 45 -5.40 -54.55 82.44
N VAL A 46 -4.29 -54.87 81.80
CA VAL A 46 -4.23 -54.85 80.35
C VAL A 46 -3.75 -56.21 79.85
N ASN A 47 -4.21 -56.58 78.66
CA ASN A 47 -3.83 -57.85 78.07
C ASN A 47 -2.33 -57.84 77.79
N PRO A 48 -1.66 -58.95 78.21
CA PRO A 48 -0.23 -59.09 78.00
C PRO A 48 0.10 -59.40 76.54
N GLY A 49 -0.92 -59.87 75.83
CA GLY A 49 -0.75 -60.21 74.43
C GLY A 49 -0.48 -58.96 73.59
N LEU A 50 -0.67 -57.82 74.22
CA LEU A 50 -0.44 -56.55 73.55
C LEU A 50 1.07 -56.34 73.37
N LEU A 51 1.82 -56.83 74.34
CA LEU A 51 3.26 -56.71 74.30
C LEU A 51 3.85 -57.74 73.35
N GLU A 52 3.02 -58.72 73.01
CA GLU A 52 3.44 -59.78 72.11
C GLU A 52 3.46 -59.26 70.67
N THR A 53 2.70 -58.21 70.44
CA THR A 53 2.63 -57.60 69.12
C THR A 53 2.96 -56.11 69.19
N SER A 54 3.37 -55.57 68.06
CA SER A 54 3.73 -54.17 67.97
C SER A 54 2.47 -53.31 68.09
N GLU A 55 1.37 -53.85 67.61
CA GLU A 55 0.10 -53.15 67.66
C GLU A 55 -0.31 -52.88 69.11
N GLY A 56 -0.17 -53.90 69.93
CA GLY A 56 -0.51 -53.78 71.34
C GLY A 56 0.46 -52.85 72.06
N CYS A 57 1.72 -52.92 71.66
CA CYS A 57 2.75 -52.09 72.26
C CYS A 57 2.43 -50.63 71.96
N ARG A 58 1.99 -50.39 70.72
CA ARG A 58 1.63 -49.05 70.30
C ARG A 58 0.52 -48.49 71.18
N GLN A 59 -0.45 -49.35 71.47
CA GLN A 59 -1.58 -48.96 72.29
C GLN A 59 -1.12 -48.65 73.71
N ILE A 60 -0.14 -49.41 74.17
CA ILE A 60 0.40 -49.23 75.50
C ILE A 60 1.23 -47.94 75.54
N LEU A 61 2.39 -48.01 74.93
CA LEU A 61 3.28 -46.86 74.89
C LEU A 61 2.48 -45.61 74.52
N GLY A 62 1.46 -45.83 73.70
CA GLY A 62 0.61 -44.73 73.27
C GLY A 62 -0.11 -44.09 74.46
N GLN A 63 -0.71 -44.94 75.28
CA GLN A 63 -1.43 -44.47 76.45
C GLN A 63 -0.55 -44.60 77.69
N LEU A 64 0.76 -44.64 77.46
CA LEU A 64 1.71 -44.75 78.54
C LEU A 64 2.48 -43.44 78.68
N GLN A 65 2.53 -42.71 77.58
CA GLN A 65 3.23 -41.43 77.57
C GLN A 65 2.72 -40.53 78.70
N PRO A 66 1.36 -40.49 78.83
CA PRO A 66 0.75 -39.67 79.86
C PRO A 66 0.90 -40.33 81.24
N SER A 67 0.75 -41.64 81.26
CA SER A 67 0.86 -42.39 82.50
C SER A 67 2.31 -42.35 83.01
N LEU A 68 3.19 -41.87 82.13
CA LEU A 68 4.60 -41.77 82.47
C LEU A 68 4.79 -40.70 83.54
N GLN A 69 4.16 -39.56 83.31
CA GLN A 69 4.24 -38.45 84.24
C GLN A 69 3.37 -38.72 85.48
N THR A 70 2.62 -39.80 85.40
CA THR A 70 1.75 -40.18 86.50
C THR A 70 2.20 -41.51 87.11
N GLY A 71 3.17 -42.12 86.45
CA GLY A 71 3.70 -43.40 86.92
C GLY A 71 4.76 -43.19 88.00
N SER A 72 6.02 -43.26 87.56
CA SER A 72 7.13 -43.07 88.47
C SER A 72 8.43 -43.52 87.80
N GLU A 73 9.50 -43.52 88.60
CA GLU A 73 10.80 -43.91 88.09
C GLU A 73 10.76 -45.36 87.60
N GLU A 74 10.08 -46.20 88.38
CA GLU A 74 9.96 -47.61 88.04
C GLU A 74 9.02 -47.78 86.85
N LEU A 75 7.88 -47.12 86.93
CA LEU A 75 6.88 -47.20 85.88
C LEU A 75 7.50 -46.69 84.57
N ARG A 76 8.39 -45.73 84.71
CA ARG A 76 9.06 -45.16 83.55
C ARG A 76 9.89 -46.23 82.83
N SER A 77 10.61 -46.99 83.62
CA SER A 77 11.46 -48.04 83.09
C SER A 77 10.61 -49.03 82.28
N LEU A 78 9.37 -49.19 82.72
CA LEU A 78 8.45 -50.08 82.05
C LEU A 78 8.16 -49.57 80.64
N TYR A 79 7.87 -48.27 80.57
CA TYR A 79 7.57 -47.65 79.30
C TYR A 79 8.80 -47.66 78.38
N ASN A 80 9.94 -47.36 78.96
CA ASN A 80 11.19 -47.34 78.21
C ASN A 80 11.41 -48.71 77.57
N THR A 81 10.91 -49.73 78.26
CA THR A 81 11.05 -51.09 77.77
C THR A 81 10.19 -51.31 76.53
N ILE A 82 8.95 -50.88 76.63
CA ILE A 82 8.01 -51.02 75.52
C ILE A 82 8.48 -50.14 74.36
N ALA A 83 9.06 -49.01 74.70
CA ALA A 83 9.56 -48.08 73.70
C ALA A 83 10.53 -48.81 72.78
N VAL A 84 11.58 -49.34 73.38
CA VAL A 84 12.60 -50.07 72.62
C VAL A 84 11.93 -51.22 71.88
N LEU A 85 11.02 -51.89 72.56
CA LEU A 85 10.31 -53.01 71.98
C LEU A 85 9.63 -52.56 70.69
N TYR A 86 9.08 -51.34 70.74
CA TYR A 86 8.39 -50.79 69.58
C TYR A 86 9.35 -50.66 68.40
N CYS A 87 10.47 -49.99 68.65
CA CYS A 87 11.47 -49.79 67.61
C CYS A 87 11.92 -51.16 67.10
N VAL A 88 11.97 -52.11 68.02
CA VAL A 88 12.38 -53.46 67.67
C VAL A 88 11.38 -54.05 66.68
N HIS A 89 10.11 -53.78 66.94
CA HIS A 89 9.04 -54.29 66.09
C HIS A 89 9.29 -53.84 64.65
N GLN A 90 9.73 -52.59 64.51
CA GLN A 90 10.01 -52.03 63.20
C GLN A 90 11.47 -52.27 62.81
N ARG A 91 12.23 -52.75 63.79
CA ARG A 91 13.64 -53.03 63.56
C ARG A 91 14.40 -51.73 63.27
N ILE A 92 14.09 -50.71 64.06
CA ILE A 92 14.73 -49.42 63.89
C ILE A 92 16.14 -49.48 64.47
N ASP A 93 17.06 -48.82 63.78
CA ASP A 93 18.44 -48.79 64.20
C ASP A 93 18.54 -48.11 65.57
N VAL A 94 18.48 -48.92 66.61
CA VAL A 94 18.55 -48.41 67.97
C VAL A 94 19.87 -48.86 68.61
N LYS A 95 20.11 -48.35 69.80
CA LYS A 95 21.32 -48.68 70.52
C LYS A 95 20.99 -48.93 72.00
N ASP A 96 20.51 -47.87 72.64
CA ASP A 96 20.14 -47.96 74.04
C ASP A 96 18.68 -47.55 74.21
N THR A 97 18.17 -47.75 75.42
CA THR A 97 16.79 -47.41 75.72
C THR A 97 16.54 -45.93 75.47
N LYS A 98 17.44 -45.11 76.01
CA LYS A 98 17.33 -43.67 75.86
C LYS A 98 17.32 -43.32 74.37
N GLU A 99 18.03 -44.13 73.61
CA GLU A 99 18.12 -43.91 72.17
C GLU A 99 16.76 -44.19 71.51
N ALA A 100 16.05 -45.16 72.07
CA ALA A 100 14.75 -45.53 71.55
C ALA A 100 13.75 -44.43 71.87
N LEU A 101 13.89 -43.88 73.07
CA LEU A 101 13.00 -42.81 73.52
C LEU A 101 13.03 -41.67 72.50
N ASP A 102 14.25 -41.22 72.19
CA ASP A 102 14.44 -40.14 71.24
C ASP A 102 14.09 -40.64 69.84
N LYS A 103 14.52 -41.86 69.55
CA LYS A 103 14.27 -42.45 68.25
C LYS A 103 12.76 -42.57 68.04
N ILE A 104 12.13 -43.35 68.91
CA ILE A 104 10.69 -43.55 68.82
C ILE A 104 9.99 -42.20 68.86
N GLU A 105 10.64 -41.25 69.51
CA GLU A 105 10.09 -39.91 69.63
C GLU A 105 9.78 -39.34 68.24
N GLU A 106 10.80 -39.35 67.39
CA GLU A 106 10.66 -38.83 66.04
C GLU A 106 9.61 -39.64 65.28
N GLU A 107 9.72 -40.96 65.38
CA GLU A 107 8.79 -41.85 64.72
C GLU A 107 7.35 -41.45 65.04
N GLN A 108 7.09 -41.32 66.33
CA GLN A 108 5.75 -40.94 66.79
C GLN A 108 5.31 -39.63 66.12
N ASN A 109 6.17 -38.64 66.24
CA ASN A 109 5.88 -37.34 65.65
C ASN A 109 5.52 -37.51 64.17
N LYS A 110 6.32 -38.35 63.51
CA LYS A 110 6.11 -38.61 62.10
C LYS A 110 4.70 -39.18 61.90
N SER A 111 4.43 -40.26 62.60
CA SER A 111 3.14 -40.92 62.51
C SER A 111 2.02 -39.89 62.69
N LYS A 112 2.14 -39.12 63.75
CA LYS A 112 1.15 -38.10 64.04
C LYS A 112 0.95 -37.22 62.80
N LYS A 113 2.06 -36.68 62.32
CA LYS A 113 2.01 -35.82 61.14
C LYS A 113 1.24 -36.53 60.03
N LYS A 114 1.67 -37.75 59.73
CA LYS A 114 1.04 -38.54 58.68
C LYS A 114 -0.47 -38.55 58.91
N ALA A 115 -0.85 -38.88 60.14
CA ALA A 115 -2.26 -38.93 60.51
C ALA A 115 -2.93 -37.61 60.14
N GLN A 116 -2.34 -36.53 60.67
CA GLN A 116 -2.87 -35.20 60.40
C GLN A 116 -3.10 -35.00 58.90
N GLN A 117 -2.06 -35.32 58.14
CA GLN A 117 -2.13 -35.18 56.70
C GLN A 117 -3.32 -35.96 56.14
N ALA A 118 -3.40 -37.23 56.53
CA ALA A 118 -4.48 -38.08 56.08
C ALA A 118 -5.82 -37.40 56.38
N ALA A 119 -6.00 -37.06 57.65
CA ALA A 119 -7.23 -36.42 58.08
C ALA A 119 -7.40 -35.10 57.31
N ALA A 120 -6.28 -34.58 56.82
CA ALA A 120 -6.29 -33.35 56.06
C ALA A 120 -6.83 -33.61 54.65
N ASP A 121 -6.75 -34.87 54.26
CA ASP A 121 -7.23 -35.27 52.94
C ASP A 121 -8.67 -35.77 53.05
N THR A 122 -8.87 -36.71 53.96
CA THR A 122 -10.19 -37.27 54.18
C THR A 122 -10.73 -37.86 52.87
N GLY A 123 -11.72 -38.74 53.02
CA GLY A 123 -12.33 -39.37 51.88
C GLY A 123 -13.53 -38.56 51.37
N ASN A 124 -13.26 -37.31 51.03
CA ASN A 124 -14.29 -36.42 50.53
C ASN A 124 -13.66 -35.09 50.11
N ASN A 125 -13.36 -35.00 48.82
CA ASN A 125 -12.75 -33.80 48.29
C ASN A 125 -12.37 -34.03 46.82
N SER A 126 -12.33 -32.94 46.08
CA SER A 126 -11.98 -33.02 44.66
C SER A 126 -12.05 -31.62 44.04
N GLN A 127 -11.05 -31.33 43.22
CA GLN A 127 -10.97 -30.04 42.56
C GLN A 127 -9.74 -29.97 41.66
N VAL A 128 -9.96 -29.48 40.45
CA VAL A 128 -8.87 -29.36 39.48
C VAL A 128 -9.39 -28.65 38.23
N SER A 129 -8.52 -27.81 37.67
CA SER A 129 -8.87 -27.06 36.48
C SER A 129 -7.73 -26.13 36.09
N GLN A 130 -7.33 -26.21 34.83
CA GLN A 130 -6.24 -25.40 34.32
C GLN A 130 -6.00 -25.72 32.84
N ASN A 131 -5.97 -24.66 32.04
CA ASN A 131 -5.73 -24.81 30.61
C ASN A 131 -5.80 -23.45 29.94
N TYR A 132 -4.90 -23.24 28.99
CA TYR A 132 -4.84 -21.98 28.27
C TYR A 132 -3.80 -22.04 27.14
N PRO A 133 -4.31 -22.40 25.93
CA PRO A 133 -3.43 -22.51 24.76
C PRO A 133 -3.06 -21.12 24.24
N ILE A 134 -1.90 -21.06 23.59
CA ILE A 134 -1.42 -19.80 23.04
C ILE A 134 -0.76 -20.07 21.68
N VAL A 135 -0.44 -18.99 21.00
CA VAL A 135 0.20 -19.09 19.69
C VAL A 135 -0.77 -19.78 18.72
N GLN A 136 -1.49 -18.96 17.98
CA GLN A 136 -2.44 -19.48 17.01
C GLN A 136 -3.15 -18.33 16.29
N ASN A 137 -2.62 -17.98 15.13
CA ASN A 137 -3.18 -16.91 14.34
C ASN A 137 -2.31 -16.68 13.10
N LEU A 138 -2.92 -16.02 12.11
CA LEU A 138 -2.21 -15.74 10.88
C LEU A 138 -3.09 -14.87 9.98
N GLN A 139 -2.44 -14.16 9.06
CA GLN A 139 -3.16 -13.28 8.15
C GLN A 139 -2.24 -12.86 7.01
N GLY A 140 -2.84 -12.23 6.01
CA GLY A 140 -2.10 -11.77 4.85
C GLY A 140 -2.60 -10.40 4.39
N GLN A 141 -1.67 -9.60 3.89
CA GLN A 141 -2.00 -8.27 3.41
C GLN A 141 -0.78 -7.61 2.76
N MET A 142 -1.02 -6.47 2.13
CA MET A 142 0.05 -5.75 1.46
C MET A 142 1.15 -5.38 2.46
N VAL A 143 2.29 -4.98 1.90
CA VAL A 143 3.43 -4.58 2.72
C VAL A 143 4.27 -3.57 1.96
N HIS A 144 4.27 -2.35 2.46
CA HIS A 144 5.03 -1.27 1.84
C HIS A 144 6.53 -1.50 2.07
N GLN A 145 7.31 -1.17 1.06
CA GLN A 145 8.74 -1.35 1.13
C GLN A 145 9.37 -0.16 1.87
N ALA A 146 10.46 -0.45 2.57
CA ALA A 146 11.17 0.58 3.31
C ALA A 146 11.94 1.47 2.34
N ILE A 147 12.70 2.41 2.91
CA ILE A 147 13.49 3.32 2.11
C ILE A 147 14.79 2.63 1.70
N SER A 148 15.24 2.94 0.48
CA SER A 148 16.45 2.36 -0.04
C SER A 148 17.65 3.18 0.42
N PRO A 149 18.86 2.57 0.27
CA PRO A 149 20.09 3.24 0.67
C PRO A 149 20.48 4.31 -0.35
N ARG A 150 20.02 4.11 -1.58
CA ARG A 150 20.31 5.06 -2.64
C ARG A 150 19.68 6.42 -2.34
N THR A 151 18.48 6.37 -1.75
CA THR A 151 17.78 7.59 -1.40
C THR A 151 18.46 8.29 -0.22
N LEU A 152 18.83 7.49 0.76
CA LEU A 152 19.49 8.02 1.95
C LEU A 152 20.78 8.73 1.53
N ASN A 153 21.48 8.11 0.59
CA ASN A 153 22.73 8.68 0.09
C ASN A 153 22.43 9.95 -0.70
N ALA A 154 21.31 9.92 -1.40
CA ALA A 154 20.90 11.07 -2.21
C ALA A 154 20.63 12.25 -1.28
N TRP A 155 19.84 11.98 -0.25
CA TRP A 155 19.50 13.03 0.70
C TRP A 155 20.79 13.49 1.38
N VAL A 156 21.57 12.52 1.84
CA VAL A 156 22.83 12.81 2.51
C VAL A 156 23.58 13.88 1.72
N LYS A 157 23.57 13.72 0.40
CA LYS A 157 24.24 14.66 -0.47
C LYS A 157 23.57 16.03 -0.36
N VAL A 158 22.25 16.00 -0.26
CA VAL A 158 21.46 17.22 -0.14
C VAL A 158 21.83 17.93 1.16
N VAL A 159 21.90 17.14 2.23
CA VAL A 159 22.23 17.68 3.53
C VAL A 159 23.66 18.23 3.50
N GLU A 160 24.55 17.48 2.86
CA GLU A 160 25.93 17.88 2.76
C GLU A 160 26.05 19.15 1.92
N GLU A 161 25.23 19.23 0.89
CA GLU A 161 25.23 20.39 0.02
C GLU A 161 24.95 21.67 0.81
N LYS A 162 23.80 21.67 1.48
CA LYS A 162 23.40 22.80 2.28
C LYS A 162 22.33 22.38 3.29
N ALA A 163 22.74 21.49 4.19
CA ALA A 163 21.83 20.99 5.20
C ALA A 163 20.88 22.11 5.63
N PHE A 164 21.46 23.27 5.89
CA PHE A 164 20.69 24.43 6.31
C PHE A 164 20.72 25.53 5.24
N SER A 165 19.61 25.66 4.54
CA SER A 165 19.50 26.67 3.50
C SER A 165 18.07 26.70 2.95
N PRO A 166 17.77 27.81 2.22
CA PRO A 166 16.44 27.97 1.64
C PRO A 166 16.26 27.06 0.42
N GLU A 167 17.39 26.60 -0.11
CA GLU A 167 17.36 25.73 -1.27
C GLU A 167 17.47 24.26 -0.83
N VAL A 168 17.49 24.07 0.48
CA VAL A 168 17.59 22.74 1.03
C VAL A 168 16.23 22.32 1.60
N ILE A 169 15.52 23.31 2.12
CA ILE A 169 14.20 23.06 2.70
C ILE A 169 13.28 22.48 1.62
N PRO A 170 13.35 23.09 0.41
CA PRO A 170 12.54 22.64 -0.70
C PRO A 170 13.07 21.34 -1.28
N MET A 171 14.39 21.22 -1.29
CA MET A 171 15.03 20.03 -1.82
C MET A 171 14.64 18.79 -1.02
N PHE A 172 14.60 18.96 0.30
CA PHE A 172 14.24 17.87 1.18
C PHE A 172 12.85 17.32 0.83
N SER A 173 11.93 18.24 0.60
CA SER A 173 10.57 17.86 0.26
C SER A 173 10.55 17.02 -1.01
N ALA A 174 11.47 17.37 -1.91
CA ALA A 174 11.58 16.67 -3.17
C ALA A 174 11.87 15.19 -2.91
N LEU A 175 12.81 14.96 -2.01
CA LEU A 175 13.20 13.60 -1.65
C LEU A 175 12.15 13.01 -0.72
N SER A 176 11.39 13.90 -0.08
CA SER A 176 10.35 13.47 0.84
C SER A 176 9.04 13.24 0.07
N GLU A 177 9.16 13.18 -1.25
CA GLU A 177 8.01 12.96 -2.10
C GLU A 177 7.16 11.81 -1.55
N GLY A 178 6.07 12.19 -0.91
CA GLY A 178 5.16 11.20 -0.34
C GLY A 178 5.93 10.08 0.35
N ALA A 179 6.53 10.43 1.49
CA ALA A 179 7.31 9.47 2.25
C ALA A 179 6.50 9.02 3.47
N THR A 180 7.14 8.21 4.30
CA THR A 180 6.50 7.70 5.50
C THR A 180 7.24 8.18 6.75
N PRO A 181 6.75 7.71 7.93
CA PRO A 181 7.36 8.09 9.19
C PRO A 181 8.68 7.35 9.41
N GLN A 182 8.65 6.06 9.11
CA GLN A 182 9.84 5.23 9.27
C GLN A 182 10.89 5.61 8.22
N ASP A 183 10.44 5.63 6.97
CA ASP A 183 11.33 5.96 5.86
C ASP A 183 11.98 7.32 6.14
N LEU A 184 11.13 8.28 6.49
CA LEU A 184 11.61 9.63 6.78
C LEU A 184 12.47 9.60 8.04
N ASN A 185 12.03 8.81 9.01
CA ASN A 185 12.75 8.68 10.26
C ASN A 185 14.19 8.27 9.98
N THR A 186 14.36 7.48 8.93
CA THR A 186 15.68 7.01 8.54
C THR A 186 16.49 8.16 7.91
N MET A 187 15.79 8.98 7.14
CA MET A 187 16.42 10.10 6.48
C MET A 187 17.02 11.08 7.51
N LEU A 188 16.25 11.33 8.55
CA LEU A 188 16.69 12.23 9.59
C LEU A 188 17.56 11.47 10.60
N ASN A 189 17.34 10.16 10.64
CA ASN A 189 18.09 9.30 11.54
C ASN A 189 19.58 9.52 11.33
N THR A 190 19.96 9.60 10.06
CA THR A 190 21.35 9.81 9.70
C THR A 190 21.62 11.29 9.46
N VAL A 191 20.85 11.85 8.54
CA VAL A 191 20.99 13.27 8.20
C VAL A 191 22.49 13.63 8.18
N GLY A 192 22.75 14.93 8.23
CA GLY A 192 24.11 15.41 8.21
C GLY A 192 24.15 16.94 8.31
N GLY A 193 23.28 17.47 9.17
CA GLY A 193 23.20 18.90 9.37
C GLY A 193 23.47 19.27 10.83
N HIS A 194 24.28 18.44 11.48
CA HIS A 194 24.62 18.66 12.87
C HIS A 194 23.54 18.06 13.76
N GLN A 195 23.99 17.29 14.75
CA GLN A 195 23.07 16.65 15.68
C GLN A 195 22.25 17.70 16.42
N ALA A 196 22.90 18.81 16.74
CA ALA A 196 22.24 19.90 17.44
C ALA A 196 21.02 20.35 16.63
N ALA A 197 21.24 20.54 15.35
CA ALA A 197 20.16 20.97 14.46
C ALA A 197 19.03 19.95 14.50
N MET A 198 19.40 18.68 14.34
CA MET A 198 18.43 17.61 14.35
C MET A 198 17.69 17.57 15.70
N GLN A 199 18.41 17.93 16.75
CA GLN A 199 17.84 17.93 18.08
C GLN A 199 16.70 18.94 18.17
N MET A 200 17.01 20.17 17.80
CA MET A 200 16.02 21.24 17.84
C MET A 200 14.88 20.94 16.86
N LEU A 201 15.21 20.22 15.80
CA LEU A 201 14.23 19.87 14.79
C LEU A 201 13.26 18.83 15.37
N LYS A 202 13.83 17.87 16.07
CA LYS A 202 13.04 16.81 16.67
C LYS A 202 12.06 17.42 17.69
N GLU A 203 12.52 18.51 18.31
CA GLU A 203 11.70 19.19 19.30
C GLU A 203 10.49 19.84 18.63
N THR A 204 10.76 20.52 17.52
CA THR A 204 9.70 21.19 16.78
C THR A 204 8.76 20.16 16.15
N ILE A 205 9.36 19.09 15.64
CA ILE A 205 8.58 18.03 15.01
C ILE A 205 7.68 17.38 16.05
N ASN A 206 8.31 16.91 17.13
CA ASN A 206 7.58 16.27 18.20
C ASN A 206 6.54 17.23 18.76
N GLU A 207 6.97 18.48 18.92
CA GLU A 207 6.08 19.51 19.44
C GLU A 207 4.94 19.77 18.47
N GLU A 208 5.23 19.56 17.20
CA GLU A 208 4.23 19.77 16.16
C GLU A 208 3.04 18.83 16.37
N ALA A 209 3.37 17.58 16.67
CA ALA A 209 2.35 16.57 16.90
C ALA A 209 1.52 16.94 18.14
N ALA A 210 2.23 17.29 19.20
CA ALA A 210 1.58 17.67 20.44
C ALA A 210 0.60 18.81 20.17
N GLU A 211 1.09 19.81 19.45
CA GLU A 211 0.27 20.97 19.12
C GLU A 211 -0.86 20.56 18.17
N TRP A 212 -0.55 19.60 17.31
CA TRP A 212 -1.53 19.11 16.35
C TRP A 212 -2.70 18.52 17.14
N ASP A 213 -2.37 17.63 18.07
CA ASP A 213 -3.38 16.99 18.89
C ASP A 213 -4.19 18.06 19.62
N ARG A 214 -3.50 19.10 20.04
CA ARG A 214 -4.14 20.20 20.75
C ARG A 214 -5.21 20.83 19.87
N LEU A 215 -4.88 20.99 18.60
CA LEU A 215 -5.80 21.59 17.66
C LEU A 215 -6.76 20.52 17.14
N HIS A 216 -6.55 19.30 17.62
CA HIS A 216 -7.39 18.19 17.22
C HIS A 216 -8.23 17.72 18.41
N PRO A 217 -9.49 18.23 18.44
CA PRO A 217 -10.41 17.88 19.52
C PRO A 217 -10.95 16.46 19.32
N VAL A 218 -10.16 15.49 19.76
CA VAL A 218 -10.55 14.09 19.65
C VAL A 218 -10.61 13.47 21.05
N HIS A 219 -11.84 13.23 21.48
CA HIS A 219 -12.06 12.64 22.80
C HIS A 219 -13.45 12.04 22.86
N ALA A 220 -13.68 11.26 23.92
CA ALA A 220 -14.97 10.63 24.11
C ALA A 220 -15.26 9.70 22.93
N GLY A 221 -16.04 8.66 23.21
CA GLY A 221 -16.39 7.70 22.18
C GLY A 221 -15.39 6.53 22.16
N PRO A 222 -15.89 5.34 22.58
CA PRO A 222 -15.06 4.16 22.62
C PRO A 222 -14.84 3.59 21.21
N ILE A 223 -13.89 4.19 20.51
CA ILE A 223 -13.58 3.76 19.15
C ILE A 223 -13.46 2.25 19.12
N ALA A 224 -13.33 1.72 17.91
CA ALA A 224 -13.21 0.28 17.73
C ALA A 224 -11.83 -0.18 18.20
N PRO A 225 -11.73 -1.50 18.48
CA PRO A 225 -10.48 -2.07 18.94
C PRO A 225 -9.48 -2.21 17.78
N GLY A 226 -8.53 -1.29 17.75
CA GLY A 226 -7.51 -1.29 16.72
C GLY A 226 -7.80 -0.21 15.67
N GLN A 227 -9.04 0.26 15.67
CA GLN A 227 -9.45 1.29 14.73
C GLN A 227 -8.45 2.45 14.74
N MET A 228 -7.96 2.77 13.56
CA MET A 228 -7.00 3.86 13.41
C MET A 228 -7.71 5.18 13.12
N ARG A 229 -8.59 5.55 14.04
CA ARG A 229 -9.34 6.79 13.90
C ARG A 229 -8.40 7.96 13.61
N GLU A 230 -8.98 9.13 13.48
CA GLU A 230 -8.20 10.33 13.20
C GLU A 230 -6.85 10.27 13.92
N PRO A 231 -5.81 9.83 13.15
CA PRO A 231 -4.47 9.72 13.70
C PRO A 231 -3.83 11.10 13.86
N ARG A 232 -3.48 11.42 15.09
CA ARG A 232 -2.86 12.70 15.38
C ARG A 232 -1.35 12.61 15.18
N GLY A 233 -0.69 13.76 15.30
CA GLY A 233 0.74 13.82 15.14
C GLY A 233 1.42 12.57 15.71
N SER A 234 0.90 12.11 16.83
CA SER A 234 1.44 10.93 17.48
C SER A 234 1.29 9.72 16.57
N ASP A 235 0.07 9.51 16.10
CA ASP A 235 -0.21 8.39 15.21
C ASP A 235 0.61 8.53 13.94
N ILE A 236 0.55 9.73 13.37
CA ILE A 236 1.29 10.01 12.15
C ILE A 236 2.79 9.83 12.40
N ALA A 237 3.13 9.78 13.67
CA ALA A 237 4.53 9.62 14.07
C ALA A 237 4.89 8.13 14.02
N GLY A 238 3.86 7.30 14.12
CA GLY A 238 4.06 5.86 14.09
C GLY A 238 4.08 5.29 15.51
N THR A 239 3.55 6.06 16.44
CA THR A 239 3.50 5.65 17.83
C THR A 239 2.21 4.87 18.11
N THR A 240 1.14 5.32 17.48
CA THR A 240 -0.16 4.69 17.65
C THR A 240 -0.52 3.88 16.40
N SER A 241 0.38 3.92 15.43
CA SER A 241 0.16 3.21 14.18
C SER A 241 1.49 2.65 13.66
N THR A 242 1.38 1.61 12.86
CA THR A 242 2.56 0.98 12.29
C THR A 242 2.82 1.51 10.88
N LEU A 243 3.94 1.08 10.31
CA LEU A 243 4.31 1.51 8.97
C LEU A 243 3.21 1.10 7.99
N GLN A 244 2.90 -0.19 8.00
CA GLN A 244 1.87 -0.72 7.12
C GLN A 244 0.59 0.10 7.25
N GLU A 245 0.15 0.26 8.48
CA GLU A 245 -1.06 1.03 8.74
C GLU A 245 -0.89 2.47 8.27
N GLN A 246 0.34 2.95 8.37
CA GLN A 246 0.65 4.32 7.96
C GLN A 246 0.49 4.45 6.44
N ILE A 247 1.39 3.82 5.72
CA ILE A 247 1.36 3.86 4.27
C ILE A 247 -0.06 3.62 3.78
N GLY A 248 -0.74 2.71 4.46
CA GLY A 248 -2.11 2.37 4.11
C GLY A 248 -3.03 3.59 4.23
N TRP A 249 -2.96 4.22 5.40
CA TRP A 249 -3.77 5.40 5.65
C TRP A 249 -3.34 6.50 4.67
N MET A 250 -2.07 6.46 4.31
CA MET A 250 -1.53 7.44 3.39
C MET A 250 -2.14 7.27 1.99
N THR A 251 -2.49 6.03 1.68
CA THR A 251 -3.09 5.73 0.40
C THR A 251 -4.51 5.20 0.57
N HIS A 252 -5.09 5.54 1.72
CA HIS A 252 -6.44 5.10 2.02
C HIS A 252 -7.44 6.08 1.39
N ASN A 253 -8.72 5.70 1.47
CA ASN A 253 -9.77 6.52 0.92
C ASN A 253 -10.74 6.91 2.04
N PRO A 254 -10.76 8.23 2.35
CA PRO A 254 -9.90 9.18 1.65
C PRO A 254 -8.45 9.05 2.12
N PRO A 255 -7.51 9.54 1.26
CA PRO A 255 -6.10 9.47 1.57
C PRO A 255 -5.73 10.52 2.62
N ILE A 256 -5.19 10.04 3.74
CA ILE A 256 -4.79 10.91 4.82
C ILE A 256 -3.35 11.38 4.60
N PRO A 257 -3.14 12.71 4.75
CA PRO A 257 -1.82 13.29 4.56
C PRO A 257 -0.91 12.96 5.75
N VAL A 258 -0.78 11.68 6.03
CA VAL A 258 0.05 11.23 7.13
C VAL A 258 1.51 11.59 6.85
N GLY A 259 2.03 11.01 5.77
CA GLY A 259 3.40 11.26 5.38
C GLY A 259 3.62 12.74 5.06
N GLU A 260 2.60 13.34 4.48
CA GLU A 260 2.66 14.75 4.12
C GLU A 260 2.67 15.62 5.37
N ILE A 261 1.97 15.13 6.40
CA ILE A 261 1.88 15.85 7.65
C ILE A 261 3.24 15.78 8.37
N TYR A 262 3.80 14.58 8.39
CA TYR A 262 5.08 14.38 9.04
C TYR A 262 6.19 15.17 8.33
N LYS A 263 6.21 15.04 7.01
CA LYS A 263 7.21 15.73 6.21
C LYS A 263 7.12 17.23 6.49
N ARG A 264 5.92 17.68 6.80
CA ARG A 264 5.70 19.09 7.10
C ARG A 264 6.39 19.47 8.42
N TRP A 265 6.38 18.52 9.34
CA TRP A 265 7.00 18.74 10.64
C TRP A 265 8.49 19.00 10.42
N ILE A 266 9.09 18.15 9.61
CA ILE A 266 10.51 18.26 9.30
C ILE A 266 10.78 19.65 8.72
N ILE A 267 9.94 20.03 7.78
CA ILE A 267 10.08 21.33 7.12
C ILE A 267 9.96 22.43 8.18
N LEU A 268 9.17 22.15 9.20
CA LEU A 268 8.96 23.11 10.27
C LEU A 268 10.30 23.41 10.95
N GLY A 269 10.94 22.35 11.42
CA GLY A 269 12.23 22.49 12.08
C GLY A 269 13.28 23.05 11.13
N LEU A 270 13.47 22.34 10.02
CA LEU A 270 14.44 22.76 9.02
C LEU A 270 14.31 24.27 8.79
N ASN A 271 13.07 24.74 8.85
CA ASN A 271 12.79 26.15 8.65
C ASN A 271 13.48 26.96 9.73
N LYS A 272 13.35 26.49 10.96
CA LYS A 272 13.96 27.16 12.10
C LYS A 272 15.48 27.02 12.02
N ILE A 273 15.91 25.86 11.56
CA ILE A 273 17.34 25.60 11.42
C ILE A 273 17.95 26.57 10.42
N VAL A 274 17.25 26.72 9.30
CA VAL A 274 17.70 27.63 8.26
C VAL A 274 17.53 29.07 8.72
N ARG A 275 16.45 29.31 9.45
CA ARG A 275 16.16 30.63 9.95
C ARG A 275 17.18 31.02 11.03
N MET A 276 17.89 30.01 11.52
CA MET A 276 18.89 30.23 12.55
C MET A 276 20.24 30.60 11.92
N TYR A 277 20.53 29.96 10.81
CA TYR A 277 21.78 30.21 10.10
C TYR A 277 21.55 31.06 8.86
N SER A 278 20.37 31.68 8.82
CA SER A 278 20.01 32.53 7.70
C SER A 278 20.81 33.83 7.75
N PRO A 279 21.71 34.00 6.72
CA PRO A 279 22.54 35.19 6.65
C PRO A 279 21.73 36.39 6.19
N THR A 280 21.10 36.24 5.03
CA THR A 280 20.29 37.30 4.46
C THR A 280 20.96 38.67 4.70
N SER A 281 21.91 38.97 3.82
CA SER A 281 22.63 40.23 3.93
C SER A 281 22.12 41.21 2.86
N ILE A 282 22.24 40.78 1.61
CA ILE A 282 21.80 41.61 0.50
C ILE A 282 22.32 43.03 0.69
N LEU A 283 23.63 43.17 0.55
CA LEU A 283 24.27 44.47 0.71
C LEU A 283 23.75 45.42 -0.37
N HIS A 284 23.94 46.71 -0.13
CA HIS A 284 23.49 47.72 -1.06
C HIS A 284 24.35 48.99 -0.89
N HIS A 285 25.06 49.32 -1.96
CA HIS A 285 25.91 50.50 -1.94
C HIS A 285 26.30 50.87 -3.38
N HIS A 286 26.42 52.17 -3.60
CA HIS A 286 26.78 52.67 -4.91
C HIS A 286 27.36 54.09 -4.79
N HIS A 287 28.57 54.25 -5.29
CA HIS A 287 29.23 55.54 -5.22
C HIS A 287 30.59 55.45 -5.91
N HIS A 288 31.00 56.55 -6.53
CA HIS A 288 32.27 56.60 -7.22
C HIS A 288 33.21 57.58 -6.51
N HIS A 289 34.44 57.62 -6.97
CA HIS A 289 35.44 58.50 -6.38
C HIS A 289 34.88 59.92 -6.31
N GLY A 2 -31.53 6.05 -74.15
CA GLY A 2 -30.49 7.07 -74.15
C GLY A 2 -30.18 7.51 -75.58
N ALA A 3 -29.77 6.54 -76.39
CA ALA A 3 -29.44 6.83 -77.79
C ALA A 3 -29.33 5.50 -78.55
N ARG A 4 -28.39 4.67 -78.11
CA ARG A 4 -28.17 3.38 -78.74
C ARG A 4 -28.25 3.53 -80.27
N ALA A 5 -27.12 3.89 -80.86
CA ALA A 5 -27.06 4.06 -82.30
C ALA A 5 -25.62 4.41 -82.70
N SER A 6 -25.15 5.54 -82.18
CA SER A 6 -23.80 5.99 -82.47
C SER A 6 -23.19 6.62 -81.22
N VAL A 7 -21.95 7.08 -81.39
CA VAL A 7 -21.23 7.71 -80.28
C VAL A 7 -21.98 8.98 -79.86
N LEU A 8 -22.31 9.80 -80.86
CA LEU A 8 -23.02 11.04 -80.61
C LEU A 8 -24.47 10.88 -81.05
N SER A 9 -25.32 11.75 -80.49
CA SER A 9 -26.73 11.72 -80.82
C SER A 9 -26.98 12.52 -82.09
N GLY A 10 -28.25 12.56 -82.49
CA GLY A 10 -28.64 13.30 -83.68
C GLY A 10 -28.24 14.77 -83.58
N GLY A 11 -28.73 15.41 -82.54
CA GLY A 11 -28.43 16.82 -82.33
C GLY A 11 -27.04 16.99 -81.71
N GLU A 12 -26.71 16.09 -80.79
CA GLU A 12 -25.43 16.13 -80.14
C GLU A 12 -24.29 16.03 -81.17
N LEU A 13 -24.50 15.16 -82.14
CA LEU A 13 -23.51 14.96 -83.19
C LEU A 13 -23.47 16.20 -84.09
N ASP A 14 -24.64 16.79 -84.28
CA ASP A 14 -24.75 17.98 -85.12
C ASP A 14 -23.96 19.12 -84.46
N LYS A 15 -23.96 19.12 -83.14
CA LYS A 15 -23.25 20.15 -82.40
C LYS A 15 -21.75 19.86 -82.44
N TRP A 16 -21.42 18.60 -82.19
CA TRP A 16 -20.03 18.18 -82.19
C TRP A 16 -19.43 18.54 -83.55
N GLU A 17 -20.11 18.10 -84.60
CA GLU A 17 -19.67 18.36 -85.96
C GLU A 17 -19.60 19.88 -86.20
N LYS A 18 -20.39 20.61 -85.43
CA LYS A 18 -20.42 22.05 -85.56
C LYS A 18 -19.18 22.66 -84.90
N ILE A 19 -18.51 21.81 -84.13
CA ILE A 19 -17.31 22.25 -83.43
C ILE A 19 -16.22 22.58 -84.46
N ARG A 20 -15.46 23.62 -84.15
CA ARG A 20 -14.39 24.06 -85.04
C ARG A 20 -13.03 23.67 -84.45
N LEU A 21 -12.08 23.43 -85.33
CA LEU A 21 -10.74 23.06 -84.92
C LEU A 21 -9.71 23.77 -85.81
N ARG A 22 -8.52 23.20 -85.83
CA ARG A 22 -7.44 23.77 -86.64
C ARG A 22 -6.20 22.87 -86.57
N PRO A 23 -5.70 22.70 -85.32
CA PRO A 23 -4.52 21.88 -85.11
C PRO A 23 -4.86 20.39 -85.22
N GLY A 24 -4.17 19.73 -86.12
CA GLY A 24 -4.38 18.30 -86.34
C GLY A 24 -5.82 18.03 -86.76
N GLY A 25 -6.53 19.10 -87.06
CA GLY A 25 -7.92 18.99 -87.48
C GLY A 25 -8.13 19.59 -88.87
N LYS A 26 -9.38 19.62 -89.29
CA LYS A 26 -9.73 20.15 -90.60
C LYS A 26 -10.59 21.40 -90.43
N LYS A 27 -10.61 21.91 -89.20
CA LYS A 27 -11.39 23.09 -88.89
C LYS A 27 -12.80 22.66 -88.46
N GLN A 28 -13.01 21.36 -88.44
CA GLN A 28 -14.29 20.81 -88.06
C GLN A 28 -14.14 19.39 -87.53
N TYR A 29 -14.96 19.05 -86.54
CA TYR A 29 -14.91 17.73 -85.94
C TYR A 29 -15.88 16.77 -86.66
N LYS A 30 -15.51 15.50 -86.65
CA LYS A 30 -16.32 14.49 -87.30
C LYS A 30 -16.30 13.20 -86.46
N LEU A 31 -17.10 12.24 -86.88
CA LEU A 31 -17.17 10.97 -86.18
C LEU A 31 -15.79 10.29 -86.21
N LYS A 32 -15.02 10.64 -87.23
CA LYS A 32 -13.69 10.08 -87.39
C LYS A 32 -12.83 10.48 -86.18
N HIS A 33 -12.92 11.76 -85.83
CA HIS A 33 -12.15 12.27 -84.71
C HIS A 33 -12.64 11.61 -83.42
N ILE A 34 -13.94 11.37 -83.36
CA ILE A 34 -14.55 10.75 -82.20
C ILE A 34 -13.98 9.34 -82.03
N VAL A 35 -14.03 8.59 -83.12
CA VAL A 35 -13.53 7.22 -83.11
C VAL A 35 -12.13 7.20 -82.49
N TRP A 36 -11.32 8.18 -82.88
CA TRP A 36 -9.97 8.28 -82.38
C TRP A 36 -10.05 8.51 -80.86
N ALA A 37 -10.99 9.34 -80.46
CA ALA A 37 -11.17 9.64 -79.05
C ALA A 37 -11.48 8.35 -78.29
N SER A 38 -12.45 7.61 -78.82
CA SER A 38 -12.85 6.36 -78.21
C SER A 38 -11.68 5.37 -78.22
N ARG A 39 -10.90 5.45 -79.29
CA ARG A 39 -9.74 4.57 -79.43
C ARG A 39 -8.76 4.79 -78.27
N GLU A 40 -8.67 6.05 -77.85
CA GLU A 40 -7.77 6.40 -76.76
C GLU A 40 -8.31 5.86 -75.44
N LEU A 41 -9.63 5.87 -75.33
CA LEU A 41 -10.29 5.38 -74.12
C LEU A 41 -9.93 3.91 -73.91
N GLU A 42 -10.12 3.14 -74.97
CA GLU A 42 -9.81 1.71 -74.91
C GLU A 42 -8.34 1.49 -74.62
N ARG A 43 -7.52 2.42 -75.10
CA ARG A 43 -6.08 2.33 -74.89
C ARG A 43 -5.76 2.41 -73.40
N PHE A 44 -6.50 3.26 -72.71
CA PHE A 44 -6.30 3.44 -71.28
C PHE A 44 -6.94 2.30 -70.49
N ALA A 45 -7.60 1.42 -71.22
CA ALA A 45 -8.28 0.28 -70.60
C ALA A 45 -9.55 0.77 -69.90
N VAL A 46 -10.33 1.56 -70.62
CA VAL A 46 -11.57 2.09 -70.08
C VAL A 46 -12.73 1.72 -71.00
N ASN A 47 -13.89 1.57 -70.40
CA ASN A 47 -15.08 1.22 -71.16
C ASN A 47 -15.42 2.35 -72.12
N PRO A 48 -15.67 1.96 -73.41
CA PRO A 48 -16.00 2.93 -74.43
C PRO A 48 -17.44 3.42 -74.28
N GLY A 49 -18.22 2.65 -73.55
CA GLY A 49 -19.62 2.99 -73.31
C GLY A 49 -19.73 4.28 -72.50
N LEU A 50 -18.60 4.69 -71.93
CA LEU A 50 -18.56 5.90 -71.12
C LEU A 50 -18.63 7.12 -72.05
N LEU A 51 -18.12 6.94 -73.26
CA LEU A 51 -18.12 8.01 -74.24
C LEU A 51 -19.51 8.12 -74.88
N GLU A 52 -20.30 7.07 -74.66
CA GLU A 52 -21.65 7.03 -75.21
C GLU A 52 -22.61 7.84 -74.34
N THR A 53 -22.21 8.03 -73.08
CA THR A 53 -23.01 8.78 -72.14
C THR A 53 -22.19 9.91 -71.52
N SER A 54 -22.89 10.95 -71.11
CA SER A 54 -22.24 12.10 -70.50
C SER A 54 -21.72 11.73 -69.12
N GLU A 55 -22.39 10.77 -68.50
CA GLU A 55 -22.02 10.31 -67.17
C GLU A 55 -20.62 9.68 -67.21
N GLY A 56 -20.44 8.77 -68.15
CA GLY A 56 -19.17 8.09 -68.30
C GLY A 56 -18.09 9.06 -68.84
N CYS A 57 -18.53 9.96 -69.69
CA CYS A 57 -17.63 10.94 -70.29
C CYS A 57 -17.09 11.82 -69.17
N ARG A 58 -17.99 12.21 -68.27
CA ARG A 58 -17.61 13.06 -67.16
C ARG A 58 -16.56 12.37 -66.30
N GLN A 59 -16.77 11.08 -66.07
CA GLN A 59 -15.85 10.30 -65.26
C GLN A 59 -14.45 10.33 -65.89
N ILE A 60 -14.43 10.23 -67.21
CA ILE A 60 -13.17 10.23 -67.94
C ILE A 60 -12.52 11.62 -67.82
N LEU A 61 -13.14 12.59 -68.47
CA LEU A 61 -12.65 13.95 -68.45
C LEU A 61 -12.23 14.31 -67.01
N GLY A 62 -12.98 13.77 -66.06
CA GLY A 62 -12.70 14.01 -64.66
C GLY A 62 -11.35 13.42 -64.25
N GLN A 63 -11.17 12.15 -64.61
CA GLN A 63 -9.93 11.45 -64.29
C GLN A 63 -8.92 11.63 -65.43
N LEU A 64 -9.14 12.64 -66.24
CA LEU A 64 -8.27 12.92 -67.36
C LEU A 64 -7.51 14.23 -67.10
N GLN A 65 -8.13 15.09 -66.31
CA GLN A 65 -7.54 16.36 -65.98
C GLN A 65 -6.12 16.16 -65.42
N PRO A 66 -6.01 15.17 -64.50
CA PRO A 66 -4.73 14.87 -63.90
C PRO A 66 -3.82 14.12 -64.87
N SER A 67 -4.42 13.20 -65.61
CA SER A 67 -3.68 12.41 -66.58
C SER A 67 -3.21 13.31 -67.73
N LEU A 68 -3.77 14.51 -67.76
CA LEU A 68 -3.41 15.47 -68.80
C LEU A 68 -1.99 15.96 -68.57
N GLN A 69 -1.70 16.27 -67.31
CA GLN A 69 -0.39 16.76 -66.94
C GLN A 69 0.64 15.62 -66.96
N THR A 70 0.12 14.42 -67.17
CA THR A 70 0.97 13.24 -67.20
C THR A 70 0.83 12.53 -68.56
N GLY A 71 -0.09 13.04 -69.36
CA GLY A 71 -0.33 12.47 -70.68
C GLY A 71 0.69 12.99 -71.70
N SER A 72 0.27 13.99 -72.46
CA SER A 72 1.13 14.57 -73.46
C SER A 72 0.32 15.45 -74.41
N GLU A 73 1.01 15.99 -75.41
CA GLU A 73 0.36 16.85 -76.39
C GLU A 73 -0.78 16.09 -77.09
N GLU A 74 -0.49 14.83 -77.41
CA GLU A 74 -1.48 13.99 -78.08
C GLU A 74 -2.61 13.63 -77.11
N LEU A 75 -2.22 13.22 -75.92
CA LEU A 75 -3.19 12.85 -74.90
C LEU A 75 -4.10 14.05 -74.60
N ARG A 76 -3.51 15.22 -74.67
CA ARG A 76 -4.25 16.45 -74.41
C ARG A 76 -5.38 16.60 -75.41
N SER A 77 -5.05 16.43 -76.68
CA SER A 77 -6.03 16.54 -77.75
C SER A 77 -7.20 15.60 -77.47
N LEU A 78 -6.87 14.44 -76.92
CA LEU A 78 -7.88 13.44 -76.61
C LEU A 78 -8.88 14.03 -75.60
N TYR A 79 -8.33 14.64 -74.57
CA TYR A 79 -9.15 15.25 -73.53
C TYR A 79 -10.00 16.38 -74.10
N ASN A 80 -9.38 17.20 -74.94
CA ASN A 80 -10.06 18.32 -75.55
C ASN A 80 -11.29 17.80 -76.30
N THR A 81 -11.15 16.60 -76.85
CA THR A 81 -12.24 15.99 -77.60
C THR A 81 -13.37 15.57 -76.65
N ILE A 82 -12.97 14.97 -75.54
CA ILE A 82 -13.94 14.51 -74.55
C ILE A 82 -14.67 15.73 -73.97
N ALA A 83 -13.90 16.79 -73.76
CA ALA A 83 -14.46 18.01 -73.20
C ALA A 83 -15.58 18.51 -74.10
N VAL A 84 -15.26 18.68 -75.38
CA VAL A 84 -16.23 19.15 -76.35
C VAL A 84 -17.42 18.18 -76.38
N LEU A 85 -17.09 16.89 -76.39
CA LEU A 85 -18.11 15.86 -76.42
C LEU A 85 -19.05 16.05 -75.22
N TYR A 86 -18.45 16.36 -74.08
CA TYR A 86 -19.22 16.56 -72.87
C TYR A 86 -20.08 17.81 -72.96
N CYS A 87 -19.45 18.90 -73.37
CA CYS A 87 -20.14 20.17 -73.51
C CYS A 87 -21.26 19.99 -74.54
N VAL A 88 -21.01 19.11 -75.50
CA VAL A 88 -21.98 18.84 -76.54
C VAL A 88 -23.26 18.29 -75.90
N HIS A 89 -23.07 17.33 -75.01
CA HIS A 89 -24.19 16.71 -74.32
C HIS A 89 -24.79 17.69 -73.32
N GLN A 90 -23.96 18.64 -72.91
CA GLN A 90 -24.40 19.65 -71.95
C GLN A 90 -25.08 20.80 -72.68
N ARG A 91 -24.80 20.91 -73.97
CA ARG A 91 -25.39 21.96 -74.78
C ARG A 91 -24.74 23.31 -74.45
N ILE A 92 -23.43 23.28 -74.30
CA ILE A 92 -22.69 24.50 -73.97
C ILE A 92 -22.56 25.35 -75.23
N ASP A 93 -22.67 26.66 -75.03
CA ASP A 93 -22.57 27.60 -76.13
C ASP A 93 -21.11 27.75 -76.53
N VAL A 94 -20.58 26.69 -77.14
CA VAL A 94 -19.19 26.70 -77.57
C VAL A 94 -19.14 26.71 -79.10
N LYS A 95 -17.94 26.85 -79.63
CA LYS A 95 -17.74 26.87 -81.06
C LYS A 95 -16.55 25.99 -81.43
N ASP A 96 -15.43 26.26 -80.80
CA ASP A 96 -14.21 25.49 -81.05
C ASP A 96 -13.89 24.65 -79.82
N THR A 97 -12.92 23.76 -79.99
CA THR A 97 -12.52 22.88 -78.91
C THR A 97 -12.00 23.71 -77.72
N LYS A 98 -11.19 24.70 -78.05
CA LYS A 98 -10.62 25.56 -77.02
C LYS A 98 -11.75 26.28 -76.28
N GLU A 99 -12.83 26.53 -77.02
CA GLU A 99 -13.98 27.20 -76.45
C GLU A 99 -14.65 26.31 -75.38
N ALA A 100 -14.57 25.01 -75.62
CA ALA A 100 -15.15 24.05 -74.70
C ALA A 100 -14.37 24.06 -73.38
N LEU A 101 -13.05 24.01 -73.52
CA LEU A 101 -12.17 24.02 -72.36
C LEU A 101 -12.47 25.27 -71.51
N ASP A 102 -12.74 26.35 -72.20
CA ASP A 102 -13.03 27.61 -71.53
C ASP A 102 -14.44 27.54 -70.91
N LYS A 103 -15.38 27.06 -71.71
CA LYS A 103 -16.75 26.93 -71.26
C LYS A 103 -16.82 25.86 -70.16
N ILE A 104 -16.41 24.66 -70.52
CA ILE A 104 -16.42 23.55 -69.59
C ILE A 104 -15.64 23.95 -68.33
N GLU A 105 -14.68 24.84 -68.52
CA GLU A 105 -13.86 25.31 -67.41
C GLU A 105 -14.72 26.06 -66.39
N GLU A 106 -15.44 27.04 -66.89
CA GLU A 106 -16.31 27.84 -66.03
C GLU A 106 -17.29 26.94 -65.28
N GLU A 107 -17.97 26.10 -66.05
CA GLU A 107 -18.95 25.18 -65.47
C GLU A 107 -18.30 24.37 -64.35
N GLN A 108 -17.18 23.76 -64.67
CA GLN A 108 -16.46 22.96 -63.70
C GLN A 108 -16.16 23.78 -62.44
N ASN A 109 -15.55 24.93 -62.66
CA ASN A 109 -15.21 25.82 -61.55
C ASN A 109 -16.45 26.07 -60.70
N LYS A 110 -17.57 26.32 -61.40
CA LYS A 110 -18.82 26.58 -60.73
C LYS A 110 -19.19 25.38 -59.85
N SER A 111 -19.33 24.24 -60.51
CA SER A 111 -19.68 23.02 -59.79
C SER A 111 -18.67 22.76 -58.67
N LYS A 112 -17.49 23.35 -58.82
CA LYS A 112 -16.45 23.19 -57.83
C LYS A 112 -16.86 23.88 -56.53
N LYS A 113 -16.98 25.20 -56.61
CA LYS A 113 -17.38 25.98 -55.45
C LYS A 113 -18.74 25.50 -54.95
N LYS A 114 -19.57 25.08 -55.90
CA LYS A 114 -20.90 24.60 -55.57
C LYS A 114 -20.78 23.36 -54.69
N ALA A 115 -20.02 22.39 -55.18
CA ALA A 115 -19.82 21.15 -54.45
C ALA A 115 -19.33 21.48 -53.03
N GLN A 116 -18.23 22.23 -52.98
CA GLN A 116 -17.65 22.61 -51.70
C GLN A 116 -18.73 23.21 -50.79
N GLN A 117 -19.46 24.16 -51.34
CA GLN A 117 -20.52 24.82 -50.59
C GLN A 117 -21.49 23.79 -50.02
N ALA A 118 -22.01 22.96 -50.91
CA ALA A 118 -22.95 21.93 -50.51
C ALA A 118 -22.34 21.10 -49.37
N ALA A 119 -21.06 20.79 -49.53
CA ALA A 119 -20.35 20.01 -48.54
C ALA A 119 -20.40 20.74 -47.19
N ALA A 120 -20.18 22.04 -47.25
CA ALA A 120 -20.20 22.86 -46.05
C ALA A 120 -21.64 23.28 -45.75
N ASP A 121 -22.55 22.70 -46.52
CA ASP A 121 -23.96 23.01 -46.35
C ASP A 121 -24.62 21.92 -45.50
N THR A 122 -24.23 20.69 -45.78
CA THR A 122 -24.79 19.56 -45.05
C THR A 122 -24.95 19.90 -43.57
N GLY A 123 -25.87 19.18 -42.93
CA GLY A 123 -26.14 19.40 -41.52
C GLY A 123 -26.90 20.70 -41.31
N ASN A 124 -28.03 20.81 -41.98
CA ASN A 124 -28.86 21.99 -41.88
C ASN A 124 -28.92 22.44 -40.42
N ASN A 125 -28.20 23.52 -40.14
CA ASN A 125 -28.16 24.06 -38.79
C ASN A 125 -27.95 22.91 -37.80
N SER A 126 -26.69 22.66 -37.49
CA SER A 126 -26.35 21.60 -36.55
C SER A 126 -24.83 21.56 -36.35
N GLN A 127 -24.43 20.76 -35.37
CA GLN A 127 -23.01 20.61 -35.06
C GLN A 127 -22.51 19.24 -35.50
N VAL A 128 -21.19 19.12 -35.57
CA VAL A 128 -20.58 17.87 -35.98
C VAL A 128 -19.46 17.52 -34.99
N SER A 129 -19.39 16.24 -34.65
CA SER A 129 -18.37 15.76 -33.73
C SER A 129 -18.20 14.26 -33.88
N GLN A 130 -17.06 13.77 -33.40
CA GLN A 130 -16.74 12.35 -33.48
C GLN A 130 -15.71 11.97 -32.42
N ASN A 131 -15.63 10.68 -32.16
CA ASN A 131 -14.68 10.17 -31.17
C ASN A 131 -14.60 8.65 -31.30
N TYR A 132 -13.50 8.11 -30.77
CA TYR A 132 -13.28 6.67 -30.82
C TYR A 132 -13.33 6.06 -29.41
N PRO A 133 -14.55 5.58 -29.05
CA PRO A 133 -14.75 4.97 -27.74
C PRO A 133 -14.13 3.58 -27.69
N ILE A 134 -13.90 3.11 -26.47
CA ILE A 134 -13.31 1.80 -26.27
C ILE A 134 -13.48 1.39 -24.80
N VAL A 135 -13.22 0.12 -24.54
CA VAL A 135 -13.33 -0.40 -23.19
C VAL A 135 -12.01 -0.19 -22.45
N GLN A 136 -12.12 -0.02 -21.14
CA GLN A 136 -10.95 0.20 -20.32
C GLN A 136 -11.34 0.23 -18.84
N ASN A 137 -10.61 -0.56 -18.05
CA ASN A 137 -10.87 -0.65 -16.63
C ASN A 137 -9.88 -1.62 -15.98
N LEU A 138 -9.46 -1.27 -14.77
CA LEU A 138 -8.51 -2.09 -14.04
C LEU A 138 -8.53 -1.69 -12.56
N GLN A 139 -7.79 -2.46 -11.77
CA GLN A 139 -7.71 -2.20 -10.34
C GLN A 139 -6.30 -2.47 -9.84
N GLY A 140 -6.06 -2.08 -8.59
CA GLY A 140 -4.76 -2.28 -7.98
C GLY A 140 -4.62 -1.45 -6.70
N GLN A 141 -3.69 -1.87 -5.85
CA GLN A 141 -3.45 -1.18 -4.59
C GLN A 141 -1.96 -1.01 -4.36
N MET A 142 -1.64 -0.24 -3.33
CA MET A 142 -0.25 0.02 -2.99
C MET A 142 0.05 -0.41 -1.54
N VAL A 143 1.26 -0.91 -1.35
CA VAL A 143 1.68 -1.35 -0.04
C VAL A 143 2.83 -0.46 0.46
N HIS A 144 3.25 -0.72 1.69
CA HIS A 144 4.33 0.04 2.29
C HIS A 144 5.64 -0.25 1.53
N GLN A 145 6.13 0.79 0.87
CA GLN A 145 7.36 0.66 0.11
C GLN A 145 8.55 1.18 0.93
N ALA A 146 9.58 0.35 1.00
CA ALA A 146 10.77 0.71 1.76
C ALA A 146 11.57 1.75 0.96
N ILE A 147 12.53 2.36 1.65
CA ILE A 147 13.37 3.36 1.02
C ILE A 147 14.68 2.73 0.56
N SER A 148 15.17 3.19 -0.57
CA SER A 148 16.40 2.67 -1.14
C SER A 148 17.60 3.41 -0.52
N PRO A 149 18.78 2.75 -0.63
CA PRO A 149 20.01 3.33 -0.09
C PRO A 149 20.52 4.45 -0.99
N ARG A 150 20.10 4.40 -2.25
CA ARG A 150 20.51 5.41 -3.22
C ARG A 150 19.95 6.78 -2.82
N THR A 151 18.73 6.75 -2.30
CA THR A 151 18.08 7.98 -1.88
C THR A 151 18.77 8.57 -0.66
N LEU A 152 19.27 7.68 0.19
CA LEU A 152 19.97 8.08 1.40
C LEU A 152 21.29 8.75 1.02
N ASN A 153 21.96 8.15 0.03
CA ASN A 153 23.23 8.66 -0.42
C ASN A 153 23.01 9.98 -1.16
N ALA A 154 21.89 10.05 -1.86
CA ALA A 154 21.55 11.25 -2.62
C ALA A 154 21.26 12.39 -1.64
N TRP A 155 20.42 12.10 -0.65
CA TRP A 155 20.06 13.09 0.34
C TRP A 155 21.33 13.48 1.10
N VAL A 156 22.07 12.47 1.52
CA VAL A 156 23.30 12.70 2.25
C VAL A 156 24.17 13.69 1.48
N LYS A 157 24.23 13.49 0.17
CA LYS A 157 25.02 14.36 -0.69
C LYS A 157 24.48 15.79 -0.59
N VAL A 158 23.17 15.88 -0.38
CA VAL A 158 22.52 17.17 -0.27
C VAL A 158 22.84 17.78 1.09
N VAL A 159 22.82 16.93 2.11
CA VAL A 159 23.10 17.36 3.46
C VAL A 159 24.55 17.85 3.54
N GLU A 160 25.42 17.13 2.85
CA GLU A 160 26.83 17.48 2.84
C GLU A 160 27.08 18.66 1.89
N GLU A 161 26.26 18.74 0.86
CA GLU A 161 26.38 19.81 -0.11
C GLU A 161 25.55 21.02 0.33
N LYS A 162 24.95 20.90 1.50
CA LYS A 162 24.14 21.97 2.04
C LYS A 162 23.98 21.77 3.56
N ALA A 163 23.18 20.77 3.90
CA ALA A 163 22.92 20.47 5.30
C ALA A 163 21.78 21.34 5.81
N PHE A 164 21.88 22.63 5.52
CA PHE A 164 20.87 23.58 5.95
C PHE A 164 20.87 24.82 5.04
N SER A 165 19.73 25.07 4.43
CA SER A 165 19.57 26.21 3.55
C SER A 165 18.13 26.30 3.04
N PRO A 166 17.84 27.44 2.38
CA PRO A 166 16.50 27.66 1.83
C PRO A 166 16.27 26.83 0.57
N GLU A 167 17.39 26.40 -0.03
CA GLU A 167 17.32 25.60 -1.22
C GLU A 167 17.36 24.10 -0.88
N VAL A 168 17.41 23.83 0.41
CA VAL A 168 17.45 22.46 0.90
C VAL A 168 16.08 22.09 1.45
N ILE A 169 15.43 23.08 2.05
CA ILE A 169 14.12 22.87 2.64
C ILE A 169 13.19 22.26 1.58
N PRO A 170 13.25 22.84 0.36
CA PRO A 170 12.42 22.38 -0.74
C PRO A 170 12.96 21.07 -1.31
N MET A 171 14.28 20.95 -1.31
CA MET A 171 14.93 19.76 -1.82
C MET A 171 14.54 18.53 -1.00
N PHE A 172 14.44 18.74 0.31
CA PHE A 172 14.08 17.66 1.21
C PHE A 172 12.68 17.14 0.91
N SER A 173 11.76 18.07 0.69
CA SER A 173 10.39 17.72 0.39
C SER A 173 10.33 16.84 -0.86
N ALA A 174 11.19 17.17 -1.81
CA ALA A 174 11.25 16.41 -3.05
C ALA A 174 11.59 14.96 -2.75
N LEU A 175 12.58 14.79 -1.89
CA LEU A 175 13.01 13.45 -1.50
C LEU A 175 12.02 12.87 -0.49
N SER A 176 11.15 13.74 -0.01
CA SER A 176 10.15 13.33 0.96
C SER A 176 8.79 13.17 0.27
N GLU A 177 8.83 13.15 -1.05
CA GLU A 177 7.61 13.00 -1.83
C GLU A 177 6.70 11.94 -1.22
N GLY A 178 5.70 12.42 -0.49
CA GLY A 178 4.76 11.53 0.16
C GLY A 178 5.46 10.27 0.68
N ALA A 179 6.27 10.46 1.71
CA ALA A 179 7.00 9.36 2.31
C ALA A 179 6.32 8.95 3.63
N THR A 180 6.93 7.99 4.30
CA THR A 180 6.40 7.50 5.56
C THR A 180 7.32 7.92 6.71
N PRO A 181 6.99 7.40 7.92
CA PRO A 181 7.77 7.70 9.11
C PRO A 181 9.10 6.96 9.10
N GLN A 182 9.04 5.70 8.70
CA GLN A 182 10.23 4.87 8.65
C GLN A 182 11.15 5.33 7.51
N ASP A 183 10.53 5.62 6.37
CA ASP A 183 11.29 6.07 5.21
C ASP A 183 11.94 7.42 5.53
N LEU A 184 11.14 8.32 6.06
CA LEU A 184 11.63 9.64 6.42
C LEU A 184 12.67 9.51 7.53
N ASN A 185 12.38 8.64 8.48
CA ASN A 185 13.28 8.41 9.59
C ASN A 185 14.65 7.98 9.06
N THR A 186 14.60 7.17 8.00
CA THR A 186 15.83 6.67 7.40
C THR A 186 16.67 7.84 6.89
N MET A 187 16.01 8.75 6.19
CA MET A 187 16.69 9.91 5.63
C MET A 187 17.19 10.84 6.75
N LEU A 188 16.33 11.07 7.72
CA LEU A 188 16.67 11.93 8.84
C LEU A 188 17.72 11.22 9.71
N ASN A 189 17.93 9.95 9.41
CA ASN A 189 18.91 9.16 10.15
C ASN A 189 20.28 9.31 9.50
N THR A 190 20.26 9.54 8.20
CA THR A 190 21.50 9.70 7.44
C THR A 190 21.87 11.18 7.36
N VAL A 191 20.97 12.02 7.86
CA VAL A 191 21.20 13.46 7.84
C VAL A 191 22.56 13.77 8.47
N GLY A 192 22.84 15.05 8.60
CA GLY A 192 24.09 15.49 9.18
C GLY A 192 24.10 17.00 9.40
N GLY A 193 23.08 17.47 10.11
CA GLY A 193 22.94 18.89 10.39
C GLY A 193 23.28 19.18 11.86
N HIS A 194 24.10 18.32 12.44
CA HIS A 194 24.50 18.47 13.83
C HIS A 194 23.39 17.95 14.74
N GLN A 195 23.81 17.47 15.91
CA GLN A 195 22.86 16.94 16.87
C GLN A 195 22.01 18.07 17.47
N ALA A 196 22.68 19.19 17.69
CA ALA A 196 22.01 20.35 18.26
C ALA A 196 20.81 20.73 17.39
N ALA A 197 21.07 20.82 16.10
CA ALA A 197 20.03 21.17 15.14
C ALA A 197 18.91 20.14 15.22
N MET A 198 19.30 18.88 15.16
CA MET A 198 18.33 17.79 15.23
C MET A 198 17.52 17.86 16.51
N GLN A 199 18.18 18.33 17.57
CA GLN A 199 17.53 18.44 18.86
C GLN A 199 16.32 19.38 18.76
N MET A 200 16.57 20.57 18.22
CA MET A 200 15.53 21.56 18.07
C MET A 200 14.48 21.09 17.05
N LEU A 201 14.94 20.29 16.10
CA LEU A 201 14.06 19.77 15.06
C LEU A 201 12.98 18.91 15.71
N LYS A 202 13.40 18.10 16.66
CA LYS A 202 12.49 17.21 17.36
C LYS A 202 11.54 18.05 18.23
N GLU A 203 12.06 19.19 18.67
CA GLU A 203 11.27 20.08 19.50
C GLU A 203 10.10 20.66 18.71
N THR A 204 10.41 21.12 17.50
CA THR A 204 9.40 21.69 16.64
C THR A 204 8.46 20.60 16.11
N ILE A 205 9.07 19.55 15.60
CA ILE A 205 8.31 18.43 15.06
C ILE A 205 7.40 17.87 16.15
N ASN A 206 8.02 17.50 17.27
CA ASN A 206 7.26 16.94 18.39
C ASN A 206 6.20 17.96 18.83
N GLU A 207 6.57 19.22 18.78
CA GLU A 207 5.66 20.29 19.17
C GLU A 207 4.49 20.37 18.19
N GLU A 208 4.76 19.99 16.95
CA GLU A 208 3.74 20.01 15.92
C GLU A 208 2.61 19.05 16.27
N ALA A 209 2.99 17.86 16.72
CA ALA A 209 2.02 16.85 17.10
C ALA A 209 1.22 17.34 18.31
N ALA A 210 1.95 17.88 19.27
CA ALA A 210 1.33 18.39 20.48
C ALA A 210 0.23 19.39 20.10
N GLU A 211 0.57 20.28 19.19
CA GLU A 211 -0.37 21.29 18.74
C GLU A 211 -1.58 20.64 18.09
N TRP A 212 -1.33 19.50 17.45
CA TRP A 212 -2.40 18.76 16.78
C TRP A 212 -3.46 18.44 17.83
N ASP A 213 -3.08 17.59 18.78
CA ASP A 213 -3.99 17.19 19.83
C ASP A 213 -4.48 18.43 20.59
N ARG A 214 -3.59 19.41 20.66
CA ARG A 214 -3.92 20.66 21.34
C ARG A 214 -5.15 21.30 20.72
N LEU A 215 -5.26 21.16 19.40
CA LEU A 215 -6.38 21.72 18.67
C LEU A 215 -7.32 20.59 18.25
N HIS A 216 -6.90 19.37 18.54
CA HIS A 216 -7.69 18.20 18.20
C HIS A 216 -8.23 17.56 19.48
N PRO A 217 -9.52 17.88 19.79
CA PRO A 217 -10.16 17.34 20.96
C PRO A 217 -10.55 15.87 20.76
N VAL A 218 -9.54 15.07 20.41
CA VAL A 218 -9.76 13.66 20.18
C VAL A 218 -10.17 12.98 21.49
N HIS A 219 -11.47 13.00 21.75
CA HIS A 219 -12.00 12.40 22.96
C HIS A 219 -13.38 11.79 22.67
N ALA A 220 -13.70 10.75 23.42
CA ALA A 220 -14.97 10.06 23.25
C ALA A 220 -15.09 9.53 21.83
N GLY A 221 -16.03 8.63 21.63
CA GLY A 221 -16.25 8.04 20.33
C GLY A 221 -15.65 6.63 20.25
N PRO A 222 -16.43 5.71 19.61
CA PRO A 222 -15.98 4.34 19.46
C PRO A 222 -14.89 4.22 18.41
N ILE A 223 -13.71 3.85 18.86
CA ILE A 223 -12.58 3.69 17.96
C ILE A 223 -12.83 2.51 17.02
N ALA A 224 -12.59 2.75 15.75
CA ALA A 224 -12.78 1.72 14.74
C ALA A 224 -11.76 0.60 14.95
N PRO A 225 -12.08 -0.58 14.39
CA PRO A 225 -11.20 -1.73 14.50
C PRO A 225 -9.98 -1.59 13.58
N GLY A 226 -8.85 -1.32 14.20
CA GLY A 226 -7.60 -1.16 13.46
C GLY A 226 -7.31 0.32 13.20
N GLN A 227 -8.37 1.12 13.27
CA GLN A 227 -8.23 2.55 13.05
C GLN A 227 -7.20 3.14 14.00
N MET A 228 -6.62 4.26 13.58
CA MET A 228 -5.60 4.92 14.38
C MET A 228 -6.24 6.03 15.24
N ARG A 229 -7.40 5.72 15.78
CA ARG A 229 -8.11 6.67 16.62
C ARG A 229 -7.74 8.10 16.23
N GLU A 230 -7.84 8.37 14.94
CA GLU A 230 -7.51 9.70 14.43
C GLU A 230 -6.01 9.82 14.19
N PRO A 231 -5.64 10.29 12.97
CA PRO A 231 -4.25 10.45 12.61
C PRO A 231 -3.66 11.69 13.28
N ARG A 232 -3.42 11.56 14.58
CA ARG A 232 -2.86 12.64 15.36
C ARG A 232 -1.32 12.62 15.28
N GLY A 233 -0.73 13.79 15.40
CA GLY A 233 0.72 13.92 15.35
C GLY A 233 1.40 12.70 15.98
N SER A 234 0.81 12.24 17.07
CA SER A 234 1.34 11.08 17.78
C SER A 234 1.24 9.84 16.90
N ASP A 235 0.05 9.59 16.41
CA ASP A 235 -0.20 8.44 15.55
C ASP A 235 0.70 8.55 14.32
N ILE A 236 0.68 9.72 13.71
CA ILE A 236 1.48 9.97 12.52
C ILE A 236 2.95 9.76 12.85
N ALA A 237 3.25 9.77 14.14
CA ALA A 237 4.61 9.58 14.58
C ALA A 237 4.96 8.08 14.54
N GLY A 238 3.92 7.26 14.57
CA GLY A 238 4.11 5.83 14.53
C GLY A 238 4.08 5.23 15.94
N THR A 239 3.52 5.99 16.87
CA THR A 239 3.42 5.56 18.24
C THR A 239 2.11 4.80 18.47
N THR A 240 1.06 5.29 17.84
CA THR A 240 -0.25 4.67 17.96
C THR A 240 -0.61 3.91 16.67
N SER A 241 0.31 3.99 15.71
CA SER A 241 0.10 3.32 14.44
C SER A 241 1.43 2.78 13.91
N THR A 242 1.33 1.67 13.18
CA THR A 242 2.52 1.05 12.62
C THR A 242 2.79 1.60 11.21
N LEU A 243 3.82 1.05 10.59
CA LEU A 243 4.19 1.47 9.24
C LEU A 243 3.11 1.02 8.25
N GLN A 244 2.90 -0.29 8.22
CA GLN A 244 1.91 -0.87 7.32
C GLN A 244 0.60 -0.09 7.43
N GLU A 245 0.11 0.02 8.65
CA GLU A 245 -1.14 0.71 8.91
C GLU A 245 -1.01 2.19 8.49
N GLN A 246 0.21 2.70 8.63
CA GLN A 246 0.48 4.09 8.29
C GLN A 246 0.29 4.30 6.78
N ILE A 247 1.20 3.70 6.01
CA ILE A 247 1.15 3.81 4.57
C ILE A 247 -0.31 3.71 4.10
N GLY A 248 -1.05 2.83 4.77
CA GLY A 248 -2.45 2.62 4.43
C GLY A 248 -3.25 3.91 4.64
N TRP A 249 -3.01 4.54 5.78
CA TRP A 249 -3.71 5.78 6.11
C TRP A 249 -3.41 6.79 5.01
N MET A 250 -2.16 6.79 4.56
CA MET A 250 -1.75 7.71 3.51
C MET A 250 -2.57 7.51 2.25
N THR A 251 -2.99 6.27 2.04
CA THR A 251 -3.79 5.94 0.87
C THR A 251 -5.17 5.42 1.30
N HIS A 252 -5.56 5.80 2.51
CA HIS A 252 -6.84 5.38 3.05
C HIS A 252 -7.94 6.31 2.52
N ASN A 253 -9.18 5.92 2.78
CA ASN A 253 -10.32 6.69 2.34
C ASN A 253 -11.15 7.12 3.56
N PRO A 254 -11.13 8.45 3.84
CA PRO A 254 -10.37 9.37 3.02
C PRO A 254 -8.87 9.25 3.31
N PRO A 255 -8.05 9.72 2.32
CA PRO A 255 -6.61 9.67 2.47
C PRO A 255 -6.11 10.74 3.43
N ILE A 256 -5.47 10.28 4.50
CA ILE A 256 -4.94 11.20 5.50
C ILE A 256 -3.48 11.51 5.17
N PRO A 257 -3.15 12.82 5.27
CA PRO A 257 -1.79 13.28 4.99
C PRO A 257 -0.85 12.92 6.14
N VAL A 258 -0.82 11.64 6.47
CA VAL A 258 0.03 11.16 7.54
C VAL A 258 1.49 11.49 7.23
N GLY A 259 1.97 10.92 6.13
CA GLY A 259 3.34 11.16 5.70
C GLY A 259 3.58 12.64 5.40
N GLU A 260 2.60 13.22 4.75
CA GLU A 260 2.69 14.64 4.39
C GLU A 260 2.74 15.50 5.64
N ILE A 261 2.07 15.02 6.69
CA ILE A 261 2.04 15.73 7.95
C ILE A 261 3.41 15.65 8.62
N TYR A 262 3.95 14.44 8.62
CA TYR A 262 5.26 14.21 9.23
C TYR A 262 6.35 15.00 8.50
N LYS A 263 6.41 14.78 7.19
CA LYS A 263 7.40 15.47 6.37
C LYS A 263 7.27 16.98 6.56
N ARG A 264 6.03 17.40 6.82
CA ARG A 264 5.76 18.81 7.03
C ARG A 264 6.43 19.30 8.32
N TRP A 265 6.46 18.42 9.30
CA TRP A 265 7.06 18.74 10.58
C TRP A 265 8.55 19.03 10.34
N ILE A 266 9.17 18.15 9.57
CA ILE A 266 10.58 18.30 9.26
C ILE A 266 10.82 19.67 8.62
N ILE A 267 9.98 19.99 7.65
CA ILE A 267 10.09 21.25 6.95
C ILE A 267 9.90 22.40 7.95
N LEU A 268 9.06 22.16 8.93
CA LEU A 268 8.79 23.15 9.95
C LEU A 268 10.09 23.46 10.70
N GLY A 269 10.69 22.41 11.23
CA GLY A 269 11.93 22.56 11.97
C GLY A 269 13.04 23.12 11.09
N LEU A 270 13.36 22.37 10.05
CA LEU A 270 14.40 22.77 9.12
C LEU A 270 14.23 24.26 8.80
N ASN A 271 12.99 24.70 8.81
CA ASN A 271 12.68 26.09 8.53
C ASN A 271 13.30 26.98 9.60
N LYS A 272 13.09 26.58 10.85
CA LYS A 272 13.62 27.32 11.98
C LYS A 272 15.15 27.18 12.00
N ILE A 273 15.60 25.98 11.66
CA ILE A 273 17.03 25.70 11.64
C ILE A 273 17.71 26.62 10.63
N VAL A 274 17.10 26.73 9.46
CA VAL A 274 17.64 27.57 8.41
C VAL A 274 17.50 29.04 8.82
N ARG A 275 16.33 29.38 9.32
CA ARG A 275 16.07 30.74 9.76
C ARG A 275 16.98 31.11 10.94
N MET A 276 17.56 30.08 11.54
CA MET A 276 18.44 30.28 12.67
C MET A 276 19.91 30.30 12.23
N TYR A 277 20.20 29.45 11.25
CA TYR A 277 21.56 29.37 10.73
C TYR A 277 21.71 30.21 9.47
N SER A 278 20.75 31.10 9.27
CA SER A 278 20.76 31.97 8.10
C SER A 278 21.76 33.10 8.31
N PRO A 279 22.34 33.58 7.17
CA PRO A 279 23.30 34.66 7.21
C PRO A 279 22.62 36.00 7.47
N THR A 280 21.94 36.08 8.61
CA THR A 280 21.24 37.29 8.98
C THR A 280 21.06 37.34 10.51
N SER A 281 21.83 38.23 11.12
CA SER A 281 21.77 38.40 12.57
C SER A 281 20.98 39.66 12.91
N ILE A 282 19.66 39.55 12.83
CA ILE A 282 18.80 40.67 13.13
C ILE A 282 17.60 40.18 13.96
N LEU A 283 16.83 41.14 14.44
CA LEU A 283 15.66 40.82 15.25
C LEU A 283 14.73 42.03 15.29
N HIS A 284 13.45 41.75 15.51
CA HIS A 284 12.45 42.81 15.57
C HIS A 284 11.58 42.62 16.81
N HIS A 285 11.80 43.49 17.78
CA HIS A 285 11.04 43.44 19.02
C HIS A 285 9.74 44.22 18.87
N HIS A 286 8.63 43.52 19.02
CA HIS A 286 7.32 44.14 18.91
C HIS A 286 6.29 43.31 19.65
N HIS A 287 5.57 43.96 20.55
CA HIS A 287 4.55 43.29 21.34
C HIS A 287 3.67 44.33 22.03
N HIS A 288 2.52 43.87 22.50
CA HIS A 288 1.58 44.75 23.17
C HIS A 288 1.16 44.12 24.51
N HIS A 289 0.42 44.91 25.29
CA HIS A 289 -0.04 44.44 26.58
C HIS A 289 1.16 44.13 27.48
N GLY A 2 29.73 56.69 -72.52
CA GLY A 2 29.89 57.88 -73.35
C GLY A 2 28.63 58.12 -74.20
N ALA A 3 27.73 58.94 -73.65
CA ALA A 3 26.50 59.26 -74.34
C ALA A 3 25.66 57.99 -74.49
N ARG A 4 25.28 57.43 -73.35
CA ARG A 4 24.48 56.22 -73.35
C ARG A 4 24.25 55.74 -71.91
N ALA A 5 25.35 55.53 -71.21
CA ALA A 5 25.28 55.07 -69.83
C ALA A 5 25.97 56.09 -68.92
N SER A 6 25.17 56.93 -68.29
CA SER A 6 25.69 57.94 -67.39
C SER A 6 24.77 58.11 -66.18
N VAL A 7 25.15 59.02 -65.30
CA VAL A 7 24.37 59.27 -64.10
C VAL A 7 22.99 59.79 -64.50
N LEU A 8 22.99 60.78 -65.39
CA LEU A 8 21.74 61.36 -65.85
C LEU A 8 21.47 60.91 -67.29
N SER A 9 20.20 60.92 -67.65
CA SER A 9 19.80 60.52 -68.98
C SER A 9 19.88 61.70 -69.95
N GLY A 10 19.54 61.42 -71.19
CA GLY A 10 19.58 62.46 -72.22
C GLY A 10 18.66 63.63 -71.85
N GLY A 11 17.39 63.30 -71.66
CA GLY A 11 16.41 64.31 -71.30
C GLY A 11 16.52 64.70 -69.83
N GLU A 12 16.75 63.68 -69.00
CA GLU A 12 16.88 63.91 -67.56
C GLU A 12 18.04 64.87 -67.29
N LEU A 13 19.11 64.69 -68.03
CA LEU A 13 20.29 65.53 -67.88
C LEU A 13 19.95 66.95 -68.33
N ASP A 14 19.23 67.04 -69.44
CA ASP A 14 18.84 68.32 -69.99
C ASP A 14 18.09 69.12 -68.92
N LYS A 15 17.38 68.39 -68.07
CA LYS A 15 16.62 69.01 -67.00
C LYS A 15 17.57 69.42 -65.87
N TRP A 16 18.48 68.51 -65.55
CA TRP A 16 19.44 68.76 -64.49
C TRP A 16 20.20 70.04 -64.85
N GLU A 17 20.91 69.98 -65.96
CA GLU A 17 21.69 71.13 -66.41
C GLU A 17 20.82 72.38 -66.42
N LYS A 18 19.55 72.18 -66.71
CA LYS A 18 18.60 73.28 -66.75
C LYS A 18 18.64 74.04 -65.43
N ILE A 19 18.62 73.28 -64.35
CA ILE A 19 18.65 73.87 -63.02
C ILE A 19 19.92 74.71 -62.87
N ARG A 20 19.79 75.79 -62.11
CA ARG A 20 20.92 76.68 -61.88
C ARG A 20 21.27 76.73 -60.40
N LEU A 21 22.50 77.15 -60.13
CA LEU A 21 22.98 77.23 -58.76
C LEU A 21 23.21 78.70 -58.40
N ARG A 22 23.99 78.90 -57.34
CA ARG A 22 24.30 80.24 -56.89
C ARG A 22 25.29 80.19 -55.72
N PRO A 23 24.86 79.49 -54.64
CA PRO A 23 25.68 79.35 -53.45
C PRO A 23 26.82 78.36 -53.69
N GLY A 24 28.04 78.84 -53.49
CA GLY A 24 29.22 78.00 -53.68
C GLY A 24 29.41 77.66 -55.16
N GLY A 25 28.56 78.24 -55.98
CA GLY A 25 28.63 78.00 -57.42
C GLY A 25 28.59 79.32 -58.19
N LYS A 26 27.38 79.78 -58.45
CA LYS A 26 27.19 81.03 -59.19
C LYS A 26 27.18 80.73 -60.69
N LYS A 27 26.52 79.64 -61.03
CA LYS A 27 26.42 79.24 -62.42
C LYS A 27 25.28 78.23 -62.58
N GLN A 28 25.51 77.26 -63.45
CA GLN A 28 24.52 76.23 -63.70
C GLN A 28 25.04 74.86 -63.26
N TYR A 29 24.17 73.87 -63.33
CA TYR A 29 24.54 72.52 -62.94
C TYR A 29 25.05 71.73 -64.15
N LYS A 30 26.01 70.85 -63.87
CA LYS A 30 26.60 70.04 -64.92
C LYS A 30 26.89 68.64 -64.35
N LEU A 31 27.30 67.75 -65.25
CA LEU A 31 27.62 66.39 -64.86
C LEU A 31 28.80 66.41 -63.88
N LYS A 32 29.63 67.43 -64.02
CA LYS A 32 30.79 67.58 -63.15
C LYS A 32 30.33 67.72 -61.71
N HIS A 33 29.32 68.56 -61.52
CA HIS A 33 28.78 68.80 -60.18
C HIS A 33 28.18 67.50 -59.64
N ILE A 34 27.59 66.74 -60.55
CA ILE A 34 26.97 65.47 -60.18
C ILE A 34 28.04 64.52 -59.64
N VAL A 35 29.12 64.41 -60.39
CA VAL A 35 30.22 63.54 -59.99
C VAL A 35 30.62 63.86 -58.55
N TRP A 36 30.67 65.15 -58.25
CA TRP A 36 31.04 65.59 -56.92
C TRP A 36 29.98 65.07 -55.95
N ALA A 37 28.72 65.15 -56.38
CA ALA A 37 27.61 64.70 -55.56
C ALA A 37 27.80 63.21 -55.24
N SER A 38 28.00 62.44 -56.29
CA SER A 38 28.19 61.00 -56.14
C SER A 38 29.42 60.73 -55.27
N ARG A 39 30.43 61.56 -55.44
CA ARG A 39 31.66 61.43 -54.68
C ARG A 39 31.38 61.57 -53.19
N GLU A 40 30.50 62.52 -52.88
CA GLU A 40 30.14 62.77 -51.48
C GLU A 40 29.46 61.54 -50.88
N LEU A 41 28.71 60.85 -51.73
CA LEU A 41 28.00 59.66 -51.29
C LEU A 41 29.01 58.55 -50.98
N GLU A 42 30.12 58.58 -51.71
CA GLU A 42 31.16 57.59 -51.53
C GLU A 42 31.80 57.75 -50.14
N ARG A 43 32.03 59.00 -49.77
CA ARG A 43 32.63 59.30 -48.48
C ARG A 43 31.61 59.09 -47.36
N PHE A 44 30.34 59.09 -47.75
CA PHE A 44 29.26 58.92 -46.79
C PHE A 44 29.07 57.44 -46.46
N ALA A 45 29.84 56.60 -47.14
CA ALA A 45 29.77 55.17 -46.93
C ALA A 45 28.45 54.64 -47.48
N VAL A 46 28.01 55.24 -48.57
CA VAL A 46 26.78 54.83 -49.21
C VAL A 46 27.05 54.50 -50.68
N ASN A 47 26.24 53.58 -51.20
CA ASN A 47 26.38 53.16 -52.58
C ASN A 47 26.09 54.34 -53.51
N PRO A 48 27.03 54.58 -54.45
CA PRO A 48 26.88 55.67 -55.40
C PRO A 48 25.84 55.32 -56.47
N GLY A 49 25.57 54.03 -56.60
CA GLY A 49 24.60 53.56 -57.57
C GLY A 49 23.19 54.03 -57.21
N LEU A 50 23.06 54.55 -56.00
CA LEU A 50 21.78 55.03 -55.52
C LEU A 50 21.43 56.34 -56.24
N LEU A 51 22.47 57.09 -56.56
CA LEU A 51 22.29 58.36 -57.25
C LEU A 51 21.89 58.10 -58.71
N GLU A 52 22.21 56.89 -59.16
CA GLU A 52 21.91 56.50 -60.53
C GLU A 52 20.40 56.32 -60.69
N THR A 53 19.73 56.10 -59.57
CA THR A 53 18.28 55.91 -59.58
C THR A 53 17.61 56.89 -58.61
N SER A 54 16.36 57.19 -58.91
CA SER A 54 15.59 58.10 -58.08
C SER A 54 15.28 57.46 -56.74
N GLU A 55 15.18 56.13 -56.75
CA GLU A 55 14.89 55.39 -55.54
C GLU A 55 16.09 55.43 -54.59
N GLY A 56 17.28 55.35 -55.18
CA GLY A 56 18.50 55.39 -54.40
C GLY A 56 18.74 56.78 -53.82
N CYS A 57 18.52 57.79 -54.66
CA CYS A 57 18.72 59.16 -54.25
C CYS A 57 17.67 59.50 -53.18
N ARG A 58 16.49 58.93 -53.37
CA ARG A 58 15.40 59.16 -52.43
C ARG A 58 15.80 58.70 -51.03
N GLN A 59 16.51 57.59 -50.99
CA GLN A 59 16.96 57.02 -49.73
C GLN A 59 18.01 57.94 -49.08
N ILE A 60 18.80 58.57 -49.94
CA ILE A 60 19.84 59.47 -49.47
C ILE A 60 19.20 60.75 -48.92
N LEU A 61 18.69 61.55 -49.84
CA LEU A 61 18.05 62.80 -49.46
C LEU A 61 17.18 62.57 -48.22
N GLY A 62 16.58 61.39 -48.18
CA GLY A 62 15.72 61.03 -47.06
C GLY A 62 16.50 61.02 -45.76
N GLN A 63 17.65 60.33 -45.80
CA GLN A 63 18.49 60.24 -44.62
C GLN A 63 19.60 61.29 -44.66
N LEU A 64 19.33 62.34 -45.44
CA LEU A 64 20.28 63.42 -45.57
C LEU A 64 19.74 64.66 -44.86
N GLN A 65 18.42 64.72 -44.77
CA GLN A 65 17.77 65.85 -44.12
C GLN A 65 18.34 66.06 -42.71
N PRO A 66 18.49 64.92 -41.97
CA PRO A 66 19.02 64.97 -40.63
C PRO A 66 20.53 65.20 -40.63
N SER A 67 21.19 64.54 -41.57
CA SER A 67 22.63 64.65 -41.70
C SER A 67 23.00 66.06 -42.19
N LEU A 68 21.98 66.78 -42.62
CA LEU A 68 22.17 68.14 -43.11
C LEU A 68 22.51 69.06 -41.94
N GLN A 69 21.77 68.88 -40.85
CA GLN A 69 21.98 69.68 -39.67
C GLN A 69 23.25 69.24 -38.93
N THR A 70 23.81 68.14 -39.43
CA THR A 70 25.02 67.59 -38.83
C THR A 70 26.15 67.57 -39.86
N GLY A 71 25.80 67.93 -41.09
CA GLY A 71 26.77 67.94 -42.17
C GLY A 71 27.62 69.22 -42.13
N SER A 72 27.22 70.17 -42.97
CA SER A 72 27.92 71.44 -43.04
C SER A 72 27.46 72.23 -44.26
N GLU A 73 28.09 73.37 -44.46
CA GLU A 73 27.76 74.22 -45.60
C GLU A 73 28.02 73.49 -46.91
N GLU A 74 29.13 72.76 -46.94
CA GLU A 74 29.51 72.01 -48.13
C GLU A 74 28.58 70.81 -48.31
N LEU A 75 28.38 70.09 -47.21
CA LEU A 75 27.51 68.92 -47.23
C LEU A 75 26.09 69.34 -47.63
N ARG A 76 25.72 70.54 -47.20
CA ARG A 76 24.40 71.06 -47.50
C ARG A 76 24.22 71.21 -49.02
N SER A 77 25.27 71.69 -49.67
CA SER A 77 25.24 71.87 -51.11
C SER A 77 25.07 70.53 -51.81
N LEU A 78 25.60 69.49 -51.17
CA LEU A 78 25.53 68.16 -51.71
C LEU A 78 24.06 67.71 -51.74
N TYR A 79 23.38 67.93 -50.62
CA TYR A 79 21.99 67.55 -50.49
C TYR A 79 21.14 68.25 -51.56
N ASN A 80 21.41 69.54 -51.73
CA ASN A 80 20.69 70.34 -52.71
C ASN A 80 20.86 69.71 -54.09
N THR A 81 22.02 69.09 -54.30
CA THR A 81 22.31 68.45 -55.57
C THR A 81 21.35 67.28 -55.81
N ILE A 82 21.23 66.44 -54.78
CA ILE A 82 20.36 65.28 -54.86
C ILE A 82 18.90 65.75 -54.92
N ALA A 83 18.62 66.79 -54.16
CA ALA A 83 17.27 67.35 -54.12
C ALA A 83 16.81 67.68 -55.55
N VAL A 84 17.60 68.53 -56.20
CA VAL A 84 17.29 68.94 -57.56
C VAL A 84 17.21 67.70 -58.45
N LEU A 85 18.14 66.78 -58.22
CA LEU A 85 18.19 65.55 -59.00
C LEU A 85 16.85 64.83 -58.88
N TYR A 86 16.27 64.91 -57.69
CA TYR A 86 14.99 64.27 -57.43
C TYR A 86 13.89 64.84 -58.34
N CYS A 87 13.80 66.16 -58.34
CA CYS A 87 12.81 66.84 -59.14
C CYS A 87 13.04 66.46 -60.61
N VAL A 88 14.31 66.29 -60.94
CA VAL A 88 14.68 65.92 -62.30
C VAL A 88 14.12 64.53 -62.62
N HIS A 89 14.18 63.65 -61.63
CA HIS A 89 13.68 62.30 -61.79
C HIS A 89 12.21 62.34 -62.22
N GLN A 90 11.48 63.27 -61.60
CA GLN A 90 10.07 63.42 -61.90
C GLN A 90 9.87 64.54 -62.94
N ARG A 91 10.96 64.96 -63.53
CA ARG A 91 10.93 66.00 -64.53
C ARG A 91 10.03 67.15 -64.06
N ILE A 92 10.17 67.49 -62.80
CA ILE A 92 9.38 68.56 -62.21
C ILE A 92 9.91 69.91 -62.71
N ASP A 93 8.97 70.82 -62.96
CA ASP A 93 9.34 72.14 -63.45
C ASP A 93 10.18 72.85 -62.39
N VAL A 94 11.47 72.95 -62.66
CA VAL A 94 12.38 73.61 -61.74
C VAL A 94 13.21 74.65 -62.51
N LYS A 95 13.99 75.40 -61.75
CA LYS A 95 14.82 76.44 -62.35
C LYS A 95 16.14 76.54 -61.56
N ASP A 96 15.99 76.62 -60.24
CA ASP A 96 17.15 76.72 -59.37
C ASP A 96 17.03 75.67 -58.26
N THR A 97 18.12 75.54 -57.50
CA THR A 97 18.15 74.58 -56.41
C THR A 97 17.07 74.90 -55.39
N LYS A 98 16.98 76.18 -55.05
CA LYS A 98 16.00 76.64 -54.08
C LYS A 98 14.60 76.22 -54.55
N GLU A 99 14.44 76.18 -55.86
CA GLU A 99 13.17 75.81 -56.45
C GLU A 99 12.88 74.32 -56.18
N ALA A 100 13.94 73.53 -56.22
CA ALA A 100 13.82 72.10 -55.99
C ALA A 100 13.50 71.86 -54.51
N LEU A 101 14.15 72.64 -53.67
CA LEU A 101 13.95 72.52 -52.24
C LEU A 101 12.47 72.69 -51.91
N ASP A 102 11.88 73.72 -52.49
CA ASP A 102 10.47 74.01 -52.27
C ASP A 102 9.63 72.97 -53.02
N LYS A 103 10.07 72.67 -54.24
CA LYS A 103 9.36 71.70 -55.07
C LYS A 103 9.39 70.34 -54.38
N ILE A 104 10.61 69.82 -54.21
CA ILE A 104 10.77 68.53 -53.57
C ILE A 104 10.12 68.55 -52.19
N GLU A 105 10.07 69.74 -51.62
CA GLU A 105 9.48 69.92 -50.30
C GLU A 105 8.01 69.47 -50.32
N GLU A 106 7.27 70.06 -51.25
CA GLU A 106 5.87 69.74 -51.38
C GLU A 106 5.67 68.23 -51.59
N GLU A 107 6.39 67.71 -52.57
CA GLU A 107 6.32 66.30 -52.89
C GLU A 107 6.56 65.46 -51.63
N GLN A 108 7.66 65.76 -50.96
CA GLN A 108 8.00 65.05 -49.74
C GLN A 108 6.85 65.10 -48.74
N ASN A 109 6.40 66.33 -48.48
CA ASN A 109 5.30 66.53 -47.54
C ASN A 109 4.12 65.66 -47.95
N LYS A 110 3.85 65.64 -49.25
CA LYS A 110 2.75 64.86 -49.78
C LYS A 110 2.97 63.39 -49.42
N SER A 111 4.12 62.87 -49.83
CA SER A 111 4.47 61.49 -49.56
C SER A 111 4.24 61.16 -48.08
N LYS A 112 4.80 62.02 -47.23
CA LYS A 112 4.67 61.83 -45.80
C LYS A 112 3.19 61.68 -45.44
N LYS A 113 2.41 62.66 -45.88
CA LYS A 113 0.98 62.63 -45.61
C LYS A 113 0.40 61.29 -46.04
N LYS A 114 0.67 60.93 -47.28
CA LYS A 114 0.18 59.67 -47.81
C LYS A 114 0.53 58.54 -46.85
N ALA A 115 1.79 58.50 -46.46
CA ALA A 115 2.26 57.47 -45.54
C ALA A 115 1.38 57.48 -44.29
N GLN A 116 1.28 58.66 -43.68
CA GLN A 116 0.47 58.81 -42.48
C GLN A 116 -0.91 58.21 -42.70
N GLN A 117 -1.53 58.60 -43.80
CA GLN A 117 -2.86 58.12 -44.13
C GLN A 117 -2.89 56.60 -44.12
N ALA A 118 -1.97 56.02 -44.89
CA ALA A 118 -1.87 54.57 -44.97
C ALA A 118 -1.78 53.98 -43.57
N ALA A 119 -0.86 54.55 -42.79
CA ALA A 119 -0.66 54.08 -41.42
C ALA A 119 -2.01 54.04 -40.70
N ALA A 120 -2.87 54.99 -41.05
CA ALA A 120 -4.19 55.06 -40.45
C ALA A 120 -5.10 54.02 -41.09
N ASP A 121 -4.84 53.77 -42.36
CA ASP A 121 -5.63 52.80 -43.11
C ASP A 121 -5.05 51.40 -42.90
N THR A 122 -4.12 51.32 -41.96
CA THR A 122 -3.48 50.05 -41.66
C THR A 122 -3.55 49.77 -40.16
N GLY A 123 -3.15 50.77 -39.38
CA GLY A 123 -3.17 50.65 -37.93
C GLY A 123 -4.56 50.29 -37.43
N ASN A 124 -5.54 51.08 -37.87
CA ASN A 124 -6.91 50.87 -37.46
C ASN A 124 -7.21 49.36 -37.47
N ASN A 125 -7.29 48.81 -36.26
CA ASN A 125 -7.57 47.39 -36.11
C ASN A 125 -7.48 47.01 -34.63
N SER A 126 -7.95 45.81 -34.33
CA SER A 126 -7.93 45.32 -32.96
C SER A 126 -8.47 43.90 -32.91
N GLN A 127 -8.31 43.28 -31.75
CA GLN A 127 -8.78 41.92 -31.55
C GLN A 127 -8.56 41.48 -30.10
N VAL A 128 -9.21 40.39 -29.74
CA VAL A 128 -9.09 39.86 -28.39
C VAL A 128 -8.91 38.34 -28.45
N SER A 129 -8.71 37.74 -27.28
CA SER A 129 -8.51 36.31 -27.20
C SER A 129 -8.54 35.87 -25.73
N GLN A 130 -8.57 34.55 -25.55
CA GLN A 130 -8.60 33.99 -24.21
C GLN A 130 -8.50 32.47 -24.28
N ASN A 131 -8.32 31.87 -23.10
CA ASN A 131 -8.20 30.42 -23.02
C ASN A 131 -8.18 30.01 -21.55
N TYR A 132 -8.33 28.71 -21.32
CA TYR A 132 -8.34 28.17 -19.98
C TYR A 132 -8.25 26.64 -19.99
N PRO A 133 -7.00 26.13 -19.90
CA PRO A 133 -6.77 24.70 -19.90
C PRO A 133 -7.16 24.08 -18.55
N ILE A 134 -6.97 22.77 -18.47
CA ILE A 134 -7.30 22.05 -17.25
C ILE A 134 -6.73 20.63 -17.34
N VAL A 135 -6.32 20.12 -16.19
CA VAL A 135 -5.75 18.78 -16.12
C VAL A 135 -5.53 18.41 -14.65
N GLN A 136 -5.67 17.11 -14.38
CA GLN A 136 -5.50 16.60 -13.04
C GLN A 136 -5.13 15.12 -13.07
N ASN A 137 -4.77 14.60 -11.90
CA ASN A 137 -4.39 13.20 -11.79
C ASN A 137 -4.05 12.89 -10.33
N LEU A 138 -4.48 11.71 -9.90
CA LEU A 138 -4.24 11.29 -8.53
C LEU A 138 -4.75 9.86 -8.34
N GLN A 139 -4.01 9.09 -7.56
CA GLN A 139 -4.38 7.71 -7.30
C GLN A 139 -3.36 7.06 -6.36
N GLY A 140 -3.75 5.92 -5.81
CA GLY A 140 -2.89 5.20 -4.89
C GLY A 140 -3.48 3.82 -4.57
N GLN A 141 -2.58 2.88 -4.30
CA GLN A 141 -2.98 1.53 -3.97
C GLN A 141 -1.76 0.64 -3.74
N MET A 142 -2.03 -0.56 -3.27
CA MET A 142 -0.95 -1.51 -3.00
C MET A 142 -0.01 -0.99 -1.91
N VAL A 143 0.70 -1.91 -1.29
CA VAL A 143 1.63 -1.56 -0.24
C VAL A 143 2.68 -0.59 -0.80
N HIS A 144 3.00 0.42 0.01
CA HIS A 144 3.98 1.41 -0.40
C HIS A 144 5.39 0.84 -0.20
N GLN A 145 6.27 1.19 -1.14
CA GLN A 145 7.64 0.73 -1.08
C GLN A 145 8.46 1.62 -0.13
N ALA A 146 9.43 0.98 0.51
CA ALA A 146 10.29 1.70 1.44
C ALA A 146 11.28 2.58 0.66
N ILE A 147 12.13 3.26 1.40
CA ILE A 147 13.12 4.13 0.80
C ILE A 147 14.38 3.32 0.47
N SER A 148 14.99 3.67 -0.66
CA SER A 148 16.20 2.98 -1.09
C SER A 148 17.42 3.63 -0.44
N PRO A 149 18.54 2.85 -0.42
CA PRO A 149 19.78 3.33 0.17
C PRO A 149 20.46 4.35 -0.74
N ARG A 150 20.12 4.27 -2.02
CA ARG A 150 20.69 5.18 -3.01
C ARG A 150 20.24 6.61 -2.72
N THR A 151 18.99 6.73 -2.30
CA THR A 151 18.42 8.03 -1.99
C THR A 151 19.07 8.62 -0.74
N LEU A 152 19.32 7.74 0.22
CA LEU A 152 19.93 8.15 1.48
C LEU A 152 21.28 8.82 1.19
N ASN A 153 22.02 8.21 0.28
CA ASN A 153 23.33 8.73 -0.10
C ASN A 153 23.14 10.07 -0.83
N ALA A 154 22.02 10.18 -1.52
CA ALA A 154 21.71 11.39 -2.27
C ALA A 154 21.43 12.53 -1.29
N TRP A 155 20.57 12.23 -0.33
CA TRP A 155 20.21 13.22 0.68
C TRP A 155 21.48 13.58 1.46
N VAL A 156 22.21 12.56 1.86
CA VAL A 156 23.44 12.75 2.60
C VAL A 156 24.27 13.84 1.92
N LYS A 157 24.30 13.78 0.60
CA LYS A 157 25.05 14.75 -0.18
C LYS A 157 24.37 16.11 -0.08
N VAL A 158 23.05 16.08 0.01
CA VAL A 158 22.27 17.30 0.11
C VAL A 158 22.57 17.98 1.44
N VAL A 159 22.59 17.18 2.49
CA VAL A 159 22.87 17.69 3.82
C VAL A 159 24.32 18.17 3.89
N GLU A 160 25.21 17.34 3.38
CA GLU A 160 26.63 17.68 3.38
C GLU A 160 26.89 18.85 2.43
N GLU A 161 25.95 19.08 1.54
CA GLU A 161 26.06 20.16 0.58
C GLU A 161 25.53 21.46 1.18
N LYS A 162 24.42 21.34 1.89
CA LYS A 162 23.80 22.49 2.52
C LYS A 162 23.64 22.23 4.02
N ALA A 163 22.91 21.16 4.33
CA ALA A 163 22.67 20.79 5.71
C ALA A 163 21.47 21.57 6.25
N PHE A 164 21.49 22.87 6.00
CA PHE A 164 20.41 23.73 6.45
C PHE A 164 20.37 25.03 5.63
N SER A 165 19.69 24.95 4.50
CA SER A 165 19.56 26.10 3.62
C SER A 165 18.12 26.21 3.11
N PRO A 166 17.84 27.36 2.43
CA PRO A 166 16.51 27.60 1.89
C PRO A 166 16.28 26.77 0.63
N GLU A 167 17.39 26.32 0.05
CA GLU A 167 17.32 25.52 -1.17
C GLU A 167 17.42 24.03 -0.82
N VAL A 168 17.38 23.75 0.47
CA VAL A 168 17.46 22.39 0.95
C VAL A 168 16.12 21.97 1.55
N ILE A 169 15.46 22.94 2.17
CA ILE A 169 14.17 22.69 2.79
C ILE A 169 13.21 22.13 1.75
N PRO A 170 13.19 22.79 0.56
CA PRO A 170 12.32 22.36 -0.52
C PRO A 170 12.87 21.10 -1.19
N MET A 171 14.19 21.05 -1.30
CA MET A 171 14.85 19.90 -1.91
C MET A 171 14.57 18.62 -1.12
N PHE A 172 14.40 18.79 0.18
CA PHE A 172 14.13 17.67 1.05
C PHE A 172 12.74 17.08 0.78
N SER A 173 11.77 17.97 0.64
CA SER A 173 10.40 17.56 0.38
C SER A 173 10.34 16.76 -0.93
N ALA A 174 11.16 17.19 -1.89
CA ALA A 174 11.20 16.53 -3.17
C ALA A 174 11.64 15.07 -2.99
N LEU A 175 12.69 14.91 -2.19
CA LEU A 175 13.22 13.59 -1.92
C LEU A 175 12.31 12.87 -0.91
N SER A 176 11.40 13.64 -0.34
CA SER A 176 10.47 13.10 0.63
C SER A 176 9.07 13.00 0.02
N GLU A 177 9.02 13.13 -1.29
CA GLU A 177 7.75 13.07 -2.01
C GLU A 177 6.84 12.01 -1.38
N GLY A 178 5.81 12.49 -0.69
CA GLY A 178 4.86 11.61 -0.04
C GLY A 178 5.57 10.40 0.57
N ALA A 179 6.31 10.65 1.63
CA ALA A 179 7.04 9.60 2.32
C ALA A 179 6.31 9.23 3.61
N THR A 180 6.91 8.31 4.34
CA THR A 180 6.33 7.86 5.59
C THR A 180 7.24 8.21 6.77
N PRO A 181 6.86 7.70 7.97
CA PRO A 181 7.63 7.97 9.17
C PRO A 181 8.92 7.14 9.19
N GLN A 182 8.79 5.89 8.77
CA GLN A 182 9.92 4.98 8.73
C GLN A 182 10.89 5.40 7.63
N ASP A 183 10.32 5.79 6.49
CA ASP A 183 11.12 6.22 5.36
C ASP A 183 11.81 7.55 5.69
N LEU A 184 11.02 8.48 6.19
CA LEU A 184 11.54 9.79 6.55
C LEU A 184 12.49 9.64 7.74
N ASN A 185 12.18 8.66 8.59
CA ASN A 185 13.00 8.42 9.76
C ASN A 185 14.40 7.98 9.32
N THR A 186 14.45 7.30 8.19
CA THR A 186 15.71 6.83 7.65
C THR A 186 16.55 8.01 7.15
N MET A 187 15.89 8.89 6.41
CA MET A 187 16.56 10.06 5.87
C MET A 187 17.00 11.01 7.00
N LEU A 188 16.10 11.20 7.95
CA LEU A 188 16.38 12.08 9.07
C LEU A 188 17.20 11.32 10.11
N ASN A 189 17.39 10.04 9.84
CA ASN A 189 18.16 9.19 10.74
C ASN A 189 19.65 9.45 10.54
N THR A 190 20.06 9.42 9.29
CA THR A 190 21.46 9.65 8.95
C THR A 190 21.76 11.16 8.96
N VAL A 191 21.02 11.88 8.13
CA VAL A 191 21.20 13.32 8.02
C VAL A 191 22.69 13.65 8.11
N GLY A 192 22.97 14.91 8.42
CA GLY A 192 24.34 15.36 8.55
C GLY A 192 24.40 16.89 8.75
N GLY A 193 23.43 17.39 9.51
CA GLY A 193 23.36 18.80 9.80
C GLY A 193 23.57 19.09 11.29
N HIS A 194 24.27 18.17 11.93
CA HIS A 194 24.54 18.30 13.36
C HIS A 194 23.39 17.68 14.15
N GLN A 195 23.75 17.10 15.29
CA GLN A 195 22.76 16.48 16.16
C GLN A 195 21.87 17.55 16.80
N ALA A 196 22.49 18.67 17.14
CA ALA A 196 21.76 19.77 17.75
C ALA A 196 20.60 20.17 16.86
N ALA A 197 20.91 20.34 15.58
CA ALA A 197 19.90 20.72 14.60
C ALA A 197 18.77 19.68 14.59
N MET A 198 19.19 18.42 14.50
CA MET A 198 18.24 17.32 14.48
C MET A 198 17.36 17.32 15.73
N GLN A 199 18.00 17.67 16.85
CA GLN A 199 17.30 17.73 18.12
C GLN A 199 16.18 18.76 18.07
N MET A 200 16.55 19.98 17.70
CA MET A 200 15.59 21.06 17.61
C MET A 200 14.47 20.72 16.63
N LEU A 201 14.82 19.91 15.64
CA LEU A 201 13.85 19.50 14.63
C LEU A 201 12.74 18.70 15.30
N LYS A 202 13.14 17.81 16.20
CA LYS A 202 12.18 16.98 16.91
C LYS A 202 11.36 17.85 17.85
N GLU A 203 11.98 18.93 18.31
CA GLU A 203 11.31 19.85 19.21
C GLU A 203 10.16 20.56 18.50
N THR A 204 10.44 21.01 17.28
CA THR A 204 9.43 21.70 16.49
C THR A 204 8.38 20.71 15.98
N ILE A 205 8.87 19.62 15.40
CA ILE A 205 7.99 18.59 14.87
C ILE A 205 7.12 18.04 15.99
N ASN A 206 7.79 17.58 17.05
CA ASN A 206 7.09 17.03 18.19
C ASN A 206 6.14 18.08 18.77
N GLU A 207 6.60 19.33 18.72
CA GLU A 207 5.82 20.44 19.23
C GLU A 207 4.55 20.62 18.39
N GLU A 208 4.66 20.26 17.13
CA GLU A 208 3.54 20.37 16.21
C GLU A 208 2.46 19.35 16.55
N ALA A 209 2.90 18.22 17.08
CA ALA A 209 1.99 17.16 17.46
C ALA A 209 1.17 17.62 18.67
N ALA A 210 1.89 18.11 19.68
CA ALA A 210 1.23 18.58 20.89
C ALA A 210 0.18 19.62 20.53
N GLU A 211 0.58 20.57 19.70
CA GLU A 211 -0.31 21.63 19.27
C GLU A 211 -1.43 21.06 18.41
N TRP A 212 -1.06 20.08 17.60
CA TRP A 212 -2.03 19.43 16.72
C TRP A 212 -3.15 18.86 17.58
N ASP A 213 -2.77 17.89 18.41
CA ASP A 213 -3.72 17.24 19.30
C ASP A 213 -4.43 18.30 20.15
N ARG A 214 -3.67 19.34 20.47
CA ARG A 214 -4.20 20.43 21.28
C ARG A 214 -5.37 21.11 20.56
N LEU A 215 -5.31 21.07 19.24
CA LEU A 215 -6.36 21.66 18.43
C LEU A 215 -7.22 20.56 17.81
N HIS A 216 -6.84 19.32 18.10
CA HIS A 216 -7.55 18.18 17.58
C HIS A 216 -8.26 17.45 18.72
N PRO A 217 -9.58 17.78 18.89
CA PRO A 217 -10.37 17.18 19.94
C PRO A 217 -10.75 15.73 19.58
N VAL A 218 -9.73 14.88 19.52
CA VAL A 218 -9.94 13.49 19.18
C VAL A 218 -10.62 12.79 20.35
N HIS A 219 -11.94 12.90 20.38
CA HIS A 219 -12.72 12.29 21.45
C HIS A 219 -14.17 12.12 20.98
N ALA A 220 -14.61 10.87 20.92
CA ALA A 220 -15.97 10.56 20.50
C ALA A 220 -16.30 9.12 20.89
N GLY A 221 -17.58 8.81 20.79
CA GLY A 221 -18.05 7.47 21.13
C GLY A 221 -17.38 6.42 20.25
N PRO A 222 -18.24 5.64 19.54
CA PRO A 222 -17.73 4.59 18.66
C PRO A 222 -17.15 5.19 17.38
N ILE A 223 -15.85 5.44 17.41
CA ILE A 223 -15.17 6.00 16.26
C ILE A 223 -15.42 5.12 15.03
N ALA A 224 -14.96 5.60 13.89
CA ALA A 224 -15.13 4.88 12.65
C ALA A 224 -14.58 3.46 12.81
N PRO A 225 -14.97 2.57 11.87
CA PRO A 225 -14.52 1.19 11.89
C PRO A 225 -13.07 1.08 11.43
N GLY A 226 -12.19 0.82 12.39
CA GLY A 226 -10.78 0.69 12.10
C GLY A 226 -10.05 2.02 12.30
N GLN A 227 -10.82 3.10 12.24
CA GLN A 227 -10.26 4.42 12.42
C GLN A 227 -9.22 4.42 13.56
N MET A 228 -8.09 5.03 13.27
CA MET A 228 -7.02 5.10 14.24
C MET A 228 -7.22 6.29 15.20
N ARG A 229 -8.46 6.42 15.66
CA ARG A 229 -8.79 7.49 16.58
C ARG A 229 -7.96 8.74 16.27
N GLU A 230 -7.94 9.10 15.00
CA GLU A 230 -7.18 10.27 14.56
C GLU A 230 -5.76 10.21 15.13
N PRO A 231 -4.81 9.76 14.26
CA PRO A 231 -3.42 9.65 14.65
C PRO A 231 -2.76 11.04 14.71
N ARG A 232 -2.12 11.31 15.83
CA ARG A 232 -1.45 12.59 16.02
C ARG A 232 -0.03 12.53 15.44
N GLY A 233 0.87 13.27 16.08
CA GLY A 233 2.25 13.31 15.64
C GLY A 233 2.97 11.99 15.95
N SER A 234 2.63 11.43 17.11
CA SER A 234 3.23 10.18 17.53
C SER A 234 2.92 9.08 16.50
N ASP A 235 1.66 9.03 16.11
CA ASP A 235 1.22 8.04 15.14
C ASP A 235 1.72 8.43 13.75
N ILE A 236 1.51 9.69 13.41
CA ILE A 236 1.94 10.20 12.12
C ILE A 236 3.46 10.08 12.01
N ALA A 237 4.09 9.85 13.15
CA ALA A 237 5.54 9.71 13.19
C ALA A 237 5.90 8.22 13.15
N GLY A 238 4.87 7.39 13.10
CA GLY A 238 5.08 5.95 13.06
C GLY A 238 5.58 5.42 14.40
N THR A 239 5.35 6.23 15.43
CA THR A 239 5.77 5.86 16.77
C THR A 239 4.66 5.10 17.49
N THR A 240 3.43 5.52 17.24
CA THR A 240 2.27 4.90 17.85
C THR A 240 1.57 3.99 16.84
N SER A 241 2.13 3.94 15.64
CA SER A 241 1.57 3.11 14.59
C SER A 241 2.69 2.45 13.79
N THR A 242 2.35 1.33 13.17
CA THR A 242 3.31 0.58 12.38
C THR A 242 3.48 1.23 11.00
N LEU A 243 4.40 0.67 10.23
CA LEU A 243 4.65 1.18 8.89
C LEU A 243 3.40 1.03 8.04
N GLN A 244 2.96 -0.21 7.91
CA GLN A 244 1.77 -0.50 7.12
C GLN A 244 0.57 0.27 7.68
N GLU A 245 0.69 0.67 8.94
CA GLU A 245 -0.38 1.39 9.59
C GLU A 245 -0.48 2.81 9.02
N GLN A 246 0.67 3.46 8.94
CA GLN A 246 0.72 4.82 8.41
C GLN A 246 0.44 4.82 6.91
N ILE A 247 1.24 4.04 6.18
CA ILE A 247 1.08 3.93 4.75
C ILE A 247 -0.38 3.63 4.42
N GLY A 248 -0.97 2.78 5.24
CA GLY A 248 -2.36 2.38 5.04
C GLY A 248 -3.29 3.60 5.12
N TRP A 249 -3.12 4.36 6.20
CA TRP A 249 -3.93 5.54 6.43
C TRP A 249 -3.63 6.53 5.29
N MET A 250 -2.39 6.49 4.84
CA MET A 250 -1.96 7.38 3.77
C MET A 250 -2.81 7.19 2.52
N THR A 251 -3.24 5.94 2.32
CA THR A 251 -4.07 5.62 1.17
C THR A 251 -5.43 5.11 1.63
N HIS A 252 -5.79 5.48 2.85
CA HIS A 252 -7.07 5.07 3.41
C HIS A 252 -8.19 5.88 2.79
N ASN A 253 -9.42 5.47 3.08
CA ASN A 253 -10.59 6.16 2.55
C ASN A 253 -11.44 6.67 3.72
N PRO A 254 -11.47 8.02 3.86
CA PRO A 254 -10.73 8.88 2.95
C PRO A 254 -9.24 8.85 3.26
N PRO A 255 -8.43 9.25 2.23
CA PRO A 255 -6.99 9.28 2.38
C PRO A 255 -6.54 10.46 3.25
N ILE A 256 -5.89 10.13 4.35
CA ILE A 256 -5.40 11.14 5.27
C ILE A 256 -3.93 11.42 4.99
N PRO A 257 -3.59 12.73 4.88
CA PRO A 257 -2.23 13.14 4.61
C PRO A 257 -1.36 12.98 5.85
N VAL A 258 -1.36 11.78 6.39
CA VAL A 258 -0.58 11.48 7.58
C VAL A 258 0.91 11.63 7.26
N GLY A 259 1.35 10.84 6.29
CA GLY A 259 2.74 10.87 5.86
C GLY A 259 3.13 12.25 5.34
N GLU A 260 2.22 12.84 4.57
CA GLU A 260 2.46 14.16 4.01
C GLU A 260 2.49 15.21 5.12
N ILE A 261 1.71 14.96 6.16
CA ILE A 261 1.65 15.87 7.29
C ILE A 261 3.01 15.90 8.00
N TYR A 262 3.62 14.73 8.09
CA TYR A 262 4.92 14.61 8.73
C TYR A 262 5.98 15.40 7.96
N LYS A 263 5.96 15.24 6.66
CA LYS A 263 6.92 15.94 5.80
C LYS A 263 6.80 17.45 6.04
N ARG A 264 5.58 17.88 6.30
CA ARG A 264 5.32 19.29 6.54
C ARG A 264 5.93 19.71 7.88
N TRP A 265 5.80 18.84 8.86
CA TRP A 265 6.34 19.11 10.18
C TRP A 265 7.85 19.26 10.06
N ILE A 266 8.45 18.36 9.30
CA ILE A 266 9.89 18.39 9.09
C ILE A 266 10.29 19.74 8.50
N ILE A 267 9.52 20.16 7.50
CA ILE A 267 9.79 21.43 6.85
C ILE A 267 9.71 22.56 7.88
N LEU A 268 8.86 22.35 8.88
CA LEU A 268 8.69 23.34 9.93
C LEU A 268 10.01 23.52 10.68
N GLY A 269 10.55 22.40 11.14
CA GLY A 269 11.81 22.43 11.87
C GLY A 269 12.95 22.97 10.99
N LEU A 270 13.10 22.34 9.84
CA LEU A 270 14.14 22.74 8.90
C LEU A 270 14.10 24.26 8.72
N ASN A 271 12.89 24.80 8.79
CA ASN A 271 12.68 26.23 8.64
C ASN A 271 13.40 26.96 9.78
N LYS A 272 13.22 26.44 10.98
CA LYS A 272 13.85 27.04 12.15
C LYS A 272 15.36 26.81 12.09
N ILE A 273 15.73 25.64 11.60
CA ILE A 273 17.13 25.29 11.48
C ILE A 273 17.81 26.26 10.51
N VAL A 274 17.13 26.51 9.40
CA VAL A 274 17.65 27.42 8.39
C VAL A 274 17.59 28.86 8.91
N ARG A 275 16.49 29.14 9.61
CA ARG A 275 16.30 30.47 10.16
C ARG A 275 17.28 30.72 11.31
N MET A 276 17.86 29.64 11.80
CA MET A 276 18.82 29.73 12.88
C MET A 276 20.25 29.86 12.36
N TYR A 277 20.52 29.15 11.27
CA TYR A 277 21.82 29.17 10.66
C TYR A 277 21.84 30.07 9.42
N SER A 278 20.79 30.89 9.31
CA SER A 278 20.66 31.80 8.19
C SER A 278 21.61 32.99 8.37
N PRO A 279 22.61 33.08 7.46
CA PRO A 279 23.58 34.17 7.51
C PRO A 279 22.96 35.47 7.01
N THR A 280 23.54 36.57 7.48
CA THR A 280 23.06 37.88 7.08
C THR A 280 21.61 38.08 7.55
N SER A 281 21.47 38.40 8.83
CA SER A 281 20.16 38.63 9.40
C SER A 281 20.28 39.52 10.64
N ILE A 282 19.18 40.18 10.96
CA ILE A 282 19.15 41.07 12.11
C ILE A 282 17.78 40.95 12.80
N LEU A 283 17.83 40.90 14.13
CA LEU A 283 16.61 40.79 14.91
C LEU A 283 16.96 40.91 16.40
N HIS A 284 15.95 41.28 17.17
CA HIS A 284 16.13 41.44 18.60
C HIS A 284 14.80 41.83 19.25
N HIS A 285 14.70 41.55 20.54
CA HIS A 285 13.50 41.86 21.29
C HIS A 285 13.69 41.47 22.75
N HIS A 286 13.25 42.36 23.63
CA HIS A 286 13.36 42.11 25.07
C HIS A 286 12.38 43.02 25.82
N HIS A 287 12.32 42.80 27.12
CA HIS A 287 11.42 43.59 27.97
C HIS A 287 11.93 43.57 29.40
N HIS A 288 11.26 44.34 30.25
CA HIS A 288 11.63 44.43 31.65
C HIS A 288 10.38 44.39 32.51
N HIS A 289 10.55 43.93 33.75
CA HIS A 289 9.45 43.84 34.68
C HIS A 289 8.76 45.20 34.80
N GLY A 2 -10.06 -8.94 11.85
CA GLY A 2 -10.81 -10.11 11.44
C GLY A 2 -11.97 -9.73 10.52
N ALA A 3 -13.17 -9.79 11.08
CA ALA A 3 -14.36 -9.45 10.33
C ALA A 3 -15.36 -8.75 11.26
N ARG A 4 -14.97 -7.55 11.67
CA ARG A 4 -15.81 -6.76 12.55
C ARG A 4 -16.19 -7.57 13.80
N ALA A 5 -16.79 -6.88 14.75
CA ALA A 5 -17.21 -7.52 15.99
C ALA A 5 -18.17 -8.66 15.66
N SER A 6 -18.77 -9.21 16.71
CA SER A 6 -19.71 -10.31 16.55
C SER A 6 -18.95 -11.61 16.29
N VAL A 7 -18.72 -12.34 17.37
CA VAL A 7 -18.00 -13.60 17.28
C VAL A 7 -18.47 -14.53 18.40
N LEU A 8 -18.15 -14.14 19.62
CA LEU A 8 -18.52 -14.93 20.78
C LEU A 8 -19.69 -14.24 21.50
N SER A 9 -20.54 -15.05 22.09
CA SER A 9 -21.70 -14.54 22.81
C SER A 9 -21.29 -14.16 24.24
N GLY A 10 -22.26 -13.66 24.98
CA GLY A 10 -22.03 -13.25 26.36
C GLY A 10 -21.51 -14.42 27.20
N GLY A 11 -22.33 -15.48 27.23
CA GLY A 11 -21.96 -16.67 27.99
C GLY A 11 -20.89 -17.48 27.26
N GLU A 12 -21.05 -17.57 25.96
CA GLU A 12 -20.11 -18.31 25.13
C GLU A 12 -18.72 -17.70 25.24
N LEU A 13 -18.69 -16.38 25.36
CA LEU A 13 -17.43 -15.66 25.48
C LEU A 13 -16.79 -15.99 26.84
N ASP A 14 -17.64 -16.04 27.85
CA ASP A 14 -17.17 -16.34 29.19
C ASP A 14 -16.40 -17.66 29.19
N LYS A 15 -16.83 -18.56 28.32
CA LYS A 15 -16.20 -19.86 28.20
C LYS A 15 -14.86 -19.70 27.50
N TRP A 16 -14.87 -18.94 26.42
CA TRP A 16 -13.65 -18.70 25.65
C TRP A 16 -12.62 -18.07 26.59
N GLU A 17 -13.10 -17.13 27.39
CA GLU A 17 -12.23 -16.43 28.33
C GLU A 17 -11.88 -17.35 29.51
N LYS A 18 -12.64 -18.45 29.62
CA LYS A 18 -12.42 -19.40 30.68
C LYS A 18 -11.42 -20.46 30.21
N ILE A 19 -10.48 -20.02 29.37
CA ILE A 19 -9.47 -20.91 28.84
C ILE A 19 -8.14 -20.16 28.75
N ARG A 20 -7.07 -20.87 29.09
CA ARG A 20 -5.74 -20.29 29.06
C ARG A 20 -4.99 -20.78 27.82
N LEU A 21 -4.04 -19.96 27.37
CA LEU A 21 -3.25 -20.30 26.21
C LEU A 21 -2.23 -21.38 26.58
N ARG A 22 -1.02 -21.22 26.06
CA ARG A 22 0.04 -22.17 26.34
C ARG A 22 1.26 -21.86 25.47
N PRO A 23 1.03 -21.82 24.15
CA PRO A 23 2.10 -21.54 23.20
C PRO A 23 2.46 -20.05 23.22
N GLY A 24 3.74 -19.79 23.47
CA GLY A 24 4.23 -18.42 23.52
C GLY A 24 3.77 -17.73 24.79
N GLY A 25 3.05 -18.48 25.61
CA GLY A 25 2.54 -17.93 26.86
C GLY A 25 2.01 -16.52 26.67
N LYS A 26 0.75 -16.45 26.27
CA LYS A 26 0.10 -15.16 26.04
C LYS A 26 -0.87 -14.89 27.19
N LYS A 27 -0.99 -15.85 28.09
CA LYS A 27 -1.88 -15.72 29.22
C LYS A 27 -3.21 -16.40 28.90
N GLN A 28 -4.27 -15.61 28.95
CA GLN A 28 -5.60 -16.13 28.68
C GLN A 28 -6.07 -15.67 27.30
N TYR A 29 -7.01 -16.41 26.75
CA TYR A 29 -7.55 -16.09 25.44
C TYR A 29 -8.50 -14.89 25.53
N LYS A 30 -8.50 -14.11 24.45
CA LYS A 30 -9.35 -12.92 24.39
C LYS A 30 -9.93 -12.79 22.98
N LEU A 31 -10.80 -11.81 22.83
CA LEU A 31 -11.43 -11.57 21.54
C LEU A 31 -10.36 -11.22 20.50
N LYS A 32 -9.28 -10.63 21.00
CA LYS A 32 -8.17 -10.25 20.13
C LYS A 32 -7.59 -11.50 19.48
N HIS A 33 -7.50 -12.55 20.27
CA HIS A 33 -6.95 -13.81 19.78
C HIS A 33 -7.91 -14.40 18.73
N ILE A 34 -9.19 -14.20 18.96
CA ILE A 34 -10.20 -14.71 18.05
C ILE A 34 -10.07 -14.01 16.71
N VAL A 35 -10.00 -12.68 16.77
CA VAL A 35 -9.87 -11.88 15.56
C VAL A 35 -8.73 -12.44 14.71
N TRP A 36 -7.63 -12.76 15.38
CA TRP A 36 -6.47 -13.29 14.71
C TRP A 36 -6.86 -14.62 14.06
N ALA A 37 -7.64 -15.39 14.81
CA ALA A 37 -8.09 -16.69 14.31
C ALA A 37 -8.89 -16.49 13.02
N SER A 38 -9.85 -15.58 13.09
CA SER A 38 -10.69 -15.29 11.94
C SER A 38 -9.82 -14.83 10.76
N ARG A 39 -8.76 -14.11 11.10
CA ARG A 39 -7.84 -13.61 10.09
C ARG A 39 -7.21 -14.77 9.31
N GLU A 40 -6.86 -15.81 10.06
CA GLU A 40 -6.26 -16.98 9.46
C GLU A 40 -7.24 -17.65 8.48
N LEU A 41 -8.51 -17.59 8.85
CA LEU A 41 -9.54 -18.18 8.03
C LEU A 41 -9.59 -17.46 6.68
N GLU A 42 -9.27 -16.17 6.72
CA GLU A 42 -9.28 -15.36 5.52
C GLU A 42 -8.14 -15.77 4.58
N ARG A 43 -6.99 -16.03 5.18
CA ARG A 43 -5.82 -16.44 4.42
C ARG A 43 -6.08 -17.80 3.76
N PHE A 44 -7.01 -18.54 4.35
CA PHE A 44 -7.35 -19.86 3.83
C PHE A 44 -8.42 -19.76 2.74
N ALA A 45 -8.98 -18.58 2.62
CA ALA A 45 -10.01 -18.33 1.63
C ALA A 45 -11.31 -19.00 2.06
N VAL A 46 -11.63 -18.82 3.34
CA VAL A 46 -12.84 -19.41 3.89
C VAL A 46 -13.69 -18.30 4.52
N ASN A 47 -14.99 -18.52 4.50
CA ASN A 47 -15.92 -17.56 5.07
C ASN A 47 -15.69 -17.46 6.58
N PRO A 48 -15.67 -16.19 7.08
CA PRO A 48 -15.46 -15.96 8.50
C PRO A 48 -16.72 -16.29 9.30
N GLY A 49 -17.84 -16.34 8.60
CA GLY A 49 -19.10 -16.66 9.24
C GLY A 49 -19.08 -18.06 9.85
N LEU A 50 -18.07 -18.83 9.46
CA LEU A 50 -17.93 -20.18 9.97
C LEU A 50 -17.40 -20.13 11.40
N LEU A 51 -16.61 -19.11 11.67
CA LEU A 51 -16.04 -18.94 13.00
C LEU A 51 -17.10 -18.36 13.93
N GLU A 52 -18.27 -18.09 13.36
CA GLU A 52 -19.38 -17.54 14.12
C GLU A 52 -20.27 -18.65 14.67
N THR A 53 -20.17 -19.81 14.02
CA THR A 53 -20.96 -20.95 14.43
C THR A 53 -20.05 -22.16 14.65
N SER A 54 -20.53 -23.08 15.49
CA SER A 54 -19.77 -24.27 15.81
C SER A 54 -19.73 -25.20 14.59
N GLU A 55 -20.78 -25.11 13.78
CA GLU A 55 -20.88 -25.93 12.59
C GLU A 55 -19.75 -25.58 11.61
N GLY A 56 -19.62 -24.29 11.36
CA GLY A 56 -18.60 -23.80 10.45
C GLY A 56 -17.19 -24.10 10.99
N CYS A 57 -17.04 -23.90 12.29
CA CYS A 57 -15.76 -24.14 12.94
C CYS A 57 -15.44 -25.63 12.82
N ARG A 58 -16.49 -26.44 12.92
CA ARG A 58 -16.34 -27.88 12.82
C ARG A 58 -15.73 -28.27 11.48
N GLN A 59 -16.18 -27.57 10.44
CA GLN A 59 -15.69 -27.84 9.10
C GLN A 59 -14.24 -27.37 8.96
N ILE A 60 -13.91 -26.33 9.72
CA ILE A 60 -12.57 -25.78 9.70
C ILE A 60 -11.62 -26.73 10.42
N LEU A 61 -11.73 -26.74 11.73
CA LEU A 61 -10.90 -27.60 12.56
C LEU A 61 -10.81 -28.98 11.92
N GLY A 62 -11.92 -29.38 11.32
CA GLY A 62 -11.99 -30.68 10.67
C GLY A 62 -10.99 -30.76 9.51
N GLN A 63 -11.02 -29.75 8.67
CA GLN A 63 -10.13 -29.69 7.52
C GLN A 63 -8.87 -28.91 7.87
N LEU A 64 -8.62 -28.79 9.16
CA LEU A 64 -7.45 -28.07 9.63
C LEU A 64 -6.44 -29.06 10.21
N GLN A 65 -6.95 -30.20 10.65
CA GLN A 65 -6.11 -31.24 11.21
C GLN A 65 -4.98 -31.59 10.25
N PRO A 66 -5.35 -31.75 8.96
CA PRO A 66 -4.38 -32.08 7.93
C PRO A 66 -3.52 -30.87 7.57
N SER A 67 -4.18 -29.73 7.50
CA SER A 67 -3.49 -28.49 7.16
C SER A 67 -2.54 -28.09 8.31
N LEU A 68 -2.72 -28.77 9.43
CA LEU A 68 -1.89 -28.50 10.60
C LEU A 68 -0.47 -28.99 10.34
N GLN A 69 -0.39 -30.19 9.78
CA GLN A 69 0.90 -30.79 9.47
C GLN A 69 1.53 -30.11 8.26
N THR A 70 0.74 -29.24 7.63
CA THR A 70 1.21 -28.52 6.46
C THR A 70 1.19 -27.01 6.72
N GLY A 71 0.65 -26.65 7.87
CA GLY A 71 0.57 -25.25 8.26
C GLY A 71 1.90 -24.75 8.81
N SER A 72 1.98 -24.73 10.14
CA SER A 72 3.19 -24.29 10.82
C SER A 72 2.91 -24.07 12.31
N GLU A 73 3.93 -23.60 13.00
CA GLU A 73 3.81 -23.35 14.43
C GLU A 73 2.73 -22.30 14.69
N GLU A 74 2.72 -21.28 13.84
CA GLU A 74 1.75 -20.21 13.98
C GLU A 74 0.35 -20.71 13.60
N LEU A 75 0.29 -21.40 12.46
CA LEU A 75 -0.97 -21.93 11.98
C LEU A 75 -1.53 -22.91 13.01
N ARG A 76 -0.62 -23.62 13.67
CA ARG A 76 -1.02 -24.59 14.68
C ARG A 76 -1.77 -23.89 15.82
N SER A 77 -1.22 -22.76 16.24
CA SER A 77 -1.84 -21.99 17.32
C SER A 77 -3.25 -21.55 16.91
N LEU A 78 -3.42 -21.35 15.61
CA LEU A 78 -4.71 -20.93 15.08
C LEU A 78 -5.72 -22.05 15.28
N TYR A 79 -5.32 -23.26 14.92
CA TYR A 79 -6.18 -24.42 15.06
C TYR A 79 -6.62 -24.61 16.51
N ASN A 80 -5.67 -24.41 17.41
CA ASN A 80 -5.94 -24.56 18.84
C ASN A 80 -7.02 -23.55 19.25
N THR A 81 -6.99 -22.39 18.61
CA THR A 81 -7.95 -21.34 18.90
C THR A 81 -9.36 -21.81 18.56
N ILE A 82 -9.48 -22.42 17.38
CA ILE A 82 -10.76 -22.92 16.92
C ILE A 82 -11.14 -24.16 17.74
N ALA A 83 -10.13 -24.93 18.11
CA ALA A 83 -10.34 -26.13 18.89
C ALA A 83 -11.10 -25.78 20.16
N VAL A 84 -10.49 -24.92 20.97
CA VAL A 84 -11.10 -24.49 22.21
C VAL A 84 -12.46 -23.84 21.92
N LEU A 85 -12.49 -23.08 20.84
CA LEU A 85 -13.71 -22.40 20.45
C LEU A 85 -14.83 -23.44 20.26
N TYR A 86 -14.45 -24.57 19.68
CA TYR A 86 -15.40 -25.64 19.44
C TYR A 86 -16.01 -26.14 20.75
N CYS A 87 -15.14 -26.47 21.70
CA CYS A 87 -15.58 -26.96 22.98
C CYS A 87 -16.46 -25.88 23.63
N VAL A 88 -16.08 -24.64 23.39
CA VAL A 88 -16.82 -23.51 23.93
C VAL A 88 -18.25 -23.53 23.37
N HIS A 89 -18.34 -23.82 22.09
CA HIS A 89 -19.63 -23.88 21.44
C HIS A 89 -20.55 -24.86 22.17
N GLN A 90 -19.96 -25.96 22.59
CA GLN A 90 -20.71 -26.98 23.30
C GLN A 90 -20.75 -26.66 24.79
N ARG A 91 -19.81 -25.82 25.22
CA ARG A 91 -19.74 -25.43 26.61
C ARG A 91 -19.07 -26.53 27.44
N ILE A 92 -18.03 -27.10 26.87
CA ILE A 92 -17.29 -28.16 27.54
C ILE A 92 -16.41 -27.56 28.64
N ASP A 93 -16.34 -28.26 29.75
CA ASP A 93 -15.53 -27.81 30.87
C ASP A 93 -14.06 -27.93 30.52
N VAL A 94 -13.49 -26.82 30.08
CA VAL A 94 -12.09 -26.80 29.71
C VAL A 94 -11.33 -25.82 30.62
N LYS A 95 -10.02 -25.80 30.46
CA LYS A 95 -9.18 -24.92 31.26
C LYS A 95 -8.10 -24.30 30.36
N ASP A 96 -7.49 -25.16 29.56
CA ASP A 96 -6.43 -24.72 28.65
C ASP A 96 -6.70 -25.31 27.26
N THR A 97 -5.91 -24.84 26.30
CA THR A 97 -6.04 -25.31 24.93
C THR A 97 -5.79 -26.81 24.85
N LYS A 98 -4.73 -27.23 25.54
CA LYS A 98 -4.36 -28.63 25.56
C LYS A 98 -5.56 -29.46 26.03
N GLU A 99 -6.36 -28.86 26.91
CA GLU A 99 -7.53 -29.53 27.44
C GLU A 99 -8.58 -29.71 26.34
N ALA A 100 -8.73 -28.67 25.53
CA ALA A 100 -9.69 -28.70 24.44
C ALA A 100 -9.24 -29.72 23.39
N LEU A 101 -7.92 -29.75 23.18
CA LEU A 101 -7.35 -30.67 22.21
C LEU A 101 -7.75 -32.10 22.56
N ASP A 102 -7.63 -32.43 23.83
CA ASP A 102 -7.98 -33.75 24.31
C ASP A 102 -9.51 -33.90 24.31
N LYS A 103 -10.17 -32.85 24.77
CA LYS A 103 -11.62 -32.85 24.83
C LYS A 103 -12.18 -32.98 23.41
N ILE A 104 -11.88 -31.98 22.59
CA ILE A 104 -12.35 -31.97 21.22
C ILE A 104 -11.89 -33.25 20.52
N GLU A 105 -10.78 -33.78 21.00
CA GLU A 105 -10.24 -35.01 20.43
C GLU A 105 -11.24 -36.15 20.54
N GLU A 106 -11.72 -36.37 21.77
CA GLU A 106 -12.69 -37.41 22.01
C GLU A 106 -13.94 -37.20 21.16
N GLU A 107 -14.47 -35.99 21.23
CA GLU A 107 -15.66 -35.64 20.47
C GLU A 107 -15.45 -35.99 18.99
N GLN A 108 -14.34 -35.51 18.44
CA GLN A 108 -14.03 -35.77 17.05
C GLN A 108 -14.03 -37.28 16.77
N ASN A 109 -13.27 -38.00 17.59
CA ASN A 109 -13.18 -39.44 17.44
C ASN A 109 -14.60 -40.04 17.42
N LYS A 110 -15.41 -39.55 18.34
CA LYS A 110 -16.78 -40.02 18.46
C LYS A 110 -17.51 -39.79 17.13
N SER A 111 -17.49 -38.53 16.70
CA SER A 111 -18.13 -38.16 15.46
C SER A 111 -17.70 -39.10 14.33
N LYS A 112 -16.39 -39.23 14.20
CA LYS A 112 -15.83 -40.10 13.17
C LYS A 112 -16.44 -41.50 13.30
N LYS A 113 -16.29 -42.07 14.48
CA LYS A 113 -16.83 -43.39 14.74
C LYS A 113 -18.26 -43.48 14.20
N LYS A 114 -19.04 -42.44 14.51
CA LYS A 114 -20.41 -42.39 14.07
C LYS A 114 -20.45 -42.36 12.54
N ALA A 115 -19.58 -41.54 11.96
CA ALA A 115 -19.51 -41.41 10.52
C ALA A 115 -19.26 -42.80 9.90
N GLN A 116 -18.13 -43.37 10.26
CA GLN A 116 -17.76 -44.69 9.75
C GLN A 116 -18.90 -45.69 10.00
N GLN A 117 -19.45 -45.62 11.19
CA GLN A 117 -20.54 -46.50 11.58
C GLN A 117 -21.67 -46.41 10.55
N ALA A 118 -22.15 -45.18 10.35
CA ALA A 118 -23.23 -44.94 9.42
C ALA A 118 -22.82 -45.45 8.03
N ALA A 119 -21.73 -44.89 7.53
CA ALA A 119 -21.22 -45.27 6.23
C ALA A 119 -21.36 -46.78 6.06
N ALA A 120 -20.91 -47.50 7.07
CA ALA A 120 -20.98 -48.96 7.05
C ALA A 120 -22.45 -49.39 6.96
N ASP A 121 -23.21 -49.01 7.98
CA ASP A 121 -24.62 -49.36 8.03
C ASP A 121 -25.24 -49.16 6.65
N THR A 122 -25.27 -47.91 6.23
CA THR A 122 -25.83 -47.57 4.93
C THR A 122 -25.24 -48.47 3.84
N GLY A 123 -23.92 -48.57 3.85
CA GLY A 123 -23.23 -49.39 2.88
C GLY A 123 -23.02 -50.81 3.41
N ASN A 124 -21.89 -51.39 3.04
CA ASN A 124 -21.56 -52.74 3.46
C ASN A 124 -20.06 -52.84 3.71
N ASN A 125 -19.66 -52.45 4.91
CA ASN A 125 -18.25 -52.48 5.29
C ASN A 125 -17.42 -51.79 4.21
N SER A 126 -17.22 -50.50 4.41
CA SER A 126 -16.44 -49.72 3.46
C SER A 126 -16.32 -48.27 3.95
N GLN A 127 -15.29 -47.60 3.47
CA GLN A 127 -15.04 -46.22 3.84
C GLN A 127 -13.82 -45.67 3.11
N VAL A 128 -14.01 -44.52 2.49
CA VAL A 128 -12.93 -43.88 1.75
C VAL A 128 -13.39 -42.51 1.26
N SER A 129 -12.44 -41.60 1.16
CA SER A 129 -12.74 -40.24 0.71
C SER A 129 -11.47 -39.41 0.71
N GLN A 130 -11.31 -38.64 -0.36
CA GLN A 130 -10.14 -37.78 -0.50
C GLN A 130 -10.22 -36.97 -1.79
N ASN A 131 -9.84 -35.71 -1.69
CA ASN A 131 -9.86 -34.81 -2.85
C ASN A 131 -9.36 -33.43 -2.43
N TYR A 132 -8.90 -32.68 -3.42
CA TYR A 132 -8.40 -31.34 -3.16
C TYR A 132 -8.16 -30.59 -4.47
N PRO A 133 -8.20 -29.24 -4.38
CA PRO A 133 -7.98 -28.40 -5.54
C PRO A 133 -6.49 -28.36 -5.93
N ILE A 134 -6.22 -27.73 -7.06
CA ILE A 134 -4.86 -27.62 -7.55
C ILE A 134 -4.83 -26.70 -8.77
N VAL A 135 -4.14 -25.58 -8.60
CA VAL A 135 -4.02 -24.60 -9.68
C VAL A 135 -5.40 -24.02 -9.99
N GLN A 136 -5.48 -22.71 -9.94
CA GLN A 136 -6.73 -22.02 -10.21
C GLN A 136 -6.54 -20.51 -10.12
N ASN A 137 -5.86 -19.97 -11.13
CA ASN A 137 -5.60 -18.54 -11.17
C ASN A 137 -4.89 -18.12 -9.89
N LEU A 138 -4.35 -16.90 -9.92
CA LEU A 138 -3.64 -16.37 -8.77
C LEU A 138 -3.24 -14.92 -9.05
N GLN A 139 -3.29 -14.11 -8.00
CA GLN A 139 -2.94 -12.70 -8.12
C GLN A 139 -3.10 -12.00 -6.77
N GLY A 140 -2.64 -10.77 -6.73
CA GLY A 140 -2.73 -9.97 -5.52
C GLY A 140 -1.59 -8.94 -5.45
N GLN A 141 -1.95 -7.74 -5.03
CA GLN A 141 -0.98 -6.67 -4.91
C GLN A 141 -1.62 -5.44 -4.25
N MET A 142 -1.01 -5.01 -3.16
CA MET A 142 -1.49 -3.85 -2.44
C MET A 142 -0.59 -3.52 -1.24
N VAL A 143 0.46 -2.79 -1.53
CA VAL A 143 1.41 -2.40 -0.50
C VAL A 143 2.42 -1.41 -1.08
N HIS A 144 2.92 -0.55 -0.21
CA HIS A 144 3.90 0.46 -0.62
C HIS A 144 5.31 -0.04 -0.30
N GLN A 145 6.23 0.27 -1.20
CA GLN A 145 7.62 -0.13 -1.02
C GLN A 145 8.34 0.85 -0.08
N ALA A 146 9.30 0.31 0.65
CA ALA A 146 10.07 1.12 1.58
C ALA A 146 11.05 1.99 0.80
N ILE A 147 11.87 2.71 1.54
CA ILE A 147 12.86 3.59 0.94
C ILE A 147 14.12 2.78 0.60
N SER A 148 14.72 3.12 -0.52
CA SER A 148 15.92 2.43 -0.97
C SER A 148 17.15 3.07 -0.33
N PRO A 149 18.27 2.30 -0.33
CA PRO A 149 19.52 2.77 0.23
C PRO A 149 20.18 3.79 -0.68
N ARG A 150 19.84 3.72 -1.95
CA ARG A 150 20.40 4.63 -2.94
C ARG A 150 19.93 6.06 -2.66
N THR A 151 18.69 6.17 -2.23
CA THR A 151 18.12 7.47 -1.92
C THR A 151 18.83 8.10 -0.71
N LEU A 152 19.11 7.26 0.27
CA LEU A 152 19.79 7.71 1.47
C LEU A 152 21.14 8.32 1.10
N ASN A 153 21.81 7.67 0.16
CA ASN A 153 23.10 8.13 -0.30
C ASN A 153 22.93 9.46 -1.03
N ALA A 154 21.88 9.53 -1.84
CA ALA A 154 21.59 10.73 -2.60
C ALA A 154 21.38 11.90 -1.64
N TRP A 155 20.54 11.66 -0.65
CA TRP A 155 20.24 12.67 0.35
C TRP A 155 21.54 13.03 1.08
N VAL A 156 22.26 11.98 1.47
CA VAL A 156 23.52 12.16 2.17
C VAL A 156 24.34 13.25 1.47
N LYS A 157 24.34 13.18 0.15
CA LYS A 157 25.09 14.14 -0.65
C LYS A 157 24.45 15.52 -0.48
N VAL A 158 23.12 15.53 -0.41
CA VAL A 158 22.38 16.77 -0.25
C VAL A 158 22.75 17.41 1.08
N VAL A 159 22.79 16.57 2.11
CA VAL A 159 23.13 17.05 3.44
C VAL A 159 24.49 17.75 3.40
N GLU A 160 25.45 17.08 2.75
CA GLU A 160 26.79 17.63 2.63
C GLU A 160 26.76 18.96 1.88
N GLU A 161 25.72 19.12 1.06
CA GLU A 161 25.56 20.34 0.28
C GLU A 161 25.10 21.48 1.17
N LYS A 162 24.01 21.22 1.90
CA LYS A 162 23.46 22.23 2.78
C LYS A 162 22.33 21.60 3.61
N ALA A 163 22.71 20.65 4.46
CA ALA A 163 21.74 19.97 5.30
C ALA A 163 20.62 20.94 5.68
N PHE A 164 21.03 22.14 6.08
CA PHE A 164 20.08 23.17 6.46
C PHE A 164 20.17 24.38 5.53
N SER A 165 19.02 24.75 4.98
CA SER A 165 18.97 25.89 4.08
C SER A 165 17.54 26.08 3.56
N PRO A 166 17.33 27.23 2.88
CA PRO A 166 16.02 27.54 2.33
C PRO A 166 15.73 26.71 1.08
N GLU A 167 16.78 26.48 0.31
CA GLU A 167 16.67 25.71 -0.91
C GLU A 167 16.89 24.22 -0.62
N VAL A 168 16.94 23.91 0.67
CA VAL A 168 17.13 22.53 1.10
C VAL A 168 15.82 21.97 1.63
N ILE A 169 15.04 22.85 2.25
CA ILE A 169 13.76 22.46 2.81
C ILE A 169 12.91 21.81 1.72
N PRO A 170 12.90 22.47 0.53
CA PRO A 170 12.14 21.98 -0.59
C PRO A 170 12.83 20.78 -1.24
N MET A 171 14.15 20.81 -1.23
CA MET A 171 14.94 19.74 -1.80
C MET A 171 14.66 18.41 -1.08
N PHE A 172 14.77 18.47 0.24
CA PHE A 172 14.53 17.28 1.05
C PHE A 172 13.10 16.77 0.88
N SER A 173 12.17 17.70 0.90
CA SER A 173 10.76 17.36 0.75
C SER A 173 10.54 16.63 -0.58
N ALA A 174 11.34 17.03 -1.57
CA ALA A 174 11.23 16.43 -2.89
C ALA A 174 11.57 14.94 -2.80
N LEU A 175 12.64 14.66 -2.08
CA LEU A 175 13.08 13.28 -1.90
C LEU A 175 12.17 12.59 -0.89
N SER A 176 11.34 13.39 -0.24
CA SER A 176 10.42 12.87 0.75
C SER A 176 8.99 12.87 0.20
N GLU A 177 8.91 13.06 -1.11
CA GLU A 177 7.61 13.09 -1.78
C GLU A 177 6.66 12.07 -1.14
N GLY A 178 5.67 12.59 -0.44
CA GLY A 178 4.70 11.74 0.21
C GLY A 178 5.35 10.48 0.79
N ALA A 179 6.19 10.70 1.78
CA ALA A 179 6.90 9.60 2.42
C ALA A 179 6.24 9.30 3.78
N THR A 180 6.84 8.36 4.49
CA THR A 180 6.33 7.97 5.79
C THR A 180 7.26 8.49 6.91
N PRO A 181 6.91 8.11 8.17
CA PRO A 181 7.69 8.51 9.31
C PRO A 181 8.99 7.70 9.40
N GLN A 182 8.87 6.41 9.16
CA GLN A 182 10.02 5.53 9.20
C GLN A 182 10.99 5.86 8.06
N ASP A 183 10.44 5.97 6.86
CA ASP A 183 11.23 6.27 5.69
C ASP A 183 11.95 7.61 5.90
N LEU A 184 11.16 8.60 6.33
CA LEU A 184 11.70 9.92 6.57
C LEU A 184 12.75 9.85 7.67
N ASN A 185 12.41 9.10 8.71
CA ASN A 185 13.31 8.94 9.84
C ASN A 185 14.65 8.39 9.35
N THR A 186 14.57 7.53 8.35
CA THR A 186 15.76 6.93 7.77
C THR A 186 16.67 8.01 7.17
N MET A 187 16.04 8.92 6.44
CA MET A 187 16.77 10.00 5.81
C MET A 187 17.31 10.99 6.86
N LEU A 188 16.43 11.34 7.79
CA LEU A 188 16.81 12.27 8.85
C LEU A 188 17.90 11.65 9.70
N ASN A 189 17.88 10.33 9.76
CA ASN A 189 18.87 9.59 10.55
C ASN A 189 20.25 9.74 9.88
N THR A 190 20.23 9.66 8.56
CA THR A 190 21.46 9.77 7.79
C THR A 190 21.82 11.25 7.56
N VAL A 191 20.93 12.12 8.04
CA VAL A 191 21.13 13.55 7.88
C VAL A 191 22.52 13.92 8.39
N GLY A 192 22.80 15.21 8.37
CA GLY A 192 24.09 15.71 8.84
C GLY A 192 24.08 17.23 8.96
N GLY A 193 23.12 17.73 9.73
CA GLY A 193 22.98 19.16 9.93
C GLY A 193 23.25 19.53 11.39
N HIS A 194 24.14 18.77 12.02
CA HIS A 194 24.49 19.01 13.41
C HIS A 194 23.43 18.37 14.31
N GLN A 195 23.91 17.67 15.33
CA GLN A 195 23.02 17.02 16.27
C GLN A 195 22.10 18.04 16.93
N ALA A 196 22.65 19.21 17.21
CA ALA A 196 21.90 20.28 17.83
C ALA A 196 20.66 20.59 16.96
N ALA A 197 20.92 20.77 15.68
CA ALA A 197 19.84 21.08 14.74
C ALA A 197 18.82 19.96 14.77
N MET A 198 19.32 18.73 14.64
CA MET A 198 18.45 17.56 14.65
C MET A 198 17.63 17.50 15.94
N GLN A 199 18.25 17.96 17.02
CA GLN A 199 17.59 17.95 18.31
C GLN A 199 16.44 18.96 18.32
N MET A 200 16.78 20.20 17.98
CA MET A 200 15.79 21.26 17.95
C MET A 200 14.66 20.93 16.97
N LEU A 201 15.03 20.18 15.94
CA LEU A 201 14.06 19.79 14.92
C LEU A 201 13.00 18.89 15.55
N LYS A 202 13.47 17.96 16.38
CA LYS A 202 12.59 17.04 17.05
C LYS A 202 11.64 17.81 17.97
N GLU A 203 12.13 18.93 18.47
CA GLU A 203 11.35 19.77 19.36
C GLU A 203 10.17 20.37 18.61
N THR A 204 10.46 20.90 17.42
CA THR A 204 9.43 21.52 16.61
C THR A 204 8.48 20.44 16.05
N ILE A 205 9.08 19.40 15.48
CA ILE A 205 8.31 18.32 14.92
C ILE A 205 7.42 17.70 16.00
N ASN A 206 8.06 17.30 17.08
CA ASN A 206 7.33 16.70 18.20
C ASN A 206 6.28 17.69 18.70
N GLU A 207 6.65 18.95 18.70
CA GLU A 207 5.76 20.00 19.16
C GLU A 207 4.56 20.12 18.21
N GLU A 208 4.81 19.80 16.95
CA GLU A 208 3.77 19.87 15.94
C GLU A 208 2.66 18.86 16.25
N ALA A 209 3.08 17.65 16.60
CA ALA A 209 2.14 16.59 16.93
C ALA A 209 1.30 17.01 18.13
N ALA A 210 2.00 17.45 19.17
CA ALA A 210 1.33 17.89 20.38
C ALA A 210 0.31 18.98 20.05
N GLU A 211 0.76 19.94 19.27
CA GLU A 211 -0.10 21.05 18.86
C GLU A 211 -1.28 20.51 18.04
N TRP A 212 -0.99 19.53 17.20
CA TRP A 212 -2.01 18.94 16.35
C TRP A 212 -3.08 18.35 17.27
N ASP A 213 -2.66 17.41 18.11
CA ASP A 213 -3.58 16.76 19.04
C ASP A 213 -4.26 17.82 19.89
N ARG A 214 -3.52 18.89 20.17
CA ARG A 214 -4.05 19.98 20.98
C ARG A 214 -5.26 20.61 20.29
N LEU A 215 -5.21 20.61 18.96
CA LEU A 215 -6.28 21.18 18.17
C LEU A 215 -7.18 20.05 17.63
N HIS A 216 -6.80 18.83 17.99
CA HIS A 216 -7.55 17.66 17.55
C HIS A 216 -8.23 17.02 18.76
N PRO A 217 -9.54 17.37 18.92
CA PRO A 217 -10.33 16.83 20.02
C PRO A 217 -10.71 15.37 19.76
N VAL A 218 -9.77 14.48 20.06
CA VAL A 218 -10.01 13.06 19.86
C VAL A 218 -10.01 12.35 21.23
N HIS A 219 -11.21 12.14 21.74
CA HIS A 219 -11.36 11.47 23.03
C HIS A 219 -12.39 10.35 22.91
N ALA A 220 -11.91 9.13 23.04
CA ALA A 220 -12.78 7.96 22.95
C ALA A 220 -12.19 6.83 23.80
N GLY A 221 -12.96 5.76 23.90
CA GLY A 221 -12.54 4.60 24.68
C GLY A 221 -11.80 3.59 23.80
N PRO A 222 -12.05 2.28 24.09
CA PRO A 222 -11.43 1.21 23.33
C PRO A 222 -12.07 1.06 21.95
N ILE A 223 -11.26 1.24 20.93
CA ILE A 223 -11.73 1.13 19.56
C ILE A 223 -11.52 -0.30 19.07
N ALA A 224 -11.89 -0.53 17.82
CA ALA A 224 -11.75 -1.84 17.21
C ALA A 224 -10.30 -2.31 17.39
N PRO A 225 -10.13 -3.67 17.34
CA PRO A 225 -8.81 -4.26 17.49
C PRO A 225 -7.99 -4.08 16.21
N GLY A 226 -7.00 -3.19 16.31
CA GLY A 226 -6.14 -2.92 15.17
C GLY A 226 -6.58 -1.65 14.43
N GLN A 227 -7.84 -1.30 14.63
CA GLN A 227 -8.39 -0.11 14.00
C GLN A 227 -7.49 1.10 14.27
N MET A 228 -7.30 1.90 13.23
CA MET A 228 -6.47 3.08 13.33
C MET A 228 -7.29 4.35 13.09
N ARG A 229 -8.18 4.63 14.03
CA ARG A 229 -9.03 5.81 13.93
C ARG A 229 -8.18 7.07 13.87
N GLU A 230 -8.86 8.21 13.78
CA GLU A 230 -8.18 9.48 13.71
C GLU A 230 -6.92 9.47 14.59
N PRO A 231 -5.77 9.20 13.93
CA PRO A 231 -4.50 9.16 14.63
C PRO A 231 -4.01 10.56 14.99
N ARG A 232 -3.39 10.67 16.16
CA ARG A 232 -2.88 11.94 16.62
C ARG A 232 -1.48 12.18 16.07
N GLY A 233 -0.94 13.35 16.40
CA GLY A 233 0.39 13.72 15.94
C GLY A 233 1.41 12.63 16.28
N SER A 234 1.24 12.05 17.47
CA SER A 234 2.13 11.00 17.92
C SER A 234 2.06 9.80 16.97
N ASP A 235 0.85 9.51 16.52
CA ASP A 235 0.63 8.40 15.61
C ASP A 235 1.31 8.70 14.27
N ILE A 236 1.27 9.97 13.90
CA ILE A 236 1.87 10.41 12.65
C ILE A 236 3.38 10.11 12.69
N ALA A 237 3.92 10.14 13.90
CA ALA A 237 5.35 9.88 14.09
C ALA A 237 5.61 8.40 13.85
N GLY A 238 4.57 7.60 14.02
CA GLY A 238 4.68 6.16 13.83
C GLY A 238 5.04 5.46 15.15
N THR A 239 4.71 6.13 16.24
CA THR A 239 4.99 5.59 17.56
C THR A 239 3.83 4.72 18.04
N THR A 240 2.63 5.17 17.72
CA THR A 240 1.42 4.44 18.10
C THR A 240 0.82 3.73 16.89
N SER A 241 1.46 3.93 15.75
CA SER A 241 0.99 3.32 14.52
C SER A 241 2.17 2.79 13.71
N THR A 242 2.01 1.59 13.17
CA THR A 242 3.05 0.97 12.38
C THR A 242 3.17 1.66 11.01
N LEU A 243 4.19 1.27 10.27
CA LEU A 243 4.43 1.83 8.95
C LEU A 243 3.27 1.43 8.02
N GLN A 244 3.11 0.12 7.87
CA GLN A 244 2.07 -0.40 7.02
C GLN A 244 0.72 0.26 7.35
N GLU A 245 0.63 0.74 8.58
CA GLU A 245 -0.58 1.40 9.02
C GLU A 245 -0.73 2.76 8.34
N GLN A 246 0.34 3.53 8.37
CA GLN A 246 0.34 4.84 7.75
C GLN A 246 0.30 4.72 6.23
N ILE A 247 1.01 3.72 5.73
CA ILE A 247 1.05 3.47 4.30
C ILE A 247 -0.38 3.40 3.75
N GLY A 248 -1.14 2.47 4.31
CA GLY A 248 -2.52 2.28 3.89
C GLY A 248 -3.34 3.55 4.11
N TRP A 249 -3.17 4.13 5.29
CA TRP A 249 -3.87 5.36 5.64
C TRP A 249 -3.57 6.40 4.57
N MET A 250 -2.38 6.31 4.03
CA MET A 250 -1.94 7.24 2.99
C MET A 250 -2.76 7.06 1.71
N THR A 251 -3.01 5.80 1.38
CA THR A 251 -3.77 5.47 0.19
C THR A 251 -5.16 4.97 0.57
N HIS A 252 -5.58 5.35 1.77
CA HIS A 252 -6.89 4.95 2.27
C HIS A 252 -7.95 5.95 1.78
N ASN A 253 -9.20 5.58 2.00
CA ASN A 253 -10.31 6.42 1.59
C ASN A 253 -11.15 6.77 2.82
N PRO A 254 -11.10 8.08 3.21
CA PRO A 254 -10.29 9.04 2.48
C PRO A 254 -8.81 8.86 2.79
N PRO A 255 -7.97 9.37 1.87
CA PRO A 255 -6.52 9.28 2.03
C PRO A 255 -6.02 10.25 3.09
N ILE A 256 -5.38 9.69 4.11
CA ILE A 256 -4.85 10.51 5.19
C ILE A 256 -3.37 10.81 4.93
N PRO A 257 -3.10 12.11 4.64
CA PRO A 257 -1.73 12.53 4.36
C PRO A 257 -0.91 12.61 5.66
N VAL A 258 -0.89 11.48 6.37
CA VAL A 258 -0.15 11.41 7.61
C VAL A 258 1.32 11.72 7.35
N GLY A 259 1.82 11.19 6.24
CA GLY A 259 3.21 11.40 5.87
C GLY A 259 3.48 12.88 5.60
N GLU A 260 2.54 13.51 4.92
CA GLU A 260 2.67 14.92 4.60
C GLU A 260 2.71 15.76 5.88
N ILE A 261 2.00 15.27 6.88
CA ILE A 261 1.95 15.95 8.17
C ILE A 261 3.34 15.98 8.79
N TYR A 262 4.00 14.83 8.74
CA TYR A 262 5.33 14.70 9.29
C TYR A 262 6.35 15.44 8.42
N LYS A 263 6.17 15.32 7.12
CA LYS A 263 7.06 15.96 6.17
C LYS A 263 7.07 17.47 6.43
N ARG A 264 5.87 18.02 6.61
CA ARG A 264 5.73 19.44 6.87
C ARG A 264 6.40 19.81 8.19
N TRP A 265 6.36 18.86 9.13
CA TRP A 265 6.96 19.07 10.43
C TRP A 265 8.46 19.32 10.24
N ILE A 266 9.06 18.45 9.45
CA ILE A 266 10.49 18.55 9.17
C ILE A 266 10.79 19.92 8.57
N ILE A 267 9.99 20.29 7.58
CA ILE A 267 10.16 21.57 6.91
C ILE A 267 9.99 22.69 7.94
N LEU A 268 9.09 22.46 8.88
CA LEU A 268 8.83 23.45 9.92
C LEU A 268 10.12 23.73 10.69
N GLY A 269 10.72 22.66 11.18
CA GLY A 269 11.96 22.77 11.94
C GLY A 269 13.08 23.34 11.06
N LEU A 270 13.39 22.62 10.00
CA LEU A 270 14.43 23.04 9.08
C LEU A 270 14.31 24.54 8.84
N ASN A 271 13.08 25.04 8.90
CA ASN A 271 12.83 26.44 8.69
C ASN A 271 13.39 27.25 9.87
N LYS A 272 13.09 26.76 11.06
CA LYS A 272 13.56 27.42 12.27
C LYS A 272 15.08 27.33 12.33
N ILE A 273 15.60 26.20 11.87
CA ILE A 273 17.04 25.99 11.88
C ILE A 273 17.68 26.86 10.79
N VAL A 274 16.93 27.04 9.71
CA VAL A 274 17.41 27.85 8.60
C VAL A 274 17.48 29.32 9.03
N ARG A 275 16.40 29.77 9.64
CA ARG A 275 16.32 31.14 10.11
C ARG A 275 17.22 31.34 11.33
N MET A 276 17.61 30.22 11.93
CA MET A 276 18.47 30.26 13.10
C MET A 276 19.94 30.24 12.72
N TYR A 277 20.23 29.51 11.64
CA TYR A 277 21.60 29.41 11.15
C TYR A 277 21.86 30.44 10.06
N SER A 278 20.85 31.25 9.79
CA SER A 278 20.96 32.29 8.76
C SER A 278 21.67 33.50 9.34
N PRO A 279 22.89 33.78 8.79
CA PRO A 279 23.68 34.90 9.23
C PRO A 279 23.11 36.22 8.69
N THR A 280 22.83 37.13 9.61
CA THR A 280 22.28 38.42 9.26
C THR A 280 22.24 39.34 10.48
N SER A 281 23.41 39.59 11.04
CA SER A 281 23.51 40.44 12.21
C SER A 281 24.98 40.82 12.46
N ILE A 282 25.17 42.03 12.94
CA ILE A 282 26.52 42.51 13.23
C ILE A 282 27.14 41.63 14.31
N LEU A 283 28.41 41.91 14.60
CA LEU A 283 29.13 41.17 15.61
C LEU A 283 30.34 41.98 16.07
N HIS A 284 30.77 41.69 17.30
CA HIS A 284 31.91 42.38 17.87
C HIS A 284 32.93 41.37 18.39
N HIS A 285 34.14 41.48 17.89
CA HIS A 285 35.21 40.58 18.30
C HIS A 285 36.54 41.07 17.73
N HIS A 286 37.61 40.39 18.15
CA HIS A 286 38.94 40.75 17.69
C HIS A 286 39.73 39.48 17.35
N HIS A 287 40.92 39.67 16.82
CA HIS A 287 41.78 38.56 16.45
C HIS A 287 42.79 38.31 17.57
N HIS A 288 43.53 37.21 17.41
CA HIS A 288 44.54 36.85 18.39
C HIS A 288 45.70 36.13 17.70
N HIS A 289 46.78 35.97 18.44
CA HIS A 289 47.95 35.30 17.90
C HIS A 289 48.10 33.93 18.56
N GLY A 2 -91.41 33.21 14.82
CA GLY A 2 -92.85 33.03 14.78
C GLY A 2 -93.49 33.98 13.78
N ALA A 3 -93.07 33.85 12.53
CA ALA A 3 -93.60 34.70 11.47
C ALA A 3 -92.98 34.29 10.14
N ARG A 4 -93.54 33.23 9.57
CA ARG A 4 -93.05 32.72 8.29
C ARG A 4 -94.15 31.96 7.57
N ALA A 5 -94.21 32.15 6.26
CA ALA A 5 -95.21 31.47 5.45
C ALA A 5 -94.52 30.67 4.35
N SER A 6 -95.32 29.96 3.58
CA SER A 6 -94.79 29.14 2.49
C SER A 6 -94.01 27.96 3.06
N VAL A 7 -94.72 26.84 3.21
CA VAL A 7 -94.12 25.64 3.74
C VAL A 7 -94.88 24.42 3.23
N LEU A 8 -96.14 24.33 3.63
CA LEU A 8 -96.98 23.23 3.22
C LEU A 8 -97.92 23.70 2.10
N SER A 9 -98.28 22.75 1.24
CA SER A 9 -99.16 23.05 0.13
C SER A 9 -100.62 22.94 0.58
N GLY A 10 -101.52 23.20 -0.37
CA GLY A 10 -102.94 23.14 -0.09
C GLY A 10 -103.35 21.74 0.38
N GLY A 11 -103.06 20.77 -0.47
CA GLY A 11 -103.39 19.38 -0.15
C GLY A 11 -102.41 18.81 0.88
N GLU A 12 -101.15 19.14 0.68
CA GLU A 12 -100.10 18.66 1.58
C GLU A 12 -100.38 19.13 3.01
N LEU A 13 -100.85 20.35 3.11
CA LEU A 13 -101.16 20.94 4.41
C LEU A 13 -102.34 20.19 5.03
N ASP A 14 -103.33 19.89 4.19
CA ASP A 14 -104.51 19.19 4.63
C ASP A 14 -104.09 17.87 5.28
N LYS A 15 -103.00 17.32 4.79
CA LYS A 15 -102.49 16.06 5.31
C LYS A 15 -101.77 16.33 6.64
N TRP A 16 -100.97 17.38 6.63
CA TRP A 16 -100.22 17.75 7.83
C TRP A 16 -101.22 17.95 8.97
N GLU A 17 -102.09 18.92 8.79
CA GLU A 17 -103.11 19.22 9.79
C GLU A 17 -103.86 17.95 10.18
N LYS A 18 -103.97 17.04 9.22
CA LYS A 18 -104.66 15.79 9.45
C LYS A 18 -103.98 15.03 10.59
N ILE A 19 -102.66 14.91 10.48
CA ILE A 19 -101.88 14.22 11.49
C ILE A 19 -102.30 14.73 12.87
N ARG A 20 -102.52 13.78 13.77
CA ARG A 20 -102.91 14.10 15.13
C ARG A 20 -101.70 14.07 16.06
N LEU A 21 -101.90 14.59 17.26
CA LEU A 21 -100.84 14.61 18.26
C LEU A 21 -101.45 14.58 19.66
N ARG A 22 -100.62 14.90 20.64
CA ARG A 22 -101.06 14.91 22.03
C ARG A 22 -100.02 15.59 22.91
N PRO A 23 -98.80 15.01 22.92
CA PRO A 23 -97.71 15.55 23.71
C PRO A 23 -97.14 16.82 23.07
N GLY A 24 -97.18 17.90 23.84
CA GLY A 24 -96.67 19.17 23.36
C GLY A 24 -97.48 19.66 22.16
N GLY A 25 -98.58 18.98 21.90
CA GLY A 25 -99.44 19.34 20.80
C GLY A 25 -100.84 19.72 21.28
N LYS A 26 -101.70 20.04 20.32
CA LYS A 26 -103.06 20.44 20.65
C LYS A 26 -104.03 19.36 20.13
N LYS A 27 -103.50 18.15 20.01
CA LYS A 27 -104.30 17.03 19.53
C LYS A 27 -104.25 16.99 18.00
N GLN A 28 -103.64 18.02 17.44
CA GLN A 28 -103.53 18.11 15.99
C GLN A 28 -102.37 19.04 15.61
N TYR A 29 -101.93 18.91 14.37
CA TYR A 29 -100.83 19.73 13.87
C TYR A 29 -101.36 20.93 13.08
N LYS A 30 -100.60 22.01 13.13
CA LYS A 30 -100.97 23.23 12.42
C LYS A 30 -99.71 23.90 11.88
N LEU A 31 -99.93 24.92 11.07
CA LEU A 31 -98.84 25.66 10.47
C LEU A 31 -98.00 26.31 11.58
N LYS A 32 -98.66 26.58 12.69
CA LYS A 32 -98.00 27.19 13.83
C LYS A 32 -96.89 26.27 14.33
N HIS A 33 -97.24 24.99 14.46
CA HIS A 33 -96.29 24.00 14.93
C HIS A 33 -95.13 23.90 13.94
N ILE A 34 -95.46 24.05 12.66
CA ILE A 34 -94.47 23.97 11.62
C ILE A 34 -93.46 25.11 11.79
N VAL A 35 -93.99 26.30 11.95
CA VAL A 35 -93.15 27.48 12.12
C VAL A 35 -92.12 27.20 13.21
N TRP A 36 -92.59 26.56 14.27
CA TRP A 36 -91.71 26.23 15.40
C TRP A 36 -90.63 25.28 14.88
N ALA A 37 -91.05 24.37 14.03
CA ALA A 37 -90.13 23.39 13.46
C ALA A 37 -89.03 24.12 12.70
N SER A 38 -89.47 25.00 11.80
CA SER A 38 -88.53 25.77 11.00
C SER A 38 -87.60 26.58 11.90
N ARG A 39 -88.16 27.03 13.01
CA ARG A 39 -87.39 27.81 13.97
C ARG A 39 -86.22 26.99 14.50
N GLU A 40 -86.50 25.71 14.76
CA GLU A 40 -85.48 24.81 15.28
C GLU A 40 -84.34 24.65 14.25
N LEU A 41 -84.72 24.69 12.98
CA LEU A 41 -83.75 24.55 11.91
C LEU A 41 -82.88 25.81 11.85
N GLU A 42 -83.50 26.93 12.20
CA GLU A 42 -82.81 28.21 12.19
C GLU A 42 -81.78 28.26 13.33
N ARG A 43 -82.22 27.79 14.49
CA ARG A 43 -81.36 27.79 15.66
C ARG A 43 -80.34 26.65 15.56
N PHE A 44 -80.63 25.72 14.67
CA PHE A 44 -79.74 24.58 14.47
C PHE A 44 -78.59 24.94 13.54
N ALA A 45 -78.67 26.13 12.98
CA ALA A 45 -77.64 26.61 12.08
C ALA A 45 -77.78 25.90 10.72
N VAL A 46 -79.04 25.62 10.37
CA VAL A 46 -79.32 24.95 9.11
C VAL A 46 -80.31 25.80 8.30
N ASN A 47 -80.19 25.68 6.99
CA ASN A 47 -81.06 26.43 6.10
C ASN A 47 -82.51 25.95 6.28
N PRO A 48 -83.43 26.94 6.38
CA PRO A 48 -84.83 26.64 6.57
C PRO A 48 -85.47 26.14 5.26
N GLY A 49 -84.79 26.45 4.16
CA GLY A 49 -85.26 26.05 2.84
C GLY A 49 -85.30 24.52 2.73
N LEU A 50 -84.66 23.86 3.68
CA LEU A 50 -84.63 22.41 3.69
C LEU A 50 -85.97 21.88 4.18
N LEU A 51 -86.68 22.71 4.92
CA LEU A 51 -87.98 22.33 5.44
C LEU A 51 -89.05 22.62 4.39
N GLU A 52 -88.60 23.17 3.27
CA GLU A 52 -89.52 23.50 2.19
C GLU A 52 -89.63 22.32 1.22
N THR A 53 -88.62 21.46 1.25
CA THR A 53 -88.59 20.30 0.39
C THR A 53 -88.38 19.03 1.21
N SER A 54 -88.77 17.91 0.63
CA SER A 54 -88.63 16.63 1.29
C SER A 54 -87.15 16.23 1.38
N GLU A 55 -86.40 16.68 0.37
CA GLU A 55 -84.98 16.38 0.32
C GLU A 55 -84.26 17.03 1.50
N GLY A 56 -84.57 18.29 1.72
CA GLY A 56 -83.97 19.04 2.81
C GLY A 56 -84.36 18.46 4.17
N CYS A 57 -85.63 18.08 4.25
CA CYS A 57 -86.15 17.51 5.49
C CYS A 57 -85.43 16.18 5.74
N ARG A 58 -85.18 15.46 4.66
CA ARG A 58 -84.50 14.18 4.75
C ARG A 58 -83.11 14.36 5.37
N GLN A 59 -82.43 15.40 4.92
CA GLN A 59 -81.09 15.70 5.42
C GLN A 59 -81.14 16.01 6.92
N ILE A 60 -82.23 16.65 7.31
CA ILE A 60 -82.41 17.00 8.71
C ILE A 60 -82.73 15.75 9.52
N LEU A 61 -83.96 15.27 9.36
CA LEU A 61 -84.41 14.09 10.07
C LEU A 61 -83.30 13.04 10.05
N GLY A 62 -82.60 12.99 8.92
CA GLY A 62 -81.51 12.04 8.77
C GLY A 62 -80.41 12.28 9.82
N GLN A 63 -80.02 13.54 9.94
CA GLN A 63 -78.99 13.91 10.89
C GLN A 63 -79.63 14.41 12.20
N LEU A 64 -80.88 14.01 12.40
CA LEU A 64 -81.61 14.41 13.59
C LEU A 64 -81.77 13.19 14.51
N GLN A 65 -81.75 12.02 13.90
CA GLN A 65 -81.90 10.78 14.65
C GLN A 65 -80.87 10.74 15.79
N PRO A 66 -79.60 11.10 15.44
CA PRO A 66 -78.52 11.10 16.41
C PRO A 66 -78.64 12.29 17.36
N SER A 67 -79.01 13.43 16.79
CA SER A 67 -79.16 14.65 17.57
C SER A 67 -80.36 14.52 18.50
N LEU A 68 -81.16 13.50 18.25
CA LEU A 68 -82.34 13.26 19.06
C LEU A 68 -81.92 12.78 20.44
N GLN A 69 -80.95 11.87 20.45
CA GLN A 69 -80.45 11.33 21.71
C GLN A 69 -79.57 12.35 22.41
N THR A 70 -79.31 13.46 21.72
CA THR A 70 -78.49 14.51 22.27
C THR A 70 -79.28 15.82 22.35
N GLY A 71 -80.50 15.77 21.82
CA GLY A 71 -81.37 16.94 21.83
C GLY A 71 -82.07 17.09 23.17
N SER A 72 -83.32 16.64 23.21
CA SER A 72 -84.12 16.72 24.42
C SER A 72 -85.58 16.39 24.12
N GLU A 73 -86.40 16.50 25.14
CA GLU A 73 -87.82 16.22 24.99
C GLU A 73 -88.45 17.18 23.99
N GLU A 74 -88.04 18.44 24.06
CA GLU A 74 -88.55 19.46 23.15
C GLU A 74 -87.99 19.23 21.74
N LEU A 75 -86.68 19.01 21.69
CA LEU A 75 -86.02 18.79 20.42
C LEU A 75 -86.61 17.55 19.74
N ARG A 76 -87.00 16.59 20.58
CA ARG A 76 -87.58 15.35 20.08
C ARG A 76 -88.88 15.64 19.33
N SER A 77 -89.67 16.53 19.92
CA SER A 77 -90.95 16.91 19.32
C SER A 77 -90.72 17.55 17.96
N LEU A 78 -89.58 18.22 17.84
CA LEU A 78 -89.22 18.88 16.60
C LEU A 78 -89.01 17.84 15.50
N TYR A 79 -88.26 16.80 15.85
CA TYR A 79 -87.99 15.73 14.91
C TYR A 79 -89.28 15.07 14.44
N ASN A 80 -90.18 14.85 15.38
CA ASN A 80 -91.46 14.24 15.07
C ASN A 80 -92.21 15.10 14.05
N THR A 81 -91.93 16.39 14.11
CA THR A 81 -92.57 17.32 13.20
C THR A 81 -92.08 17.11 11.77
N ILE A 82 -90.76 17.02 11.64
CA ILE A 82 -90.15 16.81 10.34
C ILE A 82 -90.49 15.40 9.84
N ALA A 83 -90.55 14.47 10.78
CA ALA A 83 -90.87 13.09 10.45
C ALA A 83 -92.21 13.04 9.72
N VAL A 84 -93.23 13.54 10.39
CA VAL A 84 -94.57 13.56 9.82
C VAL A 84 -94.55 14.35 8.52
N LEU A 85 -93.83 15.46 8.55
CA LEU A 85 -93.71 16.32 7.37
C LEU A 85 -93.18 15.49 6.20
N TYR A 86 -92.24 14.62 6.51
CA TYR A 86 -91.65 13.77 5.49
C TYR A 86 -92.70 12.86 4.85
N CYS A 87 -93.56 12.31 5.70
CA CYS A 87 -94.61 11.43 5.22
C CYS A 87 -95.61 12.25 4.41
N VAL A 88 -95.86 13.47 4.89
CA VAL A 88 -96.78 14.36 4.23
C VAL A 88 -96.25 14.68 2.83
N HIS A 89 -94.96 14.93 2.76
CA HIS A 89 -94.32 15.25 1.50
C HIS A 89 -94.59 14.13 0.49
N GLN A 90 -94.53 12.90 0.99
CA GLN A 90 -94.77 11.75 0.14
C GLN A 90 -96.26 11.43 0.08
N ARG A 91 -96.98 11.95 1.06
CA ARG A 91 -98.42 11.73 1.14
C ARG A 91 -98.72 10.34 1.72
N ILE A 92 -97.95 9.99 2.74
CA ILE A 92 -98.11 8.70 3.39
C ILE A 92 -99.35 8.75 4.29
N ASP A 93 -100.08 7.65 4.30
CA ASP A 93 -101.28 7.55 5.11
C ASP A 93 -100.89 7.60 6.60
N VAL A 94 -101.08 8.78 7.18
CA VAL A 94 -100.76 8.97 8.58
C VAL A 94 -101.90 9.75 9.26
N LYS A 95 -102.01 9.55 10.56
CA LYS A 95 -103.05 10.22 11.33
C LYS A 95 -102.52 10.51 12.74
N ASP A 96 -101.20 10.58 12.84
CA ASP A 96 -100.56 10.84 14.11
C ASP A 96 -99.04 10.82 13.94
N THR A 97 -98.36 11.48 14.86
CA THR A 97 -96.91 11.55 14.82
C THR A 97 -96.30 10.15 14.89
N LYS A 98 -96.97 9.29 15.66
CA LYS A 98 -96.51 7.93 15.84
C LYS A 98 -96.70 7.17 14.52
N GLU A 99 -97.72 7.56 13.78
CA GLU A 99 -98.01 6.93 12.50
C GLU A 99 -96.86 7.17 11.51
N ALA A 100 -96.37 8.41 11.51
CA ALA A 100 -95.29 8.78 10.63
C ALA A 100 -94.00 8.10 11.10
N LEU A 101 -93.83 8.06 12.41
CA LEU A 101 -92.65 7.45 13.01
C LEU A 101 -92.51 6.02 12.47
N ASP A 102 -93.62 5.31 12.49
CA ASP A 102 -93.63 3.93 12.02
C ASP A 102 -93.55 3.92 10.48
N LYS A 103 -94.29 4.83 9.88
CA LYS A 103 -94.31 4.95 8.43
C LYS A 103 -92.91 5.31 7.93
N ILE A 104 -92.46 6.48 8.34
CA ILE A 104 -91.14 6.96 7.94
C ILE A 104 -90.09 5.91 8.33
N GLU A 105 -90.41 5.14 9.36
CA GLU A 105 -89.51 4.11 9.83
C GLU A 105 -89.17 3.14 8.69
N GLU A 106 -90.22 2.61 8.08
CA GLU A 106 -90.04 1.67 6.99
C GLU A 106 -89.31 2.35 5.83
N GLU A 107 -89.76 3.54 5.50
CA GLU A 107 -89.15 4.30 4.41
C GLU A 107 -87.64 4.39 4.61
N GLN A 108 -87.26 4.81 5.81
CA GLN A 108 -85.85 4.94 6.13
C GLN A 108 -85.11 3.62 5.87
N ASN A 109 -85.63 2.57 6.50
CA ASN A 109 -85.05 1.25 6.35
C ASN A 109 -84.91 0.91 4.86
N LYS A 110 -85.92 1.32 4.12
CA LYS A 110 -85.93 1.08 2.68
C LYS A 110 -84.81 1.87 2.02
N SER A 111 -84.67 3.12 2.45
CA SER A 111 -83.64 3.99 1.91
C SER A 111 -82.25 3.42 2.23
N LYS A 112 -81.95 3.38 3.52
CA LYS A 112 -80.67 2.86 3.97
C LYS A 112 -80.32 1.62 3.16
N LYS A 113 -81.33 0.81 2.89
CA LYS A 113 -81.14 -0.41 2.14
C LYS A 113 -80.51 -0.07 0.78
N LYS A 114 -81.21 0.76 0.03
CA LYS A 114 -80.73 1.16 -1.29
C LYS A 114 -79.27 1.60 -1.18
N ALA A 115 -79.02 2.45 -0.19
CA ALA A 115 -77.67 2.95 0.04
C ALA A 115 -76.70 1.77 0.16
N GLN A 116 -77.04 0.88 1.09
CA GLN A 116 -76.20 -0.30 1.31
C GLN A 116 -75.94 -1.02 0.00
N GLN A 117 -77.02 -1.31 -0.71
CA GLN A 117 -76.92 -2.01 -1.99
C GLN A 117 -75.93 -1.28 -2.91
N ALA A 118 -76.13 0.01 -3.04
CA ALA A 118 -75.27 0.83 -3.88
C ALA A 118 -73.81 0.61 -3.47
N ALA A 119 -73.56 0.76 -2.17
CA ALA A 119 -72.22 0.58 -1.64
C ALA A 119 -71.69 -0.78 -2.08
N ALA A 120 -72.47 -1.81 -1.81
CA ALA A 120 -72.08 -3.17 -2.17
C ALA A 120 -71.55 -3.18 -3.61
N ASP A 121 -72.31 -2.54 -4.48
CA ASP A 121 -71.93 -2.46 -5.89
C ASP A 121 -70.60 -1.72 -6.01
N THR A 122 -70.58 -0.51 -5.50
CA THR A 122 -69.39 0.31 -5.54
C THR A 122 -68.29 -0.28 -4.66
N GLY A 123 -67.33 -0.91 -5.30
CA GLY A 123 -66.22 -1.53 -4.59
C GLY A 123 -64.95 -1.56 -5.44
N ASN A 124 -63.85 -1.16 -4.84
CA ASN A 124 -62.58 -1.13 -5.52
C ASN A 124 -61.44 -1.23 -4.51
N ASN A 125 -60.24 -1.47 -5.02
CA ASN A 125 -59.07 -1.59 -4.16
C ASN A 125 -57.84 -1.85 -5.03
N SER A 126 -56.68 -1.68 -4.42
CA SER A 126 -55.42 -1.89 -5.12
C SER A 126 -54.26 -1.86 -4.13
N GLN A 127 -53.09 -2.24 -4.63
CA GLN A 127 -51.91 -2.27 -3.80
C GLN A 127 -50.66 -1.91 -4.63
N VAL A 128 -49.55 -1.73 -3.94
CA VAL A 128 -48.30 -1.38 -4.60
C VAL A 128 -47.19 -2.29 -4.08
N SER A 129 -46.02 -2.12 -4.66
CA SER A 129 -44.86 -2.92 -4.27
C SER A 129 -43.59 -2.09 -4.42
N GLN A 130 -42.49 -2.65 -3.90
CA GLN A 130 -41.21 -1.97 -3.97
C GLN A 130 -40.08 -3.00 -4.11
N ASN A 131 -38.89 -2.49 -4.36
CA ASN A 131 -37.72 -3.34 -4.53
C ASN A 131 -36.51 -2.68 -3.88
N TYR A 132 -35.45 -3.46 -3.73
CA TYR A 132 -34.23 -2.96 -3.13
C TYR A 132 -33.01 -3.77 -3.61
N PRO A 133 -32.38 -3.23 -4.69
CA PRO A 133 -31.20 -3.88 -5.26
C PRO A 133 -29.97 -3.65 -4.38
N ILE A 134 -28.86 -4.24 -4.81
CA ILE A 134 -27.61 -4.11 -4.07
C ILE A 134 -26.50 -3.65 -5.02
N VAL A 135 -25.35 -3.38 -4.44
CA VAL A 135 -24.20 -2.93 -5.22
C VAL A 135 -22.92 -3.51 -4.62
N GLN A 136 -21.82 -3.23 -5.29
CA GLN A 136 -20.52 -3.72 -4.83
C GLN A 136 -19.45 -2.64 -5.05
N ASN A 137 -18.28 -2.91 -4.50
CA ASN A 137 -17.16 -1.99 -4.63
C ASN A 137 -15.86 -2.71 -4.29
N LEU A 138 -14.75 -2.05 -4.61
CA LEU A 138 -13.44 -2.62 -4.35
C LEU A 138 -12.47 -1.51 -3.99
N GLN A 139 -11.25 -1.90 -3.66
CA GLN A 139 -10.21 -0.95 -3.29
C GLN A 139 -8.83 -1.59 -3.40
N GLY A 140 -7.81 -0.75 -3.29
CA GLY A 140 -6.44 -1.22 -3.37
C GLY A 140 -6.13 -2.23 -2.25
N GLN A 141 -4.84 -2.39 -1.98
CA GLN A 141 -4.41 -3.30 -0.94
C GLN A 141 -3.05 -2.85 -0.37
N MET A 142 -3.06 -1.64 0.16
CA MET A 142 -1.85 -1.08 0.74
C MET A 142 -0.71 -1.07 -0.28
N VAL A 143 0.36 -0.36 0.10
CA VAL A 143 1.52 -0.26 -0.77
C VAL A 143 2.69 0.33 0.02
N HIS A 144 3.12 -0.40 1.02
CA HIS A 144 4.22 0.04 1.86
C HIS A 144 5.51 0.07 1.04
N GLN A 145 5.90 1.26 0.64
CA GLN A 145 7.11 1.45 -0.14
C GLN A 145 8.18 2.17 0.68
N ALA A 146 9.15 1.39 1.13
CA ALA A 146 10.24 1.94 1.92
C ALA A 146 11.18 2.73 1.02
N ILE A 147 12.05 3.50 1.64
CA ILE A 147 13.00 4.30 0.91
C ILE A 147 14.21 3.43 0.54
N SER A 148 14.72 3.68 -0.66
CA SER A 148 15.86 2.92 -1.16
C SER A 148 17.16 3.59 -0.69
N PRO A 149 18.27 2.79 -0.75
CA PRO A 149 19.57 3.29 -0.34
C PRO A 149 20.15 4.24 -1.39
N ARG A 150 19.69 4.06 -2.62
CA ARG A 150 20.16 4.89 -3.72
C ARG A 150 19.71 6.35 -3.50
N THR A 151 18.48 6.49 -3.05
CA THR A 151 17.93 7.81 -2.80
C THR A 151 18.57 8.44 -1.57
N LEU A 152 18.86 7.59 -0.59
CA LEU A 152 19.48 8.04 0.65
C LEU A 152 20.89 8.55 0.34
N ASN A 153 21.52 7.91 -0.64
CA ASN A 153 22.86 8.28 -1.03
C ASN A 153 22.84 9.65 -1.70
N ALA A 154 21.90 9.80 -2.63
CA ALA A 154 21.77 11.05 -3.36
C ALA A 154 21.51 12.19 -2.37
N TRP A 155 20.55 11.94 -1.48
CA TRP A 155 20.19 12.93 -0.47
C TRP A 155 21.42 13.17 0.41
N VAL A 156 22.00 12.07 0.86
CA VAL A 156 23.18 12.15 1.71
C VAL A 156 24.17 13.17 1.13
N LYS A 157 24.34 13.09 -0.18
CA LYS A 157 25.25 13.99 -0.87
C LYS A 157 24.76 15.43 -0.68
N VAL A 158 23.45 15.58 -0.65
CA VAL A 158 22.84 16.88 -0.48
C VAL A 158 23.08 17.37 0.96
N VAL A 159 22.83 16.46 1.89
CA VAL A 159 23.01 16.78 3.30
C VAL A 159 24.44 17.30 3.52
N GLU A 160 25.36 16.74 2.75
CA GLU A 160 26.75 17.13 2.86
C GLU A 160 26.99 18.47 2.15
N GLU A 161 26.32 18.62 1.01
CA GLU A 161 26.44 19.84 0.23
C GLU A 161 25.46 20.90 0.73
N LYS A 162 24.89 20.62 1.89
CA LYS A 162 23.93 21.54 2.50
C LYS A 162 23.93 21.34 4.01
N ALA A 163 23.26 20.28 4.43
CA ALA A 163 23.18 19.96 5.86
C ALA A 163 22.00 20.73 6.47
N PHE A 164 21.96 22.02 6.16
CA PHE A 164 20.89 22.87 6.68
C PHE A 164 20.85 24.20 5.92
N SER A 165 20.30 24.14 4.72
CA SER A 165 20.18 25.33 3.89
C SER A 165 18.74 25.51 3.42
N PRO A 166 18.48 26.69 2.81
CA PRO A 166 17.15 27.00 2.32
C PRO A 166 16.85 26.23 1.03
N GLU A 167 17.91 25.76 0.39
CA GLU A 167 17.78 25.00 -0.84
C GLU A 167 17.73 23.51 -0.55
N VAL A 168 17.85 23.19 0.74
CA VAL A 168 17.82 21.80 1.16
C VAL A 168 16.45 21.48 1.75
N ILE A 169 15.86 22.48 2.39
CA ILE A 169 14.55 22.32 3.00
C ILE A 169 13.57 21.79 1.96
N PRO A 170 13.60 22.46 0.76
CA PRO A 170 12.71 22.08 -0.33
C PRO A 170 13.20 20.79 -1.00
N MET A 171 14.51 20.66 -1.07
CA MET A 171 15.12 19.48 -1.68
C MET A 171 14.74 18.22 -0.92
N PHE A 172 14.61 18.36 0.40
CA PHE A 172 14.26 17.24 1.25
C PHE A 172 12.83 16.77 0.97
N SER A 173 11.94 17.74 0.82
CA SER A 173 10.55 17.43 0.55
C SER A 173 10.43 16.61 -0.74
N ALA A 174 11.24 16.99 -1.72
CA ALA A 174 11.24 16.30 -3.00
C ALA A 174 11.60 14.83 -2.78
N LEU A 175 12.64 14.62 -1.97
CA LEU A 175 13.09 13.27 -1.67
C LEU A 175 12.13 12.62 -0.67
N SER A 176 11.25 13.45 -0.13
CA SER A 176 10.28 12.96 0.83
C SER A 176 8.89 12.90 0.19
N GLU A 177 8.88 12.99 -1.13
CA GLU A 177 7.64 12.95 -1.88
C GLU A 177 6.69 11.90 -1.28
N GLY A 178 5.68 12.40 -0.59
CA GLY A 178 4.71 11.52 0.05
C GLY A 178 5.38 10.25 0.59
N ALA A 179 6.19 10.46 1.62
CA ALA A 179 6.90 9.34 2.23
C ALA A 179 6.22 9.00 3.56
N THR A 180 6.84 8.06 4.27
CA THR A 180 6.31 7.62 5.55
C THR A 180 7.24 8.05 6.69
N PRO A 181 6.88 7.60 7.92
CA PRO A 181 7.68 7.93 9.10
C PRO A 181 8.97 7.11 9.13
N GLN A 182 8.86 5.87 8.68
CA GLN A 182 10.00 4.97 8.66
C GLN A 182 10.99 5.42 7.59
N ASP A 183 10.45 5.94 6.50
CA ASP A 183 11.29 6.42 5.40
C ASP A 183 11.90 7.77 5.77
N LEU A 184 11.03 8.67 6.22
CA LEU A 184 11.46 10.00 6.61
C LEU A 184 12.41 9.90 7.81
N ASN A 185 12.15 8.89 8.64
CA ASN A 185 12.96 8.67 9.82
C ASN A 185 14.38 8.28 9.40
N THR A 186 14.45 7.48 8.35
CA THR A 186 15.72 7.03 7.83
C THR A 186 16.57 8.22 7.39
N MET A 187 15.92 9.16 6.72
CA MET A 187 16.60 10.35 6.24
C MET A 187 17.04 11.24 7.41
N LEU A 188 16.12 11.44 8.35
CA LEU A 188 16.40 12.27 9.50
C LEU A 188 17.15 11.42 10.55
N ASN A 189 17.52 10.22 10.13
CA ASN A 189 18.24 9.32 11.02
C ASN A 189 19.72 9.35 10.67
N THR A 190 20.01 9.21 9.39
CA THR A 190 21.39 9.22 8.93
C THR A 190 21.75 10.61 8.38
N VAL A 191 20.86 11.56 8.62
CA VAL A 191 21.07 12.92 8.16
C VAL A 191 22.46 13.38 8.59
N GLY A 192 22.74 14.65 8.31
CA GLY A 192 24.03 15.22 8.66
C GLY A 192 23.97 16.76 8.65
N GLY A 193 23.50 17.31 9.76
CA GLY A 193 23.38 18.75 9.89
C GLY A 193 23.94 19.23 11.23
N HIS A 194 23.32 18.75 12.30
CA HIS A 194 23.74 19.12 13.64
C HIS A 194 22.70 18.65 14.66
N GLN A 195 23.18 18.04 15.72
CA GLN A 195 22.30 17.54 16.76
C GLN A 195 21.45 18.68 17.33
N ALA A 196 22.11 19.81 17.54
CA ALA A 196 21.43 20.98 18.08
C ALA A 196 20.25 21.34 17.18
N ALA A 197 20.53 21.40 15.88
CA ALA A 197 19.50 21.74 14.91
C ALA A 197 18.38 20.70 14.98
N MET A 198 18.78 19.44 14.95
CA MET A 198 17.83 18.34 15.02
C MET A 198 16.99 18.43 16.29
N GLN A 199 17.61 18.92 17.34
CA GLN A 199 16.93 19.06 18.62
C GLN A 199 15.73 20.00 18.48
N MET A 200 15.98 21.15 17.87
CA MET A 200 14.95 22.14 17.67
C MET A 200 13.86 21.60 16.73
N LEU A 201 14.29 20.92 15.69
CA LEU A 201 13.38 20.35 14.72
C LEU A 201 12.41 19.41 15.43
N LYS A 202 12.97 18.61 16.33
CA LYS A 202 12.18 17.65 17.09
C LYS A 202 11.24 18.41 18.02
N GLU A 203 11.70 19.58 18.45
CA GLU A 203 10.92 20.41 19.35
C GLU A 203 9.67 20.92 18.65
N THR A 204 9.86 21.40 17.42
CA THR A 204 8.76 21.92 16.64
C THR A 204 7.86 20.78 16.16
N ILE A 205 8.49 19.76 15.61
CA ILE A 205 7.75 18.61 15.11
C ILE A 205 6.98 17.98 16.25
N ASN A 206 7.71 17.62 17.30
CA ASN A 206 7.11 17.00 18.46
C ASN A 206 6.03 17.94 19.04
N GLU A 207 6.30 19.23 18.94
CA GLU A 207 5.38 20.23 19.44
C GLU A 207 4.08 20.20 18.63
N GLU A 208 4.23 19.86 17.35
CA GLU A 208 3.07 19.79 16.47
C GLU A 208 2.14 18.65 16.89
N ALA A 209 2.76 17.56 17.33
CA ALA A 209 2.02 16.40 17.77
C ALA A 209 1.36 16.69 19.12
N ALA A 210 2.18 17.20 20.03
CA ALA A 210 1.70 17.53 21.37
C ALA A 210 0.50 18.46 21.25
N GLU A 211 0.67 19.49 20.43
CA GLU A 211 -0.38 20.46 20.24
C GLU A 211 -1.62 19.80 19.65
N TRP A 212 -1.38 18.79 18.83
CA TRP A 212 -2.47 18.05 18.20
C TRP A 212 -3.36 17.50 19.30
N ASP A 213 -2.78 16.61 20.09
CA ASP A 213 -3.51 15.99 21.19
C ASP A 213 -4.01 17.08 22.15
N ARG A 214 -3.21 18.13 22.26
CA ARG A 214 -3.55 19.24 23.14
C ARG A 214 -4.89 19.84 22.72
N LEU A 215 -5.14 19.82 21.42
CA LEU A 215 -6.38 20.36 20.88
C LEU A 215 -7.29 19.22 20.46
N HIS A 216 -6.76 18.00 20.56
CA HIS A 216 -7.51 16.81 20.19
C HIS A 216 -7.84 16.01 21.45
N PRO A 217 -9.17 15.84 21.70
CA PRO A 217 -9.63 15.10 22.86
C PRO A 217 -9.45 13.59 22.65
N VAL A 218 -8.21 13.21 22.36
CA VAL A 218 -7.89 11.81 22.14
C VAL A 218 -7.78 11.10 23.49
N HIS A 219 -8.35 9.90 23.53
CA HIS A 219 -8.32 9.10 24.75
C HIS A 219 -8.93 7.74 24.48
N ALA A 220 -8.33 7.02 23.53
CA ALA A 220 -8.80 5.70 23.17
C ALA A 220 -8.01 4.64 23.94
N GLY A 221 -8.44 3.40 23.79
CA GLY A 221 -7.78 2.29 24.47
C GLY A 221 -6.76 1.62 23.55
N PRO A 222 -6.68 0.27 23.68
CA PRO A 222 -5.76 -0.51 22.87
C PRO A 222 -6.27 -0.65 21.44
N ILE A 223 -5.66 0.14 20.55
CA ILE A 223 -6.05 0.11 19.15
C ILE A 223 -6.16 -1.34 18.68
N ALA A 224 -7.09 -1.56 17.77
CA ALA A 224 -7.31 -2.89 17.23
C ALA A 224 -6.02 -3.41 16.61
N PRO A 225 -5.92 -4.76 16.50
CA PRO A 225 -4.75 -5.39 15.94
C PRO A 225 -4.72 -5.23 14.41
N GLY A 226 -3.86 -4.33 13.95
CA GLY A 226 -3.72 -4.07 12.53
C GLY A 226 -4.45 -2.79 12.14
N GLN A 227 -5.36 -2.37 13.00
CA GLN A 227 -6.14 -1.17 12.76
C GLN A 227 -5.45 0.04 13.40
N MET A 228 -5.80 1.22 12.89
CA MET A 228 -5.23 2.45 13.40
C MET A 228 -6.33 3.45 13.76
N ARG A 229 -6.02 4.30 14.74
CA ARG A 229 -6.97 5.31 15.18
C ARG A 229 -6.68 6.64 14.49
N GLU A 230 -7.48 7.63 14.84
CA GLU A 230 -7.32 8.96 14.26
C GLU A 230 -5.84 9.29 14.06
N PRO A 231 -5.57 10.08 13.01
CA PRO A 231 -4.20 10.48 12.69
C PRO A 231 -3.70 11.55 13.68
N ARG A 232 -2.83 11.12 14.56
CA ARG A 232 -2.26 12.02 15.56
C ARG A 232 -0.75 12.15 15.37
N GLY A 233 -0.24 13.34 15.65
CA GLY A 233 1.18 13.60 15.51
C GLY A 233 2.01 12.39 15.91
N SER A 234 1.54 11.70 16.95
CA SER A 234 2.23 10.52 17.45
C SER A 234 2.29 9.46 16.34
N ASP A 235 1.13 9.17 15.77
CA ASP A 235 1.04 8.19 14.71
C ASP A 235 1.80 8.69 13.48
N ILE A 236 1.71 9.99 13.26
CA ILE A 236 2.38 10.61 12.13
C ILE A 236 3.89 10.39 12.26
N ALA A 237 4.33 10.22 13.50
CA ALA A 237 5.74 10.01 13.76
C ALA A 237 6.05 8.51 13.64
N GLY A 238 4.99 7.72 13.65
CA GLY A 238 5.14 6.28 13.54
C GLY A 238 5.79 5.69 14.80
N THR A 239 5.50 6.33 15.92
CA THR A 239 6.06 5.88 17.19
C THR A 239 5.12 4.87 17.86
N THR A 240 3.82 5.13 17.72
CA THR A 240 2.82 4.27 18.30
C THR A 240 2.08 3.50 17.20
N SER A 241 2.44 3.80 15.96
CA SER A 241 1.83 3.16 14.82
C SER A 241 2.90 2.55 13.91
N THR A 242 2.55 1.43 13.31
CA THR A 242 3.48 0.74 12.42
C THR A 242 3.45 1.37 11.03
N LEU A 243 4.51 1.12 10.28
CA LEU A 243 4.63 1.65 8.94
C LEU A 243 3.40 1.24 8.12
N GLN A 244 3.24 -0.07 7.98
CA GLN A 244 2.12 -0.61 7.22
C GLN A 244 0.82 0.12 7.60
N GLU A 245 0.80 0.62 8.82
CA GLU A 245 -0.36 1.33 9.32
C GLU A 245 -0.50 2.68 8.61
N GLN A 246 0.61 3.41 8.58
CA GLN A 246 0.63 4.72 7.93
C GLN A 246 0.44 4.56 6.42
N ILE A 247 1.13 3.57 5.88
CA ILE A 247 1.05 3.31 4.44
C ILE A 247 -0.42 3.29 4.02
N GLY A 248 -1.18 2.42 4.66
CA GLY A 248 -2.59 2.30 4.35
C GLY A 248 -3.33 3.62 4.59
N TRP A 249 -2.96 4.27 5.68
CA TRP A 249 -3.58 5.54 6.03
C TRP A 249 -3.34 6.51 4.88
N MET A 250 -2.21 6.33 4.21
CA MET A 250 -1.85 7.18 3.10
C MET A 250 -2.79 6.95 1.91
N THR A 251 -3.13 5.69 1.71
CA THR A 251 -4.02 5.31 0.61
C THR A 251 -5.39 4.91 1.16
N HIS A 252 -5.69 5.38 2.36
CA HIS A 252 -6.95 5.08 3.00
C HIS A 252 -8.01 6.08 2.53
N ASN A 253 -9.26 5.76 2.87
CA ASN A 253 -10.38 6.62 2.50
C ASN A 253 -11.09 7.11 3.76
N PRO A 254 -10.95 8.44 4.01
CA PRO A 254 -10.19 9.30 3.14
C PRO A 254 -8.68 9.08 3.33
N PRO A 255 -7.91 9.50 2.29
CA PRO A 255 -6.46 9.34 2.33
C PRO A 255 -5.83 10.39 3.27
N ILE A 256 -5.15 9.89 4.29
CA ILE A 256 -4.51 10.76 5.26
C ILE A 256 -3.07 11.02 4.81
N PRO A 257 -2.80 12.31 4.47
CA PRO A 257 -1.48 12.70 4.03
C PRO A 257 -0.50 12.78 5.22
N VAL A 258 -0.39 11.66 5.92
CA VAL A 258 0.50 11.59 7.06
C VAL A 258 1.91 11.99 6.64
N GLY A 259 2.32 11.47 5.48
CA GLY A 259 3.64 11.78 4.96
C GLY A 259 3.81 13.29 4.71
N GLU A 260 2.76 13.88 4.18
CA GLU A 260 2.77 15.31 3.90
C GLU A 260 2.76 16.11 5.20
N ILE A 261 2.00 15.61 6.17
CA ILE A 261 1.90 16.26 7.46
C ILE A 261 3.26 16.23 8.15
N TYR A 262 3.88 15.05 8.11
CA TYR A 262 5.19 14.88 8.73
C TYR A 262 6.25 15.70 8.00
N LYS A 263 6.23 15.58 6.68
CA LYS A 263 7.19 16.30 5.85
C LYS A 263 7.09 17.80 6.15
N ARG A 264 5.85 18.27 6.20
CA ARG A 264 5.60 19.68 6.46
C ARG A 264 6.15 20.06 7.84
N TRP A 265 5.96 19.16 8.79
CA TRP A 265 6.42 19.39 10.15
C TRP A 265 7.94 19.51 10.11
N ILE A 266 8.57 18.59 9.41
CA ILE A 266 10.02 18.59 9.29
C ILE A 266 10.48 19.91 8.69
N ILE A 267 9.80 20.31 7.62
CA ILE A 267 10.11 21.54 6.95
C ILE A 267 9.96 22.72 7.93
N LEU A 268 9.02 22.56 8.84
CA LEU A 268 8.77 23.58 9.84
C LEU A 268 10.05 23.83 10.65
N GLY A 269 10.55 22.76 11.23
CA GLY A 269 11.77 22.85 12.03
C GLY A 269 12.95 23.29 11.18
N LEU A 270 13.21 22.53 10.12
CA LEU A 270 14.30 22.84 9.23
C LEU A 270 14.27 24.34 8.88
N ASN A 271 13.07 24.88 8.83
CA ASN A 271 12.89 26.28 8.51
C ASN A 271 13.53 27.13 9.62
N LYS A 272 13.24 26.74 10.85
CA LYS A 272 13.78 27.45 12.00
C LYS A 272 15.29 27.23 12.08
N ILE A 273 15.69 26.00 11.75
CA ILE A 273 17.10 25.65 11.77
C ILE A 273 17.87 26.57 10.81
N VAL A 274 17.31 26.72 9.63
CA VAL A 274 17.93 27.57 8.62
C VAL A 274 17.85 29.03 9.05
N ARG A 275 16.67 29.41 9.51
CA ARG A 275 16.44 30.78 9.96
C ARG A 275 17.41 31.12 11.10
N MET A 276 18.00 30.08 11.68
CA MET A 276 18.94 30.26 12.77
C MET A 276 20.38 30.28 12.25
N TYR A 277 20.63 29.43 11.27
CA TYR A 277 21.96 29.34 10.67
C TYR A 277 22.06 30.21 9.42
N SER A 278 21.13 31.14 9.30
CA SER A 278 21.11 32.03 8.17
C SER A 278 22.25 33.04 8.26
N PRO A 279 22.74 33.48 7.07
CA PRO A 279 23.84 34.44 7.02
C PRO A 279 23.35 35.85 7.37
N THR A 280 24.29 36.79 7.33
CA THR A 280 23.96 38.16 7.65
C THR A 280 22.60 38.54 7.10
N SER A 281 21.62 38.62 8.00
CA SER A 281 20.26 38.96 7.62
C SER A 281 19.40 39.13 8.87
N ILE A 282 19.35 40.36 9.35
CA ILE A 282 18.56 40.67 10.54
C ILE A 282 18.52 42.18 10.74
N LEU A 283 17.30 42.71 10.80
CA LEU A 283 17.12 44.14 10.99
C LEU A 283 16.46 44.38 12.35
N HIS A 284 17.29 44.37 13.38
CA HIS A 284 16.80 44.58 14.74
C HIS A 284 17.91 45.22 15.57
N HIS A 285 17.49 45.80 16.71
CA HIS A 285 18.43 46.45 17.60
C HIS A 285 18.79 45.49 18.74
N HIS A 286 19.76 45.91 19.55
CA HIS A 286 20.19 45.11 20.67
C HIS A 286 20.52 46.03 21.86
N HIS A 287 20.83 45.40 22.98
CA HIS A 287 21.17 46.15 24.19
C HIS A 287 22.21 45.37 24.99
N HIS A 288 22.81 46.07 25.94
CA HIS A 288 23.83 45.47 26.79
C HIS A 288 24.00 46.30 28.06
N HIS A 289 24.78 45.76 28.98
CA HIS A 289 25.04 46.45 30.23
C HIS A 289 25.48 47.88 29.96
N GLY A 2 -32.87 -57.25 -19.71
CA GLY A 2 -33.49 -57.20 -18.39
C GLY A 2 -33.33 -55.81 -17.76
N ALA A 3 -34.11 -54.87 -18.27
CA ALA A 3 -34.07 -53.51 -17.77
C ALA A 3 -32.69 -52.90 -18.06
N ARG A 4 -32.64 -52.10 -19.11
CA ARG A 4 -31.40 -51.47 -19.51
C ARG A 4 -31.62 -50.62 -20.77
N ALA A 5 -30.75 -49.63 -20.94
CA ALA A 5 -30.83 -48.76 -22.10
C ALA A 5 -32.15 -47.98 -22.04
N SER A 6 -32.18 -46.89 -22.79
CA SER A 6 -33.36 -46.05 -22.85
C SER A 6 -33.12 -44.85 -23.76
N VAL A 7 -33.58 -44.97 -24.99
CA VAL A 7 -33.41 -43.91 -25.97
C VAL A 7 -34.53 -43.98 -27.00
N LEU A 8 -34.55 -45.09 -27.72
CA LEU A 8 -35.57 -45.31 -28.74
C LEU A 8 -36.63 -46.27 -28.20
N SER A 9 -37.83 -46.16 -28.78
CA SER A 9 -38.93 -47.01 -28.37
C SER A 9 -38.86 -48.34 -29.10
N GLY A 10 -39.82 -49.21 -28.79
CA GLY A 10 -39.88 -50.52 -29.40
C GLY A 10 -39.97 -50.41 -30.93
N GLY A 11 -41.01 -49.71 -31.38
CA GLY A 11 -41.23 -49.53 -32.80
C GLY A 11 -40.30 -48.46 -33.36
N GLU A 12 -40.12 -47.40 -32.59
CA GLU A 12 -39.26 -46.30 -33.00
C GLU A 12 -37.84 -46.81 -33.23
N LEU A 13 -37.41 -47.72 -32.37
CA LEU A 13 -36.08 -48.29 -32.47
C LEU A 13 -36.02 -49.19 -33.70
N ASP A 14 -37.12 -49.88 -33.96
CA ASP A 14 -37.20 -50.77 -35.10
C ASP A 14 -37.01 -49.96 -36.39
N LYS A 15 -37.48 -48.73 -36.36
CA LYS A 15 -37.38 -47.85 -37.50
C LYS A 15 -35.93 -47.33 -37.60
N TRP A 16 -35.41 -46.90 -36.47
CA TRP A 16 -34.06 -46.38 -36.41
C TRP A 16 -33.12 -47.45 -36.96
N GLU A 17 -33.26 -48.66 -36.43
CA GLU A 17 -32.43 -49.77 -36.86
C GLU A 17 -32.71 -50.11 -38.33
N LYS A 18 -33.88 -49.69 -38.79
CA LYS A 18 -34.27 -49.93 -40.17
C LYS A 18 -33.51 -48.97 -41.09
N ILE A 19 -32.71 -48.11 -40.46
CA ILE A 19 -31.92 -47.14 -41.21
C ILE A 19 -30.61 -47.80 -41.66
N ARG A 20 -30.16 -47.39 -42.84
CA ARG A 20 -28.93 -47.93 -43.39
C ARG A 20 -27.80 -46.90 -43.29
N LEU A 21 -26.59 -47.41 -43.20
CA LEU A 21 -25.42 -46.55 -43.09
C LEU A 21 -24.72 -46.47 -44.45
N ARG A 22 -23.48 -46.02 -44.41
CA ARG A 22 -22.69 -45.90 -45.63
C ARG A 22 -22.15 -47.27 -46.06
N PRO A 23 -21.58 -47.29 -47.29
CA PRO A 23 -21.03 -48.53 -47.84
C PRO A 23 -19.69 -48.86 -47.17
N GLY A 24 -19.59 -50.10 -46.70
CA GLY A 24 -18.38 -50.56 -46.05
C GLY A 24 -18.51 -50.47 -44.53
N GLY A 25 -19.67 -49.98 -44.09
CA GLY A 25 -19.93 -49.84 -42.67
C GLY A 25 -20.93 -50.89 -42.19
N LYS A 26 -21.48 -50.64 -41.01
CA LYS A 26 -22.46 -51.56 -40.44
C LYS A 26 -23.61 -51.76 -41.42
N LYS A 27 -23.92 -50.69 -42.14
CA LYS A 27 -25.00 -50.74 -43.11
C LYS A 27 -26.34 -50.58 -42.39
N GLN A 28 -26.25 -50.49 -41.08
CA GLN A 28 -27.45 -50.33 -40.26
C GLN A 28 -27.11 -49.65 -38.94
N TYR A 29 -28.08 -48.91 -38.42
CA TYR A 29 -27.89 -48.20 -37.17
C TYR A 29 -28.35 -49.06 -35.99
N LYS A 30 -27.74 -48.80 -34.84
CA LYS A 30 -28.06 -49.54 -33.63
C LYS A 30 -28.07 -48.58 -32.44
N LEU A 31 -28.47 -49.11 -31.29
CA LEU A 31 -28.52 -48.31 -30.07
C LEU A 31 -27.11 -47.83 -29.73
N LYS A 32 -26.13 -48.60 -30.16
CA LYS A 32 -24.73 -48.26 -29.90
C LYS A 32 -24.42 -46.93 -30.58
N HIS A 33 -24.85 -46.81 -31.83
CA HIS A 33 -24.62 -45.60 -32.60
C HIS A 33 -25.34 -44.42 -31.94
N ILE A 34 -26.50 -44.72 -31.39
CA ILE A 34 -27.30 -43.71 -30.73
C ILE A 34 -26.54 -43.17 -29.52
N VAL A 35 -26.06 -44.10 -28.70
CA VAL A 35 -25.31 -43.74 -27.51
C VAL A 35 -24.18 -42.78 -27.90
N TRP A 36 -23.54 -43.09 -29.01
CA TRP A 36 -22.45 -42.27 -29.50
C TRP A 36 -23.00 -40.88 -29.81
N ALA A 37 -24.17 -40.87 -30.43
CA ALA A 37 -24.81 -39.61 -30.79
C ALA A 37 -25.06 -38.79 -29.52
N SER A 38 -25.71 -39.43 -28.55
CA SER A 38 -26.00 -38.77 -27.29
C SER A 38 -24.71 -38.33 -26.61
N ARG A 39 -23.68 -39.15 -26.78
CA ARG A 39 -22.38 -38.85 -26.19
C ARG A 39 -21.83 -37.53 -26.74
N GLU A 40 -22.02 -37.34 -28.03
CA GLU A 40 -21.56 -36.13 -28.69
C GLU A 40 -22.29 -34.92 -28.13
N LEU A 41 -23.55 -35.12 -27.79
CA LEU A 41 -24.37 -34.05 -27.24
C LEU A 41 -23.85 -33.67 -25.86
N GLU A 42 -23.50 -34.70 -25.09
CA GLU A 42 -22.99 -34.49 -23.75
C GLU A 42 -21.75 -33.59 -23.78
N ARG A 43 -20.97 -33.76 -24.84
CA ARG A 43 -19.77 -32.96 -25.00
C ARG A 43 -20.12 -31.54 -25.45
N PHE A 44 -21.27 -31.43 -26.09
CA PHE A 44 -21.73 -30.14 -26.57
C PHE A 44 -22.27 -29.29 -25.42
N ALA A 45 -22.34 -29.90 -24.25
CA ALA A 45 -22.84 -29.22 -23.07
C ALA A 45 -24.36 -29.15 -23.13
N VAL A 46 -24.94 -30.17 -23.75
CA VAL A 46 -26.39 -30.24 -23.88
C VAL A 46 -26.89 -31.55 -23.28
N ASN A 47 -28.12 -31.51 -22.77
CA ASN A 47 -28.72 -32.68 -22.17
C ASN A 47 -28.89 -33.76 -23.25
N PRO A 48 -28.44 -35.00 -22.90
CA PRO A 48 -28.54 -36.12 -23.82
C PRO A 48 -29.97 -36.64 -23.90
N GLY A 49 -30.76 -36.27 -22.89
CA GLY A 49 -32.14 -36.69 -22.84
C GLY A 49 -32.97 -36.03 -23.96
N LEU A 50 -32.33 -35.06 -24.61
CA LEU A 50 -32.99 -34.35 -25.70
C LEU A 50 -33.01 -35.23 -26.94
N LEU A 51 -32.06 -36.14 -27.01
CA LEU A 51 -31.97 -37.06 -28.12
C LEU A 51 -32.99 -38.17 -27.95
N GLU A 52 -33.58 -38.22 -26.76
CA GLU A 52 -34.57 -39.24 -26.45
C GLU A 52 -35.95 -38.80 -26.98
N THR A 53 -36.09 -37.50 -27.16
CA THR A 53 -37.35 -36.95 -27.66
C THR A 53 -37.10 -36.10 -28.90
N SER A 54 -38.12 -36.00 -29.72
CA SER A 54 -38.04 -35.21 -30.94
C SER A 54 -37.98 -33.72 -30.60
N GLU A 55 -38.59 -33.38 -29.48
CA GLU A 55 -38.61 -31.99 -29.03
C GLU A 55 -37.20 -31.52 -28.70
N GLY A 56 -36.52 -32.32 -27.89
CA GLY A 56 -35.16 -32.00 -27.49
C GLY A 56 -34.19 -32.12 -28.66
N CYS A 57 -34.43 -33.15 -29.47
CA CYS A 57 -33.59 -33.39 -30.64
C CYS A 57 -33.73 -32.20 -31.59
N ARG A 58 -34.96 -31.72 -31.70
CA ARG A 58 -35.24 -30.59 -32.57
C ARG A 58 -34.44 -29.36 -32.14
N GLN A 59 -34.34 -29.20 -30.83
CA GLN A 59 -33.61 -28.08 -30.27
C GLN A 59 -32.13 -28.16 -30.66
N ILE A 60 -31.59 -29.38 -30.55
CA ILE A 60 -30.20 -29.61 -30.90
C ILE A 60 -30.01 -29.44 -32.41
N LEU A 61 -30.55 -30.40 -33.14
CA LEU A 61 -30.44 -30.38 -34.59
C LEU A 61 -30.70 -28.95 -35.10
N GLY A 62 -31.62 -28.28 -34.43
CA GLY A 62 -31.96 -26.92 -34.80
C GLY A 62 -30.75 -26.00 -34.67
N GLN A 63 -30.08 -26.10 -33.54
CA GLN A 63 -28.90 -25.29 -33.28
C GLN A 63 -27.64 -26.05 -33.69
N LEU A 64 -27.84 -27.06 -34.52
CA LEU A 64 -26.72 -27.88 -34.99
C LEU A 64 -26.46 -27.57 -36.47
N GLN A 65 -27.49 -27.08 -37.13
CA GLN A 65 -27.39 -26.74 -38.54
C GLN A 65 -26.22 -25.79 -38.77
N PRO A 66 -26.13 -24.76 -37.88
CA PRO A 66 -25.07 -23.77 -37.99
C PRO A 66 -23.73 -24.35 -37.51
N SER A 67 -23.82 -25.12 -36.43
CA SER A 67 -22.64 -25.74 -35.87
C SER A 67 -22.07 -26.78 -36.84
N LEU A 68 -22.88 -27.10 -37.84
CA LEU A 68 -22.46 -28.08 -38.84
C LEU A 68 -21.36 -27.48 -39.71
N GLN A 69 -21.57 -26.24 -40.12
CA GLN A 69 -20.60 -25.55 -40.95
C GLN A 69 -19.38 -25.15 -40.12
N THR A 70 -19.50 -25.35 -38.82
CA THR A 70 -18.42 -25.01 -37.90
C THR A 70 -17.93 -26.26 -37.17
N GLY A 71 -18.64 -27.35 -37.39
CA GLY A 71 -18.30 -28.61 -36.75
C GLY A 71 -17.16 -29.31 -37.51
N SER A 72 -17.56 -30.27 -38.33
CA SER A 72 -16.59 -31.02 -39.11
C SER A 72 -17.25 -32.27 -39.70
N GLU A 73 -16.43 -33.07 -40.37
CA GLU A 73 -16.92 -34.30 -40.98
C GLU A 73 -17.54 -35.22 -39.91
N GLU A 74 -16.89 -35.26 -38.77
CA GLU A 74 -17.37 -36.09 -37.67
C GLU A 74 -18.61 -35.46 -37.04
N LEU A 75 -18.53 -34.17 -36.80
CA LEU A 75 -19.63 -33.44 -36.20
C LEU A 75 -20.86 -33.57 -37.10
N ARG A 76 -20.60 -33.61 -38.40
CA ARG A 76 -21.67 -33.74 -39.38
C ARG A 76 -22.41 -35.06 -39.19
N SER A 77 -21.64 -36.12 -39.04
CA SER A 77 -22.21 -37.44 -38.85
C SER A 77 -23.14 -37.44 -37.65
N LEU A 78 -22.79 -36.63 -36.65
CA LEU A 78 -23.59 -36.53 -35.44
C LEU A 78 -24.96 -35.97 -35.80
N TYR A 79 -24.95 -34.90 -36.58
CA TYR A 79 -26.19 -34.27 -37.00
C TYR A 79 -27.05 -35.23 -37.82
N ASN A 80 -26.38 -36.08 -38.57
CA ASN A 80 -27.07 -37.05 -39.41
C ASN A 80 -27.71 -38.12 -38.53
N THR A 81 -27.09 -38.32 -37.37
CA THR A 81 -27.59 -39.31 -36.42
C THR A 81 -28.90 -38.84 -35.79
N ILE A 82 -28.89 -37.59 -35.32
CA ILE A 82 -30.06 -37.02 -34.71
C ILE A 82 -31.13 -36.78 -35.77
N ALA A 83 -30.70 -36.25 -36.90
CA ALA A 83 -31.60 -35.97 -38.01
C ALA A 83 -32.46 -37.20 -38.26
N VAL A 84 -31.80 -38.33 -38.43
CA VAL A 84 -32.49 -39.59 -38.68
C VAL A 84 -33.46 -39.87 -37.52
N LEU A 85 -32.96 -39.68 -36.32
CA LEU A 85 -33.76 -39.90 -35.13
C LEU A 85 -35.02 -39.05 -35.20
N TYR A 86 -34.87 -37.86 -35.77
CA TYR A 86 -35.98 -36.94 -35.90
C TYR A 86 -37.10 -37.55 -36.74
N CYS A 87 -36.70 -38.17 -37.85
CA CYS A 87 -37.65 -38.79 -38.74
C CYS A 87 -38.28 -39.99 -38.02
N VAL A 88 -37.48 -40.60 -37.17
CA VAL A 88 -37.94 -41.76 -36.41
C VAL A 88 -39.04 -41.32 -35.45
N HIS A 89 -38.81 -40.18 -34.81
CA HIS A 89 -39.77 -39.65 -33.87
C HIS A 89 -40.89 -38.94 -34.62
N GLN A 90 -40.61 -38.60 -35.87
CA GLN A 90 -41.58 -37.91 -36.71
C GLN A 90 -42.51 -38.93 -37.37
N ARG A 91 -42.05 -40.16 -37.42
CA ARG A 91 -42.83 -41.24 -38.02
C ARG A 91 -42.55 -41.32 -39.52
N ILE A 92 -41.51 -40.61 -39.94
CA ILE A 92 -41.12 -40.60 -41.34
C ILE A 92 -40.41 -41.91 -41.68
N ASP A 93 -40.69 -42.40 -42.88
CA ASP A 93 -40.10 -43.64 -43.34
C ASP A 93 -38.91 -43.32 -44.25
N VAL A 94 -37.73 -43.54 -43.71
CA VAL A 94 -36.51 -43.28 -44.47
C VAL A 94 -35.77 -44.60 -44.69
N LYS A 95 -34.70 -44.52 -45.48
CA LYS A 95 -33.90 -45.69 -45.78
C LYS A 95 -32.51 -45.54 -45.14
N ASP A 96 -31.75 -44.60 -45.69
CA ASP A 96 -30.41 -44.35 -45.18
C ASP A 96 -30.40 -43.02 -44.42
N THR A 97 -29.28 -42.75 -43.77
CA THR A 97 -29.13 -41.53 -43.01
C THR A 97 -29.29 -40.31 -43.92
N LYS A 98 -28.64 -40.39 -45.08
CA LYS A 98 -28.70 -39.31 -46.04
C LYS A 98 -30.16 -39.05 -46.43
N GLU A 99 -30.91 -40.13 -46.49
CA GLU A 99 -32.33 -40.04 -46.84
C GLU A 99 -33.08 -39.23 -45.80
N ALA A 100 -32.61 -39.33 -44.56
CA ALA A 100 -33.25 -38.61 -43.47
C ALA A 100 -33.02 -37.11 -43.65
N LEU A 101 -31.82 -36.77 -44.08
CA LEU A 101 -31.48 -35.37 -44.30
C LEU A 101 -32.47 -34.76 -45.30
N ASP A 102 -32.72 -35.49 -46.37
CA ASP A 102 -33.64 -35.04 -47.39
C ASP A 102 -35.06 -35.13 -46.86
N LYS A 103 -35.32 -36.20 -46.12
CA LYS A 103 -36.64 -36.42 -45.55
C LYS A 103 -36.93 -35.33 -44.51
N ILE A 104 -36.10 -35.33 -43.46
CA ILE A 104 -36.26 -34.37 -42.39
C ILE A 104 -36.22 -32.95 -42.98
N GLU A 105 -35.53 -32.83 -44.10
CA GLU A 105 -35.41 -31.55 -44.77
C GLU A 105 -36.79 -31.01 -45.14
N GLU A 106 -37.54 -31.83 -45.84
CA GLU A 106 -38.88 -31.45 -46.26
C GLU A 106 -39.73 -31.11 -45.04
N GLU A 107 -39.73 -32.02 -44.08
CA GLU A 107 -40.51 -31.83 -42.87
C GLU A 107 -40.19 -30.47 -42.25
N GLN A 108 -38.90 -30.22 -42.07
CA GLN A 108 -38.45 -28.97 -41.49
C GLN A 108 -39.03 -27.78 -42.28
N ASN A 109 -38.80 -27.82 -43.59
CA ASN A 109 -39.29 -26.76 -44.46
C ASN A 109 -40.79 -26.56 -44.22
N LYS A 110 -41.50 -27.68 -44.14
CA LYS A 110 -42.92 -27.64 -43.92
C LYS A 110 -43.22 -26.91 -42.61
N SER A 111 -42.60 -27.40 -41.54
CA SER A 111 -42.80 -26.80 -40.23
C SER A 111 -42.57 -25.29 -40.32
N LYS A 112 -41.44 -24.91 -40.90
CA LYS A 112 -41.10 -23.51 -41.05
C LYS A 112 -42.24 -22.78 -41.75
N LYS A 113 -42.57 -23.27 -42.94
CA LYS A 113 -43.64 -22.67 -43.73
C LYS A 113 -44.88 -22.48 -42.84
N LYS A 114 -45.12 -23.50 -42.01
CA LYS A 114 -46.26 -23.45 -41.11
C LYS A 114 -46.08 -22.32 -40.11
N ALA A 115 -44.85 -22.21 -39.61
CA ALA A 115 -44.52 -21.17 -38.64
C ALA A 115 -44.71 -19.79 -39.29
N GLN A 116 -43.84 -19.53 -40.27
CA GLN A 116 -43.91 -18.25 -40.97
C GLN A 116 -45.34 -17.95 -41.41
N GLN A 117 -46.00 -18.99 -41.92
CA GLN A 117 -47.37 -18.85 -42.37
C GLN A 117 -48.26 -18.36 -41.23
N ALA A 118 -48.23 -19.11 -40.14
CA ALA A 118 -49.02 -18.76 -38.97
C ALA A 118 -48.76 -17.31 -38.59
N ALA A 119 -47.48 -16.98 -38.49
CA ALA A 119 -47.07 -15.64 -38.13
C ALA A 119 -47.65 -14.64 -39.14
N ALA A 120 -47.62 -15.06 -40.40
CA ALA A 120 -48.14 -14.22 -41.47
C ALA A 120 -49.67 -14.33 -41.51
N ASP A 121 -50.21 -15.10 -40.57
CA ASP A 121 -51.64 -15.30 -40.49
C ASP A 121 -52.18 -14.57 -39.25
N THR A 122 -51.24 -14.10 -38.43
CA THR A 122 -51.61 -13.39 -37.21
C THR A 122 -51.15 -11.93 -37.28
N GLY A 123 -51.74 -11.20 -38.22
CA GLY A 123 -51.40 -9.80 -38.39
C GLY A 123 -52.27 -8.90 -37.51
N ASN A 124 -52.19 -9.17 -36.21
CA ASN A 124 -52.98 -8.40 -35.25
C ASN A 124 -52.43 -8.65 -33.84
N ASN A 125 -51.52 -7.77 -33.44
CA ASN A 125 -50.92 -7.89 -32.12
C ASN A 125 -49.82 -6.83 -31.97
N SER A 126 -49.37 -6.65 -30.74
CA SER A 126 -48.33 -5.68 -30.45
C SER A 126 -47.65 -6.01 -29.13
N GLN A 127 -46.33 -6.08 -29.17
CA GLN A 127 -45.55 -6.38 -27.98
C GLN A 127 -44.05 -6.41 -28.31
N VAL A 128 -43.28 -5.82 -27.41
CA VAL A 128 -41.84 -5.75 -27.60
C VAL A 128 -41.18 -5.21 -26.32
N SER A 129 -39.99 -5.71 -26.05
CA SER A 129 -39.25 -5.28 -24.87
C SER A 129 -37.92 -6.03 -24.78
N GLN A 130 -36.96 -5.38 -24.16
CA GLN A 130 -35.64 -5.98 -24.00
C GLN A 130 -34.75 -5.09 -23.12
N ASN A 131 -33.75 -5.71 -22.53
CA ASN A 131 -32.83 -4.99 -21.67
C ASN A 131 -31.76 -5.95 -21.14
N TYR A 132 -30.59 -5.39 -20.89
CA TYR A 132 -29.48 -6.19 -20.38
C TYR A 132 -28.28 -5.30 -20.03
N PRO A 133 -28.24 -4.88 -18.74
CA PRO A 133 -27.15 -4.04 -18.27
C PRO A 133 -25.87 -4.84 -18.08
N ILE A 134 -24.83 -4.16 -17.63
CA ILE A 134 -23.54 -4.79 -17.40
C ILE A 134 -22.67 -3.86 -16.56
N VAL A 135 -21.79 -4.49 -15.79
CA VAL A 135 -20.89 -3.74 -14.93
C VAL A 135 -19.57 -4.49 -14.80
N GLN A 136 -18.61 -3.84 -14.16
CA GLN A 136 -17.29 -4.44 -13.96
C GLN A 136 -16.41 -3.51 -13.13
N ASN A 137 -15.51 -4.13 -12.37
CA ASN A 137 -14.60 -3.38 -11.52
C ASN A 137 -13.75 -4.36 -10.71
N LEU A 138 -12.44 -4.20 -10.85
CA LEU A 138 -11.50 -5.05 -10.13
C LEU A 138 -10.10 -4.44 -10.22
N GLN A 139 -9.19 -5.03 -9.45
CA GLN A 139 -7.82 -4.56 -9.43
C GLN A 139 -7.76 -3.11 -8.93
N GLY A 140 -6.71 -2.82 -8.18
CA GLY A 140 -6.53 -1.48 -7.63
C GLY A 140 -6.03 -1.56 -6.18
N GLN A 141 -4.73 -1.37 -6.03
CA GLN A 141 -4.12 -1.39 -4.71
C GLN A 141 -2.67 -0.91 -4.78
N MET A 142 -2.08 -0.74 -3.61
CA MET A 142 -0.70 -0.28 -3.53
C MET A 142 -0.05 -0.73 -2.22
N VAL A 143 1.27 -0.75 -2.23
CA VAL A 143 2.03 -1.15 -1.05
C VAL A 143 2.90 0.01 -0.59
N HIS A 144 3.47 -0.15 0.61
CA HIS A 144 4.32 0.87 1.17
C HIS A 144 5.60 1.00 0.34
N GLN A 145 5.86 2.22 -0.10
CA GLN A 145 7.04 2.48 -0.91
C GLN A 145 8.23 2.82 -0.01
N ALA A 146 9.21 1.93 -0.02
CA ALA A 146 10.40 2.12 0.80
C ALA A 146 11.29 3.19 0.15
N ILE A 147 12.26 3.65 0.92
CA ILE A 147 13.18 4.67 0.43
C ILE A 147 14.47 4.01 -0.04
N SER A 148 15.03 4.55 -1.10
CA SER A 148 16.26 4.02 -1.66
C SER A 148 17.47 4.62 -0.94
N PRO A 149 18.59 3.87 -0.97
CA PRO A 149 19.81 4.31 -0.32
C PRO A 149 20.50 5.42 -1.13
N ARG A 150 20.09 5.52 -2.38
CA ARG A 150 20.65 6.53 -3.27
C ARG A 150 20.28 7.92 -2.78
N THR A 151 19.05 8.05 -2.29
CA THR A 151 18.57 9.33 -1.80
C THR A 151 19.22 9.65 -0.45
N LEU A 152 19.49 8.60 0.31
CA LEU A 152 20.12 8.76 1.61
C LEU A 152 21.58 9.17 1.43
N ASN A 153 22.24 8.50 0.50
CA ASN A 153 23.64 8.78 0.22
C ASN A 153 23.75 10.12 -0.51
N ALA A 154 22.79 10.35 -1.40
CA ALA A 154 22.77 11.58 -2.17
C ALA A 154 22.56 12.76 -1.23
N TRP A 155 21.56 12.62 -0.37
CA TRP A 155 21.24 13.67 0.59
C TRP A 155 22.46 13.85 1.50
N VAL A 156 23.02 12.73 1.93
CA VAL A 156 24.18 12.76 2.80
C VAL A 156 25.18 13.79 2.28
N LYS A 157 25.38 13.76 0.97
CA LYS A 157 26.31 14.69 0.34
C LYS A 157 25.72 16.10 0.40
N VAL A 158 24.41 16.18 0.25
CA VAL A 158 23.73 17.46 0.29
C VAL A 158 23.91 18.09 1.67
N VAL A 159 23.88 17.23 2.68
CA VAL A 159 24.04 17.71 4.05
C VAL A 159 25.46 18.25 4.24
N GLU A 160 26.39 17.67 3.50
CA GLU A 160 27.77 18.09 3.57
C GLU A 160 27.97 19.43 2.83
N GLU A 161 27.01 19.72 1.96
CA GLU A 161 27.06 20.94 1.18
C GLU A 161 26.10 21.97 1.76
N LYS A 162 24.83 21.84 1.39
CA LYS A 162 23.81 22.74 1.87
C LYS A 162 23.68 22.62 3.39
N ALA A 163 23.20 21.44 3.81
CA ALA A 163 23.03 21.18 5.23
C ALA A 163 21.66 21.71 5.66
N PHE A 164 21.37 22.94 5.27
CA PHE A 164 20.11 23.56 5.62
C PHE A 164 19.89 24.84 4.82
N SER A 165 19.72 24.65 3.51
CA SER A 165 19.50 25.78 2.61
C SER A 165 18.01 25.88 2.26
N PRO A 166 17.66 27.00 1.56
CA PRO A 166 16.29 27.22 1.16
C PRO A 166 15.90 26.32 -0.01
N GLU A 167 16.92 25.83 -0.70
CA GLU A 167 16.71 24.96 -1.85
C GLU A 167 16.85 23.50 -1.44
N VAL A 168 17.09 23.30 -0.15
CA VAL A 168 17.24 21.95 0.38
C VAL A 168 15.95 21.54 1.11
N ILE A 169 15.33 22.54 1.73
CA ILE A 169 14.09 22.29 2.46
C ILE A 169 13.06 21.65 1.53
N PRO A 170 12.95 22.24 0.30
CA PRO A 170 12.02 21.73 -0.68
C PRO A 170 12.54 20.44 -1.32
N MET A 171 13.86 20.37 -1.45
CA MET A 171 14.49 19.20 -2.03
C MET A 171 14.21 17.95 -1.20
N PHE A 172 14.33 18.11 0.11
CA PHE A 172 14.08 17.01 1.02
C PHE A 172 12.64 16.51 0.91
N SER A 173 11.73 17.47 0.87
CA SER A 173 10.31 17.14 0.77
C SER A 173 9.99 16.60 -0.62
N ALA A 174 10.82 17.00 -1.58
CA ALA A 174 10.64 16.56 -2.95
C ALA A 174 10.75 15.04 -3.02
N LEU A 175 11.79 14.53 -2.35
CA LEU A 175 12.03 13.09 -2.31
C LEU A 175 11.05 12.44 -1.34
N SER A 176 10.70 13.19 -0.30
CA SER A 176 9.79 12.69 0.71
C SER A 176 8.34 12.91 0.25
N GLU A 177 8.21 13.36 -0.99
CA GLU A 177 6.90 13.61 -1.56
C GLU A 177 5.95 12.46 -1.23
N GLY A 178 5.09 12.69 -0.24
CA GLY A 178 4.14 11.69 0.18
C GLY A 178 4.85 10.45 0.72
N ALA A 179 5.74 10.68 1.68
CA ALA A 179 6.48 9.59 2.29
C ALA A 179 5.77 9.14 3.57
N THR A 180 6.41 8.21 4.26
CA THR A 180 5.84 7.69 5.49
C THR A 180 6.74 8.05 6.69
N PRO A 181 6.40 7.44 7.86
CA PRO A 181 7.16 7.68 9.07
C PRO A 181 8.51 6.95 9.04
N GLN A 182 8.46 5.73 8.50
CA GLN A 182 9.66 4.92 8.40
C GLN A 182 10.63 5.52 7.38
N ASP A 183 10.18 5.53 6.13
CA ASP A 183 11.00 6.07 5.06
C ASP A 183 11.61 7.40 5.50
N LEU A 184 10.80 8.18 6.19
CA LEU A 184 11.24 9.48 6.68
C LEU A 184 12.26 9.27 7.81
N ASN A 185 11.94 8.32 8.67
CA ASN A 185 12.81 8.01 9.79
C ASN A 185 14.22 7.70 9.28
N THR A 186 14.26 6.93 8.20
CA THR A 186 15.53 6.55 7.60
C THR A 186 16.23 7.79 7.02
N MET A 187 15.44 8.62 6.37
CA MET A 187 15.96 9.83 5.76
C MET A 187 16.58 10.75 6.81
N LEU A 188 15.85 10.92 7.91
CA LEU A 188 16.31 11.76 9.00
C LEU A 188 17.34 10.99 9.83
N ASN A 189 17.51 9.73 9.48
CA ASN A 189 18.45 8.87 10.19
C ASN A 189 19.81 8.90 9.47
N THR A 190 19.76 9.32 8.21
CA THR A 190 20.96 9.40 7.41
C THR A 190 21.52 10.82 7.41
N VAL A 191 20.64 11.77 7.72
CA VAL A 191 21.04 13.17 7.76
C VAL A 191 22.30 13.31 8.62
N GLY A 192 22.76 14.55 8.73
CA GLY A 192 23.94 14.84 9.52
C GLY A 192 24.17 16.34 9.65
N GLY A 193 23.12 17.03 10.09
CA GLY A 193 23.20 18.47 10.27
C GLY A 193 23.46 18.84 11.73
N HIS A 194 24.03 17.88 12.45
CA HIS A 194 24.35 18.09 13.86
C HIS A 194 23.16 17.66 14.71
N GLN A 195 23.47 16.86 15.73
CA GLN A 195 22.44 16.36 16.63
C GLN A 195 21.69 17.53 17.27
N ALA A 196 22.44 18.58 17.57
CA ALA A 196 21.86 19.76 18.19
C ALA A 196 20.72 20.28 17.31
N ALA A 197 21.03 20.42 16.02
CA ALA A 197 20.05 20.90 15.06
C ALA A 197 18.84 19.98 15.07
N MET A 198 19.12 18.69 14.94
CA MET A 198 18.07 17.68 14.92
C MET A 198 17.23 17.75 16.20
N GLN A 199 17.90 18.10 17.29
CA GLN A 199 17.22 18.20 18.57
C GLN A 199 16.19 19.33 18.55
N MET A 200 16.62 20.48 18.05
CA MET A 200 15.75 21.64 17.95
C MET A 200 14.51 21.32 17.10
N LEU A 201 14.77 20.70 15.96
CA LEU A 201 13.70 20.35 15.05
C LEU A 201 12.83 19.27 15.69
N LYS A 202 13.49 18.36 16.38
CA LYS A 202 12.78 17.27 17.05
C LYS A 202 11.73 17.86 17.99
N GLU A 203 12.11 18.94 18.65
CA GLU A 203 11.22 19.60 19.59
C GLU A 203 10.02 20.21 18.83
N THR A 204 10.32 20.73 17.65
CA THR A 204 9.29 21.35 16.83
C THR A 204 8.37 20.28 16.26
N ILE A 205 8.96 19.14 15.91
CA ILE A 205 8.20 18.04 15.35
C ILE A 205 7.30 17.44 16.43
N ASN A 206 7.93 17.03 17.52
CA ASN A 206 7.21 16.44 18.63
C ASN A 206 6.16 17.43 19.14
N GLU A 207 6.58 18.68 19.23
CA GLU A 207 5.69 19.73 19.70
C GLU A 207 4.55 19.95 18.70
N GLU A 208 4.85 19.69 17.44
CA GLU A 208 3.87 19.84 16.39
C GLU A 208 2.69 18.89 16.62
N ALA A 209 3.01 17.70 17.06
CA ALA A 209 2.00 16.69 17.33
C ALA A 209 1.16 17.12 18.53
N ALA A 210 1.86 17.50 19.59
CA ALA A 210 1.19 17.94 20.80
C ALA A 210 0.22 19.08 20.47
N GLU A 211 0.75 20.04 19.72
CA GLU A 211 -0.06 21.20 19.33
C GLU A 211 -1.17 20.77 18.38
N TRP A 212 -0.84 19.80 17.53
CA TRP A 212 -1.80 19.31 16.57
C TRP A 212 -3.00 18.77 17.33
N ASP A 213 -2.71 17.93 18.31
CA ASP A 213 -3.75 17.34 19.13
C ASP A 213 -4.60 18.45 19.76
N ARG A 214 -3.93 19.55 20.05
CA ARG A 214 -4.61 20.70 20.66
C ARG A 214 -5.73 21.19 19.74
N LEU A 215 -5.42 21.24 18.46
CA LEU A 215 -6.38 21.69 17.47
C LEU A 215 -7.20 20.49 16.97
N HIS A 216 -6.88 19.33 17.52
CA HIS A 216 -7.57 18.10 17.15
C HIS A 216 -8.41 17.62 18.32
N PRO A 217 -9.74 17.95 18.26
CA PRO A 217 -10.65 17.55 19.31
C PRO A 217 -11.00 16.07 19.20
N VAL A 218 -10.15 15.25 19.82
CA VAL A 218 -10.35 13.82 19.80
C VAL A 218 -10.62 13.33 21.22
N HIS A 219 -11.90 13.14 21.52
CA HIS A 219 -12.30 12.67 22.83
C HIS A 219 -13.43 11.65 22.69
N ALA A 220 -13.91 11.19 23.85
CA ALA A 220 -14.98 10.21 23.86
C ALA A 220 -14.43 8.85 23.44
N GLY A 221 -14.42 7.93 24.41
CA GLY A 221 -13.93 6.59 24.16
C GLY A 221 -12.46 6.62 23.71
N PRO A 222 -11.61 5.87 24.46
CA PRO A 222 -10.19 5.80 24.16
C PRO A 222 -9.94 4.92 22.93
N ILE A 223 -10.62 5.26 21.85
CA ILE A 223 -10.47 4.52 20.61
C ILE A 223 -10.61 3.02 20.90
N ALA A 224 -10.41 2.22 19.85
CA ALA A 224 -10.50 0.78 19.98
C ALA A 224 -9.10 0.19 20.02
N PRO A 225 -9.02 -1.05 20.57
CA PRO A 225 -7.74 -1.74 20.66
C PRO A 225 -7.30 -2.28 19.30
N GLY A 226 -6.27 -1.65 18.75
CA GLY A 226 -5.75 -2.05 17.46
C GLY A 226 -6.38 -1.23 16.33
N GLN A 227 -7.55 -0.70 16.62
CA GLN A 227 -8.27 0.11 15.65
C GLN A 227 -7.65 1.51 15.55
N MET A 228 -7.15 1.82 14.37
CA MET A 228 -6.52 3.10 14.14
C MET A 228 -7.55 4.23 14.24
N ARG A 229 -7.31 5.13 15.19
CA ARG A 229 -8.20 6.26 15.39
C ARG A 229 -7.70 7.48 14.63
N GLU A 230 -8.40 8.58 14.82
CA GLU A 230 -8.04 9.83 14.15
C GLU A 230 -6.52 9.93 14.02
N PRO A 231 -6.08 10.40 12.82
CA PRO A 231 -4.65 10.54 12.55
C PRO A 231 -4.07 11.76 13.28
N ARG A 232 -3.65 11.53 14.51
CA ARG A 232 -3.08 12.59 15.32
C ARG A 232 -1.58 12.73 15.03
N GLY A 233 -0.94 13.61 15.80
CA GLY A 233 0.47 13.84 15.64
C GLY A 233 1.29 12.66 16.16
N SER A 234 0.82 12.11 17.27
CA SER A 234 1.50 10.98 17.89
C SER A 234 1.43 9.76 16.96
N ASP A 235 0.21 9.45 16.54
CA ASP A 235 -0.02 8.32 15.66
C ASP A 235 0.78 8.53 14.36
N ILE A 236 0.69 9.74 13.85
CA ILE A 236 1.38 10.09 12.62
C ILE A 236 2.88 9.90 12.81
N ALA A 237 3.29 9.90 14.07
CA ALA A 237 4.69 9.72 14.41
C ALA A 237 5.05 8.24 14.33
N GLY A 238 4.02 7.41 14.46
CA GLY A 238 4.21 5.97 14.40
C GLY A 238 4.39 5.39 15.81
N THR A 239 3.91 6.13 16.79
CA THR A 239 4.01 5.71 18.16
C THR A 239 2.98 4.61 18.46
N THR A 240 1.82 4.76 17.85
CA THR A 240 0.74 3.80 18.04
C THR A 240 0.30 3.23 16.69
N SER A 241 0.91 3.73 15.64
CA SER A 241 0.59 3.29 14.29
C SER A 241 1.84 2.69 13.63
N THR A 242 1.61 1.61 12.90
CA THR A 242 2.69 0.92 12.22
C THR A 242 2.88 1.50 10.81
N LEU A 243 3.90 0.99 10.12
CA LEU A 243 4.19 1.45 8.78
C LEU A 243 3.10 0.98 7.83
N GLN A 244 2.84 -0.32 7.87
CA GLN A 244 1.82 -0.91 7.02
C GLN A 244 0.49 -0.18 7.21
N GLU A 245 0.04 -0.15 8.46
CA GLU A 245 -1.21 0.50 8.79
C GLU A 245 -1.15 1.98 8.42
N GLN A 246 0.04 2.54 8.55
CA GLN A 246 0.24 3.94 8.23
C GLN A 246 0.00 4.20 6.74
N ILE A 247 0.85 3.60 5.92
CA ILE A 247 0.74 3.76 4.49
C ILE A 247 -0.73 3.59 4.08
N GLY A 248 -1.40 2.66 4.75
CA GLY A 248 -2.79 2.39 4.48
C GLY A 248 -3.67 3.60 4.82
N TRP A 249 -3.28 4.29 5.88
CA TRP A 249 -4.02 5.46 6.32
C TRP A 249 -3.73 6.60 5.34
N MET A 250 -2.45 6.77 5.05
CA MET A 250 -2.02 7.82 4.13
C MET A 250 -2.47 7.51 2.71
N THR A 251 -2.89 6.26 2.51
CA THR A 251 -3.34 5.82 1.20
C THR A 251 -4.81 5.40 1.26
N HIS A 252 -5.49 5.89 2.27
CA HIS A 252 -6.90 5.58 2.46
C HIS A 252 -7.76 6.59 1.70
N ASN A 253 -9.07 6.35 1.73
CA ASN A 253 -10.01 7.23 1.05
C ASN A 253 -11.06 7.71 2.05
N PRO A 254 -10.99 9.03 2.36
CA PRO A 254 -9.98 9.89 1.76
C PRO A 254 -8.61 9.65 2.40
N PRO A 255 -7.55 9.96 1.61
CA PRO A 255 -6.19 9.78 2.08
C PRO A 255 -5.80 10.86 3.09
N ILE A 256 -5.47 10.41 4.29
CA ILE A 256 -5.08 11.32 5.35
C ILE A 256 -3.61 11.71 5.17
N PRO A 257 -3.35 13.03 5.35
CA PRO A 257 -1.99 13.56 5.20
C PRO A 257 -1.13 13.18 6.41
N VAL A 258 -1.11 11.89 6.70
CA VAL A 258 -0.34 11.40 7.83
C VAL A 258 1.16 11.63 7.56
N GLY A 259 1.64 10.97 6.52
CA GLY A 259 3.04 11.08 6.14
C GLY A 259 3.39 12.54 5.78
N GLU A 260 2.45 13.17 5.08
CA GLU A 260 2.65 14.55 4.67
C GLU A 260 2.73 15.46 5.90
N ILE A 261 1.94 15.12 6.90
CA ILE A 261 1.91 15.90 8.13
C ILE A 261 3.27 15.82 8.82
N TYR A 262 3.82 14.62 8.84
CA TYR A 262 5.12 14.39 9.46
C TYR A 262 6.21 15.14 8.71
N LYS A 263 6.19 15.00 7.40
CA LYS A 263 7.18 15.66 6.55
C LYS A 263 7.14 17.17 6.81
N ARG A 264 5.92 17.69 6.88
CA ARG A 264 5.73 19.10 7.13
C ARG A 264 6.43 19.53 8.43
N TRP A 265 6.43 18.61 9.38
CA TRP A 265 7.05 18.87 10.67
C TRP A 265 8.55 19.10 10.43
N ILE A 266 9.13 18.20 9.65
CA ILE A 266 10.55 18.29 9.34
C ILE A 266 10.84 19.64 8.68
N ILE A 267 9.99 19.98 7.72
CA ILE A 267 10.15 21.24 7.00
C ILE A 267 10.04 22.40 7.99
N LEU A 268 9.25 22.17 9.04
CA LEU A 268 9.06 23.18 10.06
C LEU A 268 10.41 23.56 10.67
N GLY A 269 11.09 22.55 11.19
CA GLY A 269 12.39 22.76 11.80
C GLY A 269 13.39 23.29 10.77
N LEU A 270 13.59 22.50 9.73
CA LEU A 270 14.52 22.88 8.67
C LEU A 270 14.35 24.36 8.36
N ASN A 271 13.13 24.84 8.56
CA ASN A 271 12.82 26.23 8.30
C ASN A 271 13.52 27.12 9.34
N LYS A 272 13.39 26.73 10.59
CA LYS A 272 14.00 27.47 11.68
C LYS A 272 15.52 27.34 11.59
N ILE A 273 15.96 26.11 11.32
CA ILE A 273 17.39 25.85 11.21
C ILE A 273 17.96 26.68 10.06
N VAL A 274 17.26 26.67 8.94
CA VAL A 274 17.69 27.42 7.78
C VAL A 274 17.70 28.91 8.12
N ARG A 275 16.63 29.36 8.75
CA ARG A 275 16.50 30.75 9.13
C ARG A 275 17.53 31.10 10.20
N MET A 276 18.08 30.07 10.81
CA MET A 276 19.07 30.25 11.86
C MET A 276 20.43 30.62 11.27
N TYR A 277 20.73 30.01 10.13
CA TYR A 277 21.99 30.27 9.46
C TYR A 277 21.75 30.96 8.11
N SER A 278 20.57 31.53 7.98
CA SER A 278 20.20 32.22 6.75
C SER A 278 20.96 33.54 6.65
N PRO A 279 21.87 33.61 5.64
CA PRO A 279 22.66 34.81 5.42
C PRO A 279 21.82 35.92 4.79
N THR A 280 20.82 36.37 5.55
CA THR A 280 19.95 37.43 5.08
C THR A 280 19.30 38.13 6.27
N SER A 281 19.46 39.45 6.28
CA SER A 281 18.88 40.26 7.35
C SER A 281 18.19 41.49 6.76
N ILE A 282 17.02 41.78 7.29
CA ILE A 282 16.24 42.91 6.82
C ILE A 282 15.55 43.58 8.02
N LEU A 283 14.64 42.83 8.62
CA LEU A 283 13.91 43.32 9.78
C LEU A 283 13.31 44.69 9.43
N HIS A 284 12.56 45.22 10.39
CA HIS A 284 11.91 46.51 10.21
C HIS A 284 11.21 46.92 11.49
N HIS A 285 11.86 47.79 12.25
CA HIS A 285 11.30 48.27 13.50
C HIS A 285 12.18 49.39 14.06
N HIS A 286 11.60 50.17 14.96
CA HIS A 286 12.31 51.28 15.57
C HIS A 286 11.91 51.39 17.05
N HIS A 287 10.63 51.66 17.26
CA HIS A 287 10.11 51.80 18.61
C HIS A 287 8.61 52.08 18.56
N HIS A 288 7.92 51.59 19.58
CA HIS A 288 6.48 51.78 19.66
C HIS A 288 5.98 51.32 21.03
N HIS A 289 5.65 52.30 21.86
CA HIS A 289 5.16 52.01 23.20
C HIS A 289 3.65 52.29 23.27
#